data_2A55
#
_entry.id   2A55
#
_entity_poly.entity_id   1
_entity_poly.type   'polypeptide(L)'
_entity_poly.pdbx_seq_one_letter_code
;MNCGPPPTLSFAAPMDITLTETRFKTGTTLKYTCLPGYVRSHSTQTLTCNSDGEWVYNTFCIYKRCRHPGELRNGQVEIK
TDLSFGSQIEFSCSEGFFLIGSTTSRCEVQDRGVGWSHPLPQCEILEHHHHHH
;
_entity_poly.pdbx_strand_id   A
#
# COMPACT_ATOMS: atom_id res chain seq x y z
N MET A 1 11.16 -25.23 -27.00
CA MET A 1 11.79 -24.84 -25.71
C MET A 1 10.91 -23.83 -24.96
N ASN A 2 10.45 -24.21 -23.77
CA ASN A 2 9.61 -23.33 -22.97
C ASN A 2 10.32 -22.93 -21.68
N CYS A 3 9.75 -21.95 -20.98
CA CYS A 3 10.32 -21.48 -19.73
C CYS A 3 9.79 -22.27 -18.53
N GLY A 4 8.81 -23.15 -18.79
CA GLY A 4 8.23 -23.93 -17.72
C GLY A 4 7.02 -23.24 -17.11
N PRO A 5 6.04 -24.00 -16.60
CA PRO A 5 4.83 -23.43 -16.00
C PRO A 5 5.13 -22.22 -15.11
N PRO A 6 4.43 -21.10 -15.36
CA PRO A 6 4.63 -19.85 -14.62
C PRO A 6 4.53 -20.02 -13.11
N PRO A 7 5.62 -19.71 -12.39
CA PRO A 7 5.66 -19.80 -10.92
C PRO A 7 4.62 -18.89 -10.27
N THR A 8 4.70 -18.88 -8.95
CA THR A 8 3.81 -18.08 -8.12
C THR A 8 4.49 -16.79 -7.71
N LEU A 9 3.79 -15.68 -7.88
CA LEU A 9 4.34 -14.37 -7.52
C LEU A 9 3.63 -13.78 -6.32
N SER A 10 4.32 -13.73 -5.19
CA SER A 10 3.75 -13.15 -3.98
C SER A 10 3.59 -11.65 -4.15
N PHE A 11 4.36 -11.09 -5.08
CA PHE A 11 4.29 -9.66 -5.36
C PHE A 11 3.43 -9.40 -6.60
N ALA A 12 2.30 -10.12 -6.66
CA ALA A 12 1.34 -10.01 -7.76
C ALA A 12 0.39 -11.20 -7.73
N ALA A 13 -0.42 -11.29 -8.78
CA ALA A 13 -1.42 -12.37 -8.87
C ALA A 13 -2.05 -12.40 -10.25
N PRO A 14 -2.36 -13.60 -10.77
CA PRO A 14 -2.98 -13.75 -12.09
C PRO A 14 -4.12 -12.77 -12.33
N MET A 15 -4.28 -12.34 -13.58
CA MET A 15 -5.33 -11.39 -13.92
C MET A 15 -6.11 -11.86 -15.14
N ASP A 16 -5.54 -12.80 -15.89
CA ASP A 16 -6.19 -13.32 -17.09
C ASP A 16 -5.47 -14.59 -17.57
N ILE A 17 -5.07 -14.59 -18.85
CA ILE A 17 -4.36 -15.73 -19.44
C ILE A 17 -4.93 -17.05 -18.99
N THR A 18 -5.88 -17.59 -19.75
CA THR A 18 -6.47 -18.87 -19.42
C THR A 18 -5.37 -19.85 -19.07
N LEU A 19 -5.38 -20.34 -17.84
CA LEU A 19 -4.36 -21.26 -17.38
C LEU A 19 -4.59 -22.66 -17.93
N THR A 20 -5.11 -22.73 -19.14
CA THR A 20 -5.38 -24.01 -19.79
C THR A 20 -4.19 -24.46 -20.62
N GLU A 21 -3.13 -23.66 -20.59
CA GLU A 21 -1.91 -23.96 -21.32
C GLU A 21 -0.81 -24.45 -20.40
N THR A 22 0.31 -24.86 -20.97
CA THR A 22 1.44 -25.36 -20.20
C THR A 22 2.74 -24.72 -20.63
N ARG A 23 2.83 -24.42 -21.92
CA ARG A 23 4.02 -23.80 -22.50
C ARG A 23 3.67 -22.48 -23.15
N PHE A 24 4.64 -21.58 -23.27
CA PHE A 24 4.41 -20.27 -23.86
C PHE A 24 5.60 -19.81 -24.69
N LYS A 25 6.67 -20.60 -24.74
CA LYS A 25 7.86 -20.23 -25.51
C LYS A 25 8.36 -18.85 -25.09
N THR A 26 9.49 -18.43 -25.63
CA THR A 26 10.01 -17.12 -25.34
C THR A 26 9.18 -16.09 -26.10
N GLY A 27 9.40 -14.81 -25.82
CA GLY A 27 8.65 -13.77 -26.48
C GLY A 27 7.23 -13.61 -25.95
N THR A 28 6.67 -14.70 -25.41
CA THR A 28 5.32 -14.66 -24.87
C THR A 28 5.21 -13.60 -23.77
N THR A 29 3.99 -13.25 -23.37
CA THR A 29 3.82 -12.24 -22.32
C THR A 29 2.48 -12.36 -21.59
N LEU A 30 2.56 -12.51 -20.27
CA LEU A 30 1.36 -12.65 -19.43
C LEU A 30 0.86 -11.29 -18.95
N LYS A 31 -0.10 -11.30 -18.03
CA LYS A 31 -0.66 -10.07 -17.49
C LYS A 31 -0.23 -9.86 -16.04
N TYR A 32 -0.98 -10.46 -15.12
CA TYR A 32 -0.68 -10.37 -13.69
C TYR A 32 -0.97 -8.98 -13.14
N THR A 33 -1.62 -8.96 -11.98
CA THR A 33 -1.97 -7.71 -11.30
C THR A 33 -1.27 -7.62 -9.94
N CYS A 34 -1.46 -6.49 -9.24
CA CYS A 34 -0.82 -6.29 -7.95
C CYS A 34 -1.85 -6.05 -6.84
N LEU A 35 -1.84 -6.98 -5.89
CA LEU A 35 -2.75 -6.98 -4.74
C LEU A 35 -2.82 -5.61 -4.07
N PRO A 36 -3.82 -5.42 -3.18
CA PRO A 36 -4.00 -4.15 -2.46
C PRO A 36 -2.95 -3.93 -1.38
N GLY A 37 -2.04 -3.00 -1.64
CA GLY A 37 -1.01 -2.70 -0.65
C GLY A 37 0.32 -2.30 -1.28
N TYR A 38 0.45 -2.48 -2.58
CA TYR A 38 1.66 -2.09 -3.29
C TYR A 38 1.62 -0.60 -3.57
N VAL A 39 2.78 0.05 -3.65
CA VAL A 39 2.87 1.48 -3.89
C VAL A 39 3.96 1.76 -4.94
N ARG A 40 4.49 2.98 -4.86
CA ARG A 40 5.54 3.46 -5.76
C ARG A 40 6.44 2.34 -6.28
N SER A 41 6.16 1.89 -7.50
CA SER A 41 6.92 0.83 -8.12
C SER A 41 6.36 0.48 -9.49
N HIS A 42 5.25 1.13 -9.85
CA HIS A 42 4.60 0.88 -11.13
C HIS A 42 5.52 1.27 -12.29
N SER A 43 5.86 0.27 -13.08
CA SER A 43 6.73 0.47 -14.24
C SER A 43 6.52 -0.65 -15.25
N THR A 44 5.85 -1.71 -14.80
CA THR A 44 5.58 -2.85 -15.66
C THR A 44 4.56 -3.79 -15.00
N GLN A 45 4.39 -4.98 -15.58
CA GLN A 45 3.47 -5.99 -15.06
C GLN A 45 3.26 -7.08 -16.10
N THR A 46 4.34 -7.79 -16.44
CA THR A 46 4.26 -8.85 -17.44
C THR A 46 5.38 -9.88 -17.27
N LEU A 47 5.05 -11.14 -17.53
CA LEU A 47 6.01 -12.23 -17.44
C LEU A 47 6.34 -12.71 -18.85
N THR A 48 7.59 -12.50 -19.26
CA THR A 48 8.02 -12.92 -20.59
C THR A 48 9.07 -14.01 -20.48
N CYS A 49 8.99 -15.02 -21.34
CA CYS A 49 9.96 -16.09 -21.31
C CYS A 49 11.27 -15.56 -21.86
N ASN A 50 12.27 -15.51 -21.00
CA ASN A 50 13.58 -15.03 -21.38
C ASN A 50 14.45 -16.20 -21.82
N SER A 51 15.74 -15.93 -22.01
CA SER A 51 16.67 -16.99 -22.43
C SER A 51 17.57 -17.37 -21.25
N ASP A 52 16.94 -17.77 -20.15
CA ASP A 52 17.63 -18.20 -18.93
C ASP A 52 17.09 -19.55 -18.50
N GLY A 53 15.78 -19.72 -18.63
CA GLY A 53 15.15 -20.97 -18.25
C GLY A 53 13.85 -20.72 -17.50
N GLU A 54 13.53 -19.44 -17.35
CA GLU A 54 12.33 -19.04 -16.63
C GLU A 54 11.80 -17.69 -17.07
N TRP A 55 10.96 -17.11 -16.22
CA TRP A 55 10.34 -15.82 -16.48
C TRP A 55 11.07 -14.67 -15.78
N VAL A 56 11.54 -13.73 -16.60
CA VAL A 56 12.26 -12.57 -16.13
C VAL A 56 11.32 -11.37 -16.11
N TYR A 57 11.62 -10.36 -15.29
CA TYR A 57 10.79 -9.16 -15.22
C TYR A 57 11.19 -8.24 -14.08
N ASN A 58 10.56 -7.07 -14.03
CA ASN A 58 10.86 -6.09 -12.98
C ASN A 58 9.97 -6.32 -11.76
N THR A 59 10.29 -5.64 -10.67
CA THR A 59 9.51 -5.77 -9.45
C THR A 59 8.39 -4.75 -9.40
N PHE A 60 7.52 -4.79 -10.41
CA PHE A 60 6.40 -3.88 -10.49
C PHE A 60 5.54 -3.95 -9.24
N CYS A 61 5.15 -2.78 -8.72
CA CYS A 61 4.33 -2.71 -7.52
C CYS A 61 5.10 -3.24 -6.31
N ILE A 62 5.30 -2.40 -5.30
CA ILE A 62 6.00 -2.86 -4.10
C ILE A 62 5.20 -2.62 -2.84
N TYR A 63 4.91 -3.71 -2.18
CA TYR A 63 4.14 -3.72 -0.93
C TYR A 63 4.95 -3.10 0.20
N LYS A 64 4.44 -1.98 0.73
CA LYS A 64 5.08 -1.29 1.84
C LYS A 64 4.12 -0.29 2.46
N ARG A 65 3.34 -0.76 3.43
CA ARG A 65 2.38 0.09 4.12
C ARG A 65 3.03 0.77 5.33
N CYS A 66 2.26 1.59 6.03
CA CYS A 66 2.77 2.31 7.19
C CYS A 66 2.07 1.81 8.44
N ARG A 67 2.81 1.67 9.52
CA ARG A 67 2.21 1.21 10.76
C ARG A 67 1.07 2.13 11.16
N HIS A 68 -0.02 1.53 11.61
CA HIS A 68 -1.19 2.30 12.01
C HIS A 68 -0.81 3.30 13.10
N PRO A 69 -1.10 4.60 12.89
CA PRO A 69 -0.80 5.63 13.90
C PRO A 69 -1.40 5.27 15.24
N GLY A 70 -2.44 4.43 15.20
CA GLY A 70 -3.09 4.01 16.43
C GLY A 70 -4.45 4.65 16.64
N GLU A 71 -4.97 4.46 17.84
CA GLU A 71 -6.27 5.00 18.19
C GLU A 71 -6.15 6.49 18.51
N LEU A 72 -7.13 7.25 18.01
CA LEU A 72 -7.18 8.70 18.26
C LEU A 72 -8.05 8.96 19.47
N ARG A 73 -7.43 9.15 20.63
CA ARG A 73 -8.20 9.44 21.83
C ARG A 73 -8.93 10.76 21.63
N ASN A 74 -10.26 10.68 21.72
CA ASN A 74 -11.11 11.82 21.48
C ASN A 74 -10.98 12.16 20.00
N GLY A 75 -11.16 11.14 19.16
CA GLY A 75 -11.02 11.33 17.74
C GLY A 75 -11.26 10.07 16.94
N GLN A 76 -11.18 10.19 15.61
CA GLN A 76 -11.40 9.05 14.73
C GLN A 76 -10.57 9.14 13.45
N VAL A 77 -9.32 8.69 13.54
CA VAL A 77 -8.41 8.71 12.40
C VAL A 77 -9.08 8.18 11.13
N GLU A 78 -9.11 8.98 10.08
CA GLU A 78 -9.74 8.55 8.83
C GLU A 78 -8.84 7.58 8.08
N ILE A 79 -8.94 6.30 8.43
CA ILE A 79 -8.14 5.26 7.80
C ILE A 79 -9.00 4.39 6.90
N LYS A 80 -8.41 3.82 5.86
CA LYS A 80 -9.13 2.98 4.93
C LYS A 80 -8.20 2.29 3.94
N THR A 81 -7.24 3.05 3.43
CA THR A 81 -6.30 2.54 2.46
C THR A 81 -5.23 1.66 3.08
N ASP A 82 -5.48 1.17 4.30
CA ASP A 82 -4.52 0.31 4.98
C ASP A 82 -3.19 1.00 5.19
N LEU A 83 -3.18 2.30 4.89
CA LEU A 83 -1.99 3.11 5.03
C LEU A 83 -0.93 2.68 4.02
N SER A 84 -1.29 2.71 2.76
CA SER A 84 -0.36 2.36 1.70
C SER A 84 0.43 3.60 1.29
N PHE A 85 1.77 3.48 1.27
CA PHE A 85 2.64 4.59 0.90
C PHE A 85 2.03 5.45 -0.19
N GLY A 86 2.19 6.76 -0.08
CA GLY A 86 1.64 7.66 -1.07
C GLY A 86 0.18 7.97 -0.82
N SER A 87 -0.18 8.17 0.46
CA SER A 87 -1.56 8.45 0.81
C SER A 87 -1.68 9.44 1.97
N GLN A 88 -2.84 10.05 2.04
CA GLN A 88 -3.14 11.04 3.09
C GLN A 88 -4.30 10.55 3.95
N ILE A 89 -4.16 10.68 5.26
CA ILE A 89 -5.21 10.27 6.18
C ILE A 89 -5.58 11.40 7.14
N GLU A 90 -6.83 11.82 7.06
CA GLU A 90 -7.31 12.91 7.91
C GLU A 90 -7.66 12.40 9.30
N PHE A 91 -8.16 13.30 10.14
CA PHE A 91 -8.54 12.95 11.49
C PHE A 91 -9.87 13.61 11.84
N SER A 92 -10.34 13.40 13.06
CA SER A 92 -11.60 13.98 13.49
C SER A 92 -11.73 14.01 15.01
N CYS A 93 -11.64 15.20 15.57
CA CYS A 93 -11.76 15.35 17.01
C CYS A 93 -13.23 15.40 17.40
N SER A 94 -13.61 14.54 18.35
CA SER A 94 -14.99 14.43 18.82
C SER A 94 -15.64 15.79 19.13
N GLU A 95 -16.93 15.70 19.49
CA GLU A 95 -17.75 16.85 19.82
C GLU A 95 -17.01 17.91 20.62
N GLY A 96 -16.83 17.66 21.91
CA GLY A 96 -16.19 18.64 22.79
C GLY A 96 -14.73 18.89 22.49
N PHE A 97 -14.30 18.67 21.26
CA PHE A 97 -12.90 18.90 20.88
C PHE A 97 -12.77 19.19 19.39
N PHE A 98 -11.64 19.77 19.00
CA PHE A 98 -11.36 20.08 17.62
C PHE A 98 -9.98 19.57 17.22
N LEU A 99 -9.72 19.57 15.93
CA LEU A 99 -8.47 19.06 15.40
C LEU A 99 -7.38 20.13 15.41
N ILE A 100 -6.17 19.71 15.80
CA ILE A 100 -5.00 20.59 15.84
C ILE A 100 -3.73 19.77 15.80
N GLY A 101 -2.81 20.18 14.93
CA GLY A 101 -1.56 19.48 14.77
C GLY A 101 -1.22 19.30 13.30
N SER A 102 -2.13 18.64 12.60
CA SER A 102 -2.00 18.37 11.17
C SER A 102 -3.12 17.43 10.78
N THR A 103 -4.21 17.98 10.26
CA THR A 103 -5.36 17.18 9.90
C THR A 103 -5.03 16.19 8.79
N THR A 104 -3.85 16.30 8.24
CA THR A 104 -3.42 15.40 7.19
C THR A 104 -2.21 14.61 7.66
N SER A 105 -2.03 13.42 7.10
CA SER A 105 -0.90 12.58 7.42
C SER A 105 -0.51 11.78 6.18
N ARG A 106 0.68 12.05 5.67
CA ARG A 106 1.17 11.39 4.46
C ARG A 106 2.04 10.18 4.79
N CYS A 107 1.92 9.16 3.96
CA CYS A 107 2.69 7.93 4.14
C CYS A 107 3.99 8.03 3.39
N GLU A 108 5.10 8.10 4.13
CA GLU A 108 6.40 8.25 3.53
C GLU A 108 7.25 7.01 3.73
N VAL A 109 8.36 6.93 3.01
CA VAL A 109 9.24 5.79 3.12
C VAL A 109 10.71 6.18 3.22
N GLN A 110 11.37 5.62 4.22
CA GLN A 110 12.77 5.87 4.46
C GLN A 110 13.54 4.55 4.64
N ASP A 111 14.69 4.45 3.98
CA ASP A 111 15.52 3.26 4.04
C ASP A 111 14.79 2.04 3.47
N ARG A 112 14.16 1.27 4.34
CA ARG A 112 13.44 0.08 3.92
C ARG A 112 12.50 -0.41 5.02
N GLY A 113 11.26 0.09 5.00
CA GLY A 113 10.28 -0.30 5.98
C GLY A 113 9.24 0.77 6.20
N VAL A 114 9.23 1.75 5.30
CA VAL A 114 8.30 2.87 5.37
C VAL A 114 8.52 3.70 6.62
N GLY A 115 8.43 5.01 6.46
CA GLY A 115 8.70 5.85 7.61
C GLY A 115 7.73 6.99 7.84
N TRP A 116 6.63 6.75 8.56
CA TRP A 116 5.65 7.80 8.87
C TRP A 116 6.32 9.14 9.17
N SER A 117 5.60 10.22 8.89
CA SER A 117 6.12 11.56 9.14
C SER A 117 5.51 12.14 10.42
N HIS A 118 4.23 11.84 10.65
CA HIS A 118 3.51 12.33 11.82
C HIS A 118 2.23 11.53 12.05
N PRO A 119 1.98 11.10 13.31
CA PRO A 119 0.81 10.33 13.66
C PRO A 119 -0.34 11.21 14.16
N LEU A 120 -1.10 10.67 15.12
CA LEU A 120 -2.23 11.39 15.70
C LEU A 120 -1.87 12.83 16.04
N PRO A 121 -2.81 13.77 15.81
CA PRO A 121 -2.63 15.18 16.10
C PRO A 121 -2.91 15.50 17.58
N GLN A 122 -3.70 16.54 17.83
CA GLN A 122 -4.03 16.93 19.19
C GLN A 122 -5.50 17.34 19.30
N CYS A 123 -6.28 16.56 20.06
CA CYS A 123 -7.68 16.90 20.25
C CYS A 123 -7.88 17.59 21.59
N GLU A 124 -8.13 18.89 21.54
CA GLU A 124 -8.32 19.69 22.75
C GLU A 124 -9.70 20.34 22.73
N ILE A 125 -10.30 20.42 23.90
CA ILE A 125 -11.63 20.99 24.06
C ILE A 125 -11.70 22.42 23.55
N LEU A 126 -12.86 22.81 23.04
CA LEU A 126 -13.07 24.15 22.52
C LEU A 126 -13.05 25.18 23.65
N GLU A 127 -13.41 26.42 23.31
CA GLU A 127 -13.45 27.49 24.30
C GLU A 127 -14.87 27.74 24.78
N HIS A 128 -15.82 27.01 24.21
CA HIS A 128 -17.22 27.15 24.58
C HIS A 128 -17.74 25.90 25.27
N HIS A 129 -18.46 26.10 26.37
CA HIS A 129 -19.02 24.99 27.14
C HIS A 129 -20.31 25.39 27.84
N HIS A 130 -21.24 24.45 27.93
CA HIS A 130 -22.53 24.71 28.57
C HIS A 130 -22.90 23.60 29.54
N HIS A 131 -21.96 22.69 29.78
CA HIS A 131 -22.19 21.57 30.69
C HIS A 131 -22.20 22.04 32.14
N HIS A 132 -21.78 23.28 32.36
CA HIS A 132 -21.74 23.85 33.70
C HIS A 132 -22.25 25.28 33.70
N HIS A 133 -23.04 25.63 34.72
CA HIS A 133 -23.60 26.97 34.84
C HIS A 133 -22.53 27.97 35.28
N MET A 1 12.03 -21.99 -25.66
CA MET A 1 10.67 -22.01 -26.25
C MET A 1 9.62 -22.34 -25.19
N ASN A 2 8.85 -21.32 -24.79
CA ASN A 2 7.81 -21.49 -23.78
C ASN A 2 8.40 -21.87 -22.42
N CYS A 3 7.92 -21.21 -21.37
CA CYS A 3 8.41 -21.47 -20.03
C CYS A 3 7.53 -22.52 -19.33
N GLY A 4 7.81 -22.75 -18.06
CA GLY A 4 7.01 -23.68 -17.30
C GLY A 4 5.76 -23.01 -16.75
N PRO A 5 4.75 -23.79 -16.31
CA PRO A 5 3.51 -23.21 -15.77
C PRO A 5 3.77 -22.03 -14.84
N PRO A 6 3.17 -20.86 -15.16
CA PRO A 6 3.34 -19.64 -14.38
C PRO A 6 3.25 -19.85 -12.88
N PRO A 7 4.29 -19.44 -12.14
CA PRO A 7 4.34 -19.58 -10.68
C PRO A 7 3.31 -18.70 -9.98
N THR A 8 3.35 -18.79 -8.65
CA THR A 8 2.47 -18.05 -7.76
C THR A 8 3.23 -16.87 -7.15
N LEU A 9 3.68 -15.94 -7.99
CA LEU A 9 4.47 -14.81 -7.50
C LEU A 9 3.79 -14.14 -6.30
N SER A 10 4.49 -14.11 -5.18
CA SER A 10 3.97 -13.49 -3.97
C SER A 10 3.87 -11.98 -4.13
N PHE A 11 4.63 -11.44 -5.07
CA PHE A 11 4.64 -10.00 -5.34
C PHE A 11 3.40 -9.59 -6.12
N ALA A 12 2.73 -10.56 -6.72
CA ALA A 12 1.53 -10.29 -7.51
C ALA A 12 0.53 -11.43 -7.43
N ALA A 13 -0.34 -11.43 -8.43
CA ALA A 13 -1.42 -12.41 -8.54
C ALA A 13 -1.97 -12.43 -9.96
N PRO A 14 -2.24 -13.62 -10.52
CA PRO A 14 -2.77 -13.76 -11.88
C PRO A 14 -3.97 -12.86 -12.13
N MET A 15 -4.04 -12.31 -13.35
CA MET A 15 -5.13 -11.42 -13.73
C MET A 15 -5.46 -11.55 -15.21
N ASP A 16 -4.60 -12.24 -15.95
CA ASP A 16 -4.80 -12.42 -17.39
C ASP A 16 -4.23 -13.76 -17.84
N ILE A 17 -4.84 -14.84 -17.36
CA ILE A 17 -4.40 -16.18 -17.69
C ILE A 17 -5.43 -17.22 -17.28
N THR A 18 -6.09 -16.93 -16.17
CA THR A 18 -7.11 -17.81 -15.61
C THR A 18 -6.50 -19.14 -15.22
N LEU A 19 -5.18 -19.15 -15.18
CA LEU A 19 -4.42 -20.33 -14.83
C LEU A 19 -5.10 -21.59 -15.35
N THR A 20 -4.90 -21.88 -16.63
CA THR A 20 -5.49 -23.04 -17.27
C THR A 20 -4.56 -23.60 -18.34
N GLU A 21 -3.63 -22.77 -18.78
CA GLU A 21 -2.66 -23.17 -19.80
C GLU A 21 -1.51 -23.94 -19.17
N THR A 22 -0.45 -24.17 -19.94
CA THR A 22 0.70 -24.91 -19.43
C THR A 22 2.02 -24.21 -19.76
N ARG A 23 2.18 -23.81 -21.01
CA ARG A 23 3.40 -23.15 -21.45
C ARG A 23 3.10 -21.78 -22.06
N PHE A 24 4.08 -20.87 -22.03
CA PHE A 24 3.92 -19.53 -22.57
C PHE A 24 5.22 -19.07 -23.23
N LYS A 25 5.23 -19.04 -24.56
CA LYS A 25 6.41 -18.62 -25.32
C LYS A 25 6.92 -17.29 -24.82
N THR A 26 8.07 -16.87 -25.35
CA THR A 26 8.63 -15.59 -24.97
C THR A 26 7.73 -14.49 -25.52
N GLY A 27 7.94 -13.25 -25.06
CA GLY A 27 7.12 -12.14 -25.52
C GLY A 27 5.65 -12.27 -25.14
N THR A 28 5.25 -13.44 -24.64
CA THR A 28 3.87 -13.72 -24.22
C THR A 28 3.44 -12.88 -23.01
N THR A 29 4.11 -11.75 -22.82
CA THR A 29 3.86 -10.84 -21.70
C THR A 29 2.46 -10.99 -21.11
N LEU A 30 2.42 -11.23 -19.80
CA LEU A 30 1.15 -11.40 -19.09
C LEU A 30 0.80 -10.12 -18.32
N LYS A 31 -0.21 -10.20 -17.45
CA LYS A 31 -0.63 -9.05 -16.67
C LYS A 31 -0.11 -9.12 -15.23
N TYR A 32 -0.83 -9.88 -14.40
CA TYR A 32 -0.46 -10.03 -12.99
C TYR A 32 -0.62 -8.71 -12.24
N THR A 33 -1.19 -8.78 -11.04
CA THR A 33 -1.41 -7.60 -10.22
C THR A 33 -0.77 -7.75 -8.84
N CYS A 34 -0.04 -6.73 -8.41
CA CYS A 34 0.63 -6.75 -7.12
C CYS A 34 -0.34 -6.56 -5.96
N LEU A 35 -0.18 -7.44 -4.97
CA LEU A 35 -1.02 -7.46 -3.77
C LEU A 35 -1.09 -6.10 -3.10
N PRO A 36 -2.14 -5.87 -2.27
CA PRO A 36 -2.34 -4.61 -1.56
C PRO A 36 -1.11 -4.17 -0.78
N GLY A 37 -0.42 -3.15 -1.31
CA GLY A 37 0.77 -2.63 -0.66
C GLY A 37 1.98 -2.72 -1.54
N TYR A 38 2.01 -3.75 -2.39
CA TYR A 38 3.12 -3.95 -3.31
C TYR A 38 3.17 -2.78 -4.28
N VAL A 39 3.84 -1.69 -3.89
CA VAL A 39 3.97 -0.48 -4.68
C VAL A 39 5.15 -0.57 -5.63
N ARG A 40 5.02 0.07 -6.79
CA ARG A 40 6.08 0.04 -7.77
C ARG A 40 7.19 1.02 -7.44
N SER A 41 8.40 0.70 -7.89
CA SER A 41 9.56 1.55 -7.65
C SER A 41 10.73 1.08 -8.53
N HIS A 42 10.49 0.02 -9.29
CA HIS A 42 11.51 -0.54 -10.18
C HIS A 42 10.88 -1.10 -11.45
N SER A 43 11.66 -1.05 -12.53
CA SER A 43 11.20 -1.57 -13.82
C SER A 43 9.80 -1.09 -14.16
N THR A 44 8.81 -1.92 -13.87
CA THR A 44 7.41 -1.59 -14.18
C THR A 44 6.44 -2.56 -13.50
N GLN A 45 5.87 -3.48 -14.30
CA GLN A 45 4.92 -4.48 -13.80
C GLN A 45 4.37 -5.33 -14.96
N THR A 46 4.97 -6.50 -15.14
CA THR A 46 4.56 -7.43 -16.20
C THR A 46 5.38 -8.72 -16.14
N LEU A 47 4.74 -9.84 -16.49
CA LEU A 47 5.41 -11.13 -16.47
C LEU A 47 5.53 -11.69 -17.90
N THR A 48 6.72 -11.60 -18.46
CA THR A 48 6.98 -12.10 -19.81
C THR A 48 8.06 -13.16 -19.81
N CYS A 49 8.00 -14.07 -20.79
CA CYS A 49 9.01 -15.10 -20.91
C CYS A 49 10.21 -14.55 -21.65
N ASN A 50 11.35 -14.61 -20.97
CA ASN A 50 12.60 -14.19 -21.55
C ASN A 50 13.38 -15.41 -22.01
N SER A 51 14.55 -15.20 -22.61
CA SER A 51 15.36 -16.32 -23.08
C SER A 51 16.21 -16.84 -21.93
N ASP A 52 15.53 -17.40 -20.94
CA ASP A 52 16.14 -17.94 -19.74
C ASP A 52 15.28 -19.05 -19.15
N GLY A 53 14.17 -19.34 -19.84
CA GLY A 53 13.27 -20.37 -19.35
C GLY A 53 12.76 -20.05 -17.96
N GLU A 54 12.94 -18.79 -17.60
CA GLU A 54 12.47 -18.28 -16.32
C GLU A 54 11.64 -17.03 -16.53
N TRP A 55 10.81 -16.69 -15.55
CA TRP A 55 9.98 -15.51 -15.64
C TRP A 55 10.73 -14.30 -15.10
N VAL A 56 11.06 -13.40 -16.02
CA VAL A 56 11.79 -12.18 -15.70
C VAL A 56 10.78 -11.05 -15.50
N TYR A 57 11.05 -10.16 -14.55
CA TYR A 57 10.14 -9.05 -14.33
C TYR A 57 10.62 -8.09 -13.25
N ASN A 58 11.81 -8.37 -12.72
CA ASN A 58 12.39 -7.54 -11.66
C ASN A 58 11.36 -7.28 -10.56
N THR A 59 11.67 -6.36 -9.66
CA THR A 59 10.76 -6.04 -8.57
C THR A 59 9.77 -4.95 -9.01
N PHE A 60 8.84 -5.32 -9.89
CA PHE A 60 7.84 -4.38 -10.39
C PHE A 60 7.13 -3.67 -9.24
N CYS A 61 7.16 -4.27 -8.06
CA CYS A 61 6.54 -3.69 -6.87
C CYS A 61 7.30 -4.12 -5.62
N ILE A 62 7.88 -3.16 -4.90
CA ILE A 62 8.65 -3.46 -3.70
C ILE A 62 7.83 -3.45 -2.42
N TYR A 63 6.55 -3.05 -2.53
CA TYR A 63 5.66 -3.04 -1.35
C TYR A 63 6.07 -1.99 -0.33
N LYS A 64 5.15 -1.08 0.03
CA LYS A 64 5.44 -0.08 1.04
C LYS A 64 4.62 -0.32 2.30
N ARG A 65 3.47 0.32 2.32
CA ARG A 65 2.54 0.24 3.45
C ARG A 65 3.17 0.77 4.73
N CYS A 66 2.53 1.76 5.33
CA CYS A 66 3.02 2.36 6.56
C CYS A 66 2.27 1.78 7.74
N ARG A 67 2.89 1.80 8.91
CA ARG A 67 2.23 1.24 10.08
C ARG A 67 1.00 2.07 10.43
N HIS A 68 -0.11 1.38 10.67
CA HIS A 68 -1.36 2.02 11.00
C HIS A 68 -1.17 3.23 11.91
N PRO A 69 -1.79 4.39 11.55
CA PRO A 69 -1.72 5.63 12.34
C PRO A 69 -1.90 5.37 13.82
N GLY A 70 -2.84 4.48 14.14
CA GLY A 70 -3.17 4.18 15.51
C GLY A 70 -4.55 4.69 15.86
N GLU A 71 -4.97 4.40 17.08
CA GLU A 71 -6.29 4.81 17.55
C GLU A 71 -6.26 6.25 18.02
N LEU A 72 -7.22 7.03 17.53
CA LEU A 72 -7.37 8.43 17.88
C LEU A 72 -8.36 8.53 19.04
N ARG A 73 -7.86 8.64 20.27
CA ARG A 73 -8.75 8.77 21.42
C ARG A 73 -9.60 10.02 21.29
N ASN A 74 -10.91 9.81 21.28
CA ASN A 74 -11.90 10.86 21.09
C ASN A 74 -11.87 11.28 19.63
N GLY A 75 -10.85 10.83 18.94
CA GLY A 75 -10.70 11.16 17.54
C GLY A 75 -11.06 10.01 16.61
N GLN A 76 -10.98 10.27 15.31
CA GLN A 76 -11.30 9.26 14.32
C GLN A 76 -10.24 9.27 13.22
N VAL A 77 -9.80 8.08 12.82
CA VAL A 77 -8.79 7.96 11.78
C VAL A 77 -9.39 7.37 10.49
N GLU A 78 -9.55 8.22 9.50
CA GLU A 78 -10.12 7.79 8.22
C GLU A 78 -9.15 6.88 7.47
N ILE A 79 -9.40 5.57 7.54
CA ILE A 79 -8.56 4.60 6.86
C ILE A 79 -9.34 3.89 5.76
N LYS A 80 -8.67 3.63 4.65
CA LYS A 80 -9.30 2.96 3.53
C LYS A 80 -8.27 2.48 2.52
N THR A 81 -7.36 3.37 2.17
CA THR A 81 -6.31 3.06 1.21
C THR A 81 -5.24 2.15 1.79
N ASP A 82 -5.47 1.64 3.00
CA ASP A 82 -4.51 0.74 3.64
C ASP A 82 -3.17 1.43 3.88
N LEU A 83 -3.14 2.73 3.63
CA LEU A 83 -1.93 3.54 3.78
C LEU A 83 -0.91 3.19 2.69
N SER A 84 -0.90 1.93 2.27
CA SER A 84 0.03 1.42 1.25
C SER A 84 0.58 2.51 0.33
N PHE A 85 1.48 3.34 0.87
CA PHE A 85 2.10 4.43 0.10
C PHE A 85 1.09 5.25 -0.70
N GLY A 86 1.06 6.56 -0.46
CA GLY A 86 0.14 7.42 -1.19
C GLY A 86 -1.19 7.56 -0.48
N SER A 87 -1.17 8.11 0.74
CA SER A 87 -2.39 8.29 1.50
C SER A 87 -2.24 9.38 2.55
N GLN A 88 -3.30 10.17 2.72
CA GLN A 88 -3.28 11.25 3.70
C GLN A 88 -4.06 10.82 4.95
N ILE A 89 -5.18 10.16 4.69
CA ILE A 89 -6.06 9.64 5.75
C ILE A 89 -6.36 10.71 6.80
N GLU A 90 -7.39 11.49 6.53
CA GLU A 90 -7.81 12.56 7.42
C GLU A 90 -8.28 11.99 8.75
N PHE A 91 -8.45 12.87 9.72
CA PHE A 91 -8.90 12.46 11.06
C PHE A 91 -10.11 13.28 11.49
N SER A 92 -10.55 13.06 12.73
CA SER A 92 -11.73 13.79 13.22
C SER A 92 -11.86 13.73 14.73
N CYS A 93 -11.88 14.91 15.36
CA CYS A 93 -12.04 14.98 16.80
C CYS A 93 -13.53 15.07 17.14
N SER A 94 -14.01 14.06 17.85
CA SER A 94 -15.42 13.99 18.23
C SER A 94 -15.94 15.30 18.80
N GLU A 95 -17.27 15.39 18.92
CA GLU A 95 -17.93 16.57 19.46
C GLU A 95 -17.22 17.07 20.72
N GLY A 96 -17.33 18.36 20.97
CA GLY A 96 -16.70 18.96 22.13
C GLY A 96 -15.19 19.09 22.01
N PHE A 97 -14.57 18.16 21.30
CA PHE A 97 -13.12 18.17 21.14
C PHE A 97 -12.75 18.48 19.69
N PHE A 98 -11.85 19.43 19.49
CA PHE A 98 -11.43 19.80 18.14
C PHE A 98 -10.10 19.16 17.78
N LEU A 99 -9.80 19.21 16.49
CA LEU A 99 -8.57 18.61 15.98
C LEU A 99 -7.43 19.61 15.95
N ILE A 100 -6.24 19.11 16.26
CA ILE A 100 -5.00 19.90 16.28
C ILE A 100 -3.81 18.98 16.09
N GLY A 101 -3.01 19.31 15.08
CA GLY A 101 -1.84 18.53 14.76
C GLY A 101 -1.59 18.52 13.26
N SER A 102 -2.43 17.78 12.56
CA SER A 102 -2.36 17.65 11.12
C SER A 102 -3.51 16.76 10.66
N THR A 103 -4.57 17.37 10.14
CA THR A 103 -5.73 16.61 9.70
C THR A 103 -5.35 15.62 8.61
N THR A 104 -4.15 15.74 8.11
CA THR A 104 -3.68 14.84 7.09
C THR A 104 -2.47 14.08 7.58
N SER A 105 -2.17 12.99 6.92
CA SER A 105 -1.02 12.15 7.25
C SER A 105 -0.57 11.45 5.98
N ARG A 106 0.57 11.88 5.45
CA ARG A 106 1.10 11.34 4.20
C ARG A 106 2.00 10.14 4.42
N CYS A 107 1.87 9.16 3.52
CA CYS A 107 2.67 7.96 3.59
C CYS A 107 3.91 8.13 2.74
N GLU A 108 5.06 8.17 3.39
CA GLU A 108 6.32 8.38 2.69
C GLU A 108 7.18 7.14 2.75
N VAL A 109 8.33 7.20 2.09
CA VAL A 109 9.26 6.08 2.08
C VAL A 109 10.70 6.52 2.26
N GLN A 110 11.36 5.88 3.23
CA GLN A 110 12.75 6.17 3.54
C GLN A 110 13.57 4.88 3.49
N ASP A 111 14.73 4.94 2.85
CA ASP A 111 15.61 3.79 2.72
C ASP A 111 14.96 2.70 1.88
N ARG A 112 14.09 1.90 2.51
CA ARG A 112 13.40 0.83 1.82
C ARG A 112 12.29 0.23 2.69
N GLY A 113 11.98 0.89 3.80
CA GLY A 113 10.95 0.39 4.68
C GLY A 113 9.84 1.39 4.90
N VAL A 114 9.68 2.31 3.95
CA VAL A 114 8.66 3.35 4.00
C VAL A 114 8.66 4.12 5.31
N GLY A 115 8.44 5.42 5.23
CA GLY A 115 8.44 6.22 6.42
C GLY A 115 7.10 6.90 6.64
N TRP A 116 6.69 7.04 7.90
CA TRP A 116 5.43 7.69 8.23
C TRP A 116 5.65 9.16 8.58
N SER A 117 4.99 10.06 7.86
CA SER A 117 5.13 11.49 8.12
C SER A 117 4.52 11.86 9.47
N HIS A 118 3.21 11.68 9.58
CA HIS A 118 2.50 11.98 10.82
C HIS A 118 1.57 10.83 11.21
N PRO A 119 1.47 10.52 12.52
CA PRO A 119 0.61 9.45 13.02
C PRO A 119 -0.80 9.93 13.35
N LEU A 120 -0.99 10.33 14.61
CA LEU A 120 -2.27 10.81 15.07
C LEU A 120 -2.19 12.27 15.53
N PRO A 121 -3.29 13.02 15.40
CA PRO A 121 -3.35 14.42 15.80
C PRO A 121 -3.56 14.59 17.31
N GLN A 122 -4.29 15.64 17.70
CA GLN A 122 -4.55 15.89 19.11
C GLN A 122 -5.99 16.34 19.34
N CYS A 123 -6.73 15.54 20.11
CA CYS A 123 -8.12 15.87 20.38
C CYS A 123 -8.28 16.48 21.78
N GLU A 124 -8.59 17.77 21.82
CA GLU A 124 -8.77 18.48 23.10
C GLU A 124 -10.09 19.24 23.08
N ILE A 125 -10.72 19.30 24.25
CA ILE A 125 -12.01 19.99 24.37
C ILE A 125 -11.87 21.48 24.15
N LEU A 126 -12.90 22.09 23.56
CA LEU A 126 -12.90 23.52 23.28
C LEU A 126 -12.90 24.33 24.57
N GLU A 127 -12.40 25.55 24.50
CA GLU A 127 -12.34 26.43 25.67
C GLU A 127 -13.71 27.02 25.97
N HIS A 128 -14.27 26.63 27.11
CA HIS A 128 -15.59 27.11 27.52
C HIS A 128 -15.52 27.80 28.89
N HIS A 129 -15.32 27.00 29.93
CA HIS A 129 -15.23 27.52 31.29
C HIS A 129 -16.50 28.24 31.69
N HIS A 130 -17.58 28.01 30.94
CA HIS A 130 -18.86 28.63 31.21
C HIS A 130 -19.89 27.60 31.65
N HIS A 131 -20.64 27.91 32.70
CA HIS A 131 -21.65 27.00 33.22
C HIS A 131 -23.01 27.69 33.30
N HIS A 132 -23.95 27.23 32.47
CA HIS A 132 -25.29 27.81 32.46
C HIS A 132 -26.12 27.27 33.62
N HIS A 133 -25.62 26.21 34.26
CA HIS A 133 -26.32 25.60 35.39
C HIS A 133 -25.31 25.11 36.43
N MET A 1 13.34 -21.58 -27.34
CA MET A 1 12.04 -21.66 -28.04
C MET A 1 10.88 -21.38 -27.07
N ASN A 2 10.62 -22.34 -26.18
CA ASN A 2 9.54 -22.20 -25.21
C ASN A 2 10.05 -22.45 -23.79
N CYS A 3 9.44 -21.77 -22.83
CA CYS A 3 9.82 -21.91 -21.43
C CYS A 3 8.89 -22.87 -20.70
N GLY A 4 9.23 -23.20 -19.46
CA GLY A 4 8.40 -24.09 -18.67
C GLY A 4 7.12 -23.39 -18.22
N PRO A 5 6.08 -24.16 -17.83
CA PRO A 5 4.80 -23.59 -17.38
C PRO A 5 5.00 -22.47 -16.35
N PRO A 6 4.20 -21.40 -16.46
CA PRO A 6 4.30 -20.25 -15.54
C PRO A 6 4.22 -20.64 -14.06
N PRO A 7 5.34 -20.54 -13.34
CA PRO A 7 5.39 -20.85 -11.91
C PRO A 7 4.43 -19.98 -11.11
N THR A 8 4.49 -20.18 -9.79
CA THR A 8 3.66 -19.42 -8.87
C THR A 8 4.47 -18.26 -8.31
N LEU A 9 3.92 -17.06 -8.35
CA LEU A 9 4.61 -15.89 -7.85
C LEU A 9 3.98 -15.40 -6.56
N SER A 10 4.72 -15.49 -5.46
CA SER A 10 4.20 -15.02 -4.19
C SER A 10 4.19 -13.49 -4.18
N PHE A 11 4.85 -12.91 -5.17
CA PHE A 11 4.92 -11.45 -5.29
C PHE A 11 3.98 -10.96 -6.38
N ALA A 12 3.36 -11.89 -7.10
CA ALA A 12 2.43 -11.55 -8.16
C ALA A 12 1.43 -12.67 -8.38
N ALA A 13 0.27 -12.31 -8.87
CA ALA A 13 -0.78 -13.28 -9.17
C ALA A 13 -1.33 -13.06 -10.57
N PRO A 14 -1.73 -14.14 -11.26
CA PRO A 14 -2.27 -14.05 -12.62
C PRO A 14 -3.28 -12.91 -12.76
N MET A 15 -3.29 -12.30 -13.95
CA MET A 15 -4.19 -11.19 -14.23
C MET A 15 -4.51 -11.10 -15.71
N ASP A 16 -3.74 -11.82 -16.53
CA ASP A 16 -3.95 -11.80 -17.98
C ASP A 16 -3.20 -12.94 -18.65
N ILE A 17 -3.81 -14.13 -18.65
CA ILE A 17 -3.22 -15.30 -19.25
C ILE A 17 -4.13 -16.51 -19.10
N THR A 18 -4.86 -16.83 -20.16
CA THR A 18 -5.72 -18.01 -20.12
C THR A 18 -4.88 -19.22 -19.78
N LEU A 19 -5.15 -19.81 -18.63
CA LEU A 19 -4.40 -20.97 -18.18
C LEU A 19 -4.84 -22.23 -18.90
N THR A 20 -5.19 -22.09 -20.17
CA THR A 20 -5.63 -23.21 -20.98
C THR A 20 -4.45 -23.80 -21.75
N GLU A 21 -3.29 -23.16 -21.62
CA GLU A 21 -2.08 -23.61 -22.29
C GLU A 21 -1.04 -24.07 -21.28
N THR A 22 0.17 -24.30 -21.74
CA THR A 22 1.25 -24.75 -20.86
C THR A 22 2.60 -24.24 -21.34
N ARG A 23 2.65 -23.83 -22.60
CA ARG A 23 3.88 -23.31 -23.19
C ARG A 23 3.67 -21.89 -23.71
N PHE A 24 4.74 -21.10 -23.72
CA PHE A 24 4.69 -19.71 -24.17
C PHE A 24 6.06 -19.32 -24.73
N LYS A 25 6.13 -19.11 -26.05
CA LYS A 25 7.39 -18.77 -26.71
C LYS A 25 8.12 -17.64 -26.03
N THR A 26 9.39 -17.45 -26.42
CA THR A 26 10.23 -16.42 -25.85
C THR A 26 9.75 -15.03 -26.22
N GLY A 27 8.68 -14.96 -26.99
CA GLY A 27 8.16 -13.66 -27.40
C GLY A 27 6.94 -13.26 -26.60
N THR A 28 6.40 -14.22 -25.87
CA THR A 28 5.21 -13.99 -25.04
C THR A 28 5.53 -13.06 -23.87
N THR A 29 4.50 -12.73 -23.09
CA THR A 29 4.67 -11.86 -21.93
C THR A 29 3.40 -11.84 -21.07
N LEU A 30 3.58 -12.10 -19.77
CA LEU A 30 2.43 -12.13 -18.86
C LEU A 30 2.15 -10.76 -18.25
N LYS A 31 1.13 -10.72 -17.40
CA LYS A 31 0.75 -9.49 -16.71
C LYS A 31 1.04 -9.62 -15.23
N TYR A 32 0.15 -10.31 -14.51
CA TYR A 32 0.31 -10.53 -13.08
C TYR A 32 0.31 -9.21 -12.30
N THR A 33 -0.23 -9.26 -11.09
CA THR A 33 -0.30 -8.07 -10.23
C THR A 33 0.22 -8.40 -8.83
N CYS A 34 1.11 -7.55 -8.32
CA CYS A 34 1.69 -7.76 -7.00
C CYS A 34 0.69 -7.46 -5.87
N LEU A 35 0.40 -8.53 -5.12
CA LEU A 35 -0.57 -8.52 -4.03
C LEU A 35 0.00 -7.96 -2.72
N PRO A 36 -0.80 -7.94 -1.62
CA PRO A 36 -0.37 -7.45 -0.29
C PRO A 36 1.10 -7.74 0.01
N GLY A 37 1.88 -6.67 0.04
CA GLY A 37 3.30 -6.79 0.30
C GLY A 37 4.15 -6.22 -0.82
N TYR A 38 3.60 -6.27 -2.04
CA TYR A 38 4.30 -5.75 -3.20
C TYR A 38 3.40 -4.82 -4.05
N VAL A 39 3.78 -3.53 -4.14
CA VAL A 39 3.02 -2.55 -4.94
C VAL A 39 3.70 -2.36 -6.27
N ARG A 40 3.53 -1.16 -6.83
CA ARG A 40 4.14 -0.82 -8.11
C ARG A 40 5.21 0.26 -7.96
N SER A 41 6.40 -0.15 -7.54
CA SER A 41 7.51 0.79 -7.39
C SER A 41 8.06 1.14 -8.76
N HIS A 42 8.12 0.14 -9.64
CA HIS A 42 8.59 0.33 -10.99
C HIS A 42 7.42 0.33 -11.96
N SER A 43 6.26 -0.07 -11.44
CA SER A 43 5.02 -0.12 -12.20
C SER A 43 5.04 -1.22 -13.26
N THR A 44 6.20 -1.83 -13.45
CA THR A 44 6.34 -2.90 -14.44
C THR A 44 5.96 -4.25 -13.84
N GLN A 45 5.47 -5.15 -14.68
CA GLN A 45 5.06 -6.49 -14.25
C GLN A 45 4.68 -7.35 -15.44
N THR A 46 5.65 -8.09 -15.98
CA THR A 46 5.41 -8.95 -17.12
C THR A 46 6.37 -10.15 -17.12
N LEU A 47 5.84 -11.32 -17.46
CA LEU A 47 6.64 -12.54 -17.50
C LEU A 47 6.87 -12.96 -18.94
N THR A 48 8.09 -12.77 -19.43
CA THR A 48 8.45 -13.12 -20.79
C THR A 48 9.35 -14.35 -20.80
N CYS A 49 9.22 -15.18 -21.82
CA CYS A 49 10.05 -16.36 -21.92
C CYS A 49 11.45 -15.95 -22.37
N ASN A 50 12.43 -16.15 -21.51
CA ASN A 50 13.80 -15.81 -21.84
C ASN A 50 14.52 -17.01 -22.44
N SER A 51 15.82 -16.87 -22.66
CA SER A 51 16.62 -17.96 -23.21
C SER A 51 17.48 -18.60 -22.13
N ASP A 52 16.84 -18.98 -21.03
CA ASP A 52 17.51 -19.62 -19.89
C ASP A 52 16.81 -20.92 -19.55
N GLY A 53 15.49 -20.92 -19.62
CA GLY A 53 14.73 -22.11 -19.32
C GLY A 53 13.47 -21.79 -18.53
N GLU A 54 13.28 -20.50 -18.27
CA GLU A 54 12.12 -20.03 -17.51
C GLU A 54 11.73 -18.61 -17.83
N TRP A 55 11.05 -17.99 -16.87
CA TRP A 55 10.56 -16.63 -16.98
C TRP A 55 11.42 -15.63 -16.25
N VAL A 56 11.93 -14.66 -17.01
CA VAL A 56 12.77 -13.60 -16.47
C VAL A 56 11.90 -12.35 -16.33
N TYR A 57 12.23 -11.46 -15.39
CA TYR A 57 11.44 -10.24 -15.23
C TYR A 57 11.83 -9.42 -14.00
N ASN A 58 12.93 -9.81 -13.37
CA ASN A 58 13.41 -9.12 -12.17
C ASN A 58 12.31 -9.02 -11.12
N THR A 59 12.65 -8.50 -9.95
CA THR A 59 11.68 -8.34 -8.88
C THR A 59 11.07 -6.95 -8.93
N PHE A 60 9.99 -6.82 -9.70
CA PHE A 60 9.31 -5.54 -9.87
C PHE A 60 8.16 -5.38 -8.88
N CYS A 61 8.14 -6.21 -7.84
CA CYS A 61 7.08 -6.14 -6.83
C CYS A 61 7.64 -5.75 -5.46
N ILE A 62 7.05 -4.70 -4.87
CA ILE A 62 7.47 -4.19 -3.56
C ILE A 62 6.43 -3.19 -3.06
N TYR A 63 5.76 -3.50 -1.94
CA TYR A 63 4.69 -2.65 -1.40
C TYR A 63 5.14 -1.26 -1.01
N LYS A 64 4.45 -0.76 0.02
CA LYS A 64 4.66 0.56 0.58
C LYS A 64 3.34 1.19 0.97
N ARG A 65 2.88 0.90 2.19
CA ARG A 65 1.64 1.46 2.71
C ARG A 65 1.93 2.35 3.92
N CYS A 66 0.96 2.46 4.82
CA CYS A 66 1.14 3.27 6.02
C CYS A 66 0.59 2.56 7.23
N ARG A 67 1.44 2.35 8.23
CA ARG A 67 1.00 1.69 9.44
C ARG A 67 -0.13 2.53 10.04
N HIS A 68 -1.14 1.87 10.59
CA HIS A 68 -2.27 2.58 11.17
C HIS A 68 -1.79 3.67 12.13
N PRO A 69 -2.33 4.89 12.00
CA PRO A 69 -1.96 6.03 12.87
C PRO A 69 -2.15 5.71 14.34
N GLY A 70 -3.22 4.97 14.64
CA GLY A 70 -3.52 4.63 16.00
C GLY A 70 -4.77 5.34 16.48
N GLU A 71 -5.08 5.11 17.75
CA GLU A 71 -6.25 5.71 18.38
C GLU A 71 -5.92 7.13 18.83
N LEU A 72 -6.77 8.05 18.41
CA LEU A 72 -6.65 9.45 18.78
C LEU A 72 -7.56 9.72 19.97
N ARG A 73 -6.99 9.72 21.17
CA ARG A 73 -7.77 9.96 22.37
C ARG A 73 -8.33 11.38 22.35
N ASN A 74 -9.64 11.46 22.60
CA ASN A 74 -10.37 12.71 22.58
C ASN A 74 -10.54 13.15 21.14
N GLY A 75 -10.28 12.24 20.19
CA GLY A 75 -10.44 12.60 18.81
C GLY A 75 -10.96 11.47 17.94
N GLN A 76 -10.96 11.72 16.62
CA GLN A 76 -11.45 10.73 15.65
C GLN A 76 -10.46 10.57 14.50
N VAL A 77 -10.25 9.33 14.09
CA VAL A 77 -9.33 9.05 12.99
C VAL A 77 -10.07 8.62 11.73
N GLU A 78 -10.14 9.52 10.74
CA GLU A 78 -10.81 9.21 9.49
C GLU A 78 -10.06 8.12 8.71
N ILE A 79 -10.51 6.88 8.83
CA ILE A 79 -9.87 5.77 8.14
C ILE A 79 -10.87 5.01 7.27
N LYS A 80 -10.37 4.38 6.21
CA LYS A 80 -11.22 3.63 5.29
C LYS A 80 -10.40 2.88 4.25
N THR A 81 -9.33 3.52 3.78
CA THR A 81 -8.48 2.93 2.75
C THR A 81 -7.52 1.89 3.30
N ASP A 82 -7.83 1.32 4.46
CA ASP A 82 -6.97 0.29 5.05
C ASP A 82 -5.57 0.84 5.33
N LEU A 83 -5.44 2.13 5.15
CA LEU A 83 -4.16 2.82 5.35
C LEU A 83 -3.17 2.41 4.25
N SER A 84 -3.56 2.61 3.02
CA SER A 84 -2.69 2.33 1.88
C SER A 84 -1.97 3.62 1.49
N PHE A 85 -0.65 3.55 1.37
CA PHE A 85 0.18 4.72 1.04
C PHE A 85 -0.49 5.63 0.02
N GLY A 86 -0.25 6.93 0.18
CA GLY A 86 -0.82 7.92 -0.71
C GLY A 86 -2.24 8.30 -0.34
N SER A 87 -2.44 8.73 0.91
CA SER A 87 -3.77 9.13 1.36
C SER A 87 -3.71 10.09 2.55
N GLN A 88 -4.79 10.85 2.69
CA GLN A 88 -4.90 11.83 3.76
C GLN A 88 -6.03 11.43 4.72
N ILE A 89 -5.74 11.47 6.02
CA ILE A 89 -6.74 11.11 7.02
C ILE A 89 -6.95 12.26 8.01
N GLU A 90 -8.12 12.88 7.93
CA GLU A 90 -8.46 14.00 8.80
C GLU A 90 -8.84 13.51 10.20
N PHE A 91 -8.38 14.24 11.20
CA PHE A 91 -8.68 13.92 12.59
C PHE A 91 -9.83 14.78 13.09
N SER A 92 -10.30 14.52 14.30
CA SER A 92 -11.41 15.29 14.85
C SER A 92 -11.44 15.23 16.37
N CYS A 93 -11.13 16.37 16.99
CA CYS A 93 -11.14 16.45 18.44
C CYS A 93 -12.57 16.72 18.91
N SER A 94 -13.13 15.78 19.68
CA SER A 94 -14.50 15.89 20.16
C SER A 94 -14.83 17.25 20.76
N GLU A 95 -16.11 17.48 20.98
CA GLU A 95 -16.60 18.73 21.55
C GLU A 95 -15.76 19.14 22.76
N GLY A 96 -15.67 20.44 22.98
CA GLY A 96 -14.91 20.96 24.10
C GLY A 96 -13.41 20.91 23.85
N PHE A 97 -12.95 19.88 23.15
CA PHE A 97 -11.52 19.73 22.88
C PHE A 97 -11.25 19.97 21.40
N PHE A 98 -10.44 20.98 21.10
CA PHE A 98 -10.12 21.30 19.71
C PHE A 98 -8.88 20.56 19.25
N LEU A 99 -8.62 20.65 17.96
CA LEU A 99 -7.48 19.97 17.36
C LEU A 99 -6.26 20.86 17.28
N ILE A 100 -5.10 20.26 17.52
CA ILE A 100 -3.81 20.94 17.48
C ILE A 100 -2.72 19.93 17.20
N GLY A 101 -2.17 20.03 16.00
CA GLY A 101 -1.13 19.14 15.55
C GLY A 101 -1.01 19.14 14.04
N SER A 102 -2.11 18.76 13.41
CA SER A 102 -2.22 18.70 11.95
C SER A 102 -3.53 18.00 11.60
N THR A 103 -4.52 18.77 11.18
CA THR A 103 -5.82 18.21 10.86
C THR A 103 -5.74 17.25 9.70
N THR A 104 -4.58 17.16 9.09
CA THR A 104 -4.37 16.26 7.97
C THR A 104 -3.21 15.32 8.28
N SER A 105 -3.20 14.19 7.60
CA SER A 105 -2.13 13.22 7.74
C SER A 105 -1.88 12.56 6.39
N ARG A 106 -0.69 12.76 5.84
CA ARG A 106 -0.35 12.21 4.53
C ARG A 106 0.52 10.97 4.65
N CYS A 107 1.05 10.51 3.51
CA CYS A 107 1.89 9.32 3.49
C CYS A 107 3.04 9.48 2.51
N GLU A 108 4.25 9.46 3.04
CA GLU A 108 5.46 9.62 2.24
C GLU A 108 6.26 8.34 2.24
N VAL A 109 7.20 8.22 1.32
CA VAL A 109 8.00 7.01 1.25
C VAL A 109 9.48 7.27 1.35
N GLN A 110 10.11 6.57 2.28
CA GLN A 110 11.53 6.68 2.51
C GLN A 110 12.17 5.30 2.62
N ASP A 111 12.94 4.93 1.61
CA ASP A 111 13.61 3.63 1.59
C ASP A 111 12.59 2.51 1.76
N ARG A 112 12.92 1.52 2.60
CA ARG A 112 12.03 0.40 2.86
C ARG A 112 10.89 0.81 3.78
N GLY A 113 10.58 2.10 3.81
CA GLY A 113 9.51 2.59 4.67
C GLY A 113 8.61 3.58 3.99
N VAL A 114 7.46 3.83 4.60
CA VAL A 114 6.47 4.73 4.05
C VAL A 114 5.28 4.91 4.97
N GLY A 115 4.56 5.99 4.72
CA GLY A 115 3.36 6.22 5.49
C GLY A 115 3.28 7.59 6.12
N TRP A 116 2.44 7.69 7.14
CA TRP A 116 2.23 8.96 7.84
C TRP A 116 3.53 9.56 8.34
N SER A 117 3.60 10.89 8.30
CA SER A 117 4.77 11.62 8.76
C SER A 117 4.54 12.10 10.19
N HIS A 118 3.27 12.11 10.62
CA HIS A 118 2.90 12.54 11.96
C HIS A 118 1.39 12.41 12.17
N PRO A 119 0.95 11.27 12.74
CA PRO A 119 -0.47 11.01 12.99
C PRO A 119 -0.92 11.44 14.37
N LEU A 120 -2.09 10.95 14.78
CA LEU A 120 -2.70 11.25 16.08
C LEU A 120 -2.20 12.57 16.67
N PRO A 121 -2.92 13.68 16.41
CA PRO A 121 -2.55 15.00 16.91
C PRO A 121 -2.85 15.14 18.40
N GLN A 122 -2.94 16.37 18.88
CA GLN A 122 -3.21 16.64 20.29
C GLN A 122 -4.61 17.23 20.48
N CYS A 123 -5.44 16.54 21.26
CA CYS A 123 -6.79 17.01 21.53
C CYS A 123 -6.85 17.61 22.93
N GLU A 124 -6.96 18.93 23.00
CA GLU A 124 -7.00 19.61 24.30
C GLU A 124 -8.24 20.51 24.40
N ILE A 125 -8.78 20.58 25.61
CA ILE A 125 -9.97 21.38 25.88
C ILE A 125 -9.74 22.85 25.54
N LEU A 126 -10.83 23.56 25.25
CA LEU A 126 -10.75 24.98 24.92
C LEU A 126 -10.39 25.80 26.15
N GLU A 127 -10.91 25.39 27.31
CA GLU A 127 -10.64 26.09 28.55
C GLU A 127 -11.04 25.22 29.75
N HIS A 128 -10.09 24.45 30.26
CA HIS A 128 -10.34 23.58 31.41
C HIS A 128 -9.04 22.93 31.89
N HIS A 129 -8.88 22.86 33.21
CA HIS A 129 -7.68 22.28 33.81
C HIS A 129 -7.99 21.75 35.20
N HIS A 130 -7.74 20.45 35.40
CA HIS A 130 -7.99 19.82 36.70
C HIS A 130 -7.09 18.60 36.88
N HIS A 131 -7.33 17.56 36.10
CA HIS A 131 -6.55 16.33 36.19
C HIS A 131 -6.65 15.53 34.89
N HIS A 132 -5.51 15.25 34.28
CA HIS A 132 -5.47 14.49 33.04
C HIS A 132 -4.35 13.46 33.06
N HIS A 133 -4.52 12.39 32.30
CA HIS A 133 -3.52 11.32 32.22
C HIS A 133 -2.55 11.58 31.07
N MET A 1 12.31 -20.92 -26.66
CA MET A 1 11.51 -22.16 -26.46
C MET A 1 10.53 -21.98 -25.30
N ASN A 2 9.44 -22.75 -25.34
CA ASN A 2 8.42 -22.69 -24.30
C ASN A 2 9.02 -22.98 -22.93
N CYS A 3 8.55 -22.25 -21.91
CA CYS A 3 9.05 -22.43 -20.55
C CYS A 3 8.18 -23.42 -19.77
N GLY A 4 8.50 -23.58 -18.49
CA GLY A 4 7.72 -24.47 -17.65
C GLY A 4 6.53 -23.74 -17.03
N PRO A 5 5.54 -24.49 -16.50
CA PRO A 5 4.35 -23.89 -15.87
C PRO A 5 4.69 -22.67 -15.01
N PRO A 6 3.96 -21.55 -15.24
CA PRO A 6 4.19 -20.29 -14.51
C PRO A 6 4.23 -20.47 -12.99
N PRO A 7 5.37 -20.10 -12.37
CA PRO A 7 5.55 -20.20 -10.92
C PRO A 7 4.61 -19.26 -10.18
N THR A 8 4.76 -19.29 -8.86
CA THR A 8 3.96 -18.48 -7.96
C THR A 8 4.75 -17.26 -7.50
N LEU A 9 4.15 -16.09 -7.59
CA LEU A 9 4.83 -14.87 -7.17
C LEU A 9 4.20 -14.27 -5.92
N SER A 10 4.67 -13.09 -5.57
CA SER A 10 4.17 -12.38 -4.40
C SER A 10 3.80 -10.95 -4.75
N PHE A 11 4.65 -10.30 -5.55
CA PHE A 11 4.41 -8.93 -5.96
C PHE A 11 3.20 -8.84 -6.89
N ALA A 12 2.80 -9.99 -7.43
CA ALA A 12 1.66 -10.03 -8.35
C ALA A 12 0.89 -11.35 -8.27
N ALA A 13 -0.34 -11.26 -8.74
CA ALA A 13 -1.22 -12.43 -8.81
C ALA A 13 -1.84 -12.57 -10.20
N PRO A 14 -2.06 -13.81 -10.66
CA PRO A 14 -2.65 -14.06 -11.98
C PRO A 14 -3.86 -13.18 -12.26
N MET A 15 -3.97 -12.72 -13.50
CA MET A 15 -5.07 -11.86 -13.91
C MET A 15 -5.49 -12.14 -15.35
N ASP A 16 -4.68 -12.91 -16.05
CA ASP A 16 -4.94 -13.27 -17.43
C ASP A 16 -4.52 -14.71 -17.70
N ILE A 17 -3.37 -14.88 -18.36
CA ILE A 17 -2.83 -16.20 -18.67
C ILE A 17 -3.93 -17.21 -18.96
N THR A 18 -4.35 -17.28 -20.22
CA THR A 18 -5.37 -18.22 -20.61
C THR A 18 -4.97 -19.62 -20.16
N LEU A 19 -5.61 -20.11 -19.11
CA LEU A 19 -5.33 -21.42 -18.59
C LEU A 19 -5.77 -22.50 -19.57
N THR A 20 -4.96 -22.70 -20.61
CA THR A 20 -5.27 -23.70 -21.62
C THR A 20 -3.98 -24.36 -22.12
N GLU A 21 -2.86 -23.79 -21.70
CA GLU A 21 -1.55 -24.31 -22.09
C GLU A 21 -0.62 -24.34 -20.87
N THR A 22 0.07 -25.46 -20.68
CA THR A 22 0.98 -25.61 -19.56
C THR A 22 2.32 -24.94 -19.86
N ARG A 23 2.51 -24.54 -21.11
CA ARG A 23 3.75 -23.90 -21.53
C ARG A 23 3.44 -22.56 -22.19
N PHE A 24 4.45 -21.68 -22.25
CA PHE A 24 4.29 -20.36 -22.85
C PHE A 24 5.59 -19.93 -23.54
N LYS A 25 5.54 -19.80 -24.86
CA LYS A 25 6.71 -19.42 -25.66
C LYS A 25 7.35 -18.13 -25.15
N THR A 26 8.50 -17.78 -25.74
CA THR A 26 9.23 -16.58 -25.36
C THR A 26 8.51 -15.33 -25.85
N GLY A 27 7.53 -15.51 -26.71
CA GLY A 27 6.75 -14.39 -27.24
C GLY A 27 5.44 -14.25 -26.50
N THR A 28 5.40 -14.83 -25.31
CA THR A 28 4.21 -14.79 -24.47
C THR A 28 4.34 -13.71 -23.40
N THR A 29 3.21 -13.19 -22.94
CA THR A 29 3.23 -12.16 -21.91
C THR A 29 1.95 -12.16 -21.10
N LEU A 30 2.09 -12.31 -19.79
CA LEU A 30 0.94 -12.35 -18.90
C LEU A 30 0.62 -10.95 -18.37
N LYS A 31 -0.29 -10.87 -17.41
CA LYS A 31 -0.67 -9.58 -16.83
C LYS A 31 -0.22 -9.48 -15.38
N TYR A 32 -0.92 -10.18 -14.49
CA TYR A 32 -0.59 -10.18 -13.07
C TYR A 32 -0.86 -8.82 -12.43
N THR A 33 -1.49 -8.86 -11.26
CA THR A 33 -1.82 -7.65 -10.51
C THR A 33 -0.67 -7.22 -9.60
N CYS A 34 -1.00 -6.47 -8.55
CA CYS A 34 -0.01 -6.00 -7.59
C CYS A 34 -0.71 -5.57 -6.29
N LEU A 35 -0.44 -6.36 -5.26
CA LEU A 35 -1.02 -6.15 -3.93
C LEU A 35 -0.91 -4.70 -3.47
N PRO A 36 -1.79 -4.30 -2.51
CA PRO A 36 -1.84 -2.94 -1.97
C PRO A 36 -0.49 -2.31 -1.68
N GLY A 37 0.10 -2.65 -0.54
CA GLY A 37 1.38 -2.08 -0.14
C GLY A 37 2.45 -2.23 -1.19
N TYR A 38 2.28 -3.20 -2.06
CA TYR A 38 3.26 -3.42 -3.12
C TYR A 38 3.22 -2.23 -4.08
N VAL A 39 3.95 -1.15 -3.78
CA VAL A 39 3.97 0.03 -4.63
C VAL A 39 5.30 0.16 -5.36
N ARG A 40 5.46 1.27 -6.07
CA ARG A 40 6.68 1.55 -6.80
C ARG A 40 7.23 0.32 -7.54
N SER A 41 8.52 0.36 -7.83
CA SER A 41 9.21 -0.71 -8.53
C SER A 41 8.64 -0.96 -9.93
N HIS A 42 7.57 -0.23 -10.27
CA HIS A 42 6.95 -0.40 -11.58
C HIS A 42 7.97 -0.23 -12.70
N SER A 43 7.86 -1.06 -13.73
CA SER A 43 8.77 -1.01 -14.87
C SER A 43 8.41 -2.08 -15.88
N THR A 44 7.47 -2.95 -15.50
CA THR A 44 7.04 -4.03 -16.39
C THR A 44 5.60 -4.46 -16.11
N GLN A 45 5.42 -5.19 -15.01
CA GLN A 45 4.11 -5.68 -14.62
C GLN A 45 3.64 -6.81 -15.54
N THR A 46 4.60 -7.57 -16.04
CA THR A 46 4.29 -8.68 -16.93
C THR A 46 5.35 -9.77 -16.83
N LEU A 47 4.95 -10.99 -17.17
CA LEU A 47 5.86 -12.15 -17.13
C LEU A 47 6.06 -12.70 -18.53
N THR A 48 7.23 -12.40 -19.12
CA THR A 48 7.54 -12.86 -20.46
C THR A 48 8.61 -13.95 -20.42
N CYS A 49 8.56 -14.86 -21.38
CA CYS A 49 9.55 -15.92 -21.44
C CYS A 49 10.77 -15.39 -22.18
N ASN A 50 11.90 -15.43 -21.48
CA ASN A 50 13.16 -15.02 -22.05
C ASN A 50 13.93 -16.25 -22.53
N SER A 51 15.11 -16.04 -23.10
CA SER A 51 15.91 -17.17 -23.57
C SER A 51 16.78 -17.67 -22.42
N ASP A 52 16.09 -18.15 -21.39
CA ASP A 52 16.71 -18.67 -20.17
C ASP A 52 15.79 -19.71 -19.54
N GLY A 53 14.69 -19.98 -20.21
CA GLY A 53 13.72 -20.94 -19.69
C GLY A 53 13.17 -20.52 -18.35
N GLU A 54 13.31 -19.22 -18.09
CA GLU A 54 12.81 -18.63 -16.85
C GLU A 54 11.98 -17.39 -17.19
N TRP A 55 11.22 -16.92 -16.21
CA TRP A 55 10.40 -15.74 -16.37
C TRP A 55 11.14 -14.52 -15.87
N VAL A 56 11.49 -13.66 -16.81
CA VAL A 56 12.20 -12.43 -16.53
C VAL A 56 11.19 -11.30 -16.42
N TYR A 57 11.41 -10.35 -15.52
CA TYR A 57 10.49 -9.23 -15.39
C TYR A 57 10.88 -8.27 -14.30
N ASN A 58 12.04 -8.51 -13.71
CA ASN A 58 12.57 -7.68 -12.64
C ASN A 58 11.51 -7.45 -11.57
N THR A 59 11.79 -6.55 -10.64
CA THR A 59 10.83 -6.23 -9.60
C THR A 59 9.95 -5.09 -10.07
N PHE A 60 8.64 -5.31 -10.06
CA PHE A 60 7.70 -4.29 -10.52
C PHE A 60 6.89 -3.71 -9.36
N CYS A 61 7.06 -4.27 -8.16
CA CYS A 61 6.35 -3.79 -6.99
C CYS A 61 7.22 -3.94 -5.74
N ILE A 62 6.98 -3.08 -4.75
CA ILE A 62 7.74 -3.12 -3.50
C ILE A 62 6.86 -2.74 -2.31
N TYR A 63 6.29 -3.75 -1.67
CA TYR A 63 5.42 -3.59 -0.51
C TYR A 63 5.97 -2.59 0.50
N LYS A 64 5.15 -1.60 0.87
CA LYS A 64 5.52 -0.64 1.87
C LYS A 64 4.28 0.05 2.43
N ARG A 65 3.98 -0.19 3.70
CA ARG A 65 2.81 0.40 4.34
C ARG A 65 3.21 1.19 5.59
N CYS A 66 2.38 2.16 5.96
CA CYS A 66 2.66 2.99 7.11
C CYS A 66 1.96 2.42 8.33
N ARG A 67 2.69 2.27 9.42
CA ARG A 67 2.09 1.72 10.62
C ARG A 67 0.88 2.54 11.02
N HIS A 68 -0.19 1.86 11.38
CA HIS A 68 -1.41 2.52 11.78
C HIS A 68 -1.15 3.43 12.99
N PRO A 69 -1.39 4.75 12.87
CA PRO A 69 -1.16 5.69 13.97
C PRO A 69 -1.83 5.21 15.25
N GLY A 70 -2.84 4.36 15.12
CA GLY A 70 -3.53 3.86 16.28
C GLY A 70 -4.84 4.55 16.56
N GLU A 71 -5.31 4.38 17.78
CA GLU A 71 -6.56 4.96 18.21
C GLU A 71 -6.39 6.43 18.58
N LEU A 72 -7.33 7.25 18.13
CA LEU A 72 -7.32 8.68 18.43
C LEU A 72 -8.22 8.94 19.64
N ARG A 73 -7.62 9.07 20.81
CA ARG A 73 -8.40 9.34 22.02
C ARG A 73 -9.11 10.68 21.86
N ASN A 74 -10.44 10.61 21.92
CA ASN A 74 -11.29 11.78 21.71
C ASN A 74 -11.05 12.23 20.28
N GLY A 75 -11.12 11.27 19.35
CA GLY A 75 -10.87 11.58 17.96
C GLY A 75 -11.18 10.42 17.04
N GLN A 76 -11.06 10.66 15.74
CA GLN A 76 -11.33 9.63 14.75
C GLN A 76 -10.24 9.59 13.68
N VAL A 77 -9.80 8.39 13.34
CA VAL A 77 -8.77 8.21 12.33
C VAL A 77 -9.37 7.70 11.03
N GLU A 78 -9.42 8.55 10.01
CA GLU A 78 -9.98 8.17 8.73
C GLU A 78 -9.05 7.22 7.98
N ILE A 79 -9.41 5.93 7.99
CA ILE A 79 -8.62 4.91 7.31
C ILE A 79 -9.46 4.23 6.23
N LYS A 80 -8.86 3.96 5.08
CA LYS A 80 -9.58 3.33 3.98
C LYS A 80 -8.65 2.90 2.87
N THR A 81 -7.40 2.63 3.20
CA THR A 81 -6.44 2.24 2.20
C THR A 81 -5.46 1.22 2.75
N ASP A 82 -5.74 0.71 3.95
CA ASP A 82 -4.85 -0.28 4.56
C ASP A 82 -3.45 0.30 4.72
N LEU A 83 -3.35 1.59 4.47
CA LEU A 83 -2.08 2.31 4.53
C LEU A 83 -1.13 1.75 3.50
N SER A 84 -1.56 1.73 2.24
CA SER A 84 -0.73 1.21 1.16
C SER A 84 0.24 2.26 0.63
N PHE A 85 0.64 3.19 1.49
CA PHE A 85 1.57 4.26 1.12
C PHE A 85 1.02 5.14 0.01
N GLY A 86 1.24 6.44 0.14
CA GLY A 86 0.78 7.37 -0.87
C GLY A 86 -0.66 7.80 -0.64
N SER A 87 -1.04 7.97 0.62
CA SER A 87 -2.40 8.37 0.94
C SER A 87 -2.45 9.38 2.08
N GLN A 88 -3.57 10.06 2.17
CA GLN A 88 -3.80 11.06 3.20
C GLN A 88 -4.93 10.61 4.12
N ILE A 89 -4.71 10.71 5.43
CA ILE A 89 -5.71 10.31 6.41
C ILE A 89 -5.96 11.42 7.43
N GLU A 90 -7.06 12.14 7.25
CA GLU A 90 -7.41 13.24 8.16
C GLU A 90 -7.78 12.69 9.53
N PHE A 91 -8.13 13.59 10.43
CA PHE A 91 -8.52 13.20 11.78
C PHE A 91 -9.79 13.95 12.21
N SER A 92 -10.23 13.72 13.43
CA SER A 92 -11.44 14.38 13.91
C SER A 92 -11.55 14.38 15.43
N CYS A 93 -11.44 15.55 16.03
CA CYS A 93 -11.54 15.65 17.48
C CYS A 93 -13.02 15.79 17.88
N SER A 94 -13.44 14.91 18.77
CA SER A 94 -14.84 14.86 19.25
C SER A 94 -15.45 16.24 19.51
N GLU A 95 -16.77 16.22 19.70
CA GLU A 95 -17.59 17.40 19.99
C GLU A 95 -16.87 18.46 20.81
N GLY A 96 -16.71 18.22 22.10
CA GLY A 96 -16.12 19.21 22.98
C GLY A 96 -14.64 19.46 22.74
N PHE A 97 -13.95 18.54 22.08
CA PHE A 97 -12.53 18.71 21.85
C PHE A 97 -12.22 18.95 20.38
N PHE A 98 -11.54 20.06 20.08
CA PHE A 98 -11.19 20.38 18.70
C PHE A 98 -9.83 19.80 18.34
N LEU A 99 -9.53 19.86 17.06
CA LEU A 99 -8.28 19.32 16.54
C LEU A 99 -7.17 20.35 16.54
N ILE A 100 -5.97 19.90 16.87
CA ILE A 100 -4.77 20.74 16.90
C ILE A 100 -3.54 19.86 16.78
N GLY A 101 -3.02 19.85 15.56
CA GLY A 101 -1.85 19.06 15.22
C GLY A 101 -1.56 19.09 13.74
N SER A 102 -2.50 18.55 12.98
CA SER A 102 -2.41 18.48 11.52
C SER A 102 -3.56 17.61 11.03
N THR A 103 -4.59 18.22 10.47
CA THR A 103 -5.76 17.50 10.01
C THR A 103 -5.47 16.66 8.76
N THR A 104 -4.21 16.34 8.54
CA THR A 104 -3.82 15.54 7.39
C THR A 104 -2.63 14.67 7.77
N SER A 105 -2.53 13.51 7.14
CA SER A 105 -1.40 12.62 7.37
C SER A 105 -1.04 11.95 6.05
N ARG A 106 0.13 12.28 5.52
CA ARG A 106 0.58 11.73 4.25
C ARG A 106 1.57 10.58 4.44
N CYS A 107 1.52 9.61 3.54
CA CYS A 107 2.40 8.45 3.61
C CYS A 107 3.58 8.61 2.68
N GLU A 108 4.76 8.65 3.26
CA GLU A 108 5.99 8.81 2.50
C GLU A 108 6.93 7.63 2.77
N VAL A 109 8.14 7.69 2.25
CA VAL A 109 9.12 6.63 2.47
C VAL A 109 10.53 7.16 2.71
N GLN A 110 11.14 6.63 3.76
CA GLN A 110 12.50 7.02 4.13
C GLN A 110 13.00 6.23 5.34
N ASP A 111 12.45 5.04 5.51
CA ASP A 111 12.83 4.20 6.63
C ASP A 111 12.60 2.73 6.31
N ARG A 112 11.59 2.13 6.94
CA ARG A 112 11.27 0.74 6.72
C ARG A 112 10.37 0.58 5.52
N GLY A 113 10.74 1.22 4.43
CA GLY A 113 9.95 1.15 3.23
C GLY A 113 8.87 2.20 3.20
N VAL A 114 8.64 2.83 4.35
CA VAL A 114 7.62 3.88 4.44
C VAL A 114 7.75 4.66 5.74
N GLY A 115 7.61 5.98 5.62
CA GLY A 115 7.70 6.81 6.80
C GLY A 115 6.41 7.58 7.03
N TRP A 116 6.05 7.78 8.29
CA TRP A 116 4.82 8.51 8.61
C TRP A 116 5.13 9.98 8.88
N SER A 117 4.39 10.86 8.22
CA SER A 117 4.58 12.29 8.39
C SER A 117 4.22 12.73 9.81
N HIS A 118 3.09 12.23 10.30
CA HIS A 118 2.62 12.56 11.65
C HIS A 118 1.40 11.74 12.02
N PRO A 119 1.37 11.19 13.24
CA PRO A 119 0.24 10.38 13.70
C PRO A 119 -0.91 11.25 14.23
N LEU A 120 -1.63 10.71 15.20
CA LEU A 120 -2.76 11.41 15.80
C LEU A 120 -2.38 12.81 16.25
N PRO A 121 -3.31 13.77 16.15
CA PRO A 121 -3.09 15.14 16.58
C PRO A 121 -3.45 15.30 18.06
N GLN A 122 -3.61 16.54 18.51
CA GLN A 122 -3.97 16.79 19.90
C GLN A 122 -5.42 17.24 20.02
N CYS A 123 -6.22 16.44 20.72
CA CYS A 123 -7.62 16.76 20.92
C CYS A 123 -7.84 17.39 22.29
N GLU A 124 -8.13 18.68 22.31
CA GLU A 124 -8.35 19.42 23.55
C GLU A 124 -9.71 20.09 23.52
N ILE A 125 -10.35 20.12 24.69
CA ILE A 125 -11.69 20.70 24.83
C ILE A 125 -11.70 22.18 24.47
N LEU A 126 -12.86 22.68 24.07
CA LEU A 126 -13.02 24.08 23.71
C LEU A 126 -12.98 24.95 24.96
N GLU A 127 -12.41 26.15 24.82
CA GLU A 127 -12.32 27.07 25.94
C GLU A 127 -13.52 28.01 25.98
N HIS A 128 -14.50 27.69 26.83
CA HIS A 128 -15.70 28.50 26.97
C HIS A 128 -16.12 28.60 28.43
N HIS A 129 -16.45 27.46 29.04
CA HIS A 129 -16.87 27.44 30.44
C HIS A 129 -16.41 26.15 31.11
N HIS A 130 -16.84 25.96 32.36
CA HIS A 130 -16.47 24.77 33.12
C HIS A 130 -17.65 23.84 33.30
N HIS A 131 -17.45 22.74 34.02
CA HIS A 131 -18.50 21.76 34.27
C HIS A 131 -18.64 21.46 35.76
N HIS A 132 -17.73 20.63 36.26
CA HIS A 132 -17.73 20.24 37.67
C HIS A 132 -19.02 19.50 38.05
N HIS A 133 -20.07 20.25 38.35
CA HIS A 133 -21.35 19.66 38.73
C HIS A 133 -22.23 19.44 37.49
N MET A 1 13.29 -23.13 -27.69
CA MET A 1 13.37 -22.15 -26.57
C MET A 1 12.00 -21.94 -25.93
N ASN A 2 11.89 -22.30 -24.66
CA ASN A 2 10.63 -22.16 -23.93
C ASN A 2 10.89 -22.16 -22.42
N CYS A 3 9.88 -21.78 -21.65
CA CYS A 3 9.99 -21.74 -20.21
C CYS A 3 9.04 -22.75 -19.56
N GLY A 4 9.20 -22.96 -18.27
CA GLY A 4 8.30 -23.86 -17.56
C GLY A 4 7.04 -23.15 -17.12
N PRO A 5 6.02 -23.87 -16.61
CA PRO A 5 4.78 -23.26 -16.15
C PRO A 5 5.03 -22.07 -15.23
N PRO A 6 4.33 -20.94 -15.47
CA PRO A 6 4.50 -19.72 -14.67
C PRO A 6 4.39 -19.97 -13.17
N PRO A 7 5.48 -19.71 -12.42
CA PRO A 7 5.51 -19.89 -10.96
C PRO A 7 4.41 -19.08 -10.29
N THR A 8 4.48 -19.08 -8.96
CA THR A 8 3.54 -18.36 -8.13
C THR A 8 4.11 -17.00 -7.74
N LEU A 9 3.35 -15.95 -7.95
CA LEU A 9 3.79 -14.61 -7.61
C LEU A 9 3.03 -14.07 -6.40
N SER A 10 3.74 -13.96 -5.28
CA SER A 10 3.13 -13.44 -4.06
C SER A 10 2.97 -11.93 -4.17
N PHE A 11 3.81 -11.32 -5.01
CA PHE A 11 3.76 -9.88 -5.23
C PHE A 11 2.92 -9.57 -6.47
N ALA A 12 1.80 -10.27 -6.59
CA ALA A 12 0.87 -10.11 -7.70
C ALA A 12 -0.12 -11.27 -7.72
N ALA A 13 -0.88 -11.33 -8.82
CA ALA A 13 -1.90 -12.34 -9.00
C ALA A 13 -2.44 -12.31 -10.44
N PRO A 14 -2.67 -13.48 -11.05
CA PRO A 14 -3.17 -13.56 -12.43
C PRO A 14 -4.36 -12.63 -12.66
N MET A 15 -4.56 -12.24 -13.92
CA MET A 15 -5.66 -11.34 -14.25
C MET A 15 -6.36 -11.79 -15.52
N ASP A 16 -5.59 -11.95 -16.58
CA ASP A 16 -6.13 -12.36 -17.87
C ASP A 16 -5.02 -12.56 -18.89
N ILE A 17 -4.70 -13.81 -19.18
CA ILE A 17 -3.66 -14.11 -20.13
C ILE A 17 -4.02 -15.35 -20.96
N THR A 18 -3.26 -16.42 -20.77
CA THR A 18 -3.48 -17.66 -21.49
C THR A 18 -2.76 -18.81 -20.81
N LEU A 19 -2.75 -18.76 -19.50
CA LEU A 19 -2.09 -19.76 -18.70
C LEU A 19 -2.92 -21.02 -18.59
N THR A 20 -3.82 -21.18 -19.54
CA THR A 20 -4.70 -22.35 -19.59
C THR A 20 -3.95 -23.53 -20.19
N GLU A 21 -2.75 -23.27 -20.69
CA GLU A 21 -1.90 -24.29 -21.29
C GLU A 21 -0.81 -24.69 -20.32
N THR A 22 0.17 -25.43 -20.83
CA THR A 22 1.29 -25.88 -20.00
C THR A 22 2.58 -25.15 -20.34
N ARG A 23 2.76 -24.83 -21.61
CA ARG A 23 3.97 -24.14 -22.06
C ARG A 23 3.63 -22.82 -22.76
N PHE A 24 4.65 -22.01 -23.02
CA PHE A 24 4.50 -20.72 -23.68
C PHE A 24 5.64 -20.51 -24.67
N LYS A 25 6.43 -19.45 -24.48
CA LYS A 25 7.57 -19.17 -25.36
C LYS A 25 8.32 -17.93 -24.90
N THR A 26 9.53 -17.75 -25.43
CA THR A 26 10.35 -16.60 -25.07
C THR A 26 9.74 -15.31 -25.60
N GLY A 27 8.64 -15.44 -26.31
CA GLY A 27 7.96 -14.27 -26.86
C GLY A 27 6.65 -14.01 -26.16
N THR A 28 6.20 -14.99 -25.37
CA THR A 28 4.94 -14.87 -24.64
C THR A 28 5.00 -13.72 -23.65
N THR A 29 3.85 -13.28 -23.16
CA THR A 29 3.80 -12.18 -22.20
C THR A 29 2.52 -12.21 -21.35
N LEU A 30 2.71 -12.26 -20.04
CA LEU A 30 1.58 -12.32 -19.11
C LEU A 30 1.09 -10.93 -18.72
N LYS A 31 0.17 -10.90 -17.75
CA LYS A 31 -0.40 -9.64 -17.27
C LYS A 31 -0.20 -9.52 -15.75
N TYR A 32 -1.04 -10.21 -15.00
CA TYR A 32 -0.95 -10.18 -13.53
C TYR A 32 -1.23 -8.79 -12.96
N THR A 33 -1.80 -8.78 -11.76
CA THR A 33 -2.14 -7.53 -11.07
C THR A 33 -1.59 -7.52 -9.65
N CYS A 34 -1.60 -6.35 -9.01
CA CYS A 34 -1.09 -6.20 -7.65
C CYS A 34 -2.21 -6.02 -6.63
N LEU A 35 -2.33 -7.04 -5.76
CA LEU A 35 -3.34 -7.12 -4.71
C LEU A 35 -3.51 -5.79 -3.96
N PRO A 36 -4.58 -5.68 -3.15
CA PRO A 36 -4.85 -4.46 -2.37
C PRO A 36 -3.77 -4.17 -1.33
N GLY A 37 -2.91 -3.21 -1.65
CA GLY A 37 -1.86 -2.84 -0.71
C GLY A 37 -0.53 -2.54 -1.36
N TYR A 38 -0.43 -2.77 -2.67
CA TYR A 38 0.82 -2.51 -3.38
C TYR A 38 0.90 -1.01 -3.70
N VAL A 39 2.11 -0.49 -3.75
CA VAL A 39 2.34 0.92 -4.01
C VAL A 39 3.39 1.11 -5.11
N ARG A 40 4.33 2.01 -4.87
CA ARG A 40 5.41 2.33 -5.80
C ARG A 40 6.15 1.08 -6.32
N SER A 41 7.40 1.29 -6.75
CA SER A 41 8.25 0.23 -7.30
C SER A 41 7.73 -0.24 -8.66
N HIS A 42 7.85 0.64 -9.65
CA HIS A 42 7.40 0.32 -11.01
C HIS A 42 5.91 0.00 -11.03
N SER A 43 5.43 -0.45 -12.18
CA SER A 43 4.03 -0.80 -12.34
C SER A 43 3.84 -1.79 -13.48
N THR A 44 4.90 -2.00 -14.25
CA THR A 44 4.88 -2.92 -15.37
C THR A 44 4.79 -4.37 -14.89
N GLN A 45 3.70 -5.04 -15.24
CA GLN A 45 3.49 -6.43 -14.84
C GLN A 45 3.39 -7.32 -16.07
N THR A 46 4.50 -7.96 -16.43
CA THR A 46 4.53 -8.84 -17.60
C THR A 46 5.56 -9.95 -17.43
N LEU A 47 5.11 -11.18 -17.60
CA LEU A 47 5.99 -12.34 -17.49
C LEU A 47 6.36 -12.82 -18.88
N THR A 48 7.62 -12.63 -19.25
CA THR A 48 8.11 -13.07 -20.55
C THR A 48 9.21 -14.10 -20.39
N CYS A 49 9.26 -15.08 -21.29
CA CYS A 49 10.28 -16.09 -21.20
C CYS A 49 11.57 -15.52 -21.75
N ASN A 50 12.58 -15.45 -20.90
CA ASN A 50 13.88 -14.94 -21.29
C ASN A 50 14.77 -16.09 -21.73
N SER A 51 16.06 -15.84 -21.85
CA SER A 51 16.99 -16.88 -22.27
C SER A 51 17.94 -17.24 -21.11
N ASP A 52 17.34 -17.60 -19.98
CA ASP A 52 18.09 -18.01 -18.78
C ASP A 52 17.62 -19.38 -18.33
N GLY A 53 16.31 -19.60 -18.43
CA GLY A 53 15.73 -20.87 -18.03
C GLY A 53 14.44 -20.67 -17.27
N GLU A 54 14.04 -19.40 -17.17
CA GLU A 54 12.81 -19.05 -16.45
C GLU A 54 12.19 -17.76 -16.96
N TRP A 55 11.32 -17.19 -16.13
CA TRP A 55 10.61 -15.97 -16.43
C TRP A 55 11.30 -14.75 -15.83
N VAL A 56 11.68 -13.83 -16.70
CA VAL A 56 12.35 -12.60 -16.31
C VAL A 56 11.34 -11.46 -16.28
N TYR A 57 11.61 -10.42 -15.49
CA TYR A 57 10.70 -9.28 -15.43
C TYR A 57 11.10 -8.29 -14.34
N ASN A 58 10.45 -7.13 -14.31
CA ASN A 58 10.75 -6.11 -13.32
C ASN A 58 9.95 -6.40 -12.05
N THR A 59 10.31 -5.71 -10.96
CA THR A 59 9.62 -5.89 -9.70
C THR A 59 8.43 -4.94 -9.57
N PHE A 60 7.37 -5.23 -10.32
CA PHE A 60 6.18 -4.39 -10.28
C PHE A 60 5.67 -4.25 -8.85
N CYS A 61 5.36 -3.02 -8.47
CA CYS A 61 4.86 -2.72 -7.13
C CYS A 61 5.88 -3.13 -6.06
N ILE A 62 5.58 -2.82 -4.81
CA ILE A 62 6.46 -3.16 -3.70
C ILE A 62 5.70 -3.65 -2.49
N TYR A 63 4.56 -3.02 -2.25
CA TYR A 63 3.74 -3.35 -1.10
C TYR A 63 4.47 -2.93 0.17
N LYS A 64 4.01 -1.84 0.75
CA LYS A 64 4.63 -1.28 1.95
C LYS A 64 3.70 -0.31 2.63
N ARG A 65 3.05 -0.74 3.71
CA ARG A 65 2.14 0.12 4.44
C ARG A 65 2.89 0.84 5.56
N CYS A 66 2.14 1.58 6.38
CA CYS A 66 2.74 2.32 7.49
C CYS A 66 2.17 1.80 8.79
N ARG A 67 2.99 1.77 9.83
CA ARG A 67 2.50 1.28 11.11
C ARG A 67 1.25 2.06 11.50
N HIS A 68 0.26 1.35 12.00
CA HIS A 68 -1.00 1.98 12.38
C HIS A 68 -0.76 3.18 13.30
N PRO A 69 -1.07 4.41 12.83
CA PRO A 69 -0.91 5.63 13.59
C PRO A 69 -1.19 5.43 15.08
N GLY A 70 -2.18 4.59 15.35
CA GLY A 70 -2.56 4.33 16.72
C GLY A 70 -3.91 4.95 17.06
N GLU A 71 -4.24 4.87 18.33
CA GLU A 71 -5.51 5.40 18.82
C GLU A 71 -5.39 6.90 19.04
N LEU A 72 -6.31 7.63 18.45
CA LEU A 72 -6.35 9.06 18.57
C LEU A 72 -7.28 9.43 19.72
N ARG A 73 -6.69 9.67 20.89
CA ARG A 73 -7.47 10.01 22.08
C ARG A 73 -8.24 11.29 21.83
N ASN A 74 -9.55 11.22 22.03
CA ASN A 74 -10.43 12.33 21.77
C ASN A 74 -10.32 12.65 20.29
N GLY A 75 -10.34 11.60 19.47
CA GLY A 75 -10.19 11.79 18.05
C GLY A 75 -10.50 10.52 17.27
N GLN A 76 -10.48 10.63 15.95
CA GLN A 76 -10.76 9.49 15.08
C GLN A 76 -9.72 9.37 13.97
N VAL A 77 -9.25 8.15 13.73
CA VAL A 77 -8.26 7.91 12.69
C VAL A 77 -8.90 7.23 11.49
N GLU A 78 -9.06 7.97 10.40
CA GLU A 78 -9.65 7.39 9.20
C GLU A 78 -8.65 6.49 8.50
N ILE A 79 -8.77 5.19 8.72
CA ILE A 79 -7.89 4.20 8.11
C ILE A 79 -8.61 3.42 7.03
N LYS A 80 -8.48 3.91 5.80
CA LYS A 80 -9.12 3.27 4.66
C LYS A 80 -8.12 3.00 3.56
N THR A 81 -6.85 2.93 3.95
CA THR A 81 -5.78 2.69 3.01
C THR A 81 -4.75 1.75 3.60
N ASP A 82 -5.02 1.28 4.83
CA ASP A 82 -4.08 0.39 5.49
C ASP A 82 -2.73 1.08 5.66
N LEU A 83 -2.73 2.37 5.34
CA LEU A 83 -1.55 3.20 5.41
C LEU A 83 -0.54 2.73 4.35
N SER A 84 -0.99 2.65 3.10
CA SER A 84 -0.10 2.23 2.02
C SER A 84 0.55 3.43 1.34
N PHE A 85 1.88 3.37 1.18
CA PHE A 85 2.64 4.44 0.52
C PHE A 85 1.76 5.18 -0.48
N GLY A 86 1.76 6.52 -0.42
CA GLY A 86 0.94 7.30 -1.32
C GLY A 86 -0.52 7.36 -0.91
N SER A 87 -0.77 7.51 0.39
CA SER A 87 -2.14 7.58 0.89
C SER A 87 -2.29 8.61 2.01
N GLN A 88 -3.50 9.16 2.10
CA GLN A 88 -3.81 10.17 3.11
C GLN A 88 -4.88 9.65 4.08
N ILE A 89 -4.67 9.88 5.37
CA ILE A 89 -5.64 9.47 6.40
C ILE A 89 -6.06 10.66 7.25
N GLU A 90 -7.33 11.03 7.14
CA GLU A 90 -7.86 12.16 7.88
C GLU A 90 -8.16 11.78 9.33
N PHE A 91 -8.21 12.80 10.19
CA PHE A 91 -8.50 12.59 11.60
C PHE A 91 -9.77 13.33 11.99
N SER A 92 -10.17 13.19 13.26
CA SER A 92 -11.38 13.85 13.73
C SER A 92 -11.38 13.99 15.25
N CYS A 93 -11.18 15.20 15.72
CA CYS A 93 -11.18 15.45 17.15
C CYS A 93 -12.62 15.55 17.63
N SER A 94 -13.00 14.64 18.53
CA SER A 94 -14.36 14.60 19.05
C SER A 94 -14.87 15.98 19.48
N GLU A 95 -16.18 16.06 19.69
CA GLU A 95 -16.84 17.29 20.12
C GLU A 95 -16.03 17.98 21.22
N GLY A 96 -16.12 19.30 21.27
CA GLY A 96 -15.41 20.07 22.27
C GLY A 96 -13.92 20.20 21.96
N PHE A 97 -13.34 19.17 21.36
CA PHE A 97 -11.91 19.19 21.04
C PHE A 97 -11.72 19.31 19.54
N PHE A 98 -10.90 20.26 19.12
CA PHE A 98 -10.64 20.46 17.69
C PHE A 98 -9.32 19.82 17.28
N LEU A 99 -9.13 19.74 15.97
CA LEU A 99 -7.94 19.14 15.39
C LEU A 99 -6.80 20.16 15.32
N ILE A 100 -5.60 19.71 15.67
CA ILE A 100 -4.40 20.53 15.65
C ILE A 100 -3.19 19.63 15.53
N GLY A 101 -2.77 19.45 14.28
CA GLY A 101 -1.64 18.61 13.97
C GLY A 101 -1.79 18.03 12.58
N SER A 102 -2.18 18.88 11.65
CA SER A 102 -2.39 18.48 10.27
C SER A 102 -3.54 17.49 10.17
N THR A 103 -4.69 17.97 9.71
CA THR A 103 -5.88 17.12 9.59
C THR A 103 -5.65 16.02 8.58
N THR A 104 -4.50 16.07 7.93
CA THR A 104 -4.15 15.07 6.95
C THR A 104 -2.89 14.34 7.38
N SER A 105 -2.70 13.14 6.87
CA SER A 105 -1.52 12.35 7.16
C SER A 105 -1.22 11.47 5.96
N ARG A 106 -0.06 11.72 5.34
CA ARG A 106 0.34 10.99 4.15
C ARG A 106 1.33 9.88 4.48
N CYS A 107 1.23 8.79 3.74
CA CYS A 107 2.11 7.64 3.94
C CYS A 107 3.28 7.72 2.98
N GLU A 108 4.48 7.84 3.54
CA GLU A 108 5.68 7.94 2.73
C GLU A 108 6.69 6.88 3.16
N VAL A 109 7.88 6.96 2.59
CA VAL A 109 8.96 6.04 2.93
C VAL A 109 10.20 6.79 3.43
N GLN A 110 11.03 6.09 4.21
CA GLN A 110 12.25 6.68 4.80
C GLN A 110 12.73 5.86 5.99
N ASP A 111 12.40 4.59 6.01
CA ASP A 111 12.80 3.70 7.09
C ASP A 111 12.86 2.26 6.61
N ARG A 112 12.01 1.41 7.17
CA ARG A 112 11.97 0.02 6.79
C ARG A 112 11.10 -0.18 5.56
N GLY A 113 11.36 0.64 4.56
CA GLY A 113 10.61 0.56 3.33
C GLY A 113 9.51 1.58 3.29
N VAL A 114 9.24 2.20 4.44
CA VAL A 114 8.19 3.22 4.51
C VAL A 114 8.30 4.06 5.77
N GLY A 115 8.08 5.35 5.59
CA GLY A 115 8.15 6.27 6.70
C GLY A 115 6.84 7.00 6.94
N TRP A 116 6.51 7.28 8.19
CA TRP A 116 5.26 7.98 8.51
C TRP A 116 5.48 9.49 8.50
N SER A 117 4.68 10.19 7.69
CA SER A 117 4.78 11.64 7.61
C SER A 117 4.33 12.28 8.92
N HIS A 118 3.09 12.00 9.31
CA HIS A 118 2.52 12.53 10.54
C HIS A 118 1.47 11.56 11.11
N PRO A 119 1.49 11.31 12.42
CA PRO A 119 0.56 10.41 13.09
C PRO A 119 -0.60 11.15 13.76
N LEU A 120 -1.13 10.55 14.82
CA LEU A 120 -2.22 11.12 15.59
C LEU A 120 -1.95 12.58 15.99
N PRO A 121 -2.80 13.52 15.54
CA PRO A 121 -2.64 14.95 15.85
C PRO A 121 -2.92 15.24 17.31
N GLN A 122 -3.19 16.52 17.62
CA GLN A 122 -3.46 16.93 18.99
C GLN A 122 -4.91 17.37 19.15
N CYS A 123 -5.66 16.65 19.98
CA CYS A 123 -7.06 17.00 20.21
C CYS A 123 -7.20 17.73 21.55
N GLU A 124 -7.47 19.02 21.48
CA GLU A 124 -7.62 19.84 22.68
C GLU A 124 -8.94 20.59 22.66
N ILE A 125 -9.49 20.79 23.86
CA ILE A 125 -10.76 21.47 24.03
C ILE A 125 -10.70 22.89 23.46
N LEU A 126 -11.83 23.37 22.95
CA LEU A 126 -11.92 24.70 22.37
C LEU A 126 -11.75 25.76 23.45
N GLU A 127 -12.53 25.65 24.51
CA GLU A 127 -12.47 26.60 25.62
C GLU A 127 -11.94 25.93 26.89
N HIS A 128 -11.56 26.75 27.86
CA HIS A 128 -11.04 26.24 29.12
C HIS A 128 -11.47 27.14 30.28
N HIS A 129 -12.16 28.23 29.95
CA HIS A 129 -12.63 29.16 30.97
C HIS A 129 -13.70 28.51 31.83
N HIS A 130 -14.34 27.47 31.29
CA HIS A 130 -15.38 26.75 32.01
C HIS A 130 -14.78 25.59 32.80
N HIS A 131 -15.28 25.39 34.01
CA HIS A 131 -14.80 24.32 34.87
C HIS A 131 -15.76 23.13 34.86
N HIS A 132 -15.22 21.94 35.12
CA HIS A 132 -16.03 20.72 35.14
C HIS A 132 -17.23 20.87 36.07
N HIS A 133 -18.28 20.11 35.79
CA HIS A 133 -19.50 20.15 36.61
C HIS A 133 -19.98 18.74 36.92
N MET A 1 12.00 -22.78 -28.39
CA MET A 1 11.09 -23.60 -27.54
C MET A 1 10.39 -22.72 -26.50
N ASN A 2 9.28 -23.23 -25.97
CA ASN A 2 8.52 -22.50 -24.97
C ASN A 2 9.15 -22.62 -23.59
N CYS A 3 8.73 -21.76 -22.67
CA CYS A 3 9.24 -21.76 -21.31
C CYS A 3 8.45 -22.73 -20.44
N GLY A 4 8.89 -22.88 -19.19
CA GLY A 4 8.20 -23.77 -18.27
C GLY A 4 7.06 -23.05 -17.59
N PRO A 5 6.08 -23.78 -17.02
CA PRO A 5 4.94 -23.17 -16.33
C PRO A 5 5.36 -22.00 -15.45
N PRO A 6 4.69 -20.84 -15.60
CA PRO A 6 5.01 -19.64 -14.83
C PRO A 6 4.86 -19.84 -13.33
N PRO A 7 5.96 -19.64 -12.58
CA PRO A 7 5.96 -19.78 -11.12
C PRO A 7 4.89 -18.92 -10.46
N THR A 8 4.86 -19.03 -9.15
CA THR A 8 3.93 -18.27 -8.33
C THR A 8 4.64 -17.02 -7.81
N LEU A 9 4.02 -15.87 -7.99
CA LEU A 9 4.61 -14.62 -7.56
C LEU A 9 3.89 -14.07 -6.33
N SER A 10 4.54 -14.12 -5.18
CA SER A 10 3.96 -13.61 -3.96
C SER A 10 3.79 -12.10 -4.03
N PHE A 11 4.48 -11.49 -5.00
CA PHE A 11 4.41 -10.05 -5.18
C PHE A 11 3.33 -9.71 -6.21
N ALA A 12 2.74 -10.75 -6.80
CA ALA A 12 1.67 -10.55 -7.79
C ALA A 12 0.64 -11.68 -7.71
N ALA A 13 -0.19 -11.72 -8.74
CA ALA A 13 -1.25 -12.71 -8.82
C ALA A 13 -1.83 -12.76 -10.24
N PRO A 14 -2.17 -13.97 -10.74
CA PRO A 14 -2.73 -14.14 -12.08
C PRO A 14 -3.87 -13.14 -12.35
N MET A 15 -3.96 -12.67 -13.59
CA MET A 15 -4.99 -11.70 -13.95
C MET A 15 -5.65 -12.04 -15.27
N ASP A 16 -4.89 -12.63 -16.18
CA ASP A 16 -5.40 -12.97 -17.50
C ASP A 16 -4.53 -14.01 -18.21
N ILE A 17 -3.58 -14.58 -17.47
CA ILE A 17 -2.69 -15.58 -18.05
C ILE A 17 -3.43 -16.86 -18.38
N THR A 18 -4.58 -17.01 -17.74
CA THR A 18 -5.41 -18.19 -17.91
C THR A 18 -4.59 -19.46 -17.73
N LEU A 19 -4.75 -20.10 -16.58
CA LEU A 19 -4.03 -21.32 -16.28
C LEU A 19 -4.63 -22.52 -17.01
N THR A 20 -4.93 -22.32 -18.29
CA THR A 20 -5.52 -23.37 -19.11
C THR A 20 -4.44 -24.00 -20.00
N GLU A 21 -3.29 -23.35 -20.07
CA GLU A 21 -2.18 -23.83 -20.89
C GLU A 21 -1.09 -24.44 -20.01
N THR A 22 0.06 -24.72 -20.61
CA THR A 22 1.18 -25.31 -19.89
C THR A 22 2.51 -24.72 -20.33
N ARG A 23 2.61 -24.41 -21.61
CA ARG A 23 3.83 -23.83 -22.16
C ARG A 23 3.56 -22.47 -22.80
N PHE A 24 4.55 -21.60 -22.77
CA PHE A 24 4.41 -20.25 -23.33
C PHE A 24 5.70 -19.87 -24.08
N LYS A 25 5.60 -19.63 -25.39
CA LYS A 25 6.77 -19.30 -26.20
C LYS A 25 7.46 -18.02 -25.72
N THR A 26 8.65 -17.78 -26.26
CA THR A 26 9.44 -16.61 -25.90
C THR A 26 8.77 -15.32 -26.37
N GLY A 27 7.75 -15.47 -27.21
CA GLY A 27 7.03 -14.32 -27.72
C GLY A 27 5.68 -14.16 -27.06
N THR A 28 5.57 -14.76 -25.89
CA THR A 28 4.33 -14.72 -25.12
C THR A 28 4.43 -13.67 -24.02
N THR A 29 3.29 -13.22 -23.52
CA THR A 29 3.26 -12.22 -22.47
C THR A 29 1.96 -12.28 -21.68
N LEU A 30 2.08 -12.48 -20.37
CA LEU A 30 0.93 -12.60 -19.49
C LEU A 30 0.45 -11.23 -19.00
N LYS A 31 0.11 -11.16 -17.71
CA LYS A 31 -0.36 -9.92 -17.11
C LYS A 31 0.07 -9.82 -15.65
N TYR A 32 -0.65 -10.50 -14.77
CA TYR A 32 -0.34 -10.52 -13.35
C TYR A 32 -0.50 -9.13 -12.71
N THR A 33 -1.11 -9.11 -11.53
CA THR A 33 -1.32 -7.88 -10.80
C THR A 33 -0.71 -7.96 -9.40
N CYS A 34 -0.31 -6.81 -8.86
CA CYS A 34 0.30 -6.77 -7.53
C CYS A 34 -0.73 -6.48 -6.43
N LEU A 35 -0.76 -7.40 -5.47
CA LEU A 35 -1.68 -7.35 -4.33
C LEU A 35 -1.77 -5.94 -3.73
N PRO A 36 -2.73 -5.71 -2.83
CA PRO A 36 -2.89 -4.40 -2.19
C PRO A 36 -1.79 -4.11 -1.17
N GLY A 37 -0.91 -3.18 -1.51
CA GLY A 37 0.17 -2.83 -0.59
C GLY A 37 1.45 -2.39 -1.28
N TYR A 38 1.54 -2.57 -2.59
CA TYR A 38 2.73 -2.18 -3.33
C TYR A 38 2.59 -0.72 -3.76
N VAL A 39 3.71 -0.01 -3.85
CA VAL A 39 3.75 1.40 -4.23
C VAL A 39 4.87 1.62 -5.23
N ARG A 40 5.53 2.77 -5.10
CA ARG A 40 6.63 3.17 -5.96
C ARG A 40 7.45 1.98 -6.45
N SER A 41 7.12 1.47 -7.63
CA SER A 41 7.84 0.35 -8.22
C SER A 41 7.27 0.01 -9.60
N HIS A 42 6.21 0.69 -9.99
CA HIS A 42 5.58 0.44 -11.28
C HIS A 42 6.55 0.66 -12.41
N SER A 43 6.61 -0.31 -13.31
CA SER A 43 7.50 -0.26 -14.47
C SER A 43 7.24 -1.45 -15.37
N THR A 44 6.45 -2.39 -14.86
CA THR A 44 6.10 -3.60 -15.60
C THR A 44 4.87 -4.26 -15.00
N GLN A 45 4.19 -5.09 -15.79
CA GLN A 45 2.99 -5.78 -15.32
C GLN A 45 2.73 -7.04 -16.15
N THR A 46 3.72 -7.94 -16.16
CA THR A 46 3.62 -9.20 -16.90
C THR A 46 4.98 -9.86 -17.07
N LEU A 47 4.98 -11.17 -17.30
CA LEU A 47 6.23 -11.91 -17.49
C LEU A 47 6.33 -12.37 -18.95
N THR A 48 7.56 -12.49 -19.45
CA THR A 48 7.80 -12.93 -20.83
C THR A 48 8.75 -14.11 -20.86
N CYS A 49 8.67 -14.93 -21.91
CA CYS A 49 9.55 -16.08 -22.01
C CYS A 49 10.85 -15.63 -22.66
N ASN A 50 11.93 -15.74 -21.90
CA ASN A 50 13.25 -15.39 -22.40
C ASN A 50 13.97 -16.65 -22.87
N SER A 51 15.17 -16.50 -23.39
CA SER A 51 15.95 -17.65 -23.86
C SER A 51 16.76 -18.22 -22.70
N ASP A 52 16.03 -18.65 -21.68
CA ASP A 52 16.61 -19.21 -20.46
C ASP A 52 15.66 -20.25 -19.86
N GLY A 53 14.57 -20.50 -20.56
CA GLY A 53 13.58 -21.45 -20.09
C GLY A 53 12.98 -21.01 -18.76
N GLU A 54 13.18 -19.73 -18.47
CA GLU A 54 12.65 -19.13 -17.26
C GLU A 54 11.86 -17.87 -17.60
N TRP A 55 11.15 -17.34 -16.61
CA TRP A 55 10.37 -16.14 -16.80
C TRP A 55 11.12 -14.93 -16.27
N VAL A 56 11.49 -14.06 -17.20
CA VAL A 56 12.22 -12.85 -16.88
C VAL A 56 11.20 -11.72 -16.79
N TYR A 57 11.38 -10.79 -15.85
CA TYR A 57 10.43 -9.68 -15.75
C TYR A 57 10.76 -8.71 -14.63
N ASN A 58 11.87 -8.96 -13.94
CA ASN A 58 12.33 -8.11 -12.85
C ASN A 58 11.23 -7.87 -11.82
N THR A 59 11.53 -7.05 -10.81
CA THR A 59 10.56 -6.73 -9.77
C THR A 59 9.86 -5.42 -10.09
N PHE A 60 8.59 -5.51 -10.48
CA PHE A 60 7.81 -4.33 -10.83
C PHE A 60 6.98 -3.81 -9.67
N CYS A 61 7.23 -4.35 -8.47
CA CYS A 61 6.51 -3.93 -7.27
C CYS A 61 7.39 -4.14 -6.02
N ILE A 62 7.51 -3.11 -5.20
CA ILE A 62 8.35 -3.18 -3.99
C ILE A 62 7.55 -3.58 -2.76
N TYR A 63 6.40 -2.94 -2.59
CA TYR A 63 5.52 -3.19 -1.44
C TYR A 63 6.07 -2.55 -0.17
N LYS A 64 5.38 -1.50 0.29
CA LYS A 64 5.74 -0.80 1.51
C LYS A 64 4.55 0.01 1.99
N ARG A 65 4.14 -0.22 3.22
CA ARG A 65 2.99 0.47 3.78
C ARG A 65 3.36 1.36 4.96
N CYS A 66 2.36 1.77 5.71
CA CYS A 66 2.55 2.63 6.87
C CYS A 66 1.87 2.02 8.08
N ARG A 67 2.60 1.89 9.18
CA ARG A 67 2.03 1.31 10.38
C ARG A 67 0.78 2.09 10.78
N HIS A 68 -0.25 1.37 11.22
CA HIS A 68 -1.51 1.99 11.61
C HIS A 68 -1.30 3.05 12.70
N PRO A 69 -1.68 4.31 12.42
CA PRO A 69 -1.53 5.42 13.37
C PRO A 69 -2.05 5.07 14.76
N GLY A 70 -3.14 4.31 14.81
CA GLY A 70 -3.73 3.94 16.08
C GLY A 70 -5.07 4.61 16.31
N GLU A 71 -5.60 4.41 17.51
CA GLU A 71 -6.88 4.98 17.89
C GLU A 71 -6.72 6.46 18.30
N LEU A 72 -7.64 7.29 17.81
CA LEU A 72 -7.64 8.71 18.14
C LEU A 72 -8.58 8.96 19.31
N ARG A 73 -8.02 9.08 20.52
CA ARG A 73 -8.85 9.35 21.68
C ARG A 73 -9.49 10.72 21.53
N ASN A 74 -10.82 10.73 21.61
CA ASN A 74 -11.58 11.94 21.42
C ASN A 74 -11.34 12.39 19.99
N GLY A 75 -11.44 11.44 19.05
CA GLY A 75 -11.21 11.79 17.67
C GLY A 75 -11.53 10.65 16.72
N GLN A 76 -11.36 10.90 15.44
CA GLN A 76 -11.63 9.89 14.41
C GLN A 76 -10.50 9.81 13.39
N VAL A 77 -10.10 8.58 13.09
CA VAL A 77 -9.03 8.36 12.13
C VAL A 77 -9.59 7.84 10.81
N GLU A 78 -9.63 8.69 9.79
CA GLU A 78 -10.15 8.29 8.49
C GLU A 78 -9.22 7.26 7.84
N ILE A 79 -9.54 5.98 8.01
CA ILE A 79 -8.73 4.91 7.45
C ILE A 79 -9.55 4.05 6.48
N LYS A 80 -8.87 3.48 5.49
CA LYS A 80 -9.54 2.65 4.50
C LYS A 80 -8.52 1.95 3.59
N THR A 81 -7.48 2.68 3.23
CA THR A 81 -6.44 2.16 2.36
C THR A 81 -5.49 1.20 3.07
N ASP A 82 -5.91 0.66 4.20
CA ASP A 82 -5.08 -0.29 4.94
C ASP A 82 -3.74 0.34 5.34
N LEU A 83 -3.67 1.64 5.14
CA LEU A 83 -2.47 2.41 5.44
C LEU A 83 -1.35 2.03 4.47
N SER A 84 -1.62 2.15 3.18
CA SER A 84 -0.61 1.88 2.17
C SER A 84 0.10 3.18 1.79
N PHE A 85 1.43 3.14 1.77
CA PHE A 85 2.23 4.32 1.43
C PHE A 85 1.56 5.18 0.37
N GLY A 86 1.71 6.50 0.51
CA GLY A 86 1.13 7.42 -0.45
C GLY A 86 -0.34 7.70 -0.22
N SER A 87 -0.70 8.18 0.96
CA SER A 87 -2.09 8.49 1.27
C SER A 87 -2.22 9.53 2.37
N GLN A 88 -3.37 10.19 2.36
CA GLN A 88 -3.69 11.21 3.33
C GLN A 88 -4.88 10.77 4.18
N ILE A 89 -4.73 10.84 5.50
CA ILE A 89 -5.79 10.44 6.40
C ILE A 89 -6.21 11.60 7.30
N GLU A 90 -7.39 12.15 7.05
CA GLU A 90 -7.91 13.27 7.81
C GLU A 90 -8.45 12.80 9.16
N PHE A 91 -8.14 13.56 10.20
CA PHE A 91 -8.59 13.24 11.55
C PHE A 91 -9.86 14.01 11.88
N SER A 92 -10.41 13.78 13.07
CA SER A 92 -11.63 14.45 13.48
C SER A 92 -11.78 14.50 14.99
N CYS A 93 -11.63 15.68 15.55
CA CYS A 93 -11.78 15.85 16.99
C CYS A 93 -13.25 16.04 17.33
N SER A 94 -13.80 15.09 18.09
CA SER A 94 -15.22 15.12 18.46
C SER A 94 -15.65 16.48 19.01
N GLU A 95 -16.97 16.62 19.16
CA GLU A 95 -17.57 17.86 19.67
C GLU A 95 -16.84 18.36 20.92
N GLY A 96 -16.89 19.68 21.10
CA GLY A 96 -16.24 20.30 22.25
C GLY A 96 -14.74 20.41 22.10
N PHE A 97 -14.12 19.42 21.48
CA PHE A 97 -12.67 19.44 21.32
C PHE A 97 -12.31 19.62 19.84
N PHE A 98 -11.41 20.56 19.56
CA PHE A 98 -11.00 20.81 18.19
C PHE A 98 -9.73 20.03 17.85
N LEU A 99 -9.43 20.02 16.56
CA LEU A 99 -8.27 19.32 16.06
C LEU A 99 -7.03 20.21 16.11
N ILE A 100 -5.90 19.62 16.48
CA ILE A 100 -4.62 20.32 16.55
C ILE A 100 -3.50 19.32 16.46
N GLY A 101 -2.98 19.19 15.25
CA GLY A 101 -1.91 18.26 14.96
C GLY A 101 -1.92 17.84 13.51
N SER A 102 -2.13 18.82 12.64
CA SER A 102 -2.19 18.58 11.21
C SER A 102 -3.42 17.73 10.88
N THR A 103 -4.46 18.37 10.35
CA THR A 103 -5.69 17.66 10.01
C THR A 103 -5.43 16.62 8.94
N THR A 104 -4.21 16.60 8.43
CA THR A 104 -3.83 15.65 7.42
C THR A 104 -2.66 14.82 7.92
N SER A 105 -2.48 13.65 7.32
CA SER A 105 -1.37 12.79 7.65
C SER A 105 -0.95 12.05 6.39
N ARG A 106 0.29 12.29 5.97
CA ARG A 106 0.82 11.66 4.76
C ARG A 106 1.78 10.55 5.10
N CYS A 107 2.14 9.77 4.09
CA CYS A 107 3.06 8.66 4.28
C CYS A 107 4.41 8.95 3.65
N GLU A 108 5.41 9.08 4.51
CA GLU A 108 6.76 9.38 4.08
C GLU A 108 7.69 8.22 4.43
N VAL A 109 8.80 8.13 3.73
CA VAL A 109 9.69 7.02 3.98
C VAL A 109 11.18 7.37 3.97
N GLN A 110 11.85 6.75 4.93
CA GLN A 110 13.28 6.94 5.12
C GLN A 110 13.99 5.59 5.18
N ASP A 111 14.80 5.29 4.17
CA ASP A 111 15.53 4.03 4.11
C ASP A 111 14.57 2.84 4.11
N ARG A 112 15.02 1.73 4.69
CA ARG A 112 14.20 0.52 4.76
C ARG A 112 12.88 0.78 5.49
N GLY A 113 12.72 1.98 6.02
CA GLY A 113 11.51 2.33 6.72
C GLY A 113 10.51 2.95 5.79
N VAL A 114 9.35 3.32 6.32
CA VAL A 114 8.32 3.96 5.51
C VAL A 114 7.01 4.09 6.27
N GLY A 115 6.29 5.15 5.94
CA GLY A 115 5.00 5.34 6.56
C GLY A 115 4.78 6.73 7.13
N TRP A 116 3.85 6.84 8.07
CA TRP A 116 3.52 8.13 8.67
C TRP A 116 4.71 8.78 9.35
N SER A 117 4.62 10.09 9.52
CA SER A 117 5.66 10.87 10.18
C SER A 117 5.10 11.45 11.47
N HIS A 118 3.81 11.73 11.45
CA HIS A 118 3.10 12.29 12.61
C HIS A 118 1.68 11.70 12.66
N PRO A 119 1.39 10.86 13.66
CA PRO A 119 0.08 10.22 13.82
C PRO A 119 -0.93 11.12 14.53
N LEU A 120 -1.87 10.47 15.23
CA LEU A 120 -2.93 11.14 15.96
C LEU A 120 -2.49 12.50 16.52
N PRO A 121 -3.37 13.51 16.43
CA PRO A 121 -3.09 14.86 16.92
C PRO A 121 -3.44 15.02 18.39
N GLN A 122 -3.57 16.27 18.83
CA GLN A 122 -3.90 16.57 20.22
C GLN A 122 -5.33 17.11 20.33
N CYS A 123 -6.18 16.38 21.05
CA CYS A 123 -7.56 16.81 21.22
C CYS A 123 -7.76 17.47 22.58
N GLU A 124 -8.04 18.76 22.56
CA GLU A 124 -8.25 19.52 23.79
C GLU A 124 -9.56 20.32 23.67
N ILE A 125 -10.31 20.37 24.76
CA ILE A 125 -11.58 21.08 24.77
C ILE A 125 -11.36 22.58 24.58
N LEU A 126 -12.25 23.21 23.81
CA LEU A 126 -12.15 24.65 23.55
C LEU A 126 -12.02 25.44 24.86
N GLU A 127 -13.11 25.46 25.63
CA GLU A 127 -13.12 26.18 26.90
C GLU A 127 -13.95 25.44 27.95
N HIS A 128 -14.98 24.72 27.50
CA HIS A 128 -15.84 23.97 28.40
C HIS A 128 -15.06 22.92 29.16
N HIS A 129 -14.92 23.10 30.47
CA HIS A 129 -14.19 22.17 31.31
C HIS A 129 -15.06 21.00 31.75
N HIS A 130 -14.49 19.81 31.76
CA HIS A 130 -15.19 18.60 32.16
C HIS A 130 -14.26 17.39 32.13
N HIS A 131 -13.27 17.45 31.25
CA HIS A 131 -12.29 16.38 31.12
C HIS A 131 -11.37 16.33 32.34
N HIS A 132 -11.39 15.20 33.05
CA HIS A 132 -10.56 15.03 34.25
C HIS A 132 -9.12 14.70 33.87
N HIS A 133 -8.20 15.08 34.75
CA HIS A 133 -6.78 14.84 34.53
C HIS A 133 -6.42 13.38 34.81
N MET A 1 11.80 -22.26 -27.73
CA MET A 1 12.01 -22.75 -26.33
C MET A 1 10.93 -22.21 -25.41
N ASN A 2 10.17 -23.12 -24.81
CA ASN A 2 9.09 -22.75 -23.90
C ASN A 2 9.59 -22.70 -22.46
N CYS A 3 8.91 -21.91 -21.63
CA CYS A 3 9.27 -21.79 -20.23
C CYS A 3 8.42 -22.70 -19.36
N GLY A 4 8.80 -22.84 -18.09
CA GLY A 4 8.05 -23.69 -17.19
C GLY A 4 6.75 -23.03 -16.76
N PRO A 5 5.73 -23.82 -16.39
CA PRO A 5 4.44 -23.29 -15.95
C PRO A 5 4.58 -22.11 -14.99
N PRO A 6 3.91 -20.98 -15.28
CA PRO A 6 3.96 -19.77 -14.45
C PRO A 6 3.73 -20.05 -12.97
N PRO A 7 4.58 -19.47 -12.11
CA PRO A 7 4.48 -19.64 -10.65
C PRO A 7 3.48 -18.68 -10.03
N THR A 8 3.49 -18.73 -8.69
CA THR A 8 2.62 -17.91 -7.85
C THR A 8 3.44 -16.78 -7.25
N LEU A 9 4.01 -15.92 -8.09
CA LEU A 9 4.86 -14.84 -7.60
C LEU A 9 4.20 -14.13 -6.42
N SER A 10 4.87 -14.10 -5.28
CA SER A 10 4.31 -13.44 -4.11
C SER A 10 4.30 -11.93 -4.29
N PHE A 11 4.81 -11.49 -5.44
CA PHE A 11 4.87 -10.07 -5.78
C PHE A 11 4.07 -9.80 -7.04
N ALA A 12 2.92 -10.48 -7.16
CA ALA A 12 2.03 -10.36 -8.31
C ALA A 12 1.19 -11.63 -8.41
N ALA A 13 -0.01 -11.45 -8.95
CA ALA A 13 -0.92 -12.58 -9.14
C ALA A 13 -1.61 -12.53 -10.48
N PRO A 14 -2.04 -13.69 -11.01
CA PRO A 14 -2.73 -13.77 -12.31
C PRO A 14 -3.79 -12.68 -12.49
N MET A 15 -3.93 -12.24 -13.74
CA MET A 15 -4.91 -11.20 -14.07
C MET A 15 -5.43 -11.40 -15.49
N ASP A 16 -4.59 -11.95 -16.35
CA ASP A 16 -4.95 -12.18 -17.74
C ASP A 16 -4.17 -13.36 -18.31
N ILE A 17 -4.64 -14.56 -17.98
CA ILE A 17 -3.99 -15.78 -18.45
C ILE A 17 -4.80 -17.00 -18.07
N THR A 18 -5.62 -17.47 -19.00
CA THR A 18 -6.41 -18.66 -18.76
C THR A 18 -5.48 -19.81 -18.40
N LEU A 19 -5.62 -20.32 -17.19
CA LEU A 19 -4.77 -21.40 -16.72
C LEU A 19 -5.17 -22.73 -17.34
N THR A 20 -5.72 -22.66 -18.55
CA THR A 20 -6.14 -23.86 -19.27
C THR A 20 -4.95 -24.54 -19.92
N GLU A 21 -3.91 -23.75 -20.20
CA GLU A 21 -2.69 -24.27 -20.80
C GLU A 21 -1.63 -24.48 -19.74
N THR A 22 -0.40 -24.75 -20.15
CA THR A 22 0.69 -24.98 -19.21
C THR A 22 2.02 -24.46 -19.75
N ARG A 23 2.05 -24.18 -21.04
CA ARG A 23 3.28 -23.69 -21.68
C ARG A 23 3.02 -22.35 -22.38
N PHE A 24 4.05 -21.51 -22.43
CA PHE A 24 3.96 -20.20 -23.06
C PHE A 24 5.28 -19.85 -23.74
N LYS A 25 5.33 -20.09 -25.06
CA LYS A 25 6.53 -19.81 -25.86
C LYS A 25 7.18 -18.50 -25.46
N THR A 26 8.41 -18.32 -25.89
CA THR A 26 9.12 -17.09 -25.63
C THR A 26 8.35 -15.95 -26.26
N GLY A 27 8.67 -14.72 -25.90
CA GLY A 27 7.97 -13.58 -26.47
C GLY A 27 6.57 -13.43 -25.90
N THR A 28 5.99 -14.52 -25.37
CA THR A 28 4.67 -14.48 -24.79
C THR A 28 4.63 -13.46 -23.65
N THR A 29 3.46 -12.93 -23.33
CA THR A 29 3.38 -11.94 -22.26
C THR A 29 2.03 -11.98 -21.54
N LEU A 30 2.09 -12.15 -20.22
CA LEU A 30 0.88 -12.19 -19.40
C LEU A 30 0.62 -10.83 -18.79
N LYS A 31 -0.10 -10.79 -17.67
CA LYS A 31 -0.41 -9.54 -17.00
C LYS A 31 0.11 -9.57 -15.56
N TYR A 32 -0.66 -10.18 -14.67
CA TYR A 32 -0.29 -10.28 -13.26
C TYR A 32 -0.26 -8.90 -12.60
N THR A 33 -0.75 -8.85 -11.36
CA THR A 33 -0.78 -7.60 -10.61
C THR A 33 -0.20 -7.75 -9.20
N CYS A 34 0.63 -6.79 -8.80
CA CYS A 34 1.27 -6.80 -7.49
C CYS A 34 0.24 -6.57 -6.38
N LEU A 35 0.29 -7.48 -5.40
CA LEU A 35 -0.62 -7.50 -4.26
C LEU A 35 -0.75 -6.13 -3.59
N PRO A 36 -1.81 -5.94 -2.77
CA PRO A 36 -2.06 -4.69 -2.07
C PRO A 36 -0.96 -4.36 -1.07
N GLY A 37 -0.11 -3.41 -1.45
CA GLY A 37 0.98 -3.00 -0.59
C GLY A 37 2.20 -2.60 -1.38
N TYR A 38 2.18 -2.90 -2.66
CA TYR A 38 3.27 -2.55 -3.56
C TYR A 38 3.01 -1.15 -4.12
N VAL A 39 4.04 -0.32 -4.19
CA VAL A 39 3.93 1.04 -4.70
C VAL A 39 5.10 1.31 -5.63
N ARG A 40 5.32 2.60 -5.91
CA ARG A 40 6.40 3.08 -6.76
C ARG A 40 7.05 1.97 -7.61
N SER A 41 8.36 1.80 -7.47
CA SER A 41 9.12 0.80 -8.24
C SER A 41 8.54 0.65 -9.63
N HIS A 42 8.89 1.59 -10.51
CA HIS A 42 8.39 1.56 -11.88
C HIS A 42 6.87 1.51 -11.87
N SER A 43 6.29 0.48 -12.48
CA SER A 43 4.84 0.31 -12.53
C SER A 43 4.47 -0.82 -13.49
N THR A 44 5.46 -1.32 -14.20
CA THR A 44 5.26 -2.40 -15.16
C THR A 44 4.88 -3.70 -14.44
N GLN A 45 4.42 -4.68 -15.21
CA GLN A 45 4.04 -5.98 -14.66
C GLN A 45 3.66 -6.95 -15.77
N THR A 46 4.65 -7.70 -16.25
CA THR A 46 4.44 -8.66 -17.32
C THR A 46 5.44 -9.81 -17.24
N LEU A 47 5.00 -11.00 -17.62
CA LEU A 47 5.86 -12.19 -17.59
C LEU A 47 6.06 -12.72 -19.01
N THR A 48 7.29 -12.57 -19.51
CA THR A 48 7.62 -13.03 -20.86
C THR A 48 8.62 -14.18 -20.79
N CYS A 49 8.45 -15.17 -21.66
CA CYS A 49 9.37 -16.29 -21.68
C CYS A 49 10.63 -15.83 -22.41
N ASN A 50 11.73 -15.88 -21.68
CA ASN A 50 13.02 -15.51 -22.24
C ASN A 50 13.78 -16.78 -22.65
N SER A 51 14.96 -16.62 -23.22
CA SER A 51 15.76 -17.78 -23.62
C SER A 51 16.56 -18.28 -22.43
N ASP A 52 15.80 -18.74 -21.42
CA ASP A 52 16.34 -19.25 -20.18
C ASP A 52 15.37 -20.25 -19.56
N GLY A 53 14.26 -20.48 -20.27
CA GLY A 53 13.25 -21.39 -19.77
C GLY A 53 12.71 -20.95 -18.43
N GLU A 54 12.94 -19.67 -18.16
CA GLU A 54 12.46 -19.04 -16.94
C GLU A 54 11.73 -17.73 -17.28
N TRP A 55 10.98 -17.20 -16.33
CA TRP A 55 10.26 -15.97 -16.54
C TRP A 55 11.07 -14.78 -16.05
N VAL A 56 11.48 -13.96 -17.01
CA VAL A 56 12.26 -12.78 -16.75
C VAL A 56 11.32 -11.58 -16.69
N TYR A 57 11.56 -10.62 -15.80
CA TYR A 57 10.70 -9.45 -15.74
C TYR A 57 11.04 -8.52 -14.59
N ASN A 58 12.18 -8.78 -13.96
CA ASN A 58 12.65 -7.97 -12.84
C ASN A 58 11.64 -7.96 -11.70
N THR A 59 11.92 -7.20 -10.65
CA THR A 59 11.03 -7.11 -9.51
C THR A 59 10.19 -5.84 -9.57
N PHE A 60 9.12 -5.90 -10.34
CA PHE A 60 8.23 -4.76 -10.48
C PHE A 60 7.49 -4.48 -9.18
N CYS A 61 7.20 -3.20 -8.94
CA CYS A 61 6.50 -2.76 -7.73
C CYS A 61 7.39 -2.87 -6.50
N ILE A 62 7.19 -1.96 -5.55
CA ILE A 62 7.96 -1.96 -4.32
C ILE A 62 7.04 -1.95 -3.10
N TYR A 63 6.92 -3.09 -2.46
CA TYR A 63 6.06 -3.24 -1.29
C TYR A 63 6.59 -2.43 -0.11
N LYS A 64 5.83 -1.40 0.26
CA LYS A 64 6.16 -0.56 1.40
C LYS A 64 4.90 0.19 1.83
N ARG A 65 4.48 -0.04 3.07
CA ARG A 65 3.28 0.59 3.59
C ARG A 65 3.57 1.47 4.78
N CYS A 66 2.55 1.69 5.61
CA CYS A 66 2.70 2.55 6.79
C CYS A 66 2.01 1.91 7.99
N ARG A 67 2.70 1.87 9.12
CA ARG A 67 2.10 1.29 10.31
C ARG A 67 0.90 2.12 10.74
N HIS A 68 -0.14 1.44 11.21
CA HIS A 68 -1.35 2.12 11.65
C HIS A 68 -1.04 3.34 12.53
N PRO A 69 -1.75 4.47 12.31
CA PRO A 69 -1.56 5.70 13.10
C PRO A 69 -1.83 5.46 14.57
N GLY A 70 -2.84 4.66 14.85
CA GLY A 70 -3.22 4.37 16.21
C GLY A 70 -4.60 4.95 16.51
N GLU A 71 -5.02 4.76 17.75
CA GLU A 71 -6.31 5.25 18.20
C GLU A 71 -6.19 6.70 18.64
N LEU A 72 -7.08 7.52 18.13
CA LEU A 72 -7.13 8.94 18.48
C LEU A 72 -8.24 9.15 19.49
N ARG A 73 -7.85 9.22 20.76
CA ARG A 73 -8.83 9.41 21.83
C ARG A 73 -9.53 10.74 21.63
N ASN A 74 -10.86 10.68 21.59
CA ASN A 74 -11.67 11.85 21.33
C ASN A 74 -11.37 12.29 19.91
N GLY A 75 -11.43 11.34 18.98
CA GLY A 75 -11.13 11.64 17.60
C GLY A 75 -11.52 10.53 16.66
N GLN A 76 -11.35 10.76 15.36
CA GLN A 76 -11.69 9.77 14.35
C GLN A 76 -10.57 9.63 13.31
N VAL A 77 -10.22 8.39 12.99
CA VAL A 77 -9.18 8.12 12.01
C VAL A 77 -9.77 7.63 10.70
N GLU A 78 -9.71 8.46 9.67
CA GLU A 78 -10.24 8.10 8.36
C GLU A 78 -9.29 7.16 7.63
N ILE A 79 -9.64 5.87 7.60
CA ILE A 79 -8.82 4.86 6.94
C ILE A 79 -9.60 4.21 5.80
N LYS A 80 -8.91 3.89 4.71
CA LYS A 80 -9.56 3.27 3.56
C LYS A 80 -8.55 2.84 2.50
N THR A 81 -7.33 2.54 2.93
CA THR A 81 -6.29 2.13 2.00
C THR A 81 -5.35 1.14 2.65
N ASP A 82 -5.80 0.55 3.76
CA ASP A 82 -4.97 -0.42 4.48
C ASP A 82 -3.66 0.22 4.92
N LEU A 83 -3.61 1.53 4.74
CA LEU A 83 -2.43 2.31 5.10
C LEU A 83 -1.26 1.93 4.20
N SER A 84 -1.45 2.04 2.90
CA SER A 84 -0.39 1.76 1.94
C SER A 84 0.28 3.07 1.50
N PHE A 85 1.61 3.09 1.51
CA PHE A 85 2.39 4.27 1.14
C PHE A 85 1.68 5.11 0.08
N GLY A 86 1.76 6.43 0.23
CA GLY A 86 1.13 7.33 -0.71
C GLY A 86 -0.33 7.55 -0.41
N SER A 87 -0.66 7.73 0.87
CA SER A 87 -2.04 7.95 1.27
C SER A 87 -2.15 9.01 2.36
N GLN A 88 -3.29 9.70 2.34
CA GLN A 88 -3.57 10.74 3.31
C GLN A 88 -4.78 10.36 4.15
N ILE A 89 -4.64 10.45 5.48
CA ILE A 89 -5.74 10.12 6.39
C ILE A 89 -6.02 11.28 7.34
N GLU A 90 -7.26 11.76 7.33
CA GLU A 90 -7.65 12.88 8.19
C GLU A 90 -7.95 12.40 9.60
N PHE A 91 -8.24 13.35 10.46
CA PHE A 91 -8.58 13.07 11.86
C PHE A 91 -9.68 14.01 12.30
N SER A 92 -10.64 13.51 13.09
CA SER A 92 -11.75 14.34 13.55
C SER A 92 -11.92 14.27 15.06
N CYS A 93 -11.67 15.39 15.72
CA CYS A 93 -11.82 15.44 17.16
C CYS A 93 -13.31 15.52 17.49
N SER A 94 -13.77 14.61 18.35
CA SER A 94 -15.18 14.51 18.73
C SER A 94 -15.80 15.86 19.10
N GLU A 95 -17.12 15.82 19.29
CA GLU A 95 -17.92 16.99 19.66
C GLU A 95 -17.18 18.00 20.53
N GLY A 96 -17.07 17.70 21.82
CA GLY A 96 -16.44 18.62 22.75
C GLY A 96 -14.95 18.81 22.55
N PHE A 97 -14.45 18.61 21.34
CA PHE A 97 -13.01 18.80 21.07
C PHE A 97 -12.75 19.12 19.60
N PHE A 98 -11.63 19.80 19.36
CA PHE A 98 -11.22 20.16 18.01
C PHE A 98 -9.83 19.61 17.72
N LEU A 99 -9.44 19.67 16.46
CA LEU A 99 -8.15 19.14 16.03
C LEU A 99 -7.04 20.17 16.15
N ILE A 100 -5.87 19.69 16.55
CA ILE A 100 -4.67 20.49 16.71
C ILE A 100 -3.46 19.57 16.63
N GLY A 101 -2.89 19.53 15.43
CA GLY A 101 -1.73 18.70 15.15
C GLY A 101 -1.43 18.68 13.67
N SER A 102 -2.40 18.20 12.91
CA SER A 102 -2.31 18.08 11.46
C SER A 102 -3.49 17.29 10.97
N THR A 103 -4.49 17.95 10.40
CA THR A 103 -5.70 17.28 9.93
C THR A 103 -5.43 16.40 8.72
N THR A 104 -4.17 16.03 8.53
CA THR A 104 -3.77 15.18 7.43
C THR A 104 -2.61 14.32 7.86
N SER A 105 -2.47 13.15 7.24
CA SER A 105 -1.37 12.26 7.54
C SER A 105 -0.95 11.56 6.27
N ARG A 106 0.28 11.81 5.84
CA ARG A 106 0.82 11.24 4.61
C ARG A 106 1.81 10.11 4.91
N CYS A 107 2.38 9.55 3.86
CA CYS A 107 3.33 8.46 4.02
C CYS A 107 4.61 8.71 3.23
N GLU A 108 5.71 8.81 3.96
CA GLU A 108 7.02 9.08 3.37
C GLU A 108 7.93 7.87 3.58
N VAL A 109 9.05 7.84 2.88
CA VAL A 109 9.96 6.72 3.03
C VAL A 109 11.38 7.15 3.39
N GLN A 110 11.88 6.54 4.46
CA GLN A 110 13.22 6.81 4.94
C GLN A 110 14.08 5.55 4.93
N ASP A 111 14.86 5.38 3.86
CA ASP A 111 15.72 4.22 3.72
C ASP A 111 14.94 2.92 3.81
N ARG A 112 15.00 2.27 4.97
CA ARG A 112 14.31 1.01 5.18
C ARG A 112 13.02 1.22 5.96
N GLY A 113 12.49 2.44 5.90
CA GLY A 113 11.26 2.74 6.61
C GLY A 113 10.31 3.56 5.77
N VAL A 114 9.06 3.64 6.21
CA VAL A 114 8.06 4.38 5.47
C VAL A 114 6.76 4.53 6.24
N GLY A 115 6.00 5.53 5.84
CA GLY A 115 4.72 5.73 6.44
C GLY A 115 4.47 7.11 7.01
N TRP A 116 3.51 7.20 7.92
CA TRP A 116 3.12 8.47 8.52
C TRP A 116 4.27 9.09 9.30
N SER A 117 4.44 10.40 9.14
CA SER A 117 5.49 11.14 9.84
C SER A 117 5.02 11.48 11.25
N HIS A 118 3.71 11.71 11.39
CA HIS A 118 3.12 12.05 12.69
C HIS A 118 1.60 11.89 12.63
N PRO A 119 1.05 10.85 13.29
CA PRO A 119 -0.37 10.58 13.31
C PRO A 119 -1.07 11.13 14.54
N LEU A 120 -2.31 10.66 14.77
CA LEU A 120 -3.13 11.06 15.91
C LEU A 120 -2.79 12.45 16.44
N PRO A 121 -3.58 13.48 16.09
CA PRO A 121 -3.36 14.86 16.54
C PRO A 121 -3.77 15.05 18.00
N GLN A 122 -3.88 16.31 18.42
CA GLN A 122 -4.26 16.64 19.79
C GLN A 122 -5.71 17.10 19.87
N CYS A 123 -6.54 16.34 20.58
CA CYS A 123 -7.95 16.71 20.72
C CYS A 123 -8.20 17.35 22.09
N GLU A 124 -8.42 18.67 22.09
CA GLU A 124 -8.66 19.42 23.31
C GLU A 124 -10.02 20.13 23.22
N ILE A 125 -10.69 20.17 24.36
CA ILE A 125 -12.01 20.78 24.45
C ILE A 125 -11.96 22.29 24.27
N LEU A 126 -12.95 22.82 23.56
CA LEU A 126 -13.04 24.25 23.30
C LEU A 126 -13.22 25.02 24.60
N GLU A 127 -14.30 24.71 25.32
CA GLU A 127 -14.60 25.37 26.58
C GLU A 127 -14.91 24.35 27.66
N HIS A 128 -14.14 24.37 28.75
CA HIS A 128 -14.33 23.44 29.85
C HIS A 128 -14.57 24.18 31.16
N HIS A 129 -15.40 23.61 32.03
CA HIS A 129 -15.71 24.20 33.31
C HIS A 129 -15.05 23.43 34.45
N HIS A 130 -15.70 22.36 34.90
CA HIS A 130 -15.17 21.53 35.98
C HIS A 130 -16.09 20.36 36.27
N HIS A 131 -15.52 19.26 36.76
CA HIS A 131 -16.28 18.06 37.08
C HIS A 131 -17.01 17.54 35.85
N HIS A 132 -16.41 16.55 35.18
CA HIS A 132 -16.99 15.94 34.00
C HIS A 132 -17.10 16.97 32.86
N HIS A 133 -18.12 17.82 32.93
CA HIS A 133 -18.33 18.85 31.93
C HIS A 133 -17.87 20.22 32.44
N MET A 1 12.79 -25.03 -25.96
CA MET A 1 12.91 -24.92 -24.47
C MET A 1 11.98 -23.83 -23.94
N ASN A 2 10.88 -24.26 -23.33
CA ASN A 2 9.92 -23.32 -22.76
C ASN A 2 10.31 -22.93 -21.34
N CYS A 3 9.51 -22.05 -20.73
CA CYS A 3 9.78 -21.58 -19.38
C CYS A 3 9.08 -22.41 -18.33
N GLY A 4 8.06 -23.17 -18.72
CA GLY A 4 7.32 -23.97 -17.77
C GLY A 4 6.22 -23.14 -17.11
N PRO A 5 5.19 -23.78 -16.53
CA PRO A 5 4.09 -23.07 -15.88
C PRO A 5 4.59 -21.98 -14.92
N PRO A 6 4.19 -20.73 -15.17
CA PRO A 6 4.59 -19.58 -14.35
C PRO A 6 4.41 -19.83 -12.85
N PRO A 7 5.15 -19.08 -12.01
CA PRO A 7 5.08 -19.20 -10.56
C PRO A 7 3.97 -18.36 -9.96
N THR A 8 3.90 -18.46 -8.64
CA THR A 8 2.94 -17.72 -7.82
C THR A 8 3.67 -16.57 -7.15
N LEU A 9 4.26 -15.67 -7.93
CA LEU A 9 5.04 -14.58 -7.35
C LEU A 9 4.31 -13.97 -6.16
N SER A 10 4.95 -13.99 -4.99
CA SER A 10 4.32 -13.42 -3.80
C SER A 10 4.16 -11.91 -3.96
N PHE A 11 4.67 -11.39 -5.08
CA PHE A 11 4.57 -9.97 -5.37
C PHE A 11 3.80 -9.75 -6.66
N ALA A 12 2.67 -10.46 -6.78
CA ALA A 12 1.79 -10.41 -7.96
C ALA A 12 1.02 -11.72 -8.07
N ALA A 13 -0.17 -11.61 -8.67
CA ALA A 13 -0.99 -12.80 -8.89
C ALA A 13 -1.49 -12.84 -10.33
N PRO A 14 -1.60 -14.04 -10.92
CA PRO A 14 -2.08 -14.20 -12.30
C PRO A 14 -3.32 -13.37 -12.58
N MET A 15 -3.50 -12.95 -13.83
CA MET A 15 -4.66 -12.15 -14.20
C MET A 15 -4.98 -12.26 -15.69
N ASP A 16 -4.08 -12.88 -16.44
CA ASP A 16 -4.27 -13.04 -17.88
C ASP A 16 -3.30 -14.06 -18.43
N ILE A 17 -3.71 -15.31 -18.46
CA ILE A 17 -2.86 -16.38 -18.94
C ILE A 17 -3.65 -17.64 -19.24
N THR A 18 -4.82 -17.74 -18.64
CA THR A 18 -5.66 -18.91 -18.78
C THR A 18 -4.84 -20.16 -18.53
N LEU A 19 -5.07 -20.80 -17.39
CA LEU A 19 -4.32 -21.98 -17.01
C LEU A 19 -4.77 -23.21 -17.79
N THR A 20 -5.04 -23.01 -19.08
CA THR A 20 -5.46 -24.10 -19.95
C THR A 20 -4.28 -24.60 -20.76
N GLU A 21 -3.17 -23.88 -20.66
CA GLU A 21 -1.95 -24.24 -21.38
C GLU A 21 -0.95 -24.90 -20.44
N THR A 22 0.30 -25.00 -20.89
CA THR A 22 1.36 -25.61 -20.08
C THR A 22 2.71 -24.95 -20.34
N ARG A 23 2.95 -24.57 -21.60
CA ARG A 23 4.20 -23.94 -21.98
C ARG A 23 3.94 -22.56 -22.60
N PHE A 24 4.96 -21.71 -22.63
CA PHE A 24 4.83 -20.37 -23.20
C PHE A 24 6.15 -19.95 -23.86
N LYS A 25 6.15 -19.86 -25.19
CA LYS A 25 7.35 -19.48 -25.94
C LYS A 25 7.98 -18.19 -25.43
N THR A 26 9.17 -17.89 -25.95
CA THR A 26 9.89 -16.69 -25.56
C THR A 26 9.19 -15.43 -26.04
N GLY A 27 8.16 -15.61 -26.87
CA GLY A 27 7.40 -14.48 -27.38
C GLY A 27 6.10 -14.29 -26.64
N THR A 28 6.04 -14.86 -25.44
CA THR A 28 4.84 -14.77 -24.61
C THR A 28 5.02 -13.75 -23.51
N THR A 29 3.91 -13.24 -22.98
CA THR A 29 3.97 -12.24 -21.91
C THR A 29 2.66 -12.23 -21.11
N LEU A 30 2.79 -12.39 -19.80
CA LEU A 30 1.62 -12.42 -18.93
C LEU A 30 1.23 -11.02 -18.47
N LYS A 31 0.24 -10.96 -17.57
CA LYS A 31 -0.24 -9.69 -17.03
C LYS A 31 0.04 -9.62 -15.53
N TYR A 32 -0.73 -10.40 -14.77
CA TYR A 32 -0.59 -10.46 -13.31
C TYR A 32 -0.88 -9.11 -12.66
N THR A 33 -1.66 -9.17 -11.58
CA THR A 33 -2.03 -7.97 -10.82
C THR A 33 -1.29 -7.97 -9.49
N CYS A 34 -1.56 -6.96 -8.65
CA CYS A 34 -0.89 -6.87 -7.35
C CYS A 34 -1.87 -6.61 -6.23
N LEU A 35 -1.86 -7.53 -5.27
CA LEU A 35 -2.73 -7.52 -4.09
C LEU A 35 -2.80 -6.15 -3.43
N PRO A 36 -3.75 -5.97 -2.47
CA PRO A 36 -3.90 -4.70 -1.75
C PRO A 36 -2.74 -4.43 -0.80
N GLY A 37 -1.86 -3.51 -1.20
CA GLY A 37 -0.73 -3.16 -0.36
C GLY A 37 0.50 -2.75 -1.15
N TYR A 38 0.48 -3.00 -2.46
CA TYR A 38 1.60 -2.62 -3.31
C TYR A 38 1.40 -1.20 -3.79
N VAL A 39 2.48 -0.44 -3.93
CA VAL A 39 2.44 0.94 -4.41
C VAL A 39 3.32 1.05 -5.64
N ARG A 40 3.71 2.27 -5.97
CA ARG A 40 4.54 2.49 -7.15
C ARG A 40 5.89 3.10 -6.80
N SER A 41 6.93 2.61 -7.48
CA SER A 41 8.28 3.10 -7.28
C SER A 41 9.08 2.99 -8.58
N HIS A 42 8.55 2.21 -9.51
CA HIS A 42 9.18 2.01 -10.81
C HIS A 42 8.15 2.13 -11.94
N SER A 43 7.52 1.00 -12.28
CA SER A 43 6.51 0.98 -13.34
C SER A 43 5.97 -0.43 -13.55
N THR A 44 6.42 -1.08 -14.60
CA THR A 44 5.99 -2.44 -14.92
C THR A 44 7.01 -3.15 -15.79
N GLN A 45 6.81 -4.46 -16.01
CA GLN A 45 7.75 -5.23 -16.83
C GLN A 45 7.10 -6.52 -17.35
N THR A 46 6.03 -6.97 -16.70
CA THR A 46 5.33 -8.19 -17.11
C THR A 46 6.26 -9.40 -17.08
N LEU A 47 5.71 -10.55 -17.39
CA LEU A 47 6.48 -11.79 -17.38
C LEU A 47 6.61 -12.35 -18.80
N THR A 48 7.82 -12.22 -19.35
CA THR A 48 8.09 -12.72 -20.69
C THR A 48 9.07 -13.88 -20.61
N CYS A 49 9.03 -14.78 -21.58
CA CYS A 49 9.93 -15.91 -21.57
C CYS A 49 11.27 -15.47 -22.16
N ASN A 50 12.31 -15.57 -21.34
CA ASN A 50 13.65 -15.22 -21.75
C ASN A 50 14.40 -16.46 -22.22
N SER A 51 15.67 -16.29 -22.54
CA SER A 51 16.49 -17.42 -22.98
C SER A 51 17.32 -17.97 -21.82
N ASP A 52 16.60 -18.35 -20.76
CA ASP A 52 17.18 -18.92 -19.55
C ASP A 52 16.41 -20.19 -19.18
N GLY A 53 15.10 -20.13 -19.35
CA GLY A 53 14.26 -21.28 -19.04
C GLY A 53 13.21 -20.92 -18.00
N GLU A 54 13.14 -19.62 -17.74
CA GLU A 54 12.19 -19.09 -16.76
C GLU A 54 11.63 -17.73 -17.19
N TRP A 55 10.98 -17.07 -16.23
CA TRP A 55 10.39 -15.76 -16.44
C TRP A 55 11.24 -14.67 -15.82
N VAL A 56 11.76 -13.81 -16.69
CA VAL A 56 12.61 -12.70 -16.28
C VAL A 56 11.77 -11.43 -16.21
N TYR A 57 12.17 -10.47 -15.36
CA TYR A 57 11.45 -9.20 -15.26
C TYR A 57 11.85 -8.41 -14.02
N ASN A 58 11.36 -7.18 -13.93
CA ASN A 58 11.65 -6.33 -12.78
C ASN A 58 10.47 -6.28 -11.83
N THR A 59 10.69 -5.79 -10.62
CA THR A 59 9.64 -5.70 -9.62
C THR A 59 8.74 -4.50 -9.90
N PHE A 60 7.73 -4.71 -10.73
CA PHE A 60 6.80 -3.65 -11.09
C PHE A 60 6.18 -3.02 -9.85
N CYS A 61 5.44 -3.82 -9.09
CA CYS A 61 4.80 -3.34 -7.88
C CYS A 61 5.76 -3.41 -6.70
N ILE A 62 5.54 -2.55 -5.71
CA ILE A 62 6.39 -2.53 -4.54
C ILE A 62 5.55 -2.43 -3.27
N TYR A 63 5.37 -3.58 -2.64
CA TYR A 63 4.57 -3.67 -1.42
C TYR A 63 5.27 -2.97 -0.25
N LYS A 64 4.66 -1.88 0.21
CA LYS A 64 5.20 -1.12 1.33
C LYS A 64 4.16 -0.12 1.84
N ARG A 65 3.21 -0.60 2.62
CA ARG A 65 2.15 0.27 3.15
C ARG A 65 2.65 1.07 4.36
N CYS A 66 1.73 1.38 5.27
CA CYS A 66 2.05 2.16 6.46
C CYS A 66 1.35 1.56 7.67
N ARG A 67 2.08 1.39 8.77
CA ARG A 67 1.50 0.83 9.98
C ARG A 67 0.31 1.69 10.41
N HIS A 68 -0.72 1.04 10.94
CA HIS A 68 -1.91 1.73 11.40
C HIS A 68 -1.54 2.90 12.33
N PRO A 69 -1.93 4.13 11.94
CA PRO A 69 -1.67 5.34 12.74
C PRO A 69 -1.89 5.11 14.22
N GLY A 70 -2.93 4.35 14.53
CA GLY A 70 -3.29 4.09 15.91
C GLY A 70 -4.60 4.77 16.28
N GLU A 71 -4.95 4.62 17.55
CA GLU A 71 -6.18 5.20 18.07
C GLU A 71 -5.96 6.66 18.47
N LEU A 72 -6.85 7.51 18.02
CA LEU A 72 -6.80 8.93 18.33
C LEU A 72 -7.81 9.19 19.45
N ARG A 73 -7.31 9.27 20.68
CA ARG A 73 -8.18 9.52 21.82
C ARG A 73 -8.84 10.88 21.65
N ASN A 74 -10.17 10.88 21.75
CA ASN A 74 -10.95 12.09 21.54
C ASN A 74 -10.75 12.50 20.10
N GLY A 75 -10.94 11.55 19.18
CA GLY A 75 -10.75 11.84 17.79
C GLY A 75 -11.17 10.71 16.88
N GLN A 76 -11.06 10.92 15.58
CA GLN A 76 -11.43 9.90 14.61
C GLN A 76 -10.36 9.75 13.53
N VAL A 77 -10.05 8.51 13.20
CA VAL A 77 -9.05 8.22 12.17
C VAL A 77 -9.72 7.72 10.90
N GLU A 78 -9.78 8.56 9.88
CA GLU A 78 -10.38 8.17 8.61
C GLU A 78 -9.54 7.11 7.92
N ILE A 79 -9.95 5.85 8.05
CA ILE A 79 -9.20 4.75 7.46
C ILE A 79 -10.09 3.92 6.53
N LYS A 80 -9.48 3.36 5.49
CA LYS A 80 -10.21 2.56 4.52
C LYS A 80 -9.25 1.86 3.56
N THR A 81 -8.21 2.58 3.16
CA THR A 81 -7.23 2.06 2.23
C THR A 81 -6.25 1.10 2.90
N ASP A 82 -6.61 0.58 4.07
CA ASP A 82 -5.75 -0.37 4.79
C ASP A 82 -4.41 0.26 5.13
N LEU A 83 -4.31 1.56 4.92
CA LEU A 83 -3.09 2.31 5.18
C LEU A 83 -2.01 1.89 4.21
N SER A 84 -2.29 1.99 2.93
CA SER A 84 -1.31 1.67 1.90
C SER A 84 -0.56 2.93 1.48
N PHE A 85 0.77 2.87 1.48
CA PHE A 85 1.60 4.01 1.10
C PHE A 85 0.94 4.87 0.03
N GLY A 86 1.11 6.18 0.15
CA GLY A 86 0.53 7.10 -0.82
C GLY A 86 -0.93 7.40 -0.53
N SER A 87 -1.22 7.82 0.70
CA SER A 87 -2.60 8.14 1.08
C SER A 87 -2.65 9.15 2.21
N GLN A 88 -3.76 9.87 2.27
CA GLN A 88 -3.98 10.88 3.29
C GLN A 88 -5.21 10.53 4.14
N ILE A 89 -5.05 10.62 5.45
CA ILE A 89 -6.15 10.33 6.37
C ILE A 89 -6.39 11.51 7.31
N GLU A 90 -7.63 11.98 7.34
CA GLU A 90 -7.98 13.12 8.19
C GLU A 90 -8.30 12.66 9.61
N PHE A 91 -8.51 13.63 10.48
CA PHE A 91 -8.83 13.35 11.88
C PHE A 91 -9.96 14.27 12.34
N SER A 92 -10.34 14.15 13.60
CA SER A 92 -11.41 14.98 14.14
C SER A 92 -11.46 14.96 15.65
N CYS A 93 -11.12 16.09 16.25
CA CYS A 93 -11.15 16.20 17.69
C CYS A 93 -12.59 16.41 18.14
N SER A 94 -13.05 15.54 19.03
CA SER A 94 -14.42 15.60 19.55
C SER A 94 -14.88 16.99 19.94
N GLU A 95 -16.14 17.07 20.32
CA GLU A 95 -16.80 18.31 20.75
C GLU A 95 -15.89 19.25 21.54
N GLY A 96 -15.69 18.96 22.81
CA GLY A 96 -14.89 19.83 23.66
C GLY A 96 -13.42 19.87 23.33
N PHE A 97 -13.06 19.59 22.09
CA PHE A 97 -11.65 19.64 21.68
C PHE A 97 -11.50 19.97 20.20
N PHE A 98 -10.36 20.54 19.85
CA PHE A 98 -10.06 20.89 18.46
C PHE A 98 -8.81 20.16 18.01
N LEU A 99 -8.61 20.14 16.70
CA LEU A 99 -7.48 19.45 16.10
C LEU A 99 -6.22 20.30 16.12
N ILE A 100 -5.11 19.67 16.45
CA ILE A 100 -3.80 20.30 16.50
C ILE A 100 -2.72 19.25 16.39
N GLY A 101 -2.36 18.98 15.16
CA GLY A 101 -1.34 17.97 14.86
C GLY A 101 -1.42 17.52 13.43
N SER A 102 -1.69 18.48 12.54
CA SER A 102 -1.82 18.19 11.12
C SER A 102 -3.06 17.35 10.86
N THR A 103 -4.12 17.99 10.36
CA THR A 103 -5.37 17.30 10.09
C THR A 103 -5.19 16.25 9.00
N THR A 104 -4.01 16.22 8.39
CA THR A 104 -3.74 15.26 7.36
C THR A 104 -2.60 14.36 7.78
N SER A 105 -2.52 13.18 7.19
CA SER A 105 -1.46 12.25 7.47
C SER A 105 -1.08 11.53 6.17
N ARG A 106 0.14 11.73 5.70
CA ARG A 106 0.61 11.12 4.46
C ARG A 106 1.55 9.96 4.75
N CYS A 107 2.05 9.35 3.69
CA CYS A 107 2.96 8.21 3.83
C CYS A 107 4.24 8.42 3.02
N GLU A 108 5.35 8.48 3.73
CA GLU A 108 6.65 8.69 3.11
C GLU A 108 7.52 7.46 3.28
N VAL A 109 8.54 7.34 2.46
CA VAL A 109 9.42 6.18 2.55
C VAL A 109 10.85 6.56 2.86
N GLN A 110 11.38 5.95 3.91
CA GLN A 110 12.74 6.18 4.33
C GLN A 110 13.54 4.89 4.29
N ASP A 111 14.17 4.63 3.15
CA ASP A 111 14.97 3.44 2.96
C ASP A 111 14.13 2.17 3.15
N ARG A 112 14.48 1.38 4.17
CA ARG A 112 13.76 0.15 4.44
C ARG A 112 12.52 0.41 5.30
N GLY A 113 12.04 1.65 5.27
CA GLY A 113 10.85 2.00 6.04
C GLY A 113 9.90 2.85 5.26
N VAL A 114 8.68 2.98 5.75
CA VAL A 114 7.67 3.76 5.06
C VAL A 114 6.42 3.96 5.89
N GLY A 115 5.69 4.99 5.52
CA GLY A 115 4.44 5.24 6.18
C GLY A 115 4.27 6.63 6.72
N TRP A 116 3.35 6.77 7.67
CA TRP A 116 3.06 8.08 8.27
C TRP A 116 4.29 8.68 8.94
N SER A 117 4.35 10.01 8.93
CA SER A 117 5.46 10.73 9.54
C SER A 117 5.04 11.30 10.89
N HIS A 118 3.72 11.47 11.06
CA HIS A 118 3.17 12.02 12.29
C HIS A 118 1.65 11.86 12.32
N PRO A 119 1.16 10.69 12.80
CA PRO A 119 -0.27 10.43 12.88
C PRO A 119 -0.89 10.89 14.19
N LEU A 120 -2.11 10.43 14.46
CA LEU A 120 -2.84 10.77 15.67
C LEU A 120 -2.42 12.14 16.24
N PRO A 121 -3.06 13.22 15.78
CA PRO A 121 -2.75 14.58 16.24
C PRO A 121 -3.04 14.77 17.73
N GLN A 122 -3.04 16.03 18.18
CA GLN A 122 -3.29 16.35 19.57
C GLN A 122 -4.67 16.98 19.76
N CYS A 123 -5.51 16.31 20.55
CA CYS A 123 -6.84 16.82 20.81
C CYS A 123 -6.89 17.49 22.18
N GLU A 124 -6.92 18.83 22.17
CA GLU A 124 -6.95 19.61 23.40
C GLU A 124 -8.20 20.48 23.44
N ILE A 125 -8.71 20.65 24.64
CA ILE A 125 -9.93 21.43 24.86
C ILE A 125 -9.71 22.90 24.57
N LEU A 126 -10.74 23.53 23.98
CA LEU A 126 -10.68 24.94 23.63
C LEU A 126 -10.27 25.79 24.84
N GLU A 127 -10.75 25.39 26.01
CA GLU A 127 -10.43 26.12 27.24
C GLU A 127 -10.75 25.26 28.46
N HIS A 128 -9.85 25.26 29.44
CA HIS A 128 -10.04 24.47 30.66
C HIS A 128 -9.63 25.28 31.89
N HIS A 129 -9.98 24.76 33.07
CA HIS A 129 -9.65 25.44 34.32
C HIS A 129 -9.92 24.54 35.52
N HIS A 130 -9.58 25.04 36.71
CA HIS A 130 -9.80 24.28 37.94
C HIS A 130 -9.79 25.22 39.14
N HIS A 131 -10.65 24.91 40.12
CA HIS A 131 -10.74 25.74 41.33
C HIS A 131 -10.36 24.92 42.56
N HIS A 132 -11.13 23.87 42.84
CA HIS A 132 -10.88 23.01 43.98
C HIS A 132 -9.77 22.00 43.68
N HIS A 133 -9.52 21.12 44.64
CA HIS A 133 -8.48 20.10 44.48
C HIS A 133 -9.07 18.69 44.63
N MET A 1 12.98 -22.46 -24.75
CA MET A 1 11.93 -21.61 -25.38
C MET A 1 10.76 -21.39 -24.43
N ASN A 2 10.41 -22.46 -23.70
CA ASN A 2 9.30 -22.40 -22.75
C ASN A 2 9.80 -22.17 -21.33
N CYS A 3 9.07 -21.36 -20.57
CA CYS A 3 9.45 -21.07 -19.19
C CYS A 3 8.70 -21.98 -18.23
N GLY A 4 9.10 -21.98 -16.97
CA GLY A 4 8.42 -22.79 -15.98
C GLY A 4 7.04 -22.23 -15.68
N PRO A 5 6.06 -23.08 -15.33
CA PRO A 5 4.70 -22.63 -15.03
C PRO A 5 4.68 -21.35 -14.20
N PRO A 6 3.98 -20.30 -14.70
CA PRO A 6 3.90 -19.01 -14.02
C PRO A 6 3.69 -19.13 -12.51
N PRO A 7 4.66 -18.62 -11.73
CA PRO A 7 4.59 -18.65 -10.26
C PRO A 7 3.47 -17.79 -9.72
N THR A 8 3.45 -17.71 -8.40
CA THR A 8 2.46 -16.92 -7.68
C THR A 8 3.04 -15.56 -7.31
N LEU A 9 2.28 -14.50 -7.56
CA LEU A 9 2.75 -13.16 -7.24
C LEU A 9 1.94 -12.55 -6.11
N SER A 10 2.58 -12.38 -4.96
CA SER A 10 1.91 -11.78 -3.81
C SER A 10 1.77 -10.28 -4.03
N PHE A 11 2.55 -9.77 -4.97
CA PHE A 11 2.53 -8.35 -5.31
C PHE A 11 1.77 -8.13 -6.61
N ALA A 12 0.71 -8.91 -6.79
CA ALA A 12 -0.13 -8.84 -7.98
C ALA A 12 -0.99 -10.10 -8.06
N ALA A 13 -1.62 -10.25 -9.22
CA ALA A 13 -2.51 -11.38 -9.45
C ALA A 13 -2.87 -11.50 -10.93
N PRO A 14 -3.01 -12.75 -11.43
CA PRO A 14 -3.37 -12.98 -12.83
C PRO A 14 -4.58 -12.17 -13.24
N MET A 15 -4.62 -11.80 -14.51
CA MET A 15 -5.72 -10.99 -15.04
C MET A 15 -6.04 -11.37 -16.48
N ASP A 16 -5.17 -12.18 -17.07
CA ASP A 16 -5.35 -12.61 -18.46
C ASP A 16 -4.43 -13.79 -18.77
N ILE A 17 -4.89 -14.99 -18.47
CA ILE A 17 -4.12 -16.19 -18.72
C ILE A 17 -4.95 -17.44 -18.44
N THR A 18 -5.45 -18.04 -19.50
CA THR A 18 -6.22 -19.27 -19.35
C THR A 18 -5.34 -20.32 -18.69
N LEU A 19 -5.75 -20.75 -17.51
CA LEU A 19 -4.99 -21.74 -16.77
C LEU A 19 -5.24 -23.14 -17.30
N THR A 20 -5.38 -23.25 -18.62
CA THR A 20 -5.62 -24.52 -19.27
C THR A 20 -4.32 -25.22 -19.60
N GLU A 21 -3.28 -24.41 -19.84
CA GLU A 21 -1.96 -24.94 -20.17
C GLU A 21 -1.05 -24.90 -18.95
N THR A 22 0.22 -25.22 -19.16
CA THR A 22 1.20 -25.21 -18.08
C THR A 22 2.50 -24.57 -18.54
N ARG A 23 2.61 -24.33 -19.85
CA ARG A 23 3.80 -23.72 -20.43
C ARG A 23 3.41 -22.49 -21.24
N PHE A 24 4.36 -21.56 -21.40
CA PHE A 24 4.11 -20.32 -22.14
C PHE A 24 5.39 -19.84 -22.81
N LYS A 25 5.50 -20.10 -24.12
CA LYS A 25 6.67 -19.69 -24.89
C LYS A 25 7.05 -18.26 -24.57
N THR A 26 8.23 -17.87 -25.03
CA THR A 26 8.70 -16.52 -24.82
C THR A 26 7.76 -15.54 -25.50
N GLY A 27 7.91 -14.26 -25.22
CA GLY A 27 7.04 -13.25 -25.83
C GLY A 27 5.59 -13.35 -25.39
N THR A 28 5.25 -14.43 -24.67
CA THR A 28 3.89 -14.67 -24.20
C THR A 28 3.43 -13.64 -23.14
N THR A 29 4.02 -12.46 -23.20
CA THR A 29 3.70 -11.37 -22.25
C THR A 29 2.29 -11.48 -21.66
N LEU A 30 2.22 -11.56 -20.34
CA LEU A 30 0.94 -11.69 -19.63
C LEU A 30 0.47 -10.34 -19.12
N LYS A 31 -0.67 -10.35 -18.42
CA LYS A 31 -1.24 -9.12 -17.86
C LYS A 31 -0.75 -8.88 -16.44
N TYR A 32 -1.42 -9.51 -15.49
CA TYR A 32 -1.08 -9.37 -14.07
C TYR A 32 -1.30 -7.94 -13.61
N THR A 33 -1.85 -7.81 -12.40
CA THR A 33 -2.13 -6.49 -11.84
C THR A 33 -1.19 -6.15 -10.68
N CYS A 34 -1.72 -5.99 -9.47
CA CYS A 34 -0.91 -5.63 -8.30
C CYS A 34 -1.80 -5.34 -7.10
N LEU A 35 -1.49 -6.05 -6.00
CA LEU A 35 -2.22 -5.98 -4.75
C LEU A 35 -1.25 -6.16 -3.60
N PRO A 36 -1.73 -6.32 -2.33
CA PRO A 36 -0.90 -6.52 -1.15
C PRO A 36 0.52 -6.95 -1.48
N GLY A 37 1.24 -6.00 -2.08
CA GLY A 37 2.60 -6.20 -2.50
C GLY A 37 3.01 -5.07 -3.41
N TYR A 38 3.24 -3.90 -2.82
CA TYR A 38 3.58 -2.71 -3.60
C TYR A 38 4.07 -1.57 -2.73
N VAL A 39 4.57 -0.52 -3.41
CA VAL A 39 5.13 0.67 -2.77
C VAL A 39 6.53 0.95 -3.34
N ARG A 40 6.76 2.19 -3.75
CA ARG A 40 8.05 2.63 -4.30
C ARG A 40 8.29 2.13 -5.71
N SER A 41 8.27 0.82 -5.87
CA SER A 41 8.52 0.21 -7.16
C SER A 41 7.23 -0.02 -7.94
N HIS A 42 6.93 0.92 -8.84
CA HIS A 42 5.73 0.83 -9.68
C HIS A 42 5.90 1.64 -10.95
N SER A 43 5.68 1.00 -12.09
CA SER A 43 5.82 1.67 -13.38
C SER A 43 5.26 0.81 -14.51
N THR A 44 4.97 -0.45 -14.19
CA THR A 44 4.45 -1.38 -15.18
C THR A 44 3.73 -2.56 -14.50
N GLN A 45 3.67 -3.69 -15.18
CA GLN A 45 3.04 -4.91 -14.66
C GLN A 45 2.84 -5.95 -15.75
N THR A 46 3.92 -6.68 -16.07
CA THR A 46 3.86 -7.71 -17.11
C THR A 46 4.91 -8.80 -16.89
N LEU A 47 4.51 -10.04 -17.14
CA LEU A 47 5.39 -11.19 -17.01
C LEU A 47 5.54 -11.88 -18.36
N THR A 48 6.76 -11.84 -18.92
CA THR A 48 7.01 -12.45 -20.21
C THR A 48 8.13 -13.48 -20.13
N CYS A 49 8.01 -14.57 -20.89
CA CYS A 49 9.03 -15.59 -20.89
C CYS A 49 10.21 -15.09 -21.71
N ASN A 50 11.35 -15.03 -21.04
CA ASN A 50 12.59 -14.63 -21.69
C ASN A 50 13.40 -15.88 -21.99
N SER A 51 14.57 -15.72 -22.61
CA SER A 51 15.42 -16.86 -22.91
C SER A 51 16.28 -17.20 -21.70
N ASP A 52 15.59 -17.63 -20.65
CA ASP A 52 16.21 -18.00 -19.39
C ASP A 52 15.36 -19.03 -18.67
N GLY A 53 14.28 -19.44 -19.32
CA GLY A 53 13.38 -20.42 -18.73
C GLY A 53 12.77 -19.92 -17.42
N GLU A 54 12.85 -18.61 -17.26
CA GLU A 54 12.29 -17.94 -16.10
C GLU A 54 11.54 -16.69 -16.53
N TRP A 55 10.75 -16.12 -15.63
CA TRP A 55 10.00 -14.92 -15.93
C TRP A 55 10.77 -13.69 -15.49
N VAL A 56 11.16 -12.90 -16.49
CA VAL A 56 11.92 -11.68 -16.30
C VAL A 56 10.99 -10.48 -16.28
N TYR A 57 11.33 -9.48 -15.47
CA TYR A 57 10.53 -8.26 -15.39
C TYR A 57 10.93 -7.36 -14.23
N ASN A 58 10.45 -6.13 -14.19
CA ASN A 58 10.80 -5.22 -13.11
C ASN A 58 9.85 -5.38 -11.95
N THR A 59 10.11 -4.67 -10.85
CA THR A 59 9.26 -4.74 -9.67
C THR A 59 8.14 -3.72 -9.78
N PHE A 60 7.12 -4.05 -10.57
CA PHE A 60 5.99 -3.15 -10.77
C PHE A 60 5.30 -2.84 -9.45
N CYS A 61 5.58 -3.65 -8.43
CA CYS A 61 4.98 -3.46 -7.12
C CYS A 61 5.76 -4.20 -6.05
N ILE A 62 6.02 -3.53 -4.93
CA ILE A 62 6.75 -4.14 -3.83
C ILE A 62 6.30 -3.61 -2.48
N TYR A 63 5.67 -4.49 -1.72
CA TYR A 63 5.14 -4.16 -0.40
C TYR A 63 6.11 -3.46 0.53
N LYS A 64 5.65 -2.31 1.02
CA LYS A 64 6.37 -1.50 2.01
C LYS A 64 5.39 -0.48 2.58
N ARG A 65 4.59 -0.94 3.53
CA ARG A 65 3.58 -0.10 4.15
C ARG A 65 4.15 0.65 5.35
N CYS A 66 3.26 1.10 6.24
CA CYS A 66 3.67 1.82 7.44
C CYS A 66 2.93 1.27 8.64
N ARG A 67 3.39 1.60 9.83
CA ARG A 67 2.74 1.12 11.04
C ARG A 67 1.49 1.95 11.34
N HIS A 68 0.47 1.27 11.81
CA HIS A 68 -0.79 1.91 12.13
C HIS A 68 -0.58 3.00 13.19
N PRO A 69 -0.95 4.26 12.90
CA PRO A 69 -0.79 5.36 13.86
C PRO A 69 -1.47 5.03 15.18
N GLY A 70 -2.45 4.13 15.14
CA GLY A 70 -3.15 3.74 16.34
C GLY A 70 -4.52 4.39 16.49
N GLU A 71 -5.02 4.28 17.71
CA GLU A 71 -6.34 4.83 18.01
C GLU A 71 -6.26 6.34 18.26
N LEU A 72 -7.25 7.06 17.73
CA LEU A 72 -7.35 8.50 17.90
C LEU A 72 -8.30 8.79 19.05
N ARG A 73 -7.75 9.05 20.24
CA ARG A 73 -8.61 9.36 21.38
C ARG A 73 -9.40 10.62 21.09
N ASN A 74 -10.72 10.48 21.11
CA ASN A 74 -11.62 11.56 20.78
C ASN A 74 -11.36 11.93 19.33
N GLY A 75 -11.30 10.91 18.48
CA GLY A 75 -11.03 11.15 17.08
C GLY A 75 -11.18 9.90 16.23
N GLN A 76 -10.99 10.07 14.91
CA GLN A 76 -11.11 8.95 13.98
C GLN A 76 -9.95 8.93 12.99
N VAL A 77 -9.40 7.74 12.76
CA VAL A 77 -8.31 7.57 11.81
C VAL A 77 -8.79 6.91 10.53
N GLU A 78 -8.89 7.67 9.45
CA GLU A 78 -9.34 7.11 8.18
C GLU A 78 -8.30 6.14 7.63
N ILE A 79 -8.57 4.86 7.78
CA ILE A 79 -7.66 3.82 7.29
C ILE A 79 -8.35 2.89 6.31
N LYS A 80 -7.61 2.45 5.30
CA LYS A 80 -8.15 1.56 4.28
C LYS A 80 -7.05 0.94 3.45
N THR A 81 -6.10 1.77 3.04
CA THR A 81 -4.99 1.32 2.22
C THR A 81 -3.92 0.58 3.01
N ASP A 82 -4.27 0.13 4.22
CA ASP A 82 -3.31 -0.60 5.04
C ASP A 82 -2.08 0.23 5.34
N LEU A 83 -2.19 1.51 5.01
CA LEU A 83 -1.09 2.45 5.20
C LEU A 83 0.05 2.09 4.26
N SER A 84 -0.27 2.04 2.96
CA SER A 84 0.73 1.74 1.96
C SER A 84 1.44 3.02 1.54
N PHE A 85 2.76 3.03 1.62
CA PHE A 85 3.56 4.20 1.26
C PHE A 85 2.93 4.94 0.08
N GLY A 86 2.92 6.27 0.15
CA GLY A 86 2.32 7.07 -0.90
C GLY A 86 0.84 7.26 -0.71
N SER A 87 0.36 7.15 0.53
CA SER A 87 -1.07 7.31 0.81
C SER A 87 -1.33 8.35 1.88
N GLN A 88 -2.54 8.90 1.85
CA GLN A 88 -2.96 9.90 2.80
C GLN A 88 -4.11 9.39 3.66
N ILE A 89 -4.03 9.60 4.97
CA ILE A 89 -5.07 9.17 5.89
C ILE A 89 -5.57 10.35 6.73
N GLU A 90 -6.78 10.81 6.43
CA GLU A 90 -7.36 11.94 7.15
C GLU A 90 -7.79 11.52 8.56
N PHE A 91 -8.12 12.51 9.37
CA PHE A 91 -8.56 12.24 10.73
C PHE A 91 -9.91 12.90 10.99
N SER A 92 -10.41 12.76 12.22
CA SER A 92 -11.70 13.34 12.57
C SER A 92 -11.86 13.48 14.08
N CYS A 93 -11.85 14.72 14.54
CA CYS A 93 -12.02 14.98 15.96
C CYS A 93 -13.50 15.07 16.32
N SER A 94 -13.90 14.23 17.27
CA SER A 94 -15.30 14.16 17.71
C SER A 94 -15.97 15.53 17.88
N GLU A 95 -17.30 15.49 17.94
CA GLU A 95 -18.16 16.67 18.11
C GLU A 95 -17.49 17.84 18.83
N GLY A 96 -17.33 17.73 20.14
CA GLY A 96 -16.77 18.83 20.91
C GLY A 96 -15.29 19.08 20.70
N PHE A 97 -14.59 18.11 20.13
CA PHE A 97 -13.15 18.27 19.93
C PHE A 97 -12.83 18.47 18.45
N PHE A 98 -12.05 19.50 18.14
CA PHE A 98 -11.69 19.78 16.76
C PHE A 98 -10.30 19.23 16.44
N LEU A 99 -10.04 19.18 15.14
CA LEU A 99 -8.77 18.65 14.61
C LEU A 99 -7.67 19.70 14.64
N ILE A 100 -6.47 19.29 15.04
CA ILE A 100 -5.30 20.15 15.10
C ILE A 100 -4.04 19.31 15.07
N GLY A 101 -3.20 19.58 14.08
CA GLY A 101 -1.97 18.85 13.90
C GLY A 101 -1.62 18.70 12.44
N SER A 102 -2.50 18.01 11.73
CA SER A 102 -2.37 17.75 10.31
C SER A 102 -3.46 16.78 9.90
N THR A 103 -4.54 17.30 9.32
CA THR A 103 -5.66 16.45 8.92
C THR A 103 -5.23 15.40 7.94
N THR A 104 -4.03 15.54 7.40
CA THR A 104 -3.52 14.58 6.46
C THR A 104 -2.28 13.90 7.03
N SER A 105 -2.00 12.70 6.54
CA SER A 105 -0.84 11.96 6.97
C SER A 105 -0.32 11.13 5.81
N ARG A 106 0.87 11.48 5.32
CA ARG A 106 1.47 10.79 4.19
C ARG A 106 2.46 9.72 4.63
N CYS A 107 2.48 8.63 3.88
CA CYS A 107 3.37 7.52 4.17
C CYS A 107 4.65 7.66 3.35
N GLU A 108 5.77 7.82 4.04
CA GLU A 108 7.04 8.00 3.38
C GLU A 108 8.02 6.90 3.77
N VAL A 109 9.23 6.96 3.21
CA VAL A 109 10.24 5.96 3.51
C VAL A 109 11.62 6.55 3.77
N GLN A 110 12.23 6.07 4.85
CA GLN A 110 13.56 6.49 5.25
C GLN A 110 14.45 5.27 5.48
N ASP A 111 15.71 5.37 5.07
CA ASP A 111 16.66 4.28 5.22
C ASP A 111 16.19 3.05 4.45
N ARG A 112 15.43 2.19 5.11
CA ARG A 112 14.91 0.98 4.48
C ARG A 112 13.81 0.35 5.32
N GLY A 113 13.13 1.19 6.11
CA GLY A 113 12.05 0.70 6.94
C GLY A 113 10.85 1.60 6.94
N VAL A 114 10.74 2.42 5.89
CA VAL A 114 9.63 3.36 5.70
C VAL A 114 9.41 4.24 6.94
N GLY A 115 9.09 5.50 6.68
CA GLY A 115 8.88 6.40 7.80
C GLY A 115 7.50 7.01 7.83
N TRP A 116 6.97 7.26 9.03
CA TRP A 116 5.66 7.88 9.17
C TRP A 116 5.81 9.37 9.46
N SER A 117 5.31 10.20 8.55
CA SER A 117 5.39 11.65 8.73
C SER A 117 4.91 12.05 10.11
N HIS A 118 3.62 11.86 10.36
CA HIS A 118 3.02 12.20 11.65
C HIS A 118 1.84 11.27 11.95
N PRO A 119 1.66 10.89 13.23
CA PRO A 119 0.58 10.02 13.65
C PRO A 119 -0.66 10.82 14.03
N LEU A 120 -1.39 10.33 15.03
CA LEU A 120 -2.59 11.00 15.50
C LEU A 120 -2.34 12.49 15.73
N PRO A 121 -3.38 13.33 15.48
CA PRO A 121 -3.29 14.78 15.66
C PRO A 121 -3.58 15.20 17.10
N GLN A 122 -4.40 16.23 17.27
CA GLN A 122 -4.75 16.73 18.59
C GLN A 122 -6.23 17.10 18.66
N CYS A 123 -7.01 16.30 19.41
CA CYS A 123 -8.43 16.58 19.53
C CYS A 123 -8.72 17.26 20.87
N GLU A 124 -9.02 18.56 20.80
CA GLU A 124 -9.30 19.35 21.99
C GLU A 124 -10.65 20.05 21.87
N ILE A 125 -11.30 20.23 23.02
CA ILE A 125 -12.61 20.86 23.07
C ILE A 125 -12.58 22.24 22.40
N LEU A 126 -13.65 22.55 21.66
CA LEU A 126 -13.75 23.83 20.97
C LEU A 126 -14.81 24.72 21.61
N GLU A 127 -15.61 24.14 22.50
CA GLU A 127 -16.65 24.89 23.18
C GLU A 127 -16.24 25.20 24.62
N HIS A 128 -15.97 26.47 24.88
CA HIS A 128 -15.57 26.90 26.22
C HIS A 128 -16.22 28.23 26.58
N HIS A 129 -16.27 29.14 25.60
CA HIS A 129 -16.86 30.45 25.80
C HIS A 129 -18.14 30.59 24.99
N HIS A 130 -19.18 31.12 25.61
CA HIS A 130 -20.47 31.30 24.95
C HIS A 130 -20.42 32.51 24.01
N HIS A 131 -20.82 32.29 22.76
CA HIS A 131 -20.83 33.34 21.75
C HIS A 131 -21.89 34.39 22.08
N HIS A 132 -21.45 35.65 22.15
CA HIS A 132 -22.35 36.75 22.44
C HIS A 132 -21.81 38.05 21.84
N HIS A 133 -20.50 38.13 21.71
CA HIS A 133 -19.85 39.31 21.16
C HIS A 133 -20.18 39.47 19.68
N MET A 1 13.05 -24.25 -26.59
CA MET A 1 12.11 -24.82 -25.58
C MET A 1 11.27 -23.73 -24.93
N ASN A 2 10.26 -24.14 -24.18
CA ASN A 2 9.37 -23.20 -23.50
C ASN A 2 9.83 -22.95 -22.07
N CYS A 3 9.05 -22.15 -21.34
CA CYS A 3 9.39 -21.83 -19.96
C CYS A 3 8.64 -22.71 -18.96
N GLY A 4 7.57 -23.35 -19.43
CA GLY A 4 6.77 -24.16 -18.54
C GLY A 4 5.75 -23.33 -17.78
N PRO A 5 4.81 -23.96 -17.06
CA PRO A 5 3.79 -23.24 -16.29
C PRO A 5 4.38 -22.11 -15.47
N PRO A 6 3.82 -20.88 -15.61
CA PRO A 6 4.30 -19.70 -14.88
C PRO A 6 4.25 -19.88 -13.37
N PRO A 7 5.41 -19.79 -12.70
CA PRO A 7 5.52 -19.93 -11.25
C PRO A 7 4.67 -18.90 -10.52
N THR A 8 4.85 -18.92 -9.21
CA THR A 8 4.14 -18.02 -8.32
C THR A 8 5.01 -16.82 -7.96
N LEU A 9 4.45 -15.63 -8.07
CA LEU A 9 5.17 -14.42 -7.73
C LEU A 9 4.57 -13.74 -6.50
N SER A 10 5.31 -13.77 -5.42
CA SER A 10 4.85 -13.18 -4.17
C SER A 10 4.46 -11.72 -4.37
N PHE A 11 5.27 -10.99 -5.12
CA PHE A 11 5.00 -9.57 -5.38
C PHE A 11 3.72 -9.36 -6.18
N ALA A 12 3.13 -10.44 -6.66
CA ALA A 12 1.91 -10.34 -7.45
C ALA A 12 0.98 -11.53 -7.25
N ALA A 13 0.04 -11.62 -8.18
CA ALA A 13 -0.97 -12.67 -8.16
C ALA A 13 -1.64 -12.78 -9.54
N PRO A 14 -1.92 -14.00 -10.02
CA PRO A 14 -2.53 -14.22 -11.33
C PRO A 14 -3.75 -13.33 -11.55
N MET A 15 -3.89 -12.80 -12.77
CA MET A 15 -5.01 -11.92 -13.09
C MET A 15 -5.84 -12.46 -14.24
N ASP A 16 -5.25 -13.32 -15.06
CA ASP A 16 -5.94 -13.90 -16.20
C ASP A 16 -5.27 -15.19 -16.65
N ILE A 17 -4.56 -15.11 -17.79
CA ILE A 17 -3.85 -16.25 -18.37
C ILE A 17 -4.66 -17.53 -18.28
N THR A 18 -5.39 -17.83 -19.35
CA THR A 18 -6.17 -19.06 -19.37
C THR A 18 -5.25 -20.23 -19.08
N LEU A 19 -5.48 -20.91 -17.97
CA LEU A 19 -4.66 -22.03 -17.57
C LEU A 19 -5.01 -23.28 -18.37
N THR A 20 -5.38 -23.08 -19.63
CA THR A 20 -5.75 -24.18 -20.49
C THR A 20 -4.51 -24.79 -21.15
N GLU A 21 -3.48 -23.97 -21.30
CA GLU A 21 -2.23 -24.42 -21.90
C GLU A 21 -1.21 -24.78 -20.82
N THR A 22 0.03 -24.99 -21.21
CA THR A 22 1.09 -25.35 -20.27
C THR A 22 2.42 -24.72 -20.63
N ARG A 23 2.57 -24.32 -21.89
CA ARG A 23 3.81 -23.71 -22.36
C ARG A 23 3.52 -22.33 -22.96
N PHE A 24 4.54 -21.46 -22.97
CA PHE A 24 4.38 -20.10 -23.50
C PHE A 24 5.68 -19.64 -24.16
N LYS A 25 5.69 -19.53 -25.49
CA LYS A 25 6.88 -19.12 -26.23
C LYS A 25 7.53 -17.86 -25.67
N THR A 26 8.71 -17.54 -26.18
CA THR A 26 9.44 -16.36 -25.73
C THR A 26 8.74 -15.07 -26.16
N GLY A 27 7.68 -15.20 -26.95
CA GLY A 27 6.93 -14.05 -27.39
C GLY A 27 5.64 -13.90 -26.61
N THR A 28 5.60 -14.54 -25.46
CA THR A 28 4.44 -14.51 -24.59
C THR A 28 4.63 -13.50 -23.45
N THR A 29 3.52 -13.08 -22.84
CA THR A 29 3.59 -12.12 -21.75
C THR A 29 2.31 -12.16 -20.91
N LEU A 30 2.47 -12.38 -19.60
CA LEU A 30 1.33 -12.47 -18.69
C LEU A 30 0.85 -11.09 -18.24
N LYS A 31 -0.05 -11.10 -17.24
CA LYS A 31 -0.60 -9.87 -16.68
C LYS A 31 -0.19 -9.73 -15.22
N TYR A 32 -0.86 -10.49 -14.36
CA TYR A 32 -0.58 -10.48 -12.92
C TYR A 32 -0.90 -9.13 -12.29
N THR A 33 -1.59 -9.20 -11.16
CA THR A 33 -1.98 -8.00 -10.41
C THR A 33 -1.14 -7.88 -9.14
N CYS A 34 -1.32 -6.78 -8.41
CA CYS A 34 -0.55 -6.57 -7.18
C CYS A 34 -1.45 -6.27 -5.98
N LEU A 35 -1.32 -7.17 -5.00
CA LEU A 35 -2.08 -7.11 -3.76
C LEU A 35 -2.15 -5.67 -3.22
N PRO A 36 -3.23 -5.34 -2.49
CA PRO A 36 -3.43 -3.99 -1.93
C PRO A 36 -2.24 -3.49 -1.11
N GLY A 37 -1.58 -2.47 -1.62
CA GLY A 37 -0.43 -1.90 -0.94
C GLY A 37 0.83 -2.00 -1.78
N TYR A 38 0.88 -3.02 -2.61
CA TYR A 38 2.02 -3.23 -3.49
C TYR A 38 2.23 -2.00 -4.37
N VAL A 39 3.06 -1.05 -3.96
CA VAL A 39 3.31 0.15 -4.74
C VAL A 39 4.30 -0.13 -5.86
N ARG A 40 4.88 0.91 -6.43
CA ARG A 40 5.82 0.73 -7.52
C ARG A 40 7.18 1.37 -7.27
N SER A 41 8.23 0.62 -7.57
CA SER A 41 9.60 1.08 -7.42
C SER A 41 10.32 0.93 -8.75
N HIS A 42 9.72 0.15 -9.64
CA HIS A 42 10.28 -0.10 -10.97
C HIS A 42 9.28 0.31 -12.05
N SER A 43 8.52 -0.66 -12.57
CA SER A 43 7.53 -0.38 -13.62
C SER A 43 6.88 -1.65 -14.17
N THR A 44 7.48 -2.17 -15.25
CA THR A 44 6.98 -3.36 -15.94
C THR A 44 6.51 -4.45 -14.97
N GLN A 45 5.24 -4.84 -15.13
CA GLN A 45 4.65 -5.88 -14.30
C GLN A 45 4.11 -7.00 -15.18
N THR A 46 5.02 -7.72 -15.84
CA THR A 46 4.63 -8.80 -16.75
C THR A 46 5.68 -9.89 -16.79
N LEU A 47 5.25 -11.10 -17.16
CA LEU A 47 6.15 -12.24 -17.24
C LEU A 47 6.32 -12.66 -18.70
N THR A 48 7.51 -12.41 -19.23
CA THR A 48 7.81 -12.77 -20.62
C THR A 48 8.80 -13.90 -20.66
N CYS A 49 8.67 -14.81 -21.62
CA CYS A 49 9.58 -15.92 -21.71
C CYS A 49 10.88 -15.42 -22.30
N ASN A 50 11.94 -15.52 -21.51
CA ASN A 50 13.26 -15.10 -21.94
C ASN A 50 14.02 -16.30 -22.51
N SER A 51 15.31 -16.12 -22.75
CA SER A 51 16.14 -17.20 -23.28
C SER A 51 17.06 -17.74 -22.19
N ASP A 52 16.44 -18.17 -21.09
CA ASP A 52 17.16 -18.74 -19.94
C ASP A 52 16.53 -20.07 -19.55
N GLY A 53 15.20 -20.13 -19.63
CA GLY A 53 14.50 -21.35 -19.27
C GLY A 53 13.34 -21.07 -18.36
N GLU A 54 13.13 -19.78 -18.10
CA GLU A 54 12.05 -19.35 -17.22
C GLU A 54 11.56 -17.94 -17.56
N TRP A 55 10.89 -17.33 -16.57
CA TRP A 55 10.32 -16.01 -16.72
C TRP A 55 11.20 -14.94 -16.07
N VAL A 56 11.64 -14.00 -16.89
CA VAL A 56 12.48 -12.89 -16.47
C VAL A 56 11.60 -11.65 -16.28
N TYR A 57 12.01 -10.77 -15.37
CA TYR A 57 11.23 -9.55 -15.14
C TYR A 57 11.81 -8.69 -14.03
N ASN A 58 11.28 -7.49 -13.87
CA ASN A 58 11.75 -6.59 -12.83
C ASN A 58 10.78 -6.56 -11.66
N THR A 59 11.18 -5.90 -10.57
CA THR A 59 10.33 -5.80 -9.39
C THR A 59 9.26 -4.73 -9.59
N PHE A 60 8.28 -5.04 -10.44
CA PHE A 60 7.21 -4.12 -10.72
C PHE A 60 6.63 -3.49 -9.45
N CYS A 61 6.19 -4.35 -8.54
CA CYS A 61 5.62 -3.91 -7.28
C CYS A 61 6.57 -4.21 -6.13
N ILE A 62 6.70 -3.26 -5.21
CA ILE A 62 7.60 -3.42 -4.07
C ILE A 62 6.85 -3.62 -2.77
N TYR A 63 5.71 -2.97 -2.64
CA TYR A 63 4.92 -3.07 -1.42
C TYR A 63 5.60 -2.38 -0.27
N LYS A 64 4.98 -1.34 0.26
CA LYS A 64 5.50 -0.60 1.39
C LYS A 64 4.49 0.44 1.86
N ARG A 65 3.52 0.00 2.65
CA ARG A 65 2.49 0.89 3.15
C ARG A 65 2.99 1.67 4.36
N CYS A 66 2.05 2.19 5.15
CA CYS A 66 2.39 2.96 6.33
C CYS A 66 1.69 2.37 7.54
N ARG A 67 2.47 1.99 8.54
CA ARG A 67 1.91 1.38 9.75
C ARG A 67 0.75 2.21 10.29
N HIS A 68 -0.27 1.53 10.80
CA HIS A 68 -1.45 2.21 11.33
C HIS A 68 -1.06 3.29 12.33
N PRO A 69 -1.65 4.50 12.22
CA PRO A 69 -1.37 5.60 13.16
C PRO A 69 -1.81 5.22 14.57
N GLY A 70 -2.85 4.40 14.64
CA GLY A 70 -3.37 3.98 15.93
C GLY A 70 -4.70 4.64 16.26
N GLU A 71 -5.16 4.39 17.47
CA GLU A 71 -6.42 4.96 17.92
C GLU A 71 -6.24 6.42 18.33
N LEU A 72 -7.18 7.25 17.90
CA LEU A 72 -7.17 8.67 18.23
C LEU A 72 -8.03 8.89 19.46
N ARG A 73 -7.40 9.03 20.63
CA ARG A 73 -8.15 9.26 21.84
C ARG A 73 -8.86 10.62 21.74
N ASN A 74 -10.18 10.56 21.91
CA ASN A 74 -11.06 11.71 21.79
C ASN A 74 -11.23 12.04 20.31
N GLY A 75 -10.63 11.22 19.46
CA GLY A 75 -10.73 11.45 18.03
C GLY A 75 -11.07 10.21 17.22
N GLN A 76 -11.07 10.38 15.90
CA GLN A 76 -11.39 9.28 14.99
C GLN A 76 -10.62 9.42 13.67
N VAL A 77 -9.38 8.89 13.66
CA VAL A 77 -8.54 8.95 12.47
C VAL A 77 -9.28 8.45 11.22
N GLU A 78 -9.35 9.29 10.20
CA GLU A 78 -10.03 8.93 8.96
C GLU A 78 -9.19 7.96 8.13
N ILE A 79 -9.60 6.70 8.12
CA ILE A 79 -8.89 5.67 7.34
C ILE A 79 -9.80 5.09 6.26
N LYS A 80 -9.22 4.78 5.11
CA LYS A 80 -10.01 4.24 4.00
C LYS A 80 -9.14 3.77 2.85
N THR A 81 -7.90 3.43 3.14
CA THR A 81 -6.99 2.97 2.11
C THR A 81 -6.00 1.95 2.66
N ASP A 82 -6.33 1.39 3.81
CA ASP A 82 -5.45 0.41 4.45
C ASP A 82 -4.09 1.03 4.75
N LEU A 83 -4.02 2.33 4.54
CA LEU A 83 -2.80 3.09 4.77
C LEU A 83 -1.74 2.71 3.76
N SER A 84 -2.08 2.82 2.48
CA SER A 84 -1.13 2.52 1.41
C SER A 84 -0.31 3.76 1.08
N PHE A 85 1.01 3.60 0.99
CA PHE A 85 1.91 4.71 0.68
C PHE A 85 1.30 5.63 -0.38
N GLY A 86 1.54 6.94 -0.22
CA GLY A 86 1.01 7.90 -1.16
C GLY A 86 -0.46 8.18 -0.94
N SER A 87 -0.85 8.35 0.32
CA SER A 87 -2.25 8.62 0.65
C SER A 87 -2.37 9.58 1.83
N GLN A 88 -3.53 10.21 1.94
CA GLN A 88 -3.79 11.15 3.01
C GLN A 88 -4.91 10.65 3.91
N ILE A 89 -4.70 10.71 5.22
CA ILE A 89 -5.70 10.28 6.18
C ILE A 89 -6.00 11.37 7.19
N GLU A 90 -7.17 11.97 7.07
CA GLU A 90 -7.57 13.04 7.98
C GLU A 90 -7.84 12.48 9.36
N PHE A 91 -8.34 13.34 10.24
CA PHE A 91 -8.65 12.94 11.60
C PHE A 91 -9.91 13.71 12.05
N SER A 92 -10.39 13.44 13.26
CA SER A 92 -11.58 14.12 13.74
C SER A 92 -11.73 14.07 15.26
N CYS A 93 -11.77 15.24 15.86
CA CYS A 93 -11.94 15.34 17.30
C CYS A 93 -13.42 15.46 17.65
N SER A 94 -13.93 14.48 18.38
CA SER A 94 -15.34 14.44 18.77
C SER A 94 -15.84 15.75 19.36
N GLU A 95 -17.15 15.83 19.53
CA GLU A 95 -17.80 17.01 20.10
C GLU A 95 -17.04 17.50 21.33
N GLY A 96 -17.06 18.82 21.53
CA GLY A 96 -16.39 19.42 22.65
C GLY A 96 -14.88 19.52 22.46
N PHE A 97 -14.30 18.54 21.76
CA PHE A 97 -12.87 18.53 21.53
C PHE A 97 -12.56 18.81 20.06
N PHE A 98 -11.63 19.70 19.80
CA PHE A 98 -11.26 20.05 18.43
C PHE A 98 -9.90 19.46 18.07
N LEU A 99 -9.58 19.54 16.79
CA LEU A 99 -8.33 19.00 16.28
C LEU A 99 -7.22 20.04 16.27
N ILE A 100 -6.02 19.59 16.62
CA ILE A 100 -4.84 20.46 16.65
C ILE A 100 -3.58 19.62 16.49
N GLY A 101 -2.89 19.89 15.40
CA GLY A 101 -1.67 19.18 15.05
C GLY A 101 -1.44 19.17 13.56
N SER A 102 -2.20 18.34 12.88
CA SER A 102 -2.13 18.20 11.43
C SER A 102 -3.31 17.38 10.98
N THR A 103 -4.35 18.03 10.45
CA THR A 103 -5.55 17.34 10.04
C THR A 103 -5.29 16.37 8.91
N THR A 104 -4.10 16.45 8.31
CA THR A 104 -3.76 15.56 7.23
C THR A 104 -2.56 14.72 7.60
N SER A 105 -2.42 13.59 6.94
CA SER A 105 -1.29 12.70 7.15
C SER A 105 -0.95 12.04 5.82
N ARG A 106 0.25 12.30 5.32
CA ARG A 106 0.69 11.75 4.04
C ARG A 106 1.37 10.41 4.23
N CYS A 107 2.62 10.48 4.69
CA CYS A 107 3.46 9.31 4.96
C CYS A 107 4.94 9.70 4.87
N GLU A 108 5.82 8.73 4.67
CA GLU A 108 7.26 9.03 4.63
C GLU A 108 8.10 7.75 4.53
N VAL A 109 8.98 7.72 3.54
CA VAL A 109 9.85 6.56 3.36
C VAL A 109 11.31 6.92 3.52
N GLN A 110 11.95 6.25 4.46
CA GLN A 110 13.36 6.49 4.74
C GLN A 110 14.18 5.21 4.65
N ASP A 111 15.01 5.12 3.62
CA ASP A 111 15.86 3.94 3.40
C ASP A 111 15.03 2.67 3.35
N ARG A 112 14.90 2.00 4.48
CA ARG A 112 14.14 0.76 4.56
C ARG A 112 12.99 0.91 5.55
N GLY A 113 12.49 2.13 5.70
CA GLY A 113 11.39 2.37 6.62
C GLY A 113 10.37 3.32 6.07
N VAL A 114 9.33 2.74 5.50
CA VAL A 114 8.24 3.52 4.92
C VAL A 114 7.12 3.72 5.92
N GLY A 115 6.37 4.79 5.70
CA GLY A 115 5.24 4.99 6.57
C GLY A 115 5.00 6.42 7.04
N TRP A 116 4.02 6.60 7.91
CA TRP A 116 3.64 7.93 8.38
C TRP A 116 4.77 8.60 9.15
N SER A 117 4.80 9.93 9.09
CA SER A 117 5.79 10.71 9.80
C SER A 117 5.14 11.37 11.01
N HIS A 118 3.88 11.76 10.84
CA HIS A 118 3.12 12.39 11.91
C HIS A 118 1.95 11.49 12.34
N PRO A 119 1.74 11.34 13.66
CA PRO A 119 0.67 10.50 14.20
C PRO A 119 -0.60 11.29 14.47
N LEU A 120 -1.41 10.80 15.40
CA LEU A 120 -2.66 11.43 15.76
C LEU A 120 -2.44 12.87 16.22
N PRO A 121 -3.45 13.74 16.04
CA PRO A 121 -3.36 15.14 16.45
C PRO A 121 -3.62 15.32 17.94
N GLN A 122 -4.25 16.42 18.30
CA GLN A 122 -4.56 16.72 19.70
C GLN A 122 -6.03 17.10 19.85
N CYS A 123 -6.77 16.31 20.63
CA CYS A 123 -8.18 16.59 20.86
C CYS A 123 -8.38 17.18 22.25
N GLU A 124 -8.62 18.47 22.31
CA GLU A 124 -8.81 19.16 23.59
C GLU A 124 -10.14 19.91 23.60
N ILE A 125 -10.77 19.93 24.76
CA ILE A 125 -12.05 20.61 24.92
C ILE A 125 -11.94 22.11 24.66
N LEU A 126 -12.89 22.64 23.90
CA LEU A 126 -12.91 24.06 23.57
C LEU A 126 -13.03 24.91 24.83
N GLU A 127 -14.24 24.95 25.39
CA GLU A 127 -14.49 25.74 26.60
C GLU A 127 -14.75 24.81 27.79
N HIS A 128 -15.50 25.30 28.78
CA HIS A 128 -15.81 24.52 29.97
C HIS A 128 -16.89 23.48 29.65
N HIS A 129 -16.95 22.42 30.46
CA HIS A 129 -17.93 21.36 30.25
C HIS A 129 -18.91 21.29 31.42
N HIS A 130 -18.37 21.06 32.62
CA HIS A 130 -19.18 20.96 33.82
C HIS A 130 -20.02 22.22 34.03
N HIS A 131 -20.93 22.16 35.01
CA HIS A 131 -21.79 23.29 35.32
C HIS A 131 -21.90 23.50 36.83
N HIS A 132 -21.77 22.40 37.58
CA HIS A 132 -21.84 22.45 39.04
C HIS A 132 -23.21 22.93 39.50
N HIS A 133 -23.40 22.96 40.82
CA HIS A 133 -24.66 23.40 41.41
C HIS A 133 -25.82 22.54 40.92
N MET A 1 13.60 -25.22 -24.09
CA MET A 1 12.99 -24.18 -24.95
C MET A 1 12.03 -23.30 -24.16
N ASN A 2 11.25 -23.93 -23.28
CA ASN A 2 10.28 -23.20 -22.46
C ASN A 2 10.94 -22.64 -21.21
N CYS A 3 10.32 -21.62 -20.63
CA CYS A 3 10.84 -20.99 -19.43
C CYS A 3 10.31 -21.65 -18.17
N GLY A 4 9.39 -22.59 -18.33
CA GLY A 4 8.80 -23.28 -17.20
C GLY A 4 7.64 -22.49 -16.62
N PRO A 5 6.72 -23.15 -15.88
CA PRO A 5 5.57 -22.49 -15.28
C PRO A 5 5.95 -21.22 -14.51
N PRO A 6 5.29 -20.09 -14.82
CA PRO A 6 5.56 -18.81 -14.18
C PRO A 6 5.35 -18.85 -12.67
N PRO A 7 6.34 -18.36 -11.89
CA PRO A 7 6.27 -18.32 -10.43
C PRO A 7 5.03 -17.57 -9.94
N THR A 8 4.96 -17.48 -8.62
CA THR A 8 3.88 -16.79 -7.94
C THR A 8 4.33 -15.36 -7.64
N LEU A 9 3.50 -14.39 -7.99
CA LEU A 9 3.83 -13.00 -7.73
C LEU A 9 3.01 -12.43 -6.59
N SER A 10 3.64 -12.23 -5.45
CA SER A 10 2.97 -11.68 -4.28
C SER A 10 2.80 -10.18 -4.44
N PHE A 11 3.39 -9.64 -5.51
CA PHE A 11 3.30 -8.21 -5.80
C PHE A 11 2.24 -7.95 -6.86
N ALA A 12 1.60 -9.03 -7.31
CA ALA A 12 0.55 -8.94 -8.32
C ALA A 12 -0.43 -10.09 -8.16
N ALA A 13 -1.20 -10.29 -9.23
CA ALA A 13 -2.21 -11.34 -9.26
C ALA A 13 -2.70 -11.58 -10.69
N PRO A 14 -2.88 -12.85 -11.07
CA PRO A 14 -3.35 -13.20 -12.42
C PRO A 14 -4.60 -12.41 -12.81
N MET A 15 -4.78 -12.20 -14.11
CA MET A 15 -5.92 -11.45 -14.60
C MET A 15 -6.37 -11.93 -15.98
N ASP A 16 -5.41 -12.35 -16.79
CA ASP A 16 -5.70 -12.83 -18.14
C ASP A 16 -4.54 -13.61 -18.72
N ILE A 17 -4.61 -14.93 -18.62
CA ILE A 17 -3.57 -15.80 -19.12
C ILE A 17 -4.01 -17.25 -19.13
N THR A 18 -5.03 -17.51 -18.32
CA THR A 18 -5.57 -18.85 -18.18
C THR A 18 -4.45 -19.81 -17.82
N LEU A 19 -4.37 -20.16 -16.54
CA LEU A 19 -3.33 -21.05 -16.07
C LEU A 19 -3.61 -22.49 -16.47
N THR A 20 -4.33 -22.65 -17.57
CA THR A 20 -4.69 -23.96 -18.08
C THR A 20 -3.49 -24.62 -18.76
N GLU A 21 -2.41 -23.86 -18.87
CA GLU A 21 -1.19 -24.34 -19.50
C GLU A 21 -0.05 -24.41 -18.47
N THR A 22 0.93 -25.25 -18.74
CA THR A 22 2.07 -25.40 -17.84
C THR A 22 3.35 -24.87 -18.47
N ARG A 23 3.34 -24.77 -19.80
CA ARG A 23 4.50 -24.27 -20.53
C ARG A 23 4.10 -23.10 -21.42
N PHE A 24 5.02 -22.17 -21.65
CA PHE A 24 4.76 -21.00 -22.47
C PHE A 24 6.01 -20.62 -23.27
N LYS A 25 5.94 -20.72 -24.59
CA LYS A 25 7.08 -20.41 -25.46
C LYS A 25 7.66 -19.02 -25.18
N THR A 26 8.80 -18.74 -25.82
CA THR A 26 9.48 -17.47 -25.65
C THR A 26 8.68 -16.32 -26.25
N GLY A 27 7.60 -16.65 -26.93
CA GLY A 27 6.74 -15.64 -27.54
C GLY A 27 5.45 -15.47 -26.77
N THR A 28 5.50 -15.84 -25.50
CA THR A 28 4.34 -15.75 -24.62
C THR A 28 4.42 -14.53 -23.73
N THR A 29 3.28 -14.14 -23.16
CA THR A 29 3.22 -12.99 -22.27
C THR A 29 1.95 -13.04 -21.43
N LEU A 30 2.12 -13.00 -20.12
CA LEU A 30 0.98 -13.07 -19.21
C LEU A 30 0.51 -11.71 -18.76
N LYS A 31 -0.79 -11.58 -18.52
CA LYS A 31 -1.38 -10.34 -18.06
C LYS A 31 -1.53 -10.38 -16.54
N TYR A 32 -1.01 -9.36 -15.88
CA TYR A 32 -1.08 -9.30 -14.42
C TYR A 32 -1.55 -7.93 -13.95
N THR A 33 -2.30 -7.92 -12.85
CA THR A 33 -2.83 -6.70 -12.27
C THR A 33 -2.14 -6.39 -10.96
N CYS A 34 -2.45 -5.24 -10.36
CA CYS A 34 -1.83 -4.84 -9.11
C CYS A 34 -2.85 -4.42 -8.06
N LEU A 35 -2.94 -5.26 -7.03
CA LEU A 35 -3.86 -5.03 -5.91
C LEU A 35 -3.94 -3.54 -5.56
N PRO A 36 -5.10 -3.09 -5.07
CA PRO A 36 -5.33 -1.68 -4.73
C PRO A 36 -4.44 -1.13 -3.61
N GLY A 37 -3.68 -0.08 -3.94
CA GLY A 37 -2.84 0.57 -2.94
C GLY A 37 -1.35 0.43 -3.18
N TYR A 38 -0.91 -0.77 -3.60
CA TYR A 38 0.52 -1.07 -3.86
C TYR A 38 1.44 0.14 -3.80
N VAL A 39 2.64 -0.12 -3.31
CA VAL A 39 3.62 0.93 -3.08
C VAL A 39 4.71 0.96 -4.16
N ARG A 40 5.45 2.07 -4.19
CA ARG A 40 6.54 2.31 -5.14
C ARG A 40 7.15 1.02 -5.69
N SER A 41 7.18 0.92 -7.03
CA SER A 41 7.74 -0.23 -7.72
C SER A 41 7.41 -0.20 -9.21
N HIS A 42 6.57 0.75 -9.61
CA HIS A 42 6.15 0.89 -11.01
C HIS A 42 7.31 0.63 -11.98
N SER A 43 7.14 -0.43 -12.78
CA SER A 43 8.14 -0.83 -13.77
C SER A 43 7.54 -1.89 -14.67
N THR A 44 6.26 -2.16 -14.43
CA THR A 44 5.47 -3.17 -15.16
C THR A 44 6.05 -3.47 -16.54
N GLN A 45 6.11 -4.76 -16.88
CA GLN A 45 6.64 -5.19 -18.17
C GLN A 45 6.13 -6.59 -18.54
N THR A 46 5.14 -7.08 -17.80
CA THR A 46 4.55 -8.39 -18.06
C THR A 46 5.60 -9.50 -17.99
N LEU A 47 5.14 -10.74 -18.12
CA LEU A 47 6.04 -11.88 -18.05
C LEU A 47 6.16 -12.57 -19.40
N THR A 48 7.34 -12.47 -20.00
CA THR A 48 7.61 -13.08 -21.30
C THR A 48 8.69 -14.14 -21.15
N CYS A 49 8.65 -15.17 -21.99
CA CYS A 49 9.66 -16.21 -21.91
C CYS A 49 10.90 -15.75 -22.66
N ASN A 50 11.98 -15.59 -21.92
CA ASN A 50 13.25 -15.19 -22.50
C ASN A 50 14.09 -16.44 -22.79
N SER A 51 15.26 -16.25 -23.37
CA SER A 51 16.14 -17.38 -23.66
C SER A 51 17.05 -17.63 -22.46
N ASP A 52 16.41 -17.95 -21.34
CA ASP A 52 17.08 -18.22 -20.08
C ASP A 52 16.28 -19.23 -19.26
N GLY A 53 15.18 -19.70 -19.84
CA GLY A 53 14.32 -20.64 -19.14
C GLY A 53 13.80 -20.06 -17.85
N GLU A 54 13.91 -18.74 -17.78
CA GLU A 54 13.42 -17.98 -16.63
C GLU A 54 12.50 -16.87 -17.09
N TRP A 55 11.70 -16.34 -16.17
CA TRP A 55 10.81 -15.25 -16.50
C TRP A 55 11.47 -13.93 -16.15
N VAL A 56 11.80 -13.21 -17.21
CA VAL A 56 12.48 -11.93 -17.12
C VAL A 56 11.48 -10.79 -17.16
N TYR A 57 11.77 -9.72 -16.42
CA TYR A 57 10.90 -8.54 -16.42
C TYR A 57 11.21 -7.60 -15.25
N ASN A 58 10.67 -6.38 -15.29
CA ASN A 58 10.90 -5.43 -14.22
C ASN A 58 9.79 -5.52 -13.18
N THR A 59 9.98 -4.83 -12.06
CA THR A 59 8.98 -4.84 -11.00
C THR A 59 7.80 -4.00 -11.44
N PHE A 60 6.96 -3.62 -10.50
CA PHE A 60 5.81 -2.80 -10.80
C PHE A 60 5.02 -2.46 -9.54
N CYS A 61 5.05 -3.37 -8.58
CA CYS A 61 4.35 -3.19 -7.32
C CYS A 61 5.04 -3.99 -6.22
N ILE A 62 4.90 -3.55 -4.95
CA ILE A 62 5.53 -4.26 -3.84
C ILE A 62 4.65 -4.26 -2.60
N TYR A 63 4.04 -3.12 -2.29
CA TYR A 63 3.18 -3.00 -1.11
C TYR A 63 4.00 -2.96 0.18
N LYS A 64 3.87 -1.84 0.88
CA LYS A 64 4.57 -1.60 2.14
C LYS A 64 3.87 -0.45 2.86
N ARG A 65 3.22 -0.75 3.98
CA ARG A 65 2.47 0.26 4.73
C ARG A 65 3.31 0.81 5.88
N CYS A 66 2.64 1.33 6.91
CA CYS A 66 3.32 1.88 8.07
C CYS A 66 2.72 1.34 9.35
N ARG A 67 3.49 1.40 10.43
CA ARG A 67 3.00 0.94 11.71
C ARG A 67 1.75 1.71 12.07
N HIS A 68 0.81 1.04 12.73
CA HIS A 68 -0.44 1.68 13.13
C HIS A 68 -0.16 2.77 14.17
N PRO A 69 -0.39 4.05 13.82
CA PRO A 69 -0.16 5.17 14.73
C PRO A 69 -0.82 4.95 16.08
N GLY A 70 -1.86 4.11 16.11
CA GLY A 70 -2.56 3.85 17.34
C GLY A 70 -3.73 4.79 17.52
N GLU A 71 -4.71 4.34 18.29
CA GLU A 71 -5.91 5.11 18.59
C GLU A 71 -5.64 6.61 18.70
N LEU A 72 -6.60 7.38 18.19
CA LEU A 72 -6.53 8.84 18.25
C LEU A 72 -7.46 9.30 19.37
N ARG A 73 -6.88 9.69 20.50
CA ARG A 73 -7.66 10.14 21.65
C ARG A 73 -8.42 11.42 21.32
N ASN A 74 -9.73 11.34 21.55
CA ASN A 74 -10.66 12.43 21.29
C ASN A 74 -10.91 12.51 19.80
N GLY A 75 -10.57 11.46 19.06
CA GLY A 75 -10.81 11.50 17.63
C GLY A 75 -11.01 10.14 17.00
N GLN A 76 -10.94 10.11 15.68
CA GLN A 76 -11.13 8.86 14.94
C GLN A 76 -10.04 8.68 13.89
N VAL A 77 -9.55 7.45 13.78
CA VAL A 77 -8.52 7.13 12.80
C VAL A 77 -9.14 6.39 11.62
N GLU A 78 -9.29 7.08 10.50
CA GLU A 78 -9.88 6.47 9.31
C GLU A 78 -8.84 5.64 8.56
N ILE A 79 -8.94 4.33 8.70
CA ILE A 79 -8.02 3.43 8.03
C ILE A 79 -8.75 2.66 6.93
N LYS A 80 -8.75 3.23 5.73
CA LYS A 80 -9.41 2.62 4.58
C LYS A 80 -8.42 2.19 3.53
N THR A 81 -7.16 2.16 3.92
CA THR A 81 -6.10 1.78 3.00
C THR A 81 -5.01 1.03 3.74
N ASP A 82 -5.31 0.66 4.99
CA ASP A 82 -4.34 -0.06 5.80
C ASP A 82 -3.08 0.75 5.98
N LEU A 83 -3.15 2.00 5.57
CA LEU A 83 -2.02 2.92 5.66
C LEU A 83 -0.96 2.48 4.66
N SER A 84 -1.36 2.33 3.42
CA SER A 84 -0.43 1.95 2.36
C SER A 84 0.29 3.17 1.82
N PHE A 85 1.61 3.10 1.77
CA PHE A 85 2.44 4.20 1.26
C PHE A 85 1.78 4.86 0.05
N GLY A 86 1.85 6.19 -0.02
CA GLY A 86 1.24 6.91 -1.13
C GLY A 86 -0.22 7.23 -0.87
N SER A 87 -0.50 7.80 0.31
CA SER A 87 -1.87 8.16 0.68
C SER A 87 -1.88 8.98 1.95
N GLN A 88 -2.82 8.66 2.84
CA GLN A 88 -2.96 9.37 4.11
C GLN A 88 -4.17 8.89 4.90
N ILE A 89 -4.13 9.12 6.20
CA ILE A 89 -5.22 8.73 7.09
C ILE A 89 -5.78 9.95 7.81
N GLU A 90 -6.93 10.42 7.36
CA GLU A 90 -7.56 11.60 7.96
C GLU A 90 -7.94 11.36 9.41
N PHE A 91 -8.18 12.43 10.14
CA PHE A 91 -8.56 12.35 11.55
C PHE A 91 -9.72 13.29 11.84
N SER A 92 -10.57 12.93 12.79
CA SER A 92 -11.70 13.76 13.15
C SER A 92 -11.80 13.98 14.66
N CYS A 93 -11.68 15.24 15.06
CA CYS A 93 -11.77 15.57 16.47
C CYS A 93 -13.23 15.66 16.88
N SER A 94 -13.63 14.83 17.83
CA SER A 94 -15.02 14.77 18.30
C SER A 94 -15.58 16.15 18.60
N GLU A 95 -16.90 16.19 18.82
CA GLU A 95 -17.59 17.43 19.14
C GLU A 95 -16.88 18.21 20.23
N GLY A 96 -17.03 19.53 20.19
CA GLY A 96 -16.40 20.39 21.17
C GLY A 96 -14.92 20.58 20.93
N PHE A 97 -14.23 19.53 20.47
CA PHE A 97 -12.80 19.63 20.24
C PHE A 97 -12.52 19.63 18.74
N PHE A 98 -11.60 20.48 18.30
CA PHE A 98 -11.27 20.57 16.88
C PHE A 98 -9.91 19.95 16.59
N LEU A 99 -9.65 19.78 15.31
CA LEU A 99 -8.41 19.19 14.84
C LEU A 99 -7.30 20.23 14.77
N ILE A 100 -6.10 19.84 15.21
CA ILE A 100 -4.94 20.71 15.20
C ILE A 100 -3.67 19.87 15.17
N GLY A 101 -2.90 20.07 14.12
CA GLY A 101 -1.66 19.34 13.92
C GLY A 101 -1.43 19.05 12.46
N SER A 102 -2.30 18.21 11.91
CA SER A 102 -2.26 17.80 10.51
C SER A 102 -3.39 16.81 10.27
N THR A 103 -4.49 17.28 9.68
CA THR A 103 -5.64 16.42 9.45
C THR A 103 -5.27 15.27 8.54
N THR A 104 -4.10 15.36 7.93
CA THR A 104 -3.62 14.32 7.04
C THR A 104 -2.33 13.73 7.58
N SER A 105 -2.04 12.50 7.17
CA SER A 105 -0.81 11.82 7.55
C SER A 105 -0.38 10.91 6.41
N ARG A 106 0.76 11.21 5.81
CA ARG A 106 1.25 10.44 4.66
C ARG A 106 2.22 9.35 5.10
N CYS A 107 2.22 8.26 4.36
CA CYS A 107 3.09 7.14 4.67
C CYS A 107 4.36 7.23 3.83
N GLU A 108 5.48 7.46 4.49
CA GLU A 108 6.75 7.62 3.80
C GLU A 108 7.72 6.50 4.16
N VAL A 109 8.83 6.46 3.44
CA VAL A 109 9.83 5.42 3.69
C VAL A 109 11.26 5.98 3.64
N GLN A 110 12.00 5.67 4.70
CA GLN A 110 13.38 6.10 4.80
C GLN A 110 14.22 5.04 5.50
N ASP A 111 13.71 3.82 5.47
CA ASP A 111 14.36 2.67 6.09
C ASP A 111 13.77 1.39 5.52
N ARG A 112 14.22 0.25 6.04
CA ARG A 112 13.72 -1.03 5.60
C ARG A 112 12.47 -1.41 6.36
N GLY A 113 11.80 -0.42 6.95
CA GLY A 113 10.59 -0.68 7.70
C GLY A 113 9.59 0.45 7.63
N VAL A 114 9.74 1.32 6.64
CA VAL A 114 8.82 2.44 6.45
C VAL A 114 8.85 3.42 7.61
N GLY A 115 8.60 4.67 7.28
CA GLY A 115 8.60 5.68 8.30
C GLY A 115 7.28 6.43 8.36
N TRP A 116 6.84 6.81 9.56
CA TRP A 116 5.60 7.55 9.69
C TRP A 116 5.86 9.04 9.77
N SER A 117 5.24 9.79 8.85
CA SER A 117 5.41 11.24 8.81
C SER A 117 4.83 11.91 10.05
N HIS A 118 3.65 11.43 10.47
CA HIS A 118 2.98 12.00 11.64
C HIS A 118 1.78 11.14 12.05
N PRO A 119 1.60 10.91 13.36
CA PRO A 119 0.51 10.11 13.89
C PRO A 119 -0.69 10.95 14.34
N LEU A 120 -1.45 10.41 15.28
CA LEU A 120 -2.63 11.08 15.84
C LEU A 120 -2.34 12.54 16.17
N PRO A 121 -3.10 13.48 15.57
CA PRO A 121 -2.94 14.92 15.80
C PRO A 121 -3.30 15.33 17.22
N GLN A 122 -3.52 16.63 17.43
CA GLN A 122 -3.86 17.16 18.74
C GLN A 122 -5.34 17.52 18.84
N CYS A 123 -6.04 16.89 19.78
CA CYS A 123 -7.45 17.15 19.98
C CYS A 123 -7.66 18.04 21.21
N GLU A 124 -8.10 19.27 20.98
CA GLU A 124 -8.34 20.21 22.06
C GLU A 124 -9.73 20.84 21.90
N ILE A 125 -10.40 21.03 23.03
CA ILE A 125 -11.75 21.60 23.02
C ILE A 125 -11.70 23.10 22.79
N LEU A 126 -12.78 23.65 22.23
CA LEU A 126 -12.85 25.08 21.95
C LEU A 126 -13.09 25.86 23.23
N GLU A 127 -14.24 25.62 23.87
CA GLU A 127 -14.59 26.31 25.10
C GLU A 127 -14.42 25.38 26.31
N HIS A 128 -14.20 25.97 27.48
CA HIS A 128 -14.02 25.21 28.71
C HIS A 128 -15.30 25.20 29.54
N HIS A 129 -15.68 24.02 30.01
CA HIS A 129 -16.89 23.87 30.82
C HIS A 129 -16.63 23.02 32.06
N HIS A 130 -17.70 22.63 32.74
CA HIS A 130 -17.58 21.81 33.94
C HIS A 130 -16.75 20.56 33.68
N HIS A 131 -16.11 20.06 34.73
CA HIS A 131 -15.27 18.87 34.61
C HIS A 131 -15.01 18.28 36.00
N HIS A 132 -14.28 17.16 36.03
CA HIS A 132 -13.95 16.48 37.28
C HIS A 132 -15.18 15.86 37.92
N HIS A 133 -16.00 16.69 38.56
CA HIS A 133 -17.22 16.22 39.22
C HIS A 133 -16.88 15.24 40.34
N MET A 1 13.38 -23.02 -26.35
CA MET A 1 13.19 -21.55 -26.24
C MET A 1 12.04 -21.21 -25.30
N ASN A 2 11.22 -22.21 -25.00
CA ASN A 2 10.08 -22.03 -24.10
C ASN A 2 10.50 -22.18 -22.64
N CYS A 3 9.72 -21.58 -21.75
CA CYS A 3 10.01 -21.63 -20.32
C CYS A 3 9.08 -22.62 -19.61
N GLY A 4 9.32 -22.83 -18.33
CA GLY A 4 8.48 -23.71 -17.55
C GLY A 4 7.20 -23.01 -17.10
N PRO A 5 6.19 -23.77 -16.63
CA PRO A 5 4.92 -23.19 -16.19
C PRO A 5 5.12 -22.00 -15.23
N PRO A 6 4.48 -20.86 -15.52
CA PRO A 6 4.60 -19.66 -14.69
C PRO A 6 4.42 -19.92 -13.20
N PRO A 7 5.38 -19.45 -12.38
CA PRO A 7 5.34 -19.63 -10.92
C PRO A 7 4.26 -18.78 -10.27
N THR A 8 4.27 -18.85 -8.95
CA THR A 8 3.33 -18.10 -8.13
C THR A 8 3.97 -16.80 -7.68
N LEU A 9 3.27 -15.69 -7.85
CA LEU A 9 3.79 -14.40 -7.44
C LEU A 9 3.03 -13.87 -6.23
N SER A 10 3.71 -13.82 -5.09
CA SER A 10 3.07 -13.32 -3.88
C SER A 10 2.78 -11.83 -4.00
N PHE A 11 3.22 -11.24 -5.10
CA PHE A 11 3.00 -9.82 -5.35
C PHE A 11 2.01 -9.62 -6.50
N ALA A 12 1.58 -10.73 -7.09
CA ALA A 12 0.61 -10.68 -8.18
C ALA A 12 -0.17 -11.99 -8.29
N ALA A 13 -1.36 -11.89 -8.85
CA ALA A 13 -2.17 -13.08 -9.07
C ALA A 13 -2.64 -13.16 -10.52
N PRO A 14 -2.68 -14.37 -11.11
CA PRO A 14 -3.10 -14.56 -12.50
C PRO A 14 -4.36 -13.77 -12.83
N MET A 15 -4.45 -13.28 -14.07
CA MET A 15 -5.61 -12.51 -14.49
C MET A 15 -6.02 -12.81 -15.93
N ASP A 16 -5.15 -13.53 -16.63
CA ASP A 16 -5.41 -13.91 -18.01
C ASP A 16 -4.66 -15.19 -18.38
N ILE A 17 -3.54 -15.04 -19.08
CA ILE A 17 -2.71 -16.17 -19.50
C ILE A 17 -3.54 -17.38 -19.85
N THR A 18 -3.93 -17.47 -21.12
CA THR A 18 -4.71 -18.61 -21.58
C THR A 18 -4.04 -19.89 -21.13
N LEU A 19 -4.72 -20.64 -20.26
CA LEU A 19 -4.17 -21.86 -19.74
C LEU A 19 -4.29 -23.00 -20.75
N THR A 20 -4.12 -22.66 -22.02
CA THR A 20 -4.22 -23.64 -23.09
C THR A 20 -2.85 -24.24 -23.40
N GLU A 21 -1.81 -23.66 -22.82
CA GLU A 21 -0.44 -24.13 -23.02
C GLU A 21 0.35 -24.08 -21.72
N THR A 22 1.13 -25.12 -21.47
CA THR A 22 1.95 -25.19 -20.26
C THR A 22 3.29 -24.52 -20.48
N ARG A 23 3.55 -24.13 -21.73
CA ARG A 23 4.79 -23.48 -22.10
C ARG A 23 4.51 -22.12 -22.71
N PHE A 24 5.51 -21.24 -22.73
CA PHE A 24 5.37 -19.89 -23.28
C PHE A 24 6.72 -19.39 -23.78
N LYS A 25 6.83 -19.20 -25.10
CA LYS A 25 8.08 -18.77 -25.72
C LYS A 25 8.67 -17.53 -25.07
N THR A 26 9.94 -17.25 -25.39
CA THR A 26 10.64 -16.10 -24.83
C THR A 26 10.06 -14.78 -25.33
N GLY A 27 9.03 -14.86 -26.16
CA GLY A 27 8.42 -13.67 -26.68
C GLY A 27 7.08 -13.38 -26.03
N THR A 28 6.58 -14.38 -25.30
CA THR A 28 5.30 -14.28 -24.61
C THR A 28 5.34 -13.22 -23.51
N THR A 29 4.18 -12.97 -22.89
CA THR A 29 4.08 -11.99 -21.82
C THR A 29 2.75 -12.11 -21.06
N LEU A 30 2.83 -12.28 -19.74
CA LEU A 30 1.64 -12.46 -18.91
C LEU A 30 1.05 -11.12 -18.47
N LYS A 31 0.19 -11.17 -17.45
CA LYS A 31 -0.45 -9.98 -16.91
C LYS A 31 -0.34 -9.94 -15.39
N TYR A 32 -1.21 -10.69 -14.71
CA TYR A 32 -1.20 -10.75 -13.25
C TYR A 32 -1.61 -9.42 -12.61
N THR A 33 -2.37 -9.50 -11.52
CA THR A 33 -2.86 -8.33 -10.80
C THR A 33 -2.03 -8.08 -9.54
N CYS A 34 -2.60 -7.33 -8.59
CA CYS A 34 -1.90 -7.02 -7.35
C CYS A 34 -2.90 -6.78 -6.21
N LEU A 35 -2.84 -7.72 -5.24
CA LEU A 35 -3.72 -7.74 -4.07
C LEU A 35 -3.86 -6.37 -3.42
N PRO A 36 -4.79 -6.24 -2.45
CA PRO A 36 -5.02 -4.97 -1.74
C PRO A 36 -3.91 -4.64 -0.74
N GLY A 37 -3.07 -3.69 -1.12
CA GLY A 37 -1.98 -3.29 -0.23
C GLY A 37 -0.76 -2.76 -0.97
N TYR A 38 -0.74 -2.96 -2.28
CA TYR A 38 0.38 -2.49 -3.10
C TYR A 38 0.13 -1.05 -3.51
N VAL A 39 1.19 -0.27 -3.69
CA VAL A 39 1.12 1.10 -4.12
C VAL A 39 1.84 1.20 -5.45
N ARG A 40 2.36 2.37 -5.77
CA ARG A 40 3.06 2.54 -7.03
C ARG A 40 4.40 3.23 -6.89
N SER A 41 5.36 2.75 -7.69
CA SER A 41 6.71 3.28 -7.73
C SER A 41 7.35 2.95 -9.07
N HIS A 42 6.50 2.51 -10.00
CA HIS A 42 6.92 2.13 -11.35
C HIS A 42 7.91 0.97 -11.30
N SER A 43 7.44 -0.19 -11.72
CA SER A 43 8.26 -1.39 -11.74
C SER A 43 7.61 -2.45 -12.61
N THR A 44 6.45 -2.11 -13.14
CA THR A 44 5.69 -3.02 -14.00
C THR A 44 6.55 -3.51 -15.16
N GLN A 45 6.52 -4.82 -15.41
CA GLN A 45 7.31 -5.40 -16.50
C GLN A 45 6.72 -6.74 -16.96
N THR A 46 5.74 -7.26 -16.21
CA THR A 46 5.11 -8.53 -16.56
C THR A 46 6.13 -9.66 -16.57
N LEU A 47 5.65 -10.87 -16.83
CA LEU A 47 6.54 -12.03 -16.85
C LEU A 47 6.88 -12.42 -18.28
N THR A 48 8.17 -12.41 -18.59
CA THR A 48 8.64 -12.77 -19.92
C THR A 48 9.49 -14.04 -19.85
N CYS A 49 9.36 -14.92 -20.85
CA CYS A 49 10.14 -16.14 -20.82
C CYS A 49 11.61 -15.75 -21.02
N ASN A 50 12.38 -15.89 -19.96
CA ASN A 50 13.80 -15.53 -20.00
C ASN A 50 14.58 -16.50 -20.86
N SER A 51 15.89 -16.28 -20.88
CA SER A 51 16.80 -17.13 -21.61
C SER A 51 17.76 -17.78 -20.61
N ASP A 52 17.15 -18.13 -19.49
CA ASP A 52 17.83 -18.77 -18.36
C ASP A 52 17.16 -20.10 -18.07
N GLY A 53 15.85 -20.11 -18.28
CA GLY A 53 15.05 -21.31 -18.04
C GLY A 53 13.92 -20.98 -17.09
N GLU A 54 13.73 -19.69 -16.90
CA GLU A 54 12.70 -19.18 -16.00
C GLU A 54 12.02 -17.92 -16.52
N TRP A 55 11.19 -17.36 -15.64
CA TRP A 55 10.46 -16.12 -15.92
C TRP A 55 11.12 -14.96 -15.23
N VAL A 56 11.57 -13.99 -16.01
CA VAL A 56 12.20 -12.81 -15.47
C VAL A 56 11.24 -11.65 -15.43
N TYR A 57 11.59 -10.63 -14.65
CA TYR A 57 10.76 -9.43 -14.54
C TYR A 57 11.17 -8.55 -13.37
N ASN A 58 10.59 -7.35 -13.29
CA ASN A 58 10.89 -6.42 -12.21
C ASN A 58 10.02 -6.71 -11.00
N THR A 59 9.39 -5.67 -10.43
CA THR A 59 8.52 -5.85 -9.27
C THR A 59 7.30 -4.93 -9.36
N PHE A 60 6.40 -5.25 -10.28
CA PHE A 60 5.18 -4.46 -10.45
C PHE A 60 4.41 -4.37 -9.13
N CYS A 61 3.88 -3.19 -8.87
CA CYS A 61 3.11 -2.94 -7.64
C CYS A 61 4.01 -3.13 -6.42
N ILE A 62 4.53 -2.02 -5.91
CA ILE A 62 5.40 -2.07 -4.74
C ILE A 62 4.59 -2.08 -3.45
N TYR A 63 4.37 -3.28 -2.92
CA TYR A 63 3.61 -3.44 -1.68
C TYR A 63 4.35 -2.80 -0.51
N LYS A 64 3.80 -1.71 0.00
CA LYS A 64 4.39 -1.01 1.12
C LYS A 64 3.42 -0.03 1.76
N ARG A 65 2.70 -0.46 2.79
CA ARG A 65 1.75 0.40 3.48
C ARG A 65 2.47 1.13 4.62
N CYS A 66 1.76 1.42 5.70
CA CYS A 66 2.34 2.10 6.85
C CYS A 66 1.69 1.62 8.13
N ARG A 67 2.48 1.50 9.20
CA ARG A 67 1.93 1.03 10.46
C ARG A 67 0.86 1.99 10.97
N HIS A 68 -0.15 1.43 11.59
CA HIS A 68 -1.26 2.23 12.12
C HIS A 68 -0.77 3.16 13.24
N PRO A 69 -0.94 4.50 13.06
CA PRO A 69 -0.54 5.48 14.07
C PRO A 69 -1.13 5.15 15.43
N GLY A 70 -2.22 4.41 15.44
CA GLY A 70 -2.86 4.04 16.69
C GLY A 70 -4.18 4.77 16.93
N GLU A 71 -4.67 4.61 18.16
CA GLU A 71 -5.93 5.22 18.55
C GLU A 71 -5.75 6.71 18.85
N LEU A 72 -6.71 7.51 18.39
CA LEU A 72 -6.71 8.95 18.61
C LEU A 72 -7.59 9.27 19.82
N ARG A 73 -6.97 9.44 20.98
CA ARG A 73 -7.73 9.75 22.18
C ARG A 73 -8.38 11.11 22.01
N ASN A 74 -9.70 11.13 22.19
CA ASN A 74 -10.48 12.34 21.98
C ASN A 74 -10.29 12.73 20.53
N GLY A 75 -10.38 11.74 19.65
CA GLY A 75 -10.20 11.99 18.24
C GLY A 75 -10.60 10.81 17.38
N GLN A 76 -10.54 11.00 16.06
CA GLN A 76 -10.91 9.94 15.14
C GLN A 76 -9.87 9.78 14.03
N VAL A 77 -9.50 8.54 13.74
CA VAL A 77 -8.53 8.25 12.71
C VAL A 77 -9.21 7.67 11.47
N GLU A 78 -9.34 8.50 10.44
CA GLU A 78 -9.98 8.05 9.21
C GLU A 78 -9.11 7.05 8.46
N ILE A 79 -9.26 5.77 8.78
CA ILE A 79 -8.51 4.71 8.13
C ILE A 79 -9.42 3.88 7.25
N LYS A 80 -8.95 3.55 6.06
CA LYS A 80 -9.74 2.78 5.11
C LYS A 80 -8.86 2.08 4.09
N THR A 81 -7.86 2.80 3.60
CA THR A 81 -6.94 2.26 2.62
C THR A 81 -5.88 1.37 3.25
N ASP A 82 -6.14 0.91 4.47
CA ASP A 82 -5.19 0.04 5.17
C ASP A 82 -3.87 0.74 5.41
N LEU A 83 -3.85 2.02 5.12
CA LEU A 83 -2.65 2.83 5.28
C LEU A 83 -1.59 2.40 4.27
N SER A 84 -1.96 2.43 3.01
CA SER A 84 -1.03 2.09 1.94
C SER A 84 -0.30 3.35 1.47
N PHE A 85 1.03 3.25 1.36
CA PHE A 85 1.85 4.37 0.93
C PHE A 85 1.14 5.23 -0.11
N GLY A 86 1.32 6.54 -0.02
CA GLY A 86 0.71 7.45 -0.97
C GLY A 86 -0.76 7.70 -0.65
N SER A 87 -1.08 7.78 0.65
CA SER A 87 -2.46 8.03 1.06
C SER A 87 -2.54 9.04 2.18
N GLN A 88 -3.70 9.68 2.26
CA GLN A 88 -3.98 10.68 3.27
C GLN A 88 -5.02 10.16 4.26
N ILE A 89 -4.75 10.31 5.55
CA ILE A 89 -5.67 9.87 6.58
C ILE A 89 -5.92 10.99 7.58
N GLU A 90 -7.00 11.74 7.35
CA GLU A 90 -7.34 12.87 8.22
C GLU A 90 -7.64 12.40 9.64
N PHE A 91 -7.98 13.36 10.48
CA PHE A 91 -8.29 13.07 11.88
C PHE A 91 -9.53 13.86 12.30
N SER A 92 -9.96 13.66 13.54
CA SER A 92 -11.15 14.37 14.02
C SER A 92 -11.22 14.41 15.54
N CYS A 93 -11.04 15.61 16.10
CA CYS A 93 -11.10 15.77 17.54
C CYS A 93 -12.56 15.94 17.95
N SER A 94 -13.05 15.00 18.78
CA SER A 94 -14.44 15.00 19.23
C SER A 94 -14.92 16.38 19.68
N GLU A 95 -16.24 16.50 19.83
CA GLU A 95 -16.86 17.74 20.28
C GLU A 95 -16.07 18.37 21.43
N GLY A 96 -16.13 19.70 21.51
CA GLY A 96 -15.41 20.41 22.56
C GLY A 96 -13.91 20.43 22.32
N PHE A 97 -13.38 19.40 21.68
CA PHE A 97 -11.95 19.32 21.43
C PHE A 97 -11.67 19.55 19.94
N PHE A 98 -10.65 20.35 19.64
CA PHE A 98 -10.29 20.64 18.26
C PHE A 98 -8.98 19.97 17.88
N LEU A 99 -8.71 19.96 16.59
CA LEU A 99 -7.50 19.35 16.05
C LEU A 99 -6.34 20.32 16.02
N ILE A 100 -5.16 19.82 16.34
CA ILE A 100 -3.93 20.60 16.35
C ILE A 100 -2.74 19.68 16.17
N GLY A 101 -2.19 19.74 14.96
CA GLY A 101 -1.07 18.91 14.59
C GLY A 101 -0.91 18.86 13.09
N SER A 102 -1.96 18.38 12.43
CA SER A 102 -2.03 18.24 10.99
C SER A 102 -3.25 17.41 10.66
N THR A 103 -4.31 18.04 10.16
CA THR A 103 -5.53 17.33 9.85
C THR A 103 -5.32 16.29 8.77
N THR A 104 -4.12 16.29 8.20
CA THR A 104 -3.78 15.34 7.17
C THR A 104 -2.59 14.50 7.60
N SER A 105 -2.47 13.31 7.04
CA SER A 105 -1.35 12.44 7.33
C SER A 105 -1.00 11.66 6.07
N ARG A 106 0.19 11.91 5.54
CA ARG A 106 0.64 11.26 4.31
C ARG A 106 1.68 10.17 4.60
N CYS A 107 1.72 9.18 3.70
CA CYS A 107 2.64 8.07 3.84
C CYS A 107 3.76 8.16 2.82
N GLU A 108 4.98 8.22 3.31
CA GLU A 108 6.15 8.32 2.46
C GLU A 108 7.06 7.11 2.63
N VAL A 109 8.20 7.11 1.97
CA VAL A 109 9.12 5.99 2.08
C VAL A 109 10.58 6.40 2.29
N GLN A 110 11.18 5.78 3.30
CA GLN A 110 12.57 6.01 3.64
C GLN A 110 13.31 4.68 3.73
N ASP A 111 14.53 4.66 3.21
CA ASP A 111 15.34 3.44 3.21
C ASP A 111 14.70 2.36 2.34
N ARG A 112 13.77 1.62 2.92
CA ARG A 112 13.09 0.56 2.19
C ARG A 112 11.93 -0.01 3.01
N GLY A 113 11.53 0.71 4.05
CA GLY A 113 10.44 0.26 4.89
C GLY A 113 9.37 1.31 5.06
N VAL A 114 9.31 2.21 4.09
CA VAL A 114 8.34 3.32 4.08
C VAL A 114 8.32 4.09 5.40
N GLY A 115 8.18 5.39 5.26
CA GLY A 115 8.17 6.22 6.45
C GLY A 115 6.85 6.95 6.67
N TRP A 116 6.48 7.17 7.92
CA TRP A 116 5.25 7.88 8.24
C TRP A 116 5.55 9.37 8.41
N SER A 117 4.77 10.21 7.74
CA SER A 117 4.96 11.65 7.83
C SER A 117 4.72 12.15 9.25
N HIS A 118 3.63 11.69 9.86
CA HIS A 118 3.27 12.10 11.23
C HIS A 118 2.07 11.31 11.73
N PRO A 119 2.09 10.87 13.01
CA PRO A 119 1.00 10.12 13.60
C PRO A 119 -0.11 11.03 14.11
N LEU A 120 -0.81 10.57 15.15
CA LEU A 120 -1.91 11.32 15.74
C LEU A 120 -1.48 12.75 16.08
N PRO A 121 -2.42 13.71 16.00
CA PRO A 121 -2.16 15.10 16.33
C PRO A 121 -2.36 15.40 17.80
N GLN A 122 -3.01 16.52 18.10
CA GLN A 122 -3.28 16.92 19.48
C GLN A 122 -4.73 17.37 19.64
N CYS A 123 -5.50 16.63 20.43
CA CYS A 123 -6.90 16.99 20.66
C CYS A 123 -7.06 17.65 22.02
N GLU A 124 -7.32 18.96 21.99
CA GLU A 124 -7.49 19.73 23.21
C GLU A 124 -8.84 20.42 23.20
N ILE A 125 -9.47 20.49 24.37
CA ILE A 125 -10.77 21.11 24.50
C ILE A 125 -10.69 22.63 24.34
N LEU A 126 -11.80 23.24 23.94
CA LEU A 126 -11.86 24.67 23.73
C LEU A 126 -12.11 25.41 25.05
N GLU A 127 -12.38 24.65 26.10
CA GLU A 127 -12.63 25.22 27.42
C GLU A 127 -11.83 24.48 28.49
N HIS A 128 -12.45 24.25 29.65
CA HIS A 128 -11.78 23.56 30.75
C HIS A 128 -12.71 22.54 31.41
N HIS A 129 -12.14 21.67 32.22
CA HIS A 129 -12.92 20.65 32.91
C HIS A 129 -12.91 20.89 34.42
N HIS A 130 -12.43 22.05 34.84
CA HIS A 130 -12.38 22.40 36.25
C HIS A 130 -13.78 22.61 36.80
N HIS A 131 -14.33 21.55 37.37
CA HIS A 131 -15.68 21.60 37.94
C HIS A 131 -15.92 20.42 38.89
N HIS A 132 -16.60 20.69 39.99
CA HIS A 132 -16.90 19.65 40.98
C HIS A 132 -18.26 19.90 41.63
N HIS A 133 -18.58 21.16 41.85
CA HIS A 133 -19.86 21.54 42.46
C HIS A 133 -20.18 23.00 42.18
N MET A 1 12.41 -20.02 -26.59
CA MET A 1 12.60 -20.76 -25.31
C MET A 1 11.40 -20.56 -24.38
N ASN A 2 10.83 -21.66 -23.90
CA ASN A 2 9.69 -21.61 -23.00
C ASN A 2 10.15 -21.62 -21.54
N CYS A 3 9.42 -20.90 -20.69
CA CYS A 3 9.75 -20.84 -19.26
C CYS A 3 8.90 -21.81 -18.45
N GLY A 4 9.13 -21.83 -17.15
CA GLY A 4 8.34 -22.68 -16.28
C GLY A 4 7.00 -22.07 -15.95
N PRO A 5 6.02 -22.88 -15.48
CA PRO A 5 4.68 -22.39 -15.13
C PRO A 5 4.73 -21.05 -14.39
N PRO A 6 3.78 -20.15 -14.68
CA PRO A 6 3.71 -18.83 -14.06
C PRO A 6 3.47 -18.90 -12.55
N PRO A 7 4.50 -18.54 -11.76
CA PRO A 7 4.40 -18.55 -10.29
C PRO A 7 3.27 -17.67 -9.80
N THR A 8 3.24 -17.57 -8.47
CA THR A 8 2.25 -16.78 -7.75
C THR A 8 2.85 -15.45 -7.34
N LEU A 9 3.28 -14.64 -8.31
CA LEU A 9 3.91 -13.37 -7.98
C LEU A 9 3.11 -12.65 -6.90
N SER A 10 3.75 -12.37 -5.77
CA SER A 10 3.06 -11.71 -4.68
C SER A 10 2.49 -10.36 -5.10
N PHE A 11 3.29 -9.57 -5.81
CA PHE A 11 2.87 -8.24 -6.25
C PHE A 11 1.74 -8.29 -7.28
N ALA A 12 1.32 -9.49 -7.68
CA ALA A 12 0.27 -9.63 -8.67
C ALA A 12 -0.49 -10.95 -8.57
N ALA A 13 -1.64 -10.95 -9.21
CA ALA A 13 -2.47 -12.14 -9.30
C ALA A 13 -2.91 -12.34 -10.75
N PRO A 14 -3.47 -13.51 -11.10
CA PRO A 14 -3.92 -13.77 -12.46
C PRO A 14 -5.11 -12.89 -12.86
N MET A 15 -5.18 -12.55 -14.14
CA MET A 15 -6.26 -11.70 -14.63
C MET A 15 -6.92 -12.28 -15.87
N ASP A 16 -6.11 -12.71 -16.82
CA ASP A 16 -6.63 -13.27 -18.07
C ASP A 16 -5.55 -14.03 -18.84
N ILE A 17 -4.56 -14.56 -18.13
CA ILE A 17 -3.49 -15.29 -18.76
C ILE A 17 -3.94 -16.69 -19.16
N THR A 18 -5.24 -16.92 -19.01
CA THR A 18 -5.84 -18.21 -19.32
C THR A 18 -4.93 -19.37 -18.95
N LEU A 19 -4.92 -19.69 -17.67
CA LEU A 19 -4.11 -20.78 -17.18
C LEU A 19 -4.67 -22.11 -17.67
N THR A 20 -4.29 -22.46 -18.89
CA THR A 20 -4.76 -23.70 -19.51
C THR A 20 -3.59 -24.46 -20.12
N GLU A 21 -2.45 -23.79 -20.18
CA GLU A 21 -1.23 -24.39 -20.73
C GLU A 21 -0.24 -24.70 -19.62
N THR A 22 1.01 -24.97 -20.00
CA THR A 22 2.04 -25.30 -19.02
C THR A 22 3.31 -24.49 -19.24
N ARG A 23 3.63 -24.21 -20.50
CA ARG A 23 4.83 -23.45 -20.84
C ARG A 23 4.46 -22.18 -21.59
N PHE A 24 5.41 -21.25 -21.67
CA PHE A 24 5.20 -19.96 -22.34
C PHE A 24 6.53 -19.50 -22.95
N LYS A 25 6.58 -19.40 -24.27
CA LYS A 25 7.80 -19.00 -24.98
C LYS A 25 8.33 -17.65 -24.50
N THR A 26 9.54 -17.31 -24.92
CA THR A 26 10.17 -16.06 -24.54
C THR A 26 9.52 -14.86 -25.23
N GLY A 27 8.53 -15.14 -26.06
CA GLY A 27 7.84 -14.08 -26.77
C GLY A 27 6.49 -13.80 -26.16
N THR A 28 6.06 -14.71 -25.28
CA THR A 28 4.78 -14.60 -24.60
C THR A 28 4.76 -13.43 -23.63
N THR A 29 3.59 -13.17 -23.05
CA THR A 29 3.45 -12.08 -22.08
C THR A 29 2.14 -12.22 -21.29
N LEU A 30 2.25 -12.18 -19.96
CA LEU A 30 1.09 -12.32 -19.09
C LEU A 30 0.39 -10.98 -18.87
N LYS A 31 -0.46 -10.93 -17.86
CA LYS A 31 -1.20 -9.71 -17.52
C LYS A 31 -0.97 -9.36 -16.06
N TYR A 32 -1.66 -10.08 -15.17
CA TYR A 32 -1.53 -9.87 -13.74
C TYR A 32 -2.01 -8.48 -13.32
N THR A 33 -2.72 -8.44 -12.19
CA THR A 33 -3.23 -7.18 -11.65
C THR A 33 -2.60 -6.87 -10.30
N CYS A 34 -2.51 -5.60 -9.95
CA CYS A 34 -1.90 -5.19 -8.69
C CYS A 34 -2.93 -4.81 -7.63
N LEU A 35 -2.86 -5.57 -6.53
CA LEU A 35 -3.76 -5.39 -5.40
C LEU A 35 -3.85 -3.91 -5.01
N PRO A 36 -4.99 -3.53 -4.39
CA PRO A 36 -5.29 -2.15 -3.98
C PRO A 36 -4.09 -1.27 -3.66
N GLY A 37 -3.58 -1.39 -2.44
CA GLY A 37 -2.49 -0.53 -1.99
C GLY A 37 -1.10 -0.99 -2.39
N TYR A 38 -0.96 -2.22 -2.85
CA TYR A 38 0.33 -2.77 -3.25
C TYR A 38 1.33 -1.71 -3.65
N VAL A 39 2.16 -1.36 -2.67
CA VAL A 39 3.23 -0.40 -2.89
C VAL A 39 3.97 -0.72 -4.19
N ARG A 40 4.73 0.23 -4.71
CA ARG A 40 5.46 -0.03 -5.95
C ARG A 40 6.77 0.72 -6.05
N SER A 41 7.69 0.16 -6.83
CA SER A 41 9.00 0.75 -7.06
C SER A 41 9.13 1.13 -8.53
N HIS A 42 8.29 0.55 -9.36
CA HIS A 42 8.28 0.81 -10.79
C HIS A 42 6.87 1.16 -11.28
N SER A 43 6.21 0.22 -11.97
CA SER A 43 4.86 0.44 -12.47
C SER A 43 4.38 -0.72 -13.34
N THR A 44 4.85 -0.74 -14.59
CA THR A 44 4.48 -1.78 -15.55
C THR A 44 4.29 -3.13 -14.88
N GLN A 45 3.27 -3.86 -15.32
CA GLN A 45 2.98 -5.17 -14.76
C GLN A 45 2.76 -6.21 -15.87
N THR A 46 3.85 -6.83 -16.31
CA THR A 46 3.80 -7.84 -17.37
C THR A 46 4.93 -8.86 -17.24
N LEU A 47 4.59 -10.13 -17.41
CA LEU A 47 5.58 -11.21 -17.32
C LEU A 47 5.94 -11.73 -18.70
N THR A 48 7.24 -11.83 -18.97
CA THR A 48 7.72 -12.33 -20.25
C THR A 48 8.81 -13.36 -20.02
N CYS A 49 8.79 -14.45 -20.78
CA CYS A 49 9.80 -15.48 -20.59
C CYS A 49 11.16 -14.90 -20.93
N ASN A 50 12.00 -14.76 -19.91
CA ASN A 50 13.33 -14.21 -20.10
C ASN A 50 14.31 -15.31 -20.47
N SER A 51 15.46 -14.90 -21.00
CA SER A 51 16.51 -15.84 -21.37
C SER A 51 17.41 -16.08 -20.16
N ASP A 52 16.77 -16.37 -19.03
CA ASP A 52 17.45 -16.63 -17.75
C ASP A 52 17.01 -17.98 -17.19
N GLY A 53 15.71 -18.27 -17.35
CA GLY A 53 15.18 -19.53 -16.85
C GLY A 53 13.83 -19.32 -16.18
N GLU A 54 13.39 -18.07 -16.19
CA GLU A 54 12.11 -17.71 -15.57
C GLU A 54 11.51 -16.45 -16.17
N TRP A 55 10.74 -15.75 -15.33
CA TRP A 55 10.06 -14.53 -15.73
C TRP A 55 10.75 -13.28 -15.20
N VAL A 56 11.18 -12.44 -16.13
CA VAL A 56 11.85 -11.18 -15.82
C VAL A 56 10.84 -10.06 -15.95
N TYR A 57 11.05 -8.95 -15.23
CA TYR A 57 10.13 -7.82 -15.31
C TYR A 57 10.44 -6.75 -14.28
N ASN A 58 9.76 -5.61 -14.37
CA ASN A 58 9.98 -4.52 -13.43
C ASN A 58 9.18 -4.76 -12.16
N THR A 59 9.41 -3.92 -11.16
CA THR A 59 8.70 -4.04 -9.89
C THR A 59 7.38 -3.27 -9.93
N PHE A 60 6.35 -3.92 -10.47
CA PHE A 60 5.03 -3.28 -10.58
C PHE A 60 4.48 -2.96 -9.19
N CYS A 61 4.77 -3.82 -8.21
CA CYS A 61 4.29 -3.60 -6.84
C CYS A 61 5.23 -4.25 -5.81
N ILE A 62 4.93 -4.05 -4.52
CA ILE A 62 5.76 -4.59 -3.43
C ILE A 62 5.00 -4.67 -2.11
N TYR A 63 4.21 -3.65 -1.81
CA TYR A 63 3.43 -3.61 -0.56
C TYR A 63 4.34 -3.41 0.66
N LYS A 64 4.13 -2.27 1.31
CA LYS A 64 4.89 -1.89 2.50
C LYS A 64 4.15 -0.76 3.21
N ARG A 65 3.57 -1.06 4.36
CA ARG A 65 2.81 -0.07 5.11
C ARG A 65 3.63 0.55 6.22
N CYS A 66 2.97 1.34 7.06
CA CYS A 66 3.62 2.01 8.16
C CYS A 66 3.02 1.55 9.48
N ARG A 67 3.74 1.72 10.57
CA ARG A 67 3.23 1.31 11.86
C ARG A 67 1.99 2.13 12.18
N HIS A 68 1.00 1.49 12.76
CA HIS A 68 -0.23 2.18 13.12
C HIS A 68 0.06 3.23 14.18
N PRO A 69 -0.13 4.54 13.85
CA PRO A 69 0.14 5.62 14.79
C PRO A 69 -0.53 5.38 16.14
N GLY A 70 -1.56 4.55 16.14
CA GLY A 70 -2.29 4.29 17.36
C GLY A 70 -3.52 5.14 17.50
N GLU A 71 -4.51 4.61 18.20
CA GLU A 71 -5.77 5.28 18.44
C GLU A 71 -5.63 6.80 18.57
N LEU A 72 -6.60 7.51 18.03
CA LEU A 72 -6.66 8.96 18.10
C LEU A 72 -7.60 9.34 19.24
N ARG A 73 -7.03 9.71 20.39
CA ARG A 73 -7.85 10.09 21.53
C ARG A 73 -8.65 11.34 21.16
N ASN A 74 -9.97 11.21 21.29
CA ASN A 74 -10.88 12.28 20.89
C ASN A 74 -10.67 12.50 19.41
N GLY A 75 -10.59 11.39 18.68
CA GLY A 75 -10.35 11.46 17.26
C GLY A 75 -10.54 10.13 16.57
N GLN A 76 -10.43 10.14 15.26
CA GLN A 76 -10.59 8.92 14.47
C GLN A 76 -9.48 8.79 13.43
N VAL A 77 -8.93 7.59 13.32
CA VAL A 77 -7.86 7.33 12.37
C VAL A 77 -8.42 6.59 11.16
N GLU A 78 -8.51 7.28 10.03
CA GLU A 78 -9.05 6.69 8.81
C GLU A 78 -8.13 5.57 8.29
N ILE A 79 -8.29 4.38 8.86
CA ILE A 79 -7.51 3.24 8.45
C ILE A 79 -8.37 2.31 7.59
N LYS A 80 -7.87 1.97 6.41
CA LYS A 80 -8.61 1.10 5.50
C LYS A 80 -7.69 0.44 4.50
N THR A 81 -6.81 1.24 3.89
CA THR A 81 -5.87 0.72 2.91
C THR A 81 -4.66 0.10 3.59
N ASP A 82 -4.79 -0.14 4.89
CA ASP A 82 -3.72 -0.74 5.67
C ASP A 82 -2.50 0.16 5.74
N LEU A 83 -2.66 1.38 5.24
CA LEU A 83 -1.58 2.35 5.23
C LEU A 83 -0.48 1.91 4.28
N SER A 84 -0.85 1.72 3.02
CA SER A 84 0.11 1.31 2.00
C SER A 84 0.88 2.52 1.48
N PHE A 85 2.20 2.41 1.47
CA PHE A 85 3.07 3.49 0.99
C PHE A 85 2.49 4.15 -0.26
N GLY A 86 2.58 5.48 -0.32
CA GLY A 86 2.07 6.21 -1.46
C GLY A 86 0.62 6.59 -1.29
N SER A 87 0.29 7.18 -0.14
CA SER A 87 -1.09 7.59 0.13
C SER A 87 -1.17 8.38 1.44
N GLN A 88 -2.13 8.01 2.27
CA GLN A 88 -2.33 8.69 3.55
C GLN A 88 -3.58 8.19 4.28
N ILE A 89 -3.60 8.42 5.59
CA ILE A 89 -4.73 8.03 6.42
C ILE A 89 -5.21 9.23 7.23
N GLU A 90 -6.13 9.99 6.66
CA GLU A 90 -6.68 11.18 7.30
C GLU A 90 -7.15 10.89 8.73
N PHE A 91 -7.47 11.95 9.47
CA PHE A 91 -7.93 11.81 10.84
C PHE A 91 -9.29 12.47 11.04
N SER A 92 -9.82 12.38 12.25
CA SER A 92 -11.12 12.97 12.55
C SER A 92 -11.32 13.23 14.03
N CYS A 93 -11.33 14.50 14.41
CA CYS A 93 -11.52 14.85 15.81
C CYS A 93 -13.00 14.84 16.14
N SER A 94 -13.39 13.99 17.09
CA SER A 94 -14.80 13.85 17.48
C SER A 94 -15.46 15.19 17.77
N GLU A 95 -16.78 15.15 17.92
CA GLU A 95 -17.57 16.33 18.22
C GLU A 95 -16.91 17.16 19.32
N GLY A 96 -17.12 18.46 19.27
CA GLY A 96 -16.55 19.36 20.26
C GLY A 96 -15.07 19.62 20.04
N PHE A 97 -14.36 18.62 19.57
CA PHE A 97 -12.91 18.76 19.36
C PHE A 97 -12.61 18.78 17.86
N PHE A 98 -11.75 19.70 17.43
CA PHE A 98 -11.40 19.81 16.02
C PHE A 98 -9.97 19.33 15.78
N LEU A 99 -9.64 19.22 14.50
CA LEU A 99 -8.34 18.75 14.07
C LEU A 99 -7.32 19.89 14.04
N ILE A 100 -6.12 19.62 14.54
CA ILE A 100 -5.03 20.58 14.57
C ILE A 100 -3.70 19.85 14.63
N GLY A 101 -3.01 19.87 13.49
CA GLY A 101 -1.74 19.20 13.36
C GLY A 101 -1.45 18.84 11.93
N SER A 102 -2.39 18.11 11.34
CA SER A 102 -2.32 17.66 9.96
C SER A 102 -3.43 16.65 9.73
N THR A 103 -4.53 17.09 9.14
CA THR A 103 -5.67 16.21 8.91
C THR A 103 -5.28 15.04 8.03
N THR A 104 -4.09 15.12 7.45
CA THR A 104 -3.59 14.05 6.60
C THR A 104 -2.30 13.47 7.18
N SER A 105 -1.95 12.27 6.74
CA SER A 105 -0.72 11.62 7.18
C SER A 105 -0.19 10.75 6.04
N ARG A 106 0.97 11.09 5.49
CA ARG A 106 1.54 10.36 4.36
C ARG A 106 2.50 9.27 4.79
N CYS A 107 2.45 8.14 4.08
CA CYS A 107 3.32 7.02 4.38
C CYS A 107 4.51 7.02 3.44
N GLU A 108 5.70 7.20 3.98
CA GLU A 108 6.91 7.26 3.18
C GLU A 108 7.88 6.15 3.56
N VAL A 109 9.04 6.14 2.92
CA VAL A 109 10.07 5.14 3.21
C VAL A 109 11.46 5.76 3.26
N GLN A 110 12.19 5.45 4.32
CA GLN A 110 13.54 5.98 4.49
C GLN A 110 14.60 4.89 4.47
N ASP A 111 14.29 3.81 3.76
CA ASP A 111 15.21 2.67 3.63
C ASP A 111 14.51 1.47 3.02
N ARG A 112 14.03 0.58 3.87
CA ARG A 112 13.33 -0.61 3.43
C ARG A 112 12.26 -0.97 4.46
N GLY A 113 12.23 -0.22 5.55
CA GLY A 113 11.27 -0.48 6.60
C GLY A 113 10.21 0.59 6.67
N VAL A 114 10.13 1.39 5.60
CA VAL A 114 9.16 2.49 5.49
C VAL A 114 9.14 3.40 6.72
N GLY A 115 8.99 4.68 6.43
CA GLY A 115 8.98 5.65 7.51
C GLY A 115 7.67 6.42 7.61
N TRP A 116 7.32 6.86 8.81
CA TRP A 116 6.10 7.63 9.04
C TRP A 116 6.43 9.12 9.09
N SER A 117 5.61 9.92 8.42
CA SER A 117 5.81 11.37 8.41
C SER A 117 5.35 11.98 9.72
N HIS A 118 4.07 11.81 10.04
CA HIS A 118 3.50 12.35 11.26
C HIS A 118 2.40 11.43 11.81
N PRO A 119 2.37 11.21 13.14
CA PRO A 119 1.38 10.35 13.77
C PRO A 119 0.07 11.09 14.04
N LEU A 120 -0.61 10.72 15.11
CA LEU A 120 -1.88 11.33 15.49
C LEU A 120 -1.72 12.83 15.71
N PRO A 121 -2.73 13.62 15.30
CA PRO A 121 -2.74 15.07 15.45
C PRO A 121 -3.20 15.49 16.84
N GLN A 122 -3.63 16.74 16.99
CA GLN A 122 -4.09 17.25 18.26
C GLN A 122 -5.59 17.58 18.23
N CYS A 123 -6.37 16.83 19.01
CA CYS A 123 -7.80 17.08 19.07
C CYS A 123 -8.13 17.89 20.33
N GLU A 124 -8.48 19.16 20.14
CA GLU A 124 -8.79 20.05 21.26
C GLU A 124 -10.19 20.62 21.13
N ILE A 125 -10.82 20.82 22.28
CA ILE A 125 -12.17 21.36 22.35
C ILE A 125 -12.23 22.76 21.74
N LEU A 126 -13.36 23.06 21.09
CA LEU A 126 -13.55 24.36 20.47
C LEU A 126 -13.68 25.46 21.53
N GLU A 127 -14.46 25.17 22.56
CA GLU A 127 -14.68 26.13 23.65
C GLU A 127 -13.86 25.74 24.88
N HIS A 128 -13.38 26.76 25.60
CA HIS A 128 -12.59 26.53 26.80
C HIS A 128 -13.49 26.21 27.99
N HIS A 129 -12.98 25.40 28.91
CA HIS A 129 -13.74 25.01 30.09
C HIS A 129 -12.85 24.94 31.33
N HIS A 130 -13.42 24.53 32.45
CA HIS A 130 -12.68 24.41 33.70
C HIS A 130 -12.99 23.09 34.40
N HIS A 131 -14.14 22.50 34.05
CA HIS A 131 -14.57 21.24 34.64
C HIS A 131 -14.87 20.21 33.55
N HIS A 132 -14.32 19.01 33.72
CA HIS A 132 -14.53 17.94 32.75
C HIS A 132 -14.58 16.58 33.44
N HIS A 133 -15.24 15.61 32.81
CA HIS A 133 -15.35 14.27 33.35
C HIS A 133 -13.98 13.62 33.49
N MET A 1 11.27 -26.55 -24.41
CA MET A 1 11.83 -26.20 -23.08
C MET A 1 10.99 -25.14 -22.38
N ASN A 2 10.81 -24.00 -23.05
CA ASN A 2 10.02 -22.90 -22.50
C ASN A 2 10.61 -22.43 -21.17
N CYS A 3 9.94 -21.48 -20.53
CA CYS A 3 10.41 -20.95 -19.26
C CYS A 3 9.83 -21.73 -18.09
N GLY A 4 8.92 -22.65 -18.38
CA GLY A 4 8.29 -23.44 -17.33
C GLY A 4 6.98 -22.81 -16.90
N PRO A 5 5.94 -23.62 -16.60
CA PRO A 5 4.64 -23.11 -16.19
C PRO A 5 4.75 -21.94 -15.21
N PRO A 6 4.07 -20.82 -15.50
CA PRO A 6 4.10 -19.62 -14.67
C PRO A 6 3.95 -19.93 -13.17
N PRO A 7 4.73 -19.23 -12.33
CA PRO A 7 4.69 -19.41 -10.88
C PRO A 7 3.55 -18.60 -10.25
N THR A 8 3.58 -18.61 -8.92
CA THR A 8 2.62 -17.90 -8.09
C THR A 8 3.26 -16.64 -7.52
N LEU A 9 3.76 -15.75 -8.38
CA LEU A 9 4.42 -14.55 -7.90
C LEU A 9 3.65 -13.95 -6.73
N SER A 10 4.30 -13.80 -5.59
CA SER A 10 3.64 -13.25 -4.42
C SER A 10 3.26 -11.79 -4.62
N PHE A 11 3.97 -11.10 -5.51
CA PHE A 11 3.68 -9.69 -5.79
C PHE A 11 2.53 -9.54 -6.77
N ALA A 12 2.04 -10.65 -7.30
CA ALA A 12 0.95 -10.60 -8.27
C ALA A 12 0.08 -11.85 -8.23
N ALA A 13 -1.12 -11.68 -8.77
CA ALA A 13 -2.05 -12.78 -8.89
C ALA A 13 -2.54 -12.90 -10.33
N PRO A 14 -2.68 -14.14 -10.84
CA PRO A 14 -3.14 -14.38 -12.22
C PRO A 14 -4.37 -13.55 -12.56
N MET A 15 -4.44 -13.13 -13.82
CA MET A 15 -5.56 -12.33 -14.30
C MET A 15 -5.97 -12.72 -15.72
N ASP A 16 -5.14 -13.53 -16.37
CA ASP A 16 -5.41 -13.98 -17.73
C ASP A 16 -4.84 -15.38 -17.94
N ILE A 17 -3.66 -15.44 -18.58
CA ILE A 17 -2.99 -16.70 -18.86
C ILE A 17 -3.96 -17.81 -19.18
N THR A 18 -4.32 -17.92 -20.45
CA THR A 18 -5.22 -18.98 -20.87
C THR A 18 -4.64 -20.31 -20.43
N LEU A 19 -5.34 -20.99 -19.54
CA LEU A 19 -4.87 -22.26 -19.01
C LEU A 19 -5.06 -23.39 -20.01
N THR A 20 -4.80 -23.09 -21.28
CA THR A 20 -4.94 -24.09 -22.34
C THR A 20 -3.58 -24.67 -22.70
N GLU A 21 -2.53 -23.92 -22.35
CA GLU A 21 -1.15 -24.34 -22.62
C GLU A 21 -0.33 -24.31 -21.33
N THR A 22 0.36 -25.41 -21.04
CA THR A 22 1.18 -25.50 -19.84
C THR A 22 2.51 -24.77 -20.04
N ARG A 23 2.80 -24.43 -21.29
CA ARG A 23 4.03 -23.72 -21.62
C ARG A 23 3.72 -22.39 -22.30
N PHE A 24 4.72 -21.51 -22.38
CA PHE A 24 4.55 -20.19 -22.99
C PHE A 24 5.87 -19.74 -23.60
N LYS A 25 5.94 -19.74 -24.93
CA LYS A 25 7.16 -19.37 -25.66
C LYS A 25 7.81 -18.10 -25.13
N THR A 26 9.03 -17.84 -25.61
CA THR A 26 9.79 -16.67 -25.20
C THR A 26 9.17 -15.38 -25.71
N GLY A 27 8.09 -15.51 -26.46
CA GLY A 27 7.43 -14.35 -27.00
C GLY A 27 6.15 -14.05 -26.25
N THR A 28 5.77 -14.97 -25.38
CA THR A 28 4.56 -14.85 -24.59
C THR A 28 4.66 -13.71 -23.58
N THR A 29 3.53 -13.39 -22.95
CA THR A 29 3.48 -12.34 -21.94
C THR A 29 2.18 -12.42 -21.15
N LEU A 30 2.31 -12.47 -19.82
CA LEU A 30 1.14 -12.58 -18.95
C LEU A 30 0.69 -11.20 -18.47
N LYS A 31 -0.36 -11.20 -17.64
CA LYS A 31 -0.90 -9.96 -17.10
C LYS A 31 -0.57 -9.82 -15.61
N TYR A 32 -1.36 -10.49 -14.78
CA TYR A 32 -1.16 -10.47 -13.32
C TYR A 32 -1.34 -9.07 -12.73
N THR A 33 -1.88 -9.03 -11.52
CA THR A 33 -2.13 -7.77 -10.81
C THR A 33 -1.53 -7.83 -9.40
N CYS A 34 -1.17 -6.66 -8.86
CA CYS A 34 -0.57 -6.60 -7.53
C CYS A 34 -1.60 -6.28 -6.44
N LEU A 35 -1.59 -7.15 -5.43
CA LEU A 35 -2.50 -7.08 -4.28
C LEU A 35 -2.69 -5.63 -3.81
N PRO A 36 -3.82 -5.37 -3.11
CA PRO A 36 -4.16 -4.03 -2.61
C PRO A 36 -3.08 -3.40 -1.74
N GLY A 37 -2.44 -2.36 -2.27
CA GLY A 37 -1.40 -1.66 -1.53
C GLY A 37 -0.04 -1.81 -2.17
N TYR A 38 0.17 -2.97 -2.80
CA TYR A 38 1.42 -3.27 -3.47
C TYR A 38 1.91 -2.08 -4.30
N VAL A 39 2.73 -1.20 -3.73
CA VAL A 39 3.27 -0.08 -4.46
C VAL A 39 4.27 -0.59 -5.49
N ARG A 40 5.03 0.30 -6.12
CA ARG A 40 5.98 -0.15 -7.11
C ARG A 40 7.01 0.92 -7.48
N SER A 41 8.02 0.49 -8.23
CA SER A 41 9.09 1.36 -8.69
C SER A 41 9.33 1.17 -10.19
N HIS A 42 8.96 -0.01 -10.69
CA HIS A 42 9.12 -0.33 -12.11
C HIS A 42 7.76 -0.41 -12.79
N SER A 43 6.76 -0.86 -12.04
CA SER A 43 5.39 -0.98 -12.55
C SER A 43 5.25 -2.06 -13.61
N THR A 44 6.38 -2.61 -14.05
CA THR A 44 6.38 -3.66 -15.06
C THR A 44 5.63 -4.89 -14.57
N GLN A 45 4.34 -4.99 -14.91
CA GLN A 45 3.52 -6.11 -14.49
C GLN A 45 3.21 -7.04 -15.65
N THR A 46 4.24 -7.69 -16.17
CA THR A 46 4.09 -8.62 -17.28
C THR A 46 5.13 -9.72 -17.22
N LEU A 47 4.70 -10.96 -17.44
CA LEU A 47 5.62 -12.10 -17.39
C LEU A 47 6.02 -12.53 -18.80
N THR A 48 7.28 -12.31 -19.14
CA THR A 48 7.77 -12.69 -20.45
C THR A 48 8.80 -13.81 -20.34
N CYS A 49 8.85 -14.68 -21.34
CA CYS A 49 9.81 -15.76 -21.32
C CYS A 49 11.08 -15.26 -21.98
N ASN A 50 12.15 -15.17 -21.19
CA ASN A 50 13.44 -14.76 -21.72
C ASN A 50 14.30 -15.99 -21.96
N SER A 51 15.40 -15.82 -22.67
CA SER A 51 16.30 -16.94 -22.94
C SER A 51 17.14 -17.21 -21.69
N ASP A 52 16.45 -17.62 -20.64
CA ASP A 52 17.07 -17.92 -19.35
C ASP A 52 16.26 -18.99 -18.63
N GLY A 53 15.17 -19.41 -19.26
CA GLY A 53 14.29 -20.40 -18.68
C GLY A 53 13.61 -19.91 -17.41
N GLU A 54 13.62 -18.60 -17.25
CA GLU A 54 12.98 -17.96 -16.10
C GLU A 54 12.07 -16.83 -16.54
N TRP A 55 11.08 -16.50 -15.70
CA TRP A 55 10.16 -15.43 -16.01
C TRP A 55 10.71 -14.11 -15.53
N VAL A 56 11.01 -13.23 -16.48
CA VAL A 56 11.55 -11.92 -16.16
C VAL A 56 10.43 -10.91 -16.14
N TYR A 57 10.63 -9.85 -15.37
CA TYR A 57 9.62 -8.79 -15.31
C TYR A 57 10.01 -7.67 -14.34
N ASN A 58 11.23 -7.78 -13.80
CA ASN A 58 11.75 -6.79 -12.85
C ASN A 58 10.94 -6.80 -11.57
N THR A 59 11.29 -5.92 -10.63
CA THR A 59 10.58 -5.83 -9.36
C THR A 59 9.50 -4.76 -9.44
N PHE A 60 8.44 -5.06 -10.18
CA PHE A 60 7.32 -4.14 -10.33
C PHE A 60 6.82 -3.65 -8.96
N CYS A 61 5.76 -4.28 -8.45
CA CYS A 61 5.22 -3.91 -7.15
C CYS A 61 6.15 -4.39 -6.04
N ILE A 62 6.33 -3.54 -5.02
CA ILE A 62 7.23 -3.88 -3.92
C ILE A 62 6.50 -3.92 -2.57
N TYR A 63 5.35 -3.24 -2.48
CA TYR A 63 4.57 -3.24 -1.24
C TYR A 63 5.32 -2.57 -0.08
N LYS A 64 4.71 -1.51 0.43
CA LYS A 64 5.24 -0.77 1.56
C LYS A 64 4.11 0.04 2.19
N ARG A 65 3.94 -0.07 3.51
CA ARG A 65 2.88 0.65 4.20
C ARG A 65 3.41 1.40 5.42
N CYS A 66 2.51 1.83 6.29
CA CYS A 66 2.90 2.57 7.47
C CYS A 66 2.20 2.03 8.70
N ARG A 67 2.88 2.07 9.85
CA ARG A 67 2.29 1.60 11.08
C ARG A 67 1.09 2.48 11.43
N HIS A 68 0.03 1.83 11.90
CA HIS A 68 -1.17 2.55 12.26
C HIS A 68 -0.85 3.61 13.31
N PRO A 69 -1.20 4.90 13.05
CA PRO A 69 -0.95 5.98 14.01
C PRO A 69 -1.54 5.64 15.36
N GLY A 70 -2.46 4.68 15.36
CA GLY A 70 -3.08 4.26 16.60
C GLY A 70 -4.52 4.68 16.71
N GLU A 71 -5.08 4.48 17.89
CA GLU A 71 -6.45 4.84 18.16
C GLU A 71 -6.56 6.32 18.49
N LEU A 72 -7.55 6.99 17.92
CA LEU A 72 -7.79 8.39 18.23
C LEU A 72 -8.92 8.46 19.24
N ARG A 73 -8.56 8.71 20.49
CA ARG A 73 -9.58 8.78 21.53
C ARG A 73 -10.47 9.99 21.29
N ASN A 74 -10.13 11.09 21.93
CA ASN A 74 -10.89 12.32 21.74
C ASN A 74 -10.92 12.64 20.24
N GLY A 75 -10.33 11.78 19.42
CA GLY A 75 -10.37 12.00 17.99
C GLY A 75 -10.89 10.81 17.23
N GLN A 76 -10.86 10.87 15.90
CA GLN A 76 -11.32 9.76 15.05
C GLN A 76 -10.47 9.66 13.78
N VAL A 77 -9.25 9.14 13.93
CA VAL A 77 -8.33 8.97 12.81
C VAL A 77 -8.99 8.29 11.62
N GLU A 78 -9.06 9.01 10.50
CA GLU A 78 -9.66 8.46 9.29
C GLU A 78 -8.71 7.49 8.61
N ILE A 79 -8.94 6.20 8.82
CA ILE A 79 -8.12 5.15 8.22
C ILE A 79 -8.96 4.32 7.26
N LYS A 80 -8.32 3.85 6.19
CA LYS A 80 -9.01 3.06 5.19
C LYS A 80 -8.03 2.40 4.22
N THR A 81 -7.11 3.20 3.73
CA THR A 81 -6.13 2.72 2.77
C THR A 81 -5.10 1.79 3.42
N ASP A 82 -5.33 1.39 4.68
CA ASP A 82 -4.41 0.50 5.36
C ASP A 82 -3.01 1.11 5.45
N LEU A 83 -2.93 2.37 5.07
CA LEU A 83 -1.68 3.11 5.07
C LEU A 83 -0.72 2.49 4.06
N SER A 84 -1.19 2.34 2.82
CA SER A 84 -0.40 1.74 1.76
C SER A 84 0.66 2.70 1.22
N PHE A 85 1.19 3.57 2.07
CA PHE A 85 2.19 4.55 1.67
C PHE A 85 1.70 5.42 0.52
N GLY A 86 1.94 6.73 0.59
CA GLY A 86 1.52 7.62 -0.46
C GLY A 86 0.06 7.99 -0.31
N SER A 87 -0.43 7.98 0.92
CA SER A 87 -1.83 8.30 1.18
C SER A 87 -1.98 9.33 2.29
N GLN A 88 -3.16 9.91 2.32
CA GLN A 88 -3.50 10.91 3.32
C GLN A 88 -4.60 10.39 4.22
N ILE A 89 -4.44 10.57 5.53
CA ILE A 89 -5.43 10.10 6.49
C ILE A 89 -5.88 11.21 7.43
N GLU A 90 -6.99 11.86 7.09
CA GLU A 90 -7.52 12.93 7.91
C GLU A 90 -7.88 12.39 9.29
N PHE A 91 -8.27 13.28 10.19
CA PHE A 91 -8.66 12.87 11.53
C PHE A 91 -9.94 13.58 11.93
N SER A 92 -10.36 13.44 13.18
CA SER A 92 -11.59 14.07 13.64
C SER A 92 -11.67 14.18 15.15
N CYS A 93 -11.56 15.39 15.66
CA CYS A 93 -11.64 15.59 17.11
C CYS A 93 -13.10 15.76 17.51
N SER A 94 -13.52 14.93 18.46
CA SER A 94 -14.90 14.94 18.97
C SER A 94 -15.51 16.34 19.14
N GLU A 95 -16.81 16.33 19.39
CA GLU A 95 -17.61 17.54 19.60
C GLU A 95 -16.85 18.68 20.27
N GLY A 96 -16.62 18.58 21.57
CA GLY A 96 -15.97 19.65 22.30
C GLY A 96 -14.48 19.75 22.06
N PHE A 97 -13.89 18.73 21.46
CA PHE A 97 -12.45 18.75 21.22
C PHE A 97 -12.14 18.99 19.75
N PHE A 98 -11.26 19.95 19.48
CA PHE A 98 -10.89 20.25 18.11
C PHE A 98 -9.55 19.62 17.78
N LEU A 99 -9.30 19.49 16.48
CA LEU A 99 -8.08 18.86 15.99
C LEU A 99 -6.91 19.85 15.94
N ILE A 100 -5.73 19.35 16.30
CA ILE A 100 -4.50 20.13 16.30
C ILE A 100 -3.33 19.17 16.20
N GLY A 101 -2.82 19.06 14.99
CA GLY A 101 -1.71 18.17 14.69
C GLY A 101 -1.71 17.79 13.24
N SER A 102 -2.19 18.71 12.41
CA SER A 102 -2.30 18.49 10.97
C SER A 102 -3.39 17.48 10.69
N THR A 103 -4.49 17.94 10.09
CA THR A 103 -5.61 17.06 9.78
C THR A 103 -5.30 16.18 8.57
N THR A 104 -4.02 15.96 8.33
CA THR A 104 -3.57 15.15 7.23
C THR A 104 -2.31 14.43 7.67
N SER A 105 -2.09 13.23 7.15
CA SER A 105 -0.90 12.47 7.49
C SER A 105 -0.43 11.69 6.27
N ARG A 106 0.76 12.03 5.77
CA ARG A 106 1.33 11.37 4.60
C ARG A 106 2.39 10.35 5.03
N CYS A 107 2.57 9.32 4.21
CA CYS A 107 3.52 8.27 4.53
C CYS A 107 4.95 8.62 4.11
N GLU A 108 5.18 8.62 2.81
CA GLU A 108 6.51 8.90 2.28
C GLU A 108 7.48 7.80 2.73
N VAL A 109 8.69 7.83 2.20
CA VAL A 109 9.69 6.82 2.55
C VAL A 109 11.06 7.42 2.86
N GLN A 110 11.65 6.94 3.95
CA GLN A 110 12.96 7.40 4.38
C GLN A 110 13.43 6.66 5.63
N ASP A 111 12.96 5.43 5.79
CA ASP A 111 13.33 4.64 6.95
C ASP A 111 13.35 3.14 6.61
N ARG A 112 12.44 2.38 7.21
CA ARG A 112 12.38 0.95 6.97
C ARG A 112 11.54 0.63 5.75
N GLY A 113 11.87 1.28 4.64
CA GLY A 113 11.15 1.04 3.42
C GLY A 113 10.03 2.04 3.27
N VAL A 114 9.74 2.75 4.35
CA VAL A 114 8.70 3.76 4.36
C VAL A 114 8.65 4.50 5.68
N GLY A 115 8.46 5.80 5.56
CA GLY A 115 8.40 6.63 6.75
C GLY A 115 7.01 7.16 7.00
N TRP A 116 6.74 7.55 8.25
CA TRP A 116 5.45 8.15 8.60
C TRP A 116 5.62 9.64 8.86
N SER A 117 5.24 10.47 7.90
CA SER A 117 5.36 11.92 8.05
C SER A 117 4.77 12.39 9.38
N HIS A 118 3.49 12.04 9.61
CA HIS A 118 2.81 12.44 10.84
C HIS A 118 1.80 11.37 11.28
N PRO A 119 1.66 11.16 12.61
CA PRO A 119 0.75 10.18 13.18
C PRO A 119 -0.55 10.82 13.69
N LEU A 120 -0.97 10.40 14.89
CA LEU A 120 -2.18 10.91 15.51
C LEU A 120 -2.06 12.38 15.87
N PRO A 121 -3.22 13.09 15.90
CA PRO A 121 -3.28 14.51 16.24
C PRO A 121 -3.58 14.75 17.72
N GLN A 122 -3.81 16.01 18.08
CA GLN A 122 -4.11 16.37 19.46
C GLN A 122 -5.55 16.87 19.61
N CYS A 123 -6.35 16.15 20.39
CA CYS A 123 -7.72 16.57 20.61
C CYS A 123 -7.87 17.29 21.96
N GLU A 124 -8.09 18.60 21.87
CA GLU A 124 -8.24 19.44 23.07
C GLU A 124 -9.58 20.17 23.05
N ILE A 125 -10.11 20.36 24.26
CA ILE A 125 -11.40 21.01 24.44
C ILE A 125 -11.34 22.49 24.01
N LEU A 126 -12.41 22.94 23.37
CA LEU A 126 -12.50 24.33 22.92
C LEU A 126 -12.54 25.29 24.10
N GLU A 127 -13.65 25.24 24.85
CA GLU A 127 -13.83 26.11 26.01
C GLU A 127 -14.98 25.63 26.87
N HIS A 128 -15.93 24.94 26.25
CA HIS A 128 -17.10 24.42 26.95
C HIS A 128 -16.73 23.20 27.80
N HIS A 129 -17.22 23.19 29.04
CA HIS A 129 -16.95 22.08 29.95
C HIS A 129 -17.68 20.82 29.52
N HIS A 130 -16.93 19.74 29.33
CA HIS A 130 -17.51 18.47 28.92
C HIS A 130 -18.46 17.91 29.97
N HIS A 131 -19.48 17.18 29.52
CA HIS A 131 -20.46 16.59 30.41
C HIS A 131 -20.69 15.12 30.04
N HIS A 132 -21.04 14.31 31.02
CA HIS A 132 -21.29 12.89 30.80
C HIS A 132 -22.30 12.67 29.67
N HIS A 133 -23.52 13.16 29.87
CA HIS A 133 -24.56 13.02 28.87
C HIS A 133 -25.20 14.36 28.55
N MET A 1 14.62 -22.64 -25.37
CA MET A 1 13.39 -22.33 -26.15
C MET A 1 12.23 -22.01 -25.23
N ASN A 2 11.65 -23.04 -24.60
CA ASN A 2 10.54 -22.85 -23.69
C ASN A 2 11.02 -22.82 -22.24
N CYS A 3 10.33 -22.07 -21.41
CA CYS A 3 10.68 -21.96 -20.00
C CYS A 3 9.84 -22.90 -19.15
N GLY A 4 10.17 -22.95 -17.86
CA GLY A 4 9.42 -23.80 -16.94
C GLY A 4 8.10 -23.17 -16.57
N PRO A 5 7.16 -23.94 -15.98
CA PRO A 5 5.85 -23.41 -15.59
C PRO A 5 5.95 -22.06 -14.89
N PRO A 6 5.03 -21.13 -15.22
CA PRO A 6 5.03 -19.78 -14.64
C PRO A 6 4.97 -19.79 -13.11
N PRO A 7 5.98 -19.18 -12.46
CA PRO A 7 6.03 -19.12 -10.99
C PRO A 7 4.93 -18.22 -10.45
N THR A 8 4.94 -18.13 -9.13
CA THR A 8 3.96 -17.32 -8.41
C THR A 8 4.57 -15.95 -8.08
N LEU A 9 3.83 -14.90 -8.39
CA LEU A 9 4.30 -13.55 -8.12
C LEU A 9 3.48 -12.94 -6.99
N SER A 10 4.10 -12.77 -5.83
CA SER A 10 3.41 -12.21 -4.68
C SER A 10 3.08 -10.73 -4.92
N PHE A 11 3.51 -10.22 -6.07
CA PHE A 11 3.26 -8.83 -6.42
C PHE A 11 2.24 -8.73 -7.56
N ALA A 12 1.81 -9.89 -8.05
CA ALA A 12 0.82 -9.93 -9.13
C ALA A 12 0.10 -11.27 -9.13
N ALA A 13 -1.07 -11.26 -9.76
CA ALA A 13 -1.86 -12.48 -9.89
C ALA A 13 -2.33 -12.66 -11.34
N PRO A 14 -2.47 -13.91 -11.81
CA PRO A 14 -2.90 -14.20 -13.19
C PRO A 14 -4.16 -13.42 -13.60
N MET A 15 -4.25 -13.10 -14.88
CA MET A 15 -5.39 -12.35 -15.41
C MET A 15 -5.62 -12.63 -16.90
N ASP A 16 -4.65 -13.28 -17.53
CA ASP A 16 -4.76 -13.60 -18.96
C ASP A 16 -3.74 -14.66 -19.36
N ILE A 17 -4.14 -15.93 -19.20
CA ILE A 17 -3.28 -17.05 -19.53
C ILE A 17 -3.97 -18.37 -19.24
N THR A 18 -4.52 -19.00 -20.26
CA THR A 18 -5.15 -20.29 -20.07
C THR A 18 -4.12 -21.26 -19.52
N LEU A 19 -4.38 -21.78 -18.32
CA LEU A 19 -3.45 -22.69 -17.68
C LEU A 19 -3.56 -24.07 -18.30
N THR A 20 -4.01 -24.12 -19.54
CA THR A 20 -4.19 -25.37 -20.26
C THR A 20 -2.85 -25.90 -20.76
N GLU A 21 -1.85 -25.03 -20.77
CA GLU A 21 -0.51 -25.42 -21.22
C GLU A 21 0.45 -25.51 -20.05
N THR A 22 1.69 -25.87 -20.33
CA THR A 22 2.71 -26.01 -19.29
C THR A 22 3.99 -25.30 -19.66
N ARG A 23 4.17 -25.06 -20.96
CA ARG A 23 5.36 -24.39 -21.46
C ARG A 23 4.97 -23.11 -22.18
N PHE A 24 5.90 -22.16 -22.27
CA PHE A 24 5.63 -20.89 -22.93
C PHE A 24 6.89 -20.38 -23.64
N LYS A 25 6.86 -20.42 -24.97
CA LYS A 25 8.00 -19.99 -25.78
C LYS A 25 8.44 -18.58 -25.43
N THR A 26 9.58 -18.18 -26.00
CA THR A 26 10.13 -16.86 -25.76
C THR A 26 9.28 -15.75 -26.38
N GLY A 27 8.28 -16.15 -27.15
CA GLY A 27 7.40 -15.18 -27.80
C GLY A 27 6.08 -15.06 -27.08
N THR A 28 6.06 -15.54 -25.84
CA THR A 28 4.86 -15.50 -25.01
C THR A 28 4.93 -14.33 -24.03
N THR A 29 3.77 -13.88 -23.57
CA THR A 29 3.73 -12.78 -22.62
C THR A 29 2.42 -12.79 -21.83
N LEU A 30 2.54 -12.82 -20.52
CA LEU A 30 1.37 -12.86 -19.65
C LEU A 30 0.87 -11.46 -19.32
N LYS A 31 -0.20 -11.40 -18.54
CA LYS A 31 -0.79 -10.12 -18.15
C LYS A 31 -0.59 -9.88 -16.66
N TYR A 32 -1.42 -10.53 -15.85
CA TYR A 32 -1.36 -10.42 -14.39
C TYR A 32 -1.71 -9.01 -13.92
N THR A 33 -2.43 -8.96 -12.80
CA THR A 33 -2.85 -7.69 -12.21
C THR A 33 -2.17 -7.49 -10.86
N CYS A 34 -2.32 -6.30 -10.29
CA CYS A 34 -1.69 -6.00 -9.00
C CYS A 34 -2.70 -5.61 -7.93
N LEU A 35 -2.80 -6.50 -6.95
CA LEU A 35 -3.69 -6.35 -5.80
C LEU A 35 -3.83 -4.88 -5.40
N PRO A 36 -4.97 -4.28 -5.74
CA PRO A 36 -5.28 -2.88 -5.47
C PRO A 36 -4.59 -2.31 -4.23
N GLY A 37 -3.90 -1.19 -4.43
CA GLY A 37 -3.23 -0.52 -3.32
C GLY A 37 -1.72 -0.50 -3.43
N TYR A 38 -1.14 -1.62 -3.87
CA TYR A 38 0.31 -1.78 -4.03
C TYR A 38 1.13 -0.50 -3.85
N VAL A 39 2.32 -0.71 -3.30
CA VAL A 39 3.20 0.40 -2.97
C VAL A 39 4.38 0.50 -3.94
N ARG A 40 4.97 1.69 -3.98
CA ARG A 40 6.10 2.03 -4.85
C ARG A 40 6.77 0.79 -5.46
N SER A 41 6.68 0.68 -6.78
CA SER A 41 7.28 -0.43 -7.52
C SER A 41 6.85 -0.39 -8.97
N HIS A 42 5.74 0.29 -9.24
CA HIS A 42 5.20 0.39 -10.60
C HIS A 42 6.30 0.66 -11.62
N SER A 43 6.44 -0.26 -12.58
CA SER A 43 7.44 -0.13 -13.62
C SER A 43 7.12 -1.02 -14.82
N THR A 44 6.22 -1.98 -14.61
CA THR A 44 5.82 -2.90 -15.68
C THR A 44 4.55 -3.67 -15.31
N GLN A 45 4.36 -4.84 -15.93
CA GLN A 45 3.18 -5.67 -15.66
C GLN A 45 3.06 -6.80 -16.69
N THR A 46 4.20 -7.39 -17.07
CA THR A 46 4.18 -8.47 -18.06
C THR A 46 5.34 -9.46 -17.86
N LEU A 47 5.03 -10.74 -18.06
CA LEU A 47 6.03 -11.80 -17.93
C LEU A 47 6.32 -12.40 -19.30
N THR A 48 7.58 -12.33 -19.73
CA THR A 48 7.97 -12.87 -21.03
C THR A 48 9.04 -13.93 -20.88
N CYS A 49 9.13 -14.85 -21.85
CA CYS A 49 10.13 -15.90 -21.79
C CYS A 49 11.39 -15.42 -22.50
N ASN A 50 12.49 -15.37 -21.74
CA ASN A 50 13.77 -14.98 -22.30
C ASN A 50 14.57 -16.22 -22.67
N SER A 51 15.75 -16.03 -23.24
CA SER A 51 16.60 -17.16 -23.61
C SER A 51 17.43 -17.56 -22.40
N ASP A 52 16.73 -17.92 -21.33
CA ASP A 52 17.34 -18.33 -20.08
C ASP A 52 16.45 -19.34 -19.36
N GLY A 53 15.35 -19.72 -20.02
CA GLY A 53 14.41 -20.64 -19.42
C GLY A 53 13.85 -20.11 -18.12
N GLU A 54 13.99 -18.80 -17.98
CA GLU A 54 13.47 -18.10 -16.80
C GLU A 54 12.60 -16.92 -17.22
N TRP A 55 11.70 -16.54 -16.33
CA TRP A 55 10.82 -15.42 -16.60
C TRP A 55 11.49 -14.14 -16.16
N VAL A 56 11.86 -13.35 -17.15
CA VAL A 56 12.58 -12.11 -16.96
C VAL A 56 11.60 -10.93 -16.99
N TYR A 57 11.89 -9.90 -16.20
CA TYR A 57 11.05 -8.70 -16.20
C TYR A 57 11.40 -7.76 -15.05
N ASN A 58 10.81 -6.56 -15.06
CA ASN A 58 11.07 -5.58 -14.01
C ASN A 58 10.04 -5.70 -12.90
N THR A 59 10.29 -5.01 -11.79
CA THR A 59 9.37 -5.03 -10.66
C THR A 59 8.34 -3.92 -10.83
N PHE A 60 7.07 -4.27 -10.68
CA PHE A 60 6.00 -3.29 -10.85
C PHE A 60 5.16 -3.11 -9.59
N CYS A 61 5.23 -4.05 -8.67
CA CYS A 61 4.45 -3.96 -7.44
C CYS A 61 5.16 -4.66 -6.28
N ILE A 62 4.93 -4.18 -5.05
CA ILE A 62 5.56 -4.78 -3.88
C ILE A 62 4.62 -4.85 -2.68
N TYR A 63 3.89 -3.77 -2.43
CA TYR A 63 2.97 -3.71 -1.30
C TYR A 63 3.72 -3.69 0.03
N LYS A 64 3.48 -2.60 0.77
CA LYS A 64 4.11 -2.37 2.06
C LYS A 64 3.37 -1.24 2.78
N ARG A 65 2.66 -1.55 3.86
CA ARG A 65 1.89 -0.55 4.58
C ARG A 65 2.70 0.06 5.72
N CYS A 66 2.07 0.94 6.48
CA CYS A 66 2.73 1.62 7.60
C CYS A 66 2.13 1.12 8.91
N ARG A 67 2.65 1.63 10.02
CA ARG A 67 2.13 1.23 11.31
C ARG A 67 0.98 2.14 11.71
N HIS A 68 -0.04 1.54 12.28
CA HIS A 68 -1.21 2.30 12.70
C HIS A 68 -0.82 3.36 13.73
N PRO A 69 -1.25 4.63 13.51
CA PRO A 69 -0.94 5.74 14.42
C PRO A 69 -1.50 5.50 15.82
N GLY A 70 -2.54 4.68 15.91
CA GLY A 70 -3.14 4.41 17.20
C GLY A 70 -4.44 5.14 17.42
N GLU A 71 -4.88 5.11 18.68
CA GLU A 71 -6.13 5.74 19.07
C GLU A 71 -5.95 7.25 19.29
N LEU A 72 -6.91 8.02 18.79
CA LEU A 72 -6.89 9.48 18.95
C LEU A 72 -7.75 9.86 20.15
N ARG A 73 -7.12 10.17 21.28
CA ARG A 73 -7.86 10.57 22.47
C ARG A 73 -8.55 11.89 22.20
N ASN A 74 -9.88 11.89 22.38
CA ASN A 74 -10.70 13.05 22.10
C ASN A 74 -10.55 13.34 20.63
N GLY A 75 -10.58 12.30 19.81
CA GLY A 75 -10.42 12.49 18.39
C GLY A 75 -10.69 11.23 17.60
N GLN A 76 -10.57 11.33 16.28
CA GLN A 76 -10.80 10.19 15.41
C GLN A 76 -9.73 10.09 14.33
N VAL A 77 -9.25 8.87 14.13
CA VAL A 77 -8.23 8.64 13.11
C VAL A 77 -8.85 7.92 11.91
N GLU A 78 -9.01 8.66 10.82
CA GLU A 78 -9.61 8.09 9.61
C GLU A 78 -8.75 6.98 9.01
N ILE A 79 -9.07 5.73 9.36
CA ILE A 79 -8.34 4.58 8.84
C ILE A 79 -9.26 3.74 7.94
N LYS A 80 -8.76 3.40 6.76
CA LYS A 80 -9.54 2.63 5.82
C LYS A 80 -8.66 1.92 4.80
N THR A 81 -7.72 2.66 4.23
CA THR A 81 -6.83 2.11 3.22
C THR A 81 -5.75 1.21 3.82
N ASP A 82 -5.90 0.88 5.10
CA ASP A 82 -4.93 0.00 5.76
C ASP A 82 -3.53 0.60 5.73
N LEU A 83 -3.44 1.85 5.28
CA LEU A 83 -2.16 2.56 5.18
C LEU A 83 -1.29 1.88 4.12
N SER A 84 -1.82 1.76 2.91
CA SER A 84 -1.08 1.12 1.83
C SER A 84 -0.12 2.09 1.13
N PHE A 85 0.35 3.10 1.86
CA PHE A 85 1.30 4.09 1.31
C PHE A 85 0.74 4.82 0.09
N GLY A 86 1.00 6.12 0.02
CA GLY A 86 0.55 6.92 -1.11
C GLY A 86 -0.83 7.54 -0.89
N SER A 87 -1.00 8.19 0.26
CA SER A 87 -2.28 8.82 0.60
C SER A 87 -2.17 9.60 1.90
N GLN A 88 -3.09 9.30 2.81
CA GLN A 88 -3.12 9.96 4.11
C GLN A 88 -4.36 9.56 4.90
N ILE A 89 -4.30 9.75 6.20
CA ILE A 89 -5.41 9.42 7.09
C ILE A 89 -5.76 10.62 7.96
N GLU A 90 -6.77 11.37 7.54
CA GLU A 90 -7.20 12.55 8.29
C GLU A 90 -7.59 12.18 9.71
N PHE A 91 -7.92 13.18 10.49
CA PHE A 91 -8.33 12.96 11.87
C PHE A 91 -9.56 13.79 12.19
N SER A 92 -10.04 13.69 13.43
CA SER A 92 -11.24 14.42 13.82
C SER A 92 -11.34 14.58 15.33
N CYS A 93 -11.20 15.82 15.80
CA CYS A 93 -11.28 16.08 17.22
C CYS A 93 -12.75 16.24 17.62
N SER A 94 -13.19 15.41 18.57
CA SER A 94 -14.57 15.42 19.03
C SER A 94 -15.06 16.82 19.35
N GLU A 95 -16.39 16.93 19.54
CA GLU A 95 -17.03 18.19 19.87
C GLU A 95 -16.28 18.88 21.02
N GLY A 96 -16.36 20.21 21.04
CA GLY A 96 -15.70 20.97 22.07
C GLY A 96 -14.21 21.10 21.87
N PHE A 97 -13.59 20.05 21.35
CA PHE A 97 -12.14 20.06 21.14
C PHE A 97 -11.83 20.08 19.65
N PHE A 98 -11.03 21.03 19.22
CA PHE A 98 -10.67 21.14 17.81
C PHE A 98 -9.37 20.42 17.54
N LEU A 99 -9.08 20.27 16.26
CA LEU A 99 -7.86 19.59 15.83
C LEU A 99 -6.71 20.57 15.73
N ILE A 100 -5.53 20.14 16.15
CA ILE A 100 -4.32 20.96 16.11
C ILE A 100 -3.10 20.08 16.09
N GLY A 101 -2.42 20.11 14.94
CA GLY A 101 -1.24 19.31 14.72
C GLY A 101 -0.98 19.10 13.25
N SER A 102 -1.98 18.51 12.60
CA SER A 102 -1.94 18.21 11.18
C SER A 102 -3.13 17.32 10.85
N THR A 103 -4.18 17.90 10.28
CA THR A 103 -5.38 17.14 9.97
C THR A 103 -5.10 16.03 9.00
N THR A 104 -3.93 16.09 8.38
CA THR A 104 -3.54 15.07 7.43
C THR A 104 -2.30 14.33 7.92
N SER A 105 -2.13 13.11 7.43
CA SER A 105 -0.98 12.30 7.75
C SER A 105 -0.66 11.43 6.55
N ARG A 106 0.47 11.69 5.91
CA ARG A 106 0.88 10.96 4.72
C ARG A 106 1.82 9.82 5.06
N CYS A 107 1.70 8.73 4.31
CA CYS A 107 2.54 7.57 4.52
C CYS A 107 3.74 7.61 3.59
N GLU A 108 4.92 7.74 4.17
CA GLU A 108 6.14 7.80 3.40
C GLU A 108 7.06 6.64 3.77
N VAL A 109 8.28 6.64 3.22
CA VAL A 109 9.23 5.59 3.53
C VAL A 109 10.65 6.10 3.69
N GLN A 110 11.30 5.65 4.77
CA GLN A 110 12.67 6.05 5.05
C GLN A 110 13.21 5.35 6.30
N ASP A 111 12.88 4.07 6.45
CA ASP A 111 13.34 3.31 7.59
C ASP A 111 13.09 1.81 7.40
N ARG A 112 12.06 1.28 8.06
CA ARG A 112 11.74 -0.13 7.94
C ARG A 112 10.80 -0.38 6.78
N GLY A 113 11.05 0.28 5.67
CA GLY A 113 10.23 0.11 4.51
C GLY A 113 9.11 1.12 4.45
N VAL A 114 8.95 1.88 5.54
CA VAL A 114 7.92 2.90 5.58
C VAL A 114 8.10 3.85 6.76
N GLY A 115 8.00 5.14 6.49
CA GLY A 115 8.13 6.12 7.55
C GLY A 115 6.86 6.94 7.71
N TRP A 116 6.52 7.28 8.95
CA TRP A 116 5.32 8.08 9.21
C TRP A 116 5.69 9.55 9.44
N SER A 117 4.93 10.45 8.84
CA SER A 117 5.17 11.88 8.99
C SER A 117 4.89 12.32 10.43
N HIS A 118 3.61 12.33 10.78
CA HIS A 118 3.18 12.71 12.12
C HIS A 118 1.96 11.88 12.54
N PRO A 119 1.97 11.34 13.77
CA PRO A 119 0.86 10.53 14.28
C PRO A 119 -0.28 11.39 14.79
N LEU A 120 -1.03 10.85 15.75
CA LEU A 120 -2.16 11.56 16.33
C LEU A 120 -1.80 13.01 16.64
N PRO A 121 -2.71 13.95 16.32
CA PRO A 121 -2.49 15.37 16.58
C PRO A 121 -2.74 15.72 18.05
N GLN A 122 -2.90 17.01 18.33
CA GLN A 122 -3.15 17.48 19.67
C GLN A 122 -4.57 17.98 19.82
N CYS A 123 -5.35 17.31 20.68
CA CYS A 123 -6.73 17.71 20.90
C CYS A 123 -6.88 18.54 22.16
N GLU A 124 -7.25 19.81 21.98
CA GLU A 124 -7.47 20.72 23.10
C GLU A 124 -8.84 21.37 22.96
N ILE A 125 -9.54 21.49 24.08
CA ILE A 125 -10.87 22.06 24.09
C ILE A 125 -10.85 23.54 23.71
N LEU A 126 -12.00 24.05 23.28
CA LEU A 126 -12.10 25.45 22.88
C LEU A 126 -12.24 26.34 24.10
N GLU A 127 -12.61 25.74 25.23
CA GLU A 127 -12.78 26.48 26.48
C GLU A 127 -12.57 25.57 27.68
N HIS A 128 -13.65 24.96 28.18
CA HIS A 128 -13.58 24.06 29.32
C HIS A 128 -14.94 23.42 29.61
N HIS A 129 -15.00 22.10 29.49
CA HIS A 129 -16.25 21.38 29.74
C HIS A 129 -15.97 20.07 30.47
N HIS A 130 -17.00 19.22 30.56
CA HIS A 130 -16.89 17.93 31.24
C HIS A 130 -16.91 18.10 32.76
N HIS A 131 -16.09 19.01 33.26
CA HIS A 131 -16.01 19.28 34.70
C HIS A 131 -15.59 18.04 35.48
N HIS A 132 -16.56 17.22 35.87
CA HIS A 132 -16.31 16.00 36.63
C HIS A 132 -15.73 16.34 38.00
N HIS A 133 -14.43 16.67 38.02
CA HIS A 133 -13.76 17.01 39.27
C HIS A 133 -13.84 18.52 39.53
N MET A 1 13.21 -22.81 -25.46
CA MET A 1 12.61 -21.45 -25.41
C MET A 1 11.48 -21.40 -24.39
N ASN A 2 10.44 -22.18 -24.63
CA ASN A 2 9.28 -22.23 -23.74
C ASN A 2 9.69 -22.62 -22.32
N CYS A 3 8.98 -22.07 -21.34
CA CYS A 3 9.27 -22.36 -19.94
C CYS A 3 8.22 -23.29 -19.34
N GLY A 4 8.34 -23.57 -18.05
CA GLY A 4 7.36 -24.40 -17.38
C GLY A 4 6.16 -23.59 -16.95
N PRO A 5 5.09 -24.23 -16.46
CA PRO A 5 3.88 -23.52 -16.02
C PRO A 5 4.20 -22.27 -15.21
N PRO A 6 3.36 -21.22 -15.32
CA PRO A 6 3.56 -19.96 -14.61
C PRO A 6 3.54 -20.11 -13.10
N PRO A 7 4.68 -19.84 -12.44
CA PRO A 7 4.78 -19.92 -10.98
C PRO A 7 3.81 -18.97 -10.29
N THR A 8 3.89 -19.00 -8.98
CA THR A 8 3.04 -18.18 -8.13
C THR A 8 3.78 -16.90 -7.72
N LEU A 9 3.11 -15.76 -7.85
CA LEU A 9 3.71 -14.49 -7.48
C LEU A 9 3.02 -13.90 -6.25
N SER A 10 3.73 -13.83 -5.14
CA SER A 10 3.17 -13.27 -3.93
C SER A 10 3.05 -11.75 -4.08
N PHE A 11 3.72 -11.22 -5.09
CA PHE A 11 3.69 -9.79 -5.37
C PHE A 11 2.95 -9.49 -6.67
N ALA A 12 1.85 -10.21 -6.88
CA ALA A 12 1.01 -10.06 -8.07
C ALA A 12 0.19 -11.34 -8.26
N ALA A 13 -0.98 -11.17 -8.83
CA ALA A 13 -1.85 -12.31 -9.10
C ALA A 13 -2.32 -12.29 -10.56
N PRO A 14 -2.47 -13.47 -11.18
CA PRO A 14 -2.91 -13.57 -12.58
C PRO A 14 -4.13 -12.68 -12.86
N MET A 15 -4.20 -12.16 -14.09
CA MET A 15 -5.30 -11.30 -14.49
C MET A 15 -5.56 -11.36 -16.00
N ASP A 16 -4.52 -11.69 -16.75
CA ASP A 16 -4.64 -11.77 -18.20
C ASP A 16 -3.78 -12.90 -18.76
N ILE A 17 -4.25 -14.12 -18.60
CA ILE A 17 -3.53 -15.28 -19.07
C ILE A 17 -4.35 -16.55 -18.86
N THR A 18 -4.98 -17.02 -19.92
CA THR A 18 -5.75 -18.25 -19.83
C THR A 18 -4.85 -19.37 -19.36
N LEU A 19 -5.13 -19.88 -18.17
CA LEU A 19 -4.32 -20.94 -17.59
C LEU A 19 -4.63 -22.28 -18.24
N THR A 20 -4.84 -22.28 -19.55
CA THR A 20 -5.15 -23.49 -20.29
C THR A 20 -3.93 -24.00 -21.04
N GLU A 21 -2.80 -23.36 -20.80
CA GLU A 21 -1.55 -23.75 -21.45
C GLU A 21 -0.55 -24.29 -20.44
N THR A 22 0.52 -24.89 -20.94
CA THR A 22 1.56 -25.45 -20.08
C THR A 22 2.90 -24.77 -20.30
N ARG A 23 3.15 -24.36 -21.54
CA ARG A 23 4.39 -23.69 -21.90
C ARG A 23 4.09 -22.30 -22.46
N PHE A 24 5.10 -21.42 -22.47
CA PHE A 24 4.95 -20.07 -22.97
C PHE A 24 6.29 -19.59 -23.56
N LYS A 25 6.30 -19.42 -24.87
CA LYS A 25 7.52 -19.00 -25.58
C LYS A 25 8.16 -17.77 -24.95
N THR A 26 9.41 -17.51 -25.34
CA THR A 26 10.15 -16.37 -24.82
C THR A 26 9.60 -15.05 -25.32
N GLY A 27 8.57 -15.12 -26.16
CA GLY A 27 7.97 -13.91 -26.69
C GLY A 27 6.67 -13.58 -25.99
N THR A 28 6.15 -14.57 -25.26
CA THR A 28 4.90 -14.40 -24.53
C THR A 28 5.02 -13.35 -23.44
N THR A 29 3.90 -12.94 -22.86
CA THR A 29 3.91 -11.92 -21.82
C THR A 29 2.61 -11.92 -21.01
N LEU A 30 2.74 -12.06 -19.69
CA LEU A 30 1.57 -12.10 -18.81
C LEU A 30 1.20 -10.69 -18.35
N LYS A 31 0.44 -10.60 -17.25
CA LYS A 31 0.03 -9.30 -16.73
C LYS A 31 0.22 -9.22 -15.22
N TYR A 32 -0.67 -9.87 -14.47
CA TYR A 32 -0.59 -9.90 -13.01
C TYR A 32 -0.96 -8.54 -12.39
N THR A 33 -1.68 -8.58 -11.27
CA THR A 33 -2.12 -7.37 -10.57
C THR A 33 -1.23 -7.06 -9.36
N CYS A 34 -1.75 -6.22 -8.45
CA CYS A 34 -1.01 -5.84 -7.25
C CYS A 34 -1.94 -5.56 -6.08
N LEU A 35 -1.82 -6.42 -5.07
CA LEU A 35 -2.64 -6.35 -3.86
C LEU A 35 -2.62 -4.94 -3.25
N PRO A 36 -3.54 -4.66 -2.30
CA PRO A 36 -3.64 -3.36 -1.64
C PRO A 36 -2.30 -2.71 -1.34
N GLY A 37 -1.68 -3.10 -0.22
CA GLY A 37 -0.41 -2.55 0.19
C GLY A 37 0.64 -2.62 -0.91
N TYR A 38 0.37 -3.42 -1.92
CA TYR A 38 1.28 -3.54 -3.04
C TYR A 38 1.11 -2.34 -3.95
N VAL A 39 1.83 -1.25 -3.69
CA VAL A 39 1.73 -0.04 -4.48
C VAL A 39 2.65 -0.09 -5.69
N ARG A 40 2.94 1.06 -6.27
CA ARG A 40 3.81 1.11 -7.43
C ARG A 40 4.89 2.17 -7.28
N SER A 41 6.09 1.79 -7.69
CA SER A 41 7.25 2.67 -7.64
C SER A 41 8.04 2.56 -8.94
N HIS A 42 7.30 2.52 -10.05
CA HIS A 42 7.90 2.40 -11.38
C HIS A 42 8.50 1.03 -11.58
N SER A 43 9.23 0.85 -12.69
CA SER A 43 9.88 -0.42 -13.00
C SER A 43 8.86 -1.49 -13.40
N THR A 44 7.58 -1.14 -13.31
CA THR A 44 6.50 -2.06 -13.66
C THR A 44 6.84 -2.86 -14.91
N GLN A 45 6.52 -4.15 -14.88
CA GLN A 45 6.78 -5.02 -16.01
C GLN A 45 5.73 -6.13 -16.10
N THR A 46 6.16 -7.31 -16.53
CA THR A 46 5.28 -8.46 -16.70
C THR A 46 6.12 -9.73 -16.72
N LEU A 47 5.50 -10.85 -17.04
CA LEU A 47 6.22 -12.11 -17.08
C LEU A 47 6.48 -12.54 -18.51
N THR A 48 7.76 -12.54 -18.89
CA THR A 48 8.18 -12.93 -20.22
C THR A 48 9.21 -14.03 -20.14
N CYS A 49 9.06 -15.08 -20.93
CA CYS A 49 10.01 -16.16 -20.89
C CYS A 49 11.35 -15.64 -21.37
N ASN A 50 12.34 -15.70 -20.50
CA ASN A 50 13.68 -15.26 -20.84
C ASN A 50 14.50 -16.46 -21.31
N SER A 51 15.81 -16.27 -21.39
CA SER A 51 16.69 -17.36 -21.82
C SER A 51 17.56 -17.84 -20.64
N ASP A 52 16.88 -18.25 -19.57
CA ASP A 52 17.53 -18.77 -18.37
C ASP A 52 16.93 -20.12 -17.99
N GLY A 53 15.61 -20.22 -18.15
CA GLY A 53 14.92 -21.46 -17.83
C GLY A 53 13.60 -21.21 -17.13
N GLU A 54 13.27 -19.93 -16.96
CA GLU A 54 12.04 -19.54 -16.30
C GLU A 54 11.58 -18.14 -16.68
N TRP A 55 10.87 -17.51 -15.76
CA TRP A 55 10.34 -16.18 -15.95
C TRP A 55 11.19 -15.10 -15.28
N VAL A 56 11.67 -14.18 -16.11
CA VAL A 56 12.49 -13.06 -15.66
C VAL A 56 11.63 -11.81 -15.55
N TYR A 57 12.00 -10.90 -14.65
CA TYR A 57 11.25 -9.65 -14.47
C TYR A 57 11.61 -8.92 -13.19
N ASN A 58 11.14 -7.69 -13.05
CA ASN A 58 11.40 -6.91 -11.84
C ASN A 58 10.17 -6.87 -10.95
N THR A 59 10.34 -6.39 -9.72
CA THR A 59 9.23 -6.30 -8.79
C THR A 59 8.37 -5.08 -9.08
N PHE A 60 7.31 -5.29 -9.87
CA PHE A 60 6.42 -4.19 -10.23
C PHE A 60 5.59 -3.74 -9.03
N CYS A 61 4.92 -4.67 -8.37
CA CYS A 61 4.10 -4.35 -7.21
C CYS A 61 4.97 -4.19 -5.96
N ILE A 62 5.22 -2.95 -5.57
CA ILE A 62 6.03 -2.67 -4.39
C ILE A 62 5.16 -2.49 -3.16
N TYR A 63 5.18 -3.49 -2.29
CA TYR A 63 4.41 -3.46 -1.05
C TYR A 63 5.07 -2.59 0.00
N LYS A 64 4.36 -1.56 0.44
CA LYS A 64 4.87 -0.69 1.48
C LYS A 64 3.76 0.15 2.08
N ARG A 65 3.52 -0.03 3.37
CA ARG A 65 2.49 0.72 4.07
C ARG A 65 3.10 1.47 5.26
N CYS A 66 2.25 2.12 6.04
CA CYS A 66 2.70 2.88 7.20
C CYS A 66 2.07 2.31 8.45
N ARG A 67 2.87 2.00 9.46
CA ARG A 67 2.35 1.44 10.70
C ARG A 67 1.14 2.24 11.15
N HIS A 68 0.12 1.54 11.63
CA HIS A 68 -1.10 2.18 12.08
C HIS A 68 -0.82 3.30 13.09
N PRO A 69 -1.24 4.54 12.78
CA PRO A 69 -1.05 5.68 13.68
C PRO A 69 -1.47 5.33 15.10
N GLY A 70 -2.47 4.48 15.22
CA GLY A 70 -2.97 4.07 16.51
C GLY A 70 -4.37 4.60 16.76
N GLU A 71 -4.85 4.35 17.96
CA GLU A 71 -6.17 4.81 18.37
C GLU A 71 -6.11 6.28 18.75
N LEU A 72 -7.06 7.05 18.22
CA LEU A 72 -7.14 8.48 18.49
C LEU A 72 -8.03 8.70 19.71
N ARG A 73 -7.42 8.84 20.89
CA ARG A 73 -8.20 9.08 22.08
C ARG A 73 -8.93 10.41 21.93
N ASN A 74 -10.25 10.34 22.02
CA ASN A 74 -11.08 11.51 21.81
C ASN A 74 -10.89 11.91 20.37
N GLY A 75 -10.96 10.92 19.47
CA GLY A 75 -10.76 11.17 18.07
C GLY A 75 -11.08 9.97 17.20
N GLN A 76 -11.01 10.15 15.88
CA GLN A 76 -11.30 9.07 14.94
C GLN A 76 -10.43 9.18 13.69
N VAL A 77 -9.19 8.70 13.79
CA VAL A 77 -8.26 8.73 12.66
C VAL A 77 -8.90 8.16 11.40
N GLU A 78 -8.97 8.96 10.34
CA GLU A 78 -9.56 8.50 9.08
C GLU A 78 -8.71 7.39 8.45
N ILE A 79 -9.16 6.15 8.59
CA ILE A 79 -8.45 5.01 8.02
C ILE A 79 -9.38 4.20 7.12
N LYS A 80 -8.83 3.69 6.02
CA LYS A 80 -9.62 2.92 5.06
C LYS A 80 -8.74 2.26 4.00
N THR A 81 -7.78 3.02 3.50
CA THR A 81 -6.89 2.53 2.47
C THR A 81 -5.81 1.60 3.02
N ASP A 82 -6.02 1.08 4.23
CA ASP A 82 -5.05 0.18 4.85
C ASP A 82 -3.70 0.82 5.02
N LEU A 83 -3.65 2.12 4.74
CA LEU A 83 -2.42 2.88 4.85
C LEU A 83 -1.39 2.42 3.83
N SER A 84 -1.77 2.46 2.57
CA SER A 84 -0.87 2.08 1.50
C SER A 84 -0.18 3.30 0.94
N PHE A 85 1.15 3.24 0.84
CA PHE A 85 1.95 4.36 0.33
C PHE A 85 1.20 5.19 -0.70
N GLY A 86 1.32 6.51 -0.58
CA GLY A 86 0.65 7.41 -1.51
C GLY A 86 -0.77 7.69 -1.10
N SER A 87 -1.01 7.86 0.20
CA SER A 87 -2.35 8.15 0.69
C SER A 87 -2.35 9.11 1.87
N GLN A 88 -3.48 9.79 2.00
CA GLN A 88 -3.68 10.75 3.07
C GLN A 88 -4.80 10.27 3.99
N ILE A 89 -4.57 10.35 5.30
CA ILE A 89 -5.56 9.92 6.27
C ILE A 89 -5.86 11.03 7.27
N GLU A 90 -7.04 11.62 7.12
CA GLU A 90 -7.46 12.70 8.01
C GLU A 90 -7.69 12.16 9.42
N PHE A 91 -8.27 13.01 10.26
CA PHE A 91 -8.57 12.64 11.63
C PHE A 91 -9.86 13.32 12.07
N SER A 92 -10.30 13.08 13.30
CA SER A 92 -11.53 13.69 13.78
C SER A 92 -11.61 13.73 15.29
N CYS A 93 -11.51 14.93 15.84
CA CYS A 93 -11.60 15.10 17.29
C CYS A 93 -13.07 15.24 17.69
N SER A 94 -13.54 14.29 18.49
CA SER A 94 -14.93 14.28 18.92
C SER A 94 -15.39 15.64 19.43
N GLU A 95 -16.71 15.77 19.59
CA GLU A 95 -17.32 17.01 20.08
C GLU A 95 -16.52 17.57 21.25
N GLY A 96 -16.55 18.89 21.40
CA GLY A 96 -15.84 19.54 22.47
C GLY A 96 -14.34 19.60 22.23
N PHE A 97 -13.79 18.59 21.56
CA PHE A 97 -12.36 18.54 21.31
C PHE A 97 -12.09 18.79 19.83
N PHE A 98 -11.08 19.61 19.53
CA PHE A 98 -10.75 19.90 18.15
C PHE A 98 -9.42 19.27 17.76
N LEU A 99 -9.16 19.29 16.44
CA LEU A 99 -7.95 18.70 15.88
C LEU A 99 -6.80 19.69 15.94
N ILE A 100 -5.62 19.20 16.30
CA ILE A 100 -4.41 20.01 16.39
C ILE A 100 -3.19 19.12 16.23
N GLY A 101 -2.43 19.42 15.20
CA GLY A 101 -1.24 18.66 14.87
C GLY A 101 -1.04 18.59 13.38
N SER A 102 -2.09 18.16 12.69
CA SER A 102 -2.13 18.02 11.25
C SER A 102 -3.34 17.19 10.89
N THR A 103 -4.40 17.83 10.42
CA THR A 103 -5.62 17.12 10.10
C THR A 103 -5.40 16.12 8.98
N THR A 104 -4.23 16.20 8.36
CA THR A 104 -3.89 15.30 7.29
C THR A 104 -2.68 14.47 7.68
N SER A 105 -2.55 13.30 7.07
CA SER A 105 -1.43 12.42 7.32
C SER A 105 -1.09 11.71 6.01
N ARG A 106 0.08 12.02 5.46
CA ARG A 106 0.51 11.44 4.19
C ARG A 106 1.56 10.36 4.39
N CYS A 107 1.53 9.35 3.52
CA CYS A 107 2.45 8.24 3.60
C CYS A 107 3.60 8.41 2.60
N GLU A 108 4.80 8.52 3.14
CA GLU A 108 5.98 8.73 2.32
C GLU A 108 6.92 7.54 2.45
N VAL A 109 8.03 7.56 1.73
CA VAL A 109 8.96 6.45 1.79
C VAL A 109 10.42 6.87 1.80
N GLN A 110 11.14 6.29 2.75
CA GLN A 110 12.56 6.52 2.91
C GLN A 110 13.30 5.20 2.74
N ASP A 111 13.92 5.02 1.58
CA ASP A 111 14.63 3.79 1.26
C ASP A 111 13.64 2.63 1.21
N ARG A 112 14.11 1.41 1.47
CA ARG A 112 13.24 0.25 1.45
C ARG A 112 12.41 0.16 2.72
N GLY A 113 12.15 1.31 3.33
CA GLY A 113 11.35 1.36 4.54
C GLY A 113 10.51 2.60 4.60
N VAL A 114 9.33 2.51 4.01
CA VAL A 114 8.38 3.62 3.98
C VAL A 114 8.34 4.37 5.31
N GLY A 115 8.17 5.68 5.20
CA GLY A 115 8.15 6.48 6.41
C GLY A 115 6.82 7.16 6.64
N TRP A 116 6.47 7.35 7.92
CA TRP A 116 5.22 8.02 8.30
C TRP A 116 5.46 9.51 8.46
N SER A 117 4.90 10.32 7.57
CA SER A 117 5.08 11.76 7.64
C SER A 117 4.61 12.31 8.99
N HIS A 118 3.50 11.79 9.49
CA HIS A 118 2.95 12.21 10.78
C HIS A 118 1.86 11.26 11.25
N PRO A 119 1.86 10.90 12.54
CA PRO A 119 0.87 9.99 13.12
C PRO A 119 -0.31 10.74 13.73
N LEU A 120 -0.78 10.24 14.87
CA LEU A 120 -1.91 10.83 15.56
C LEU A 120 -1.62 12.27 15.99
N PRO A 121 -2.63 13.15 15.84
CA PRO A 121 -2.52 14.56 16.22
C PRO A 121 -2.81 14.79 17.70
N GLN A 122 -3.56 15.84 18.01
CA GLN A 122 -3.89 16.17 19.39
C GLN A 122 -5.35 16.58 19.52
N CYS A 123 -6.12 15.82 20.32
CA CYS A 123 -7.52 16.16 20.54
C CYS A 123 -7.71 16.77 21.92
N GLU A 124 -7.90 18.08 21.94
CA GLU A 124 -8.07 18.80 23.21
C GLU A 124 -9.37 19.59 23.21
N ILE A 125 -9.96 19.70 24.40
CA ILE A 125 -11.22 20.39 24.58
C ILE A 125 -11.09 21.86 24.21
N LEU A 126 -12.20 22.45 23.75
CA LEU A 126 -12.22 23.85 23.35
C LEU A 126 -12.15 24.76 24.57
N GLU A 127 -13.01 24.51 25.54
CA GLU A 127 -13.06 25.32 26.76
C GLU A 127 -13.01 24.42 28.00
N HIS A 128 -13.34 25.01 29.15
CA HIS A 128 -13.34 24.26 30.41
C HIS A 128 -14.61 23.44 30.57
N HIS A 129 -14.45 22.15 30.80
CA HIS A 129 -15.59 21.24 30.96
C HIS A 129 -15.26 20.14 31.98
N HIS A 130 -13.97 19.90 32.19
CA HIS A 130 -13.53 18.88 33.13
C HIS A 130 -14.06 17.50 32.73
N HIS A 131 -14.52 17.39 31.49
CA HIS A 131 -15.06 16.13 30.98
C HIS A 131 -16.27 15.68 31.79
N HIS A 132 -16.86 14.55 31.37
CA HIS A 132 -18.02 14.01 32.07
C HIS A 132 -17.61 13.14 33.24
N HIS A 133 -18.39 13.18 34.31
CA HIS A 133 -18.09 12.40 35.51
C HIS A 133 -19.20 11.38 35.78
N MET A 1 12.06 -24.87 -25.84
CA MET A 1 11.94 -23.48 -26.34
C MET A 1 11.07 -22.64 -25.41
N ASN A 2 10.68 -23.24 -24.28
CA ASN A 2 9.84 -22.57 -23.29
C ASN A 2 10.59 -22.37 -21.98
N CYS A 3 10.12 -21.43 -21.17
CA CYS A 3 10.75 -21.15 -19.89
C CYS A 3 10.18 -22.01 -18.77
N GLY A 4 9.17 -22.83 -19.10
CA GLY A 4 8.55 -23.68 -18.10
C GLY A 4 7.32 -23.03 -17.51
N PRO A 5 6.37 -23.81 -16.96
CA PRO A 5 5.16 -23.27 -16.36
C PRO A 5 5.43 -22.08 -15.44
N PRO A 6 4.71 -20.97 -15.64
CA PRO A 6 4.88 -19.75 -14.84
C PRO A 6 4.78 -20.03 -13.34
N PRO A 7 5.88 -19.82 -12.60
CA PRO A 7 5.91 -20.03 -11.15
C PRO A 7 4.82 -19.23 -10.45
N THR A 8 4.82 -19.39 -9.13
CA THR A 8 3.86 -18.71 -8.28
C THR A 8 4.48 -17.43 -7.73
N LEU A 9 3.77 -16.33 -7.84
CA LEU A 9 4.28 -15.06 -7.33
C LEU A 9 3.48 -14.60 -6.12
N SER A 10 4.11 -14.63 -4.96
CA SER A 10 3.46 -14.21 -3.74
C SER A 10 3.24 -12.70 -3.78
N PHE A 11 3.81 -12.06 -4.81
CA PHE A 11 3.70 -10.62 -4.98
C PHE A 11 2.94 -10.29 -6.28
N ALA A 12 1.85 -11.03 -6.49
CA ALA A 12 1.00 -10.88 -7.68
C ALA A 12 0.23 -12.17 -7.91
N ALA A 13 -0.96 -12.02 -8.48
CA ALA A 13 -1.78 -13.19 -8.81
C ALA A 13 -2.23 -13.15 -10.27
N PRO A 14 -2.21 -14.30 -10.96
CA PRO A 14 -2.61 -14.40 -12.37
C PRO A 14 -3.94 -13.69 -12.64
N MET A 15 -4.11 -13.20 -13.86
CA MET A 15 -5.34 -12.51 -14.23
C MET A 15 -5.55 -12.49 -15.74
N ASP A 16 -4.46 -12.63 -16.47
CA ASP A 16 -4.52 -12.62 -17.93
C ASP A 16 -3.59 -13.67 -18.53
N ILE A 17 -2.96 -14.47 -17.67
CA ILE A 17 -2.06 -15.52 -18.11
C ILE A 17 -2.84 -16.68 -18.71
N THR A 18 -4.14 -16.63 -18.52
CA THR A 18 -5.05 -17.67 -19.00
C THR A 18 -4.53 -19.07 -18.66
N LEU A 19 -5.06 -19.62 -17.59
CA LEU A 19 -4.67 -20.94 -17.14
C LEU A 19 -5.31 -22.03 -18.00
N THR A 20 -4.90 -22.07 -19.27
CA THR A 20 -5.42 -23.06 -20.20
C THR A 20 -4.29 -23.89 -20.79
N GLU A 21 -3.07 -23.38 -20.66
CA GLU A 21 -1.89 -24.05 -21.16
C GLU A 21 -0.88 -24.27 -20.04
N THR A 22 0.33 -24.70 -20.40
CA THR A 22 1.37 -24.93 -19.41
C THR A 22 2.71 -24.38 -19.88
N ARG A 23 2.77 -24.00 -21.16
CA ARG A 23 3.98 -23.46 -21.75
C ARG A 23 3.71 -22.06 -22.31
N PHE A 24 4.75 -21.22 -22.32
CA PHE A 24 4.62 -19.85 -22.82
C PHE A 24 5.93 -19.44 -23.50
N LYS A 25 5.99 -19.63 -24.82
CA LYS A 25 7.16 -19.27 -25.63
C LYS A 25 7.78 -17.97 -25.18
N THR A 26 9.01 -17.73 -25.61
CA THR A 26 9.69 -16.50 -25.29
C THR A 26 8.87 -15.33 -25.84
N GLY A 27 9.19 -14.12 -25.44
CA GLY A 27 8.46 -12.97 -25.91
C GLY A 27 7.07 -12.89 -25.32
N THR A 28 6.55 -14.02 -24.84
CA THR A 28 5.22 -14.07 -24.23
C THR A 28 5.16 -13.14 -23.03
N THR A 29 3.97 -12.68 -22.67
CA THR A 29 3.84 -11.77 -21.54
C THR A 29 2.51 -11.93 -20.81
N LEU A 30 2.60 -12.18 -19.51
CA LEU A 30 1.43 -12.36 -18.67
C LEU A 30 0.92 -11.01 -18.16
N LYS A 31 0.36 -11.00 -16.95
CA LYS A 31 -0.16 -9.76 -16.36
C LYS A 31 0.04 -9.74 -14.84
N TYR A 32 -0.80 -10.49 -14.13
CA TYR A 32 -0.74 -10.58 -12.67
C TYR A 32 -1.18 -9.28 -11.99
N THR A 33 -1.97 -9.42 -10.94
CA THR A 33 -2.47 -8.28 -10.18
C THR A 33 -1.53 -7.97 -9.00
N CYS A 34 -2.01 -7.15 -8.08
CA CYS A 34 -1.22 -6.77 -6.91
C CYS A 34 -2.11 -6.46 -5.70
N LEU A 35 -2.06 -7.40 -4.75
CA LEU A 35 -2.86 -7.32 -3.53
C LEU A 35 -2.90 -5.90 -2.98
N PRO A 36 -4.03 -5.52 -2.33
CA PRO A 36 -4.24 -4.18 -1.77
C PRO A 36 -3.05 -3.70 -0.95
N GLY A 37 -2.36 -2.69 -1.45
CA GLY A 37 -1.21 -2.13 -0.76
C GLY A 37 0.06 -2.30 -1.56
N TYR A 38 0.08 -3.35 -2.38
CA TYR A 38 1.23 -3.62 -3.22
C TYR A 38 1.53 -2.43 -4.10
N VAL A 39 2.35 -1.51 -3.60
CA VAL A 39 2.75 -0.31 -4.32
C VAL A 39 3.89 -0.60 -5.27
N ARG A 40 3.72 -0.23 -6.53
CA ARG A 40 4.73 -0.48 -7.54
C ARG A 40 5.56 0.75 -7.84
N SER A 41 6.74 0.52 -8.41
CA SER A 41 7.66 1.58 -8.78
C SER A 41 7.94 1.54 -10.28
N HIS A 42 6.89 1.25 -11.06
CA HIS A 42 7.01 1.19 -12.51
C HIS A 42 7.93 0.04 -12.92
N SER A 43 8.77 0.29 -13.94
CA SER A 43 9.71 -0.71 -14.44
C SER A 43 9.02 -1.78 -15.27
N THR A 44 8.10 -2.50 -14.65
CA THR A 44 7.36 -3.56 -15.33
C THR A 44 6.06 -3.88 -14.58
N GLN A 45 5.33 -4.89 -15.06
CA GLN A 45 4.07 -5.30 -14.44
C GLN A 45 3.63 -6.67 -14.95
N THR A 46 4.61 -7.53 -15.24
CA THR A 46 4.35 -8.87 -15.75
C THR A 46 5.65 -9.59 -16.03
N LEU A 47 5.58 -10.89 -16.32
CA LEU A 47 6.78 -11.67 -16.60
C LEU A 47 6.91 -11.94 -18.10
N THR A 48 8.10 -12.41 -18.49
CA THR A 48 8.37 -12.73 -19.90
C THR A 48 9.36 -13.88 -19.99
N CYS A 49 9.24 -14.68 -21.05
CA CYS A 49 10.16 -15.80 -21.23
C CYS A 49 11.40 -15.32 -21.97
N ASN A 50 12.54 -15.42 -21.29
CA ASN A 50 13.80 -15.05 -21.90
C ASN A 50 14.48 -16.29 -22.46
N SER A 51 15.65 -16.12 -23.07
CA SER A 51 16.38 -17.26 -23.63
C SER A 51 17.28 -17.84 -22.54
N ASP A 52 16.61 -18.34 -21.50
CA ASP A 52 17.26 -18.93 -20.34
C ASP A 52 16.34 -19.97 -19.72
N GLY A 53 15.19 -20.19 -20.35
CA GLY A 53 14.22 -21.13 -19.83
C GLY A 53 13.79 -20.77 -18.43
N GLU A 54 14.03 -19.50 -18.11
CA GLU A 54 13.65 -18.93 -16.83
C GLU A 54 12.86 -17.66 -17.04
N TRP A 55 12.00 -17.33 -16.09
CA TRP A 55 11.21 -16.12 -16.18
C TRP A 55 11.98 -14.95 -15.61
N VAL A 56 12.36 -14.07 -16.51
CA VAL A 56 13.13 -12.89 -16.18
C VAL A 56 12.17 -11.71 -16.02
N TYR A 57 12.46 -10.78 -15.12
CA TYR A 57 11.57 -9.64 -14.96
C TYR A 57 11.98 -8.72 -13.80
N ASN A 58 11.26 -7.60 -13.68
CA ASN A 58 11.54 -6.64 -12.63
C ASN A 58 10.46 -6.68 -11.56
N THR A 59 10.76 -6.12 -10.38
CA THR A 59 9.81 -6.10 -9.28
C THR A 59 8.84 -4.93 -9.42
N PHE A 60 7.63 -5.22 -9.87
CA PHE A 60 6.63 -4.19 -10.05
C PHE A 60 6.09 -3.70 -8.70
N CYS A 61 4.95 -4.22 -8.27
CA CYS A 61 4.38 -3.83 -7.00
C CYS A 61 5.24 -4.32 -5.84
N ILE A 62 6.02 -3.40 -5.27
CA ILE A 62 6.91 -3.73 -4.17
C ILE A 62 6.20 -3.72 -2.82
N TYR A 63 4.97 -3.19 -2.78
CA TYR A 63 4.19 -3.14 -1.55
C TYR A 63 4.85 -2.27 -0.49
N LYS A 64 4.12 -1.25 -0.02
CA LYS A 64 4.61 -0.39 1.03
C LYS A 64 3.46 0.36 1.71
N ARG A 65 3.27 0.10 2.99
CA ARG A 65 2.21 0.74 3.75
C ARG A 65 2.74 1.34 5.05
N CYS A 66 2.00 2.30 5.59
CA CYS A 66 2.40 2.96 6.82
C CYS A 66 1.70 2.33 8.01
N ARG A 67 2.44 2.05 9.07
CA ARG A 67 1.84 1.44 10.24
C ARG A 67 0.63 2.27 10.66
N HIS A 68 -0.45 1.57 10.97
CA HIS A 68 -1.69 2.24 11.37
C HIS A 68 -1.44 3.25 12.50
N PRO A 69 -1.69 4.55 12.23
CA PRO A 69 -1.53 5.61 13.23
C PRO A 69 -2.00 5.17 14.61
N GLY A 70 -3.06 4.37 14.62
CA GLY A 70 -3.60 3.89 15.88
C GLY A 70 -4.92 4.57 16.22
N GLU A 71 -5.34 4.33 17.45
CA GLU A 71 -6.58 4.90 17.94
C GLU A 71 -6.37 6.37 18.34
N LEU A 72 -7.30 7.21 17.93
CA LEU A 72 -7.26 8.64 18.24
C LEU A 72 -8.08 8.90 19.49
N ARG A 73 -7.42 8.95 20.64
CA ARG A 73 -8.12 9.23 21.89
C ARG A 73 -8.78 10.59 21.81
N ASN A 74 -10.11 10.58 21.90
CA ASN A 74 -10.91 11.78 21.77
C ASN A 74 -10.75 12.26 20.34
N GLY A 75 -10.92 11.35 19.39
CA GLY A 75 -10.76 11.70 18.01
C GLY A 75 -11.12 10.58 17.05
N GLN A 76 -11.02 10.87 15.75
CA GLN A 76 -11.35 9.89 14.72
C GLN A 76 -10.27 9.82 13.66
N VAL A 77 -9.90 8.60 13.27
CA VAL A 77 -8.88 8.41 12.25
C VAL A 77 -9.52 7.94 10.94
N GLU A 78 -9.59 8.83 9.95
CA GLU A 78 -10.17 8.49 8.66
C GLU A 78 -9.28 7.48 7.93
N ILE A 79 -9.45 6.20 8.24
CA ILE A 79 -8.66 5.15 7.61
C ILE A 79 -9.50 4.38 6.60
N LYS A 80 -9.12 4.48 5.34
CA LYS A 80 -9.82 3.80 4.27
C LYS A 80 -8.84 3.19 3.28
N THR A 81 -7.84 3.98 2.92
CA THR A 81 -6.84 3.56 1.95
C THR A 81 -5.91 2.47 2.48
N ASP A 82 -6.17 1.95 3.69
CA ASP A 82 -5.33 0.88 4.24
C ASP A 82 -3.87 1.33 4.34
N LEU A 83 -3.66 2.63 4.15
CA LEU A 83 -2.32 3.21 4.19
C LEU A 83 -1.47 2.62 3.07
N SER A 84 -1.99 2.67 1.86
CA SER A 84 -1.29 2.12 0.70
C SER A 84 -0.24 3.10 0.16
N PHE A 85 0.37 3.87 1.04
CA PHE A 85 1.39 4.84 0.65
C PHE A 85 0.85 5.85 -0.36
N GLY A 86 1.13 7.13 -0.12
CA GLY A 86 0.66 8.17 -1.02
C GLY A 86 -0.77 8.55 -0.77
N SER A 87 -1.16 8.61 0.50
CA SER A 87 -2.53 8.98 0.86
C SER A 87 -2.60 9.90 2.06
N GLN A 88 -3.73 10.57 2.17
CA GLN A 88 -3.98 11.49 3.27
C GLN A 88 -5.11 10.96 4.15
N ILE A 89 -4.90 10.99 5.46
CA ILE A 89 -5.91 10.51 6.40
C ILE A 89 -6.27 11.58 7.40
N GLU A 90 -7.36 12.30 7.13
CA GLU A 90 -7.81 13.37 8.01
C GLU A 90 -8.25 12.82 9.36
N PHE A 91 -8.28 13.69 10.36
CA PHE A 91 -8.67 13.30 11.71
C PHE A 91 -9.92 14.06 12.14
N SER A 92 -10.37 13.80 13.36
CA SER A 92 -11.56 14.45 13.88
C SER A 92 -11.61 14.44 15.40
N CYS A 93 -11.42 15.60 15.99
CA CYS A 93 -11.46 15.69 17.44
C CYS A 93 -12.90 15.81 17.92
N SER A 94 -13.27 14.94 18.86
CA SER A 94 -14.62 14.91 19.41
C SER A 94 -15.17 16.28 19.81
N GLU A 95 -16.39 16.24 20.32
CA GLU A 95 -17.13 17.41 20.77
C GLU A 95 -16.30 18.37 21.63
N GLY A 96 -16.11 18.01 22.89
CA GLY A 96 -15.41 18.87 23.83
C GLY A 96 -13.95 19.15 23.52
N PHE A 97 -13.53 19.01 22.27
CA PHE A 97 -12.14 19.28 21.90
C PHE A 97 -12.03 19.62 20.42
N PHE A 98 -10.80 19.90 19.98
CA PHE A 98 -10.53 20.21 18.58
C PHE A 98 -9.21 19.60 18.13
N LEU A 99 -8.98 19.69 16.83
CA LEU A 99 -7.78 19.14 16.21
C LEU A 99 -6.62 20.13 16.27
N ILE A 100 -5.44 19.61 16.58
CA ILE A 100 -4.22 20.42 16.65
C ILE A 100 -3.01 19.52 16.48
N GLY A 101 -2.27 19.80 15.42
CA GLY A 101 -1.10 19.03 15.09
C GLY A 101 -0.89 18.96 13.59
N SER A 102 -1.87 18.37 12.92
CA SER A 102 -1.87 18.20 11.49
C SER A 102 -3.10 17.39 11.10
N THR A 103 -4.16 18.08 10.68
CA THR A 103 -5.40 17.41 10.32
C THR A 103 -5.17 16.45 9.17
N THR A 104 -4.00 16.54 8.56
CA THR A 104 -3.67 15.67 7.46
C THR A 104 -2.48 14.79 7.83
N SER A 105 -2.38 13.65 7.17
CA SER A 105 -1.27 12.74 7.37
C SER A 105 -0.92 12.10 6.04
N ARG A 106 0.25 12.41 5.53
CA ARG A 106 0.70 11.90 4.24
C ARG A 106 1.60 10.69 4.40
N CYS A 107 1.32 9.65 3.63
CA CYS A 107 2.10 8.42 3.67
C CYS A 107 3.31 8.56 2.76
N GLU A 108 4.49 8.55 3.36
CA GLU A 108 5.71 8.72 2.62
C GLU A 108 6.62 7.51 2.80
N VAL A 109 7.70 7.46 2.05
CA VAL A 109 8.61 6.33 2.13
C VAL A 109 10.08 6.74 2.00
N GLN A 110 10.88 6.17 2.89
CA GLN A 110 12.31 6.43 2.91
C GLN A 110 13.06 5.16 3.29
N ASP A 111 12.39 4.03 3.08
CA ASP A 111 12.94 2.72 3.39
C ASP A 111 12.11 1.64 2.70
N ARG A 112 12.37 0.40 3.05
CA ARG A 112 11.63 -0.72 2.49
C ARG A 112 10.43 -1.09 3.36
N GLY A 113 10.07 -0.18 4.26
CA GLY A 113 8.95 -0.42 5.15
C GLY A 113 8.15 0.83 5.43
N VAL A 114 8.33 1.84 4.58
CA VAL A 114 7.60 3.10 4.72
C VAL A 114 7.97 3.82 6.01
N GLY A 115 7.91 5.14 5.95
CA GLY A 115 8.27 5.92 7.11
C GLY A 115 7.32 7.06 7.46
N TRP A 116 6.18 6.76 8.08
CA TRP A 116 5.19 7.77 8.46
C TRP A 116 5.80 9.14 8.71
N SER A 117 5.16 10.17 8.17
CA SER A 117 5.63 11.53 8.33
C SER A 117 5.16 12.10 9.67
N HIS A 118 3.99 11.66 10.11
CA HIS A 118 3.42 12.10 11.38
C HIS A 118 2.12 11.35 11.69
N PRO A 119 1.96 10.87 12.94
CA PRO A 119 0.78 10.14 13.37
C PRO A 119 -0.26 11.01 14.05
N LEU A 120 -1.01 10.43 14.98
CA LEU A 120 -2.05 11.13 15.72
C LEU A 120 -1.62 12.54 16.11
N PRO A 121 -2.55 13.50 16.03
CA PRO A 121 -2.31 14.90 16.39
C PRO A 121 -2.44 15.14 17.89
N GLN A 122 -3.10 16.25 18.27
CA GLN A 122 -3.27 16.59 19.67
C GLN A 122 -4.71 17.03 19.95
N CYS A 123 -5.43 16.26 20.77
CA CYS A 123 -6.80 16.60 21.11
C CYS A 123 -6.90 17.22 22.49
N GLU A 124 -7.25 18.51 22.53
CA GLU A 124 -7.40 19.24 23.79
C GLU A 124 -8.73 19.96 23.83
N ILE A 125 -9.32 19.96 25.03
CA ILE A 125 -10.62 20.57 25.26
C ILE A 125 -10.62 22.06 24.90
N LEU A 126 -11.78 22.55 24.46
CA LEU A 126 -11.93 23.95 24.08
C LEU A 126 -11.89 24.85 25.30
N GLU A 127 -12.90 24.72 26.16
CA GLU A 127 -12.98 25.53 27.38
C GLU A 127 -12.01 25.01 28.43
N HIS A 128 -11.63 25.88 29.37
CA HIS A 128 -10.70 25.53 30.43
C HIS A 128 -11.41 24.72 31.52
N HIS A 129 -12.68 24.44 31.32
CA HIS A 129 -13.47 23.68 32.29
C HIS A 129 -12.93 22.26 32.41
N HIS A 130 -12.25 21.98 33.53
CA HIS A 130 -11.68 20.66 33.77
C HIS A 130 -11.90 20.24 35.22
N HIS A 131 -11.69 21.18 36.14
CA HIS A 131 -11.86 20.91 37.57
C HIS A 131 -13.23 21.36 38.05
N HIS A 132 -13.42 21.36 39.38
CA HIS A 132 -14.68 21.77 39.97
C HIS A 132 -14.60 23.20 40.48
N HIS A 133 -15.72 23.71 41.00
CA HIS A 133 -15.78 25.07 41.52
C HIS A 133 -15.97 25.05 43.03
N MET A 1 14.30 -22.62 -23.91
CA MET A 1 13.33 -21.68 -24.55
C MET A 1 12.15 -21.42 -23.62
N ASN A 2 11.24 -22.40 -23.53
CA ASN A 2 10.07 -22.28 -22.68
C ASN A 2 10.45 -22.30 -21.21
N CYS A 3 9.60 -21.68 -20.38
CA CYS A 3 9.85 -21.63 -18.94
C CYS A 3 8.93 -22.58 -18.20
N GLY A 4 9.16 -22.74 -16.90
CA GLY A 4 8.28 -23.58 -16.10
C GLY A 4 6.95 -22.89 -15.86
N PRO A 5 5.87 -23.64 -15.61
CA PRO A 5 4.54 -23.07 -15.37
C PRO A 5 4.60 -21.79 -14.52
N PRO A 6 3.80 -20.77 -14.90
CA PRO A 6 3.77 -19.49 -14.19
C PRO A 6 3.71 -19.63 -12.67
N PRO A 7 4.81 -19.28 -11.98
CA PRO A 7 4.89 -19.34 -10.52
C PRO A 7 3.84 -18.45 -9.87
N THR A 8 3.88 -18.44 -8.54
CA THR A 8 2.97 -17.65 -7.74
C THR A 8 3.64 -16.34 -7.33
N LEU A 9 2.95 -15.23 -7.52
CA LEU A 9 3.49 -13.93 -7.15
C LEU A 9 2.77 -13.35 -5.95
N SER A 10 3.47 -13.28 -4.82
CA SER A 10 2.89 -12.72 -3.61
C SER A 10 2.88 -11.20 -3.71
N PHE A 11 3.39 -10.70 -4.83
CA PHE A 11 3.42 -9.27 -5.09
C PHE A 11 2.61 -8.96 -6.35
N ALA A 12 1.48 -9.65 -6.47
CA ALA A 12 0.56 -9.52 -7.60
C ALA A 12 -0.34 -10.74 -7.65
N ALA A 13 -1.05 -10.85 -8.78
CA ALA A 13 -1.97 -11.96 -8.97
C ALA A 13 -2.38 -12.06 -10.44
N PRO A 14 -2.44 -13.29 -10.98
CA PRO A 14 -2.80 -13.52 -12.39
C PRO A 14 -4.08 -12.78 -12.76
N MET A 15 -4.18 -12.37 -14.03
CA MET A 15 -5.34 -11.63 -14.50
C MET A 15 -5.55 -11.81 -16.01
N ASP A 16 -4.49 -12.20 -16.70
CA ASP A 16 -4.56 -12.39 -18.15
C ASP A 16 -3.41 -13.26 -18.65
N ILE A 17 -3.67 -14.55 -18.76
CA ILE A 17 -2.67 -15.49 -19.21
C ILE A 17 -3.27 -16.85 -19.48
N THR A 18 -4.47 -17.05 -18.95
CA THR A 18 -5.16 -18.32 -19.07
C THR A 18 -4.22 -19.46 -18.72
N LEU A 19 -4.34 -19.94 -17.49
CA LEU A 19 -3.48 -21.01 -17.01
C LEU A 19 -3.90 -22.35 -17.58
N THR A 20 -4.32 -22.36 -18.84
CA THR A 20 -4.74 -23.58 -19.51
C THR A 20 -3.57 -24.21 -20.25
N GLU A 21 -2.43 -23.53 -20.23
CA GLU A 21 -1.23 -24.01 -20.90
C GLU A 21 -0.23 -24.55 -19.88
N THR A 22 1.02 -24.71 -20.33
CA THR A 22 2.08 -25.21 -19.47
C THR A 22 3.41 -24.54 -19.78
N ARG A 23 3.60 -24.22 -21.05
CA ARG A 23 4.84 -23.58 -21.50
C ARG A 23 4.52 -22.26 -22.21
N PHE A 24 5.50 -21.36 -22.28
CA PHE A 24 5.33 -20.05 -22.91
C PHE A 24 6.67 -19.55 -23.43
N LYS A 25 6.78 -19.42 -24.76
CA LYS A 25 8.03 -18.97 -25.40
C LYS A 25 8.59 -17.69 -24.78
N THR A 26 9.83 -17.39 -25.14
CA THR A 26 10.51 -16.20 -24.63
C THR A 26 9.89 -14.92 -25.18
N GLY A 27 8.89 -15.07 -26.03
CA GLY A 27 8.23 -13.91 -26.60
C GLY A 27 6.92 -13.62 -25.91
N THR A 28 6.47 -14.58 -25.12
CA THR A 28 5.21 -14.46 -24.38
C THR A 28 5.28 -13.35 -23.34
N THR A 29 4.11 -12.95 -22.83
CA THR A 29 4.06 -11.89 -21.83
C THR A 29 2.74 -11.92 -21.05
N LEU A 30 2.84 -12.00 -19.74
CA LEU A 30 1.65 -12.06 -18.87
C LEU A 30 1.13 -10.66 -18.56
N LYS A 31 0.16 -10.58 -17.65
CA LYS A 31 -0.43 -9.32 -17.25
C LYS A 31 -0.25 -9.08 -15.76
N TYR A 32 -1.03 -9.81 -14.96
CA TYR A 32 -0.97 -9.71 -13.50
C TYR A 32 -1.48 -8.36 -13.00
N THR A 33 -2.29 -8.41 -11.94
CA THR A 33 -2.86 -7.23 -11.33
C THR A 33 -2.25 -6.97 -9.95
N CYS A 34 -2.68 -5.90 -9.29
CA CYS A 34 -2.15 -5.56 -7.96
C CYS A 34 -3.26 -5.31 -6.94
N LEU A 35 -3.41 -6.30 -6.06
CA LEU A 35 -4.41 -6.28 -5.00
C LEU A 35 -4.54 -4.88 -4.38
N PRO A 36 -5.74 -4.54 -3.90
CA PRO A 36 -6.03 -3.23 -3.31
C PRO A 36 -5.00 -2.74 -2.28
N GLY A 37 -4.28 -1.68 -2.65
CA GLY A 37 -3.31 -1.10 -1.74
C GLY A 37 -1.87 -1.33 -2.13
N TYR A 38 -1.59 -2.45 -2.79
CA TYR A 38 -0.25 -2.83 -3.24
C TYR A 38 0.72 -1.65 -3.36
N VAL A 39 0.24 -0.45 -3.64
CA VAL A 39 1.15 0.70 -3.72
C VAL A 39 2.02 0.58 -4.97
N ARG A 40 2.38 1.71 -5.56
CA ARG A 40 3.18 1.67 -6.78
C ARG A 40 4.46 2.49 -6.68
N SER A 41 5.44 2.11 -7.50
CA SER A 41 6.73 2.78 -7.56
C SER A 41 7.25 2.75 -9.00
N HIS A 42 6.37 2.34 -9.91
CA HIS A 42 6.70 2.24 -11.33
C HIS A 42 7.76 1.17 -11.59
N SER A 43 7.36 0.13 -12.31
CA SER A 43 8.26 -0.96 -12.64
C SER A 43 7.64 -1.83 -13.72
N THR A 44 6.42 -1.47 -14.11
CA THR A 44 5.68 -2.20 -15.13
C THR A 44 5.29 -3.59 -14.63
N GLN A 45 4.15 -4.09 -15.07
CA GLN A 45 3.67 -5.40 -14.65
C GLN A 45 3.54 -6.35 -15.82
N THR A 46 4.59 -7.13 -16.07
CA THR A 46 4.59 -8.09 -17.17
C THR A 46 5.59 -9.21 -16.93
N LEU A 47 5.16 -10.45 -17.14
CA LEU A 47 6.02 -11.61 -16.97
C LEU A 47 6.46 -12.12 -18.34
N THR A 48 7.76 -11.99 -18.63
CA THR A 48 8.28 -12.44 -19.91
C THR A 48 9.29 -13.56 -19.74
N CYS A 49 9.34 -14.46 -20.72
CA CYS A 49 10.30 -15.55 -20.67
C CYS A 49 11.60 -15.06 -21.27
N ASN A 50 12.65 -15.07 -20.46
CA ASN A 50 13.97 -14.67 -20.94
C ASN A 50 14.79 -15.89 -21.27
N SER A 51 16.08 -15.68 -21.51
CA SER A 51 16.98 -16.76 -21.83
C SER A 51 17.81 -17.13 -20.61
N ASP A 52 17.11 -17.51 -19.53
CA ASP A 52 17.72 -17.92 -18.27
C ASP A 52 17.11 -19.23 -17.83
N GLY A 53 15.80 -19.35 -17.98
CA GLY A 53 15.11 -20.57 -17.61
C GLY A 53 13.83 -20.29 -16.84
N GLU A 54 13.49 -19.01 -16.72
CA GLU A 54 12.30 -18.61 -16.00
C GLU A 54 11.73 -17.27 -16.48
N TRP A 55 10.90 -16.68 -15.64
CA TRP A 55 10.24 -15.41 -15.93
C TRP A 55 10.97 -14.23 -15.33
N VAL A 56 11.34 -13.30 -16.19
CA VAL A 56 12.01 -12.08 -15.78
C VAL A 56 11.01 -10.95 -15.73
N TYR A 57 11.33 -9.93 -14.96
CA TYR A 57 10.48 -8.75 -14.86
C TYR A 57 10.87 -7.84 -13.70
N ASN A 58 10.28 -6.66 -13.65
CA ASN A 58 10.55 -5.73 -12.57
C ASN A 58 9.51 -5.87 -11.46
N THR A 59 9.75 -5.24 -10.32
CA THR A 59 8.81 -5.30 -9.21
C THR A 59 7.67 -4.33 -9.43
N PHE A 60 6.73 -4.73 -10.29
CA PHE A 60 5.57 -3.91 -10.62
C PHE A 60 4.91 -3.34 -9.36
N CYS A 61 3.97 -4.10 -8.80
CA CYS A 61 3.27 -3.67 -7.59
C CYS A 61 4.20 -3.74 -6.39
N ILE A 62 4.44 -2.60 -5.76
CA ILE A 62 5.32 -2.55 -4.60
C ILE A 62 4.55 -2.41 -3.29
N TYR A 63 4.01 -3.52 -2.80
CA TYR A 63 3.26 -3.53 -1.55
C TYR A 63 4.15 -3.18 -0.38
N LYS A 64 3.86 -2.04 0.24
CA LYS A 64 4.61 -1.54 1.38
C LYS A 64 3.87 -0.40 2.05
N ARG A 65 3.17 -0.71 3.14
CA ARG A 65 2.42 0.28 3.89
C ARG A 65 3.22 0.80 5.08
N CYS A 66 2.56 1.56 5.94
CA CYS A 66 3.21 2.12 7.11
C CYS A 66 2.59 1.54 8.36
N ARG A 67 3.33 1.56 9.45
CA ARG A 67 2.81 1.03 10.71
C ARG A 67 1.56 1.80 11.09
N HIS A 68 0.56 1.09 11.57
CA HIS A 68 -0.70 1.71 11.95
C HIS A 68 -0.48 2.85 12.94
N PRO A 69 -0.75 4.11 12.51
CA PRO A 69 -0.61 5.30 13.36
C PRO A 69 -1.00 5.03 14.81
N GLY A 70 -2.00 4.17 14.98
CA GLY A 70 -2.47 3.86 16.31
C GLY A 70 -3.82 4.50 16.58
N GLU A 71 -4.26 4.37 17.83
CA GLU A 71 -5.53 4.94 18.24
C GLU A 71 -5.41 6.43 18.50
N LEU A 72 -6.38 7.19 18.00
CA LEU A 72 -6.42 8.63 18.18
C LEU A 72 -7.31 8.95 19.37
N ARG A 73 -6.71 9.23 20.53
CA ARG A 73 -7.50 9.55 21.71
C ARG A 73 -8.26 10.85 21.47
N ASN A 74 -9.59 10.73 21.58
CA ASN A 74 -10.52 11.83 21.32
C ASN A 74 -10.60 12.04 19.82
N GLY A 75 -9.80 11.27 19.09
CA GLY A 75 -9.82 11.37 17.64
C GLY A 75 -10.34 10.12 16.95
N GLN A 76 -10.42 10.16 15.62
CA GLN A 76 -10.90 9.03 14.84
C GLN A 76 -10.08 8.86 13.56
N VAL A 77 -8.91 8.24 13.68
CA VAL A 77 -8.03 8.00 12.53
C VAL A 77 -8.83 7.41 11.36
N GLU A 78 -8.96 8.18 10.29
CA GLU A 78 -9.72 7.72 9.13
C GLU A 78 -8.90 6.74 8.28
N ILE A 79 -8.93 5.47 8.66
CA ILE A 79 -8.22 4.43 7.93
C ILE A 79 -9.21 3.47 7.30
N LYS A 80 -8.94 3.08 6.06
CA LYS A 80 -9.82 2.16 5.35
C LYS A 80 -9.05 1.43 4.26
N THR A 81 -8.11 2.13 3.66
CA THR A 81 -7.29 1.56 2.61
C THR A 81 -6.10 0.84 3.19
N ASP A 82 -6.20 0.49 4.47
CA ASP A 82 -5.13 -0.21 5.17
C ASP A 82 -3.90 0.65 5.29
N LEU A 83 -4.08 1.93 4.94
CA LEU A 83 -3.00 2.92 4.99
C LEU A 83 -1.82 2.46 4.15
N SER A 84 -2.05 2.39 2.85
CA SER A 84 -1.03 1.99 1.90
C SER A 84 -0.25 3.20 1.41
N PHE A 85 1.08 3.06 1.31
CA PHE A 85 1.94 4.14 0.85
C PHE A 85 1.21 4.98 -0.19
N GLY A 86 1.31 6.31 -0.07
CA GLY A 86 0.63 7.19 -1.00
C GLY A 86 -0.70 7.63 -0.45
N SER A 87 -0.92 7.40 0.84
CA SER A 87 -2.17 7.77 1.49
C SER A 87 -1.97 8.87 2.53
N GLN A 88 -3.00 9.70 2.71
CA GLN A 88 -2.94 10.80 3.66
C GLN A 88 -3.59 10.41 4.99
N ILE A 89 -4.69 9.67 4.89
CA ILE A 89 -5.44 9.20 6.05
C ILE A 89 -5.73 10.35 7.02
N GLU A 90 -6.82 11.07 6.74
CA GLU A 90 -7.21 12.19 7.58
C GLU A 90 -7.60 11.72 8.97
N PHE A 91 -7.70 12.67 9.89
CA PHE A 91 -8.07 12.36 11.27
C PHE A 91 -9.41 13.00 11.60
N SER A 92 -9.89 12.81 12.82
CA SER A 92 -11.17 13.38 13.21
C SER A 92 -11.27 13.56 14.73
N CYS A 93 -11.26 14.81 15.17
CA CYS A 93 -11.37 15.09 16.59
C CYS A 93 -12.84 15.23 16.97
N SER A 94 -13.30 14.31 17.80
CA SER A 94 -14.71 14.30 18.23
C SER A 94 -15.19 15.67 18.68
N GLU A 95 -16.51 15.77 18.84
CA GLU A 95 -17.16 17.00 19.28
C GLU A 95 -16.44 17.62 20.46
N GLY A 96 -16.55 18.95 20.57
CA GLY A 96 -15.92 19.68 21.66
C GLY A 96 -14.44 19.92 21.44
N PHE A 97 -13.75 18.95 20.85
CA PHE A 97 -12.31 19.09 20.61
C PHE A 97 -12.04 19.22 19.12
N PHE A 98 -10.98 19.95 18.77
CA PHE A 98 -10.63 20.17 17.39
C PHE A 98 -9.37 19.42 17.00
N LEU A 99 -9.15 19.34 15.70
CA LEU A 99 -7.99 18.67 15.14
C LEU A 99 -6.81 19.64 15.10
N ILE A 100 -5.63 19.16 15.46
CA ILE A 100 -4.42 19.96 15.45
C ILE A 100 -3.20 19.06 15.38
N GLY A 101 -2.34 19.39 14.42
CA GLY A 101 -1.14 18.61 14.20
C GLY A 101 -0.86 18.46 12.73
N SER A 102 -1.86 17.91 12.03
CA SER A 102 -1.81 17.67 10.60
C SER A 102 -2.97 16.75 10.23
N THR A 103 -4.04 17.32 9.69
CA THR A 103 -5.21 16.54 9.35
C THR A 103 -4.86 15.47 8.34
N THR A 104 -3.71 15.60 7.72
CA THR A 104 -3.27 14.64 6.73
C THR A 104 -2.00 13.95 7.22
N SER A 105 -1.72 12.79 6.65
CA SER A 105 -0.51 12.04 6.99
C SER A 105 -0.10 11.24 5.77
N ARG A 106 1.03 11.58 5.18
CA ARG A 106 1.52 10.92 3.99
C ARG A 106 2.37 9.71 4.32
N CYS A 107 2.13 8.63 3.60
CA CYS A 107 2.88 7.41 3.79
C CYS A 107 4.10 7.46 2.90
N GLU A 108 5.27 7.53 3.51
CA GLU A 108 6.51 7.63 2.76
C GLU A 108 7.37 6.40 2.97
N VAL A 109 8.51 6.37 2.28
CA VAL A 109 9.44 5.26 2.41
C VAL A 109 10.87 5.70 2.60
N GLN A 110 11.50 5.13 3.62
CA GLN A 110 12.89 5.42 3.93
C GLN A 110 13.79 4.36 3.31
N ASP A 111 14.97 4.18 3.91
CA ASP A 111 15.95 3.21 3.41
C ASP A 111 15.27 1.94 2.90
N ARG A 112 14.70 1.17 3.82
CA ARG A 112 14.03 -0.07 3.46
C ARG A 112 13.07 -0.50 4.56
N GLY A 113 11.85 0.03 4.50
CA GLY A 113 10.84 -0.31 5.48
C GLY A 113 9.77 0.76 5.61
N VAL A 114 9.73 1.64 4.62
CA VAL A 114 8.75 2.73 4.57
C VAL A 114 8.78 3.58 5.84
N GLY A 115 8.60 4.87 5.65
CA GLY A 115 8.62 5.76 6.78
C GLY A 115 7.30 6.48 6.96
N TRP A 116 6.92 6.73 8.21
CA TRP A 116 5.68 7.45 8.50
C TRP A 116 5.97 8.94 8.70
N SER A 117 5.45 9.77 7.81
CA SER A 117 5.67 11.21 7.91
C SER A 117 5.28 11.72 9.30
N HIS A 118 4.01 11.55 9.65
CA HIS A 118 3.50 11.97 10.95
C HIS A 118 2.37 11.06 11.42
N PRO A 119 2.28 10.80 12.74
CA PRO A 119 1.26 9.95 13.32
C PRO A 119 0.08 10.74 13.87
N LEU A 120 -0.61 10.18 14.86
CA LEU A 120 -1.75 10.82 15.49
C LEU A 120 -1.51 12.30 15.75
N PRO A 121 -2.57 13.13 15.64
CA PRO A 121 -2.50 14.56 15.87
C PRO A 121 -2.67 14.94 17.34
N GLN A 122 -3.38 16.03 17.60
CA GLN A 122 -3.62 16.49 18.96
C GLN A 122 -5.08 16.90 19.16
N CYS A 123 -5.76 16.23 20.08
CA CYS A 123 -7.16 16.55 20.37
C CYS A 123 -7.28 17.35 21.66
N GLU A 124 -7.67 18.62 21.55
CA GLU A 124 -7.84 19.49 22.71
C GLU A 124 -9.21 20.15 22.67
N ILE A 125 -9.82 20.27 23.84
CA ILE A 125 -11.14 20.88 23.96
C ILE A 125 -11.10 22.36 23.59
N LEU A 126 -12.21 22.86 23.05
CA LEU A 126 -12.31 24.26 22.66
C LEU A 126 -12.60 25.14 23.86
N GLU A 127 -13.83 25.06 24.36
CA GLU A 127 -14.25 25.83 25.53
C GLU A 127 -15.12 24.99 26.46
N HIS A 128 -14.80 25.03 27.76
CA HIS A 128 -15.54 24.26 28.75
C HIS A 128 -16.84 24.97 29.13
N HIS A 129 -17.94 24.50 28.57
CA HIS A 129 -19.26 25.07 28.85
C HIS A 129 -20.37 24.19 28.29
N HIS A 130 -21.12 23.56 29.19
CA HIS A 130 -22.22 22.68 28.77
C HIS A 130 -23.36 22.74 29.77
N HIS A 131 -23.12 22.21 30.97
CA HIS A 131 -24.12 22.19 32.03
C HIS A 131 -25.36 21.41 31.62
N HIS A 132 -25.50 20.20 32.15
CA HIS A 132 -26.65 19.36 31.84
C HIS A 132 -27.19 18.71 33.10
N HIS A 133 -28.51 18.49 33.14
CA HIS A 133 -29.16 17.88 34.29
C HIS A 133 -29.98 16.67 33.87
N MET A 1 12.54 -22.28 -27.84
CA MET A 1 12.78 -21.68 -26.51
C MET A 1 11.49 -21.67 -25.68
N ASN A 2 11.57 -22.18 -24.46
CA ASN A 2 10.42 -22.23 -23.57
C ASN A 2 10.84 -22.10 -22.11
N CYS A 3 9.99 -21.43 -21.33
CA CYS A 3 10.27 -21.22 -19.91
C CYS A 3 9.46 -22.18 -19.05
N GLY A 4 9.81 -22.25 -17.77
CA GLY A 4 9.07 -23.10 -16.85
C GLY A 4 7.73 -22.49 -16.49
N PRO A 5 6.66 -23.30 -16.37
CA PRO A 5 5.33 -22.79 -16.03
C PRO A 5 5.35 -21.62 -15.06
N PRO A 6 4.60 -20.54 -15.36
CA PRO A 6 4.55 -19.35 -14.51
C PRO A 6 4.24 -19.68 -13.05
N PRO A 7 4.99 -19.08 -12.12
CA PRO A 7 4.80 -19.30 -10.68
C PRO A 7 3.61 -18.53 -10.14
N THR A 8 3.54 -18.54 -8.81
CA THR A 8 2.51 -17.85 -8.06
C THR A 8 3.07 -16.54 -7.55
N LEU A 9 3.51 -15.65 -8.46
CA LEU A 9 4.13 -14.40 -8.03
C LEU A 9 3.34 -13.79 -6.88
N SER A 10 3.97 -13.65 -5.73
CA SER A 10 3.31 -13.09 -4.57
C SER A 10 2.85 -11.65 -4.83
N PHE A 11 3.65 -10.91 -5.57
CA PHE A 11 3.35 -9.50 -5.86
C PHE A 11 2.24 -9.36 -6.91
N ALA A 12 1.71 -10.47 -7.40
CA ALA A 12 0.65 -10.43 -8.41
C ALA A 12 -0.17 -11.71 -8.43
N ALA A 13 -1.34 -11.59 -9.05
CA ALA A 13 -2.21 -12.74 -9.23
C ALA A 13 -2.67 -12.81 -10.67
N PRO A 14 -2.75 -14.03 -11.26
CA PRO A 14 -3.16 -14.21 -12.65
C PRO A 14 -4.38 -13.37 -13.00
N MET A 15 -4.45 -12.96 -14.26
CA MET A 15 -5.57 -12.13 -14.72
C MET A 15 -6.22 -12.72 -15.96
N ASP A 16 -5.50 -13.59 -16.65
CA ASP A 16 -6.00 -14.24 -17.86
C ASP A 16 -5.21 -15.51 -18.16
N ILE A 17 -4.28 -15.41 -19.11
CA ILE A 17 -3.44 -16.52 -19.53
C ILE A 17 -4.20 -17.83 -19.57
N THR A 18 -4.67 -18.19 -20.75
CA THR A 18 -5.38 -19.45 -20.92
C THR A 18 -4.48 -20.58 -20.45
N LEU A 19 -4.91 -21.27 -19.41
CA LEU A 19 -4.14 -22.36 -18.85
C LEU A 19 -4.27 -23.62 -19.70
N THR A 20 -4.32 -23.43 -21.01
CA THR A 20 -4.45 -24.55 -21.94
C THR A 20 -3.08 -25.08 -22.35
N GLU A 21 -2.04 -24.52 -21.74
CA GLU A 21 -0.67 -24.94 -22.03
C GLU A 21 0.18 -24.91 -20.78
N THR A 22 1.30 -25.63 -20.81
CA THR A 22 2.22 -25.67 -19.67
C THR A 22 3.53 -24.97 -20.00
N ARG A 23 3.72 -24.68 -21.28
CA ARG A 23 4.93 -24.00 -21.75
C ARG A 23 4.56 -22.70 -22.47
N PHE A 24 5.50 -21.76 -22.54
CA PHE A 24 5.25 -20.47 -23.18
C PHE A 24 6.54 -19.94 -23.79
N LYS A 25 6.59 -19.89 -25.13
CA LYS A 25 7.77 -19.43 -25.85
C LYS A 25 8.29 -18.09 -25.32
N THR A 26 9.52 -17.77 -25.72
CA THR A 26 10.16 -16.53 -25.29
C THR A 26 9.48 -15.29 -25.83
N GLY A 27 8.42 -15.48 -26.59
CA GLY A 27 7.70 -14.35 -27.16
C GLY A 27 6.40 -14.09 -26.43
N THR A 28 6.02 -15.04 -25.58
CA THR A 28 4.78 -14.93 -24.81
C THR A 28 4.86 -13.81 -23.78
N THR A 29 3.72 -13.48 -23.17
CA THR A 29 3.67 -12.44 -22.15
C THR A 29 2.39 -12.52 -21.34
N LEU A 30 2.53 -12.57 -20.02
CA LEU A 30 1.38 -12.66 -19.13
C LEU A 30 0.82 -11.27 -18.80
N LYS A 31 0.05 -11.20 -17.71
CA LYS A 31 -0.55 -9.95 -17.27
C LYS A 31 -0.36 -9.79 -15.75
N TYR A 32 -1.14 -10.56 -14.99
CA TYR A 32 -1.07 -10.53 -13.53
C TYR A 32 -1.48 -9.17 -12.97
N THR A 33 -2.18 -9.19 -11.83
CA THR A 33 -2.65 -7.97 -11.18
C THR A 33 -1.78 -7.62 -9.97
N CYS A 34 -2.36 -6.88 -9.02
CA CYS A 34 -1.64 -6.48 -7.82
C CYS A 34 -2.61 -6.15 -6.68
N LEU A 35 -2.54 -6.99 -5.65
CA LEU A 35 -3.39 -6.87 -4.48
C LEU A 35 -3.52 -5.41 -4.05
N PRO A 36 -4.72 -5.03 -3.57
CA PRO A 36 -5.04 -3.66 -3.16
C PRO A 36 -4.00 -2.99 -2.26
N GLY A 37 -3.38 -1.93 -2.77
CA GLY A 37 -2.42 -1.17 -1.99
C GLY A 37 -0.98 -1.61 -2.20
N TYR A 38 -0.80 -2.72 -2.89
CA TYR A 38 0.53 -3.27 -3.16
C TYR A 38 1.62 -2.24 -3.36
N VAL A 39 1.29 -0.97 -3.60
CA VAL A 39 2.33 0.03 -3.73
C VAL A 39 3.19 -0.30 -4.95
N ARG A 40 4.02 0.62 -5.41
CA ARG A 40 4.87 0.33 -6.57
C ARG A 40 5.81 1.46 -6.92
N SER A 41 6.73 1.13 -7.83
CA SER A 41 7.72 2.08 -8.32
C SER A 41 7.64 2.14 -9.84
N HIS A 42 6.51 1.70 -10.38
CA HIS A 42 6.26 1.68 -11.82
C HIS A 42 7.12 0.61 -12.52
N SER A 43 8.12 1.07 -13.26
CA SER A 43 9.01 0.17 -13.98
C SER A 43 8.29 -0.58 -15.10
N THR A 44 7.53 -1.61 -14.71
CA THR A 44 6.79 -2.42 -15.68
C THR A 44 5.73 -3.27 -14.96
N GLN A 45 5.25 -4.31 -15.65
CA GLN A 45 4.24 -5.21 -15.10
C GLN A 45 3.85 -6.29 -16.11
N THR A 46 4.82 -7.13 -16.49
CA THR A 46 4.58 -8.20 -17.46
C THR A 46 5.60 -9.32 -17.34
N LEU A 47 5.15 -10.54 -17.57
CA LEU A 47 6.02 -11.72 -17.49
C LEU A 47 6.27 -12.28 -18.88
N THR A 48 7.51 -12.13 -19.37
CA THR A 48 7.88 -12.64 -20.68
C THR A 48 8.93 -13.73 -20.56
N CYS A 49 8.92 -14.68 -21.49
CA CYS A 49 9.90 -15.75 -21.43
C CYS A 49 11.21 -15.25 -22.03
N ASN A 50 12.24 -15.23 -21.21
CA ASN A 50 13.56 -14.81 -21.64
C ASN A 50 14.42 -16.04 -21.91
N SER A 51 15.65 -15.82 -22.34
CA SER A 51 16.57 -16.93 -22.62
C SER A 51 17.38 -17.27 -21.37
N ASP A 52 16.67 -17.68 -20.32
CA ASP A 52 17.27 -18.05 -19.05
C ASP A 52 16.50 -19.20 -18.41
N GLY A 53 15.47 -19.66 -19.14
CA GLY A 53 14.65 -20.73 -18.62
C GLY A 53 13.73 -20.30 -17.49
N GLU A 54 13.62 -18.99 -17.36
CA GLU A 54 12.76 -18.40 -16.32
C GLU A 54 12.03 -17.17 -16.82
N TRP A 55 11.20 -16.61 -15.95
CA TRP A 55 10.44 -15.42 -16.27
C TRP A 55 11.15 -14.20 -15.71
N VAL A 56 11.59 -13.34 -16.63
CA VAL A 56 12.29 -12.11 -16.29
C VAL A 56 11.31 -10.96 -16.29
N TYR A 57 11.56 -9.95 -15.47
CA TYR A 57 10.68 -8.78 -15.44
C TYR A 57 11.02 -7.83 -14.30
N ASN A 58 10.38 -6.66 -14.27
CA ASN A 58 10.62 -5.69 -13.22
C ASN A 58 9.61 -5.86 -12.10
N THR A 59 9.83 -5.16 -10.99
CA THR A 59 8.94 -5.24 -9.84
C THR A 59 7.78 -4.27 -10.00
N PHE A 60 6.69 -4.75 -10.60
CA PHE A 60 5.51 -3.92 -10.82
C PHE A 60 4.90 -3.41 -9.51
N CYS A 61 5.14 -4.14 -8.43
CA CYS A 61 4.61 -3.75 -7.12
C CYS A 61 5.59 -4.10 -6.00
N ILE A 62 5.63 -3.25 -4.98
CA ILE A 62 6.55 -3.45 -3.85
C ILE A 62 5.81 -3.78 -2.55
N TYR A 63 4.81 -2.97 -2.22
CA TYR A 63 3.99 -3.16 -1.01
C TYR A 63 4.75 -2.80 0.26
N LYS A 64 4.33 -1.72 0.88
CA LYS A 64 4.94 -1.22 2.10
C LYS A 64 4.04 -0.19 2.78
N ARG A 65 3.37 -0.61 3.85
CA ARG A 65 2.46 0.29 4.57
C ARG A 65 3.16 0.96 5.75
N CYS A 66 2.38 1.63 6.59
CA CYS A 66 2.92 2.33 7.74
C CYS A 66 2.28 1.81 9.02
N ARG A 67 2.92 2.04 10.16
CA ARG A 67 2.36 1.57 11.42
C ARG A 67 1.11 2.38 11.77
N HIS A 68 0.11 1.68 12.26
CA HIS A 68 -1.15 2.33 12.62
C HIS A 68 -0.93 3.53 13.55
N PRO A 69 -1.44 4.72 13.15
CA PRO A 69 -1.33 5.94 13.96
C PRO A 69 -1.71 5.68 15.41
N GLY A 70 -2.65 4.77 15.60
CA GLY A 70 -3.12 4.45 16.94
C GLY A 70 -4.47 5.07 17.20
N GLU A 71 -4.89 4.95 18.46
CA GLU A 71 -6.18 5.50 18.87
C GLU A 71 -6.07 7.00 19.10
N LEU A 72 -7.04 7.74 18.58
CA LEU A 72 -7.07 9.19 18.73
C LEU A 72 -7.93 9.55 19.94
N ARG A 73 -7.29 9.81 21.07
CA ARG A 73 -8.03 10.18 22.27
C ARG A 73 -8.77 11.49 22.02
N ASN A 74 -10.09 11.43 22.18
CA ASN A 74 -10.95 12.57 21.91
C ASN A 74 -10.81 12.89 20.44
N GLY A 75 -10.82 11.87 19.60
CA GLY A 75 -10.67 12.09 18.18
C GLY A 75 -10.90 10.84 17.35
N GLN A 76 -10.79 10.98 16.04
CA GLN A 76 -10.98 9.86 15.14
C GLN A 76 -9.90 9.82 14.06
N VAL A 77 -9.36 8.63 13.83
CA VAL A 77 -8.32 8.47 12.82
C VAL A 77 -8.89 7.75 11.60
N GLU A 78 -9.01 8.47 10.49
CA GLU A 78 -9.54 7.89 9.26
C GLU A 78 -8.61 6.81 8.71
N ILE A 79 -9.00 5.55 8.91
CA ILE A 79 -8.21 4.42 8.42
C ILE A 79 -9.09 3.47 7.62
N LYS A 80 -8.59 3.02 6.48
CA LYS A 80 -9.34 2.10 5.62
C LYS A 80 -8.42 1.44 4.61
N THR A 81 -7.52 2.21 4.05
CA THR A 81 -6.59 1.71 3.04
C THR A 81 -5.43 0.94 3.68
N ASP A 82 -5.58 0.58 4.94
CA ASP A 82 -4.55 -0.18 5.66
C ASP A 82 -3.26 0.63 5.76
N LEU A 83 -3.32 1.88 5.35
CA LEU A 83 -2.16 2.75 5.38
C LEU A 83 -1.11 2.28 4.40
N SER A 84 -1.50 2.19 3.14
CA SER A 84 -0.58 1.77 2.09
C SER A 84 0.20 2.98 1.57
N PHE A 85 1.53 2.85 1.55
CA PHE A 85 2.40 3.92 1.06
C PHE A 85 1.70 4.72 -0.03
N GLY A 86 1.78 6.05 0.05
CA GLY A 86 1.14 6.88 -0.94
C GLY A 86 -0.32 7.15 -0.59
N SER A 87 -0.65 7.10 0.70
CA SER A 87 -2.02 7.32 1.14
C SER A 87 -2.11 8.39 2.23
N GLN A 88 -3.28 9.00 2.30
CA GLN A 88 -3.56 10.04 3.28
C GLN A 88 -4.63 9.59 4.26
N ILE A 89 -4.41 9.85 5.55
CA ILE A 89 -5.38 9.49 6.58
C ILE A 89 -5.74 10.71 7.42
N GLU A 90 -6.98 11.16 7.28
CA GLU A 90 -7.45 12.33 8.01
C GLU A 90 -7.79 11.98 9.45
N PHE A 91 -8.24 12.97 10.21
CA PHE A 91 -8.62 12.77 11.59
C PHE A 91 -9.87 13.57 11.93
N SER A 92 -10.28 13.51 13.19
CA SER A 92 -11.47 14.23 13.64
C SER A 92 -11.51 14.41 15.14
N CYS A 93 -11.41 15.65 15.59
CA CYS A 93 -11.44 15.92 17.01
C CYS A 93 -12.89 16.18 17.46
N SER A 94 -13.33 15.37 18.42
CA SER A 94 -14.70 15.43 18.94
C SER A 94 -15.21 16.85 19.15
N GLU A 95 -16.52 16.94 19.28
CA GLU A 95 -17.26 18.19 19.50
C GLU A 95 -16.46 19.29 20.20
N GLY A 96 -16.24 19.16 21.50
CA GLY A 96 -15.58 20.21 22.26
C GLY A 96 -14.11 20.42 21.95
N PHE A 97 -13.45 19.44 21.36
CA PHE A 97 -12.01 19.58 21.07
C PHE A 97 -11.76 19.67 19.57
N PHE A 98 -10.83 20.54 19.19
CA PHE A 98 -10.50 20.71 17.78
C PHE A 98 -9.21 20.00 17.41
N LEU A 99 -9.02 19.87 16.10
CA LEU A 99 -7.84 19.21 15.56
C LEU A 99 -6.66 20.17 15.50
N ILE A 100 -5.48 19.69 15.87
CA ILE A 100 -4.25 20.46 15.84
C ILE A 100 -3.07 19.51 15.77
N GLY A 101 -2.65 19.25 14.56
CA GLY A 101 -1.56 18.35 14.28
C GLY A 101 -1.63 17.79 12.88
N SER A 102 -2.01 18.66 11.95
CA SER A 102 -2.15 18.28 10.55
C SER A 102 -3.29 17.27 10.40
N THR A 103 -4.43 17.73 9.88
CA THR A 103 -5.59 16.87 9.69
C THR A 103 -5.30 15.78 8.68
N THR A 104 -4.13 15.85 8.06
CA THR A 104 -3.75 14.86 7.09
C THR A 104 -2.50 14.12 7.53
N SER A 105 -2.32 12.92 7.00
CA SER A 105 -1.14 12.13 7.31
C SER A 105 -0.79 11.27 6.09
N ARG A 106 0.36 11.55 5.48
CA ARG A 106 0.80 10.84 4.28
C ARG A 106 1.82 9.76 4.61
N CYS A 107 1.83 8.71 3.78
CA CYS A 107 2.75 7.59 3.97
C CYS A 107 3.91 7.65 2.98
N GLU A 108 5.12 7.73 3.51
CA GLU A 108 6.32 7.79 2.69
C GLU A 108 7.31 6.73 3.13
N VAL A 109 8.55 6.82 2.65
CA VAL A 109 9.58 5.86 3.02
C VAL A 109 10.90 6.53 3.39
N GLN A 110 11.46 6.09 4.51
CA GLN A 110 12.74 6.60 5.00
C GLN A 110 13.15 5.92 6.29
N ASP A 111 12.91 4.62 6.38
CA ASP A 111 13.25 3.88 7.58
C ASP A 111 13.28 2.38 7.30
N ARG A 112 12.24 1.67 7.77
CA ARG A 112 12.15 0.24 7.57
C ARG A 112 11.35 -0.09 6.34
N GLY A 113 11.68 0.58 5.24
CA GLY A 113 10.98 0.35 4.01
C GLY A 113 9.87 1.34 3.82
N VAL A 114 9.63 2.13 4.86
CA VAL A 114 8.58 3.14 4.82
C VAL A 114 8.61 4.02 6.07
N GLY A 115 8.43 5.32 5.85
CA GLY A 115 8.45 6.25 6.97
C GLY A 115 7.13 6.97 7.15
N TRP A 116 6.78 7.30 8.39
CA TRP A 116 5.53 8.01 8.66
C TRP A 116 5.77 9.52 8.69
N SER A 117 5.02 10.25 7.87
CA SER A 117 5.15 11.70 7.81
C SER A 117 4.72 12.33 9.14
N HIS A 118 3.65 11.81 9.72
CA HIS A 118 3.13 12.32 10.98
C HIS A 118 2.03 11.40 11.52
N PRO A 119 2.04 11.12 12.84
CA PRO A 119 1.06 10.27 13.47
C PRO A 119 -0.08 11.09 14.10
N LEU A 120 -0.45 10.70 15.32
CA LEU A 120 -1.51 11.38 16.05
C LEU A 120 -1.24 12.87 16.23
N PRO A 121 -2.31 13.69 16.15
CA PRO A 121 -2.20 15.13 16.33
C PRO A 121 -2.36 15.56 17.79
N GLN A 122 -3.09 16.64 18.02
CA GLN A 122 -3.32 17.15 19.36
C GLN A 122 -4.78 17.54 19.54
N CYS A 123 -5.49 16.82 20.41
CA CYS A 123 -6.89 17.11 20.66
C CYS A 123 -7.07 17.87 21.97
N GLU A 124 -7.38 19.15 21.86
CA GLU A 124 -7.58 19.99 23.03
C GLU A 124 -8.95 20.67 22.96
N ILE A 125 -9.57 20.80 24.12
CA ILE A 125 -10.89 21.41 24.21
C ILE A 125 -10.84 22.90 23.91
N LEU A 126 -11.95 23.45 23.44
CA LEU A 126 -12.03 24.87 23.12
C LEU A 126 -12.25 25.71 24.37
N GLU A 127 -12.16 25.07 25.54
CA GLU A 127 -12.35 25.77 26.80
C GLU A 127 -11.33 25.33 27.85
N HIS A 128 -11.65 24.27 28.58
CA HIS A 128 -10.76 23.75 29.62
C HIS A 128 -10.99 22.25 29.84
N HIS A 129 -9.92 21.55 30.20
CA HIS A 129 -10.00 20.11 30.44
C HIS A 129 -9.02 19.68 31.54
N HIS A 130 -9.48 18.81 32.42
CA HIS A 130 -8.65 18.31 33.51
C HIS A 130 -7.91 17.04 33.11
N HIS A 131 -6.66 16.93 33.52
CA HIS A 131 -5.83 15.77 33.20
C HIS A 131 -6.18 14.59 34.10
N HIS A 132 -6.32 13.41 33.51
CA HIS A 132 -6.64 12.20 34.26
C HIS A 132 -5.42 11.31 34.43
N HIS A 133 -5.22 10.80 35.64
CA HIS A 133 -4.08 9.94 35.94
C HIS A 133 -4.53 8.49 36.06
N MET A 1 13.43 -24.51 -24.17
CA MET A 1 12.83 -23.39 -24.94
C MET A 1 11.75 -22.68 -24.12
N ASN A 2 10.68 -23.41 -23.80
CA ASN A 2 9.59 -22.86 -23.01
C ASN A 2 9.94 -22.77 -21.54
N CYS A 3 9.07 -22.14 -20.77
CA CYS A 3 9.28 -21.98 -19.34
C CYS A 3 8.36 -22.91 -18.54
N GLY A 4 8.64 -23.05 -17.26
CA GLY A 4 7.78 -23.85 -16.41
C GLY A 4 6.58 -23.04 -15.96
N PRO A 5 5.46 -23.70 -15.58
CA PRO A 5 4.26 -22.99 -15.12
C PRO A 5 4.59 -21.78 -14.26
N PRO A 6 4.10 -20.59 -14.65
CA PRO A 6 4.34 -19.33 -13.94
C PRO A 6 4.32 -19.47 -12.42
N PRO A 7 5.20 -18.73 -11.73
CA PRO A 7 5.30 -18.74 -10.27
C PRO A 7 4.25 -17.85 -9.62
N THR A 8 4.29 -17.86 -8.29
CA THR A 8 3.39 -17.06 -7.47
C THR A 8 4.10 -15.79 -7.04
N LEU A 9 3.43 -14.64 -7.20
CA LEU A 9 4.04 -13.38 -6.82
C LEU A 9 3.24 -12.68 -5.72
N SER A 10 3.63 -11.43 -5.46
CA SER A 10 2.97 -10.63 -4.45
C SER A 10 2.51 -9.30 -5.03
N PHE A 11 3.45 -8.53 -5.55
CA PHE A 11 3.14 -7.24 -6.16
C PHE A 11 2.13 -7.41 -7.27
N ALA A 12 1.97 -8.65 -7.75
CA ALA A 12 1.02 -8.93 -8.82
C ALA A 12 0.52 -10.36 -8.78
N ALA A 13 -0.67 -10.54 -9.35
CA ALA A 13 -1.29 -11.85 -9.45
C ALA A 13 -1.93 -12.03 -10.83
N PRO A 14 -2.01 -13.28 -11.33
CA PRO A 14 -2.61 -13.57 -12.64
C PRO A 14 -3.85 -12.74 -12.92
N MET A 15 -4.04 -12.37 -14.19
CA MET A 15 -5.21 -11.55 -14.57
C MET A 15 -5.61 -11.81 -16.02
N ASP A 16 -4.71 -12.39 -16.79
CA ASP A 16 -4.99 -12.68 -18.20
C ASP A 16 -4.76 -14.15 -18.50
N ILE A 17 -4.04 -14.82 -17.61
CA ILE A 17 -3.73 -16.24 -17.78
C ILE A 17 -4.75 -17.11 -17.06
N THR A 18 -5.08 -16.70 -15.84
CA THR A 18 -6.04 -17.40 -15.01
C THR A 18 -5.42 -18.71 -14.52
N LEU A 19 -4.10 -18.75 -14.57
CA LEU A 19 -3.33 -19.90 -14.15
C LEU A 19 -3.99 -21.18 -14.64
N THR A 20 -3.71 -21.53 -15.89
CA THR A 20 -4.28 -22.73 -16.50
C THR A 20 -3.42 -23.18 -17.68
N GLU A 21 -2.59 -22.26 -18.16
CA GLU A 21 -1.70 -22.54 -19.28
C GLU A 21 -0.42 -23.18 -18.78
N THR A 22 -0.13 -24.39 -19.28
CA THR A 22 1.06 -25.13 -18.87
C THR A 22 2.33 -24.54 -19.48
N ARG A 23 2.32 -24.31 -20.79
CA ARG A 23 3.49 -23.78 -21.47
C ARG A 23 3.15 -22.52 -22.27
N PHE A 24 4.16 -21.72 -22.57
CA PHE A 24 3.99 -20.49 -23.33
C PHE A 24 5.05 -20.41 -24.43
N LYS A 25 5.83 -19.33 -24.45
CA LYS A 25 6.89 -19.19 -25.44
C LYS A 25 7.80 -18.01 -25.08
N THR A 26 9.00 -18.01 -25.64
CA THR A 26 9.96 -16.95 -25.37
C THR A 26 9.43 -15.60 -25.83
N GLY A 27 8.32 -15.63 -26.55
CA GLY A 27 7.72 -14.40 -27.04
C GLY A 27 6.44 -14.09 -26.30
N THR A 28 5.98 -15.05 -25.49
CA THR A 28 4.75 -14.90 -24.72
C THR A 28 4.87 -13.75 -23.72
N THR A 29 3.74 -13.34 -23.14
CA THR A 29 3.74 -12.27 -22.16
C THR A 29 2.44 -12.26 -21.36
N LEU A 30 2.58 -12.33 -20.03
CA LEU A 30 1.42 -12.34 -19.15
C LEU A 30 0.92 -10.92 -18.92
N LYS A 31 0.05 -10.76 -17.91
CA LYS A 31 -0.50 -9.46 -17.58
C LYS A 31 -0.28 -9.16 -16.10
N TYR A 32 -0.95 -9.92 -15.24
CA TYR A 32 -0.83 -9.77 -13.80
C TYR A 32 -1.33 -8.41 -13.32
N THR A 33 -2.18 -8.43 -12.30
CA THR A 33 -2.74 -7.22 -11.72
C THR A 33 -2.03 -6.89 -10.40
N CYS A 34 -1.38 -5.74 -10.36
CA CYS A 34 -0.65 -5.33 -9.17
C CYS A 34 -1.56 -4.96 -8.01
N LEU A 35 -1.44 -5.78 -6.96
CA LEU A 35 -2.22 -5.65 -5.73
C LEU A 35 -2.38 -4.20 -5.29
N PRO A 36 -3.34 -3.91 -4.39
CA PRO A 36 -3.61 -2.56 -3.89
C PRO A 36 -2.41 -1.84 -3.29
N GLY A 37 -2.01 -2.26 -2.10
CA GLY A 37 -0.90 -1.64 -1.39
C GLY A 37 0.45 -1.88 -2.03
N TYR A 38 0.45 -2.27 -3.30
CA TYR A 38 1.71 -2.49 -4.01
C TYR A 38 2.63 -1.27 -3.89
N VAL A 39 2.07 -0.08 -4.15
CA VAL A 39 2.82 1.19 -4.05
C VAL A 39 4.08 1.17 -4.92
N ARG A 40 4.53 2.36 -5.28
CA ARG A 40 5.73 2.52 -6.11
C ARG A 40 5.76 1.54 -7.29
N SER A 41 6.93 1.46 -7.93
CA SER A 41 7.15 0.58 -9.07
C SER A 41 5.96 0.53 -10.02
N HIS A 42 6.01 1.36 -11.05
CA HIS A 42 4.95 1.41 -12.05
C HIS A 42 5.52 1.26 -13.45
N SER A 43 6.83 1.05 -13.52
CA SER A 43 7.52 0.90 -14.79
C SER A 43 6.89 -0.18 -15.66
N THR A 44 6.26 -1.16 -15.01
CA THR A 44 5.62 -2.26 -15.71
C THR A 44 6.61 -3.03 -16.58
N GLN A 45 6.53 -4.36 -16.57
CA GLN A 45 7.46 -5.17 -17.35
C GLN A 45 6.84 -6.49 -17.78
N THR A 46 5.80 -6.93 -17.09
CA THR A 46 5.12 -8.19 -17.43
C THR A 46 6.09 -9.36 -17.39
N LEU A 47 5.58 -10.56 -17.67
CA LEU A 47 6.41 -11.75 -17.66
C LEU A 47 6.55 -12.35 -19.06
N THR A 48 7.80 -12.52 -19.47
CA THR A 48 8.11 -13.08 -20.79
C THR A 48 9.08 -14.25 -20.64
N CYS A 49 9.11 -15.15 -21.61
CA CYS A 49 10.03 -16.27 -21.55
C CYS A 49 11.35 -15.85 -22.16
N ASN A 50 12.39 -15.92 -21.37
CA ASN A 50 13.74 -15.60 -21.83
C ASN A 50 14.46 -16.89 -22.19
N SER A 51 15.67 -16.77 -22.72
CA SER A 51 16.44 -17.95 -23.09
C SER A 51 17.27 -18.41 -21.88
N ASP A 52 16.55 -18.80 -20.83
CA ASP A 52 17.15 -19.27 -19.58
C ASP A 52 16.25 -20.30 -18.91
N GLY A 53 15.15 -20.60 -19.58
CA GLY A 53 14.19 -21.55 -19.04
C GLY A 53 13.51 -21.05 -17.78
N GLU A 54 13.59 -19.74 -17.60
CA GLU A 54 12.97 -19.08 -16.45
C GLU A 54 12.22 -17.82 -16.87
N TRP A 55 11.49 -17.24 -15.93
CA TRP A 55 10.75 -16.02 -16.18
C TRP A 55 11.54 -14.82 -15.71
N VAL A 56 11.95 -14.00 -16.67
CA VAL A 56 12.74 -12.81 -16.41
C VAL A 56 11.82 -11.61 -16.37
N TYR A 57 12.17 -10.59 -15.58
CA TYR A 57 11.34 -9.40 -15.53
C TYR A 57 11.84 -8.37 -14.52
N ASN A 58 11.20 -7.22 -14.50
CA ASN A 58 11.56 -6.14 -13.60
C ASN A 58 10.47 -5.94 -12.55
N THR A 59 10.56 -4.86 -11.80
CA THR A 59 9.57 -4.58 -10.77
C THR A 59 8.46 -3.66 -11.28
N PHE A 60 7.34 -4.26 -11.67
CA PHE A 60 6.19 -3.50 -12.18
C PHE A 60 5.33 -3.01 -11.02
N CYS A 61 5.73 -3.41 -9.80
CA CYS A 61 5.01 -3.03 -8.58
C CYS A 61 5.65 -3.71 -7.37
N ILE A 62 5.29 -3.27 -6.17
CA ILE A 62 5.84 -3.87 -4.96
C ILE A 62 4.79 -3.99 -3.85
N TYR A 63 5.13 -3.49 -2.66
CA TYR A 63 4.24 -3.56 -1.49
C TYR A 63 4.95 -3.16 -0.22
N LYS A 64 4.43 -2.09 0.38
CA LYS A 64 4.94 -1.53 1.63
C LYS A 64 3.86 -0.68 2.27
N ARG A 65 3.66 -0.83 3.57
CA ARG A 65 2.64 -0.08 4.28
C ARG A 65 3.22 0.60 5.52
N CYS A 66 2.37 1.30 6.26
CA CYS A 66 2.79 2.01 7.45
C CYS A 66 2.08 1.44 8.66
N ARG A 67 2.72 1.51 9.82
CA ARG A 67 2.12 1.00 11.03
C ARG A 67 0.88 1.81 11.37
N HIS A 68 -0.18 1.13 11.78
CA HIS A 68 -1.42 1.80 12.13
C HIS A 68 -1.18 2.85 13.22
N PRO A 69 -1.51 4.13 12.94
CA PRO A 69 -1.32 5.22 13.91
C PRO A 69 -1.93 4.86 15.27
N GLY A 70 -2.95 4.01 15.24
CA GLY A 70 -3.58 3.61 16.49
C GLY A 70 -4.89 4.33 16.74
N GLU A 71 -5.34 4.22 17.98
CA GLU A 71 -6.59 4.84 18.39
C GLU A 71 -6.39 6.34 18.66
N LEU A 72 -7.34 7.14 18.19
CA LEU A 72 -7.32 8.58 18.38
C LEU A 72 -8.18 8.92 19.59
N ARG A 73 -7.56 9.12 20.75
CA ARG A 73 -8.33 9.47 21.94
C ARG A 73 -9.02 10.81 21.71
N ASN A 74 -10.35 10.76 21.83
CA ASN A 74 -11.18 11.93 21.57
C ASN A 74 -11.00 12.27 20.11
N GLY A 75 -11.10 11.25 19.25
CA GLY A 75 -10.91 11.47 17.83
C GLY A 75 -11.17 10.22 17.01
N GLN A 76 -11.05 10.36 15.70
CA GLN A 76 -11.29 9.23 14.79
C GLN A 76 -10.22 9.17 13.70
N VAL A 77 -9.77 7.95 13.41
CA VAL A 77 -8.74 7.75 12.39
C VAL A 77 -9.35 7.16 11.12
N GLU A 78 -9.41 7.93 10.04
CA GLU A 78 -9.96 7.44 8.80
C GLU A 78 -9.03 6.38 8.19
N ILE A 79 -9.38 5.11 8.38
CA ILE A 79 -8.58 4.02 7.87
C ILE A 79 -9.38 3.17 6.88
N LYS A 80 -8.69 2.67 5.86
CA LYS A 80 -9.33 1.85 4.84
C LYS A 80 -8.30 1.20 3.94
N THR A 81 -7.33 1.98 3.52
CA THR A 81 -6.28 1.50 2.62
C THR A 81 -5.23 0.68 3.35
N ASP A 82 -5.52 0.26 4.58
CA ASP A 82 -4.57 -0.56 5.35
C ASP A 82 -3.26 0.18 5.57
N LEU A 83 -3.26 1.46 5.24
CA LEU A 83 -2.08 2.30 5.37
C LEU A 83 -1.04 1.85 4.35
N SER A 84 -1.44 1.85 3.08
CA SER A 84 -0.52 1.48 2.02
C SER A 84 0.26 2.71 1.56
N PHE A 85 1.59 2.61 1.54
CA PHE A 85 2.44 3.72 1.13
C PHE A 85 1.78 4.56 0.04
N GLY A 86 1.92 5.88 0.12
CA GLY A 86 1.33 6.76 -0.86
C GLY A 86 -0.12 7.07 -0.54
N SER A 87 -0.47 7.06 0.75
CA SER A 87 -1.85 7.34 1.15
C SER A 87 -1.92 8.35 2.29
N GLN A 88 -3.07 8.99 2.37
CA GLN A 88 -3.34 9.99 3.39
C GLN A 88 -4.58 9.61 4.18
N ILE A 89 -4.51 9.71 5.50
CA ILE A 89 -5.65 9.37 6.37
C ILE A 89 -6.01 10.55 7.27
N GLU A 90 -7.09 11.24 6.92
CA GLU A 90 -7.54 12.38 7.70
C GLU A 90 -7.96 11.95 9.08
N PHE A 91 -8.00 12.90 10.01
CA PHE A 91 -8.39 12.61 11.38
C PHE A 91 -9.67 13.36 11.73
N SER A 92 -10.15 13.19 12.95
CA SER A 92 -11.37 13.86 13.36
C SER A 92 -11.52 13.92 14.88
N CYS A 93 -11.45 15.13 15.41
CA CYS A 93 -11.59 15.32 16.84
C CYS A 93 -13.07 15.42 17.22
N SER A 94 -13.52 14.52 18.07
CA SER A 94 -14.92 14.47 18.50
C SER A 94 -15.43 15.84 18.96
N GLU A 95 -16.74 15.91 19.16
CA GLU A 95 -17.39 17.14 19.60
C GLU A 95 -16.64 17.76 20.78
N GLY A 96 -16.73 19.08 20.88
CA GLY A 96 -16.07 19.80 21.96
C GLY A 96 -14.58 19.95 21.74
N PHE A 97 -13.95 18.94 21.14
CA PHE A 97 -12.51 18.98 20.90
C PHE A 97 -12.23 19.12 19.41
N PHE A 98 -11.44 20.12 19.04
CA PHE A 98 -11.11 20.34 17.64
C PHE A 98 -9.80 19.65 17.28
N LEU A 99 -9.54 19.60 15.97
CA LEU A 99 -8.35 18.97 15.45
C LEU A 99 -7.17 19.94 15.37
N ILE A 100 -5.99 19.44 15.71
CA ILE A 100 -4.75 20.21 15.69
C ILE A 100 -3.56 19.27 15.62
N GLY A 101 -2.74 19.47 14.61
CA GLY A 101 -1.58 18.63 14.39
C GLY A 101 -1.61 17.98 13.04
N SER A 102 -1.80 18.80 12.02
CA SER A 102 -1.87 18.33 10.64
C SER A 102 -3.05 17.36 10.49
N THR A 103 -4.16 17.89 9.98
CA THR A 103 -5.36 17.07 9.78
C THR A 103 -5.12 15.98 8.76
N THR A 104 -3.93 16.00 8.16
CA THR A 104 -3.57 15.00 7.19
C THR A 104 -2.39 14.20 7.68
N SER A 105 -2.22 13.00 7.14
CA SER A 105 -1.10 12.15 7.50
C SER A 105 -0.76 11.28 6.30
N ARG A 106 0.42 11.52 5.73
CA ARG A 106 0.86 10.79 4.54
C ARG A 106 1.81 9.66 4.92
N CYS A 107 1.83 8.63 4.08
CA CYS A 107 2.68 7.46 4.30
C CYS A 107 3.95 7.58 3.46
N GLU A 108 5.08 7.68 4.13
CA GLU A 108 6.35 7.81 3.45
C GLU A 108 7.26 6.63 3.76
N VAL A 109 8.46 6.63 3.17
CA VAL A 109 9.42 5.55 3.39
C VAL A 109 10.83 6.05 3.64
N GLN A 110 11.43 5.49 4.69
CA GLN A 110 12.79 5.80 5.07
C GLN A 110 13.61 4.53 5.20
N ASP A 111 14.85 4.57 4.74
CA ASP A 111 15.73 3.40 4.78
C ASP A 111 15.17 2.26 3.94
N ARG A 112 14.31 1.46 4.54
CA ARG A 112 13.70 0.32 3.85
C ARG A 112 12.55 -0.27 4.67
N GLY A 113 12.07 0.49 5.63
CA GLY A 113 10.96 0.01 6.46
C GLY A 113 9.82 0.99 6.53
N VAL A 114 9.74 1.85 5.52
CA VAL A 114 8.70 2.88 5.42
C VAL A 114 8.59 3.71 6.69
N GLY A 115 8.38 5.01 6.49
CA GLY A 115 8.28 5.86 7.65
C GLY A 115 6.93 6.56 7.76
N TRP A 116 6.46 6.79 8.98
CA TRP A 116 5.18 7.47 9.18
C TRP A 116 5.42 8.96 9.41
N SER A 117 4.92 9.78 8.49
CA SER A 117 5.08 11.23 8.59
C SER A 117 4.61 11.75 9.94
N HIS A 118 3.47 11.24 10.40
CA HIS A 118 2.91 11.67 11.69
C HIS A 118 1.66 10.86 12.03
N PRO A 119 1.50 10.48 13.30
CA PRO A 119 0.35 9.71 13.76
C PRO A 119 -0.76 10.64 14.27
N LEU A 120 -1.55 10.13 15.22
CA LEU A 120 -2.65 10.90 15.80
C LEU A 120 -2.21 12.32 16.14
N PRO A 121 -3.02 13.32 15.78
CA PRO A 121 -2.72 14.73 16.04
C PRO A 121 -2.97 15.09 17.51
N GLN A 122 -3.69 16.18 17.76
CA GLN A 122 -3.98 16.62 19.12
C GLN A 122 -5.42 17.11 19.24
N CYS A 123 -6.23 16.38 20.01
CA CYS A 123 -7.62 16.77 20.19
C CYS A 123 -7.80 17.51 21.52
N GLU A 124 -8.09 18.81 21.44
CA GLU A 124 -8.27 19.63 22.63
C GLU A 124 -9.59 20.39 22.55
N ILE A 125 -10.23 20.55 23.70
CA ILE A 125 -11.51 21.25 23.77
C ILE A 125 -11.37 22.69 23.27
N LEU A 126 -12.41 23.16 22.58
CA LEU A 126 -12.41 24.52 22.03
C LEU A 126 -12.09 25.56 23.11
N GLU A 127 -13.13 26.01 23.82
CA GLU A 127 -12.97 26.99 24.87
C GLU A 127 -14.04 26.84 25.95
N HIS A 128 -15.29 26.83 25.52
CA HIS A 128 -16.41 26.69 26.45
C HIS A 128 -16.72 25.21 26.69
N HIS A 129 -16.56 24.78 27.94
CA HIS A 129 -16.82 23.40 28.32
C HIS A 129 -17.59 23.33 29.64
N HIS A 130 -18.21 22.18 29.90
CA HIS A 130 -18.98 22.01 31.13
C HIS A 130 -18.94 20.56 31.61
N HIS A 131 -19.14 19.63 30.67
CA HIS A 131 -19.13 18.20 30.99
C HIS A 131 -17.86 17.83 31.76
N HIS A 132 -18.00 16.84 32.65
CA HIS A 132 -16.87 16.39 33.46
C HIS A 132 -16.40 15.01 33.02
N HIS A 133 -15.41 14.47 33.73
CA HIS A 133 -14.87 13.16 33.42
C HIS A 133 -14.45 12.43 34.70
N MET A 1 11.83 -26.11 -25.18
CA MET A 1 12.55 -25.71 -23.95
C MET A 1 11.60 -25.08 -22.94
N ASN A 2 11.01 -23.95 -23.31
CA ASN A 2 10.07 -23.24 -22.45
C ASN A 2 10.75 -22.76 -21.16
N CYS A 3 10.16 -21.74 -20.54
CA CYS A 3 10.71 -21.18 -19.31
C CYS A 3 10.16 -21.90 -18.08
N GLY A 4 9.24 -22.83 -18.28
CA GLY A 4 8.65 -23.55 -17.17
C GLY A 4 7.47 -22.82 -16.56
N PRO A 5 6.59 -23.53 -15.84
CA PRO A 5 5.42 -22.91 -15.21
C PRO A 5 5.78 -21.67 -14.41
N PRO A 6 5.13 -20.53 -14.71
CA PRO A 6 5.40 -19.27 -14.02
C PRO A 6 5.36 -19.42 -12.50
N PRO A 7 6.20 -18.66 -11.79
CA PRO A 7 6.25 -18.69 -10.33
C PRO A 7 5.10 -17.90 -9.74
N THR A 8 5.10 -17.84 -8.41
CA THR A 8 4.10 -17.11 -7.67
C THR A 8 4.65 -15.73 -7.35
N LEU A 9 3.90 -14.69 -7.68
CA LEU A 9 4.34 -13.33 -7.44
C LEU A 9 3.51 -12.66 -6.36
N SER A 10 4.14 -12.43 -5.21
CA SER A 10 3.45 -11.77 -4.12
C SER A 10 3.33 -10.28 -4.42
N PHE A 11 3.82 -9.89 -5.61
CA PHE A 11 3.77 -8.50 -6.05
C PHE A 11 3.04 -8.41 -7.39
N ALA A 12 1.98 -9.22 -7.52
CA ALA A 12 1.16 -9.29 -8.73
C ALA A 12 0.41 -10.61 -8.76
N ALA A 13 -0.77 -10.58 -9.36
CA ALA A 13 -1.58 -11.79 -9.49
C ALA A 13 -2.12 -11.94 -10.90
N PRO A 14 -2.37 -13.18 -11.34
CA PRO A 14 -2.88 -13.45 -12.70
C PRO A 14 -4.12 -12.61 -13.03
N MET A 15 -4.31 -12.35 -14.33
CA MET A 15 -5.46 -11.57 -14.77
C MET A 15 -5.83 -11.90 -16.21
N ASP A 16 -4.89 -12.52 -16.93
CA ASP A 16 -5.13 -12.90 -18.33
C ASP A 16 -4.19 -14.03 -18.73
N ILE A 17 -4.48 -15.23 -18.23
CA ILE A 17 -3.68 -16.39 -18.52
C ILE A 17 -4.35 -17.66 -18.02
N THR A 18 -5.10 -18.33 -18.89
CA THR A 18 -5.76 -19.55 -18.51
C THR A 18 -4.72 -20.51 -17.94
N LEU A 19 -4.84 -20.80 -16.66
CA LEU A 19 -3.90 -21.69 -16.00
C LEU A 19 -4.14 -23.14 -16.39
N THR A 20 -4.78 -23.33 -17.53
CA THR A 20 -5.09 -24.66 -18.03
C THR A 20 -3.82 -25.31 -18.60
N GLU A 21 -2.90 -24.47 -19.04
CA GLU A 21 -1.64 -24.94 -19.61
C GLU A 21 -0.59 -25.06 -18.51
N THR A 22 0.66 -25.24 -18.91
CA THR A 22 1.75 -25.36 -17.95
C THR A 22 3.04 -24.80 -18.52
N ARG A 23 3.08 -24.64 -19.83
CA ARG A 23 4.26 -24.11 -20.50
C ARG A 23 3.91 -22.88 -21.31
N PHE A 24 4.89 -21.99 -21.50
CA PHE A 24 4.69 -20.75 -22.25
C PHE A 24 5.97 -20.39 -23.00
N LYS A 25 6.05 -20.82 -24.26
CA LYS A 25 7.22 -20.56 -25.11
C LYS A 25 7.73 -19.15 -24.92
N THR A 26 8.96 -18.91 -25.38
CA THR A 26 9.55 -17.61 -25.28
C THR A 26 8.66 -16.61 -26.02
N GLY A 27 8.93 -15.33 -25.85
CA GLY A 27 8.14 -14.32 -26.52
C GLY A 27 6.75 -14.18 -25.90
N THR A 28 6.29 -15.22 -25.20
CA THR A 28 4.98 -15.21 -24.56
C THR A 28 4.92 -14.07 -23.55
N THR A 29 3.72 -13.62 -23.19
CA THR A 29 3.60 -12.53 -22.23
C THR A 29 2.29 -12.54 -21.47
N LEU A 30 2.38 -12.53 -20.15
CA LEU A 30 1.19 -12.55 -19.29
C LEU A 30 0.65 -11.14 -19.11
N LYS A 31 -0.28 -11.00 -18.16
CA LYS A 31 -0.87 -9.70 -17.85
C LYS A 31 -0.59 -9.35 -16.40
N TYR A 32 -1.26 -10.06 -15.50
CA TYR A 32 -1.10 -9.85 -14.06
C TYR A 32 -1.47 -8.44 -13.62
N THR A 33 -2.19 -8.36 -12.52
CA THR A 33 -2.62 -7.09 -11.95
C THR A 33 -2.01 -6.89 -10.57
N CYS A 34 -2.09 -5.67 -10.06
CA CYS A 34 -1.52 -5.36 -8.74
C CYS A 34 -2.62 -5.01 -7.73
N LEU A 35 -2.77 -5.95 -6.78
CA LEU A 35 -3.76 -5.85 -5.70
C LEU A 35 -3.99 -4.41 -5.24
N PRO A 36 -5.17 -4.15 -4.63
CA PRO A 36 -5.52 -2.82 -4.13
C PRO A 36 -4.59 -2.33 -3.03
N GLY A 37 -3.78 -1.33 -3.35
CA GLY A 37 -2.88 -0.78 -2.34
C GLY A 37 -1.41 -0.93 -2.68
N TYR A 38 -1.07 -1.26 -3.92
CA TYR A 38 0.33 -1.38 -4.29
C TYR A 38 1.05 -0.04 -4.25
N VAL A 39 2.29 -0.13 -3.80
CA VAL A 39 3.09 1.08 -3.63
C VAL A 39 4.38 1.03 -4.45
N ARG A 40 4.87 2.21 -4.82
CA ARG A 40 6.12 2.36 -5.58
C ARG A 40 6.25 1.32 -6.70
N SER A 41 7.49 0.88 -6.92
CA SER A 41 7.81 -0.10 -7.96
C SER A 41 7.53 0.44 -9.35
N HIS A 42 7.60 1.76 -9.51
CA HIS A 42 7.38 2.39 -10.81
C HIS A 42 5.98 2.05 -11.36
N SER A 43 5.85 2.10 -12.68
CA SER A 43 4.59 1.81 -13.36
C SER A 43 4.20 0.33 -13.24
N THR A 44 4.33 -0.39 -14.35
CA THR A 44 3.99 -1.81 -14.39
C THR A 44 4.64 -2.49 -15.59
N GLN A 45 4.57 -3.82 -15.62
CA GLN A 45 5.15 -4.58 -16.73
C GLN A 45 4.42 -5.92 -16.90
N THR A 46 5.13 -6.93 -17.36
CA THR A 46 4.55 -8.25 -17.59
C THR A 46 5.62 -9.33 -17.51
N LEU A 47 5.21 -10.58 -17.70
CA LEU A 47 6.14 -11.70 -17.63
C LEU A 47 6.30 -12.36 -19.00
N THR A 48 7.53 -12.32 -19.52
CA THR A 48 7.84 -12.90 -20.82
C THR A 48 8.86 -14.03 -20.67
N CYS A 49 8.78 -15.04 -21.53
CA CYS A 49 9.72 -16.13 -21.46
C CYS A 49 10.98 -15.73 -22.21
N ASN A 50 12.08 -15.64 -21.47
CA ASN A 50 13.36 -15.30 -22.05
C ASN A 50 14.16 -16.57 -22.33
N SER A 51 15.36 -16.42 -22.88
CA SER A 51 16.19 -17.59 -23.17
C SER A 51 17.06 -17.89 -21.95
N ASP A 52 16.39 -18.21 -20.86
CA ASP A 52 17.04 -18.53 -19.58
C ASP A 52 16.19 -19.53 -18.80
N GLY A 53 15.08 -19.94 -19.41
CA GLY A 53 14.19 -20.88 -18.76
C GLY A 53 13.58 -20.29 -17.50
N GLU A 54 13.67 -18.97 -17.42
CA GLU A 54 13.11 -18.22 -16.31
C GLU A 54 12.33 -17.02 -16.80
N TRP A 55 11.49 -16.46 -15.94
CA TRP A 55 10.70 -15.30 -16.28
C TRP A 55 11.45 -14.03 -15.88
N VAL A 56 11.83 -13.28 -16.90
CA VAL A 56 12.58 -12.05 -16.74
C VAL A 56 11.63 -10.86 -16.79
N TYR A 57 11.94 -9.79 -16.07
CA TYR A 57 11.09 -8.60 -16.11
C TYR A 57 11.45 -7.58 -15.03
N ASN A 58 10.80 -6.42 -15.07
CA ASN A 58 11.05 -5.37 -14.10
C ASN A 58 10.00 -5.41 -12.99
N THR A 59 10.25 -4.67 -11.93
CA THR A 59 9.32 -4.64 -10.80
C THR A 59 8.18 -3.67 -11.10
N PHE A 60 7.00 -4.23 -11.36
CA PHE A 60 5.83 -3.42 -11.67
C PHE A 60 5.26 -2.77 -10.41
N CYS A 61 5.02 -3.59 -9.38
CA CYS A 61 4.49 -3.08 -8.11
C CYS A 61 5.13 -3.83 -6.95
N ILE A 62 5.15 -3.22 -5.75
CA ILE A 62 5.77 -3.87 -4.59
C ILE A 62 4.86 -3.90 -3.37
N TYR A 63 4.05 -2.87 -3.16
CA TYR A 63 3.16 -2.83 -2.00
C TYR A 63 3.91 -2.66 -0.68
N LYS A 64 3.59 -1.56 0.01
CA LYS A 64 4.20 -1.24 1.30
C LYS A 64 3.40 -0.14 1.99
N ARG A 65 2.79 -0.47 3.12
CA ARG A 65 1.98 0.48 3.89
C ARG A 65 2.76 0.96 5.11
N CYS A 66 2.08 1.17 6.23
CA CYS A 66 2.73 1.61 7.44
C CYS A 66 1.99 1.11 8.67
N ARG A 67 2.62 1.24 9.83
CA ARG A 67 2.00 0.81 11.06
C ARG A 67 0.83 1.72 11.39
N HIS A 68 -0.20 1.15 11.99
CA HIS A 68 -1.36 1.93 12.37
C HIS A 68 -0.96 2.94 13.44
N PRO A 69 -1.08 4.25 13.17
CA PRO A 69 -0.71 5.30 14.13
C PRO A 69 -1.32 5.05 15.51
N GLY A 70 -2.33 4.19 15.57
CA GLY A 70 -2.94 3.87 16.85
C GLY A 70 -4.30 4.50 17.02
N GLU A 71 -4.79 4.42 18.24
CA GLU A 71 -6.09 4.97 18.60
C GLU A 71 -6.02 6.48 18.77
N LEU A 72 -7.00 7.18 18.22
CA LEU A 72 -7.09 8.63 18.33
C LEU A 72 -7.98 8.96 19.52
N ARG A 73 -7.37 9.26 20.67
CA ARG A 73 -8.17 9.62 21.84
C ARG A 73 -8.91 10.91 21.53
N ASN A 74 -10.23 10.83 21.65
CA ASN A 74 -11.10 11.94 21.31
C ASN A 74 -10.99 12.16 19.81
N GLY A 75 -11.15 11.07 19.06
CA GLY A 75 -11.03 11.18 17.62
C GLY A 75 -11.18 9.85 16.89
N GLN A 76 -11.02 9.90 15.57
CA GLN A 76 -11.15 8.71 14.75
C GLN A 76 -10.27 8.80 13.50
N VAL A 77 -8.99 8.49 13.66
CA VAL A 77 -8.06 8.54 12.53
C VAL A 77 -8.63 7.78 11.33
N GLU A 78 -8.73 8.45 10.18
CA GLU A 78 -9.27 7.82 8.99
C GLU A 78 -8.39 6.69 8.48
N ILE A 79 -8.78 5.44 8.77
CA ILE A 79 -8.02 4.27 8.31
C ILE A 79 -8.95 3.14 7.88
N LYS A 80 -8.39 2.23 7.09
CA LYS A 80 -9.12 1.08 6.56
C LYS A 80 -8.16 0.23 5.74
N THR A 81 -7.17 0.93 5.21
CA THR A 81 -6.14 0.35 4.35
C THR A 81 -5.40 1.49 3.70
N ASP A 82 -6.09 2.62 3.71
CA ASP A 82 -5.59 3.86 3.13
C ASP A 82 -4.14 4.09 3.47
N LEU A 83 -3.69 3.47 4.55
CA LEU A 83 -2.33 3.60 5.01
C LEU A 83 -1.31 3.09 3.99
N SER A 84 -1.71 2.99 2.73
CA SER A 84 -0.79 2.57 1.68
C SER A 84 0.11 3.74 1.29
N PHE A 85 1.42 3.52 1.28
CA PHE A 85 2.38 4.57 0.93
C PHE A 85 1.92 5.34 -0.30
N GLY A 86 2.16 6.64 -0.31
CA GLY A 86 1.76 7.47 -1.44
C GLY A 86 0.38 8.06 -1.26
N SER A 87 0.07 8.53 -0.06
CA SER A 87 -1.24 9.11 0.24
C SER A 87 -1.23 9.93 1.52
N GLN A 88 -2.18 9.63 2.40
CA GLN A 88 -2.31 10.32 3.67
C GLN A 88 -3.57 9.85 4.40
N ILE A 89 -3.58 10.02 5.72
CA ILE A 89 -4.73 9.62 6.53
C ILE A 89 -5.25 10.78 7.36
N GLU A 90 -6.46 11.25 7.02
CA GLU A 90 -7.06 12.35 7.75
C GLU A 90 -7.48 11.88 9.13
N PHE A 91 -7.94 12.82 9.95
CA PHE A 91 -8.38 12.49 11.31
C PHE A 91 -9.74 13.11 11.59
N SER A 92 -10.21 12.98 12.83
CA SER A 92 -11.51 13.53 13.21
C SER A 92 -11.63 13.69 14.71
N CYS A 93 -11.54 14.94 15.16
CA CYS A 93 -11.67 15.22 16.58
C CYS A 93 -13.15 15.28 16.94
N SER A 94 -13.54 14.46 17.92
CA SER A 94 -14.94 14.37 18.36
C SER A 94 -15.61 15.72 18.60
N GLU A 95 -16.86 15.65 19.02
CA GLU A 95 -17.70 16.80 19.31
C GLU A 95 -16.96 17.93 20.00
N GLY A 96 -16.77 17.81 21.31
CA GLY A 96 -16.13 18.87 22.08
C GLY A 96 -14.65 19.05 21.81
N PHE A 97 -14.19 18.70 20.62
CA PHE A 97 -12.77 18.87 20.27
C PHE A 97 -12.57 19.00 18.77
N PHE A 98 -11.58 19.79 18.38
CA PHE A 98 -11.26 19.99 16.97
C PHE A 98 -9.86 19.46 16.69
N LEU A 99 -9.55 19.36 15.40
CA LEU A 99 -8.27 18.83 14.95
C LEU A 99 -7.18 19.90 15.01
N ILE A 100 -6.01 19.51 15.50
CA ILE A 100 -4.86 20.40 15.60
C ILE A 100 -3.59 19.57 15.65
N GLY A 101 -2.92 19.53 14.51
CA GLY A 101 -1.70 18.76 14.38
C GLY A 101 -1.62 18.07 13.04
N SER A 102 -1.83 18.84 12.00
CA SER A 102 -1.82 18.32 10.64
C SER A 102 -2.94 17.31 10.45
N THR A 103 -4.06 17.76 9.89
CA THR A 103 -5.21 16.90 9.67
C THR A 103 -4.86 15.78 8.71
N THR A 104 -3.68 15.85 8.12
CA THR A 104 -3.22 14.85 7.19
C THR A 104 -1.97 14.17 7.73
N SER A 105 -1.76 12.94 7.28
CA SER A 105 -0.58 12.18 7.67
C SER A 105 -0.18 11.30 6.49
N ARG A 106 0.98 11.59 5.90
CA ARG A 106 1.46 10.86 4.73
C ARG A 106 2.36 9.69 5.12
N CYS A 107 2.30 8.63 4.34
CA CYS A 107 3.09 7.44 4.60
C CYS A 107 4.37 7.47 3.77
N GLU A 108 5.50 7.57 4.45
CA GLU A 108 6.78 7.65 3.77
C GLU A 108 7.66 6.45 4.11
N VAL A 109 8.75 6.31 3.36
CA VAL A 109 9.66 5.21 3.57
C VAL A 109 11.13 5.66 3.51
N GLN A 110 11.86 5.28 4.55
CA GLN A 110 13.28 5.61 4.65
C GLN A 110 14.08 4.41 5.11
N ASP A 111 13.53 3.24 4.83
CA ASP A 111 14.15 1.97 5.19
C ASP A 111 13.39 0.82 4.55
N ARG A 112 13.56 -0.37 5.09
CA ARG A 112 12.88 -1.54 4.58
C ARG A 112 11.66 -1.89 5.42
N GLY A 113 11.22 -0.93 6.22
CA GLY A 113 10.06 -1.15 7.07
C GLY A 113 9.16 0.06 7.16
N VAL A 114 9.29 0.96 6.20
CA VAL A 114 8.47 2.18 6.16
C VAL A 114 8.76 3.08 7.35
N GLY A 115 8.72 4.38 7.08
CA GLY A 115 9.03 5.31 8.16
C GLY A 115 8.07 6.48 8.30
N TRP A 116 6.97 6.32 9.04
CA TRP A 116 6.01 7.40 9.27
C TRP A 116 6.68 8.73 9.53
N SER A 117 5.97 9.81 9.25
CA SER A 117 6.49 11.17 9.44
C SER A 117 5.79 11.85 10.62
N HIS A 118 4.53 11.49 10.85
CA HIS A 118 3.75 12.06 11.94
C HIS A 118 2.50 11.24 12.22
N PRO A 119 2.23 10.91 13.50
CA PRO A 119 1.08 10.12 13.90
C PRO A 119 -0.09 10.99 14.35
N LEU A 120 -0.89 10.47 15.27
CA LEU A 120 -2.04 11.19 15.80
C LEU A 120 -1.72 12.66 16.08
N PRO A 121 -2.69 13.55 15.83
CA PRO A 121 -2.55 14.99 16.04
C PRO A 121 -2.88 15.39 17.47
N GLN A 122 -3.67 16.44 17.64
CA GLN A 122 -4.06 16.92 18.96
C GLN A 122 -5.52 17.35 18.99
N CYS A 123 -6.34 16.63 19.76
CA CYS A 123 -7.74 16.97 19.88
C CYS A 123 -7.98 17.77 21.15
N GLU A 124 -8.20 19.07 21.00
CA GLU A 124 -8.41 19.95 22.13
C GLU A 124 -9.78 20.61 22.05
N ILE A 125 -10.38 20.80 23.22
CA ILE A 125 -11.71 21.38 23.32
C ILE A 125 -11.74 22.81 22.80
N LEU A 126 -12.87 23.19 22.21
CA LEU A 126 -13.04 24.53 21.67
C LEU A 126 -13.21 25.55 22.78
N GLU A 127 -14.09 25.24 23.73
CA GLU A 127 -14.35 26.14 24.85
C GLU A 127 -14.62 25.35 26.13
N HIS A 128 -15.88 24.96 26.34
CA HIS A 128 -16.27 24.21 27.52
C HIS A 128 -17.28 23.13 27.16
N HIS A 129 -17.40 22.12 28.03
CA HIS A 129 -18.33 21.02 27.81
C HIS A 129 -18.78 20.42 29.13
N HIS A 130 -17.85 20.27 30.06
CA HIS A 130 -18.14 19.70 31.37
C HIS A 130 -18.76 20.74 32.29
N HIS A 131 -19.78 20.33 33.03
CA HIS A 131 -20.47 21.22 33.96
C HIS A 131 -19.62 21.45 35.21
N HIS A 132 -18.93 20.41 35.65
CA HIS A 132 -18.08 20.50 36.83
C HIS A 132 -16.88 21.41 36.58
N HIS A 133 -15.94 20.91 35.77
CA HIS A 133 -14.74 21.68 35.45
C HIS A 133 -14.56 21.78 33.94
N MET A 1 11.68 -23.20 -27.56
CA MET A 1 12.22 -22.83 -26.23
C MET A 1 11.11 -22.38 -25.29
N ASN A 2 10.63 -23.31 -24.46
CA ASN A 2 9.57 -23.00 -23.51
C ASN A 2 10.12 -22.88 -22.10
N CYS A 3 9.47 -22.04 -21.29
CA CYS A 3 9.90 -21.83 -19.91
C CYS A 3 9.12 -22.72 -18.95
N GLY A 4 9.58 -22.77 -17.70
CA GLY A 4 8.91 -23.58 -16.71
C GLY A 4 7.57 -22.98 -16.33
N PRO A 5 6.65 -23.78 -15.76
CA PRO A 5 5.32 -23.31 -15.37
C PRO A 5 5.39 -22.02 -14.54
N PRO A 6 4.63 -21.00 -14.93
CA PRO A 6 4.60 -19.70 -14.24
C PRO A 6 4.54 -19.83 -12.71
N PRO A 7 5.41 -19.11 -12.00
CA PRO A 7 5.46 -19.14 -10.54
C PRO A 7 4.43 -18.22 -9.91
N THR A 8 4.45 -18.20 -8.58
CA THR A 8 3.54 -17.38 -7.79
C THR A 8 4.24 -16.10 -7.38
N LEU A 9 3.59 -14.96 -7.57
CA LEU A 9 4.18 -13.68 -7.20
C LEU A 9 3.36 -12.95 -6.14
N SER A 10 3.73 -11.69 -5.91
CA SER A 10 3.02 -10.87 -4.93
C SER A 10 2.67 -9.51 -5.52
N PHE A 11 3.61 -8.91 -6.23
CA PHE A 11 3.39 -7.61 -6.86
C PHE A 11 2.62 -7.76 -8.15
N ALA A 12 1.65 -8.68 -8.16
CA ALA A 12 0.80 -8.98 -9.30
C ALA A 12 0.30 -10.42 -9.23
N ALA A 13 -0.90 -10.61 -9.76
CA ALA A 13 -1.50 -11.94 -9.81
C ALA A 13 -2.10 -12.22 -11.18
N PRO A 14 -2.47 -13.48 -11.46
CA PRO A 14 -3.04 -13.86 -12.76
C PRO A 14 -4.28 -13.04 -13.11
N MET A 15 -4.35 -12.62 -14.37
CA MET A 15 -5.50 -11.82 -14.82
C MET A 15 -5.80 -12.06 -16.29
N ASP A 16 -4.84 -12.65 -17.00
CA ASP A 16 -5.02 -12.93 -18.42
C ASP A 16 -4.11 -14.08 -18.85
N ILE A 17 -4.53 -15.30 -18.54
CA ILE A 17 -3.77 -16.48 -18.88
C ILE A 17 -4.54 -17.75 -18.55
N THR A 18 -5.17 -18.34 -19.55
CA THR A 18 -5.90 -19.58 -19.33
C THR A 18 -4.96 -20.60 -18.73
N LEU A 19 -5.25 -21.04 -17.52
CA LEU A 19 -4.42 -22.00 -16.84
C LEU A 19 -4.66 -23.41 -17.37
N THR A 20 -4.98 -23.50 -18.66
CA THR A 20 -5.25 -24.77 -19.31
C THR A 20 -3.95 -25.40 -19.78
N GLU A 21 -2.89 -24.61 -19.83
CA GLU A 21 -1.59 -25.09 -20.26
C GLU A 21 -0.58 -25.01 -19.11
N THR A 22 0.64 -25.47 -19.36
CA THR A 22 1.68 -25.46 -18.34
C THR A 22 2.99 -24.93 -18.90
N ARG A 23 3.02 -24.70 -20.20
CA ARG A 23 4.22 -24.20 -20.88
C ARG A 23 3.88 -22.94 -21.67
N PHE A 24 4.84 -22.03 -21.80
CA PHE A 24 4.63 -20.79 -22.54
C PHE A 24 5.91 -20.39 -23.30
N LYS A 25 5.83 -20.43 -24.62
CA LYS A 25 6.99 -20.11 -25.48
C LYS A 25 7.64 -18.78 -25.11
N THR A 26 8.80 -18.54 -25.74
CA THR A 26 9.56 -17.33 -25.51
C THR A 26 8.83 -16.09 -26.04
N GLY A 27 7.77 -16.31 -26.80
CA GLY A 27 7.00 -15.21 -27.35
C GLY A 27 5.70 -15.00 -26.59
N THR A 28 5.67 -15.53 -25.37
CA THR A 28 4.49 -15.42 -24.53
C THR A 28 4.63 -14.25 -23.56
N THR A 29 3.51 -13.68 -23.16
CA THR A 29 3.53 -12.57 -22.22
C THR A 29 2.25 -12.51 -21.41
N LEU A 30 2.40 -12.58 -20.09
CA LEU A 30 1.26 -12.57 -19.18
C LEU A 30 0.89 -11.14 -18.82
N LYS A 31 -0.33 -10.96 -18.30
CA LYS A 31 -0.81 -9.65 -17.91
C LYS A 31 -0.51 -9.37 -16.44
N TYR A 32 -1.24 -10.05 -15.56
CA TYR A 32 -1.07 -9.91 -14.12
C TYR A 32 -1.45 -8.53 -13.63
N THR A 33 -2.18 -8.49 -12.52
CA THR A 33 -2.61 -7.23 -11.91
C THR A 33 -1.91 -7.03 -10.57
N CYS A 34 -1.04 -6.04 -10.51
CA CYS A 34 -0.28 -5.73 -9.29
C CYS A 34 -1.20 -5.37 -8.12
N LEU A 35 -1.03 -6.16 -7.06
CA LEU A 35 -1.80 -5.98 -5.83
C LEU A 35 -1.73 -4.53 -5.36
N PRO A 36 -2.90 -3.84 -5.33
CA PRO A 36 -3.00 -2.44 -4.93
C PRO A 36 -2.05 -2.03 -3.81
N GLY A 37 -1.25 -1.00 -4.08
CA GLY A 37 -0.32 -0.50 -3.08
C GLY A 37 1.06 -0.20 -3.64
N TYR A 38 1.68 -1.23 -4.23
CA TYR A 38 3.04 -1.12 -4.81
C TYR A 38 3.77 0.17 -4.48
N VAL A 39 4.95 0.00 -3.93
CA VAL A 39 5.75 1.15 -3.52
C VAL A 39 7.22 0.99 -3.87
N ARG A 40 7.71 1.82 -4.78
CA ARG A 40 9.11 1.82 -5.20
C ARG A 40 9.54 0.53 -5.91
N SER A 41 9.06 0.35 -7.14
CA SER A 41 9.41 -0.82 -7.95
C SER A 41 8.61 -0.83 -9.25
N HIS A 42 7.56 -0.03 -9.30
CA HIS A 42 6.71 0.05 -10.48
C HIS A 42 7.48 0.54 -11.70
N SER A 43 7.27 -0.13 -12.83
CA SER A 43 7.94 0.23 -14.08
C SER A 43 7.43 -0.62 -15.25
N THR A 44 6.72 -1.70 -14.92
CA THR A 44 6.19 -2.59 -15.94
C THR A 44 5.09 -3.48 -15.36
N GLN A 45 4.81 -4.60 -16.05
CA GLN A 45 3.79 -5.54 -15.59
C GLN A 45 3.56 -6.65 -16.62
N THR A 46 4.62 -7.40 -16.94
CA THR A 46 4.52 -8.48 -17.93
C THR A 46 5.60 -9.55 -17.73
N LEU A 47 5.22 -10.80 -17.98
CA LEU A 47 6.13 -11.94 -17.86
C LEU A 47 6.36 -12.56 -19.24
N THR A 48 7.62 -12.65 -19.66
CA THR A 48 7.95 -13.22 -20.95
C THR A 48 8.95 -14.37 -20.82
N CYS A 49 8.86 -15.33 -21.72
CA CYS A 49 9.78 -16.46 -21.69
C CYS A 49 11.05 -16.06 -22.41
N ASN A 50 12.16 -16.11 -21.69
CA ASN A 50 13.46 -15.81 -22.26
C ASN A 50 14.18 -17.12 -22.61
N SER A 51 15.37 -17.01 -23.21
CA SER A 51 16.13 -18.20 -23.57
C SER A 51 16.98 -18.63 -22.38
N ASP A 52 16.29 -19.01 -21.31
CA ASP A 52 16.92 -19.46 -20.07
C ASP A 52 16.00 -20.45 -19.34
N GLY A 53 14.87 -20.74 -19.96
CA GLY A 53 13.91 -21.64 -19.36
C GLY A 53 13.37 -21.11 -18.05
N GLU A 54 13.54 -19.80 -17.89
CA GLU A 54 13.06 -19.09 -16.71
C GLU A 54 12.31 -17.84 -17.11
N TRP A 55 11.59 -17.24 -16.17
CA TRP A 55 10.85 -16.02 -16.42
C TRP A 55 11.68 -14.82 -16.00
N VAL A 56 12.06 -14.04 -17.00
CA VAL A 56 12.88 -12.85 -16.81
C VAL A 56 12.00 -11.62 -16.77
N TYR A 57 12.37 -10.64 -15.95
CA TYR A 57 11.61 -9.39 -15.88
C TYR A 57 12.04 -8.52 -14.71
N ASN A 58 11.53 -7.29 -14.67
CA ASN A 58 11.86 -6.36 -13.59
C ASN A 58 10.87 -6.50 -12.44
N THR A 59 11.13 -5.80 -11.34
CA THR A 59 10.26 -5.85 -10.18
C THR A 59 9.05 -4.93 -10.37
N PHE A 60 8.27 -5.20 -11.42
CA PHE A 60 7.08 -4.40 -11.70
C PHE A 60 6.22 -4.29 -10.45
N CYS A 61 5.93 -3.06 -10.05
CA CYS A 61 5.13 -2.83 -8.86
C CYS A 61 5.77 -3.51 -7.66
N ILE A 62 5.04 -3.57 -6.54
CA ILE A 62 5.56 -4.19 -5.33
C ILE A 62 4.60 -3.98 -4.15
N TYR A 63 5.05 -3.31 -3.11
CA TYR A 63 4.24 -3.07 -1.92
C TYR A 63 4.87 -2.03 -1.01
N LYS A 64 4.40 -2.00 0.25
CA LYS A 64 4.81 -1.02 1.27
C LYS A 64 3.59 -0.23 1.72
N ARG A 65 3.21 -0.40 2.98
CA ARG A 65 2.07 0.29 3.53
C ARG A 65 2.50 1.11 4.74
N CYS A 66 1.66 1.20 5.76
CA CYS A 66 2.00 1.99 6.94
C CYS A 66 1.30 1.45 8.18
N ARG A 67 2.05 1.37 9.27
CA ARG A 67 1.48 0.88 10.52
C ARG A 67 0.38 1.83 10.99
N HIS A 68 -0.62 1.26 11.62
CA HIS A 68 -1.73 2.06 12.12
C HIS A 68 -1.24 3.01 13.21
N PRO A 69 -1.53 4.33 13.08
CA PRO A 69 -1.10 5.33 14.06
C PRO A 69 -1.67 5.02 15.44
N GLY A 70 -2.67 4.14 15.48
CA GLY A 70 -3.26 3.77 16.75
C GLY A 70 -4.55 4.51 17.03
N GLU A 71 -4.96 4.41 18.29
CA GLU A 71 -6.19 5.06 18.73
C GLU A 71 -5.97 6.54 18.99
N LEU A 72 -6.89 7.33 18.47
CA LEU A 72 -6.88 8.77 18.65
C LEU A 72 -7.85 9.13 19.76
N ARG A 73 -7.31 9.31 20.97
CA ARG A 73 -8.13 9.64 22.12
C ARG A 73 -8.85 10.96 21.89
N ASN A 74 -10.16 10.92 22.09
CA ASN A 74 -11.00 12.07 21.85
C ASN A 74 -10.91 12.37 20.36
N GLY A 75 -11.03 11.33 19.55
CA GLY A 75 -10.91 11.49 18.13
C GLY A 75 -11.15 10.20 17.35
N GLN A 76 -11.08 10.30 16.03
CA GLN A 76 -11.29 9.16 15.15
C GLN A 76 -10.43 9.25 13.90
N VAL A 77 -9.16 8.87 14.02
CA VAL A 77 -8.25 8.91 12.88
C VAL A 77 -8.88 8.26 11.65
N GLU A 78 -9.04 9.04 10.59
CA GLU A 78 -9.65 8.52 9.36
C GLU A 78 -8.81 7.40 8.75
N ILE A 79 -9.28 6.17 8.93
CA ILE A 79 -8.59 5.00 8.39
C ILE A 79 -9.58 4.11 7.64
N LYS A 80 -9.13 3.49 6.55
CA LYS A 80 -9.99 2.62 5.76
C LYS A 80 -9.19 1.89 4.69
N THR A 81 -8.24 2.59 4.11
CA THR A 81 -7.41 2.03 3.04
C THR A 81 -6.30 1.15 3.62
N ASP A 82 -6.48 0.70 4.85
CA ASP A 82 -5.50 -0.16 5.52
C ASP A 82 -4.16 0.52 5.67
N LEU A 83 -4.11 1.79 5.29
CA LEU A 83 -2.90 2.59 5.39
C LEU A 83 -1.85 2.12 4.40
N SER A 84 -2.18 2.16 3.12
CA SER A 84 -1.23 1.80 2.07
C SER A 84 -0.43 3.04 1.70
N PHE A 85 0.91 2.92 1.70
CA PHE A 85 1.78 4.06 1.38
C PHE A 85 1.20 4.90 0.24
N GLY A 86 1.43 6.20 0.31
CA GLY A 86 0.93 7.09 -0.71
C GLY A 86 -0.53 7.45 -0.50
N SER A 87 -0.93 7.52 0.78
CA SER A 87 -2.32 7.83 1.10
C SER A 87 -2.44 8.85 2.22
N GLN A 88 -3.60 9.48 2.26
CA GLN A 88 -3.91 10.49 3.26
C GLN A 88 -4.90 9.94 4.27
N ILE A 89 -4.61 10.17 5.55
CA ILE A 89 -5.50 9.70 6.63
C ILE A 89 -5.69 10.81 7.67
N GLU A 90 -6.69 11.65 7.43
CA GLU A 90 -6.98 12.74 8.34
C GLU A 90 -7.37 12.23 9.72
N PHE A 91 -7.84 13.15 10.56
CA PHE A 91 -8.26 12.80 11.91
C PHE A 91 -9.56 13.51 12.24
N SER A 92 -10.07 13.33 13.45
CA SER A 92 -11.32 13.96 13.85
C SER A 92 -11.49 14.04 15.35
N CYS A 93 -11.44 15.25 15.87
CA CYS A 93 -11.61 15.45 17.31
C CYS A 93 -13.10 15.56 17.62
N SER A 94 -13.59 14.61 18.42
CA SER A 94 -15.01 14.56 18.79
C SER A 94 -15.56 15.91 19.24
N GLU A 95 -16.88 15.98 19.33
CA GLU A 95 -17.58 17.20 19.76
C GLU A 95 -16.89 17.82 20.97
N GLY A 96 -16.97 19.15 21.05
CA GLY A 96 -16.35 19.86 22.16
C GLY A 96 -14.85 19.99 22.00
N PHE A 97 -14.23 18.96 21.44
CA PHE A 97 -12.78 18.98 21.27
C PHE A 97 -12.44 19.15 19.79
N PHE A 98 -11.65 20.18 19.47
CA PHE A 98 -11.26 20.45 18.09
C PHE A 98 -9.92 19.81 17.76
N LEU A 99 -9.62 19.78 16.47
CA LEU A 99 -8.39 19.18 15.97
C LEU A 99 -7.25 20.18 15.94
N ILE A 100 -6.06 19.73 16.36
CA ILE A 100 -4.86 20.54 16.38
C ILE A 100 -3.64 19.65 16.35
N GLY A 101 -2.91 19.74 15.25
CA GLY A 101 -1.73 18.93 15.05
C GLY A 101 -1.75 18.25 13.71
N SER A 102 -1.85 19.06 12.66
CA SER A 102 -1.91 18.54 11.30
C SER A 102 -3.12 17.62 11.15
N THR A 103 -4.22 18.18 10.63
CA THR A 103 -5.45 17.43 10.46
C THR A 103 -5.28 16.36 9.39
N THR A 104 -4.17 16.39 8.67
CA THR A 104 -3.89 15.40 7.64
C THR A 104 -2.71 14.54 8.06
N SER A 105 -2.62 13.36 7.48
CA SER A 105 -1.50 12.46 7.75
C SER A 105 -1.15 11.70 6.47
N ARG A 106 0.04 11.93 5.93
CA ARG A 106 0.49 11.28 4.71
C ARG A 106 1.52 10.20 5.03
N CYS A 107 1.50 9.13 4.25
CA CYS A 107 2.39 8.01 4.46
C CYS A 107 3.70 8.20 3.70
N GLU A 108 4.79 8.31 4.45
CA GLU A 108 6.10 8.54 3.86
C GLU A 108 7.01 7.35 4.13
N VAL A 109 8.12 7.29 3.40
CA VAL A 109 9.06 6.19 3.56
C VAL A 109 10.52 6.63 3.64
N GLN A 110 11.18 6.10 4.65
CA GLN A 110 12.59 6.39 4.88
C GLN A 110 13.44 5.14 4.67
N ASP A 111 14.24 5.15 3.61
CA ASP A 111 15.11 4.03 3.27
C ASP A 111 14.30 2.81 2.81
N ARG A 112 13.93 1.96 3.77
CA ARG A 112 13.16 0.76 3.47
C ARG A 112 12.14 0.50 4.56
N GLY A 113 12.06 1.41 5.51
CA GLY A 113 11.12 1.28 6.59
C GLY A 113 10.17 2.45 6.61
N VAL A 114 8.94 2.23 6.16
CA VAL A 114 7.95 3.29 6.12
C VAL A 114 8.03 4.14 7.37
N GLY A 115 7.93 5.44 7.19
CA GLY A 115 8.10 6.30 8.35
C GLY A 115 7.10 7.42 8.51
N TRP A 116 5.98 7.18 9.21
CA TRP A 116 4.98 8.22 9.46
C TRP A 116 5.64 9.53 9.88
N SER A 117 4.95 10.64 9.63
CA SER A 117 5.47 11.95 9.99
C SER A 117 4.81 12.47 11.28
N HIS A 118 3.51 12.23 11.40
CA HIS A 118 2.76 12.67 12.58
C HIS A 118 1.49 11.86 12.76
N PRO A 119 1.29 11.28 13.97
CA PRO A 119 0.12 10.48 14.28
C PRO A 119 -1.00 11.28 14.95
N LEU A 120 -1.80 10.59 15.76
CA LEU A 120 -2.91 11.21 16.47
C LEU A 120 -2.52 12.57 17.04
N PRO A 121 -3.08 13.66 16.48
CA PRO A 121 -2.78 15.02 16.93
C PRO A 121 -3.25 15.26 18.37
N GLN A 122 -3.53 16.52 18.70
CA GLN A 122 -3.99 16.88 20.03
C GLN A 122 -5.45 17.33 20.02
N CYS A 123 -6.31 16.57 20.68
CA CYS A 123 -7.72 16.92 20.75
C CYS A 123 -8.01 17.62 22.06
N GLU A 124 -8.26 18.93 21.98
CA GLU A 124 -8.54 19.72 23.16
C GLU A 124 -9.94 20.34 23.08
N ILE A 125 -10.59 20.43 24.24
CA ILE A 125 -11.94 20.98 24.31
C ILE A 125 -11.94 22.47 24.05
N LEU A 126 -13.09 22.97 23.59
CA LEU A 126 -13.25 24.39 23.29
C LEU A 126 -13.50 25.18 24.56
N GLU A 127 -14.39 24.66 25.41
CA GLU A 127 -14.73 25.32 26.67
C GLU A 127 -14.98 24.28 27.77
N HIS A 128 -14.79 24.70 29.02
CA HIS A 128 -14.99 23.82 30.17
C HIS A 128 -14.02 22.65 30.14
N HIS A 129 -13.17 22.57 31.15
CA HIS A 129 -12.18 21.50 31.25
C HIS A 129 -12.69 20.36 32.13
N HIS A 130 -11.83 19.38 32.38
CA HIS A 130 -12.20 18.23 33.20
C HIS A 130 -11.01 17.71 34.00
N HIS A 131 -11.28 16.79 34.92
CA HIS A 131 -10.24 16.20 35.76
C HIS A 131 -10.03 14.73 35.41
N HIS A 132 -9.12 14.08 36.10
CA HIS A 132 -8.83 12.67 35.87
C HIS A 132 -8.66 11.93 37.19
N HIS A 133 -8.54 10.60 37.11
CA HIS A 133 -8.38 9.77 38.29
C HIS A 133 -6.90 9.56 38.61
N MET A 1 12.36 -25.48 -25.11
CA MET A 1 12.78 -25.20 -23.72
C MET A 1 11.67 -24.47 -22.96
N ASN A 2 11.33 -23.27 -23.44
CA ASN A 2 10.29 -22.45 -22.82
C ASN A 2 10.69 -22.06 -21.39
N CYS A 3 9.91 -21.15 -20.80
CA CYS A 3 10.19 -20.69 -19.45
C CYS A 3 9.54 -21.57 -18.39
N GLY A 4 8.58 -22.39 -18.80
CA GLY A 4 7.88 -23.25 -17.86
C GLY A 4 6.60 -22.61 -17.36
N PRO A 5 5.61 -23.43 -16.94
CA PRO A 5 4.33 -22.92 -16.44
C PRO A 5 4.51 -21.78 -15.44
N PRO A 6 3.88 -20.62 -15.70
CA PRO A 6 3.98 -19.45 -14.82
C PRO A 6 3.88 -19.80 -13.34
N PRO A 7 4.98 -19.68 -12.60
CA PRO A 7 5.01 -19.95 -11.16
C PRO A 7 4.08 -19.02 -10.40
N THR A 8 4.18 -19.11 -9.08
CA THR A 8 3.38 -18.29 -8.19
C THR A 8 4.19 -17.09 -7.72
N LEU A 9 3.60 -15.91 -7.83
CA LEU A 9 4.26 -14.69 -7.39
C LEU A 9 3.54 -14.11 -6.19
N SER A 10 4.20 -14.13 -5.04
CA SER A 10 3.60 -13.60 -3.84
C SER A 10 3.31 -12.11 -4.00
N PHE A 11 3.92 -11.51 -5.02
CA PHE A 11 3.74 -10.08 -5.29
C PHE A 11 2.54 -9.85 -6.20
N ALA A 12 1.99 -10.93 -6.75
CA ALA A 12 0.86 -10.81 -7.66
C ALA A 12 -0.03 -12.07 -7.66
N ALA A 13 -1.23 -11.87 -8.18
CA ALA A 13 -2.16 -12.96 -8.34
C ALA A 13 -2.60 -13.06 -9.81
N PRO A 14 -2.68 -14.28 -10.36
CA PRO A 14 -3.07 -14.49 -11.76
C PRO A 14 -4.35 -13.76 -12.13
N MET A 15 -4.39 -13.23 -13.36
CA MET A 15 -5.57 -12.49 -13.83
C MET A 15 -5.78 -12.65 -15.33
N ASP A 16 -4.80 -13.28 -15.99
CA ASP A 16 -4.86 -13.50 -17.42
C ASP A 16 -4.62 -14.97 -17.71
N ILE A 17 -3.64 -15.28 -18.57
CA ILE A 17 -3.31 -16.66 -18.92
C ILE A 17 -4.56 -17.52 -19.03
N THR A 18 -5.07 -17.63 -20.25
CA THR A 18 -6.27 -18.42 -20.53
C THR A 18 -6.02 -19.92 -20.41
N LEU A 19 -5.04 -20.27 -19.59
CA LEU A 19 -4.68 -21.65 -19.37
C LEU A 19 -4.92 -22.51 -20.61
N THR A 20 -4.53 -21.97 -21.75
CA THR A 20 -4.67 -22.66 -23.02
C THR A 20 -3.36 -23.31 -23.41
N GLU A 21 -2.27 -22.80 -22.83
CA GLU A 21 -0.93 -23.33 -23.09
C GLU A 21 -0.14 -23.41 -21.80
N THR A 22 0.45 -24.56 -21.54
CA THR A 22 1.23 -24.78 -20.32
C THR A 22 2.61 -24.13 -20.41
N ARG A 23 2.96 -23.67 -21.61
CA ARG A 23 4.26 -23.05 -21.85
C ARG A 23 4.09 -21.65 -22.42
N PHE A 24 5.14 -20.84 -22.38
CA PHE A 24 5.08 -19.46 -22.89
C PHE A 24 6.47 -18.99 -23.35
N LYS A 25 6.63 -18.82 -24.67
CA LYS A 25 7.90 -18.38 -25.26
C LYS A 25 8.46 -17.11 -24.61
N THR A 26 9.68 -16.74 -25.01
CA THR A 26 10.33 -15.55 -24.46
C THR A 26 9.64 -14.27 -24.90
N GLY A 27 8.62 -14.41 -25.75
CA GLY A 27 7.88 -13.26 -26.23
C GLY A 27 6.48 -13.21 -25.63
N THR A 28 6.36 -13.83 -24.47
CA THR A 28 5.09 -13.90 -23.76
C THR A 28 5.05 -12.87 -22.64
N THR A 29 3.85 -12.57 -22.16
CA THR A 29 3.70 -11.60 -21.08
C THR A 29 2.32 -11.71 -20.43
N LEU A 30 2.30 -11.96 -19.12
CA LEU A 30 1.06 -12.11 -18.38
C LEU A 30 0.57 -10.78 -17.83
N LYS A 31 -0.42 -10.85 -16.94
CA LYS A 31 -0.98 -9.66 -16.31
C LYS A 31 -0.64 -9.62 -14.82
N TYR A 32 -1.44 -10.34 -14.03
CA TYR A 32 -1.23 -10.41 -12.59
C TYR A 32 -1.42 -9.05 -11.91
N THR A 33 -2.07 -9.08 -10.75
CA THR A 33 -2.32 -7.88 -9.96
C THR A 33 -1.70 -8.03 -8.58
N CYS A 34 -1.44 -6.93 -7.89
CA CYS A 34 -0.80 -7.00 -6.58
C CYS A 34 -1.75 -6.66 -5.43
N LEU A 35 -1.56 -7.44 -4.36
CA LEU A 35 -2.35 -7.35 -3.14
C LEU A 35 -2.51 -5.90 -2.66
N PRO A 36 -3.51 -5.64 -1.80
CA PRO A 36 -3.81 -4.30 -1.27
C PRO A 36 -2.61 -3.59 -0.64
N GLY A 37 -1.70 -4.36 -0.06
CA GLY A 37 -0.53 -3.77 0.58
C GLY A 37 0.68 -3.69 -0.33
N TYR A 38 0.52 -4.15 -1.55
CA TYR A 38 1.61 -4.13 -2.51
C TYR A 38 1.63 -2.84 -3.29
N VAL A 39 2.39 -1.84 -2.81
CA VAL A 39 2.52 -0.55 -3.47
C VAL A 39 3.34 -0.67 -4.75
N ARG A 40 3.12 0.24 -5.69
CA ARG A 40 3.84 0.17 -6.96
C ARG A 40 4.76 1.37 -7.17
N SER A 41 5.95 1.08 -7.69
CA SER A 41 6.93 2.11 -8.00
C SER A 41 7.01 2.29 -9.51
N HIS A 42 6.59 1.25 -10.22
CA HIS A 42 6.58 1.25 -11.68
C HIS A 42 5.19 0.89 -12.18
N SER A 43 4.49 0.06 -11.39
CA SER A 43 3.13 -0.38 -11.69
C SER A 43 3.08 -1.36 -12.87
N THR A 44 4.17 -1.47 -13.61
CA THR A 44 4.22 -2.38 -14.75
C THR A 44 4.25 -3.83 -14.27
N GLN A 45 3.08 -4.44 -14.18
CA GLN A 45 2.95 -5.82 -13.73
C GLN A 45 2.86 -6.77 -14.92
N THR A 46 3.96 -7.43 -15.24
CA THR A 46 3.98 -8.34 -16.38
C THR A 46 5.02 -9.45 -16.20
N LEU A 47 4.63 -10.67 -16.55
CA LEU A 47 5.53 -11.81 -16.45
C LEU A 47 6.04 -12.17 -17.84
N THR A 48 7.24 -11.72 -18.17
CA THR A 48 7.82 -11.99 -19.48
C THR A 48 8.87 -13.10 -19.38
N CYS A 49 9.03 -13.85 -20.45
CA CYS A 49 10.01 -14.93 -20.47
C CYS A 49 11.34 -14.35 -20.92
N ASN A 50 12.32 -14.38 -20.03
CA ASN A 50 13.64 -13.87 -20.34
C ASN A 50 14.55 -15.01 -20.78
N SER A 51 15.83 -14.70 -21.01
CA SER A 51 16.79 -15.69 -21.43
C SER A 51 17.68 -16.14 -20.26
N ASP A 52 17.03 -16.54 -19.17
CA ASP A 52 17.73 -17.01 -17.97
C ASP A 52 17.33 -18.45 -17.68
N GLY A 53 16.08 -18.76 -17.91
CA GLY A 53 15.56 -20.09 -17.65
C GLY A 53 14.18 -20.00 -17.05
N GLU A 54 13.76 -18.77 -16.83
CA GLU A 54 12.44 -18.50 -16.25
C GLU A 54 11.94 -17.11 -16.60
N TRP A 55 11.02 -16.63 -15.78
CA TRP A 55 10.40 -15.34 -15.97
C TRP A 55 11.18 -14.20 -15.34
N VAL A 56 10.60 -13.02 -15.46
CA VAL A 56 11.20 -11.79 -14.96
C VAL A 56 10.14 -10.71 -14.79
N TYR A 57 10.41 -9.82 -13.85
CA TYR A 57 9.51 -8.72 -13.56
C TYR A 57 10.16 -7.69 -12.65
N ASN A 58 11.34 -8.07 -12.14
CA ASN A 58 12.16 -7.22 -11.27
C ASN A 58 11.43 -6.69 -10.04
N THR A 59 10.16 -7.03 -9.87
CA THR A 59 9.33 -6.59 -8.74
C THR A 59 8.52 -5.37 -9.15
N PHE A 60 7.41 -5.63 -9.82
CA PHE A 60 6.52 -4.57 -10.30
C PHE A 60 5.88 -3.80 -9.16
N CYS A 61 5.24 -4.52 -8.24
CA CYS A 61 4.58 -3.89 -7.11
C CYS A 61 5.43 -4.01 -5.84
N ILE A 62 6.12 -2.93 -5.50
CA ILE A 62 6.97 -2.91 -4.33
C ILE A 62 6.14 -2.72 -3.05
N TYR A 63 5.88 -3.83 -2.38
CA TYR A 63 5.10 -3.81 -1.15
C TYR A 63 5.76 -2.97 -0.08
N LYS A 64 5.09 -1.92 0.35
CA LYS A 64 5.59 -1.06 1.40
C LYS A 64 4.47 -0.23 2.01
N ARG A 65 4.19 -0.45 3.28
CA ARG A 65 3.12 0.26 3.97
C ARG A 65 3.65 0.97 5.22
N CYS A 66 2.88 1.95 5.69
CA CYS A 66 3.25 2.71 6.87
C CYS A 66 2.56 2.13 8.08
N ARG A 67 3.27 2.00 9.20
CA ARG A 67 2.67 1.44 10.39
C ARG A 67 1.43 2.24 10.75
N HIS A 68 0.34 1.55 11.04
CA HIS A 68 -0.91 2.22 11.38
C HIS A 68 -0.72 3.13 12.59
N PRO A 69 -0.94 4.46 12.41
CA PRO A 69 -0.80 5.44 13.49
C PRO A 69 -1.48 4.96 14.77
N GLY A 70 -2.53 4.19 14.61
CA GLY A 70 -3.26 3.68 15.77
C GLY A 70 -4.58 4.39 15.99
N GLU A 71 -5.12 4.19 17.18
CA GLU A 71 -6.39 4.79 17.55
C GLU A 71 -6.20 6.25 17.95
N LEU A 72 -7.12 7.10 17.50
CA LEU A 72 -7.10 8.53 17.81
C LEU A 72 -8.01 8.76 19.01
N ARG A 73 -7.42 8.85 20.20
CA ARG A 73 -8.23 9.10 21.39
C ARG A 73 -8.91 10.45 21.26
N ASN A 74 -10.23 10.42 21.35
CA ASN A 74 -11.06 11.60 21.17
C ASN A 74 -10.88 12.04 19.73
N GLY A 75 -11.00 11.10 18.81
CA GLY A 75 -10.82 11.41 17.42
C GLY A 75 -11.08 10.23 16.51
N GLN A 76 -10.94 10.46 15.20
CA GLN A 76 -11.17 9.42 14.22
C GLN A 76 -10.05 9.36 13.19
N VAL A 77 -9.63 8.15 12.86
CA VAL A 77 -8.58 7.94 11.87
C VAL A 77 -9.18 7.45 10.57
N GLU A 78 -9.26 8.33 9.58
CA GLU A 78 -9.83 7.96 8.30
C GLU A 78 -8.87 7.09 7.50
N ILE A 79 -9.05 5.78 7.59
CA ILE A 79 -8.22 4.83 6.87
C ILE A 79 -9.02 4.20 5.73
N LYS A 80 -8.34 3.86 4.64
CA LYS A 80 -9.02 3.28 3.49
C LYS A 80 -8.04 2.84 2.43
N THR A 81 -6.82 2.55 2.85
CA THR A 81 -5.80 2.13 1.91
C THR A 81 -4.84 1.16 2.57
N ASP A 82 -5.23 0.64 3.73
CA ASP A 82 -4.38 -0.29 4.46
C ASP A 82 -3.06 0.35 4.81
N LEU A 83 -2.98 1.65 4.59
CA LEU A 83 -1.78 2.42 4.85
C LEU A 83 -0.70 2.00 3.88
N SER A 84 -0.99 2.10 2.59
CA SER A 84 -0.02 1.77 1.56
C SER A 84 0.55 3.03 0.93
N PHE A 85 1.88 3.09 0.85
CA PHE A 85 2.59 4.25 0.29
C PHE A 85 1.76 5.02 -0.73
N GLY A 86 1.78 6.34 -0.60
CA GLY A 86 1.05 7.21 -1.51
C GLY A 86 -0.41 7.36 -1.12
N SER A 87 -0.66 7.76 0.12
CA SER A 87 -2.03 7.94 0.59
C SER A 87 -2.10 8.84 1.82
N GLN A 88 -3.21 9.56 1.94
CA GLN A 88 -3.41 10.45 3.08
C GLN A 88 -4.63 10.02 3.88
N ILE A 89 -4.49 10.09 5.19
CA ILE A 89 -5.57 9.72 6.09
C ILE A 89 -5.94 10.87 7.01
N GLU A 90 -6.93 11.65 6.59
CA GLU A 90 -7.40 12.78 7.36
C GLU A 90 -7.82 12.34 8.74
N PHE A 91 -7.71 13.24 9.71
CA PHE A 91 -8.09 12.94 11.08
C PHE A 91 -9.28 13.79 11.49
N SER A 92 -9.74 13.62 12.73
CA SER A 92 -10.89 14.38 13.21
C SER A 92 -11.00 14.38 14.73
N CYS A 93 -10.91 15.56 15.31
CA CYS A 93 -11.03 15.68 16.75
C CYS A 93 -12.49 15.88 17.13
N SER A 94 -13.02 14.93 17.92
CA SER A 94 -14.42 14.96 18.34
C SER A 94 -14.84 16.33 18.88
N GLU A 95 -16.15 16.50 19.03
CA GLU A 95 -16.73 17.74 19.54
C GLU A 95 -16.00 18.22 20.79
N GLY A 96 -16.05 19.53 21.01
CA GLY A 96 -15.41 20.12 22.17
C GLY A 96 -13.90 20.25 22.03
N PHE A 97 -13.27 19.27 21.37
CA PHE A 97 -11.83 19.30 21.21
C PHE A 97 -11.49 19.54 19.74
N PHE A 98 -10.49 20.38 19.50
CA PHE A 98 -10.09 20.69 18.14
C PHE A 98 -8.87 19.86 17.74
N LEU A 99 -8.64 19.82 16.43
CA LEU A 99 -7.53 19.07 15.87
C LEU A 99 -6.26 19.91 15.86
N ILE A 100 -5.14 19.26 16.15
CA ILE A 100 -3.83 19.89 16.17
C ILE A 100 -2.76 18.83 15.97
N GLY A 101 -2.49 18.59 14.70
CA GLY A 101 -1.51 17.59 14.31
C GLY A 101 -1.59 17.26 12.83
N SER A 102 -1.76 18.30 12.01
CA SER A 102 -1.87 18.13 10.57
C SER A 102 -3.04 17.22 10.22
N THR A 103 -4.10 17.80 9.66
CA THR A 103 -5.29 17.04 9.29
C THR A 103 -5.01 16.03 8.19
N THR A 104 -3.80 16.05 7.67
CA THR A 104 -3.43 15.11 6.63
C THR A 104 -2.27 14.23 7.09
N SER A 105 -2.09 13.09 6.43
CA SER A 105 -1.00 12.18 6.76
C SER A 105 -0.58 11.46 5.49
N ARG A 106 0.60 11.76 4.97
CA ARG A 106 1.08 11.17 3.73
C ARG A 106 2.03 10.01 3.96
N CYS A 107 1.87 8.98 3.15
CA CYS A 107 2.70 7.79 3.23
C CYS A 107 3.87 7.90 2.27
N GLU A 108 5.07 7.93 2.83
CA GLU A 108 6.27 8.08 2.03
C GLU A 108 7.19 6.89 2.27
N VAL A 109 8.42 6.96 1.78
CA VAL A 109 9.38 5.88 1.97
C VAL A 109 10.77 6.38 2.32
N GLN A 110 11.33 5.79 3.38
CA GLN A 110 12.67 6.15 3.83
C GLN A 110 13.30 5.03 4.65
N ASP A 111 14.21 4.28 4.02
CA ASP A 111 14.93 3.19 4.66
C ASP A 111 14.03 1.99 4.96
N ARG A 112 13.05 2.19 5.82
CA ARG A 112 12.13 1.12 6.21
C ARG A 112 11.12 0.79 5.12
N GLY A 113 11.52 0.93 3.87
CA GLY A 113 10.62 0.63 2.77
C GLY A 113 9.46 1.59 2.69
N VAL A 114 9.20 2.31 3.78
CA VAL A 114 8.11 3.28 3.83
C VAL A 114 8.18 4.10 5.10
N GLY A 115 8.06 5.42 4.97
CA GLY A 115 8.11 6.25 6.14
C GLY A 115 6.84 7.05 6.32
N TRP A 116 6.39 7.22 7.56
CA TRP A 116 5.16 7.98 7.82
C TRP A 116 5.48 9.48 7.82
N SER A 117 4.45 10.30 7.63
CA SER A 117 4.62 11.74 7.63
C SER A 117 4.30 12.33 9.00
N HIS A 118 3.28 11.78 9.65
CA HIS A 118 2.85 12.22 10.97
C HIS A 118 1.73 11.34 11.51
N PRO A 119 1.77 11.02 12.81
CA PRO A 119 0.75 10.18 13.44
C PRO A 119 -0.46 10.98 13.91
N LEU A 120 -1.15 10.47 14.92
CA LEU A 120 -2.33 11.12 15.46
C LEU A 120 -2.02 12.52 15.97
N PRO A 121 -3.03 13.42 15.95
CA PRO A 121 -2.89 14.78 16.43
C PRO A 121 -3.18 14.90 17.93
N GLN A 122 -3.27 16.14 18.40
CA GLN A 122 -3.54 16.38 19.82
C GLN A 122 -4.97 16.89 20.02
N CYS A 123 -5.75 16.18 20.84
CA CYS A 123 -7.12 16.59 21.09
C CYS A 123 -7.26 17.26 22.45
N GLU A 124 -7.59 18.55 22.44
CA GLU A 124 -7.76 19.32 23.66
C GLU A 124 -9.07 20.10 23.60
N ILE A 125 -9.79 20.14 24.72
CA ILE A 125 -11.06 20.84 24.77
C ILE A 125 -10.88 22.35 24.63
N LEU A 126 -11.83 22.99 23.95
CA LEU A 126 -11.78 24.44 23.73
C LEU A 126 -12.09 25.19 25.02
N GLU A 127 -11.34 26.27 25.26
CA GLU A 127 -11.54 27.07 26.46
C GLU A 127 -12.12 28.43 26.11
N HIS A 128 -12.79 28.51 24.96
CA HIS A 128 -13.41 29.74 24.51
C HIS A 128 -14.88 29.78 24.88
N HIS A 129 -15.49 28.60 25.00
CA HIS A 129 -16.90 28.51 25.34
C HIS A 129 -17.08 27.66 26.60
N HIS A 130 -16.55 26.44 26.58
CA HIS A 130 -16.66 25.54 27.72
C HIS A 130 -15.66 25.91 28.80
N HIS A 131 -15.90 25.42 30.01
CA HIS A 131 -15.02 25.70 31.14
C HIS A 131 -15.01 24.54 32.12
N HIS A 132 -16.19 24.22 32.67
CA HIS A 132 -16.33 23.13 33.61
C HIS A 132 -16.69 21.83 32.89
N HIS A 133 -15.84 20.82 33.06
CA HIS A 133 -16.06 19.52 32.43
C HIS A 133 -16.08 19.65 30.91
N MET A 1 13.93 -22.01 -25.26
CA MET A 1 12.84 -21.41 -26.07
C MET A 1 11.56 -21.32 -25.25
N ASN A 2 11.17 -22.41 -24.61
CA ASN A 2 9.97 -22.45 -23.79
C ASN A 2 10.29 -22.33 -22.31
N CYS A 3 9.40 -21.68 -21.57
CA CYS A 3 9.59 -21.49 -20.13
C CYS A 3 8.71 -22.43 -19.33
N GLY A 4 8.99 -22.55 -18.04
CA GLY A 4 8.19 -23.40 -17.18
C GLY A 4 6.85 -22.75 -16.86
N PRO A 5 5.89 -23.50 -16.30
CA PRO A 5 4.57 -22.97 -15.95
C PRO A 5 4.66 -21.66 -15.16
N PRO A 6 3.81 -20.66 -15.50
CA PRO A 6 3.80 -19.36 -14.83
C PRO A 6 3.73 -19.46 -13.31
N PRO A 7 4.83 -19.12 -12.62
CA PRO A 7 4.89 -19.15 -11.15
C PRO A 7 3.89 -18.19 -10.53
N THR A 8 3.95 -18.14 -9.21
CA THR A 8 3.10 -17.27 -8.41
C THR A 8 3.85 -16.01 -8.06
N LEU A 9 3.23 -14.87 -8.27
CA LEU A 9 3.87 -13.59 -7.96
C LEU A 9 3.21 -12.93 -6.75
N SER A 10 3.94 -12.86 -5.65
CA SER A 10 3.42 -12.22 -4.44
C SER A 10 3.42 -10.71 -4.62
N PHE A 11 3.91 -10.27 -5.78
CA PHE A 11 3.95 -8.85 -6.10
C PHE A 11 2.89 -8.51 -7.14
N ALA A 12 2.25 -9.56 -7.66
CA ALA A 12 1.19 -9.39 -8.64
C ALA A 12 0.18 -10.53 -8.55
N ALA A 13 -0.60 -10.66 -9.62
CA ALA A 13 -1.62 -11.68 -9.69
C ALA A 13 -2.06 -11.92 -11.14
N PRO A 14 -2.71 -13.06 -11.42
CA PRO A 14 -3.17 -13.39 -12.78
C PRO A 14 -4.37 -12.54 -13.17
N MET A 15 -4.43 -12.16 -14.44
CA MET A 15 -5.51 -11.32 -14.93
C MET A 15 -5.91 -11.66 -16.36
N ASP A 16 -4.99 -12.26 -17.12
CA ASP A 16 -5.27 -12.62 -18.50
C ASP A 16 -4.29 -13.68 -19.01
N ILE A 17 -4.63 -14.94 -18.78
CA ILE A 17 -3.81 -16.06 -19.22
C ILE A 17 -4.44 -17.38 -18.80
N THR A 18 -5.08 -18.05 -19.73
CA THR A 18 -5.67 -19.35 -19.44
C THR A 18 -4.60 -20.28 -18.94
N LEU A 19 -4.71 -20.71 -17.69
CA LEU A 19 -3.73 -21.59 -17.10
C LEU A 19 -3.94 -23.03 -17.54
N THR A 20 -4.35 -23.20 -18.78
CA THR A 20 -4.59 -24.51 -19.34
C THR A 20 -3.36 -25.01 -20.10
N GLU A 21 -2.43 -24.08 -20.35
CA GLU A 21 -1.20 -24.41 -21.06
C GLU A 21 -0.13 -24.88 -20.08
N THR A 22 1.09 -24.96 -20.56
CA THR A 22 2.21 -25.41 -19.72
C THR A 22 3.51 -24.73 -20.15
N ARG A 23 3.63 -24.49 -21.45
CA ARG A 23 4.82 -23.84 -22.01
C ARG A 23 4.44 -22.55 -22.71
N PHE A 24 5.37 -21.60 -22.73
CA PHE A 24 5.14 -20.29 -23.36
C PHE A 24 6.45 -19.78 -23.94
N LYS A 25 6.53 -19.75 -25.27
CA LYS A 25 7.75 -19.32 -25.96
C LYS A 25 8.31 -18.01 -25.41
N THR A 26 9.57 -17.75 -25.76
CA THR A 26 10.25 -16.55 -25.29
C THR A 26 9.67 -15.28 -25.91
N GLY A 27 8.68 -15.44 -26.77
CA GLY A 27 8.06 -14.30 -27.39
C GLY A 27 6.72 -14.00 -26.79
N THR A 28 6.21 -14.96 -26.04
CA THR A 28 4.90 -14.82 -25.39
C THR A 28 4.92 -13.70 -24.36
N THR A 29 3.74 -13.34 -23.86
CA THR A 29 3.63 -12.28 -22.86
C THR A 29 2.28 -12.35 -22.16
N LEU A 30 2.29 -12.46 -20.84
CA LEU A 30 1.06 -12.57 -20.08
C LEU A 30 0.74 -11.28 -19.33
N LYS A 31 -0.52 -11.14 -18.95
CA LYS A 31 -0.98 -9.97 -18.23
C LYS A 31 -1.10 -10.25 -16.74
N TYR A 32 -0.55 -9.34 -15.94
CA TYR A 32 -0.59 -9.47 -14.49
C TYR A 32 -0.99 -8.15 -13.86
N THR A 33 -1.76 -8.22 -12.78
CA THR A 33 -2.22 -7.04 -12.07
C THR A 33 -1.58 -6.97 -10.69
N CYS A 34 -1.74 -5.84 -10.01
CA CYS A 34 -1.16 -5.67 -8.68
C CYS A 34 -2.22 -5.36 -7.64
N LEU A 35 -2.36 -6.31 -6.72
CA LEU A 35 -3.33 -6.25 -5.62
C LEU A 35 -3.48 -4.83 -5.06
N PRO A 36 -4.60 -4.55 -4.38
CA PRO A 36 -4.87 -3.24 -3.80
C PRO A 36 -3.95 -2.90 -2.63
N GLY A 37 -3.07 -1.92 -2.84
CA GLY A 37 -2.18 -1.50 -1.77
C GLY A 37 -0.70 -1.60 -2.11
N TYR A 38 -0.37 -1.86 -3.37
CA TYR A 38 1.03 -1.94 -3.76
C TYR A 38 1.72 -0.58 -3.72
N VAL A 39 2.98 -0.65 -3.33
CA VAL A 39 3.77 0.55 -3.16
C VAL A 39 4.85 0.66 -4.24
N ARG A 40 5.42 1.85 -4.38
CA ARG A 40 6.45 2.16 -5.38
C ARG A 40 7.23 0.93 -5.82
N SER A 41 7.07 0.58 -7.09
CA SER A 41 7.76 -0.56 -7.69
C SER A 41 7.16 -0.89 -9.05
N HIS A 42 5.96 -0.40 -9.31
CA HIS A 42 5.28 -0.67 -10.57
C HIS A 42 6.05 -0.09 -11.75
N SER A 43 6.09 -0.85 -12.84
CA SER A 43 6.79 -0.43 -14.05
C SER A 43 6.65 -1.46 -15.16
N THR A 44 6.05 -2.60 -14.83
CA THR A 44 5.86 -3.67 -15.79
C THR A 44 4.47 -4.30 -15.70
N GLN A 45 4.34 -5.27 -14.80
CA GLN A 45 3.07 -5.97 -14.58
C GLN A 45 2.83 -6.99 -15.69
N THR A 46 3.90 -7.38 -16.38
CA THR A 46 3.80 -8.35 -17.47
C THR A 46 5.01 -9.29 -17.45
N LEU A 47 4.75 -10.58 -17.67
CA LEU A 47 5.84 -11.56 -17.68
C LEU A 47 6.13 -12.01 -19.11
N THR A 48 7.39 -12.32 -19.37
CA THR A 48 7.81 -12.77 -20.69
C THR A 48 8.86 -13.85 -20.55
N CYS A 49 8.88 -14.81 -21.48
CA CYS A 49 9.85 -15.88 -21.42
C CYS A 49 11.19 -15.36 -21.92
N ASN A 50 12.17 -15.35 -21.03
CA ASN A 50 13.51 -14.90 -21.39
C ASN A 50 14.39 -16.09 -21.75
N SER A 51 15.69 -15.85 -21.86
CA SER A 51 16.63 -16.92 -22.20
C SER A 51 17.51 -17.28 -21.00
N ASP A 52 16.88 -17.61 -19.88
CA ASP A 52 17.58 -18.01 -18.65
C ASP A 52 17.11 -19.39 -18.21
N GLY A 53 15.82 -19.63 -18.37
CA GLY A 53 15.25 -20.91 -17.98
C GLY A 53 13.89 -20.72 -17.32
N GLU A 54 13.49 -19.46 -17.23
CA GLU A 54 12.21 -19.12 -16.62
C GLU A 54 11.67 -17.78 -17.09
N TRP A 55 10.83 -17.18 -16.25
CA TRP A 55 10.18 -15.93 -16.54
C TRP A 55 10.91 -14.73 -15.94
N VAL A 56 11.32 -13.83 -16.82
CA VAL A 56 11.97 -12.60 -16.43
C VAL A 56 10.93 -11.49 -16.48
N TYR A 57 11.03 -10.47 -15.64
CA TYR A 57 10.04 -9.40 -15.68
C TYR A 57 10.27 -8.33 -14.61
N ASN A 58 11.42 -8.40 -13.96
CA ASN A 58 11.79 -7.44 -12.93
C ASN A 58 10.80 -7.48 -11.77
N THR A 59 11.08 -6.73 -10.72
CA THR A 59 10.22 -6.70 -9.55
C THR A 59 9.29 -5.48 -9.59
N PHE A 60 8.09 -5.69 -10.09
CA PHE A 60 7.10 -4.64 -10.19
C PHE A 60 6.09 -4.76 -9.05
N CYS A 61 5.72 -3.63 -8.44
CA CYS A 61 4.78 -3.62 -7.33
C CYS A 61 5.38 -4.39 -6.15
N ILE A 62 5.85 -3.67 -5.13
CA ILE A 62 6.46 -4.32 -3.97
C ILE A 62 5.52 -4.46 -2.79
N TYR A 63 4.76 -3.39 -2.51
CA TYR A 63 3.83 -3.42 -1.38
C TYR A 63 4.59 -3.26 -0.06
N LYS A 64 4.30 -2.16 0.62
CA LYS A 64 4.94 -1.82 1.90
C LYS A 64 4.15 -0.71 2.59
N ARG A 65 3.42 -1.08 3.64
CA ARG A 65 2.58 -0.13 4.37
C ARG A 65 3.33 0.50 5.55
N CYS A 66 2.57 1.05 6.50
CA CYS A 66 3.14 1.68 7.68
C CYS A 66 2.42 1.18 8.92
N ARG A 67 3.11 1.22 10.07
CA ARG A 67 2.51 0.75 11.31
C ARG A 67 1.31 1.62 11.65
N HIS A 68 0.26 0.99 12.16
CA HIS A 68 -0.96 1.70 12.52
C HIS A 68 -0.66 2.96 13.35
N PRO A 69 -1.04 4.14 12.81
CA PRO A 69 -0.85 5.42 13.50
C PRO A 69 -1.09 5.33 15.00
N GLY A 70 -2.12 4.56 15.37
CA GLY A 70 -2.48 4.42 16.75
C GLY A 70 -3.80 5.10 17.04
N GLU A 71 -4.21 5.01 18.30
CA GLU A 71 -5.47 5.62 18.74
C GLU A 71 -5.29 7.11 18.95
N LEU A 72 -6.24 7.86 18.40
CA LEU A 72 -6.27 9.31 18.53
C LEU A 72 -7.24 9.68 19.66
N ARG A 73 -6.70 9.94 20.84
CA ARG A 73 -7.53 10.28 21.99
C ARG A 73 -8.23 11.61 21.77
N ASN A 74 -9.55 11.57 21.98
CA ASN A 74 -10.43 12.72 21.79
C ASN A 74 -10.67 12.92 20.31
N GLY A 75 -10.36 11.91 19.49
CA GLY A 75 -10.57 12.06 18.08
C GLY A 75 -10.83 10.76 17.34
N GLN A 76 -10.77 10.84 16.02
CA GLN A 76 -11.00 9.67 15.18
C GLN A 76 -9.92 9.52 14.11
N VAL A 77 -9.49 8.28 13.90
CA VAL A 77 -8.45 8.00 12.91
C VAL A 77 -9.07 7.39 11.66
N GLU A 78 -9.14 8.16 10.59
CA GLU A 78 -9.71 7.66 9.34
C GLU A 78 -8.81 6.58 8.73
N ILE A 79 -9.01 5.34 9.18
CA ILE A 79 -8.23 4.21 8.67
C ILE A 79 -9.08 3.36 7.74
N LYS A 80 -8.48 2.95 6.62
CA LYS A 80 -9.18 2.14 5.65
C LYS A 80 -8.20 1.46 4.71
N THR A 81 -7.22 2.21 4.24
CA THR A 81 -6.23 1.68 3.32
C THR A 81 -5.16 0.87 4.03
N ASP A 82 -5.42 0.48 5.28
CA ASP A 82 -4.46 -0.32 6.04
C ASP A 82 -3.14 0.41 6.22
N LEU A 83 -3.14 1.69 5.85
CA LEU A 83 -1.95 2.53 5.93
C LEU A 83 -0.93 2.08 4.91
N SER A 84 -1.32 2.05 3.65
CA SER A 84 -0.42 1.66 2.57
C SER A 84 0.28 2.91 2.04
N PHE A 85 1.61 2.86 1.95
CA PHE A 85 2.39 3.99 1.47
C PHE A 85 1.66 4.75 0.37
N GLY A 86 1.76 6.08 0.39
CA GLY A 86 1.10 6.89 -0.61
C GLY A 86 -0.37 7.10 -0.31
N SER A 87 -0.72 7.17 0.98
CA SER A 87 -2.11 7.36 1.38
C SER A 87 -2.26 8.42 2.46
N GLN A 88 -3.43 9.03 2.47
CA GLN A 88 -3.75 10.07 3.44
C GLN A 88 -4.80 9.55 4.42
N ILE A 89 -4.55 9.75 5.71
CA ILE A 89 -5.48 9.32 6.75
C ILE A 89 -5.82 10.48 7.67
N GLU A 90 -6.93 11.17 7.36
CA GLU A 90 -7.36 12.31 8.14
C GLU A 90 -7.74 11.92 9.56
N PHE A 91 -8.17 12.91 10.33
CA PHE A 91 -8.56 12.72 11.71
C PHE A 91 -9.89 13.41 11.99
N SER A 92 -10.41 13.26 13.19
CA SER A 92 -11.68 13.88 13.55
C SER A 92 -11.80 14.08 15.06
N CYS A 93 -11.72 15.32 15.48
CA CYS A 93 -11.84 15.63 16.90
C CYS A 93 -13.33 15.76 17.26
N SER A 94 -13.81 14.85 18.09
CA SER A 94 -15.22 14.83 18.49
C SER A 94 -15.72 16.21 18.90
N GLU A 95 -17.04 16.34 18.99
CA GLU A 95 -17.69 17.59 19.37
C GLU A 95 -16.96 18.24 20.55
N GLY A 96 -17.03 19.56 20.61
CA GLY A 96 -16.38 20.30 21.67
C GLY A 96 -14.89 20.42 21.47
N PHE A 97 -14.26 19.39 20.92
CA PHE A 97 -12.82 19.40 20.70
C PHE A 97 -12.52 19.52 19.21
N PHE A 98 -11.71 20.49 18.84
CA PHE A 98 -11.36 20.69 17.44
C PHE A 98 -10.01 20.06 17.10
N LEU A 99 -9.73 20.03 15.81
CA LEU A 99 -8.49 19.44 15.30
C LEU A 99 -7.36 20.46 15.31
N ILE A 100 -6.17 20.01 15.73
CA ILE A 100 -4.97 20.85 15.78
C ILE A 100 -3.74 19.97 15.74
N GLY A 101 -2.93 20.21 14.71
CA GLY A 101 -1.71 19.45 14.51
C GLY A 101 -1.44 19.22 13.03
N SER A 102 -2.32 18.45 12.42
CA SER A 102 -2.23 18.10 11.01
C SER A 102 -3.38 17.18 10.67
N THR A 103 -4.45 17.74 10.09
CA THR A 103 -5.62 16.96 9.76
C THR A 103 -5.32 15.88 8.75
N THR A 104 -4.12 15.89 8.21
CA THR A 104 -3.74 14.89 7.23
C THR A 104 -2.55 14.08 7.74
N SER A 105 -2.40 12.88 7.24
CA SER A 105 -1.29 12.01 7.60
C SER A 105 -0.93 11.15 6.40
N ARG A 106 0.27 11.37 5.85
CA ARG A 106 0.73 10.64 4.67
C ARG A 106 1.79 9.61 5.03
N CYS A 107 1.82 8.53 4.27
CA CYS A 107 2.76 7.44 4.49
C CYS A 107 3.99 7.60 3.61
N GLU A 108 5.14 7.77 4.26
CA GLU A 108 6.40 7.97 3.56
C GLU A 108 7.37 6.86 3.91
N VAL A 109 8.56 6.90 3.30
CA VAL A 109 9.55 5.85 3.55
C VAL A 109 10.96 6.40 3.77
N GLN A 110 11.57 5.91 4.84
CA GLN A 110 12.93 6.27 5.18
C GLN A 110 13.90 5.19 4.72
N ASP A 111 14.44 5.36 3.51
CA ASP A 111 15.36 4.40 2.92
C ASP A 111 14.67 3.06 2.66
N ARG A 112 14.74 2.16 3.62
CA ARG A 112 14.12 0.85 3.50
C ARG A 112 13.15 0.60 4.64
N GLY A 113 12.97 1.61 5.47
CA GLY A 113 12.06 1.50 6.59
C GLY A 113 10.99 2.55 6.52
N VAL A 114 9.81 2.15 6.07
CA VAL A 114 8.68 3.07 5.92
C VAL A 114 8.60 4.00 7.11
N GLY A 115 8.38 5.27 6.86
CA GLY A 115 8.30 6.21 7.95
C GLY A 115 6.96 6.90 8.02
N TRP A 116 6.46 7.12 9.24
CA TRP A 116 5.19 7.81 9.41
C TRP A 116 5.41 9.31 9.54
N SER A 117 4.86 10.07 8.60
CA SER A 117 5.00 11.52 8.60
C SER A 117 4.53 12.12 9.92
N HIS A 118 3.21 12.14 10.13
CA HIS A 118 2.64 12.69 11.36
C HIS A 118 1.54 11.79 11.90
N PRO A 119 1.58 11.48 13.21
CA PRO A 119 0.58 10.63 13.86
C PRO A 119 -0.61 11.41 14.40
N LEU A 120 -1.25 10.88 15.43
CA LEU A 120 -2.40 11.50 16.07
C LEU A 120 -2.14 12.98 16.38
N PRO A 121 -3.01 13.88 15.88
CA PRO A 121 -2.89 15.33 16.10
C PRO A 121 -3.19 15.71 17.55
N GLN A 122 -3.90 16.82 17.74
CA GLN A 122 -4.25 17.29 19.08
C GLN A 122 -5.72 17.69 19.14
N CYS A 123 -6.49 16.99 19.96
CA CYS A 123 -7.91 17.31 20.12
C CYS A 123 -8.12 18.06 21.43
N GLU A 124 -8.37 19.37 21.32
CA GLU A 124 -8.59 20.21 22.50
C GLU A 124 -9.96 20.86 22.43
N ILE A 125 -10.58 20.99 23.62
CA ILE A 125 -11.90 21.58 23.74
C ILE A 125 -11.91 23.05 23.36
N LEU A 126 -13.06 23.51 22.88
CA LEU A 126 -13.24 24.91 22.49
C LEU A 126 -13.49 25.78 23.72
N GLU A 127 -14.58 25.47 24.42
CA GLU A 127 -14.96 26.21 25.62
C GLU A 127 -15.33 25.24 26.74
N HIS A 128 -15.17 25.69 27.98
CA HIS A 128 -15.48 24.86 29.14
C HIS A 128 -16.94 25.03 29.56
N HIS A 129 -17.41 24.11 30.41
CA HIS A 129 -18.79 24.15 30.89
C HIS A 129 -18.82 24.17 32.42
N HIS A 130 -19.96 24.57 32.98
CA HIS A 130 -20.10 24.62 34.43
C HIS A 130 -21.54 24.29 34.85
N HIS A 131 -22.42 25.28 34.77
CA HIS A 131 -23.82 25.09 35.15
C HIS A 131 -24.59 24.37 34.05
N HIS A 132 -24.22 24.63 32.80
CA HIS A 132 -24.88 23.99 31.67
C HIS A 132 -24.53 22.51 31.60
N HIS A 133 -23.57 22.10 32.40
CA HIS A 133 -23.14 20.70 32.46
C HIS A 133 -24.31 19.79 32.78
N MET A 1 13.18 -23.21 -24.01
CA MET A 1 11.93 -23.96 -24.31
C MET A 1 10.78 -23.43 -23.47
N ASN A 2 10.99 -23.34 -22.15
CA ASN A 2 9.97 -22.85 -21.24
C ASN A 2 10.59 -22.28 -19.97
N CYS A 3 9.93 -21.27 -19.42
CA CYS A 3 10.42 -20.63 -18.21
C CYS A 3 9.88 -21.28 -16.94
N GLY A 4 9.01 -22.27 -17.11
CA GLY A 4 8.43 -22.96 -15.96
C GLY A 4 7.17 -22.27 -15.47
N PRO A 5 6.23 -23.04 -14.87
CA PRO A 5 4.97 -22.48 -14.36
C PRO A 5 5.17 -21.19 -13.57
N PRO A 6 4.43 -20.13 -13.92
CA PRO A 6 4.54 -18.83 -13.23
C PRO A 6 4.45 -18.95 -11.72
N PRO A 7 5.30 -18.19 -10.99
CA PRO A 7 5.31 -18.20 -9.53
C PRO A 7 4.15 -17.40 -8.97
N THR A 8 4.15 -17.28 -7.65
CA THR A 8 3.13 -16.53 -6.94
C THR A 8 3.67 -15.15 -6.61
N LEU A 9 2.92 -14.11 -6.94
CA LEU A 9 3.37 -12.75 -6.68
C LEU A 9 2.46 -12.03 -5.69
N SER A 10 2.70 -10.75 -5.53
CA SER A 10 1.91 -9.92 -4.63
C SER A 10 1.45 -8.64 -5.30
N PHE A 11 2.41 -7.84 -5.74
CA PHE A 11 2.12 -6.58 -6.42
C PHE A 11 1.12 -6.78 -7.56
N ALA A 12 0.95 -8.03 -7.96
CA ALA A 12 0.02 -8.33 -9.03
C ALA A 12 -0.57 -9.73 -8.88
N ALA A 13 -1.75 -9.87 -9.47
CA ALA A 13 -2.44 -11.15 -9.48
C ALA A 13 -2.94 -11.48 -10.89
N PRO A 14 -3.42 -12.72 -11.13
CA PRO A 14 -3.90 -13.13 -12.45
C PRO A 14 -5.14 -12.33 -12.87
N MET A 15 -5.26 -12.09 -14.17
CA MET A 15 -6.38 -11.34 -14.71
C MET A 15 -6.89 -11.98 -16.00
N ASP A 16 -6.05 -12.84 -16.57
CA ASP A 16 -6.39 -13.55 -17.80
C ASP A 16 -5.57 -14.84 -17.87
N ILE A 17 -4.62 -14.89 -18.81
CA ILE A 17 -3.76 -16.07 -18.98
C ILE A 17 -4.49 -17.36 -18.67
N THR A 18 -5.20 -17.89 -19.65
CA THR A 18 -5.90 -19.15 -19.46
C THR A 18 -4.94 -20.16 -18.85
N LEU A 19 -5.25 -20.59 -17.63
CA LEU A 19 -4.40 -21.54 -16.92
C LEU A 19 -4.54 -22.95 -17.49
N THR A 20 -4.71 -23.03 -18.81
CA THR A 20 -4.86 -24.31 -19.48
C THR A 20 -3.51 -24.86 -19.91
N GLU A 21 -2.46 -24.13 -19.59
CA GLU A 21 -1.10 -24.53 -19.93
C GLU A 21 -0.16 -24.35 -18.75
N THR A 22 0.59 -25.40 -18.41
CA THR A 22 1.51 -25.35 -17.29
C THR A 22 2.84 -24.72 -17.72
N ARG A 23 3.01 -24.57 -19.03
CA ARG A 23 4.23 -23.98 -19.57
C ARG A 23 3.90 -22.78 -20.47
N PHE A 24 4.89 -21.91 -20.68
CA PHE A 24 4.71 -20.71 -21.50
C PHE A 24 6.01 -20.35 -22.22
N LYS A 25 6.11 -20.76 -23.49
CA LYS A 25 7.28 -20.48 -24.31
C LYS A 25 7.74 -19.05 -24.15
N THR A 26 8.91 -18.76 -24.67
CA THR A 26 9.45 -17.42 -24.62
C THR A 26 8.55 -16.49 -25.41
N GLY A 27 8.76 -15.19 -25.29
CA GLY A 27 7.94 -14.24 -26.01
C GLY A 27 6.52 -14.16 -25.44
N THR A 28 6.09 -15.20 -24.73
CA THR A 28 4.76 -15.25 -24.13
C THR A 28 4.58 -14.10 -23.16
N THR A 29 3.34 -13.66 -22.95
CA THR A 29 3.10 -12.56 -22.03
C THR A 29 1.73 -12.67 -21.37
N LEU A 30 1.73 -12.64 -20.04
CA LEU A 30 0.48 -12.75 -19.28
C LEU A 30 0.04 -11.40 -18.74
N LYS A 31 -1.24 -11.30 -18.42
CA LYS A 31 -1.81 -10.08 -17.89
C LYS A 31 -2.00 -10.18 -16.37
N TYR A 32 -1.52 -9.18 -15.66
CA TYR A 32 -1.62 -9.15 -14.21
C TYR A 32 -2.11 -7.77 -13.73
N THR A 33 -2.85 -7.75 -12.63
CA THR A 33 -3.36 -6.50 -12.08
C THR A 33 -2.56 -6.06 -10.86
N CYS A 34 -2.03 -4.85 -10.91
CA CYS A 34 -1.24 -4.31 -9.80
C CYS A 34 -2.11 -3.81 -8.67
N LEU A 35 -1.86 -4.40 -7.50
CA LEU A 35 -2.58 -4.08 -6.27
C LEU A 35 -2.84 -2.59 -6.12
N PRO A 36 -3.86 -2.23 -5.32
CA PRO A 36 -4.24 -0.83 -5.09
C PRO A 36 -3.16 0.03 -4.47
N GLY A 37 -2.84 -0.23 -3.21
CA GLY A 37 -1.86 0.54 -2.48
C GLY A 37 -0.42 0.22 -2.88
N TYR A 38 -0.24 -0.41 -4.03
CA TYR A 38 1.12 -0.71 -4.50
C TYR A 38 2.03 0.48 -4.27
N VAL A 39 3.20 0.18 -3.73
CA VAL A 39 4.16 1.23 -3.38
C VAL A 39 5.25 1.40 -4.44
N ARG A 40 5.97 2.52 -4.32
CA ARG A 40 7.03 2.90 -5.26
C ARG A 40 7.88 1.72 -5.71
N SER A 41 7.88 1.49 -7.03
CA SER A 41 8.65 0.42 -7.67
C SER A 41 8.05 0.09 -9.03
N HIS A 42 6.85 0.59 -9.28
CA HIS A 42 6.16 0.34 -10.55
C HIS A 42 7.04 0.67 -11.75
N SER A 43 6.88 -0.11 -12.81
CA SER A 43 7.65 0.08 -14.04
C SER A 43 7.09 -0.79 -15.17
N THR A 44 6.22 -1.73 -14.80
CA THR A 44 5.60 -2.63 -15.78
C THR A 44 4.40 -3.34 -15.17
N GLN A 45 3.96 -4.42 -15.80
CA GLN A 45 2.81 -5.19 -15.32
C GLN A 45 2.55 -6.41 -16.19
N THR A 46 3.62 -7.05 -16.67
CA THR A 46 3.49 -8.23 -17.52
C THR A 46 4.67 -9.18 -17.32
N LEU A 47 4.40 -10.47 -17.48
CA LEU A 47 5.43 -11.50 -17.34
C LEU A 47 5.72 -12.15 -18.68
N THR A 48 6.99 -12.13 -19.09
CA THR A 48 7.40 -12.71 -20.37
C THR A 48 8.46 -13.79 -20.16
N CYS A 49 8.44 -14.82 -21.01
CA CYS A 49 9.44 -15.86 -20.90
C CYS A 49 10.66 -15.44 -21.70
N ASN A 50 11.77 -15.31 -21.00
CA ASN A 50 13.03 -14.95 -21.63
C ASN A 50 13.88 -16.20 -21.82
N SER A 51 15.08 -16.04 -22.38
CA SER A 51 15.99 -17.18 -22.59
C SER A 51 16.83 -17.39 -21.34
N ASP A 52 16.13 -17.73 -20.26
CA ASP A 52 16.75 -17.97 -18.96
C ASP A 52 15.93 -18.99 -18.17
N GLY A 53 14.88 -19.48 -18.80
CA GLY A 53 14.00 -20.43 -18.14
C GLY A 53 13.38 -19.86 -16.89
N GLU A 54 13.44 -18.53 -16.82
CA GLU A 54 12.86 -17.79 -15.71
C GLU A 54 11.99 -16.66 -16.23
N TRP A 55 11.17 -16.09 -15.35
CA TRP A 55 10.31 -14.98 -15.72
C TRP A 55 11.00 -13.66 -15.45
N VAL A 56 11.31 -12.97 -16.54
CA VAL A 56 11.98 -11.68 -16.48
C VAL A 56 10.93 -10.60 -16.60
N TYR A 57 11.09 -9.50 -15.87
CA TYR A 57 10.13 -8.40 -15.98
C TYR A 57 10.40 -7.30 -14.96
N ASN A 58 11.56 -7.37 -14.33
CA ASN A 58 11.97 -6.39 -13.34
C ASN A 58 10.95 -6.34 -12.20
N THR A 59 11.19 -5.47 -11.22
CA THR A 59 10.27 -5.33 -10.11
C THR A 59 9.43 -4.08 -10.27
N PHE A 60 8.31 -4.23 -10.97
CA PHE A 60 7.41 -3.12 -11.19
C PHE A 60 6.67 -2.77 -9.90
N CYS A 61 5.36 -2.57 -10.00
CA CYS A 61 4.55 -2.23 -8.82
C CYS A 61 4.89 -3.15 -7.65
N ILE A 62 4.63 -2.69 -6.43
CA ILE A 62 4.92 -3.49 -5.24
C ILE A 62 3.89 -3.26 -4.13
N TYR A 63 4.35 -3.20 -2.88
CA TYR A 63 3.47 -3.02 -1.73
C TYR A 63 4.27 -3.09 -0.42
N LYS A 64 4.17 -2.00 0.34
CA LYS A 64 4.84 -1.83 1.63
C LYS A 64 4.17 -0.69 2.37
N ARG A 65 3.49 -1.00 3.48
CA ARG A 65 2.76 0.01 4.24
C ARG A 65 3.57 0.48 5.45
N CYS A 66 2.88 1.05 6.43
CA CYS A 66 3.53 1.57 7.62
C CYS A 66 2.85 1.05 8.87
N ARG A 67 3.56 1.11 10.00
CA ARG A 67 2.98 0.66 11.25
C ARG A 67 1.77 1.53 11.57
N HIS A 68 0.77 0.92 12.20
CA HIS A 68 -0.43 1.64 12.57
C HIS A 68 -0.10 2.69 13.63
N PRO A 69 -0.43 3.97 13.39
CA PRO A 69 -0.15 5.04 14.35
C PRO A 69 -0.82 4.78 15.69
N GLY A 70 -1.76 3.86 15.71
CA GLY A 70 -2.47 3.54 16.93
C GLY A 70 -3.67 4.44 17.12
N GLU A 71 -4.62 3.94 17.90
CA GLU A 71 -5.84 4.68 18.21
C GLU A 71 -5.61 6.17 18.34
N LEU A 72 -6.55 6.93 17.81
CA LEU A 72 -6.52 8.38 17.88
C LEU A 72 -7.45 8.80 19.01
N ARG A 73 -6.88 9.15 20.17
CA ARG A 73 -7.71 9.55 21.31
C ARG A 73 -8.52 10.80 20.97
N ASN A 74 -9.83 10.64 21.15
CA ASN A 74 -10.83 11.66 20.86
C ASN A 74 -11.09 11.68 19.36
N GLY A 75 -10.73 10.61 18.66
CA GLY A 75 -10.99 10.59 17.24
C GLY A 75 -11.10 9.21 16.63
N GLN A 76 -10.97 9.16 15.31
CA GLN A 76 -11.07 7.91 14.58
C GLN A 76 -10.16 7.90 13.35
N VAL A 77 -8.89 7.61 13.55
CA VAL A 77 -7.93 7.56 12.45
C VAL A 77 -8.52 6.80 11.26
N GLU A 78 -8.61 7.46 10.11
CA GLU A 78 -9.17 6.82 8.92
C GLU A 78 -8.19 5.83 8.31
N ILE A 79 -8.61 4.57 8.24
CA ILE A 79 -7.79 3.51 7.66
C ILE A 79 -8.52 2.85 6.51
N LYS A 80 -8.15 3.22 5.28
CA LYS A 80 -8.79 2.68 4.08
C LYS A 80 -7.77 2.22 3.07
N THR A 81 -6.53 2.13 3.49
CA THR A 81 -5.46 1.71 2.61
C THR A 81 -4.41 0.93 3.37
N ASP A 82 -4.76 0.55 4.60
CA ASP A 82 -3.82 -0.20 5.44
C ASP A 82 -2.56 0.62 5.68
N LEU A 83 -2.63 1.87 5.27
CA LEU A 83 -1.51 2.79 5.41
C LEU A 83 -0.36 2.36 4.51
N SER A 84 -0.67 2.20 3.23
CA SER A 84 0.35 1.80 2.25
C SER A 84 1.09 3.04 1.74
N PHE A 85 2.42 2.98 1.76
CA PHE A 85 3.26 4.10 1.30
C PHE A 85 2.67 4.74 0.05
N GLY A 86 2.81 6.06 -0.05
CA GLY A 86 2.29 6.79 -1.20
C GLY A 86 0.80 7.02 -1.09
N SER A 87 0.35 7.48 0.06
CA SER A 87 -1.06 7.73 0.29
C SER A 87 -1.28 8.71 1.44
N GLN A 88 -2.25 8.39 2.28
CA GLN A 88 -2.59 9.25 3.42
C GLN A 88 -3.80 8.71 4.17
N ILE A 89 -3.81 8.94 5.49
CA ILE A 89 -4.91 8.51 6.33
C ILE A 89 -5.49 9.67 7.13
N GLU A 90 -6.73 10.02 6.82
CA GLU A 90 -7.39 11.12 7.50
C GLU A 90 -7.64 10.81 8.97
N PHE A 91 -8.29 11.74 9.66
CA PHE A 91 -8.62 11.58 11.06
C PHE A 91 -9.93 12.29 11.35
N SER A 92 -10.38 12.26 12.60
CA SER A 92 -11.64 12.92 12.95
C SER A 92 -11.76 13.17 14.44
N CYS A 93 -11.72 14.44 14.81
CA CYS A 93 -11.84 14.80 16.21
C CYS A 93 -13.31 14.83 16.60
N SER A 94 -13.65 14.11 17.66
CA SER A 94 -15.03 14.00 18.14
C SER A 94 -15.77 15.33 18.26
N GLU A 95 -17.02 15.20 18.66
CA GLU A 95 -17.94 16.32 18.85
C GLU A 95 -17.31 17.54 19.54
N GLY A 96 -17.18 17.47 20.86
CA GLY A 96 -16.67 18.59 21.63
C GLY A 96 -15.23 18.97 21.36
N PHE A 97 -14.69 18.62 20.19
CA PHE A 97 -13.31 18.97 19.87
C PHE A 97 -13.10 19.04 18.36
N PHE A 98 -11.92 19.51 17.97
CA PHE A 98 -11.56 19.61 16.57
C PHE A 98 -10.13 19.13 16.37
N LEU A 99 -9.75 19.01 15.11
CA LEU A 99 -8.42 18.54 14.77
C LEU A 99 -7.42 19.68 14.70
N ILE A 100 -6.22 19.42 15.21
CA ILE A 100 -5.12 20.39 15.23
C ILE A 100 -3.80 19.64 15.28
N GLY A 101 -3.16 19.60 14.12
CA GLY A 101 -1.90 18.92 13.96
C GLY A 101 -1.58 18.68 12.50
N SER A 102 -2.52 17.98 11.85
CA SER A 102 -2.41 17.63 10.44
C SER A 102 -3.52 16.63 10.13
N THR A 103 -4.60 17.09 9.51
CA THR A 103 -5.71 16.21 9.21
C THR A 103 -5.30 15.10 8.27
N THR A 104 -4.14 15.24 7.67
CA THR A 104 -3.63 14.24 6.77
C THR A 104 -2.34 13.65 7.30
N SER A 105 -2.04 12.44 6.88
CA SER A 105 -0.81 11.77 7.26
C SER A 105 -0.33 10.91 6.10
N ARG A 106 0.82 11.24 5.54
CA ARG A 106 1.37 10.52 4.40
C ARG A 106 2.32 9.42 4.85
N CYS A 107 2.23 8.27 4.18
CA CYS A 107 3.07 7.13 4.54
C CYS A 107 4.40 7.23 3.81
N GLU A 108 5.47 7.44 4.59
CA GLU A 108 6.80 7.59 4.02
C GLU A 108 7.74 6.52 4.55
N VAL A 109 8.91 6.40 3.92
CA VAL A 109 9.91 5.42 4.34
C VAL A 109 11.34 5.87 4.16
N GLN A 110 12.14 5.48 5.14
CA GLN A 110 13.56 5.79 5.15
C GLN A 110 14.39 4.52 5.02
N ASP A 111 15.38 4.56 4.12
CA ASP A 111 16.26 3.42 3.87
C ASP A 111 15.49 2.26 3.25
N ARG A 112 15.05 1.33 4.09
CA ARG A 112 14.31 0.17 3.63
C ARG A 112 13.20 -0.18 4.61
N GLY A 113 13.08 0.62 5.66
CA GLY A 113 12.05 0.40 6.65
C GLY A 113 11.08 1.54 6.66
N VAL A 114 9.84 1.24 6.28
CA VAL A 114 8.82 2.25 6.20
C VAL A 114 8.82 3.16 7.41
N GLY A 115 8.77 4.45 7.13
CA GLY A 115 8.88 5.42 8.22
C GLY A 115 7.85 6.52 8.28
N TRP A 116 6.75 6.34 9.03
CA TRP A 116 5.74 7.38 9.20
C TRP A 116 6.36 8.75 9.46
N SER A 117 5.57 9.80 9.28
CA SER A 117 6.05 11.16 9.51
C SER A 117 5.26 11.84 10.64
N HIS A 118 3.98 11.48 10.77
CA HIS A 118 3.13 12.07 11.80
C HIS A 118 1.92 11.18 12.11
N PRO A 119 1.67 10.91 13.40
CA PRO A 119 0.55 10.07 13.84
C PRO A 119 -0.67 10.87 14.28
N LEU A 120 -1.45 10.29 15.19
CA LEU A 120 -2.67 10.90 15.72
C LEU A 120 -2.44 12.36 16.12
N PRO A 121 -3.20 13.29 15.49
CA PRO A 121 -3.08 14.74 15.78
C PRO A 121 -3.48 15.08 17.22
N GLN A 122 -3.70 16.37 17.47
CA GLN A 122 -4.07 16.83 18.80
C GLN A 122 -5.55 17.20 18.87
N CYS A 123 -6.28 16.53 19.75
CA CYS A 123 -7.71 16.80 19.93
C CYS A 123 -7.97 17.68 21.14
N GLU A 124 -8.44 18.89 20.89
CA GLU A 124 -8.75 19.84 21.96
C GLU A 124 -10.17 20.36 21.82
N ILE A 125 -10.81 20.52 22.98
CA ILE A 125 -12.20 20.99 23.04
C ILE A 125 -12.34 22.40 22.49
N LEU A 126 -13.45 22.65 21.80
CA LEU A 126 -13.73 23.96 21.22
C LEU A 126 -13.84 25.01 22.31
N GLU A 127 -14.43 24.63 23.44
CA GLU A 127 -14.60 25.54 24.56
C GLU A 127 -13.25 25.98 25.14
N HIS A 128 -13.30 26.87 26.11
CA HIS A 128 -12.08 27.38 26.74
C HIS A 128 -11.47 26.34 27.68
N HIS A 129 -10.19 26.06 27.48
CA HIS A 129 -9.48 25.07 28.30
C HIS A 129 -7.98 25.23 28.17
N HIS A 130 -7.28 25.26 29.30
CA HIS A 130 -5.83 25.40 29.31
C HIS A 130 -5.25 25.00 30.66
N HIS A 131 -3.94 24.78 30.69
CA HIS A 131 -3.25 24.39 31.91
C HIS A 131 -1.81 24.90 31.92
N HIS A 132 -1.37 25.40 33.07
CA HIS A 132 -0.02 25.92 33.21
C HIS A 132 1.02 24.84 32.98
N HIS A 133 2.28 25.25 32.83
CA HIS A 133 3.37 24.30 32.60
C HIS A 133 3.90 23.75 33.91
N MET A 1 12.94 -25.00 -24.49
CA MET A 1 12.90 -23.57 -24.89
C MET A 1 11.98 -22.77 -23.98
N ASN A 2 11.04 -23.46 -23.33
CA ASN A 2 10.09 -22.82 -22.44
C ASN A 2 10.75 -22.42 -21.12
N CYS A 3 10.16 -21.44 -20.44
CA CYS A 3 10.69 -20.97 -19.17
C CYS A 3 10.12 -21.75 -17.99
N GLY A 4 9.17 -22.64 -18.26
CA GLY A 4 8.56 -23.42 -17.20
C GLY A 4 7.28 -22.78 -16.69
N PRO A 5 6.38 -23.58 -16.09
CA PRO A 5 5.10 -23.07 -15.56
C PRO A 5 5.28 -21.79 -14.75
N PRO A 6 4.43 -20.78 -15.01
CA PRO A 6 4.50 -19.49 -14.31
C PRO A 6 4.38 -19.63 -12.80
N PRO A 7 5.48 -19.34 -12.07
CA PRO A 7 5.50 -19.41 -10.60
C PRO A 7 4.44 -18.52 -9.98
N THR A 8 4.48 -18.51 -8.65
CA THR A 8 3.56 -17.72 -7.86
C THR A 8 4.22 -16.42 -7.45
N LEU A 9 3.53 -15.30 -7.66
CA LEU A 9 4.07 -14.01 -7.29
C LEU A 9 3.33 -13.41 -6.11
N SER A 10 4.02 -13.34 -4.97
CA SER A 10 3.42 -12.77 -3.76
C SER A 10 3.49 -11.26 -3.83
N PHE A 11 3.93 -10.74 -4.97
CA PHE A 11 4.02 -9.31 -5.19
C PHE A 11 3.23 -8.93 -6.44
N ALA A 12 2.06 -9.57 -6.58
CA ALA A 12 1.16 -9.36 -7.71
C ALA A 12 0.15 -10.50 -7.75
N ALA A 13 -0.58 -10.55 -8.87
CA ALA A 13 -1.61 -11.57 -9.04
C ALA A 13 -1.95 -11.75 -10.52
N PRO A 14 -2.11 -13.02 -10.96
CA PRO A 14 -2.43 -13.34 -12.35
C PRO A 14 -3.79 -12.79 -12.79
N MET A 15 -3.90 -12.41 -14.06
CA MET A 15 -5.15 -11.86 -14.59
C MET A 15 -5.22 -12.03 -16.10
N ASP A 16 -4.15 -12.53 -16.71
CA ASP A 16 -4.11 -12.74 -18.13
C ASP A 16 -3.24 -13.95 -18.46
N ILE A 17 -3.85 -15.13 -18.40
CA ILE A 17 -3.16 -16.37 -18.68
C ILE A 17 -4.14 -17.54 -18.72
N THR A 18 -4.51 -17.94 -19.93
CA THR A 18 -5.40 -19.08 -20.08
C THR A 18 -4.76 -20.29 -19.41
N LEU A 19 -5.42 -20.81 -18.39
CA LEU A 19 -4.90 -21.94 -17.65
C LEU A 19 -5.09 -23.25 -18.42
N THR A 20 -4.86 -23.19 -19.73
CA THR A 20 -5.00 -24.37 -20.58
C THR A 20 -3.64 -24.86 -21.03
N GLU A 21 -2.60 -24.08 -20.73
CA GLU A 21 -1.24 -24.42 -21.11
C GLU A 21 -0.30 -24.28 -19.90
N THR A 22 0.50 -25.31 -19.67
CA THR A 22 1.45 -25.30 -18.55
C THR A 22 2.79 -24.73 -18.99
N ARG A 23 2.91 -24.48 -20.28
CA ARG A 23 4.14 -23.93 -20.86
C ARG A 23 3.84 -22.65 -21.62
N PHE A 24 4.84 -21.77 -21.76
CA PHE A 24 4.66 -20.50 -22.45
C PHE A 24 5.96 -20.10 -23.15
N LYS A 25 5.93 -20.07 -24.48
CA LYS A 25 7.13 -19.71 -25.28
C LYS A 25 7.76 -18.41 -24.85
N THR A 26 8.92 -18.11 -25.45
CA THR A 26 9.67 -16.90 -25.15
C THR A 26 8.93 -15.65 -25.66
N GLY A 27 7.88 -15.88 -26.43
CA GLY A 27 7.09 -14.78 -26.97
C GLY A 27 5.80 -14.61 -26.21
N THR A 28 5.78 -15.11 -24.99
CA THR A 28 4.60 -15.03 -24.13
C THR A 28 4.73 -13.89 -23.13
N THR A 29 3.60 -13.40 -22.65
CA THR A 29 3.61 -12.33 -21.68
C THR A 29 2.31 -12.32 -20.89
N LEU A 30 2.42 -12.42 -19.57
CA LEU A 30 1.25 -12.45 -18.72
C LEU A 30 1.02 -11.10 -18.04
N LYS A 31 -0.16 -10.54 -18.22
CA LYS A 31 -0.50 -9.28 -17.61
C LYS A 31 -0.74 -9.47 -16.12
N TYR A 32 0.03 -8.77 -15.32
CA TYR A 32 -0.09 -8.87 -13.87
C TYR A 32 -0.54 -7.55 -13.26
N THR A 33 -1.36 -7.64 -12.23
CA THR A 33 -1.87 -6.47 -11.53
C THR A 33 -1.28 -6.40 -10.12
N CYS A 34 -1.66 -5.38 -9.35
CA CYS A 34 -1.13 -5.23 -8.00
C CYS A 34 -2.22 -4.88 -6.99
N LEU A 35 -2.49 -5.87 -6.13
CA LEU A 35 -3.48 -5.74 -5.07
C LEU A 35 -3.47 -4.32 -4.47
N PRO A 36 -4.65 -3.80 -4.13
CA PRO A 36 -4.82 -2.45 -3.57
C PRO A 36 -3.78 -2.04 -2.54
N GLY A 37 -2.99 -1.02 -2.91
CA GLY A 37 -1.98 -0.48 -2.01
C GLY A 37 -0.57 -0.91 -2.31
N TYR A 38 -0.42 -2.09 -2.93
CA TYR A 38 0.88 -2.66 -3.31
C TYR A 38 2.01 -1.64 -3.53
N VAL A 39 1.69 -0.38 -3.79
CA VAL A 39 2.74 0.63 -4.01
C VAL A 39 3.51 0.28 -5.28
N ARG A 40 4.56 1.02 -5.63
CA ARG A 40 5.32 0.68 -6.82
C ARG A 40 6.66 1.41 -6.92
N SER A 41 7.61 0.74 -7.55
CA SER A 41 8.94 1.29 -7.77
C SER A 41 9.37 1.09 -9.22
N HIS A 42 8.58 0.32 -9.97
CA HIS A 42 8.87 0.06 -11.38
C HIS A 42 7.61 0.19 -12.25
N SER A 43 6.45 0.03 -11.61
CA SER A 43 5.16 0.16 -12.31
C SER A 43 4.89 -1.01 -13.24
N THR A 44 5.53 -1.00 -14.41
CA THR A 44 5.36 -2.05 -15.42
C THR A 44 5.29 -3.44 -14.79
N GLN A 45 4.31 -4.24 -15.23
CA GLN A 45 4.13 -5.60 -14.72
C GLN A 45 3.88 -6.58 -15.84
N THR A 46 4.92 -7.33 -16.24
CA THR A 46 4.79 -8.31 -17.31
C THR A 46 5.78 -9.46 -17.13
N LEU A 47 5.31 -10.68 -17.35
CA LEU A 47 6.15 -11.87 -17.23
C LEU A 47 6.36 -12.49 -18.61
N THR A 48 7.53 -12.24 -19.19
CA THR A 48 7.86 -12.78 -20.51
C THR A 48 8.91 -13.86 -20.39
N CYS A 49 8.87 -14.84 -21.30
CA CYS A 49 9.84 -15.91 -21.27
C CYS A 49 11.11 -15.43 -21.95
N ASN A 50 12.19 -15.38 -21.18
CA ASN A 50 13.47 -14.98 -21.73
C ASN A 50 14.29 -16.21 -22.12
N SER A 51 15.45 -15.99 -22.70
CA SER A 51 16.30 -17.10 -23.10
C SER A 51 17.18 -17.52 -21.92
N ASP A 52 16.49 -17.89 -20.83
CA ASP A 52 17.11 -18.31 -19.59
C ASP A 52 16.23 -19.33 -18.87
N GLY A 53 15.11 -19.65 -19.51
CA GLY A 53 14.17 -20.58 -18.92
C GLY A 53 13.59 -20.05 -17.62
N GLU A 54 13.71 -18.74 -17.46
CA GLU A 54 13.19 -18.06 -16.29
C GLU A 54 12.38 -16.83 -16.69
N TRP A 55 11.45 -16.44 -15.82
CA TRP A 55 10.62 -15.28 -16.07
C TRP A 55 11.34 -14.02 -15.61
N VAL A 56 11.73 -13.22 -16.59
CA VAL A 56 12.47 -11.99 -16.36
C VAL A 56 11.52 -10.81 -16.33
N TYR A 57 11.82 -9.80 -15.52
CA TYR A 57 10.97 -8.61 -15.46
C TYR A 57 11.36 -7.66 -14.34
N ASN A 58 10.74 -6.48 -14.31
CA ASN A 58 11.05 -5.48 -13.29
C ASN A 58 10.18 -5.68 -12.05
N THR A 59 10.52 -4.98 -10.97
CA THR A 59 9.78 -5.07 -9.72
C THR A 59 8.68 -4.02 -9.68
N PHE A 60 7.59 -4.30 -10.37
CA PHE A 60 6.44 -3.39 -10.42
C PHE A 60 6.05 -2.92 -9.02
N CYS A 61 5.34 -3.77 -8.29
CA CYS A 61 4.89 -3.44 -6.94
C CYS A 61 5.62 -4.29 -5.92
N ILE A 62 5.73 -3.79 -4.70
CA ILE A 62 6.42 -4.52 -3.64
C ILE A 62 5.59 -4.58 -2.35
N TYR A 63 4.58 -3.72 -2.26
CA TYR A 63 3.72 -3.70 -1.07
C TYR A 63 4.52 -3.32 0.18
N LYS A 64 4.12 -2.20 0.77
CA LYS A 64 4.77 -1.66 1.96
C LYS A 64 3.92 -0.56 2.57
N ARG A 65 3.12 -0.91 3.56
CA ARG A 65 2.28 0.07 4.23
C ARG A 65 3.01 0.69 5.41
N CYS A 66 2.28 1.45 6.22
CA CYS A 66 2.86 2.10 7.38
C CYS A 66 2.17 1.59 8.63
N ARG A 67 2.90 1.54 9.75
CA ARG A 67 2.30 1.06 10.98
C ARG A 67 1.08 1.90 11.33
N HIS A 68 0.04 1.23 11.80
CA HIS A 68 -1.21 1.91 12.15
C HIS A 68 -0.93 3.15 13.00
N PRO A 69 -1.45 4.31 12.58
CA PRO A 69 -1.28 5.57 13.31
C PRO A 69 -1.50 5.40 14.80
N GLY A 70 -2.49 4.57 15.13
CA GLY A 70 -2.83 4.33 16.51
C GLY A 70 -4.22 4.87 16.82
N GLU A 71 -4.63 4.71 18.07
CA GLU A 71 -5.94 5.18 18.49
C GLU A 71 -5.89 6.68 18.78
N LEU A 72 -6.88 7.39 18.24
CA LEU A 72 -6.98 8.83 18.44
C LEU A 72 -7.90 9.09 19.63
N ARG A 73 -7.32 9.28 20.82
CA ARG A 73 -8.15 9.55 21.99
C ARG A 73 -8.89 10.86 21.76
N ASN A 74 -10.21 10.77 21.85
CA ASN A 74 -11.08 11.91 21.58
C ASN A 74 -10.95 12.21 20.10
N GLY A 75 -11.06 11.17 19.28
CA GLY A 75 -10.91 11.36 17.85
C GLY A 75 -11.19 10.09 17.05
N GLN A 76 -11.09 10.21 15.73
CA GLN A 76 -11.35 9.07 14.85
C GLN A 76 -10.44 9.11 13.62
N VAL A 77 -9.20 8.64 13.77
CA VAL A 77 -8.25 8.61 12.66
C VAL A 77 -8.87 7.95 11.43
N GLU A 78 -8.93 8.68 10.32
CA GLU A 78 -9.50 8.16 9.09
C GLU A 78 -8.68 6.98 8.54
N ILE A 79 -9.13 5.76 8.81
CA ILE A 79 -8.45 4.56 8.32
C ILE A 79 -9.45 3.53 7.81
N LYS A 80 -9.00 2.76 6.81
CA LYS A 80 -9.82 1.72 6.19
C LYS A 80 -8.99 0.99 5.16
N THR A 81 -7.78 0.60 5.54
CA THR A 81 -6.84 -0.05 4.64
C THR A 81 -6.09 1.04 3.91
N ASP A 82 -6.68 2.23 3.95
CA ASP A 82 -6.13 3.43 3.35
C ASP A 82 -4.67 3.60 3.68
N LEU A 83 -4.27 2.91 4.74
CA LEU A 83 -2.90 2.98 5.25
C LEU A 83 -1.90 2.42 4.23
N SER A 84 -2.29 2.36 2.97
CA SER A 84 -1.40 1.90 1.92
C SER A 84 -0.46 3.02 1.51
N PHE A 85 0.85 2.74 1.49
CA PHE A 85 1.85 3.73 1.12
C PHE A 85 1.34 4.59 -0.03
N GLY A 86 1.61 5.89 0.03
CA GLY A 86 1.17 6.79 -1.01
C GLY A 86 -0.26 7.24 -0.80
N SER A 87 -0.71 7.23 0.46
CA SER A 87 -2.08 7.62 0.78
C SER A 87 -2.13 8.62 1.92
N GLN A 88 -3.28 9.29 2.01
CA GLN A 88 -3.51 10.30 3.03
C GLN A 88 -4.63 9.84 3.97
N ILE A 89 -4.41 10.02 5.28
CA ILE A 89 -5.41 9.63 6.28
C ILE A 89 -5.76 10.81 7.18
N GLU A 90 -6.96 11.35 7.00
CA GLU A 90 -7.41 12.47 7.79
C GLU A 90 -7.72 12.03 9.21
N PHE A 91 -8.28 12.93 10.00
CA PHE A 91 -8.65 12.62 11.38
C PHE A 91 -9.91 13.37 11.77
N SER A 92 -10.33 13.25 13.02
CA SER A 92 -11.54 13.92 13.47
C SER A 92 -11.60 14.03 14.99
N CYS A 93 -11.50 15.26 15.48
CA CYS A 93 -11.58 15.48 16.92
C CYS A 93 -13.03 15.71 17.33
N SER A 94 -13.51 14.84 18.22
CA SER A 94 -14.90 14.88 18.70
C SER A 94 -15.38 16.29 19.06
N GLU A 95 -16.70 16.39 19.30
CA GLU A 95 -17.35 17.65 19.66
C GLU A 95 -16.61 18.32 20.82
N GLY A 96 -16.73 19.65 20.89
CA GLY A 96 -16.06 20.40 21.93
C GLY A 96 -14.57 20.45 21.74
N PHE A 97 -14.04 19.40 21.12
CA PHE A 97 -12.61 19.29 20.86
C PHE A 97 -12.30 19.75 19.44
N PHE A 98 -11.02 19.80 19.10
CA PHE A 98 -10.61 20.20 17.77
C PHE A 98 -9.26 19.58 17.41
N LEU A 99 -8.99 19.52 16.12
CA LEU A 99 -7.77 18.91 15.62
C LEU A 99 -6.62 19.92 15.60
N ILE A 100 -5.44 19.45 15.97
CA ILE A 100 -4.23 20.28 16.01
C ILE A 100 -3.01 19.39 15.93
N GLY A 101 -2.36 19.46 14.78
CA GLY A 101 -1.17 18.67 14.51
C GLY A 101 -0.93 18.55 13.02
N SER A 102 -1.93 18.02 12.34
CA SER A 102 -1.91 17.81 10.90
C SER A 102 -3.11 16.97 10.53
N THR A 103 -4.16 17.61 10.00
CA THR A 103 -5.38 16.88 9.66
C THR A 103 -5.11 15.83 8.60
N THR A 104 -3.95 15.92 7.97
CA THR A 104 -3.58 14.96 6.96
C THR A 104 -2.37 14.17 7.40
N SER A 105 -2.22 12.97 6.87
CA SER A 105 -1.09 12.12 7.17
C SER A 105 -0.75 11.28 5.94
N ARG A 106 0.43 11.51 5.38
CA ARG A 106 0.87 10.81 4.18
C ARG A 106 1.83 9.69 4.51
N CYS A 107 1.82 8.65 3.68
CA CYS A 107 2.68 7.50 3.87
C CYS A 107 3.88 7.56 2.93
N GLU A 108 5.07 7.65 3.51
CA GLU A 108 6.30 7.75 2.74
C GLU A 108 7.21 6.55 3.02
N VAL A 109 8.37 6.53 2.38
CA VAL A 109 9.31 5.43 2.58
C VAL A 109 10.75 5.91 2.76
N GLN A 110 11.37 5.37 3.81
CA GLN A 110 12.75 5.68 4.14
C GLN A 110 13.56 4.39 4.25
N ASP A 111 14.76 4.40 3.69
CA ASP A 111 15.63 3.22 3.73
C ASP A 111 15.00 2.07 2.94
N ARG A 112 14.13 1.33 3.59
CA ARG A 112 13.45 0.20 2.96
C ARG A 112 12.34 -0.35 3.85
N GLY A 113 11.97 0.41 4.87
CA GLY A 113 10.91 -0.03 5.76
C GLY A 113 9.78 0.97 5.86
N VAL A 114 9.66 1.80 4.83
CA VAL A 114 8.63 2.84 4.74
C VAL A 114 8.57 3.71 6.00
N GLY A 115 8.37 5.00 5.79
CA GLY A 115 8.33 5.89 6.94
C GLY A 115 7.00 6.62 7.10
N TRP A 116 6.63 6.90 8.34
CA TRP A 116 5.40 7.62 8.64
C TRP A 116 5.69 9.10 8.88
N SER A 117 4.95 9.97 8.23
CA SER A 117 5.13 11.41 8.39
C SER A 117 4.79 11.83 9.81
N HIS A 118 3.64 11.35 10.30
CA HIS A 118 3.17 11.66 11.65
C HIS A 118 1.85 10.93 11.94
N PRO A 119 1.70 10.38 13.17
CA PRO A 119 0.49 9.66 13.57
C PRO A 119 -0.68 10.61 13.81
N LEU A 120 -1.58 10.23 14.72
CA LEU A 120 -2.74 11.04 15.04
C LEU A 120 -2.31 12.39 15.64
N PRO A 121 -3.16 13.43 15.49
CA PRO A 121 -2.87 14.76 16.01
C PRO A 121 -3.16 14.90 17.50
N GLN A 122 -3.19 16.14 17.96
CA GLN A 122 -3.45 16.43 19.36
C GLN A 122 -4.89 16.90 19.56
N CYS A 123 -5.63 16.20 20.41
CA CYS A 123 -7.02 16.55 20.67
C CYS A 123 -7.17 17.30 21.99
N GLU A 124 -7.52 18.57 21.89
CA GLU A 124 -7.72 19.41 23.07
C GLU A 124 -9.06 20.13 22.97
N ILE A 125 -9.75 20.24 24.09
CA ILE A 125 -11.06 20.88 24.11
C ILE A 125 -10.93 22.39 23.98
N LEU A 126 -11.93 23.02 23.39
CA LEU A 126 -11.93 24.46 23.20
C LEU A 126 -12.05 25.17 24.55
N GLU A 127 -12.44 26.44 24.53
CA GLU A 127 -12.58 27.22 25.75
C GLU A 127 -13.87 26.82 26.50
N HIS A 128 -13.70 26.06 27.58
CA HIS A 128 -14.83 25.62 28.38
C HIS A 128 -14.43 25.45 29.84
N HIS A 129 -15.41 25.49 30.74
CA HIS A 129 -15.15 25.35 32.17
C HIS A 129 -15.33 23.91 32.62
N HIS A 130 -16.58 23.48 32.75
CA HIS A 130 -16.90 22.12 33.17
C HIS A 130 -16.25 21.09 32.25
N HIS A 131 -16.04 19.89 32.77
CA HIS A 131 -15.42 18.82 31.99
C HIS A 131 -15.75 17.46 32.59
N HIS A 132 -16.11 16.51 31.73
CA HIS A 132 -16.45 15.17 32.18
C HIS A 132 -15.20 14.39 32.60
N HIS A 133 -15.34 13.60 33.66
CA HIS A 133 -14.23 12.81 34.18
C HIS A 133 -13.07 13.71 34.59
N MET A 1 11.52 -23.85 -27.85
CA MET A 1 12.00 -24.01 -26.45
C MET A 1 10.84 -24.01 -25.47
N ASN A 2 10.18 -22.86 -25.34
CA ASN A 2 9.05 -22.70 -24.44
C ASN A 2 9.46 -22.86 -22.97
N CYS A 3 8.66 -22.28 -22.09
CA CYS A 3 8.93 -22.35 -20.65
C CYS A 3 7.95 -23.31 -19.98
N GLY A 4 8.17 -23.58 -18.70
CA GLY A 4 7.26 -24.45 -17.97
C GLY A 4 6.03 -23.71 -17.50
N PRO A 5 5.01 -24.41 -17.01
CA PRO A 5 3.77 -23.77 -16.53
C PRO A 5 4.05 -22.58 -15.62
N PRO A 6 3.47 -21.41 -15.93
CA PRO A 6 3.66 -20.18 -15.15
C PRO A 6 3.55 -20.39 -13.64
N PRO A 7 4.69 -20.39 -12.93
CA PRO A 7 4.73 -20.55 -11.48
C PRO A 7 3.99 -19.44 -10.75
N THR A 8 4.23 -19.42 -9.44
CA THR A 8 3.60 -18.46 -8.55
C THR A 8 4.56 -17.32 -8.20
N LEU A 9 4.05 -16.09 -8.25
CA LEU A 9 4.85 -14.93 -7.93
C LEU A 9 4.65 -14.48 -6.48
N SER A 10 5.44 -13.52 -6.07
CA SER A 10 5.35 -12.99 -4.71
C SER A 10 5.01 -11.51 -4.71
N PHE A 11 5.76 -10.74 -5.49
CA PHE A 11 5.53 -9.30 -5.56
C PHE A 11 4.29 -9.00 -6.38
N ALA A 12 3.65 -10.05 -6.89
CA ALA A 12 2.45 -9.89 -7.69
C ALA A 12 1.46 -11.03 -7.46
N ALA A 13 0.52 -11.11 -8.39
CA ALA A 13 -0.54 -12.11 -8.33
C ALA A 13 -1.24 -12.19 -9.68
N PRO A 14 -1.60 -13.40 -10.13
CA PRO A 14 -2.27 -13.60 -11.43
C PRO A 14 -3.41 -12.60 -11.64
N MET A 15 -3.51 -12.10 -12.87
CA MET A 15 -4.56 -11.13 -13.20
C MET A 15 -5.31 -11.52 -14.46
N ASP A 16 -4.76 -12.48 -15.20
CA ASP A 16 -5.38 -12.94 -16.44
C ASP A 16 -4.82 -14.30 -16.85
N ILE A 17 -4.01 -14.31 -17.91
CA ILE A 17 -3.40 -15.52 -18.44
C ILE A 17 -4.34 -16.71 -18.35
N THR A 18 -5.19 -16.85 -19.35
CA THR A 18 -6.12 -17.96 -19.39
C THR A 18 -5.35 -19.25 -19.19
N LEU A 19 -5.68 -19.97 -18.13
CA LEU A 19 -4.99 -21.21 -17.82
C LEU A 19 -5.48 -22.35 -18.70
N THR A 20 -5.80 -22.03 -19.94
CA THR A 20 -6.27 -23.04 -20.89
C THR A 20 -5.09 -23.63 -21.67
N GLU A 21 -3.89 -23.29 -21.23
CA GLU A 21 -2.67 -23.77 -21.88
C GLU A 21 -1.73 -24.41 -20.87
N THR A 22 -0.52 -24.72 -21.32
CA THR A 22 0.50 -25.33 -20.47
C THR A 22 1.87 -24.73 -20.73
N ARG A 23 2.09 -24.32 -21.98
CA ARG A 23 3.37 -23.73 -22.38
C ARG A 23 3.16 -22.33 -22.93
N PHE A 24 4.23 -21.54 -22.96
CA PHE A 24 4.18 -20.16 -23.45
C PHE A 24 5.51 -19.82 -24.11
N LYS A 25 5.49 -19.66 -25.44
CA LYS A 25 6.69 -19.36 -26.21
C LYS A 25 7.53 -18.24 -25.60
N THR A 26 8.79 -18.16 -26.01
CA THR A 26 9.71 -17.15 -25.50
C THR A 26 9.28 -15.73 -25.87
N GLY A 27 8.19 -15.64 -26.62
CA GLY A 27 7.70 -14.33 -27.01
C GLY A 27 6.50 -13.91 -26.21
N THR A 28 5.95 -14.85 -25.46
CA THR A 28 4.78 -14.61 -24.62
C THR A 28 5.07 -13.56 -23.56
N THR A 29 4.01 -13.09 -22.92
CA THR A 29 4.12 -12.09 -21.87
C THR A 29 2.87 -12.08 -21.00
N LEU A 30 3.05 -12.29 -19.70
CA LEU A 30 1.92 -12.34 -18.78
C LEU A 30 1.56 -10.97 -18.23
N LYS A 31 0.39 -10.88 -17.63
CA LYS A 31 -0.09 -9.63 -17.06
C LYS A 31 0.38 -9.47 -15.62
N TYR A 32 -0.31 -10.18 -14.72
CA TYR A 32 0.02 -10.15 -13.30
C TYR A 32 -0.21 -8.78 -12.68
N THR A 33 -0.92 -8.79 -11.55
CA THR A 33 -1.23 -7.56 -10.83
C THR A 33 -0.45 -7.49 -9.52
N CYS A 34 -0.56 -6.36 -8.81
CA CYS A 34 0.15 -6.19 -7.54
C CYS A 34 -0.81 -5.93 -6.38
N LEU A 35 -0.63 -6.76 -5.35
CA LEU A 35 -1.45 -6.71 -4.15
C LEU A 35 -1.62 -5.28 -3.63
N PRO A 36 -2.69 -5.04 -2.86
CA PRO A 36 -3.03 -3.73 -2.30
C PRO A 36 -1.85 -3.00 -1.65
N GLY A 37 -0.90 -3.73 -1.10
CA GLY A 37 0.23 -3.10 -0.43
C GLY A 37 1.36 -2.66 -1.34
N TYR A 38 1.22 -2.89 -2.64
CA TYR A 38 2.26 -2.48 -3.58
C TYR A 38 1.98 -1.07 -4.07
N VAL A 39 3.02 -0.23 -4.17
CA VAL A 39 2.90 1.15 -4.61
C VAL A 39 3.98 1.43 -5.66
N ARG A 40 4.43 2.69 -5.68
CA ARG A 40 5.45 3.15 -6.60
C ARG A 40 6.54 2.10 -6.83
N SER A 41 7.04 2.06 -8.07
CA SER A 41 8.07 1.11 -8.45
C SER A 41 8.40 1.26 -9.94
N HIS A 42 7.37 1.18 -10.77
CA HIS A 42 7.54 1.29 -12.22
C HIS A 42 8.45 0.18 -12.74
N SER A 43 8.54 -0.90 -11.97
CA SER A 43 9.37 -2.04 -12.35
C SER A 43 8.65 -2.92 -13.37
N THR A 44 7.39 -2.60 -13.63
CA THR A 44 6.58 -3.32 -14.60
C THR A 44 6.36 -4.78 -14.18
N GLN A 45 5.17 -5.30 -14.47
CA GLN A 45 4.84 -6.68 -14.12
C GLN A 45 4.48 -7.49 -15.36
N THR A 46 5.41 -8.34 -15.77
CA THR A 46 5.21 -9.20 -16.94
C THR A 46 6.12 -10.42 -16.89
N LEU A 47 5.57 -11.58 -17.22
CA LEU A 47 6.35 -12.82 -17.23
C LEU A 47 6.68 -13.21 -18.66
N THR A 48 7.96 -13.15 -19.02
CA THR A 48 8.39 -13.49 -20.37
C THR A 48 9.26 -14.74 -20.37
N CYS A 49 9.14 -15.54 -21.43
CA CYS A 49 9.96 -16.74 -21.53
C CYS A 49 11.27 -16.35 -22.20
N ASN A 50 12.37 -16.54 -21.48
CA ASN A 50 13.68 -16.26 -22.01
C ASN A 50 14.35 -17.56 -22.43
N SER A 51 15.45 -17.45 -23.18
CA SER A 51 16.17 -18.64 -23.61
C SER A 51 16.99 -19.19 -22.44
N ASP A 52 16.27 -19.64 -21.42
CA ASP A 52 16.84 -20.18 -20.20
C ASP A 52 15.87 -21.18 -19.57
N GLY A 53 14.72 -21.34 -20.23
CA GLY A 53 13.70 -22.22 -19.72
C GLY A 53 13.15 -21.79 -18.38
N GLU A 54 13.35 -20.51 -18.09
CA GLU A 54 12.85 -19.91 -16.86
C GLU A 54 12.10 -18.62 -17.16
N TRP A 55 11.27 -18.20 -16.22
CA TRP A 55 10.51 -16.97 -16.36
C TRP A 55 11.27 -15.81 -15.79
N VAL A 56 11.66 -14.90 -16.67
CA VAL A 56 12.41 -13.73 -16.28
C VAL A 56 11.50 -12.53 -16.13
N TYR A 57 11.94 -11.57 -15.32
CA TYR A 57 11.16 -10.34 -15.13
C TYR A 57 11.79 -9.42 -14.08
N ASN A 58 11.24 -8.22 -13.94
CA ASN A 58 11.74 -7.26 -12.97
C ASN A 58 10.97 -7.35 -11.67
N THR A 59 11.40 -6.57 -10.67
CA THR A 59 10.75 -6.56 -9.38
C THR A 59 9.54 -5.63 -9.38
N PHE A 60 8.52 -6.01 -10.16
CA PHE A 60 7.31 -5.21 -10.26
C PHE A 60 6.79 -4.79 -8.89
N CYS A 61 6.60 -3.48 -8.71
CA CYS A 61 6.09 -2.96 -7.44
C CYS A 61 7.07 -3.26 -6.30
N ILE A 62 7.40 -2.24 -5.52
CA ILE A 62 8.33 -2.40 -4.40
C ILE A 62 7.61 -2.76 -3.11
N TYR A 63 6.38 -2.30 -2.98
CA TYR A 63 5.58 -2.56 -1.79
C TYR A 63 6.16 -1.85 -0.58
N LYS A 64 5.46 -0.83 -0.12
CA LYS A 64 5.86 -0.06 1.04
C LYS A 64 4.65 0.64 1.64
N ARG A 65 4.34 0.36 2.89
CA ARG A 65 3.19 0.95 3.55
C ARG A 65 3.58 1.62 4.86
N CYS A 66 2.62 2.30 5.49
CA CYS A 66 2.87 3.00 6.73
C CYS A 66 2.09 2.34 7.85
N ARG A 67 2.75 2.12 8.98
CA ARG A 67 2.08 1.50 10.11
C ARG A 67 0.86 2.32 10.51
N HIS A 68 -0.21 1.64 10.85
CA HIS A 68 -1.44 2.30 11.25
C HIS A 68 -1.17 3.37 12.32
N PRO A 69 -1.72 4.58 12.15
CA PRO A 69 -1.54 5.68 13.12
C PRO A 69 -1.94 5.27 14.53
N GLY A 70 -2.98 4.45 14.62
CA GLY A 70 -3.47 4.01 15.91
C GLY A 70 -4.77 4.68 16.28
N GLU A 71 -5.16 4.45 17.53
CA GLU A 71 -6.39 5.02 18.06
C GLU A 71 -6.16 6.46 18.48
N LEU A 72 -7.07 7.33 18.06
CA LEU A 72 -7.02 8.74 18.42
C LEU A 72 -8.00 8.96 19.56
N ARG A 73 -7.48 9.01 20.79
CA ARG A 73 -8.32 9.21 21.95
C ARG A 73 -9.00 10.56 21.85
N ASN A 74 -10.34 10.51 21.95
CA ASN A 74 -11.15 11.70 21.80
C ASN A 74 -10.99 12.18 20.37
N GLY A 75 -11.16 11.27 19.42
CA GLY A 75 -10.99 11.63 18.03
C GLY A 75 -11.39 10.52 17.08
N GLN A 76 -11.27 10.79 15.78
CA GLN A 76 -11.64 9.81 14.76
C GLN A 76 -10.53 9.67 13.71
N VAL A 77 -10.22 8.42 13.35
CA VAL A 77 -9.20 8.15 12.35
C VAL A 77 -9.84 7.66 11.05
N GLU A 78 -9.82 8.51 10.03
CA GLU A 78 -10.38 8.16 8.73
C GLU A 78 -9.49 7.14 8.02
N ILE A 79 -9.62 5.87 8.39
CA ILE A 79 -8.82 4.80 7.79
C ILE A 79 -9.58 4.12 6.65
N LYS A 80 -8.85 3.68 5.63
CA LYS A 80 -9.47 3.02 4.48
C LYS A 80 -8.46 2.40 3.54
N THR A 81 -7.45 3.15 3.15
CA THR A 81 -6.44 2.67 2.21
C THR A 81 -5.45 1.68 2.83
N ASP A 82 -5.78 1.13 3.99
CA ASP A 82 -4.89 0.16 4.63
C ASP A 82 -3.49 0.75 4.85
N LEU A 83 -3.38 2.05 4.65
CA LEU A 83 -2.11 2.74 4.79
C LEU A 83 -1.11 2.20 3.77
N SER A 84 -1.47 2.25 2.50
CA SER A 84 -0.59 1.73 1.44
C SER A 84 0.18 2.85 0.73
N PHE A 85 0.88 3.68 1.50
CA PHE A 85 1.70 4.77 0.95
C PHE A 85 0.93 5.67 -0.01
N GLY A 86 1.11 6.98 0.16
CA GLY A 86 0.45 7.93 -0.72
C GLY A 86 -1.02 8.08 -0.40
N SER A 87 -1.33 8.28 0.87
CA SER A 87 -2.71 8.45 1.29
C SER A 87 -2.84 9.42 2.46
N GLN A 88 -3.98 10.09 2.51
CA GLN A 88 -4.25 11.05 3.56
C GLN A 88 -5.41 10.57 4.43
N ILE A 89 -5.21 10.62 5.75
CA ILE A 89 -6.24 10.19 6.69
C ILE A 89 -6.47 11.25 7.75
N GLU A 90 -7.47 12.09 7.51
CA GLU A 90 -7.80 13.18 8.44
C GLU A 90 -8.10 12.65 9.84
N PHE A 91 -8.26 13.57 10.76
CA PHE A 91 -8.56 13.25 12.15
C PHE A 91 -9.63 14.20 12.67
N SER A 92 -10.54 13.71 13.49
CA SER A 92 -11.61 14.55 14.02
C SER A 92 -11.76 14.43 15.53
N CYS A 93 -11.54 15.54 16.22
CA CYS A 93 -11.66 15.54 17.66
C CYS A 93 -13.15 15.64 18.04
N SER A 94 -13.59 14.72 18.89
CA SER A 94 -14.99 14.65 19.32
C SER A 94 -15.62 15.99 19.67
N GLU A 95 -16.92 15.92 19.99
CA GLU A 95 -17.73 17.09 20.37
C GLU A 95 -16.97 18.08 21.24
N GLY A 96 -16.80 17.77 22.51
CA GLY A 96 -16.14 18.68 23.44
C GLY A 96 -14.65 18.79 23.20
N PHE A 97 -14.21 18.62 21.97
CA PHE A 97 -12.79 18.72 21.65
C PHE A 97 -12.56 19.14 20.19
N PHE A 98 -11.38 19.69 19.93
CA PHE A 98 -11.00 20.11 18.59
C PHE A 98 -9.60 19.59 18.26
N LEU A 99 -9.24 19.70 16.99
CA LEU A 99 -7.97 19.18 16.53
C LEU A 99 -6.84 20.20 16.63
N ILE A 100 -5.67 19.68 16.96
CA ILE A 100 -4.43 20.45 17.09
C ILE A 100 -3.26 19.51 16.90
N GLY A 101 -3.00 19.23 15.63
CA GLY A 101 -1.92 18.34 15.24
C GLY A 101 -2.04 17.95 13.79
N SER A 102 -2.18 18.96 12.94
CA SER A 102 -2.33 18.76 11.50
C SER A 102 -3.50 17.82 11.21
N THR A 103 -4.61 18.40 10.73
CA THR A 103 -5.81 17.62 10.43
C THR A 103 -5.57 16.64 9.30
N THR A 104 -4.39 16.70 8.71
CA THR A 104 -4.06 15.80 7.63
C THR A 104 -2.86 14.96 7.99
N SER A 105 -2.74 13.81 7.33
CA SER A 105 -1.61 12.92 7.55
C SER A 105 -1.30 12.22 6.23
N ARG A 106 -0.12 12.48 5.69
CA ARG A 106 0.31 11.89 4.42
C ARG A 106 1.27 10.74 4.63
N CYS A 107 1.34 9.86 3.65
CA CYS A 107 2.23 8.71 3.72
C CYS A 107 3.45 8.92 2.84
N GLU A 108 4.61 8.99 3.46
CA GLU A 108 5.86 9.20 2.75
C GLU A 108 6.87 8.15 3.18
N VAL A 109 8.10 8.27 2.70
CA VAL A 109 9.15 7.32 3.06
C VAL A 109 10.33 8.06 3.71
N GLN A 110 11.19 7.29 4.39
CA GLN A 110 12.33 7.88 5.08
C GLN A 110 13.38 6.84 5.41
N ASP A 111 13.49 5.83 4.54
CA ASP A 111 14.44 4.75 4.71
C ASP A 111 14.20 3.65 3.67
N ARG A 112 13.39 2.68 4.06
CA ARG A 112 13.04 1.56 3.19
C ARG A 112 11.68 1.01 3.56
N GLY A 113 11.21 1.41 4.75
CA GLY A 113 9.92 0.97 5.22
C GLY A 113 8.94 2.11 5.34
N VAL A 114 9.15 3.14 4.51
CA VAL A 114 8.28 4.32 4.48
C VAL A 114 8.14 4.98 5.85
N GLY A 115 7.94 6.28 5.80
CA GLY A 115 7.80 7.02 7.03
C GLY A 115 6.44 7.68 7.17
N TRP A 116 5.92 7.78 8.39
CA TRP A 116 4.64 8.43 8.62
C TRP A 116 4.84 9.92 8.86
N SER A 117 4.07 10.73 8.16
CA SER A 117 4.18 12.18 8.30
C SER A 117 3.70 12.62 9.68
N HIS A 118 2.58 12.08 10.12
CA HIS A 118 2.02 12.43 11.43
C HIS A 118 0.85 11.53 11.80
N PRO A 119 0.80 11.06 13.06
CA PRO A 119 -0.26 10.20 13.55
C PRO A 119 -1.38 10.98 14.24
N LEU A 120 -2.10 10.32 15.15
CA LEU A 120 -3.17 10.96 15.90
C LEU A 120 -2.75 12.32 16.42
N PRO A 121 -3.56 13.36 16.17
CA PRO A 121 -3.26 14.73 16.63
C PRO A 121 -3.58 14.92 18.11
N GLN A 122 -3.62 16.17 18.55
CA GLN A 122 -3.91 16.49 19.94
C GLN A 122 -5.36 16.93 20.10
N CYS A 123 -6.14 16.16 20.84
CA CYS A 123 -7.54 16.50 21.07
C CYS A 123 -7.72 17.11 22.46
N GLU A 124 -7.91 18.43 22.49
CA GLU A 124 -8.11 19.15 23.74
C GLU A 124 -9.48 19.81 23.74
N ILE A 125 -10.10 19.80 24.91
CA ILE A 125 -11.44 20.35 25.08
C ILE A 125 -11.52 21.80 24.63
N LEU A 126 -12.68 22.19 24.12
CA LEU A 126 -12.92 23.55 23.66
C LEU A 126 -13.84 24.29 24.63
N GLU A 127 -13.45 25.52 24.96
CA GLU A 127 -14.23 26.35 25.89
C GLU A 127 -14.25 25.73 27.28
N HIS A 128 -13.50 26.34 28.20
CA HIS A 128 -13.42 25.86 29.58
C HIS A 128 -12.74 24.50 29.65
N HIS A 129 -11.61 24.45 30.36
CA HIS A 129 -10.86 23.20 30.50
C HIS A 129 -10.95 22.67 31.93
N HIS A 130 -10.20 21.61 32.20
CA HIS A 130 -10.21 20.99 33.53
C HIS A 130 -8.85 20.37 33.85
N HIS A 131 -8.52 20.32 35.14
CA HIS A 131 -7.25 19.75 35.58
C HIS A 131 -7.39 18.26 35.91
N HIS A 132 -6.77 17.42 35.10
CA HIS A 132 -6.83 15.97 35.32
C HIS A 132 -5.71 15.27 34.56
N HIS A 133 -4.87 16.04 33.88
CA HIS A 133 -3.75 15.49 33.12
C HIS A 133 -2.48 15.52 33.94
N MET A 1 12.96 -23.81 -25.27
CA MET A 1 13.32 -24.10 -23.86
C MET A 1 12.09 -24.16 -22.96
N ASN A 2 11.24 -23.15 -23.10
CA ASN A 2 10.01 -23.06 -22.30
C ASN A 2 10.34 -22.87 -20.83
N CYS A 3 9.41 -22.23 -20.10
CA CYS A 3 9.61 -21.97 -18.68
C CYS A 3 8.75 -22.90 -17.84
N GLY A 4 8.97 -22.87 -16.53
CA GLY A 4 8.17 -23.68 -15.63
C GLY A 4 6.85 -23.01 -15.33
N PRO A 5 5.90 -23.71 -14.69
CA PRO A 5 4.59 -23.13 -14.36
C PRO A 5 4.71 -21.74 -13.76
N PRO A 6 4.02 -20.74 -14.35
CA PRO A 6 4.06 -19.35 -13.88
C PRO A 6 3.96 -19.23 -12.36
N PRO A 7 4.91 -18.51 -11.74
CA PRO A 7 4.93 -18.31 -10.29
C PRO A 7 3.74 -17.49 -9.82
N THR A 8 3.70 -17.35 -8.49
CA THR A 8 2.65 -16.59 -7.82
C THR A 8 3.22 -15.23 -7.44
N LEU A 9 3.63 -14.44 -8.43
CA LEU A 9 4.25 -13.15 -8.13
C LEU A 9 3.44 -12.43 -7.07
N SER A 10 4.08 -12.16 -5.93
CA SER A 10 3.40 -11.51 -4.81
C SER A 10 3.27 -10.01 -5.02
N PHE A 11 3.55 -9.53 -6.24
CA PHE A 11 3.43 -8.13 -6.54
C PHE A 11 2.46 -7.90 -7.69
N ALA A 12 1.88 -9.00 -8.18
CA ALA A 12 0.92 -8.96 -9.27
C ALA A 12 0.07 -10.22 -9.24
N ALA A 13 -1.10 -10.13 -9.86
CA ALA A 13 -1.99 -11.28 -9.96
C ALA A 13 -2.38 -11.55 -11.41
N PRO A 14 -2.41 -12.82 -11.82
CA PRO A 14 -2.76 -13.20 -13.20
C PRO A 14 -4.07 -12.57 -13.66
N MET A 15 -4.18 -12.34 -14.97
CA MET A 15 -5.39 -11.75 -15.54
C MET A 15 -5.51 -12.06 -17.03
N ASP A 16 -4.42 -12.53 -17.63
CA ASP A 16 -4.41 -12.86 -19.05
C ASP A 16 -3.36 -13.91 -19.34
N ILE A 17 -3.79 -15.16 -19.34
CA ILE A 17 -2.89 -16.27 -19.57
C ILE A 17 -3.67 -17.57 -19.69
N THR A 18 -3.97 -17.98 -20.91
CA THR A 18 -4.70 -19.22 -21.11
C THR A 18 -4.03 -20.35 -20.34
N LEU A 19 -4.67 -20.77 -19.27
CA LEU A 19 -4.14 -21.82 -18.43
C LEU A 19 -4.14 -23.15 -19.17
N THR A 20 -4.33 -24.23 -18.42
CA THR A 20 -4.35 -25.57 -18.99
C THR A 20 -3.00 -25.93 -19.59
N GLU A 21 -1.98 -25.17 -19.22
CA GLU A 21 -0.62 -25.40 -19.71
C GLU A 21 0.35 -25.56 -18.54
N THR A 22 1.63 -25.55 -18.86
CA THR A 22 2.67 -25.68 -17.85
C THR A 22 3.95 -24.97 -18.29
N ARG A 23 4.10 -24.82 -19.60
CA ARG A 23 5.27 -24.16 -20.18
C ARG A 23 4.85 -23.01 -21.08
N PHE A 24 5.71 -22.01 -21.23
CA PHE A 24 5.41 -20.85 -22.06
C PHE A 24 6.69 -20.37 -22.75
N LYS A 25 6.72 -20.47 -24.08
CA LYS A 25 7.89 -20.09 -24.85
C LYS A 25 8.39 -18.69 -24.49
N THR A 26 9.59 -18.39 -24.94
CA THR A 26 10.20 -17.10 -24.67
C THR A 26 9.49 -15.98 -25.42
N GLY A 27 8.58 -16.35 -26.29
CA GLY A 27 7.83 -15.37 -27.05
C GLY A 27 6.54 -15.01 -26.35
N THR A 28 6.18 -15.82 -25.36
CA THR A 28 4.97 -15.62 -24.59
C THR A 28 5.05 -14.33 -23.77
N THR A 29 3.89 -13.84 -23.33
CA THR A 29 3.84 -12.61 -22.54
C THR A 29 2.55 -12.55 -21.73
N LEU A 30 2.70 -12.43 -20.42
CA LEU A 30 1.54 -12.37 -19.52
C LEU A 30 1.13 -10.94 -19.24
N LYS A 31 0.01 -10.75 -18.55
CA LYS A 31 -0.48 -9.43 -18.22
C LYS A 31 -0.30 -9.13 -16.74
N TYR A 32 -1.15 -9.73 -15.91
CA TYR A 32 -1.10 -9.54 -14.46
C TYR A 32 -1.52 -8.12 -14.09
N THR A 33 -2.22 -8.00 -12.96
CA THR A 33 -2.69 -6.71 -12.48
C THR A 33 -2.21 -6.44 -11.06
N CYS A 34 -1.99 -5.17 -10.74
CA CYS A 34 -1.51 -4.79 -9.42
C CYS A 34 -2.67 -4.49 -8.47
N LEU A 35 -2.81 -5.40 -7.50
CA LEU A 35 -3.87 -5.30 -6.50
C LEU A 35 -4.06 -3.85 -6.04
N PRO A 36 -5.32 -3.48 -5.77
CA PRO A 36 -5.72 -2.14 -5.37
C PRO A 36 -4.68 -1.27 -4.69
N GLY A 37 -4.43 -1.51 -3.41
CA GLY A 37 -3.54 -0.68 -2.62
C GLY A 37 -2.09 -0.57 -3.09
N TYR A 38 -1.48 -1.69 -3.49
CA TYR A 38 -0.06 -1.72 -3.91
C TYR A 38 0.66 -0.38 -3.79
N VAL A 39 1.84 -0.47 -3.18
CA VAL A 39 2.62 0.72 -2.90
C VAL A 39 3.88 0.82 -3.75
N ARG A 40 4.11 2.00 -4.31
CA ARG A 40 5.29 2.27 -5.13
C ARG A 40 5.51 1.22 -6.22
N SER A 41 6.56 1.43 -7.00
CA SER A 41 6.96 0.51 -8.07
C SER A 41 6.02 0.56 -9.29
N HIS A 42 4.77 0.96 -9.09
CA HIS A 42 3.81 1.02 -10.19
C HIS A 42 4.37 1.78 -11.39
N SER A 43 4.29 1.14 -12.56
CA SER A 43 4.78 1.74 -13.79
C SER A 43 4.47 0.87 -15.00
N THR A 44 4.11 -0.39 -14.75
CA THR A 44 3.81 -1.32 -15.85
C THR A 44 3.12 -2.59 -15.32
N GLN A 45 3.19 -3.67 -16.10
CA GLN A 45 2.59 -4.96 -15.74
C GLN A 45 2.64 -5.96 -16.89
N THR A 46 3.78 -6.64 -17.04
CA THR A 46 3.95 -7.63 -18.13
C THR A 46 5.08 -8.62 -17.84
N LEU A 47 4.79 -9.91 -17.99
CA LEU A 47 5.78 -10.96 -17.78
C LEU A 47 6.23 -11.53 -19.14
N THR A 48 7.43 -12.11 -19.18
CA THR A 48 7.94 -12.68 -20.43
C THR A 48 9.00 -13.74 -20.15
N CYS A 49 9.07 -14.74 -21.02
CA CYS A 49 10.06 -15.80 -20.85
C CYS A 49 11.33 -15.40 -21.60
N ASN A 50 12.43 -15.34 -20.85
CA ASN A 50 13.73 -15.04 -21.43
C ASN A 50 14.53 -16.33 -21.60
N SER A 51 15.76 -16.23 -22.09
CA SER A 51 16.61 -17.41 -22.28
C SER A 51 17.45 -17.65 -21.03
N ASP A 52 16.77 -18.01 -19.96
CA ASP A 52 17.40 -18.29 -18.67
C ASP A 52 16.59 -19.35 -17.91
N GLY A 53 15.57 -19.88 -18.57
CA GLY A 53 14.72 -20.87 -17.94
C GLY A 53 14.07 -20.33 -16.68
N GLU A 54 14.10 -19.00 -16.59
CA GLU A 54 13.48 -18.30 -15.47
C GLU A 54 12.60 -17.17 -15.97
N TRP A 55 11.61 -16.80 -15.16
CA TRP A 55 10.72 -15.72 -15.52
C TRP A 55 11.38 -14.39 -15.20
N VAL A 56 11.71 -13.68 -16.27
CA VAL A 56 12.37 -12.38 -16.18
C VAL A 56 11.32 -11.29 -16.26
N TYR A 57 11.51 -10.21 -15.51
CA TYR A 57 10.55 -9.11 -15.57
C TYR A 57 10.89 -7.99 -14.57
N ASN A 58 10.19 -6.87 -14.68
CA ASN A 58 10.43 -5.74 -13.79
C ASN A 58 9.36 -5.66 -12.71
N THR A 59 9.59 -4.80 -11.72
CA THR A 59 8.62 -4.61 -10.64
C THR A 59 7.78 -3.38 -10.94
N PHE A 60 6.46 -3.57 -10.98
CA PHE A 60 5.56 -2.48 -11.30
C PHE A 60 4.50 -2.26 -10.22
N CYS A 61 4.86 -2.56 -8.97
CA CYS A 61 3.96 -2.39 -7.82
C CYS A 61 4.39 -3.29 -6.67
N ILE A 62 4.35 -2.76 -5.45
CA ILE A 62 4.74 -3.56 -4.29
C ILE A 62 3.98 -3.15 -3.03
N TYR A 63 3.19 -4.08 -2.52
CA TYR A 63 2.44 -3.86 -1.30
C TYR A 63 3.42 -3.54 -0.17
N LYS A 64 3.26 -2.34 0.37
CA LYS A 64 4.12 -1.83 1.41
C LYS A 64 3.43 -0.68 2.14
N ARG A 65 2.81 -0.96 3.28
CA ARG A 65 2.10 0.05 4.03
C ARG A 65 3.01 0.62 5.12
N CYS A 66 2.43 0.98 6.27
CA CYS A 66 3.21 1.54 7.37
C CYS A 66 2.65 1.06 8.70
N ARG A 67 3.42 1.23 9.77
CA ARG A 67 2.96 0.81 11.09
C ARG A 67 1.75 1.64 11.49
N HIS A 68 0.86 1.02 12.24
CA HIS A 68 -0.34 1.69 12.71
C HIS A 68 -0.04 3.01 13.43
N PRO A 69 -0.77 4.08 13.08
CA PRO A 69 -0.61 5.42 13.68
C PRO A 69 -0.79 5.41 15.20
N GLY A 70 -1.68 4.53 15.66
CA GLY A 70 -1.98 4.46 17.08
C GLY A 70 -3.38 4.95 17.37
N GLU A 71 -3.72 4.96 18.65
CA GLU A 71 -5.04 5.40 19.10
C GLU A 71 -5.07 6.92 19.23
N LEU A 72 -6.07 7.51 18.61
CA LEU A 72 -6.28 8.94 18.66
C LEU A 72 -7.39 9.24 19.66
N ARG A 73 -7.00 9.65 20.87
CA ARG A 73 -7.98 9.94 21.91
C ARG A 73 -8.83 11.13 21.49
N ASN A 74 -10.14 10.95 21.59
CA ASN A 74 -11.08 11.97 21.15
C ASN A 74 -10.87 12.15 19.66
N GLY A 75 -10.83 11.04 18.95
CA GLY A 75 -10.61 11.08 17.52
C GLY A 75 -10.84 9.75 16.86
N GLN A 76 -10.76 9.73 15.53
CA GLN A 76 -10.97 8.51 14.76
C GLN A 76 -10.08 8.47 13.52
N VAL A 77 -8.80 8.18 13.73
CA VAL A 77 -7.85 8.11 12.61
C VAL A 77 -8.43 7.30 11.46
N GLU A 78 -8.64 7.94 10.32
CA GLU A 78 -9.19 7.26 9.15
C GLU A 78 -8.32 6.09 8.74
N ILE A 79 -8.82 4.88 8.95
CA ILE A 79 -8.08 3.67 8.59
C ILE A 79 -8.96 2.70 7.82
N LYS A 80 -8.70 2.61 6.52
CA LYS A 80 -9.46 1.70 5.66
C LYS A 80 -8.53 1.00 4.68
N THR A 81 -7.62 1.76 4.09
CA THR A 81 -6.68 1.22 3.12
C THR A 81 -5.49 0.60 3.82
N ASP A 82 -5.64 0.32 5.11
CA ASP A 82 -4.57 -0.28 5.90
C ASP A 82 -3.37 0.65 5.97
N LEU A 83 -3.59 1.88 5.54
CA LEU A 83 -2.55 2.93 5.55
C LEU A 83 -1.35 2.48 4.72
N SER A 84 -1.58 2.31 3.43
CA SER A 84 -0.53 1.94 2.50
C SER A 84 0.24 3.18 2.04
N PHE A 85 1.57 3.09 2.07
CA PHE A 85 2.42 4.21 1.66
C PHE A 85 1.89 4.86 0.38
N GLY A 86 2.03 6.18 0.30
CA GLY A 86 1.56 6.90 -0.87
C GLY A 86 0.17 7.45 -0.68
N SER A 87 -0.08 8.01 0.51
CA SER A 87 -1.38 8.57 0.84
C SER A 87 -1.36 9.31 2.15
N GLN A 88 -2.29 8.96 3.03
CA GLN A 88 -2.40 9.57 4.34
C GLN A 88 -3.62 9.07 5.09
N ILE A 89 -3.65 9.33 6.38
CA ILE A 89 -4.76 8.91 7.23
C ILE A 89 -5.36 10.10 7.96
N GLU A 90 -6.30 10.79 7.31
CA GLU A 90 -6.93 11.96 7.91
C GLU A 90 -7.53 11.62 9.27
N PHE A 91 -7.28 12.48 10.24
CA PHE A 91 -7.77 12.29 11.59
C PHE A 91 -8.98 13.17 11.86
N SER A 92 -9.83 12.75 12.80
CA SER A 92 -11.03 13.50 13.13
C SER A 92 -11.18 13.67 14.64
N CYS A 93 -11.15 14.92 15.08
CA CYS A 93 -11.31 15.19 16.51
C CYS A 93 -12.80 15.21 16.83
N SER A 94 -13.21 14.34 17.74
CA SER A 94 -14.62 14.21 18.12
C SER A 94 -15.26 15.55 18.43
N GLU A 95 -16.58 15.53 18.57
CA GLU A 95 -17.37 16.72 18.86
C GLU A 95 -16.75 17.52 20.00
N GLY A 96 -16.95 18.83 19.95
CA GLY A 96 -16.40 19.71 20.97
C GLY A 96 -14.91 19.93 20.83
N PHE A 97 -14.19 18.90 20.40
CA PHE A 97 -12.74 19.00 20.24
C PHE A 97 -12.37 19.02 18.77
N PHE A 98 -11.61 20.04 18.36
CA PHE A 98 -11.19 20.17 16.98
C PHE A 98 -9.79 19.62 16.78
N LEU A 99 -9.43 19.46 15.52
CA LEU A 99 -8.12 18.92 15.17
C LEU A 99 -7.08 20.02 15.05
N ILE A 100 -5.87 19.73 15.50
CA ILE A 100 -4.75 20.66 15.46
C ILE A 100 -3.45 19.87 15.47
N GLY A 101 -2.81 19.85 14.30
CA GLY A 101 -1.57 19.14 14.11
C GLY A 101 -1.18 19.11 12.65
N SER A 102 -2.17 18.78 11.80
CA SER A 102 -1.95 18.70 10.35
C SER A 102 -3.21 18.27 9.63
N THR A 103 -3.98 17.42 10.30
CA THR A 103 -5.22 16.89 9.74
C THR A 103 -4.92 15.90 8.64
N THR A 104 -3.64 15.63 8.45
CA THR A 104 -3.18 14.69 7.45
C THR A 104 -1.91 14.04 7.96
N SER A 105 -1.67 12.81 7.56
CA SER A 105 -0.47 12.11 7.95
C SER A 105 0.08 11.34 6.75
N ARG A 106 1.24 11.76 6.26
CA ARG A 106 1.86 11.11 5.11
C ARG A 106 2.87 10.09 5.59
N CYS A 107 3.15 9.09 4.76
CA CYS A 107 4.08 8.05 5.12
C CYS A 107 5.34 8.13 4.28
N GLU A 108 6.47 8.34 4.95
CA GLU A 108 7.74 8.46 4.26
C GLU A 108 8.57 7.20 4.46
N VAL A 109 8.65 6.42 3.40
CA VAL A 109 9.39 5.17 3.45
C VAL A 109 10.88 5.44 3.41
N GLN A 110 11.58 4.96 4.43
CA GLN A 110 13.01 5.13 4.55
C GLN A 110 13.70 3.78 4.51
N ASP A 111 14.34 3.48 3.39
CA ASP A 111 15.02 2.19 3.23
C ASP A 111 14.00 1.06 3.32
N ARG A 112 14.45 -0.12 3.73
CA ARG A 112 13.58 -1.27 3.87
C ARG A 112 12.70 -1.14 5.11
N GLY A 113 12.53 0.09 5.59
CA GLY A 113 11.71 0.32 6.76
C GLY A 113 10.82 1.53 6.61
N VAL A 114 9.53 1.27 6.44
CA VAL A 114 8.54 2.33 6.27
C VAL A 114 8.63 3.32 7.42
N GLY A 115 8.42 4.59 7.09
CA GLY A 115 8.56 5.58 8.16
C GLY A 115 7.55 6.71 8.19
N TRP A 116 6.46 6.56 8.95
CA TRP A 116 5.47 7.64 9.07
C TRP A 116 6.16 8.97 9.36
N SER A 117 5.44 10.07 9.12
CA SER A 117 5.99 11.39 9.37
C SER A 117 5.43 11.98 10.67
N HIS A 118 4.10 11.90 10.82
CA HIS A 118 3.44 12.41 12.02
C HIS A 118 2.04 11.83 12.15
N PRO A 119 1.82 10.95 13.15
CA PRO A 119 0.52 10.31 13.38
C PRO A 119 -0.38 11.13 14.30
N LEU A 120 -1.28 10.43 14.99
CA LEU A 120 -2.24 11.01 15.94
C LEU A 120 -1.94 12.49 16.25
N PRO A 121 -2.85 13.40 15.85
CA PRO A 121 -2.70 14.83 16.10
C PRO A 121 -3.11 15.23 17.51
N GLN A 122 -3.44 16.51 17.70
CA GLN A 122 -3.86 17.01 19.01
C GLN A 122 -5.34 17.39 19.01
N CYS A 123 -6.12 16.70 19.85
CA CYS A 123 -7.55 16.98 19.94
C CYS A 123 -7.84 17.83 21.19
N GLU A 124 -8.21 19.09 20.96
CA GLU A 124 -8.51 20.00 22.07
C GLU A 124 -9.89 20.60 21.90
N ILE A 125 -10.53 20.85 23.05
CA ILE A 125 -11.87 21.41 23.06
C ILE A 125 -11.87 22.88 22.65
N LEU A 126 -12.95 23.31 22.01
CA LEU A 126 -13.07 24.68 21.56
C LEU A 126 -13.25 25.63 22.74
N GLU A 127 -13.48 25.05 23.92
CA GLU A 127 -13.67 25.84 25.14
C GLU A 127 -12.42 25.77 26.02
N HIS A 128 -12.48 26.43 27.18
CA HIS A 128 -11.35 26.43 28.11
C HIS A 128 -11.22 25.08 28.81
N HIS A 129 -11.96 24.92 29.91
CA HIS A 129 -11.92 23.68 30.68
C HIS A 129 -12.86 23.74 31.88
N HIS A 130 -13.41 22.59 32.27
CA HIS A 130 -14.32 22.52 33.40
C HIS A 130 -13.95 21.36 34.32
N HIS A 131 -14.13 21.56 35.62
CA HIS A 131 -13.80 20.53 36.60
C HIS A 131 -14.75 19.34 36.49
N HIS A 132 -14.62 18.40 37.43
CA HIS A 132 -15.48 17.22 37.44
C HIS A 132 -16.65 17.39 38.41
N HIS A 133 -16.32 17.55 39.69
CA HIS A 133 -17.34 17.73 40.72
C HIS A 133 -16.90 18.75 41.75
N MET A 1 12.98 -23.91 -25.20
CA MET A 1 12.39 -22.61 -25.63
C MET A 1 11.30 -22.16 -24.66
N ASN A 2 10.59 -23.12 -24.10
CA ASN A 2 9.51 -22.82 -23.15
C ASN A 2 10.04 -22.77 -21.73
N CYS A 3 9.38 -21.97 -20.89
CA CYS A 3 9.78 -21.80 -19.50
C CYS A 3 8.99 -22.71 -18.56
N GLY A 4 7.99 -23.40 -19.09
CA GLY A 4 7.17 -24.27 -18.27
C GLY A 4 6.02 -23.50 -17.62
N PRO A 5 5.03 -24.21 -17.05
CA PRO A 5 3.89 -23.58 -16.39
C PRO A 5 4.30 -22.40 -15.50
N PRO A 6 3.45 -21.37 -15.39
CA PRO A 6 3.73 -20.18 -14.58
C PRO A 6 3.71 -20.45 -13.08
N PRO A 7 4.89 -20.41 -12.43
CA PRO A 7 5.01 -20.63 -10.98
C PRO A 7 4.15 -19.65 -10.20
N THR A 8 4.29 -19.73 -8.89
CA THR A 8 3.54 -18.90 -7.95
C THR A 8 4.42 -17.76 -7.47
N LEU A 9 3.90 -16.54 -7.49
CA LEU A 9 4.65 -15.39 -7.05
C LEU A 9 4.00 -14.72 -5.84
N SER A 10 4.49 -13.54 -5.50
CA SER A 10 3.96 -12.80 -4.34
C SER A 10 3.58 -11.38 -4.73
N PHE A 11 4.54 -10.63 -5.25
CA PHE A 11 4.30 -9.25 -5.65
C PHE A 11 3.19 -9.17 -6.69
N ALA A 12 2.85 -10.31 -7.28
CA ALA A 12 1.80 -10.36 -8.29
C ALA A 12 1.09 -11.70 -8.35
N ALA A 13 -0.12 -11.63 -8.90
CA ALA A 13 -0.94 -12.82 -9.10
C ALA A 13 -1.50 -12.82 -10.52
N PRO A 14 -2.11 -13.93 -10.98
CA PRO A 14 -2.66 -14.02 -12.33
C PRO A 14 -3.84 -13.06 -12.54
N MET A 15 -3.96 -12.55 -13.77
CA MET A 15 -5.04 -11.63 -14.09
C MET A 15 -5.38 -11.67 -15.58
N ASP A 16 -4.43 -12.12 -16.39
CA ASP A 16 -4.64 -12.20 -17.83
C ASP A 16 -3.72 -13.25 -18.46
N ILE A 17 -4.16 -14.49 -18.42
CA ILE A 17 -3.40 -15.59 -18.98
C ILE A 17 -4.23 -16.86 -19.01
N THR A 18 -4.80 -17.15 -20.16
CA THR A 18 -5.60 -18.37 -20.30
C THR A 18 -4.77 -19.56 -19.86
N LEU A 19 -5.21 -20.21 -18.78
CA LEU A 19 -4.50 -21.35 -18.25
C LEU A 19 -4.74 -22.59 -19.10
N THR A 20 -4.92 -22.38 -20.39
CA THR A 20 -5.17 -23.47 -21.33
C THR A 20 -3.86 -24.01 -21.90
N GLU A 21 -2.81 -23.19 -21.83
CA GLU A 21 -1.51 -23.57 -22.36
C GLU A 21 -0.58 -23.99 -21.23
N THR A 22 0.09 -25.12 -21.39
CA THR A 22 1.02 -25.63 -20.39
C THR A 22 2.39 -24.99 -20.57
N ARG A 23 2.67 -24.56 -21.80
CA ARG A 23 3.95 -23.94 -22.11
C ARG A 23 3.73 -22.53 -22.66
N PHE A 24 4.78 -21.72 -22.68
CA PHE A 24 4.70 -20.34 -23.17
C PHE A 24 6.02 -19.95 -23.83
N LYS A 25 5.99 -19.75 -25.14
CA LYS A 25 7.19 -19.41 -25.90
C LYS A 25 7.94 -18.22 -25.30
N THR A 26 9.17 -18.01 -25.76
CA THR A 26 10.02 -16.94 -25.27
C THR A 26 9.49 -15.57 -25.66
N GLY A 27 8.45 -15.56 -26.49
CA GLY A 27 7.89 -14.31 -26.94
C GLY A 27 6.65 -13.94 -26.16
N THR A 28 6.12 -14.93 -25.43
CA THR A 28 4.93 -14.75 -24.63
C THR A 28 5.13 -13.68 -23.55
N THR A 29 4.02 -13.24 -22.97
CA THR A 29 4.06 -12.23 -21.91
C THR A 29 2.76 -12.22 -21.14
N LEU A 30 2.85 -12.43 -19.83
CA LEU A 30 1.67 -12.46 -18.97
C LEU A 30 1.34 -11.07 -18.45
N LYS A 31 0.35 -10.96 -17.57
CA LYS A 31 -0.04 -9.67 -17.02
C LYS A 31 0.36 -9.56 -15.55
N TYR A 32 -0.40 -10.23 -14.68
CA TYR A 32 -0.16 -10.23 -13.25
C TYR A 32 -0.52 -8.90 -12.60
N THR A 33 -1.32 -8.98 -11.53
CA THR A 33 -1.76 -7.81 -10.79
C THR A 33 -1.09 -7.80 -9.42
N CYS A 34 -1.12 -6.66 -8.73
CA CYS A 34 -0.47 -6.55 -7.42
C CYS A 34 -1.47 -6.31 -6.29
N LEU A 35 -1.37 -7.19 -5.29
CA LEU A 35 -2.22 -7.18 -4.12
C LEU A 35 -2.38 -5.77 -3.55
N PRO A 36 -3.50 -5.50 -2.85
CA PRO A 36 -3.79 -4.19 -2.27
C PRO A 36 -2.67 -3.73 -1.33
N GLY A 37 -1.93 -2.73 -1.78
CA GLY A 37 -0.83 -2.19 -0.98
C GLY A 37 0.47 -2.17 -1.75
N TYR A 38 0.65 -3.19 -2.59
CA TYR A 38 1.86 -3.27 -3.40
C TYR A 38 1.96 -2.00 -4.23
N VAL A 39 2.65 -0.98 -3.73
CA VAL A 39 2.81 0.31 -4.37
C VAL A 39 3.69 0.25 -5.61
N ARG A 40 3.75 1.35 -6.36
CA ARG A 40 4.57 1.40 -7.57
C ARG A 40 5.81 2.26 -7.38
N SER A 41 6.94 1.76 -7.88
CA SER A 41 8.21 2.47 -7.80
C SER A 41 9.30 1.71 -8.55
N HIS A 42 8.95 0.52 -9.03
CA HIS A 42 9.88 -0.32 -9.78
C HIS A 42 9.59 -0.27 -11.28
N SER A 43 9.91 -1.34 -11.98
CA SER A 43 9.70 -1.42 -13.42
C SER A 43 8.22 -1.31 -13.77
N THR A 44 7.56 -2.46 -13.89
CA THR A 44 6.14 -2.51 -14.24
C THR A 44 5.46 -3.76 -13.69
N GLN A 45 5.22 -4.74 -14.57
CA GLN A 45 4.57 -5.99 -14.19
C GLN A 45 4.32 -6.87 -15.40
N THR A 46 5.17 -7.89 -15.59
CA THR A 46 5.04 -8.81 -16.72
C THR A 46 6.07 -9.94 -16.65
N LEU A 47 5.63 -11.14 -17.04
CA LEU A 47 6.50 -12.32 -17.03
C LEU A 47 6.81 -12.73 -18.48
N THR A 48 8.09 -12.88 -18.81
CA THR A 48 8.48 -13.26 -20.17
C THR A 48 9.38 -14.47 -20.17
N CYS A 49 9.29 -15.29 -21.22
CA CYS A 49 10.15 -16.45 -21.32
C CYS A 49 11.42 -16.03 -22.03
N ASN A 50 12.54 -16.20 -21.34
CA ASN A 50 13.83 -15.89 -21.93
C ASN A 50 14.54 -17.19 -22.31
N SER A 51 15.67 -17.08 -22.98
CA SER A 51 16.44 -18.26 -23.37
C SER A 51 17.21 -18.78 -22.15
N ASP A 52 16.45 -19.23 -21.16
CA ASP A 52 16.99 -19.76 -19.92
C ASP A 52 16.04 -20.79 -19.33
N GLY A 53 14.92 -20.99 -20.03
CA GLY A 53 13.92 -21.92 -19.56
C GLY A 53 13.31 -21.50 -18.23
N GLU A 54 13.49 -20.22 -17.93
CA GLU A 54 12.94 -19.63 -16.72
C GLU A 54 12.24 -18.32 -17.00
N TRP A 55 11.31 -17.95 -16.14
CA TRP A 55 10.57 -16.71 -16.30
C TRP A 55 11.36 -15.55 -15.73
N VAL A 56 11.75 -14.66 -16.63
CA VAL A 56 12.50 -13.48 -16.25
C VAL A 56 11.59 -12.28 -16.11
N TYR A 57 12.01 -11.34 -15.28
CA TYR A 57 11.26 -10.10 -15.10
C TYR A 57 11.79 -9.26 -13.94
N ASN A 58 11.25 -8.06 -13.78
CA ASN A 58 11.68 -7.18 -12.72
C ASN A 58 10.71 -7.24 -11.54
N THR A 59 11.07 -6.57 -10.45
CA THR A 59 10.22 -6.56 -9.26
C THR A 59 9.00 -5.69 -9.48
N PHE A 60 8.03 -6.20 -10.23
CA PHE A 60 6.81 -5.45 -10.50
C PHE A 60 6.21 -4.92 -9.20
N CYS A 61 5.81 -3.65 -9.24
CA CYS A 61 5.23 -3.01 -8.06
C CYS A 61 6.22 -2.96 -6.91
N ILE A 62 5.73 -2.66 -5.72
CA ILE A 62 6.57 -2.56 -4.54
C ILE A 62 5.73 -2.21 -3.31
N TYR A 63 5.42 -3.24 -2.53
CA TYR A 63 4.63 -3.07 -1.32
C TYR A 63 5.32 -2.14 -0.33
N LYS A 64 4.61 -1.09 0.08
CA LYS A 64 5.13 -0.18 1.08
C LYS A 64 3.99 0.60 1.72
N ARG A 65 3.78 0.38 3.01
CA ARG A 65 2.70 1.05 3.73
C ARG A 65 3.22 1.71 5.00
N CYS A 66 2.34 2.39 5.72
CA CYS A 66 2.71 3.06 6.95
C CYS A 66 2.00 2.42 8.12
N ARG A 67 2.77 2.09 9.16
CA ARG A 67 2.18 1.47 10.34
C ARG A 67 0.99 2.28 10.80
N HIS A 68 -0.06 1.59 11.22
CA HIS A 68 -1.28 2.25 11.68
C HIS A 68 -0.95 3.38 12.66
N PRO A 69 -1.41 4.61 12.36
CA PRO A 69 -1.19 5.78 13.22
C PRO A 69 -1.41 5.46 14.69
N GLY A 70 -2.43 4.65 14.95
CA GLY A 70 -2.78 4.30 16.29
C GLY A 70 -4.09 4.94 16.67
N GLU A 71 -4.50 4.71 17.91
CA GLU A 71 -5.74 5.27 18.41
C GLU A 71 -5.55 6.71 18.82
N LEU A 72 -6.47 7.55 18.36
CA LEU A 72 -6.46 8.97 18.67
C LEU A 72 -7.50 9.21 19.75
N ARG A 73 -7.05 9.28 21.00
CA ARG A 73 -7.96 9.48 22.13
C ARG A 73 -8.65 10.84 22.02
N ASN A 74 -9.98 10.79 22.14
CA ASN A 74 -10.84 11.96 22.02
C ASN A 74 -10.94 12.34 20.55
N GLY A 75 -10.30 11.54 19.70
CA GLY A 75 -10.35 11.84 18.28
C GLY A 75 -10.78 10.67 17.42
N GLN A 76 -10.72 10.88 16.11
CA GLN A 76 -11.11 9.87 15.14
C GLN A 76 -10.06 9.73 14.04
N VAL A 77 -9.76 8.50 13.67
CA VAL A 77 -8.78 8.24 12.63
C VAL A 77 -9.46 7.79 11.33
N GLU A 78 -9.47 8.66 10.33
CA GLU A 78 -10.08 8.33 9.05
C GLU A 78 -9.19 7.40 8.24
N ILE A 79 -9.48 6.11 8.29
CA ILE A 79 -8.70 5.12 7.55
C ILE A 79 -9.62 4.31 6.63
N LYS A 80 -9.08 3.89 5.49
CA LYS A 80 -9.87 3.12 4.53
C LYS A 80 -8.98 2.49 3.47
N THR A 81 -8.00 3.24 3.02
CA THR A 81 -7.08 2.78 1.98
C THR A 81 -6.08 1.78 2.52
N ASP A 82 -6.32 1.26 3.73
CA ASP A 82 -5.42 0.27 4.33
C ASP A 82 -4.03 0.84 4.48
N LEU A 83 -3.88 2.13 4.25
CA LEU A 83 -2.60 2.78 4.34
C LEU A 83 -1.67 2.23 3.28
N SER A 84 -2.11 2.31 2.04
CA SER A 84 -1.34 1.80 0.92
C SER A 84 -0.38 2.85 0.35
N PHE A 85 0.15 3.71 1.22
CA PHE A 85 1.08 4.76 0.81
C PHE A 85 0.44 5.71 -0.18
N GLY A 86 0.65 7.01 0.01
CA GLY A 86 0.10 7.99 -0.89
C GLY A 86 -1.34 8.33 -0.57
N SER A 87 -1.69 8.30 0.72
CA SER A 87 -3.05 8.61 1.13
C SER A 87 -3.07 9.59 2.31
N GLN A 88 -4.19 10.29 2.39
CA GLN A 88 -4.40 11.27 3.46
C GLN A 88 -5.45 10.73 4.43
N ILE A 89 -5.15 10.81 5.72
CA ILE A 89 -6.08 10.34 6.75
C ILE A 89 -6.35 11.45 7.76
N GLU A 90 -7.51 12.09 7.62
CA GLU A 90 -7.89 13.18 8.50
C GLU A 90 -8.30 12.70 9.88
N PHE A 91 -7.85 13.41 10.90
CA PHE A 91 -8.19 13.10 12.28
C PHE A 91 -9.26 14.07 12.77
N SER A 92 -10.21 13.58 13.56
CA SER A 92 -11.29 14.43 14.04
C SER A 92 -11.43 14.38 15.55
N CYS A 93 -11.28 15.54 16.18
CA CYS A 93 -11.41 15.62 17.63
C CYS A 93 -12.89 15.79 17.99
N SER A 94 -13.40 14.87 18.79
CA SER A 94 -14.81 14.85 19.21
C SER A 94 -15.37 16.23 19.54
N GLU A 95 -16.70 16.28 19.60
CA GLU A 95 -17.47 17.49 19.92
C GLU A 95 -16.71 18.48 20.81
N GLY A 96 -16.61 18.17 22.09
CA GLY A 96 -15.99 19.09 23.03
C GLY A 96 -14.50 19.31 22.82
N PHE A 97 -13.81 18.39 22.17
CA PHE A 97 -12.38 18.53 21.96
C PHE A 97 -12.07 18.82 20.49
N PHE A 98 -11.30 19.87 20.24
CA PHE A 98 -10.92 20.22 18.87
C PHE A 98 -9.54 19.69 18.53
N LEU A 99 -9.19 19.79 17.26
CA LEU A 99 -7.92 19.29 16.78
C LEU A 99 -6.81 20.33 16.84
N ILE A 100 -5.62 19.86 17.18
CA ILE A 100 -4.42 20.70 17.27
C ILE A 100 -3.21 19.81 17.11
N GLY A 101 -2.70 19.80 15.88
CA GLY A 101 -1.55 18.99 15.52
C GLY A 101 -1.33 18.99 14.03
N SER A 102 -2.28 18.39 13.32
CA SER A 102 -2.26 18.28 11.87
C SER A 102 -3.46 17.45 11.43
N THR A 103 -4.50 18.12 10.94
CA THR A 103 -5.71 17.42 10.54
C THR A 103 -5.46 16.45 9.39
N THR A 104 -4.28 16.53 8.80
CA THR A 104 -3.95 15.64 7.71
C THR A 104 -2.76 14.77 8.06
N SER A 105 -2.66 13.63 7.39
CA SER A 105 -1.54 12.72 7.56
C SER A 105 -1.26 12.04 6.23
N ARG A 106 -0.08 12.31 5.67
CA ARG A 106 0.31 11.74 4.38
C ARG A 106 1.30 10.61 4.55
N CYS A 107 1.27 9.67 3.61
CA CYS A 107 2.17 8.52 3.66
C CYS A 107 3.35 8.71 2.73
N GLU A 108 4.53 8.77 3.30
CA GLU A 108 5.75 8.97 2.55
C GLU A 108 6.68 7.78 2.72
N VAL A 109 7.88 7.85 2.13
CA VAL A 109 8.83 6.76 2.24
C VAL A 109 10.23 7.21 2.64
N GLN A 110 10.74 6.58 3.67
CA GLN A 110 12.07 6.85 4.18
C GLN A 110 12.92 5.59 4.19
N ASP A 111 14.15 5.70 3.69
CA ASP A 111 15.06 4.56 3.63
C ASP A 111 14.53 3.48 2.70
N ARG A 112 13.62 2.65 3.21
CA ARG A 112 13.05 1.58 2.41
C ARG A 112 11.82 0.99 3.10
N GLY A 113 11.47 1.52 4.25
CA GLY A 113 10.32 1.02 4.98
C GLY A 113 9.22 2.03 5.11
N VAL A 114 9.19 2.97 4.16
CA VAL A 114 8.19 4.04 4.11
C VAL A 114 8.07 4.79 5.44
N GLY A 115 7.87 6.08 5.34
CA GLY A 115 7.76 6.87 6.56
C GLY A 115 6.44 7.59 6.69
N TRP A 116 5.93 7.74 7.91
CA TRP A 116 4.68 8.45 8.14
C TRP A 116 4.94 9.96 8.09
N SER A 117 3.91 10.75 8.35
CA SER A 117 4.04 12.20 8.33
C SER A 117 3.62 12.79 9.68
N HIS A 118 2.55 12.24 10.23
CA HIS A 118 2.03 12.70 11.53
C HIS A 118 1.01 11.70 12.07
N PRO A 119 1.10 11.38 13.38
CA PRO A 119 0.19 10.45 14.02
C PRO A 119 -1.03 11.15 14.62
N LEU A 120 -1.56 10.56 15.69
CA LEU A 120 -2.72 11.11 16.38
C LEU A 120 -2.43 12.50 16.94
N PRO A 121 -3.21 13.51 16.54
CA PRO A 121 -3.03 14.89 17.01
C PRO A 121 -3.44 15.03 18.47
N GLN A 122 -3.53 16.26 18.96
CA GLN A 122 -3.91 16.51 20.33
C GLN A 122 -5.36 16.99 20.44
N CYS A 123 -6.20 16.19 21.08
CA CYS A 123 -7.60 16.54 21.25
C CYS A 123 -7.82 17.12 22.63
N GLU A 124 -8.03 18.43 22.68
CA GLU A 124 -8.25 19.14 23.94
C GLU A 124 -9.59 19.86 23.92
N ILE A 125 -10.24 19.87 25.07
CA ILE A 125 -11.55 20.50 25.22
C ILE A 125 -11.54 21.95 24.76
N LEU A 126 -12.69 22.43 24.31
CA LEU A 126 -12.82 23.81 23.85
C LEU A 126 -12.74 24.79 25.02
N GLU A 127 -13.09 26.03 24.77
CA GLU A 127 -13.07 27.06 25.80
C GLU A 127 -14.46 27.32 26.35
N HIS A 128 -14.81 26.62 27.43
CA HIS A 128 -16.11 26.77 28.07
C HIS A 128 -16.12 26.13 29.46
N HIS A 129 -14.96 25.59 29.85
CA HIS A 129 -14.83 24.95 31.16
C HIS A 129 -14.58 25.99 32.25
N HIS A 130 -15.01 25.68 33.47
CA HIS A 130 -14.83 26.58 34.59
C HIS A 130 -14.18 25.86 35.77
N HIS A 131 -14.15 26.53 36.92
CA HIS A 131 -13.57 25.95 38.13
C HIS A 131 -14.67 25.41 39.05
N HIS A 132 -14.49 24.17 39.50
CA HIS A 132 -15.46 23.54 40.38
C HIS A 132 -14.77 22.90 41.58
N HIS A 133 -13.45 22.84 41.53
CA HIS A 133 -12.66 22.25 42.63
C HIS A 133 -12.64 23.18 43.83
N MET A 1 13.73 -22.96 -26.00
CA MET A 1 12.95 -23.83 -25.08
C MET A 1 12.05 -23.00 -24.18
N ASN A 2 10.92 -23.56 -23.79
CA ASN A 2 9.98 -22.87 -22.92
C ASN A 2 10.63 -22.51 -21.59
N CYS A 3 10.02 -21.59 -20.87
CA CYS A 3 10.54 -21.18 -19.57
C CYS A 3 9.96 -22.01 -18.44
N GLY A 4 9.00 -22.86 -18.77
CA GLY A 4 8.34 -23.69 -17.77
C GLY A 4 7.02 -23.09 -17.34
N PRO A 5 6.07 -23.91 -16.85
CA PRO A 5 4.76 -23.42 -16.42
C PRO A 5 4.86 -22.18 -15.54
N PRO A 6 4.10 -21.12 -15.86
CA PRO A 6 4.13 -19.85 -15.11
C PRO A 6 4.11 -20.05 -13.60
N PRO A 7 5.25 -19.77 -12.95
CA PRO A 7 5.39 -19.89 -11.49
C PRO A 7 4.50 -18.90 -10.76
N THR A 8 4.67 -18.91 -9.44
CA THR A 8 3.90 -18.05 -8.55
C THR A 8 4.73 -16.84 -8.14
N LEU A 9 4.13 -15.66 -8.21
CA LEU A 9 4.82 -14.44 -7.82
C LEU A 9 4.14 -13.80 -6.61
N SER A 10 4.83 -13.81 -5.48
CA SER A 10 4.29 -13.24 -4.26
C SER A 10 3.99 -11.75 -4.43
N PHE A 11 4.87 -11.05 -5.15
CA PHE A 11 4.70 -9.62 -5.38
C PHE A 11 3.49 -9.34 -6.25
N ALA A 12 2.90 -10.39 -6.82
CA ALA A 12 1.74 -10.22 -7.68
C ALA A 12 0.77 -11.40 -7.59
N ALA A 13 -0.10 -11.44 -8.59
CA ALA A 13 -1.14 -12.46 -8.69
C ALA A 13 -1.73 -12.48 -10.10
N PRO A 14 -1.98 -13.68 -10.66
CA PRO A 14 -2.53 -13.82 -12.02
C PRO A 14 -3.72 -12.90 -12.26
N MET A 15 -3.83 -12.38 -13.49
CA MET A 15 -4.91 -11.48 -13.84
C MET A 15 -5.25 -11.57 -15.34
N ASP A 16 -4.38 -12.22 -16.11
CA ASP A 16 -4.60 -12.35 -17.54
C ASP A 16 -3.66 -13.38 -18.14
N ILE A 17 -4.13 -14.62 -18.20
CA ILE A 17 -3.35 -15.71 -18.75
C ILE A 17 -4.16 -16.99 -18.78
N THR A 18 -4.77 -17.27 -19.93
CA THR A 18 -5.55 -18.49 -20.06
C THR A 18 -4.68 -19.69 -19.68
N LEU A 19 -5.05 -20.34 -18.59
CA LEU A 19 -4.30 -21.49 -18.12
C LEU A 19 -4.57 -22.72 -18.98
N THR A 20 -4.93 -22.48 -20.23
CA THR A 20 -5.23 -23.56 -21.17
C THR A 20 -3.95 -24.19 -21.69
N GLU A 21 -2.83 -23.51 -21.47
CA GLU A 21 -1.53 -24.00 -21.90
C GLU A 21 -0.56 -24.04 -20.72
N THR A 22 0.30 -25.04 -20.70
CA THR A 22 1.28 -25.19 -19.63
C THR A 22 2.63 -24.59 -20.02
N ARG A 23 2.75 -24.23 -21.29
CA ARG A 23 3.99 -23.65 -21.81
C ARG A 23 3.71 -22.31 -22.48
N PHE A 24 4.70 -21.42 -22.52
CA PHE A 24 4.54 -20.10 -23.13
C PHE A 24 5.86 -19.67 -23.78
N LYS A 25 5.86 -19.60 -25.11
CA LYS A 25 7.05 -19.22 -25.89
C LYS A 25 7.77 -18.02 -25.31
N THR A 26 8.99 -17.79 -25.80
CA THR A 26 9.82 -16.68 -25.34
C THR A 26 9.24 -15.33 -25.71
N GLY A 27 8.15 -15.34 -26.46
CA GLY A 27 7.53 -14.10 -26.87
C GLY A 27 6.33 -13.77 -26.02
N THR A 28 5.90 -14.74 -25.22
CA THR A 28 4.76 -14.59 -24.33
C THR A 28 4.97 -13.47 -23.33
N THR A 29 3.88 -12.95 -22.77
CA THR A 29 3.94 -11.90 -21.78
C THR A 29 2.65 -11.86 -20.97
N LEU A 30 2.80 -12.04 -19.65
CA LEU A 30 1.63 -12.07 -18.76
C LEU A 30 1.30 -10.69 -18.22
N LYS A 31 0.15 -10.58 -17.58
CA LYS A 31 -0.31 -9.32 -17.00
C LYS A 31 0.05 -9.27 -15.52
N TYR A 32 -0.68 -10.06 -14.72
CA TYR A 32 -0.45 -10.13 -13.29
C TYR A 32 -0.73 -8.79 -12.60
N THR A 33 -1.40 -8.87 -11.46
CA THR A 33 -1.76 -7.68 -10.68
C THR A 33 -1.05 -7.69 -9.33
N CYS A 34 -1.14 -6.60 -8.59
CA CYS A 34 -0.48 -6.51 -7.29
C CYS A 34 -1.49 -6.31 -6.15
N LEU A 35 -1.43 -7.26 -5.22
CA LEU A 35 -2.29 -7.31 -4.05
C LEU A 35 -2.44 -5.95 -3.38
N PRO A 36 -3.53 -5.75 -2.61
CA PRO A 36 -3.80 -4.49 -1.92
C PRO A 36 -2.65 -4.03 -1.03
N GLY A 37 -1.92 -3.02 -1.51
CA GLY A 37 -0.80 -2.50 -0.76
C GLY A 37 0.48 -2.52 -1.56
N TYR A 38 0.65 -3.58 -2.34
CA TYR A 38 1.84 -3.72 -3.19
C TYR A 38 1.95 -2.50 -4.08
N VAL A 39 2.67 -1.45 -3.67
CA VAL A 39 2.85 -0.22 -4.43
C VAL A 39 3.61 -0.46 -5.72
N ARG A 40 4.41 0.51 -6.12
CA ARG A 40 5.18 0.37 -7.34
C ARG A 40 6.46 1.22 -7.33
N SER A 41 7.56 0.56 -7.63
CA SER A 41 8.87 1.21 -7.70
C SER A 41 9.33 1.21 -9.15
N HIS A 42 8.73 0.30 -9.92
CA HIS A 42 9.03 0.17 -11.35
C HIS A 42 7.74 0.31 -12.16
N SER A 43 6.62 0.04 -11.48
CA SER A 43 5.29 0.15 -12.08
C SER A 43 5.02 -0.92 -13.14
N THR A 44 6.06 -1.66 -13.51
CA THR A 44 5.92 -2.72 -14.50
C THR A 44 5.03 -3.85 -13.97
N GLN A 45 4.76 -4.84 -14.83
CA GLN A 45 3.94 -5.98 -14.45
C GLN A 45 3.73 -6.92 -15.64
N THR A 46 4.79 -7.61 -16.03
CA THR A 46 4.71 -8.54 -17.16
C THR A 46 5.71 -9.69 -17.03
N LEU A 47 5.25 -10.89 -17.38
CA LEU A 47 6.08 -12.08 -17.32
C LEU A 47 6.36 -12.59 -18.73
N THR A 48 7.61 -12.42 -19.17
CA THR A 48 8.01 -12.85 -20.50
C THR A 48 8.97 -14.02 -20.42
N CYS A 49 8.93 -14.90 -21.41
CA CYS A 49 9.84 -16.03 -21.44
C CYS A 49 11.14 -15.56 -22.06
N ASN A 50 12.21 -15.67 -21.29
CA ASN A 50 13.54 -15.29 -21.77
C ASN A 50 14.30 -16.54 -22.19
N SER A 51 15.51 -16.36 -22.71
CA SER A 51 16.33 -17.49 -23.14
C SER A 51 17.17 -17.99 -21.96
N ASP A 52 16.46 -18.47 -20.95
CA ASP A 52 17.09 -18.99 -19.73
C ASP A 52 16.22 -20.09 -19.13
N GLY A 53 15.11 -20.37 -19.81
CA GLY A 53 14.19 -21.38 -19.32
C GLY A 53 13.56 -20.97 -18.01
N GLU A 54 13.65 -19.69 -17.72
CA GLU A 54 13.07 -19.12 -16.50
C GLU A 54 12.33 -17.83 -16.82
N TRP A 55 11.47 -17.41 -15.91
CA TRP A 55 10.72 -16.19 -16.07
C TRP A 55 11.49 -15.01 -15.49
N VAL A 56 11.87 -14.11 -16.39
CA VAL A 56 12.62 -12.93 -16.05
C VAL A 56 11.68 -11.75 -15.88
N TYR A 57 12.01 -10.82 -14.97
CA TYR A 57 11.17 -9.65 -14.79
C TYR A 57 11.67 -8.72 -13.69
N ASN A 58 11.04 -7.56 -13.55
CA ASN A 58 11.43 -6.58 -12.53
C ASN A 58 10.74 -6.86 -11.21
N THR A 59 11.09 -6.10 -10.18
CA THR A 59 10.50 -6.28 -8.86
C THR A 59 9.33 -5.31 -8.66
N PHE A 60 8.49 -5.21 -9.68
CA PHE A 60 7.32 -4.35 -9.62
C PHE A 60 6.49 -4.66 -8.39
N CYS A 61 6.03 -3.61 -7.71
CA CYS A 61 5.22 -3.78 -6.51
C CYS A 61 6.02 -4.50 -5.43
N ILE A 62 6.47 -3.75 -4.43
CA ILE A 62 7.26 -4.33 -3.36
C ILE A 62 6.54 -4.28 -2.01
N TYR A 63 5.36 -3.65 -1.98
CA TYR A 63 4.60 -3.55 -0.73
C TYR A 63 5.34 -2.73 0.31
N LYS A 64 4.72 -1.66 0.79
CA LYS A 64 5.32 -0.83 1.83
C LYS A 64 4.28 0.11 2.42
N ARG A 65 3.41 -0.43 3.28
CA ARG A 65 2.38 0.35 3.92
C ARG A 65 2.91 1.06 5.15
N CYS A 66 2.05 1.83 5.81
CA CYS A 66 2.44 2.57 7.00
C CYS A 66 1.80 1.92 8.22
N ARG A 67 2.58 1.71 9.27
CA ARG A 67 2.05 1.09 10.47
C ARG A 67 0.77 1.80 10.89
N HIS A 68 -0.22 1.01 11.29
CA HIS A 68 -1.50 1.56 11.70
C HIS A 68 -1.33 2.79 12.58
N PRO A 69 -1.84 3.96 12.13
CA PRO A 69 -1.75 5.21 12.87
C PRO A 69 -1.90 5.01 14.36
N GLY A 70 -2.86 4.18 14.74
CA GLY A 70 -3.15 3.93 16.13
C GLY A 70 -4.23 4.87 16.60
N GLU A 71 -5.15 4.32 17.36
CA GLU A 71 -6.27 5.07 17.92
C GLU A 71 -5.90 6.50 18.27
N LEU A 72 -6.80 7.41 17.93
CA LEU A 72 -6.65 8.83 18.23
C LEU A 72 -7.62 9.15 19.36
N ARG A 73 -7.09 9.27 20.57
CA ARG A 73 -7.91 9.55 21.74
C ARG A 73 -8.66 10.87 21.60
N ASN A 74 -9.99 10.77 21.75
CA ASN A 74 -10.91 11.89 21.62
C ASN A 74 -11.06 12.21 20.14
N GLY A 75 -10.36 11.46 19.29
CA GLY A 75 -10.44 11.72 17.88
C GLY A 75 -10.75 10.48 17.05
N GLN A 76 -10.70 10.65 15.74
CA GLN A 76 -10.99 9.56 14.80
C GLN A 76 -9.98 9.53 13.66
N VAL A 77 -9.60 8.31 13.27
CA VAL A 77 -8.64 8.14 12.19
C VAL A 77 -9.35 7.64 10.93
N GLU A 78 -9.46 8.49 9.93
CA GLU A 78 -10.13 8.13 8.69
C GLU A 78 -9.30 7.15 7.87
N ILE A 79 -9.47 5.86 8.13
CA ILE A 79 -8.76 4.81 7.40
C ILE A 79 -9.66 4.21 6.35
N LYS A 80 -9.26 4.32 5.09
CA LYS A 80 -10.06 3.80 3.98
C LYS A 80 -9.19 3.36 2.82
N THR A 81 -7.95 3.05 3.11
CA THR A 81 -7.04 2.62 2.07
C THR A 81 -6.07 1.58 2.59
N ASP A 82 -6.34 1.07 3.78
CA ASP A 82 -5.47 0.07 4.39
C ASP A 82 -4.06 0.63 4.53
N LEU A 83 -3.93 1.91 4.25
CA LEU A 83 -2.65 2.59 4.33
C LEU A 83 -1.70 2.01 3.28
N SER A 84 -2.15 2.00 2.04
CA SER A 84 -1.35 1.45 0.95
C SER A 84 -0.36 2.47 0.38
N PHE A 85 0.17 3.34 1.24
CA PHE A 85 1.14 4.36 0.82
C PHE A 85 0.56 5.27 -0.25
N GLY A 86 0.82 6.57 -0.11
CA GLY A 86 0.33 7.53 -1.08
C GLY A 86 -1.06 8.03 -0.76
N SER A 87 -1.49 7.83 0.49
CA SER A 87 -2.83 8.26 0.90
C SER A 87 -2.76 9.25 2.05
N GLN A 88 -3.85 9.98 2.21
CA GLN A 88 -3.98 10.97 3.25
C GLN A 88 -5.17 10.64 4.13
N ILE A 89 -4.99 10.71 5.44
CA ILE A 89 -6.06 10.42 6.38
C ILE A 89 -6.32 11.61 7.29
N GLU A 90 -7.58 12.02 7.35
CA GLU A 90 -7.96 13.16 8.19
C GLU A 90 -8.37 12.69 9.58
N PHE A 91 -8.43 13.64 10.51
CA PHE A 91 -8.81 13.34 11.88
C PHE A 91 -10.03 14.14 12.30
N SER A 92 -10.45 13.97 13.54
CA SER A 92 -11.61 14.67 14.05
C SER A 92 -11.62 14.70 15.57
N CYS A 93 -11.48 15.90 16.13
CA CYS A 93 -11.49 16.05 17.58
C CYS A 93 -12.93 16.23 18.04
N SER A 94 -13.39 15.28 18.85
CA SER A 94 -14.76 15.31 19.36
C SER A 94 -15.16 16.68 19.91
N GLU A 95 -16.46 16.85 20.11
CA GLU A 95 -17.01 18.09 20.64
C GLU A 95 -16.22 18.60 21.83
N GLY A 96 -16.28 19.91 22.05
CA GLY A 96 -15.58 20.51 23.17
C GLY A 96 -14.10 20.72 22.89
N PHE A 97 -13.48 19.78 22.19
CA PHE A 97 -12.06 19.88 21.89
C PHE A 97 -11.86 20.12 20.40
N PHE A 98 -10.69 20.64 20.03
CA PHE A 98 -10.40 20.92 18.63
C PHE A 98 -9.17 20.14 18.16
N LEU A 99 -9.02 20.09 16.85
CA LEU A 99 -7.92 19.38 16.21
C LEU A 99 -6.66 20.25 16.18
N ILE A 100 -5.52 19.63 16.48
CA ILE A 100 -4.23 20.30 16.48
C ILE A 100 -3.12 19.27 16.33
N GLY A 101 -2.42 19.36 15.22
CA GLY A 101 -1.35 18.43 14.92
C GLY A 101 -1.45 17.89 13.53
N SER A 102 -1.74 18.78 12.58
CA SER A 102 -1.90 18.41 11.18
C SER A 102 -3.11 17.49 11.02
N THR A 103 -4.22 18.08 10.60
CA THR A 103 -5.45 17.32 10.40
C THR A 103 -5.29 16.32 9.27
N THR A 104 -4.18 16.41 8.57
CA THR A 104 -3.90 15.50 7.48
C THR A 104 -2.73 14.60 7.85
N SER A 105 -2.66 13.44 7.21
CA SER A 105 -1.58 12.50 7.43
C SER A 105 -1.32 11.72 6.16
N ARG A 106 -0.17 11.96 5.55
CA ARG A 106 0.21 11.29 4.31
C ARG A 106 1.16 10.13 4.56
N CYS A 107 1.18 9.20 3.62
CA CYS A 107 2.04 8.03 3.72
C CYS A 107 3.28 8.22 2.85
N GLU A 108 4.43 8.27 3.49
CA GLU A 108 5.69 8.48 2.78
C GLU A 108 6.61 7.28 2.97
N VAL A 109 7.73 7.30 2.26
CA VAL A 109 8.69 6.20 2.37
C VAL A 109 10.13 6.67 2.45
N GLN A 110 10.82 6.10 3.41
CA GLN A 110 12.23 6.40 3.65
C GLN A 110 13.05 5.12 3.51
N ASP A 111 13.73 4.96 2.38
CA ASP A 111 14.52 3.78 2.11
C ASP A 111 13.61 2.55 2.10
N ARG A 112 14.15 1.39 2.45
CA ARG A 112 13.36 0.16 2.48
C ARG A 112 12.49 0.11 3.73
N GLY A 113 12.03 1.28 4.17
CA GLY A 113 11.20 1.35 5.34
C GLY A 113 10.29 2.56 5.34
N VAL A 114 9.13 2.39 4.72
CA VAL A 114 8.13 3.45 4.63
C VAL A 114 8.00 4.18 5.95
N GLY A 115 7.73 5.47 5.85
CA GLY A 115 7.64 6.26 7.07
C GLY A 115 6.29 6.95 7.23
N TRP A 116 5.86 7.14 8.47
CA TRP A 116 4.61 7.83 8.75
C TRP A 116 4.86 9.32 8.91
N SER A 117 4.25 10.13 8.05
CA SER A 117 4.42 11.57 8.11
C SER A 117 4.01 12.12 9.48
N HIS A 118 2.72 12.01 9.79
CA HIS A 118 2.21 12.49 11.07
C HIS A 118 1.14 11.55 11.62
N PRO A 119 1.18 11.29 12.95
CA PRO A 119 0.22 10.41 13.62
C PRO A 119 -0.94 11.19 14.24
N LEU A 120 -1.52 10.60 15.29
CA LEU A 120 -2.64 11.21 16.00
C LEU A 120 -2.28 12.60 16.55
N PRO A 121 -3.05 13.63 16.15
CA PRO A 121 -2.81 15.01 16.57
C PRO A 121 -2.97 15.22 18.08
N GLN A 122 -3.65 16.30 18.47
CA GLN A 122 -3.85 16.61 19.88
C GLN A 122 -5.27 17.07 20.16
N CYS A 123 -5.95 16.37 21.07
CA CYS A 123 -7.32 16.72 21.43
C CYS A 123 -7.38 17.37 22.80
N GLU A 124 -7.64 18.68 22.84
CA GLU A 124 -7.72 19.41 24.09
C GLU A 124 -8.96 20.29 24.13
N ILE A 125 -9.52 20.45 25.32
CA ILE A 125 -10.73 21.25 25.50
C ILE A 125 -10.48 22.72 25.15
N LEU A 126 -11.51 23.37 24.61
CA LEU A 126 -11.40 24.78 24.24
C LEU A 126 -11.38 25.66 25.49
N GLU A 127 -10.36 26.52 25.58
CA GLU A 127 -10.22 27.42 26.71
C GLU A 127 -11.49 28.25 26.90
N HIS A 128 -11.97 28.32 28.14
CA HIS A 128 -13.17 29.08 28.46
C HIS A 128 -13.23 29.40 29.95
N HIS A 129 -12.06 29.59 30.56
CA HIS A 129 -11.98 29.90 31.98
C HIS A 129 -12.60 28.79 32.82
N HIS A 130 -12.68 29.01 34.13
CA HIS A 130 -13.25 28.02 35.05
C HIS A 130 -14.50 28.57 35.72
N HIS A 131 -14.38 29.76 36.31
CA HIS A 131 -15.49 30.40 37.00
C HIS A 131 -16.05 29.50 38.10
N HIS A 132 -15.25 28.51 38.51
CA HIS A 132 -15.65 27.58 39.55
C HIS A 132 -14.57 27.44 40.62
N HIS A 133 -13.34 27.18 40.17
CA HIS A 133 -12.22 27.03 41.08
C HIS A 133 -11.19 28.15 40.89
N MET A 1 12.58 -20.88 -27.58
CA MET A 1 12.23 -22.11 -26.83
C MET A 1 11.06 -21.84 -25.87
N ASN A 2 10.80 -22.80 -24.99
CA ASN A 2 9.71 -22.67 -24.02
C ASN A 2 10.25 -22.58 -22.60
N CYS A 3 9.55 -21.81 -21.77
CA CYS A 3 9.95 -21.64 -20.37
C CYS A 3 9.19 -22.61 -19.47
N GLY A 4 9.61 -22.69 -18.22
CA GLY A 4 8.94 -23.57 -17.27
C GLY A 4 7.56 -23.06 -16.93
N PRO A 5 6.62 -23.96 -16.57
CA PRO A 5 5.26 -23.58 -16.22
C PRO A 5 5.22 -22.34 -15.31
N PRO A 6 4.42 -21.33 -15.68
CA PRO A 6 4.30 -20.08 -14.90
C PRO A 6 4.20 -20.30 -13.40
N PRO A 7 5.28 -20.00 -12.68
CA PRO A 7 5.34 -20.14 -11.21
C PRO A 7 4.37 -19.17 -10.52
N THR A 8 4.53 -19.13 -9.20
CA THR A 8 3.72 -18.28 -8.34
C THR A 8 4.52 -17.04 -7.98
N LEU A 9 3.90 -15.87 -8.11
CA LEU A 9 4.59 -14.63 -7.79
C LEU A 9 3.99 -13.99 -6.54
N SER A 10 4.76 -13.93 -5.47
CA SER A 10 4.29 -13.32 -4.23
C SER A 10 4.10 -11.83 -4.43
N PHE A 11 4.92 -11.24 -5.29
CA PHE A 11 4.83 -9.81 -5.58
C PHE A 11 3.67 -9.53 -6.52
N ALA A 12 3.02 -10.59 -7.01
CA ALA A 12 1.89 -10.43 -7.91
C ALA A 12 0.88 -11.57 -7.75
N ALA A 13 0.05 -11.69 -8.77
CA ALA A 13 -1.00 -12.71 -8.80
C ALA A 13 -1.63 -12.78 -10.19
N PRO A 14 -1.89 -14.00 -10.70
CA PRO A 14 -2.49 -14.19 -12.03
C PRO A 14 -3.68 -13.27 -12.28
N MET A 15 -3.84 -12.87 -13.53
CA MET A 15 -4.94 -11.99 -13.92
C MET A 15 -5.38 -12.27 -15.35
N ASP A 16 -4.53 -12.95 -16.10
CA ASP A 16 -4.83 -13.29 -17.48
C ASP A 16 -4.20 -14.64 -17.84
N ILE A 17 -3.26 -14.63 -18.80
CA ILE A 17 -2.57 -15.84 -19.23
C ILE A 17 -3.49 -17.05 -19.25
N THR A 18 -4.14 -17.27 -20.38
CA THR A 18 -5.02 -18.41 -20.51
C THR A 18 -4.28 -19.67 -20.06
N LEU A 19 -4.77 -20.29 -19.00
CA LEU A 19 -4.14 -21.48 -18.46
C LEU A 19 -4.44 -22.70 -19.32
N THR A 20 -4.48 -22.50 -20.63
CA THR A 20 -4.76 -23.58 -21.56
C THR A 20 -3.47 -24.24 -22.04
N GLU A 21 -2.35 -23.77 -21.51
CA GLU A 21 -1.04 -24.31 -21.87
C GLU A 21 -0.10 -24.27 -20.69
N THR A 22 0.84 -25.21 -20.63
CA THR A 22 1.81 -25.28 -19.55
C THR A 22 3.13 -24.67 -20.00
N ARG A 23 3.23 -24.40 -21.30
CA ARG A 23 4.42 -23.82 -21.88
C ARG A 23 4.07 -22.52 -22.58
N PHE A 24 5.03 -21.61 -22.70
CA PHE A 24 4.82 -20.32 -23.35
C PHE A 24 6.11 -19.84 -23.99
N LYS A 25 6.13 -19.79 -25.32
CA LYS A 25 7.32 -19.39 -26.07
C LYS A 25 7.95 -18.11 -25.53
N THR A 26 9.18 -17.86 -25.96
CA THR A 26 9.92 -16.69 -25.52
C THR A 26 9.31 -15.40 -26.03
N GLY A 27 8.24 -15.52 -26.80
CA GLY A 27 7.57 -14.34 -27.33
C GLY A 27 6.31 -14.02 -26.58
N THR A 28 5.87 -14.97 -25.76
CA THR A 28 4.66 -14.82 -24.97
C THR A 28 4.79 -13.70 -23.95
N THR A 29 3.69 -13.36 -23.28
CA THR A 29 3.69 -12.32 -22.27
C THR A 29 2.41 -12.39 -21.42
N LEU A 30 2.59 -12.49 -20.11
CA LEU A 30 1.45 -12.60 -19.20
C LEU A 30 1.08 -11.25 -18.61
N LYS A 31 -0.09 -11.17 -17.98
CA LYS A 31 -0.56 -9.95 -17.35
C LYS A 31 -0.02 -9.85 -15.94
N TYR A 32 -0.63 -10.60 -15.02
CA TYR A 32 -0.22 -10.61 -13.62
C TYR A 32 -0.41 -9.24 -12.97
N THR A 33 -0.97 -9.26 -11.76
CA THR A 33 -1.22 -8.05 -11.00
C THR A 33 -0.72 -8.23 -9.56
N CYS A 34 -0.25 -7.16 -8.94
CA CYS A 34 0.27 -7.27 -7.58
C CYS A 34 -0.78 -6.94 -6.52
N LEU A 35 -0.87 -7.89 -5.59
CA LEU A 35 -1.81 -7.86 -4.45
C LEU A 35 -2.04 -6.43 -3.92
N PRO A 36 -3.09 -6.25 -3.09
CA PRO A 36 -3.41 -4.94 -2.53
C PRO A 36 -2.39 -4.48 -1.49
N GLY A 37 -1.60 -3.46 -1.85
CA GLY A 37 -0.62 -2.95 -0.91
C GLY A 37 0.67 -2.48 -1.57
N TYR A 38 0.79 -2.65 -2.88
CA TYR A 38 1.99 -2.21 -3.59
C TYR A 38 1.83 -0.76 -4.00
N VAL A 39 2.93 -0.04 -4.16
CA VAL A 39 2.93 1.36 -4.54
C VAL A 39 4.10 1.63 -5.49
N ARG A 40 4.68 2.83 -5.37
CA ARG A 40 5.81 3.26 -6.18
C ARG A 40 6.84 2.16 -6.44
N SER A 41 6.85 1.67 -7.68
CA SER A 41 7.79 0.64 -8.12
C SER A 41 7.45 0.16 -9.53
N HIS A 42 6.23 0.47 -9.97
CA HIS A 42 5.76 0.06 -11.30
C HIS A 42 6.80 0.37 -12.38
N SER A 43 6.83 -0.45 -13.42
CA SER A 43 7.76 -0.26 -14.52
C SER A 43 7.52 -1.29 -15.63
N THR A 44 6.71 -2.30 -15.33
CA THR A 44 6.40 -3.35 -16.31
C THR A 44 5.14 -4.12 -15.93
N GLN A 45 5.32 -5.20 -15.16
CA GLN A 45 4.22 -6.04 -14.71
C GLN A 45 3.77 -7.00 -15.82
N THR A 46 4.72 -7.78 -16.32
CA THR A 46 4.44 -8.74 -17.39
C THR A 46 5.46 -9.89 -17.36
N LEU A 47 4.99 -11.11 -17.58
CA LEU A 47 5.86 -12.28 -17.56
C LEU A 47 6.13 -12.77 -18.99
N THR A 48 7.36 -12.53 -19.45
CA THR A 48 7.77 -12.95 -20.79
C THR A 48 8.79 -14.08 -20.68
N CYS A 49 8.81 -14.98 -21.66
CA CYS A 49 9.75 -16.08 -21.64
C CYS A 49 11.07 -15.58 -22.24
N ASN A 50 12.10 -15.60 -21.41
CA ASN A 50 13.43 -15.19 -21.86
C ASN A 50 14.26 -16.41 -22.21
N SER A 51 15.48 -16.21 -22.68
CA SER A 51 16.36 -17.31 -23.03
C SER A 51 17.21 -17.72 -21.83
N ASP A 52 16.53 -18.14 -20.77
CA ASP A 52 17.16 -18.56 -19.53
C ASP A 52 16.34 -19.67 -18.89
N GLY A 53 15.29 -20.07 -19.58
CA GLY A 53 14.40 -21.11 -19.07
C GLY A 53 13.62 -20.65 -17.86
N GLU A 54 13.61 -19.33 -17.69
CA GLU A 54 12.88 -18.71 -16.59
C GLU A 54 12.07 -17.52 -17.07
N TRP A 55 11.30 -16.95 -16.14
CA TRP A 55 10.47 -15.80 -16.42
C TRP A 55 11.15 -14.54 -15.91
N VAL A 56 11.51 -13.68 -16.85
CA VAL A 56 12.17 -12.43 -16.54
C VAL A 56 11.12 -11.33 -16.52
N TYR A 57 11.30 -10.30 -15.69
CA TYR A 57 10.32 -9.21 -15.65
C TYR A 57 10.62 -8.17 -14.59
N ASN A 58 11.76 -8.31 -13.92
CA ASN A 58 12.17 -7.39 -12.87
C ASN A 58 11.07 -7.25 -11.82
N THR A 59 11.35 -6.51 -10.75
CA THR A 59 10.38 -6.31 -9.70
C THR A 59 9.47 -5.14 -10.06
N PHE A 60 8.41 -5.45 -10.80
CA PHE A 60 7.46 -4.44 -11.26
C PHE A 60 6.79 -3.69 -10.12
N CYS A 61 6.31 -4.41 -9.11
CA CYS A 61 5.66 -3.76 -7.98
C CYS A 61 6.59 -3.71 -6.76
N ILE A 62 6.09 -3.26 -5.61
CA ILE A 62 6.92 -3.13 -4.42
C ILE A 62 6.26 -3.66 -3.15
N TYR A 63 5.18 -3.01 -2.75
CA TYR A 63 4.44 -3.37 -1.54
C TYR A 63 5.03 -2.70 -0.31
N LYS A 64 4.35 -1.67 0.17
CA LYS A 64 4.78 -0.94 1.35
C LYS A 64 3.67 -0.01 1.83
N ARG A 65 2.80 -0.53 2.68
CA ARG A 65 1.69 0.23 3.21
C ARG A 65 2.17 1.20 4.30
N CYS A 66 1.51 1.19 5.45
CA CYS A 66 1.90 2.07 6.56
C CYS A 66 1.36 1.52 7.87
N ARG A 67 2.12 1.67 8.95
CA ARG A 67 1.66 1.18 10.23
C ARG A 67 0.52 2.05 10.73
N HIS A 68 -0.44 1.42 11.39
CA HIS A 68 -1.60 2.13 11.91
C HIS A 68 -1.18 3.38 12.71
N PRO A 69 -1.77 4.54 12.38
CA PRO A 69 -1.49 5.81 13.08
C PRO A 69 -1.62 5.66 14.58
N GLY A 70 -2.58 4.83 14.99
CA GLY A 70 -2.84 4.63 16.40
C GLY A 70 -4.22 5.13 16.76
N GLU A 71 -4.55 4.98 18.04
CA GLU A 71 -5.84 5.42 18.54
C GLU A 71 -5.80 6.91 18.89
N LEU A 72 -6.79 7.62 18.37
CA LEU A 72 -6.93 9.03 18.65
C LEU A 72 -8.17 9.18 19.53
N ARG A 73 -7.92 9.33 20.82
CA ARG A 73 -8.99 9.43 21.80
C ARG A 73 -9.85 10.66 21.57
N ASN A 74 -9.43 11.75 22.18
CA ASN A 74 -10.13 13.02 22.03
C ASN A 74 -10.26 13.36 20.55
N GLY A 75 -9.91 12.43 19.66
CA GLY A 75 -10.06 12.70 18.26
C GLY A 75 -10.56 11.49 17.49
N GLN A 76 -10.55 11.59 16.15
CA GLN A 76 -11.00 10.48 15.30
C GLN A 76 -10.03 10.25 14.15
N VAL A 77 -9.71 8.99 13.88
CA VAL A 77 -8.79 8.65 12.80
C VAL A 77 -9.54 8.05 11.62
N GLU A 78 -9.65 8.81 10.53
CA GLU A 78 -10.33 8.34 9.33
C GLU A 78 -9.49 7.27 8.63
N ILE A 79 -9.60 6.02 9.10
CA ILE A 79 -8.87 4.91 8.51
C ILE A 79 -9.81 4.04 7.69
N LYS A 80 -9.33 3.55 6.55
CA LYS A 80 -10.14 2.72 5.68
C LYS A 80 -9.29 2.05 4.62
N THR A 81 -8.37 2.80 4.05
CA THR A 81 -7.49 2.30 3.01
C THR A 81 -6.41 1.38 3.55
N ASP A 82 -6.54 0.98 4.82
CA ASP A 82 -5.56 0.08 5.42
C ASP A 82 -4.17 0.68 5.44
N LEU A 83 -4.09 1.96 5.07
CA LEU A 83 -2.82 2.67 5.03
C LEU A 83 -1.91 2.05 3.97
N SER A 84 -2.41 1.96 2.73
CA SER A 84 -1.64 1.37 1.65
C SER A 84 -0.69 2.38 1.00
N PHE A 85 -0.09 3.26 1.81
CA PHE A 85 0.83 4.28 1.33
C PHE A 85 0.20 5.16 0.26
N GLY A 86 0.45 6.46 0.33
CA GLY A 86 -0.10 7.37 -0.65
C GLY A 86 -1.51 7.77 -0.31
N SER A 87 -1.81 7.92 0.97
CA SER A 87 -3.15 8.29 1.40
C SER A 87 -3.14 9.35 2.50
N GLN A 88 -4.27 10.02 2.59
CA GLN A 88 -4.48 11.06 3.57
C GLN A 88 -5.58 10.64 4.55
N ILE A 89 -5.32 10.81 5.84
CA ILE A 89 -6.29 10.44 6.87
C ILE A 89 -6.61 11.63 7.76
N GLU A 90 -7.75 12.26 7.51
CA GLU A 90 -8.16 13.42 8.29
C GLU A 90 -8.64 13.01 9.68
N PHE A 91 -8.13 13.71 10.68
CA PHE A 91 -8.49 13.44 12.07
C PHE A 91 -9.60 14.38 12.52
N SER A 92 -10.41 13.93 13.48
CA SER A 92 -11.51 14.74 13.98
C SER A 92 -11.54 14.74 15.51
N CYS A 93 -11.26 15.89 16.10
CA CYS A 93 -11.27 16.01 17.54
C CYS A 93 -12.71 16.16 18.02
N SER A 94 -13.14 15.25 18.90
CA SER A 94 -14.51 15.25 19.41
C SER A 94 -14.96 16.63 19.87
N GLU A 95 -16.26 16.77 20.11
CA GLU A 95 -16.85 18.02 20.56
C GLU A 95 -16.03 18.64 21.70
N GLY A 96 -16.08 19.97 21.78
CA GLY A 96 -15.35 20.69 22.81
C GLY A 96 -13.86 20.73 22.56
N PHE A 97 -13.32 19.67 21.94
CA PHE A 97 -11.89 19.61 21.68
C PHE A 97 -11.65 19.73 20.18
N PHE A 98 -10.81 20.68 19.77
CA PHE A 98 -10.51 20.87 18.36
C PHE A 98 -9.22 20.19 17.98
N LEU A 99 -9.00 20.13 16.67
CA LEU A 99 -7.82 19.49 16.10
C LEU A 99 -6.65 20.45 15.99
N ILE A 100 -5.47 19.93 16.31
CA ILE A 100 -4.22 20.68 16.25
C ILE A 100 -3.06 19.71 16.14
N GLY A 101 -2.50 19.65 14.95
CA GLY A 101 -1.41 18.76 14.65
C GLY A 101 -1.51 18.22 13.24
N SER A 102 -1.88 19.10 12.32
CA SER A 102 -2.06 18.73 10.92
C SER A 102 -3.26 17.79 10.78
N THR A 103 -4.38 18.34 10.32
CA THR A 103 -5.59 17.55 10.17
C THR A 103 -5.42 16.50 9.09
N THR A 104 -4.30 16.55 8.40
CA THR A 104 -4.01 15.59 7.37
C THR A 104 -2.81 14.76 7.77
N SER A 105 -2.70 13.55 7.24
CA SER A 105 -1.58 12.69 7.53
C SER A 105 -1.24 11.86 6.29
N ARG A 106 -0.07 12.12 5.72
CA ARG A 106 0.37 11.42 4.52
C ARG A 106 1.33 10.29 4.86
N CYS A 107 1.32 9.25 4.04
CA CYS A 107 2.18 8.10 4.25
C CYS A 107 3.44 8.20 3.41
N GLU A 108 4.59 8.28 4.07
CA GLU A 108 5.85 8.43 3.39
C GLU A 108 6.77 7.23 3.67
N VAL A 109 7.88 7.18 2.93
CA VAL A 109 8.83 6.08 3.11
C VAL A 109 10.28 6.56 3.06
N GLN A 110 11.05 6.10 4.04
CA GLN A 110 12.46 6.47 4.13
C GLN A 110 13.31 5.35 4.72
N ASP A 111 13.10 4.13 4.25
CA ASP A 111 13.85 2.98 4.74
C ASP A 111 13.45 1.71 4.00
N ARG A 112 12.51 0.97 4.56
CA ARG A 112 12.01 -0.25 3.96
C ARG A 112 10.78 -0.74 4.70
N GLY A 113 10.33 0.06 5.66
CA GLY A 113 9.14 -0.28 6.42
C GLY A 113 8.20 0.88 6.58
N VAL A 114 8.32 1.84 5.66
CA VAL A 114 7.47 3.03 5.66
C VAL A 114 7.70 3.87 6.91
N GLY A 115 7.58 5.18 6.73
CA GLY A 115 7.82 6.05 7.87
C GLY A 115 6.83 7.19 8.05
N TRP A 116 5.70 6.96 8.73
CA TRP A 116 4.71 8.02 8.96
C TRP A 116 5.37 9.34 9.32
N SER A 117 4.85 10.43 8.76
CA SER A 117 5.38 11.76 9.03
C SER A 117 4.94 12.23 10.41
N HIS A 118 3.66 12.01 10.73
CA HIS A 118 3.10 12.41 12.02
C HIS A 118 1.65 11.95 12.15
N PRO A 119 1.37 11.02 13.08
CA PRO A 119 0.03 10.49 13.30
C PRO A 119 -0.74 11.26 14.36
N LEU A 120 -1.74 10.59 14.93
CA LEU A 120 -2.60 11.15 15.99
C LEU A 120 -2.10 12.50 16.51
N PRO A 121 -2.72 13.61 16.05
CA PRO A 121 -2.35 14.96 16.47
C PRO A 121 -2.71 15.20 17.93
N GLN A 122 -2.91 16.47 18.28
CA GLN A 122 -3.25 16.83 19.65
C GLN A 122 -4.68 17.39 19.75
N CYS A 123 -5.54 16.65 20.44
CA CYS A 123 -6.92 17.11 20.62
C CYS A 123 -7.04 17.85 21.94
N GLU A 124 -7.25 19.16 21.88
CA GLU A 124 -7.35 19.98 23.08
C GLU A 124 -8.65 20.77 23.08
N ILE A 125 -9.18 20.98 24.28
CA ILE A 125 -10.43 21.70 24.46
C ILE A 125 -10.31 23.15 24.00
N LEU A 126 -11.44 23.74 23.63
CA LEU A 126 -11.47 25.12 23.16
C LEU A 126 -11.30 26.10 24.33
N GLU A 127 -11.29 25.56 25.55
CA GLU A 127 -11.14 26.38 26.74
C GLU A 127 -9.69 26.78 26.96
N HIS A 128 -9.47 28.06 27.22
CA HIS A 128 -8.12 28.57 27.45
C HIS A 128 -8.12 29.65 28.53
N HIS A 129 -6.95 29.88 29.13
CA HIS A 129 -6.81 30.89 30.18
C HIS A 129 -5.54 31.70 29.97
N HIS A 130 -4.40 31.14 30.38
CA HIS A 130 -3.12 31.80 30.24
C HIS A 130 -3.16 33.20 30.83
N HIS A 131 -2.86 33.31 32.13
CA HIS A 131 -2.86 34.60 32.81
C HIS A 131 -1.78 34.64 33.89
N HIS A 132 -1.41 35.85 34.30
CA HIS A 132 -0.39 36.03 35.32
C HIS A 132 -1.01 36.33 36.68
N HIS A 133 -1.66 37.49 36.77
CA HIS A 133 -2.29 37.91 38.02
C HIS A 133 -3.68 37.30 38.15
N MET A 1 11.59 -20.32 -26.67
CA MET A 1 11.46 -21.51 -25.79
C MET A 1 10.43 -21.27 -24.70
N ASN A 2 9.52 -22.22 -24.52
CA ASN A 2 8.48 -22.12 -23.50
C ASN A 2 9.03 -22.40 -22.11
N CYS A 3 8.50 -21.68 -21.12
CA CYS A 3 8.94 -21.84 -19.74
C CYS A 3 8.07 -22.84 -19.01
N GLY A 4 8.38 -23.06 -17.73
CA GLY A 4 7.59 -23.98 -16.92
C GLY A 4 6.36 -23.28 -16.34
N PRO A 5 5.39 -24.05 -15.81
CA PRO A 5 4.18 -23.47 -15.22
C PRO A 5 4.45 -22.25 -14.36
N PRO A 6 3.70 -21.15 -14.58
CA PRO A 6 3.87 -19.89 -13.84
C PRO A 6 3.91 -20.09 -12.32
N PRO A 7 4.96 -19.55 -11.67
CA PRO A 7 5.12 -19.63 -10.21
C PRO A 7 4.25 -18.61 -9.49
N THR A 8 4.36 -18.65 -8.17
CA THR A 8 3.60 -17.77 -7.29
C THR A 8 4.46 -16.59 -6.84
N LEU A 9 3.90 -15.39 -6.90
CA LEU A 9 4.63 -14.20 -6.49
C LEU A 9 4.13 -13.66 -5.16
N SER A 10 4.69 -12.53 -4.75
CA SER A 10 4.31 -11.89 -3.50
C SER A 10 3.59 -10.57 -3.75
N PHE A 11 4.33 -9.55 -4.17
CA PHE A 11 3.74 -8.24 -4.44
C PHE A 11 2.71 -8.34 -5.57
N ALA A 12 2.57 -9.53 -6.13
CA ALA A 12 1.61 -9.74 -7.21
C ALA A 12 1.08 -11.17 -7.23
N ALA A 13 -0.12 -11.30 -7.80
CA ALA A 13 -0.75 -12.61 -7.95
C ALA A 13 -1.42 -12.72 -9.32
N PRO A 14 -1.67 -13.95 -9.81
CA PRO A 14 -2.32 -14.17 -11.10
C PRO A 14 -3.51 -13.24 -11.32
N MET A 15 -3.69 -12.77 -12.55
CA MET A 15 -4.80 -11.87 -12.86
C MET A 15 -5.50 -12.26 -14.15
N ASP A 16 -4.71 -12.53 -15.18
CA ASP A 16 -5.25 -12.92 -16.47
C ASP A 16 -4.18 -13.61 -17.32
N ILE A 17 -3.79 -14.80 -16.89
CA ILE A 17 -2.78 -15.58 -17.58
C ILE A 17 -3.43 -16.62 -18.48
N THR A 18 -4.75 -16.56 -18.55
CA THR A 18 -5.54 -17.49 -19.32
C THR A 18 -5.10 -18.93 -19.10
N LEU A 19 -5.70 -19.56 -18.11
CA LEU A 19 -5.39 -20.93 -17.77
C LEU A 19 -5.88 -21.88 -18.85
N THR A 20 -5.09 -21.98 -19.91
CA THR A 20 -5.43 -22.86 -21.03
C THR A 20 -4.18 -23.51 -21.61
N GLU A 21 -3.03 -22.94 -21.29
CA GLU A 21 -1.74 -23.46 -21.77
C GLU A 21 -0.78 -23.70 -20.60
N THR A 22 -0.15 -24.86 -20.62
CA THR A 22 0.82 -25.22 -19.57
C THR A 22 2.13 -24.49 -19.77
N ARG A 23 2.37 -24.05 -21.00
CA ARG A 23 3.60 -23.34 -21.34
C ARG A 23 3.29 -21.95 -21.89
N PHE A 24 4.31 -21.10 -21.92
CA PHE A 24 4.19 -19.73 -22.42
C PHE A 24 5.49 -19.33 -23.12
N LYS A 25 5.42 -19.11 -24.43
CA LYS A 25 6.61 -18.75 -25.20
C LYS A 25 7.34 -17.54 -24.62
N THR A 26 8.50 -17.24 -25.19
CA THR A 26 9.30 -16.12 -24.74
C THR A 26 8.71 -14.78 -25.15
N GLY A 27 7.73 -14.83 -26.04
CA GLY A 27 7.08 -13.62 -26.51
C GLY A 27 5.82 -13.32 -25.74
N THR A 28 5.39 -14.29 -24.94
CA THR A 28 4.18 -14.16 -24.13
C THR A 28 4.35 -13.13 -23.02
N THR A 29 3.25 -12.71 -22.42
CA THR A 29 3.28 -11.75 -21.33
C THR A 29 1.98 -11.77 -20.54
N LEU A 30 2.10 -12.01 -19.23
CA LEU A 30 0.94 -12.08 -18.36
C LEU A 30 0.54 -10.71 -17.82
N LYS A 31 -0.31 -10.70 -16.80
CA LYS A 31 -0.78 -9.45 -16.20
C LYS A 31 -0.44 -9.40 -14.72
N TYR A 32 -1.07 -10.28 -13.95
CA TYR A 32 -0.84 -10.34 -12.49
C TYR A 32 -1.37 -9.09 -11.80
N THR A 33 -2.27 -9.30 -10.84
CA THR A 33 -2.86 -8.20 -10.08
C THR A 33 -2.14 -8.05 -8.75
N CYS A 34 -1.17 -7.14 -8.73
CA CYS A 34 -0.37 -6.89 -7.53
C CYS A 34 -1.22 -6.57 -6.30
N LEU A 35 -1.00 -7.38 -5.27
CA LEU A 35 -1.71 -7.25 -3.99
C LEU A 35 -1.97 -5.77 -3.66
N PRO A 36 -3.24 -5.42 -3.38
CA PRO A 36 -3.66 -4.05 -3.08
C PRO A 36 -2.73 -3.24 -2.18
N GLY A 37 -1.83 -3.91 -1.45
CA GLY A 37 -0.92 -3.21 -0.56
C GLY A 37 0.29 -2.61 -1.24
N TYR A 38 0.40 -2.77 -2.56
CA TYR A 38 1.52 -2.22 -3.29
C TYR A 38 1.20 -0.83 -3.80
N VAL A 39 2.20 0.02 -3.94
CA VAL A 39 2.04 1.36 -4.44
C VAL A 39 2.75 1.46 -5.78
N ARG A 40 3.22 2.65 -6.13
CA ARG A 40 3.89 2.83 -7.42
C ARG A 40 5.21 3.57 -7.29
N SER A 41 6.23 2.99 -7.93
CA SER A 41 7.57 3.55 -7.98
C SER A 41 8.15 3.31 -9.37
N HIS A 42 7.62 2.26 -10.00
CA HIS A 42 8.01 1.88 -11.35
C HIS A 42 6.75 1.56 -12.14
N SER A 43 5.70 1.20 -11.40
CA SER A 43 4.39 0.88 -11.97
C SER A 43 4.41 -0.39 -12.82
N THR A 44 5.60 -0.91 -13.09
CA THR A 44 5.75 -2.12 -13.88
C THR A 44 5.07 -3.30 -13.19
N GLN A 45 4.67 -4.29 -13.99
CA GLN A 45 4.00 -5.48 -13.47
C GLN A 45 3.68 -6.47 -14.59
N THR A 46 4.69 -7.20 -15.05
CA THR A 46 4.51 -8.17 -16.13
C THR A 46 5.54 -9.29 -16.07
N LEU A 47 5.13 -10.48 -16.47
CA LEU A 47 6.00 -11.64 -16.49
C LEU A 47 6.16 -12.15 -17.91
N THR A 48 7.35 -11.96 -18.48
CA THR A 48 7.63 -12.41 -19.84
C THR A 48 8.65 -13.53 -19.83
N CYS A 49 8.54 -14.46 -20.77
CA CYS A 49 9.48 -15.54 -20.84
C CYS A 49 10.74 -15.05 -21.53
N ASN A 50 11.85 -15.14 -20.80
CA ASN A 50 13.13 -14.76 -21.34
C ASN A 50 13.89 -16.01 -21.76
N SER A 51 15.08 -15.84 -22.32
CA SER A 51 15.88 -16.98 -22.75
C SER A 51 16.66 -17.54 -21.57
N ASP A 52 15.92 -18.05 -20.59
CA ASP A 52 16.47 -18.63 -19.37
C ASP A 52 15.52 -19.68 -18.82
N GLY A 53 14.42 -19.89 -19.54
CA GLY A 53 13.43 -20.85 -19.11
C GLY A 53 12.78 -20.45 -17.79
N GLU A 54 12.93 -19.16 -17.49
CA GLU A 54 12.36 -18.58 -16.29
C GLU A 54 11.68 -17.25 -16.60
N TRP A 55 10.96 -16.71 -15.63
CA TRP A 55 10.28 -15.45 -15.78
C TRP A 55 11.12 -14.31 -15.22
N VAL A 56 11.53 -13.43 -16.12
CA VAL A 56 12.35 -12.27 -15.78
C VAL A 56 11.42 -11.07 -15.66
N TYR A 57 11.71 -10.16 -14.74
CA TYR A 57 10.87 -8.97 -14.59
C TYR A 57 11.26 -8.07 -13.43
N ASN A 58 12.42 -8.35 -12.82
CA ASN A 58 12.91 -7.57 -11.69
C ASN A 58 11.80 -7.37 -10.66
N THR A 59 11.99 -6.40 -9.77
CA THR A 59 10.98 -6.11 -8.76
C THR A 59 10.00 -5.07 -9.29
N PHE A 60 8.95 -5.54 -9.96
CA PHE A 60 7.95 -4.66 -10.54
C PHE A 60 7.22 -3.86 -9.47
N CYS A 61 5.91 -4.12 -9.30
CA CYS A 61 5.11 -3.42 -8.31
C CYS A 61 5.87 -3.24 -7.01
N ILE A 62 5.95 -2.00 -6.55
CA ILE A 62 6.67 -1.70 -5.31
C ILE A 62 5.75 -1.80 -4.11
N TYR A 63 5.71 -2.98 -3.52
CA TYR A 63 4.88 -3.23 -2.36
C TYR A 63 5.50 -2.63 -1.10
N LYS A 64 4.86 -1.58 -0.58
CA LYS A 64 5.33 -0.91 0.61
C LYS A 64 4.20 -0.10 1.24
N ARG A 65 3.94 -0.34 2.52
CA ARG A 65 2.89 0.38 3.22
C ARG A 65 3.45 1.09 4.45
N CYS A 66 2.56 1.59 5.29
CA CYS A 66 2.96 2.31 6.48
C CYS A 66 2.23 1.74 7.69
N ARG A 67 2.96 1.45 8.76
CA ARG A 67 2.34 0.90 9.95
C ARG A 67 1.24 1.82 10.45
N HIS A 68 0.15 1.23 10.91
CA HIS A 68 -0.97 1.99 11.41
C HIS A 68 -0.56 2.76 12.67
N PRO A 69 -0.64 4.11 12.65
CA PRO A 69 -0.28 4.93 13.80
C PRO A 69 -1.03 4.48 15.05
N GLY A 70 -2.07 3.69 14.85
CA GLY A 70 -2.87 3.21 15.96
C GLY A 70 -4.01 4.15 16.27
N GLU A 71 -5.06 3.60 16.84
CA GLU A 71 -6.24 4.37 17.21
C GLU A 71 -5.92 5.80 17.63
N LEU A 72 -6.78 6.71 17.21
CA LEU A 72 -6.66 8.12 17.56
C LEU A 72 -7.67 8.40 18.66
N ARG A 73 -7.19 8.48 19.90
CA ARG A 73 -8.06 8.73 21.04
C ARG A 73 -8.76 10.08 20.92
N ASN A 74 -10.08 10.01 21.02
CA ASN A 74 -10.96 11.17 20.88
C ASN A 74 -11.10 11.50 19.40
N GLY A 75 -10.57 10.62 18.56
CA GLY A 75 -10.66 10.85 17.13
C GLY A 75 -11.07 9.63 16.34
N GLN A 76 -11.06 9.77 15.01
CA GLN A 76 -11.44 8.68 14.13
C GLN A 76 -10.53 8.62 12.90
N VAL A 77 -9.39 7.96 13.05
CA VAL A 77 -8.41 7.82 11.97
C VAL A 77 -9.07 7.39 10.66
N GLU A 78 -9.07 8.27 9.67
CA GLU A 78 -9.66 7.95 8.38
C GLU A 78 -8.70 7.08 7.56
N ILE A 79 -8.95 5.78 7.57
CA ILE A 79 -8.10 4.85 6.83
C ILE A 79 -8.92 4.07 5.80
N LYS A 80 -8.26 3.60 4.75
CA LYS A 80 -8.92 2.85 3.69
C LYS A 80 -7.91 2.24 2.74
N THR A 81 -6.90 3.02 2.41
CA THR A 81 -5.86 2.59 1.49
C THR A 81 -4.87 1.63 2.14
N ASP A 82 -5.23 1.07 3.30
CA ASP A 82 -4.36 0.12 3.99
C ASP A 82 -3.03 0.76 4.37
N LEU A 83 -2.96 2.08 4.21
CA LEU A 83 -1.75 2.84 4.50
C LEU A 83 -0.67 2.46 3.49
N SER A 84 -1.01 2.57 2.21
CA SER A 84 -0.05 2.27 1.16
C SER A 84 0.67 3.55 0.71
N PHE A 85 2.00 3.50 0.69
CA PHE A 85 2.83 4.64 0.30
C PHE A 85 2.12 5.54 -0.71
N GLY A 86 2.23 6.85 -0.49
CA GLY A 86 1.60 7.80 -1.40
C GLY A 86 0.12 7.95 -1.13
N SER A 87 -0.23 8.20 0.13
CA SER A 87 -1.63 8.37 0.50
C SER A 87 -1.77 9.19 1.78
N GLN A 88 -2.92 9.84 1.90
CA GLN A 88 -3.19 10.66 3.08
C GLN A 88 -4.37 10.10 3.86
N ILE A 89 -4.25 10.16 5.18
CA ILE A 89 -5.28 9.66 6.06
C ILE A 89 -5.72 10.74 7.05
N GLU A 90 -6.76 11.48 6.67
CA GLU A 90 -7.26 12.56 7.51
C GLU A 90 -7.65 12.03 8.89
N PHE A 91 -7.70 12.94 9.86
CA PHE A 91 -8.08 12.59 11.22
C PHE A 91 -9.22 13.50 11.66
N SER A 92 -10.13 12.98 12.49
CA SER A 92 -11.26 13.77 12.94
C SER A 92 -11.44 13.71 14.46
N CYS A 93 -11.36 14.87 15.09
CA CYS A 93 -11.53 14.95 16.54
C CYS A 93 -13.02 15.07 16.85
N SER A 94 -13.55 14.08 17.57
CA SER A 94 -14.97 14.05 17.92
C SER A 94 -15.48 15.37 18.48
N GLU A 95 -16.80 15.48 18.58
CA GLU A 95 -17.45 16.67 19.09
C GLU A 95 -16.75 17.17 20.35
N GLY A 96 -16.82 18.48 20.57
CA GLY A 96 -16.19 19.08 21.73
C GLY A 96 -14.68 19.18 21.62
N PHE A 97 -14.06 18.21 20.96
CA PHE A 97 -12.61 18.22 20.82
C PHE A 97 -12.23 18.49 19.37
N PHE A 98 -11.33 19.46 19.16
CA PHE A 98 -10.89 19.82 17.82
C PHE A 98 -9.57 19.14 17.47
N LEU A 99 -9.22 19.22 16.19
CA LEU A 99 -7.99 18.62 15.70
C LEU A 99 -6.82 19.57 15.79
N ILE A 100 -5.67 19.01 16.13
CA ILE A 100 -4.41 19.74 16.24
C ILE A 100 -3.26 18.77 16.12
N GLY A 101 -2.90 18.52 14.86
CA GLY A 101 -1.82 17.61 14.54
C GLY A 101 -1.79 17.25 13.08
N SER A 102 -2.01 18.25 12.23
CA SER A 102 -2.02 18.05 10.78
C SER A 102 -3.15 17.09 10.39
N THR A 103 -4.22 17.66 9.81
CA THR A 103 -5.37 16.86 9.40
C THR A 103 -5.02 15.89 8.29
N THR A 104 -3.79 15.94 7.81
CA THR A 104 -3.36 15.04 6.76
C THR A 104 -2.17 14.22 7.22
N SER A 105 -1.94 13.09 6.54
CA SER A 105 -0.81 12.24 6.86
C SER A 105 -0.33 11.57 5.57
N ARG A 106 0.89 11.89 5.15
CA ARG A 106 1.44 11.36 3.91
C ARG A 106 2.41 10.21 4.16
N CYS A 107 2.41 9.25 3.24
CA CYS A 107 3.28 8.09 3.33
C CYS A 107 4.51 8.27 2.47
N GLU A 108 5.66 8.29 3.11
CA GLU A 108 6.94 8.48 2.42
C GLU A 108 7.86 7.31 2.75
N VAL A 109 9.12 7.42 2.37
CA VAL A 109 10.09 6.35 2.67
C VAL A 109 11.35 6.88 3.33
N GLN A 110 11.73 6.20 4.42
CA GLN A 110 12.92 6.55 5.18
C GLN A 110 13.12 5.59 6.34
N ASP A 111 12.67 4.36 6.16
CA ASP A 111 12.79 3.33 7.18
C ASP A 111 12.94 1.95 6.56
N ARG A 112 11.97 1.08 6.79
CA ARG A 112 12.00 -0.26 6.25
C ARG A 112 11.36 -0.30 4.87
N GLY A 113 11.78 0.64 4.03
CA GLY A 113 11.24 0.71 2.70
C GLY A 113 10.18 1.77 2.60
N VAL A 114 9.84 2.35 3.74
CA VAL A 114 8.84 3.40 3.78
C VAL A 114 8.71 4.02 5.18
N GLY A 115 8.58 5.34 5.18
CA GLY A 115 8.46 6.04 6.45
C GLY A 115 7.15 6.83 6.57
N TRP A 116 6.64 7.00 7.78
CA TRP A 116 5.41 7.77 7.97
C TRP A 116 5.72 9.26 8.02
N SER A 117 4.69 10.08 8.16
CA SER A 117 4.87 11.53 8.22
C SER A 117 4.38 12.08 9.56
N HIS A 118 3.24 11.58 10.02
CA HIS A 118 2.67 12.00 11.30
C HIS A 118 1.53 11.07 11.69
N PRO A 119 1.44 10.71 12.99
CA PRO A 119 0.41 9.82 13.50
C PRO A 119 -0.84 10.58 13.97
N LEU A 120 -1.54 9.99 14.93
CA LEU A 120 -2.75 10.57 15.50
C LEU A 120 -2.50 11.98 16.05
N PRO A 121 -3.33 12.96 15.65
CA PRO A 121 -3.20 14.34 16.12
C PRO A 121 -3.60 14.48 17.58
N GLN A 122 -3.81 15.72 18.03
CA GLN A 122 -4.20 15.98 19.41
C GLN A 122 -5.66 16.44 19.49
N CYS A 123 -6.49 15.65 20.17
CA CYS A 123 -7.90 16.00 20.32
C CYS A 123 -8.15 16.57 21.70
N GLU A 124 -8.39 17.87 21.77
CA GLU A 124 -8.63 18.54 23.05
C GLU A 124 -9.93 19.36 23.00
N ILE A 125 -10.60 19.41 24.14
CA ILE A 125 -11.86 20.12 24.26
C ILE A 125 -11.69 21.60 23.91
N LEU A 126 -12.69 22.17 23.25
CA LEU A 126 -12.65 23.58 22.87
C LEU A 126 -12.62 24.47 24.10
N GLU A 127 -13.58 24.28 25.00
CA GLU A 127 -13.65 25.06 26.23
C GLU A 127 -12.59 24.61 27.22
N HIS A 128 -11.75 25.56 27.65
CA HIS A 128 -10.68 25.26 28.59
C HIS A 128 -9.69 24.26 28.01
N HIS A 129 -8.62 23.98 28.75
CA HIS A 129 -7.60 23.05 28.31
C HIS A 129 -6.55 22.82 29.39
N HIS A 130 -6.60 23.66 30.43
CA HIS A 130 -5.66 23.55 31.54
C HIS A 130 -5.86 22.25 32.30
N HIS A 131 -7.01 22.11 32.94
CA HIS A 131 -7.33 20.91 33.70
C HIS A 131 -8.83 20.62 33.69
N HIS A 132 -9.21 19.44 34.16
CA HIS A 132 -10.62 19.05 34.21
C HIS A 132 -10.97 18.45 35.56
N HIS A 133 -12.26 18.30 35.83
CA HIS A 133 -12.73 17.74 37.09
C HIS A 133 -12.18 18.53 38.27
N MET A 1 12.19 -26.37 -24.41
CA MET A 1 11.01 -25.68 -25.01
C MET A 1 10.12 -25.07 -23.93
N ASN A 2 9.80 -23.79 -24.10
CA ASN A 2 8.94 -23.07 -23.14
C ASN A 2 9.62 -22.94 -21.79
N CYS A 3 9.14 -22.01 -20.98
CA CYS A 3 9.70 -21.76 -19.65
C CYS A 3 9.01 -22.60 -18.58
N GLY A 4 7.99 -23.36 -18.96
CA GLY A 4 7.27 -24.18 -18.01
C GLY A 4 6.05 -23.47 -17.45
N PRO A 5 5.08 -24.20 -16.90
CA PRO A 5 3.85 -23.61 -16.34
C PRO A 5 4.16 -22.41 -15.43
N PRO A 6 3.42 -21.30 -15.61
CA PRO A 6 3.61 -20.08 -14.82
C PRO A 6 3.56 -20.32 -13.32
N PRO A 7 4.70 -20.12 -12.63
CA PRO A 7 4.79 -20.29 -11.18
C PRO A 7 3.90 -19.31 -10.43
N THR A 8 4.01 -19.39 -9.11
CA THR A 8 3.26 -18.55 -8.20
C THR A 8 4.13 -17.41 -7.72
N LEU A 9 3.62 -16.20 -7.78
CA LEU A 9 4.37 -15.03 -7.33
C LEU A 9 3.71 -14.36 -6.13
N SER A 10 4.22 -13.20 -5.78
CA SER A 10 3.69 -12.44 -4.66
C SER A 10 3.53 -10.97 -5.02
N PHE A 11 4.49 -10.46 -5.80
CA PHE A 11 4.45 -9.07 -6.21
C PHE A 11 3.33 -8.83 -7.23
N ALA A 12 2.84 -9.93 -7.80
CA ALA A 12 1.76 -9.83 -8.78
C ALA A 12 0.88 -11.09 -8.78
N ALA A 13 -0.34 -10.89 -9.27
CA ALA A 13 -1.30 -11.98 -9.42
C ALA A 13 -1.90 -12.00 -10.81
N PRO A 14 -2.20 -13.20 -11.36
CA PRO A 14 -2.77 -13.34 -12.69
C PRO A 14 -3.95 -12.38 -12.93
N MET A 15 -4.09 -11.91 -14.17
CA MET A 15 -5.17 -10.99 -14.50
C MET A 15 -5.50 -11.05 -15.99
N ASP A 16 -4.63 -11.69 -16.77
CA ASP A 16 -4.86 -11.78 -18.22
C ASP A 16 -4.32 -13.09 -18.78
N ILE A 17 -4.00 -14.04 -17.91
CA ILE A 17 -3.47 -15.33 -18.35
C ILE A 17 -4.37 -16.46 -17.93
N THR A 18 -4.89 -16.36 -16.72
CA THR A 18 -5.74 -17.40 -16.16
C THR A 18 -4.97 -18.71 -16.12
N LEU A 19 -4.48 -19.09 -14.95
CA LEU A 19 -3.71 -20.31 -14.81
C LEU A 19 -4.55 -21.52 -15.21
N THR A 20 -4.54 -21.82 -16.50
CA THR A 20 -5.29 -22.95 -17.02
C THR A 20 -4.52 -23.63 -18.15
N GLU A 21 -3.55 -22.92 -18.70
CA GLU A 21 -2.72 -23.44 -19.79
C GLU A 21 -1.57 -24.27 -19.23
N THR A 22 -0.59 -24.54 -20.07
CA THR A 22 0.56 -25.34 -19.65
C THR A 22 1.89 -24.69 -20.03
N ARG A 23 2.04 -24.31 -21.30
CA ARG A 23 3.28 -23.73 -21.78
C ARG A 23 3.05 -22.34 -22.38
N PHE A 24 4.12 -21.53 -22.43
CA PHE A 24 4.05 -20.17 -22.98
C PHE A 24 5.39 -19.82 -23.63
N LYS A 25 5.39 -19.73 -24.96
CA LYS A 25 6.61 -19.42 -25.73
C LYS A 25 7.38 -18.23 -25.15
N THR A 26 8.60 -18.05 -25.63
CA THR A 26 9.46 -16.97 -25.18
C THR A 26 8.95 -15.61 -25.60
N GLY A 27 7.91 -15.60 -26.42
CA GLY A 27 7.35 -14.35 -26.89
C GLY A 27 6.14 -13.93 -26.09
N THR A 28 5.60 -14.87 -25.33
CA THR A 28 4.42 -14.62 -24.50
C THR A 28 4.70 -13.54 -23.46
N THR A 29 3.63 -12.98 -22.89
CA THR A 29 3.77 -11.95 -21.88
C THR A 29 2.50 -11.85 -21.03
N LEU A 30 2.66 -12.03 -19.72
CA LEU A 30 1.54 -11.98 -18.79
C LEU A 30 1.29 -10.56 -18.31
N LYS A 31 0.10 -10.30 -17.77
CA LYS A 31 -0.25 -8.98 -17.26
C LYS A 31 0.07 -8.91 -15.77
N TYR A 32 -0.77 -9.54 -14.97
CA TYR A 32 -0.57 -9.58 -13.52
C TYR A 32 -0.73 -8.20 -12.87
N THR A 33 -1.37 -8.20 -11.70
CA THR A 33 -1.58 -6.98 -10.94
C THR A 33 -0.89 -7.05 -9.58
N CYS A 34 -0.57 -5.89 -9.00
CA CYS A 34 0.11 -5.86 -7.71
C CYS A 34 -0.84 -5.56 -6.56
N LEU A 35 -0.70 -6.39 -5.52
CA LEU A 35 -1.52 -6.30 -4.32
C LEU A 35 -1.64 -4.85 -3.83
N PRO A 36 -2.66 -4.55 -3.02
CA PRO A 36 -2.92 -3.20 -2.51
C PRO A 36 -1.71 -2.56 -1.82
N GLY A 37 -0.82 -3.39 -1.28
CA GLY A 37 0.35 -2.87 -0.59
C GLY A 37 1.46 -2.37 -1.50
N TYR A 38 1.37 -2.64 -2.79
CA TYR A 38 2.39 -2.18 -3.72
C TYR A 38 2.09 -0.78 -4.19
N VAL A 39 3.12 0.06 -4.27
CA VAL A 39 3.02 1.44 -4.71
C VAL A 39 3.82 1.58 -6.00
N ARG A 40 4.36 2.76 -6.25
CA ARG A 40 5.12 3.00 -7.47
C ARG A 40 6.63 3.06 -7.23
N SER A 41 7.35 2.39 -8.13
CA SER A 41 8.81 2.35 -8.11
C SER A 41 9.33 1.71 -9.38
N HIS A 42 8.41 1.11 -10.15
CA HIS A 42 8.75 0.45 -11.41
C HIS A 42 7.72 0.77 -12.48
N SER A 43 6.45 0.81 -12.06
CA SER A 43 5.33 1.12 -12.95
C SER A 43 5.04 0.01 -13.95
N THR A 44 5.95 -0.95 -14.07
CA THR A 44 5.77 -2.06 -15.01
C THR A 44 5.55 -3.38 -14.27
N GLN A 45 5.04 -4.38 -14.99
CA GLN A 45 4.78 -5.70 -14.42
C GLN A 45 4.33 -6.68 -15.49
N THR A 46 5.23 -7.56 -15.91
CA THR A 46 4.92 -8.54 -16.94
C THR A 46 5.82 -9.77 -16.83
N LEU A 47 5.26 -10.93 -17.18
CA LEU A 47 6.00 -12.19 -17.14
C LEU A 47 6.20 -12.70 -18.56
N THR A 48 7.46 -12.77 -18.98
CA THR A 48 7.81 -13.25 -20.31
C THR A 48 8.73 -14.45 -20.23
N CYS A 49 8.66 -15.33 -21.22
CA CYS A 49 9.53 -16.49 -21.25
C CYS A 49 10.87 -16.06 -21.82
N ASN A 50 11.91 -16.20 -21.03
CA ASN A 50 13.25 -15.86 -21.48
C ASN A 50 13.96 -17.13 -21.97
N SER A 51 15.16 -16.98 -22.49
CA SER A 51 15.92 -18.12 -22.98
C SER A 51 16.73 -18.71 -21.82
N ASP A 52 15.99 -19.15 -20.82
CA ASP A 52 16.56 -19.74 -19.61
C ASP A 52 15.58 -20.75 -19.00
N GLY A 53 14.47 -20.96 -19.69
CA GLY A 53 13.45 -21.87 -19.20
C GLY A 53 12.93 -21.46 -17.83
N GLU A 54 13.21 -20.20 -17.52
CA GLU A 54 12.76 -19.61 -16.27
C GLU A 54 12.01 -18.32 -16.54
N TRP A 55 11.11 -17.96 -15.64
CA TRP A 55 10.35 -16.75 -15.77
C TRP A 55 11.13 -15.57 -15.20
N VAL A 56 11.57 -14.72 -16.11
CA VAL A 56 12.36 -13.55 -15.76
C VAL A 56 11.42 -12.35 -15.65
N TYR A 57 11.71 -11.42 -14.74
CA TYR A 57 10.83 -10.26 -14.62
C TYR A 57 11.26 -9.30 -13.51
N ASN A 58 12.37 -9.62 -12.85
CA ASN A 58 12.88 -8.80 -11.76
C ASN A 58 11.77 -8.46 -10.77
N THR A 59 12.06 -7.54 -9.85
CA THR A 59 11.06 -7.13 -8.87
C THR A 59 10.32 -5.89 -9.37
N PHE A 60 9.30 -6.11 -10.19
CA PHE A 60 8.54 -5.01 -10.75
C PHE A 60 7.81 -4.21 -9.66
N CYS A 61 6.51 -4.48 -9.45
CA CYS A 61 5.76 -3.77 -8.42
C CYS A 61 6.53 -3.72 -7.11
N ILE A 62 6.35 -2.65 -6.35
CA ILE A 62 7.06 -2.49 -5.09
C ILE A 62 6.11 -2.43 -3.90
N TYR A 63 6.34 -3.29 -2.92
CA TYR A 63 5.52 -3.34 -1.73
C TYR A 63 6.17 -2.55 -0.60
N LYS A 64 5.52 -1.48 -0.16
CA LYS A 64 6.03 -0.66 0.92
C LYS A 64 4.97 0.32 1.42
N ARG A 65 3.98 -0.18 2.16
CA ARG A 65 2.92 0.68 2.67
C ARG A 65 3.38 1.46 3.91
N CYS A 66 2.41 1.82 4.75
CA CYS A 66 2.68 2.58 5.96
C CYS A 66 2.04 1.90 7.15
N ARG A 67 2.78 1.80 8.26
CA ARG A 67 2.21 1.18 9.45
C ARG A 67 1.02 2.02 9.89
N HIS A 68 -0.06 1.36 10.28
CA HIS A 68 -1.26 2.05 10.69
C HIS A 68 -0.94 3.11 11.76
N PRO A 69 -1.45 4.34 11.59
CA PRO A 69 -1.23 5.44 12.53
C PRO A 69 -1.62 5.06 13.95
N GLY A 70 -2.66 4.24 14.06
CA GLY A 70 -3.13 3.81 15.35
C GLY A 70 -4.45 4.48 15.70
N GLU A 71 -4.87 4.26 16.94
CA GLU A 71 -6.10 4.84 17.45
C GLU A 71 -5.89 6.28 17.88
N LEU A 72 -6.79 7.14 17.41
CA LEU A 72 -6.75 8.55 17.76
C LEU A 72 -7.75 8.75 18.91
N ARG A 73 -7.25 8.81 20.14
CA ARG A 73 -8.13 8.98 21.28
C ARG A 73 -8.81 10.33 21.23
N ASN A 74 -10.13 10.27 21.42
CA ASN A 74 -11.01 11.43 21.40
C ASN A 74 -11.44 11.71 19.97
N GLY A 75 -11.31 10.71 19.09
CA GLY A 75 -11.73 10.93 17.72
C GLY A 75 -11.78 9.69 16.85
N GLN A 76 -11.51 9.91 15.56
CA GLN A 76 -11.55 8.82 14.60
C GLN A 76 -10.64 9.09 13.40
N VAL A 77 -9.37 8.70 13.51
CA VAL A 77 -8.41 8.90 12.43
C VAL A 77 -9.00 8.40 11.10
N GLU A 78 -8.98 9.25 10.08
CA GLU A 78 -9.51 8.87 8.77
C GLU A 78 -8.64 7.79 8.11
N ILE A 79 -9.09 6.54 8.18
CA ILE A 79 -8.36 5.42 7.58
C ILE A 79 -9.26 4.62 6.65
N LYS A 80 -8.67 4.07 5.59
CA LYS A 80 -9.44 3.30 4.62
C LYS A 80 -8.53 2.60 3.61
N THR A 81 -7.50 3.30 3.18
CA THR A 81 -6.57 2.77 2.20
C THR A 81 -5.63 1.72 2.76
N ASP A 82 -6.01 1.11 3.89
CA ASP A 82 -5.19 0.07 4.51
C ASP A 82 -3.81 0.60 4.86
N LEU A 83 -3.66 1.91 4.72
CA LEU A 83 -2.40 2.59 5.00
C LEU A 83 -1.32 2.17 4.00
N SER A 84 -1.61 2.32 2.71
CA SER A 84 -0.63 2.01 1.68
C SER A 84 0.10 3.29 1.27
N PHE A 85 1.43 3.24 1.25
CA PHE A 85 2.26 4.41 0.90
C PHE A 85 1.63 5.27 -0.19
N GLY A 86 1.82 6.58 -0.04
CA GLY A 86 1.28 7.53 -1.01
C GLY A 86 -0.17 7.87 -0.75
N SER A 87 -0.49 8.27 0.48
CA SER A 87 -1.86 8.62 0.82
C SER A 87 -1.94 9.60 1.98
N GLN A 88 -3.06 10.29 2.03
CA GLN A 88 -3.33 11.26 3.08
C GLN A 88 -4.48 10.77 3.95
N ILE A 89 -4.29 10.82 5.27
CA ILE A 89 -5.33 10.38 6.20
C ILE A 89 -5.68 11.47 7.19
N GLU A 90 -6.89 11.99 7.07
CA GLU A 90 -7.35 13.04 7.97
C GLU A 90 -7.66 12.46 9.34
N PHE A 91 -8.34 13.24 10.15
CA PHE A 91 -8.72 12.81 11.49
C PHE A 91 -10.05 13.45 11.87
N SER A 92 -10.56 13.17 13.06
CA SER A 92 -11.82 13.73 13.50
C SER A 92 -12.01 13.66 15.01
N CYS A 93 -11.84 14.81 15.64
CA CYS A 93 -12.02 14.88 17.09
C CYS A 93 -13.51 14.94 17.38
N SER A 94 -14.04 13.90 18.03
CA SER A 94 -15.47 13.80 18.31
C SER A 94 -15.96 14.75 19.40
N GLU A 95 -17.21 14.52 19.80
CA GLU A 95 -17.90 15.29 20.81
C GLU A 95 -17.00 15.67 22.00
N GLY A 96 -16.93 16.97 22.27
CA GLY A 96 -16.14 17.46 23.38
C GLY A 96 -14.67 17.67 23.06
N PHE A 97 -14.29 17.50 21.79
CA PHE A 97 -12.90 17.70 21.40
C PHE A 97 -12.80 18.13 19.93
N PHE A 98 -12.00 19.15 19.67
CA PHE A 98 -11.78 19.63 18.30
C PHE A 98 -10.38 19.21 17.86
N LEU A 99 -10.11 19.35 16.56
CA LEU A 99 -8.84 18.93 15.99
C LEU A 99 -7.73 19.97 16.11
N ILE A 100 -6.55 19.49 16.48
CA ILE A 100 -5.34 20.33 16.62
C ILE A 100 -4.11 19.45 16.55
N GLY A 101 -3.16 19.87 15.73
CA GLY A 101 -1.93 19.12 15.54
C GLY A 101 -1.52 19.05 14.08
N SER A 102 -2.35 18.37 13.31
CA SER A 102 -2.14 18.19 11.87
C SER A 102 -3.28 17.37 11.33
N THR A 103 -4.29 18.02 10.78
CA THR A 103 -5.47 17.34 10.28
C THR A 103 -5.14 16.40 9.13
N THR A 104 -3.93 16.50 8.60
CA THR A 104 -3.52 15.65 7.50
C THR A 104 -2.33 14.78 7.91
N SER A 105 -2.21 13.64 7.28
CA SER A 105 -1.09 12.74 7.52
C SER A 105 -0.73 12.03 6.21
N ARG A 106 0.49 12.25 5.74
CA ARG A 106 0.95 11.65 4.48
C ARG A 106 1.90 10.50 4.74
N CYS A 107 2.40 9.90 3.67
CA CYS A 107 3.31 8.77 3.77
C CYS A 107 4.63 9.06 3.07
N GLU A 108 5.68 9.14 3.86
CA GLU A 108 7.01 9.43 3.36
C GLU A 108 7.91 8.21 3.53
N VAL A 109 8.97 8.14 2.73
CA VAL A 109 9.87 7.02 2.81
C VAL A 109 11.27 7.42 3.20
N GLN A 110 11.76 6.78 4.26
CA GLN A 110 13.10 7.02 4.76
C GLN A 110 13.89 5.73 4.83
N ASP A 111 14.90 5.60 3.97
CA ASP A 111 15.72 4.40 3.93
C ASP A 111 14.84 3.16 3.75
N ARG A 112 15.17 2.08 4.43
CA ARG A 112 14.41 0.85 4.36
C ARG A 112 13.10 0.98 5.12
N GLY A 113 12.59 2.21 5.23
CA GLY A 113 11.35 2.44 5.93
C GLY A 113 10.43 3.36 5.16
N VAL A 114 9.14 3.23 5.42
CA VAL A 114 8.16 4.03 4.71
C VAL A 114 6.89 4.19 5.52
N GLY A 115 6.17 5.24 5.19
CA GLY A 115 4.90 5.44 5.85
C GLY A 115 4.69 6.82 6.43
N TRP A 116 3.71 6.90 7.33
CA TRP A 116 3.33 8.16 7.96
C TRP A 116 4.47 8.77 8.77
N SER A 117 4.52 10.10 8.77
CA SER A 117 5.54 10.82 9.52
C SER A 117 4.92 11.34 10.82
N HIS A 118 3.60 11.49 10.82
CA HIS A 118 2.86 11.97 11.99
C HIS A 118 1.48 11.31 12.05
N PRO A 119 1.18 10.60 13.15
CA PRO A 119 -0.10 9.91 13.34
C PRO A 119 -1.13 10.75 14.07
N LEU A 120 -2.01 10.07 14.81
CA LEU A 120 -3.07 10.71 15.58
C LEU A 120 -2.63 12.05 16.16
N PRO A 121 -3.36 13.13 15.84
CA PRO A 121 -3.06 14.48 16.33
C PRO A 121 -3.50 14.67 17.78
N GLN A 122 -3.68 15.92 18.18
CA GLN A 122 -4.10 16.23 19.54
C GLN A 122 -5.53 16.74 19.59
N CYS A 123 -6.41 15.97 20.24
CA CYS A 123 -7.81 16.37 20.38
C CYS A 123 -8.01 16.98 21.77
N GLU A 124 -8.08 18.30 21.85
CA GLU A 124 -8.27 18.94 23.14
C GLU A 124 -9.67 18.67 23.66
N ILE A 125 -10.35 19.71 24.14
CA ILE A 125 -11.67 19.57 24.70
C ILE A 125 -12.42 20.89 24.68
N LEU A 126 -13.59 20.90 24.04
CA LEU A 126 -14.41 22.10 23.94
C LEU A 126 -14.83 22.58 25.33
N GLU A 127 -14.69 21.71 26.32
CA GLU A 127 -15.04 22.04 27.71
C GLU A 127 -16.51 22.40 27.85
N HIS A 128 -17.29 21.47 28.40
CA HIS A 128 -18.71 21.68 28.61
C HIS A 128 -19.33 20.49 29.35
N HIS A 129 -18.49 19.55 29.74
CA HIS A 129 -18.96 18.36 30.45
C HIS A 129 -18.97 18.60 31.96
N HIS A 130 -17.79 18.87 32.52
CA HIS A 130 -17.65 19.12 33.95
C HIS A 130 -17.97 17.86 34.76
N HIS A 131 -17.06 17.48 35.64
CA HIS A 131 -17.25 16.30 36.47
C HIS A 131 -17.05 16.63 37.95
N HIS A 132 -16.28 17.68 38.22
CA HIS A 132 -16.01 18.10 39.58
C HIS A 132 -17.11 19.04 40.08
N HIS A 133 -17.41 18.96 41.37
CA HIS A 133 -18.44 19.80 41.96
C HIS A 133 -17.90 21.20 42.25
N MET A 1 12.41 -22.95 -26.47
CA MET A 1 11.68 -21.69 -26.78
C MET A 1 10.58 -21.44 -25.76
N ASN A 2 10.23 -22.47 -25.00
CA ASN A 2 9.19 -22.35 -23.97
C ASN A 2 9.78 -22.41 -22.58
N CYS A 3 9.22 -21.61 -21.68
CA CYS A 3 9.67 -21.56 -20.30
C CYS A 3 8.84 -22.48 -19.43
N GLY A 4 9.27 -22.69 -18.19
CA GLY A 4 8.52 -23.53 -17.29
C GLY A 4 7.20 -22.89 -16.92
N PRO A 5 6.17 -23.67 -16.55
CA PRO A 5 4.86 -23.13 -16.18
C PRO A 5 4.96 -21.95 -15.22
N PRO A 6 4.25 -20.85 -15.51
CA PRO A 6 4.28 -19.64 -14.68
C PRO A 6 4.12 -19.93 -13.19
N PRO A 7 5.22 -19.78 -12.42
CA PRO A 7 5.20 -20.02 -10.97
C PRO A 7 4.19 -19.12 -10.26
N THR A 8 4.22 -19.24 -8.94
CA THR A 8 3.34 -18.48 -8.06
C THR A 8 4.08 -17.26 -7.55
N LEU A 9 3.46 -16.09 -7.62
CA LEU A 9 4.09 -14.87 -7.15
C LEU A 9 3.40 -14.30 -5.93
N SER A 10 3.87 -13.12 -5.52
CA SER A 10 3.32 -12.41 -4.38
C SER A 10 2.99 -10.98 -4.76
N PHE A 11 3.97 -10.30 -5.35
CA PHE A 11 3.79 -8.93 -5.78
C PHE A 11 2.68 -8.85 -6.83
N ALA A 12 2.35 -9.99 -7.41
CA ALA A 12 1.31 -10.06 -8.42
C ALA A 12 0.62 -11.42 -8.44
N ALA A 13 -0.61 -11.41 -8.92
CA ALA A 13 -1.38 -12.66 -9.04
C ALA A 13 -1.93 -12.83 -10.45
N PRO A 14 -2.10 -14.09 -10.90
CA PRO A 14 -2.62 -14.39 -12.25
C PRO A 14 -3.90 -13.60 -12.54
N MET A 15 -4.01 -13.08 -13.76
CA MET A 15 -5.19 -12.31 -14.13
C MET A 15 -5.47 -12.38 -15.63
N ASP A 16 -4.48 -12.86 -16.40
CA ASP A 16 -4.63 -13.00 -17.84
C ASP A 16 -3.78 -14.15 -18.35
N ILE A 17 -4.27 -15.36 -18.14
CA ILE A 17 -3.57 -16.56 -18.58
C ILE A 17 -4.45 -17.78 -18.41
N THR A 18 -5.13 -18.17 -19.48
CA THR A 18 -5.95 -19.37 -19.44
C THR A 18 -5.11 -20.54 -18.99
N LEU A 19 -5.43 -21.11 -17.85
CA LEU A 19 -4.68 -22.22 -17.31
C LEU A 19 -4.99 -23.51 -18.05
N THR A 20 -5.29 -23.40 -19.33
CA THR A 20 -5.61 -24.55 -20.15
C THR A 20 -4.33 -25.15 -20.75
N GLU A 21 -3.29 -24.31 -20.82
CA GLU A 21 -2.00 -24.74 -21.34
C GLU A 21 -0.97 -24.79 -20.21
N THR A 22 0.23 -25.26 -20.52
CA THR A 22 1.27 -25.37 -19.51
C THR A 22 2.59 -24.75 -19.99
N ARG A 23 2.62 -24.36 -21.27
CA ARG A 23 3.82 -23.78 -21.85
C ARG A 23 3.51 -22.41 -22.46
N PHE A 24 4.52 -21.55 -22.50
CA PHE A 24 4.38 -20.19 -23.05
C PHE A 24 5.69 -19.77 -23.72
N LYS A 25 5.74 -19.94 -25.05
CA LYS A 25 6.92 -19.58 -25.84
C LYS A 25 7.52 -18.27 -25.38
N THR A 26 8.73 -18.01 -25.84
CA THR A 26 9.39 -16.76 -25.51
C THR A 26 8.58 -15.62 -26.11
N GLY A 27 8.87 -14.40 -25.71
CA GLY A 27 8.13 -13.27 -26.22
C GLY A 27 6.73 -13.19 -25.65
N THR A 28 6.20 -14.33 -25.19
CA THR A 28 4.86 -14.38 -24.61
C THR A 28 4.80 -13.45 -23.41
N THR A 29 3.60 -13.05 -22.98
CA THR A 29 3.51 -12.15 -21.84
C THR A 29 2.18 -12.24 -21.11
N LEU A 30 2.27 -12.50 -19.80
CA LEU A 30 1.08 -12.61 -18.96
C LEU A 30 0.59 -11.21 -18.58
N LYS A 31 0.03 -11.07 -17.37
CA LYS A 31 -0.44 -9.78 -16.89
C LYS A 31 -0.12 -9.61 -15.41
N TYR A 32 -0.82 -10.37 -14.57
CA TYR A 32 -0.61 -10.31 -13.13
C TYR A 32 -1.02 -8.97 -12.53
N THR A 33 -1.83 -9.03 -11.47
CA THR A 33 -2.30 -7.83 -10.78
C THR A 33 -1.26 -7.30 -9.79
N CYS A 34 -1.72 -6.45 -8.89
CA CYS A 34 -0.84 -5.88 -7.86
C CYS A 34 -1.63 -5.51 -6.61
N LEU A 35 -1.43 -6.35 -5.59
CA LEU A 35 -2.13 -6.17 -4.32
C LEU A 35 -2.09 -4.70 -3.90
N PRO A 36 -3.22 -4.20 -3.36
CA PRO A 36 -3.37 -2.82 -2.93
C PRO A 36 -2.09 -2.16 -2.42
N GLY A 37 -1.64 -2.60 -1.26
CA GLY A 37 -0.45 -2.03 -0.65
C GLY A 37 0.82 -2.22 -1.48
N TYR A 38 0.84 -3.27 -2.29
CA TYR A 38 2.01 -3.54 -3.12
C TYR A 38 2.32 -2.33 -3.99
N VAL A 39 3.15 -1.42 -3.49
CA VAL A 39 3.55 -0.21 -4.19
C VAL A 39 4.66 -0.49 -5.19
N ARG A 40 4.40 -0.15 -6.46
CA ARG A 40 5.36 -0.38 -7.52
C ARG A 40 6.46 0.67 -7.56
N SER A 41 7.64 0.26 -8.00
CA SER A 41 8.79 1.14 -8.13
C SER A 41 9.11 1.34 -9.61
N HIS A 42 8.22 0.80 -10.45
CA HIS A 42 8.34 0.88 -11.91
C HIS A 42 9.67 0.30 -12.41
N SER A 43 9.55 -0.80 -13.13
CA SER A 43 10.69 -1.49 -13.70
C SER A 43 10.18 -2.58 -14.63
N THR A 44 8.93 -2.96 -14.39
CA THR A 44 8.25 -3.99 -15.17
C THR A 44 6.81 -4.11 -14.71
N GLN A 45 6.16 -5.22 -15.09
CA GLN A 45 4.77 -5.48 -14.71
C GLN A 45 4.26 -6.72 -15.42
N THR A 46 5.17 -7.51 -15.98
CA THR A 46 4.80 -8.71 -16.71
C THR A 46 5.89 -9.78 -16.64
N LEU A 47 5.52 -10.99 -17.04
CA LEU A 47 6.45 -12.12 -17.05
C LEU A 47 6.56 -12.65 -18.48
N THR A 48 7.73 -12.42 -19.09
CA THR A 48 7.98 -12.87 -20.46
C THR A 48 8.97 -14.01 -20.49
N CYS A 49 8.77 -14.96 -21.39
CA CYS A 49 9.69 -16.07 -21.50
C CYS A 49 10.94 -15.58 -22.22
N ASN A 50 12.05 -15.66 -21.51
CA ASN A 50 13.33 -15.26 -22.07
C ASN A 50 14.08 -16.49 -22.56
N SER A 51 15.24 -16.29 -23.17
CA SER A 51 16.04 -17.40 -23.65
C SER A 51 16.88 -17.95 -22.51
N ASP A 52 16.19 -18.43 -21.49
CA ASP A 52 16.80 -18.99 -20.29
C ASP A 52 15.88 -20.06 -19.69
N GLY A 53 14.76 -20.29 -20.37
CA GLY A 53 13.79 -21.26 -19.90
C GLY A 53 13.17 -20.87 -18.57
N GLU A 54 13.34 -19.60 -18.24
CA GLU A 54 12.77 -19.03 -17.02
C GLU A 54 12.10 -17.70 -17.30
N TRP A 55 11.37 -17.18 -16.31
CA TRP A 55 10.70 -15.90 -16.44
C TRP A 55 11.57 -14.81 -15.84
N VAL A 56 12.01 -13.93 -16.73
CA VAL A 56 12.88 -12.82 -16.38
C VAL A 56 12.04 -11.56 -16.19
N TYR A 57 12.46 -10.70 -15.25
CA TYR A 57 11.76 -9.44 -15.01
C TYR A 57 12.15 -8.81 -13.67
N ASN A 58 11.75 -7.56 -13.46
CA ASN A 58 12.09 -6.88 -12.21
C ASN A 58 10.91 -6.91 -11.24
N THR A 59 11.15 -6.51 -10.00
CA THR A 59 10.11 -6.51 -8.99
C THR A 59 9.38 -5.18 -8.97
N PHE A 60 8.29 -5.10 -9.74
CA PHE A 60 7.51 -3.88 -9.83
C PHE A 60 6.95 -3.50 -8.45
N CYS A 61 5.75 -3.98 -8.15
CA CYS A 61 5.13 -3.71 -6.87
C CYS A 61 5.91 -4.40 -5.75
N ILE A 62 6.46 -3.61 -4.84
CA ILE A 62 7.25 -4.15 -3.74
C ILE A 62 6.58 -3.96 -2.38
N TYR A 63 5.41 -3.30 -2.35
CA TYR A 63 4.71 -3.09 -1.08
C TYR A 63 5.49 -2.19 -0.14
N LYS A 64 4.86 -1.11 0.31
CA LYS A 64 5.48 -0.22 1.27
C LYS A 64 4.44 0.75 1.84
N ARG A 65 3.49 0.21 2.57
CA ARG A 65 2.42 1.00 3.14
C ARG A 65 2.88 1.79 4.36
N CYS A 66 1.94 2.19 5.20
CA CYS A 66 2.24 2.96 6.40
C CYS A 66 1.66 2.26 7.62
N ARG A 67 2.44 2.20 8.69
CA ARG A 67 1.95 1.57 9.90
C ARG A 67 0.79 2.37 10.45
N HIS A 68 -0.24 1.68 10.94
CA HIS A 68 -1.41 2.34 11.47
C HIS A 68 -1.03 3.48 12.42
N PRO A 69 -1.70 4.64 12.31
CA PRO A 69 -1.44 5.79 13.18
C PRO A 69 -1.76 5.43 14.62
N GLY A 70 -2.79 4.63 14.79
CA GLY A 70 -3.23 4.24 16.12
C GLY A 70 -4.58 4.84 16.43
N GLU A 71 -5.07 4.55 17.63
CA GLU A 71 -6.34 5.07 18.06
C GLU A 71 -6.20 6.51 18.51
N LEU A 72 -7.12 7.35 18.08
CA LEU A 72 -7.14 8.76 18.44
C LEU A 72 -8.04 8.94 19.65
N ARG A 73 -7.45 8.97 20.84
CA ARG A 73 -8.25 9.16 22.05
C ARG A 73 -8.91 10.52 21.97
N ASN A 74 -10.25 10.49 22.04
CA ASN A 74 -11.05 11.69 21.89
C ASN A 74 -10.83 12.18 20.48
N GLY A 75 -10.96 11.25 19.53
CA GLY A 75 -10.74 11.59 18.14
C GLY A 75 -11.09 10.46 17.20
N GLN A 76 -10.99 10.72 15.90
CA GLN A 76 -11.32 9.71 14.89
C GLN A 76 -10.27 9.67 13.78
N VAL A 77 -9.92 8.45 13.38
CA VAL A 77 -8.94 8.27 12.31
C VAL A 77 -9.62 7.87 11.01
N GLU A 78 -9.64 8.78 10.05
CA GLU A 78 -10.27 8.51 8.77
C GLU A 78 -9.46 7.49 7.97
N ILE A 79 -9.93 6.24 7.99
CA ILE A 79 -9.27 5.15 7.26
C ILE A 79 -10.16 4.64 6.14
N LYS A 80 -9.64 4.64 4.93
CA LYS A 80 -10.41 4.19 3.76
C LYS A 80 -9.48 3.78 2.63
N THR A 81 -8.26 3.45 2.97
CA THR A 81 -7.28 3.06 1.96
C THR A 81 -6.35 1.99 2.51
N ASP A 82 -6.73 1.40 3.64
CA ASP A 82 -5.91 0.36 4.26
C ASP A 82 -4.54 0.90 4.62
N LEU A 83 -4.41 2.21 4.50
CA LEU A 83 -3.16 2.89 4.80
C LEU A 83 -2.10 2.49 3.78
N SER A 84 -2.43 2.67 2.51
CA SER A 84 -1.50 2.37 1.43
C SER A 84 -0.68 3.60 1.06
N PHE A 85 0.64 3.44 1.01
CA PHE A 85 1.56 4.53 0.69
C PHE A 85 0.96 5.49 -0.34
N GLY A 86 1.17 6.79 -0.13
CA GLY A 86 0.66 7.79 -1.04
C GLY A 86 -0.78 8.16 -0.75
N SER A 87 -1.08 8.41 0.53
CA SER A 87 -2.44 8.78 0.91
C SER A 87 -2.47 9.61 2.19
N GLN A 88 -3.57 10.31 2.36
CA GLN A 88 -3.76 11.14 3.54
C GLN A 88 -4.99 10.68 4.33
N ILE A 89 -4.86 10.66 5.65
CA ILE A 89 -5.97 10.24 6.51
C ILE A 89 -6.33 11.34 7.50
N GLU A 90 -7.38 12.09 7.19
CA GLU A 90 -7.83 13.17 8.05
C GLU A 90 -8.19 12.66 9.43
N PHE A 91 -8.21 13.58 10.40
CA PHE A 91 -8.54 13.22 11.77
C PHE A 91 -9.71 14.05 12.27
N SER A 92 -10.11 13.83 13.52
CA SER A 92 -11.24 14.57 14.08
C SER A 92 -11.34 14.45 15.59
N CYS A 93 -11.19 15.59 16.27
CA CYS A 93 -11.31 15.61 17.71
C CYS A 93 -12.78 15.70 18.11
N SER A 94 -13.21 14.77 18.96
CA SER A 94 -14.60 14.71 19.41
C SER A 94 -15.18 16.04 19.86
N GLU A 95 -16.44 15.98 20.25
CA GLU A 95 -17.21 17.13 20.73
C GLU A 95 -16.39 18.08 21.60
N GLY A 96 -16.21 17.71 22.86
CA GLY A 96 -15.50 18.58 23.80
C GLY A 96 -14.02 18.73 23.53
N PHE A 97 -13.59 18.59 22.28
CA PHE A 97 -12.18 18.75 21.94
C PHE A 97 -12.01 19.17 20.47
N PHE A 98 -10.97 19.98 20.23
CA PHE A 98 -10.67 20.43 18.87
C PHE A 98 -9.40 19.75 18.39
N LEU A 99 -9.19 19.81 17.08
CA LEU A 99 -8.05 19.18 16.45
C LEU A 99 -6.84 20.10 16.38
N ILE A 100 -5.67 19.50 16.60
CA ILE A 100 -4.39 20.19 16.56
C ILE A 100 -3.27 19.17 16.39
N GLY A 101 -2.84 19.01 15.15
CA GLY A 101 -1.79 18.08 14.83
C GLY A 101 -1.84 17.64 13.38
N SER A 102 -2.00 18.61 12.49
CA SER A 102 -2.07 18.35 11.05
C SER A 102 -3.30 17.49 10.74
N THR A 103 -4.36 18.13 10.26
CA THR A 103 -5.59 17.42 9.92
C THR A 103 -5.37 16.42 8.81
N THR A 104 -4.15 16.35 8.30
CA THR A 104 -3.84 15.40 7.26
C THR A 104 -2.68 14.53 7.70
N SER A 105 -2.51 13.39 7.04
CA SER A 105 -1.42 12.50 7.37
C SER A 105 -0.93 11.85 6.08
N ARG A 106 0.29 12.18 5.66
CA ARG A 106 0.85 11.65 4.44
C ARG A 106 1.73 10.43 4.69
N CYS A 107 2.03 9.71 3.62
CA CYS A 107 2.86 8.51 3.70
C CYS A 107 4.14 8.72 2.88
N GLU A 108 5.28 8.72 3.57
CA GLU A 108 6.57 8.95 2.93
C GLU A 108 7.47 7.75 3.10
N VAL A 109 8.59 7.73 2.38
CA VAL A 109 9.50 6.61 2.48
C VAL A 109 10.95 7.04 2.66
N GLN A 110 11.59 6.40 3.63
CA GLN A 110 12.99 6.68 3.93
C GLN A 110 13.80 5.39 4.01
N ASP A 111 14.77 5.25 3.11
CA ASP A 111 15.64 4.08 3.07
C ASP A 111 14.82 2.79 2.95
N ARG A 112 14.51 2.19 4.09
CA ARG A 112 13.73 0.97 4.12
C ARG A 112 12.57 1.09 5.10
N GLY A 113 12.04 2.30 5.25
CA GLY A 113 10.94 2.53 6.15
C GLY A 113 10.00 3.59 5.63
N VAL A 114 8.75 3.19 5.42
CA VAL A 114 7.74 4.08 4.89
C VAL A 114 6.57 4.27 5.83
N GLY A 115 5.85 5.35 5.60
CA GLY A 115 4.66 5.56 6.38
C GLY A 115 4.43 6.96 6.89
N TRP A 116 3.44 7.11 7.76
CA TRP A 116 3.07 8.42 8.30
C TRP A 116 4.23 9.09 9.01
N SER A 117 4.40 10.38 8.76
CA SER A 117 5.45 11.16 9.40
C SER A 117 5.01 11.55 10.81
N HIS A 118 3.70 11.59 11.01
CA HIS A 118 3.12 11.93 12.31
C HIS A 118 1.75 11.27 12.47
N PRO A 119 1.49 10.67 13.64
CA PRO A 119 0.23 10.00 13.92
C PRO A 119 -0.83 10.94 14.47
N LEU A 120 -1.77 10.38 15.24
CA LEU A 120 -2.85 11.15 15.84
C LEU A 120 -2.37 12.50 16.32
N PRO A 121 -3.22 13.54 16.19
CA PRO A 121 -2.88 14.90 16.61
C PRO A 121 -3.00 15.10 18.12
N GLN A 122 -3.59 16.21 18.53
CA GLN A 122 -3.77 16.52 19.93
C GLN A 122 -5.18 17.02 20.20
N CYS A 123 -5.96 16.24 20.95
CA CYS A 123 -7.33 16.64 21.25
C CYS A 123 -7.43 17.22 22.66
N GLU A 124 -7.60 18.54 22.73
CA GLU A 124 -7.71 19.23 24.00
C GLU A 124 -9.03 19.99 24.06
N ILE A 125 -9.63 19.99 25.24
CA ILE A 125 -10.92 20.62 25.46
C ILE A 125 -10.83 22.13 25.29
N LEU A 126 -11.84 22.71 24.64
CA LEU A 126 -11.87 24.15 24.41
C LEU A 126 -12.07 24.90 25.73
N GLU A 127 -13.31 24.97 26.20
CA GLU A 127 -13.63 25.66 27.44
C GLU A 127 -14.80 24.99 28.16
N HIS A 128 -15.16 25.53 29.32
CA HIS A 128 -16.27 24.98 30.11
C HIS A 128 -16.01 23.53 30.49
N HIS A 129 -17.02 22.91 31.11
CA HIS A 129 -16.94 21.51 31.53
C HIS A 129 -15.87 21.31 32.60
N HIS A 130 -16.30 20.85 33.78
CA HIS A 130 -15.38 20.62 34.89
C HIS A 130 -15.63 19.25 35.51
N HIS A 131 -14.91 18.94 36.58
CA HIS A 131 -15.06 17.66 37.26
C HIS A 131 -15.66 17.85 38.65
N HIS A 132 -16.46 16.88 39.10
CA HIS A 132 -17.10 16.96 40.40
C HIS A 132 -17.30 15.56 40.99
N HIS A 133 -17.78 15.52 42.23
CA HIS A 133 -18.02 14.25 42.91
C HIS A 133 -19.42 13.72 42.61
N MET A 1 13.50 -24.61 -25.33
CA MET A 1 12.42 -24.03 -26.17
C MET A 1 11.42 -23.26 -25.32
N ASN A 2 10.92 -23.90 -24.27
CA ASN A 2 9.96 -23.26 -23.38
C ASN A 2 10.57 -23.00 -22.00
N CYS A 3 9.96 -22.07 -21.26
CA CYS A 3 10.45 -21.71 -19.94
C CYS A 3 9.82 -22.57 -18.85
N GLY A 4 8.85 -23.41 -19.22
CA GLY A 4 8.18 -24.26 -18.25
C GLY A 4 7.00 -23.56 -17.61
N PRO A 5 6.01 -24.32 -17.11
CA PRO A 5 4.82 -23.74 -16.46
C PRO A 5 5.17 -22.62 -15.49
N PRO A 6 4.53 -21.45 -15.64
CA PRO A 6 4.78 -20.28 -14.78
C PRO A 6 4.67 -20.60 -13.29
N PRO A 7 5.50 -19.93 -12.47
CA PRO A 7 5.52 -20.11 -11.03
C PRO A 7 4.50 -19.21 -10.35
N THR A 8 4.52 -19.30 -9.01
CA THR A 8 3.64 -18.52 -8.16
C THR A 8 4.38 -17.29 -7.67
N LEU A 9 3.75 -16.12 -7.79
CA LEU A 9 4.37 -14.90 -7.35
C LEU A 9 3.60 -14.23 -6.22
N SER A 10 4.02 -13.03 -5.86
CA SER A 10 3.38 -12.28 -4.80
C SER A 10 3.09 -10.84 -5.24
N PHE A 11 4.06 -10.23 -5.91
CA PHE A 11 3.89 -8.87 -6.38
C PHE A 11 2.79 -8.80 -7.43
N ALA A 12 2.41 -9.95 -7.97
CA ALA A 12 1.36 -10.00 -8.98
C ALA A 12 0.62 -11.34 -8.97
N ALA A 13 -0.60 -11.28 -9.50
CA ALA A 13 -1.44 -12.47 -9.63
C ALA A 13 -2.10 -12.52 -11.01
N PRO A 14 -2.37 -13.74 -11.52
CA PRO A 14 -2.99 -13.92 -12.83
C PRO A 14 -4.17 -12.98 -13.07
N MET A 15 -4.33 -12.53 -14.31
CA MET A 15 -5.43 -11.62 -14.66
C MET A 15 -5.82 -11.76 -16.12
N ASP A 16 -4.86 -12.16 -16.95
CA ASP A 16 -5.11 -12.34 -18.37
C ASP A 16 -4.29 -13.51 -18.93
N ILE A 17 -4.41 -14.66 -18.27
CA ILE A 17 -3.69 -15.84 -18.67
C ILE A 17 -4.38 -17.10 -18.17
N THR A 18 -5.30 -17.64 -18.97
CA THR A 18 -5.98 -18.86 -18.58
C THR A 18 -4.95 -19.92 -18.24
N LEU A 19 -4.92 -20.33 -16.98
CA LEU A 19 -3.96 -21.33 -16.53
C LEU A 19 -4.34 -22.72 -17.00
N THR A 20 -4.99 -22.78 -18.16
CA THR A 20 -5.42 -24.05 -18.74
C THR A 20 -4.33 -24.62 -19.64
N GLU A 21 -3.41 -23.76 -20.05
CA GLU A 21 -2.31 -24.17 -20.91
C GLU A 21 -1.23 -24.90 -20.11
N THR A 22 -0.07 -25.10 -20.72
CA THR A 22 1.03 -25.79 -20.05
C THR A 22 2.37 -25.13 -20.33
N ARG A 23 2.58 -24.73 -21.58
CA ARG A 23 3.84 -24.10 -21.98
C ARG A 23 3.60 -22.71 -22.55
N PHE A 24 4.64 -21.89 -22.57
CA PHE A 24 4.57 -20.52 -23.08
C PHE A 24 5.88 -20.15 -23.76
N LYS A 25 5.95 -20.38 -25.06
CA LYS A 25 7.15 -20.08 -25.85
C LYS A 25 7.77 -18.75 -25.43
N THR A 26 9.02 -18.55 -25.83
CA THR A 26 9.70 -17.31 -25.52
C THR A 26 8.92 -16.16 -26.14
N GLY A 27 9.25 -14.94 -25.78
CA GLY A 27 8.54 -13.80 -26.32
C GLY A 27 7.15 -13.64 -25.73
N THR A 28 6.60 -14.73 -25.18
CA THR A 28 5.28 -14.70 -24.57
C THR A 28 5.26 -13.67 -23.45
N THR A 29 4.08 -13.10 -23.15
CA THR A 29 4.01 -12.10 -22.09
C THR A 29 2.67 -12.14 -21.36
N LEU A 30 2.74 -12.32 -20.04
CA LEU A 30 1.55 -12.39 -19.21
C LEU A 30 1.08 -11.00 -18.78
N LYS A 31 0.04 -10.96 -17.96
CA LYS A 31 -0.49 -9.71 -17.45
C LYS A 31 -0.14 -9.55 -15.98
N TYR A 32 -0.86 -10.25 -15.12
CA TYR A 32 -0.61 -10.22 -13.68
C TYR A 32 -0.87 -8.85 -13.07
N THR A 33 -1.55 -8.84 -11.93
CA THR A 33 -1.88 -7.60 -11.23
C THR A 33 -1.29 -7.58 -9.82
N CYS A 34 -0.85 -6.40 -9.38
CA CYS A 34 -0.21 -6.26 -8.07
C CYS A 34 -1.24 -6.02 -6.95
N LEU A 35 -1.13 -6.91 -5.94
CA LEU A 35 -2.02 -6.90 -4.78
C LEU A 35 -2.12 -5.52 -4.13
N PRO A 36 -3.10 -5.33 -3.24
CA PRO A 36 -3.29 -4.06 -2.54
C PRO A 36 -2.23 -3.81 -1.47
N GLY A 37 -1.33 -2.87 -1.77
CA GLY A 37 -0.28 -2.55 -0.81
C GLY A 37 1.01 -2.13 -1.48
N TYR A 38 1.08 -2.30 -2.79
CA TYR A 38 2.25 -1.91 -3.56
C TYR A 38 2.07 -0.47 -4.01
N VAL A 39 3.15 0.29 -4.11
CA VAL A 39 3.11 1.68 -4.51
C VAL A 39 4.21 1.94 -5.55
N ARG A 40 4.70 3.18 -5.55
CA ARG A 40 5.75 3.62 -6.46
C ARG A 40 6.74 2.51 -6.80
N SER A 41 6.57 1.93 -7.98
CA SER A 41 7.43 0.86 -8.47
C SER A 41 6.88 0.27 -9.76
N HIS A 42 5.56 0.33 -9.89
CA HIS A 42 4.89 -0.21 -11.08
C HIS A 42 5.36 0.49 -12.34
N SER A 43 5.83 -0.29 -13.29
CA SER A 43 6.32 0.23 -14.55
C SER A 43 6.36 -0.86 -15.60
N THR A 44 6.27 -2.10 -15.14
CA THR A 44 6.31 -3.26 -16.03
C THR A 44 5.89 -4.53 -15.29
N GLN A 45 4.61 -4.86 -15.38
CA GLN A 45 4.08 -6.06 -14.73
C GLN A 45 3.80 -7.13 -15.78
N THR A 46 4.85 -7.81 -16.22
CA THR A 46 4.69 -8.83 -17.25
C THR A 46 5.73 -9.93 -17.12
N LEU A 47 5.33 -11.15 -17.48
CA LEU A 47 6.23 -12.31 -17.44
C LEU A 47 6.50 -12.80 -18.85
N THR A 48 7.76 -12.72 -19.27
CA THR A 48 8.15 -13.15 -20.60
C THR A 48 9.12 -14.32 -20.53
N CYS A 49 9.00 -15.24 -21.48
CA CYS A 49 9.91 -16.37 -21.52
C CYS A 49 11.21 -15.92 -22.17
N ASN A 50 12.28 -15.98 -21.40
CA ASN A 50 13.59 -15.62 -21.89
C ASN A 50 14.34 -16.87 -22.34
N SER A 51 15.53 -16.70 -22.89
CA SER A 51 16.32 -17.84 -23.33
C SER A 51 17.15 -18.37 -22.16
N ASP A 52 16.43 -18.81 -21.15
CA ASP A 52 17.02 -19.35 -19.92
C ASP A 52 16.10 -20.39 -19.30
N GLY A 53 15.00 -20.66 -19.99
CA GLY A 53 14.03 -21.62 -19.49
C GLY A 53 13.46 -21.20 -18.16
N GLU A 54 13.66 -19.93 -17.86
CA GLU A 54 13.15 -19.33 -16.63
C GLU A 54 12.39 -18.05 -16.95
N TRP A 55 11.63 -17.56 -15.98
CA TRP A 55 10.87 -16.34 -16.16
C TRP A 55 11.64 -15.16 -15.58
N VAL A 56 12.06 -14.30 -16.49
CA VAL A 56 12.85 -13.11 -16.16
C VAL A 56 11.94 -11.90 -16.04
N TYR A 57 12.30 -10.96 -15.17
CA TYR A 57 11.49 -9.75 -15.01
C TYR A 57 12.03 -8.81 -13.94
N ASN A 58 11.44 -7.62 -13.84
CA ASN A 58 11.88 -6.63 -12.87
C ASN A 58 10.95 -6.60 -11.66
N THR A 59 11.23 -5.70 -10.73
CA THR A 59 10.42 -5.57 -9.52
C THR A 59 9.30 -4.56 -9.70
N PHE A 60 8.21 -4.99 -10.34
CA PHE A 60 7.06 -4.14 -10.58
C PHE A 60 6.19 -4.05 -9.32
N CYS A 61 5.83 -2.82 -8.93
CA CYS A 61 5.02 -2.61 -7.73
C CYS A 61 5.76 -3.04 -6.47
N ILE A 62 5.89 -2.14 -5.50
CA ILE A 62 6.56 -2.49 -4.26
C ILE A 62 5.67 -2.24 -3.05
N TYR A 63 5.44 -3.31 -2.32
CA TYR A 63 4.61 -3.29 -1.13
C TYR A 63 5.27 -2.50 -0.01
N LYS A 64 4.59 -1.44 0.43
CA LYS A 64 5.07 -0.62 1.53
C LYS A 64 3.90 0.17 2.13
N ARG A 65 3.64 -0.05 3.41
CA ARG A 65 2.56 0.63 4.09
C ARG A 65 3.05 1.30 5.36
N CYS A 66 2.13 1.82 6.16
CA CYS A 66 2.49 2.48 7.41
C CYS A 66 1.69 1.91 8.56
N ARG A 67 2.38 1.54 9.63
CA ARG A 67 1.70 0.97 10.79
C ARG A 67 0.52 1.86 11.17
N HIS A 68 -0.57 1.23 11.57
CA HIS A 68 -1.78 1.94 11.96
C HIS A 68 -1.45 3.12 12.88
N PRO A 69 -1.95 4.33 12.55
CA PRO A 69 -1.73 5.54 13.36
C PRO A 69 -2.01 5.29 14.83
N GLY A 70 -3.03 4.50 15.09
CA GLY A 70 -3.44 4.21 16.44
C GLY A 70 -4.77 4.84 16.76
N GLU A 71 -5.22 4.62 17.98
CA GLU A 71 -6.49 5.16 18.43
C GLU A 71 -6.35 6.63 18.81
N LEU A 72 -7.27 7.44 18.33
CA LEU A 72 -7.29 8.87 18.63
C LEU A 72 -8.22 9.10 19.82
N ARG A 73 -7.65 9.18 21.02
CA ARG A 73 -8.48 9.42 22.20
C ARG A 73 -9.14 10.78 22.06
N ASN A 74 -10.48 10.75 22.11
CA ASN A 74 -11.27 11.95 21.90
C ASN A 74 -11.04 12.39 20.47
N GLY A 75 -11.13 11.43 19.55
CA GLY A 75 -10.89 11.72 18.17
C GLY A 75 -11.23 10.57 17.25
N GLN A 76 -11.10 10.79 15.94
CA GLN A 76 -11.41 9.77 14.96
C GLN A 76 -10.32 9.66 13.89
N VAL A 77 -9.97 8.42 13.55
CA VAL A 77 -8.94 8.18 12.54
C VAL A 77 -9.59 7.71 11.24
N GLU A 78 -9.59 8.58 10.24
CA GLU A 78 -10.18 8.23 8.95
C GLU A 78 -9.26 7.29 8.17
N ILE A 79 -9.56 6.00 8.25
CA ILE A 79 -8.77 4.99 7.56
C ILE A 79 -9.57 4.41 6.39
N LYS A 80 -8.95 4.33 5.23
CA LYS A 80 -9.61 3.82 4.04
C LYS A 80 -8.60 3.45 2.96
N THR A 81 -7.37 3.20 3.38
CA THR A 81 -6.33 2.86 2.45
C THR A 81 -5.36 1.87 3.07
N ASP A 82 -5.73 1.34 4.23
CA ASP A 82 -4.86 0.38 4.92
C ASP A 82 -3.52 1.01 5.25
N LEU A 83 -3.44 2.32 5.04
CA LEU A 83 -2.23 3.08 5.27
C LEU A 83 -1.17 2.66 4.27
N SER A 84 -1.50 2.74 2.98
CA SER A 84 -0.56 2.39 1.94
C SER A 84 0.18 3.65 1.48
N PHE A 85 1.50 3.58 1.44
CA PHE A 85 2.34 4.71 1.04
C PHE A 85 1.62 5.59 0.01
N GLY A 86 1.73 6.91 0.19
CA GLY A 86 1.08 7.82 -0.72
C GLY A 86 -0.39 8.00 -0.40
N SER A 87 -0.72 8.03 0.90
CA SER A 87 -2.11 8.19 1.32
C SER A 87 -2.25 9.19 2.46
N GLN A 88 -3.41 9.84 2.49
CA GLN A 88 -3.71 10.82 3.52
C GLN A 88 -4.89 10.34 4.39
N ILE A 89 -4.72 10.43 5.70
CA ILE A 89 -5.78 10.01 6.62
C ILE A 89 -6.16 11.15 7.56
N GLU A 90 -7.30 11.77 7.28
CA GLU A 90 -7.80 12.88 8.08
C GLU A 90 -8.21 12.41 9.47
N PHE A 91 -8.15 13.31 10.44
CA PHE A 91 -8.53 13.01 11.81
C PHE A 91 -9.76 13.82 12.21
N SER A 92 -10.23 13.61 13.44
CA SER A 92 -11.42 14.34 13.89
C SER A 92 -11.57 14.34 15.42
N CYS A 93 -11.45 15.53 15.99
CA CYS A 93 -11.61 15.67 17.43
C CYS A 93 -13.09 15.82 17.77
N SER A 94 -13.62 14.87 18.53
CA SER A 94 -15.03 14.87 18.91
C SER A 94 -15.51 16.24 19.39
N GLU A 95 -16.83 16.40 19.45
CA GLU A 95 -17.45 17.64 19.90
C GLU A 95 -16.72 18.18 21.13
N GLY A 96 -16.79 19.51 21.29
CA GLY A 96 -16.14 20.15 22.42
C GLY A 96 -14.62 20.18 22.28
N PHE A 97 -14.06 19.16 21.64
CA PHE A 97 -12.61 19.08 21.46
C PHE A 97 -12.24 19.33 20.01
N PHE A 98 -11.27 20.20 19.79
CA PHE A 98 -10.84 20.52 18.43
C PHE A 98 -9.51 19.85 18.11
N LEU A 99 -9.18 19.88 16.83
CA LEU A 99 -7.95 19.26 16.35
C LEU A 99 -6.78 20.22 16.42
N ILE A 100 -5.62 19.67 16.77
CA ILE A 100 -4.37 20.43 16.87
C ILE A 100 -3.19 19.47 16.73
N GLY A 101 -2.65 19.47 15.53
CA GLY A 101 -1.54 18.62 15.18
C GLY A 101 -1.28 18.62 13.69
N SER A 102 -2.29 18.14 12.96
CA SER A 102 -2.25 18.05 11.51
C SER A 102 -3.44 17.22 11.05
N THR A 103 -4.47 17.88 10.52
CA THR A 103 -5.67 17.17 10.11
C THR A 103 -5.37 16.17 9.00
N THR A 104 -4.15 16.20 8.49
CA THR A 104 -3.77 15.27 7.46
C THR A 104 -2.59 14.44 7.92
N SER A 105 -2.43 13.28 7.31
CA SER A 105 -1.31 12.40 7.63
C SER A 105 -0.88 11.69 6.36
N ARG A 106 0.32 11.99 5.91
CA ARG A 106 0.85 11.39 4.68
C ARG A 106 1.82 10.25 4.98
N CYS A 107 1.86 9.29 4.06
CA CYS A 107 2.73 8.14 4.19
C CYS A 107 3.98 8.30 3.34
N GLU A 108 5.13 8.34 4.00
CA GLU A 108 6.39 8.51 3.31
C GLU A 108 7.29 7.31 3.54
N VAL A 109 8.46 7.31 2.91
CA VAL A 109 9.37 6.18 3.07
C VAL A 109 10.82 6.58 3.22
N GLN A 110 11.46 5.98 4.21
CA GLN A 110 12.87 6.22 4.49
C GLN A 110 13.69 5.02 4.03
N ASP A 111 14.30 5.14 2.85
CA ASP A 111 15.12 4.06 2.28
C ASP A 111 14.26 2.85 1.96
N ARG A 112 14.17 1.91 2.90
CA ARG A 112 13.38 0.70 2.71
C ARG A 112 12.44 0.49 3.89
N GLY A 113 12.39 1.47 4.78
CA GLY A 113 11.52 1.39 5.93
C GLY A 113 10.54 2.54 5.94
N VAL A 114 9.31 2.27 5.55
CA VAL A 114 8.27 3.30 5.50
C VAL A 114 8.28 4.12 6.77
N GLY A 115 8.08 5.41 6.61
CA GLY A 115 8.06 6.26 7.78
C GLY A 115 6.73 6.94 7.94
N TRP A 116 6.25 7.05 9.16
CA TRP A 116 4.98 7.71 9.44
C TRP A 116 5.25 9.17 9.79
N SER A 117 4.98 10.06 8.83
CA SER A 117 5.20 11.48 9.04
C SER A 117 4.75 11.91 10.43
N HIS A 118 3.58 11.42 10.86
CA HIS A 118 3.04 11.76 12.17
C HIS A 118 1.70 11.06 12.40
N PRO A 119 1.50 10.48 13.59
CA PRO A 119 0.25 9.79 13.93
C PRO A 119 -0.89 10.77 14.19
N LEU A 120 -1.88 10.35 14.97
CA LEU A 120 -3.02 11.19 15.29
C LEU A 120 -2.57 12.50 15.97
N PRO A 121 -3.43 13.54 15.92
CA PRO A 121 -3.12 14.84 16.51
C PRO A 121 -3.50 14.95 17.98
N GLN A 122 -3.60 16.18 18.47
CA GLN A 122 -3.96 16.44 19.86
C GLN A 122 -5.39 16.94 19.97
N CYS A 123 -6.22 16.19 20.71
CA CYS A 123 -7.61 16.59 20.89
C CYS A 123 -7.82 17.18 22.27
N GLU A 124 -8.04 18.50 22.30
CA GLU A 124 -8.25 19.22 23.55
C GLU A 124 -9.56 19.98 23.48
N ILE A 125 -10.24 20.03 24.63
CA ILE A 125 -11.54 20.71 24.72
C ILE A 125 -11.38 22.22 24.66
N LEU A 126 -12.36 22.89 24.07
CA LEU A 126 -12.34 24.34 23.94
C LEU A 126 -12.54 25.01 25.29
N GLU A 127 -13.21 24.31 26.21
CA GLU A 127 -13.47 24.84 27.54
C GLU A 127 -12.52 24.20 28.56
N HIS A 128 -12.84 24.37 29.84
CA HIS A 128 -12.01 23.82 30.90
C HIS A 128 -12.76 22.72 31.65
N HIS A 129 -13.44 23.09 32.74
CA HIS A 129 -14.20 22.14 33.55
C HIS A 129 -13.31 21.01 34.06
N HIS A 130 -12.99 21.03 35.35
CA HIS A 130 -12.16 20.01 35.96
C HIS A 130 -12.92 19.23 37.02
N HIS A 131 -12.52 17.97 37.23
CA HIS A 131 -13.18 17.12 38.22
C HIS A 131 -12.32 15.90 38.54
N HIS A 132 -11.78 15.27 37.49
CA HIS A 132 -10.93 14.09 37.66
C HIS A 132 -11.73 12.94 38.27
N HIS A 133 -12.12 11.99 37.43
CA HIS A 133 -12.89 10.83 37.89
C HIS A 133 -11.97 9.76 38.48
N MET A 1 13.53 -24.33 -25.70
CA MET A 1 13.02 -23.12 -26.38
C MET A 1 11.78 -22.57 -25.68
N ASN A 2 11.46 -23.15 -24.52
CA ASN A 2 10.30 -22.74 -23.75
C ASN A 2 10.61 -22.71 -22.25
N CYS A 3 9.74 -22.06 -21.49
CA CYS A 3 9.92 -21.96 -20.05
C CYS A 3 8.97 -22.90 -19.31
N GLY A 4 9.19 -23.07 -18.02
CA GLY A 4 8.33 -23.92 -17.23
C GLY A 4 7.01 -23.25 -16.90
N PRO A 5 5.97 -24.00 -16.50
CA PRO A 5 4.66 -23.43 -16.17
C PRO A 5 4.78 -22.19 -15.28
N PRO A 6 4.07 -21.10 -15.64
CA PRO A 6 4.11 -19.84 -14.88
C PRO A 6 3.92 -20.03 -13.38
N PRO A 7 5.00 -19.85 -12.61
CA PRO A 7 4.98 -19.97 -11.14
C PRO A 7 4.03 -18.96 -10.52
N THR A 8 4.10 -18.93 -9.18
CA THR A 8 3.29 -18.03 -8.37
C THR A 8 4.10 -16.81 -7.97
N LEU A 9 3.53 -15.63 -8.13
CA LEU A 9 4.23 -14.40 -7.78
C LEU A 9 3.64 -13.74 -6.54
N SER A 10 4.18 -12.58 -6.23
CA SER A 10 3.71 -11.81 -5.08
C SER A 10 3.27 -10.42 -5.52
N PHE A 11 4.18 -9.70 -6.17
CA PHE A 11 3.89 -8.36 -6.66
C PHE A 11 2.79 -8.40 -7.71
N ALA A 12 2.47 -9.60 -8.18
CA ALA A 12 1.43 -9.77 -9.19
C ALA A 12 0.73 -11.12 -9.09
N ALA A 13 -0.49 -11.15 -9.62
CA ALA A 13 -1.27 -12.38 -9.66
C ALA A 13 -1.93 -12.57 -11.02
N PRO A 14 -2.17 -13.83 -11.43
CA PRO A 14 -2.80 -14.14 -12.72
C PRO A 14 -4.01 -13.25 -13.02
N MET A 15 -4.22 -12.93 -14.29
CA MET A 15 -5.35 -12.09 -14.69
C MET A 15 -6.18 -12.75 -15.77
N ASP A 16 -5.55 -13.61 -16.55
CA ASP A 16 -6.23 -14.32 -17.63
C ASP A 16 -5.51 -15.61 -17.98
N ILE A 17 -4.50 -15.50 -18.84
CA ILE A 17 -3.71 -16.66 -19.28
C ILE A 17 -4.57 -17.89 -19.46
N THR A 18 -5.14 -18.04 -20.65
CA THR A 18 -5.97 -19.20 -20.93
C THR A 18 -5.24 -20.46 -20.52
N LEU A 19 -5.72 -21.10 -19.46
CA LEU A 19 -5.11 -22.31 -18.95
C LEU A 19 -5.28 -23.46 -19.93
N THR A 20 -5.44 -24.66 -19.39
CA THR A 20 -5.62 -25.86 -20.20
C THR A 20 -4.36 -26.16 -20.99
N GLU A 21 -3.30 -25.42 -20.68
CA GLU A 21 -2.01 -25.59 -21.34
C GLU A 21 -0.96 -26.05 -20.34
N THR A 22 0.30 -25.94 -20.71
CA THR A 22 1.39 -26.37 -19.85
C THR A 22 2.66 -25.59 -20.11
N ARG A 23 2.89 -25.24 -21.38
CA ARG A 23 4.08 -24.50 -21.75
C ARG A 23 3.73 -23.18 -22.42
N PHE A 24 4.70 -22.27 -22.45
CA PHE A 24 4.52 -20.95 -23.05
C PHE A 24 5.83 -20.51 -23.69
N LYS A 25 5.98 -20.85 -24.98
CA LYS A 25 7.17 -20.50 -25.75
C LYS A 25 7.68 -19.12 -25.40
N THR A 26 8.92 -18.85 -25.77
CA THR A 26 9.50 -17.55 -25.53
C THR A 26 8.66 -16.49 -26.20
N GLY A 27 8.92 -15.23 -25.91
CA GLY A 27 8.16 -14.16 -26.51
C GLY A 27 6.76 -14.06 -25.94
N THR A 28 6.26 -15.14 -25.34
CA THR A 28 4.92 -15.15 -24.74
C THR A 28 4.83 -14.09 -23.66
N THR A 29 3.63 -13.65 -23.32
CA THR A 29 3.49 -12.63 -22.29
C THR A 29 2.15 -12.68 -21.58
N LEU A 30 2.21 -12.80 -20.25
CA LEU A 30 1.00 -12.86 -19.43
C LEU A 30 0.49 -11.46 -19.11
N LYS A 31 -0.27 -11.35 -18.03
CA LYS A 31 -0.82 -10.06 -17.61
C LYS A 31 -0.37 -9.74 -16.19
N TYR A 32 -0.99 -10.40 -15.22
CA TYR A 32 -0.66 -10.22 -13.81
C TYR A 32 -1.03 -8.83 -13.28
N THR A 33 -1.79 -8.83 -12.19
CA THR A 33 -2.22 -7.60 -11.55
C THR A 33 -1.48 -7.39 -10.22
N CYS A 34 -1.28 -6.13 -9.84
CA CYS A 34 -0.56 -5.80 -8.61
C CYS A 34 -1.50 -5.45 -7.47
N LEU A 35 -1.32 -6.19 -6.37
CA LEU A 35 -2.13 -6.02 -5.17
C LEU A 35 -2.17 -4.56 -4.73
N PRO A 36 -3.18 -4.21 -3.91
CA PRO A 36 -3.38 -2.84 -3.42
C PRO A 36 -2.20 -2.23 -2.66
N GLY A 37 -1.98 -2.71 -1.45
CA GLY A 37 -0.94 -2.18 -0.57
C GLY A 37 0.45 -2.09 -1.17
N TYR A 38 0.61 -2.38 -2.45
CA TYR A 38 1.91 -2.26 -3.07
C TYR A 38 2.29 -0.80 -3.22
N VAL A 39 3.54 -0.50 -2.93
CA VAL A 39 4.01 0.88 -2.93
C VAL A 39 5.20 1.08 -3.88
N ARG A 40 5.34 2.35 -4.31
CA ARG A 40 6.41 2.79 -5.21
C ARG A 40 7.20 1.66 -5.84
N SER A 41 6.95 1.41 -7.13
CA SER A 41 7.64 0.37 -7.88
C SER A 41 7.01 0.15 -9.25
N HIS A 42 5.77 0.60 -9.40
CA HIS A 42 5.05 0.44 -10.66
C HIS A 42 5.87 0.94 -11.84
N SER A 43 6.16 0.03 -12.77
CA SER A 43 6.93 0.35 -13.96
C SER A 43 6.71 -0.69 -15.03
N THR A 44 6.06 -1.79 -14.65
CA THR A 44 5.77 -2.88 -15.57
C THR A 44 4.73 -3.83 -14.98
N GLN A 45 4.57 -5.00 -15.59
CA GLN A 45 3.62 -6.01 -15.13
C GLN A 45 3.41 -7.09 -16.20
N THR A 46 4.49 -7.79 -16.56
CA THR A 46 4.40 -8.83 -17.58
C THR A 46 5.48 -9.89 -17.41
N LEU A 47 5.13 -11.14 -17.70
CA LEU A 47 6.05 -12.25 -17.61
C LEU A 47 6.29 -12.84 -19.01
N THR A 48 7.53 -12.73 -19.50
CA THR A 48 7.88 -13.24 -20.82
C THR A 48 8.92 -14.34 -20.72
N CYS A 49 8.79 -15.36 -21.57
CA CYS A 49 9.75 -16.44 -21.58
C CYS A 49 10.99 -15.99 -22.33
N ASN A 50 12.11 -15.95 -21.63
CA ASN A 50 13.38 -15.57 -22.23
C ASN A 50 14.13 -16.83 -22.64
N SER A 51 15.30 -16.66 -23.25
CA SER A 51 16.10 -17.81 -23.68
C SER A 51 16.94 -18.28 -22.48
N ASP A 52 16.22 -18.69 -21.44
CA ASP A 52 16.78 -19.16 -20.19
C ASP A 52 15.81 -20.12 -19.52
N GLY A 53 14.70 -20.38 -20.20
CA GLY A 53 13.70 -21.26 -19.65
C GLY A 53 13.19 -20.76 -18.30
N GLU A 54 13.41 -19.47 -18.08
CA GLU A 54 12.96 -18.79 -16.88
C GLU A 54 12.17 -17.55 -17.24
N TRP A 55 11.32 -17.10 -16.33
CA TRP A 55 10.53 -15.90 -16.56
C TRP A 55 11.30 -14.69 -16.06
N VAL A 56 11.74 -13.90 -17.03
CA VAL A 56 12.54 -12.71 -16.79
C VAL A 56 11.65 -11.47 -16.76
N TYR A 57 12.01 -10.49 -15.94
CA TYR A 57 11.23 -9.25 -15.86
C TYR A 57 11.68 -8.36 -14.71
N ASN A 58 11.17 -7.13 -14.66
CA ASN A 58 11.54 -6.19 -13.62
C ASN A 58 10.53 -6.20 -12.47
N THR A 59 10.85 -5.46 -11.41
CA THR A 59 9.98 -5.35 -10.25
C THR A 59 9.09 -4.12 -10.37
N PHE A 60 7.78 -4.34 -10.40
CA PHE A 60 6.84 -3.24 -10.53
C PHE A 60 6.07 -2.99 -9.23
N CYS A 61 6.39 -3.77 -8.20
CA CYS A 61 5.72 -3.61 -6.91
C CYS A 61 6.64 -4.08 -5.77
N ILE A 62 6.58 -3.40 -4.63
CA ILE A 62 7.42 -3.76 -3.49
C ILE A 62 6.61 -3.94 -2.21
N TYR A 63 5.56 -3.14 -2.07
CA TYR A 63 4.71 -3.21 -0.87
C TYR A 63 5.44 -2.74 0.37
N LYS A 64 4.96 -1.63 0.92
CA LYS A 64 5.54 -1.05 2.13
C LYS A 64 4.59 0.00 2.70
N ARG A 65 3.71 -0.42 3.60
CA ARG A 65 2.75 0.48 4.22
C ARG A 65 3.36 1.16 5.44
N CYS A 66 2.50 1.61 6.36
CA CYS A 66 2.95 2.27 7.57
C CYS A 66 2.18 1.74 8.77
N ARG A 67 2.81 1.75 9.94
CA ARG A 67 2.14 1.28 11.14
C ARG A 67 0.97 2.18 11.50
N HIS A 68 -0.11 1.58 11.96
CA HIS A 68 -1.30 2.33 12.33
C HIS A 68 -0.95 3.47 13.29
N PRO A 69 -1.49 4.68 13.03
CA PRO A 69 -1.24 5.86 13.88
C PRO A 69 -1.72 5.60 15.30
N GLY A 70 -2.75 4.78 15.43
CA GLY A 70 -3.31 4.47 16.73
C GLY A 70 -4.70 5.03 16.92
N GLU A 71 -5.22 4.84 18.12
CA GLU A 71 -6.55 5.31 18.47
C GLU A 71 -6.51 6.79 18.82
N LEU A 72 -7.45 7.55 18.25
CA LEU A 72 -7.54 8.97 18.51
C LEU A 72 -8.51 9.21 19.66
N ARG A 73 -7.98 9.38 20.87
CA ARG A 73 -8.84 9.65 22.01
C ARG A 73 -9.52 11.00 21.79
N ASN A 74 -10.85 10.97 21.83
CA ASN A 74 -11.65 12.14 21.55
C ASN A 74 -11.36 12.55 20.12
N GLY A 75 -11.39 11.55 19.24
CA GLY A 75 -11.10 11.83 17.85
C GLY A 75 -11.36 10.63 16.94
N GLN A 76 -11.16 10.85 15.64
CA GLN A 76 -11.37 9.79 14.65
C GLN A 76 -10.21 9.73 13.66
N VAL A 77 -9.73 8.52 13.40
CA VAL A 77 -8.63 8.35 12.45
C VAL A 77 -9.12 7.73 11.15
N GLU A 78 -9.11 8.51 10.08
CA GLU A 78 -9.55 8.02 8.77
C GLU A 78 -8.57 6.99 8.22
N ILE A 79 -8.94 5.71 8.28
CA ILE A 79 -8.10 4.63 7.78
C ILE A 79 -8.88 3.70 6.88
N LYS A 80 -8.58 3.76 5.59
CA LYS A 80 -9.25 2.92 4.61
C LYS A 80 -8.26 2.26 3.66
N THR A 81 -7.24 3.01 3.24
CA THR A 81 -6.25 2.49 2.31
C THR A 81 -5.21 1.61 2.99
N ASP A 82 -5.52 1.15 4.20
CA ASP A 82 -4.59 0.28 4.94
C ASP A 82 -3.28 0.98 5.22
N LEU A 83 -3.24 2.26 4.93
CA LEU A 83 -2.04 3.08 5.14
C LEU A 83 -0.94 2.67 4.18
N SER A 84 -1.24 2.72 2.90
CA SER A 84 -0.25 2.41 1.89
C SER A 84 0.54 3.69 1.57
N PHE A 85 1.86 3.62 1.65
CA PHE A 85 2.71 4.78 1.39
C PHE A 85 2.13 5.65 0.29
N GLY A 86 2.27 6.96 0.42
CA GLY A 86 1.75 7.87 -0.58
C GLY A 86 0.28 8.17 -0.35
N SER A 87 -0.14 8.16 0.92
CA SER A 87 -1.54 8.41 1.24
C SER A 87 -1.70 9.35 2.44
N GLN A 88 -2.88 9.97 2.47
CA GLN A 88 -3.22 10.89 3.53
C GLN A 88 -4.38 10.34 4.37
N ILE A 89 -4.28 10.46 5.68
CA ILE A 89 -5.32 9.97 6.57
C ILE A 89 -5.77 11.07 7.54
N GLU A 90 -6.85 11.75 7.19
CA GLU A 90 -7.37 12.83 8.01
C GLU A 90 -7.88 12.29 9.34
N PHE A 91 -8.28 13.19 10.22
CA PHE A 91 -8.79 12.80 11.52
C PHE A 91 -10.03 13.62 11.88
N SER A 92 -10.52 13.47 13.10
CA SER A 92 -11.71 14.19 13.52
C SER A 92 -11.87 14.22 15.04
N CYS A 93 -11.68 15.40 15.61
CA CYS A 93 -11.83 15.55 17.06
C CYS A 93 -13.32 15.71 17.38
N SER A 94 -13.81 14.85 18.26
CA SER A 94 -15.23 14.85 18.66
C SER A 94 -15.82 16.24 18.87
N GLU A 95 -17.14 16.28 18.85
CA GLU A 95 -17.93 17.51 19.05
C GLU A 95 -17.22 18.57 19.90
N GLY A 96 -17.16 18.35 21.20
CA GLY A 96 -16.56 19.33 22.10
C GLY A 96 -15.08 19.54 21.92
N PHE A 97 -14.37 18.56 21.38
CA PHE A 97 -12.93 18.69 21.21
C PHE A 97 -12.57 18.91 19.75
N PHE A 98 -11.82 19.98 19.47
CA PHE A 98 -11.40 20.27 18.11
C PHE A 98 -10.02 19.71 17.86
N LEU A 99 -9.62 19.74 16.59
CA LEU A 99 -8.33 19.20 16.20
C LEU A 99 -7.23 20.26 16.24
N ILE A 100 -6.05 19.81 16.66
CA ILE A 100 -4.87 20.65 16.77
C ILE A 100 -3.63 19.78 16.73
N GLY A 101 -2.93 19.87 15.62
CA GLY A 101 -1.73 19.08 15.40
C GLY A 101 -1.41 18.97 13.92
N SER A 102 -2.33 18.34 13.21
CA SER A 102 -2.24 18.12 11.78
C SER A 102 -3.43 17.27 11.34
N THR A 103 -4.44 17.92 10.78
CA THR A 103 -5.65 17.19 10.37
C THR A 103 -5.32 16.15 9.32
N THR A 104 -4.11 16.21 8.80
CA THR A 104 -3.68 15.26 7.81
C THR A 104 -2.48 14.47 8.31
N SER A 105 -2.30 13.29 7.77
CA SER A 105 -1.18 12.44 8.11
C SER A 105 -0.74 11.69 6.86
N ARG A 106 0.45 11.98 6.37
CA ARG A 106 0.98 11.35 5.16
C ARG A 106 2.01 10.29 5.50
N CYS A 107 2.16 9.33 4.59
CA CYS A 107 3.09 8.23 4.78
C CYS A 107 4.34 8.42 3.94
N GLU A 108 5.47 8.55 4.61
CA GLU A 108 6.74 8.76 3.93
C GLU A 108 7.67 7.59 4.19
N VAL A 109 8.85 7.60 3.61
CA VAL A 109 9.79 6.51 3.80
C VAL A 109 11.22 6.97 4.03
N GLN A 110 11.83 6.43 5.08
CA GLN A 110 13.21 6.72 5.41
C GLN A 110 14.11 5.56 4.98
N ASP A 111 14.73 5.70 3.81
CA ASP A 111 15.61 4.66 3.27
C ASP A 111 14.81 3.40 2.92
N ARG A 112 14.66 2.52 3.89
CA ARG A 112 13.91 1.28 3.69
C ARG A 112 12.90 1.08 4.80
N GLY A 113 12.91 1.99 5.76
CA GLY A 113 11.99 1.92 6.87
C GLY A 113 10.98 3.04 6.82
N VAL A 114 9.80 2.73 6.30
CA VAL A 114 8.74 3.73 6.16
C VAL A 114 8.69 4.63 7.37
N GLY A 115 8.51 5.91 7.14
CA GLY A 115 8.45 6.82 8.25
C GLY A 115 7.11 7.51 8.35
N TRP A 116 6.61 7.67 9.56
CA TRP A 116 5.34 8.33 9.79
C TRP A 116 5.57 9.80 10.16
N SER A 117 5.43 10.68 9.18
CA SER A 117 5.63 12.12 9.40
C SER A 117 4.96 12.57 10.70
N HIS A 118 3.64 12.39 10.77
CA HIS A 118 2.87 12.77 11.94
C HIS A 118 1.67 11.85 12.13
N PRO A 119 1.48 11.30 13.35
CA PRO A 119 0.38 10.41 13.67
C PRO A 119 -0.82 11.16 14.25
N LEU A 120 -1.48 10.53 15.22
CA LEU A 120 -2.63 11.11 15.87
C LEU A 120 -2.38 12.53 16.36
N PRO A 121 -3.36 13.44 16.16
CA PRO A 121 -3.26 14.84 16.59
C PRO A 121 -3.68 15.04 18.04
N GLN A 122 -3.85 16.30 18.44
CA GLN A 122 -4.25 16.63 19.79
C GLN A 122 -5.68 17.16 19.83
N CYS A 123 -6.57 16.44 20.51
CA CYS A 123 -7.96 16.86 20.63
C CYS A 123 -8.21 17.54 21.96
N GLU A 124 -8.47 18.85 21.90
CA GLU A 124 -8.73 19.66 23.10
C GLU A 124 -10.13 20.26 23.01
N ILE A 125 -10.77 20.33 24.17
CA ILE A 125 -12.12 20.87 24.29
C ILE A 125 -12.20 22.30 23.78
N LEU A 126 -13.40 22.71 23.38
CA LEU A 126 -13.65 24.05 22.89
C LEU A 126 -13.69 25.06 24.04
N GLU A 127 -14.39 26.18 23.82
CA GLU A 127 -14.50 27.21 24.84
C GLU A 127 -15.65 26.91 25.81
N HIS A 128 -16.78 26.46 25.27
CA HIS A 128 -17.94 26.14 26.08
C HIS A 128 -18.08 24.63 26.29
N HIS A 129 -18.21 24.22 27.55
CA HIS A 129 -18.35 22.81 27.88
C HIS A 129 -18.51 22.62 29.40
N HIS A 130 -19.64 22.02 29.79
CA HIS A 130 -19.92 21.77 31.21
C HIS A 130 -20.20 20.29 31.43
N HIS A 131 -21.44 19.88 31.12
CA HIS A 131 -21.85 18.50 31.29
C HIS A 131 -23.27 18.30 30.74
N HIS A 132 -24.23 19.00 31.34
CA HIS A 132 -25.62 18.90 30.92
C HIS A 132 -25.90 19.82 29.74
N HIS A 133 -25.52 21.09 29.87
CA HIS A 133 -25.73 22.07 28.81
C HIS A 133 -24.85 23.29 29.03
N MET A 1 12.10 -21.42 -27.50
CA MET A 1 12.27 -22.26 -26.29
C MET A 1 11.20 -21.93 -25.25
N ASN A 2 10.70 -22.96 -24.58
CA ASN A 2 9.66 -22.77 -23.56
C ASN A 2 10.27 -22.73 -22.16
N CYS A 3 9.66 -21.94 -21.29
CA CYS A 3 10.12 -21.80 -19.92
C CYS A 3 9.40 -22.79 -19.00
N GLY A 4 9.80 -22.79 -17.72
CA GLY A 4 9.18 -23.66 -16.76
C GLY A 4 7.95 -23.03 -16.14
N PRO A 5 7.01 -23.82 -15.59
CA PRO A 5 5.80 -23.29 -14.96
C PRO A 5 6.05 -22.04 -14.14
N PRO A 6 5.30 -20.96 -14.41
CA PRO A 6 5.45 -19.68 -13.70
C PRO A 6 5.40 -19.83 -12.18
N PRO A 7 6.08 -18.92 -11.47
CA PRO A 7 6.13 -18.92 -10.01
C PRO A 7 4.95 -18.15 -9.42
N THR A 8 4.94 -18.13 -8.09
CA THR A 8 3.92 -17.42 -7.34
C THR A 8 4.47 -16.05 -6.96
N LEU A 9 3.70 -15.00 -7.22
CA LEU A 9 4.16 -13.66 -6.91
C LEU A 9 3.29 -12.99 -5.85
N SER A 10 3.55 -11.70 -5.65
CA SER A 10 2.81 -10.90 -4.69
C SER A 10 2.74 -9.46 -5.17
N PHE A 11 3.31 -9.23 -6.35
CA PHE A 11 3.31 -7.91 -6.95
C PHE A 11 2.57 -7.94 -8.28
N ALA A 12 1.60 -8.86 -8.36
CA ALA A 12 0.76 -9.06 -9.55
C ALA A 12 0.18 -10.48 -9.53
N ALA A 13 -1.01 -10.59 -10.11
CA ALA A 13 -1.68 -11.88 -10.21
C ALA A 13 -2.12 -12.18 -11.64
N PRO A 14 -2.13 -13.47 -12.05
CA PRO A 14 -2.52 -13.87 -13.40
C PRO A 14 -3.90 -13.35 -13.80
N MET A 15 -4.08 -13.06 -15.09
CA MET A 15 -5.35 -12.56 -15.59
C MET A 15 -5.48 -12.79 -17.10
N ASP A 16 -4.38 -13.17 -17.73
CA ASP A 16 -4.39 -13.43 -19.17
C ASP A 16 -3.64 -14.72 -19.51
N ILE A 17 -2.67 -15.06 -18.68
CA ILE A 17 -1.86 -16.25 -18.88
C ILE A 17 -2.73 -17.50 -18.85
N THR A 18 -3.90 -17.36 -18.26
CA THR A 18 -4.83 -18.48 -18.12
C THR A 18 -4.11 -19.71 -17.59
N LEU A 19 -4.22 -19.92 -16.29
CA LEU A 19 -3.56 -21.04 -15.66
C LEU A 19 -4.18 -22.36 -16.07
N THR A 20 -3.81 -22.83 -17.26
CA THR A 20 -4.33 -24.08 -17.79
C THR A 20 -3.27 -24.80 -18.62
N GLU A 21 -2.15 -24.11 -18.84
CA GLU A 21 -1.05 -24.67 -19.61
C GLU A 21 0.08 -25.13 -18.69
N THR A 22 1.21 -25.48 -19.29
CA THR A 22 2.37 -25.93 -18.53
C THR A 22 3.63 -25.19 -18.94
N ARG A 23 3.76 -24.94 -20.23
CA ARG A 23 4.93 -24.24 -20.76
C ARG A 23 4.50 -22.98 -21.49
N PHE A 24 5.44 -22.03 -21.64
CA PHE A 24 5.18 -20.77 -22.32
C PHE A 24 6.42 -20.34 -23.09
N LYS A 25 6.34 -20.39 -24.43
CA LYS A 25 7.47 -20.04 -25.29
C LYS A 25 8.11 -18.71 -24.90
N THR A 26 9.31 -18.48 -25.42
CA THR A 26 10.05 -17.26 -25.13
C THR A 26 9.37 -16.03 -25.70
N GLY A 27 8.33 -16.23 -26.48
CA GLY A 27 7.61 -15.12 -27.07
C GLY A 27 6.35 -14.78 -26.30
N THR A 28 5.93 -15.69 -25.44
CA THR A 28 4.72 -15.50 -24.64
C THR A 28 4.89 -14.32 -23.69
N THR A 29 3.80 -13.87 -23.10
CA THR A 29 3.84 -12.74 -22.16
C THR A 29 2.59 -12.72 -21.28
N LEU A 30 2.79 -12.70 -19.98
CA LEU A 30 1.68 -12.69 -19.03
C LEU A 30 1.25 -11.25 -18.72
N LYS A 31 -0.06 -11.03 -18.70
CA LYS A 31 -0.60 -9.70 -18.41
C LYS A 31 -0.44 -9.38 -16.93
N TYR A 32 -1.16 -10.12 -16.09
CA TYR A 32 -1.10 -9.93 -14.65
C TYR A 32 -1.65 -8.57 -14.23
N THR A 33 -2.47 -8.58 -13.18
CA THR A 33 -3.07 -7.36 -12.65
C THR A 33 -2.40 -6.95 -11.35
N CYS A 34 -2.64 -5.70 -10.92
CA CYS A 34 -2.03 -5.20 -9.68
C CYS A 34 -3.07 -4.86 -8.62
N LEU A 35 -3.20 -5.79 -7.68
CA LEU A 35 -4.12 -5.67 -6.55
C LEU A 35 -4.32 -4.20 -6.16
N PRO A 36 -5.49 -3.65 -6.48
CA PRO A 36 -5.85 -2.26 -6.21
C PRO A 36 -5.18 -1.67 -4.96
N GLY A 37 -4.56 -0.51 -5.15
CA GLY A 37 -3.92 0.17 -4.04
C GLY A 37 -2.41 0.26 -4.14
N TYR A 38 -1.78 -0.82 -4.60
CA TYR A 38 -0.31 -0.93 -4.74
C TYR A 38 0.46 0.37 -4.52
N VAL A 39 1.65 0.19 -3.98
CA VAL A 39 2.49 1.32 -3.62
C VAL A 39 3.58 1.57 -4.67
N ARG A 40 4.07 2.81 -4.70
CA ARG A 40 5.08 3.26 -5.65
C ARG A 40 6.20 2.24 -5.84
N SER A 41 6.44 1.92 -7.12
CA SER A 41 7.50 0.99 -7.52
C SER A 41 7.21 0.46 -8.93
N HIS A 42 6.04 0.81 -9.45
CA HIS A 42 5.62 0.37 -10.77
C HIS A 42 6.61 0.81 -11.85
N SER A 43 6.63 0.07 -12.95
CA SER A 43 7.52 0.36 -14.08
C SER A 43 7.27 -0.63 -15.21
N THR A 44 6.51 -1.69 -14.91
CA THR A 44 6.19 -2.71 -15.88
C THR A 44 4.95 -3.50 -15.44
N GLN A 45 4.77 -4.69 -16.03
CA GLN A 45 3.63 -5.55 -15.69
C GLN A 45 3.49 -6.70 -16.68
N THR A 46 4.61 -7.37 -16.97
CA THR A 46 4.61 -8.48 -17.92
C THR A 46 5.67 -9.52 -17.62
N LEU A 47 5.31 -10.79 -17.81
CA LEU A 47 6.22 -11.91 -17.59
C LEU A 47 6.44 -12.66 -18.90
N THR A 48 7.64 -12.51 -19.47
CA THR A 48 7.98 -13.16 -20.74
C THR A 48 9.04 -14.24 -20.54
N CYS A 49 9.04 -15.22 -21.43
CA CYS A 49 10.03 -16.28 -21.35
C CYS A 49 11.29 -15.78 -22.03
N ASN A 50 12.37 -15.71 -21.26
CA ASN A 50 13.65 -15.28 -21.80
C ASN A 50 14.52 -16.50 -22.08
N SER A 51 15.71 -16.27 -22.64
CA SER A 51 16.62 -17.37 -22.95
C SER A 51 17.47 -17.68 -21.72
N ASP A 52 16.80 -18.10 -20.65
CA ASP A 52 17.43 -18.44 -19.39
C ASP A 52 16.62 -19.51 -18.67
N GLY A 53 15.54 -19.95 -19.32
CA GLY A 53 14.68 -20.95 -18.74
C GLY A 53 14.03 -20.46 -17.45
N GLU A 54 14.04 -19.15 -17.31
CA GLU A 54 13.43 -18.50 -16.16
C GLU A 54 12.57 -17.32 -16.61
N TRP A 55 11.79 -16.79 -15.67
CA TRP A 55 10.93 -15.65 -15.95
C TRP A 55 11.63 -14.36 -15.55
N VAL A 56 11.96 -13.56 -16.56
CA VAL A 56 12.65 -12.30 -16.38
C VAL A 56 11.66 -11.16 -16.37
N TYR A 57 11.94 -10.10 -15.60
CA TYR A 57 11.07 -8.94 -15.57
C TYR A 57 11.49 -7.94 -14.50
N ASN A 58 10.86 -6.76 -14.50
CA ASN A 58 11.18 -5.72 -13.52
C ASN A 58 10.23 -5.80 -12.34
N THR A 59 10.51 -5.01 -11.31
CA THR A 59 9.68 -4.99 -10.13
C THR A 59 8.75 -3.78 -10.14
N PHE A 60 7.62 -3.93 -10.80
CA PHE A 60 6.63 -2.85 -10.90
C PHE A 60 5.89 -2.70 -9.58
N CYS A 61 4.59 -2.99 -9.58
CA CYS A 61 3.79 -2.89 -8.37
C CYS A 61 4.45 -3.69 -7.26
N ILE A 62 4.28 -3.27 -6.00
CA ILE A 62 4.91 -3.99 -4.89
C ILE A 62 4.03 -4.06 -3.65
N TYR A 63 3.39 -2.94 -3.31
CA TYR A 63 2.54 -2.89 -2.13
C TYR A 63 3.37 -2.91 -0.84
N LYS A 64 3.21 -1.85 -0.06
CA LYS A 64 3.92 -1.64 1.20
C LYS A 64 3.18 -0.58 2.00
N ARG A 65 2.52 -1.00 3.08
CA ARG A 65 1.74 -0.09 3.91
C ARG A 65 2.54 0.39 5.12
N CYS A 66 1.95 1.29 5.90
CA CYS A 66 2.62 1.84 7.07
C CYS A 66 1.99 1.27 8.33
N ARG A 67 2.75 1.28 9.42
CA ARG A 67 2.23 0.76 10.68
C ARG A 67 0.97 1.54 11.05
N HIS A 68 0.01 0.82 11.60
CA HIS A 68 -1.25 1.43 12.00
C HIS A 68 -1.01 2.70 12.82
N PRO A 69 -1.59 3.83 12.37
CA PRO A 69 -1.47 5.12 13.03
C PRO A 69 -1.57 5.02 14.55
N GLY A 70 -2.44 4.14 15.01
CA GLY A 70 -2.66 3.98 16.43
C GLY A 70 -3.90 4.73 16.87
N GLU A 71 -4.10 4.73 18.17
CA GLU A 71 -5.25 5.38 18.77
C GLU A 71 -5.00 6.88 18.96
N LEU A 72 -5.96 7.66 18.50
CA LEU A 72 -5.92 9.11 18.62
C LEU A 72 -6.86 9.50 19.77
N ARG A 73 -6.29 9.82 20.93
CA ARG A 73 -7.09 10.18 22.09
C ARG A 73 -7.90 11.45 21.83
N ASN A 74 -9.20 11.29 22.00
CA ASN A 74 -10.20 12.35 21.76
C ASN A 74 -10.43 12.46 20.26
N GLY A 75 -9.89 11.51 19.52
CA GLY A 75 -10.07 11.54 18.08
C GLY A 75 -10.51 10.21 17.50
N GLN A 76 -10.62 10.18 16.17
CA GLN A 76 -11.03 8.96 15.47
C GLN A 76 -10.27 8.80 14.14
N VAL A 77 -9.06 8.26 14.24
CA VAL A 77 -8.22 8.03 13.07
C VAL A 77 -9.00 7.40 11.92
N GLU A 78 -9.16 8.13 10.84
CA GLU A 78 -9.89 7.62 9.68
C GLU A 78 -9.03 6.64 8.87
N ILE A 79 -9.29 5.36 9.05
CA ILE A 79 -8.55 4.32 8.35
C ILE A 79 -9.51 3.47 7.52
N LYS A 80 -9.08 3.11 6.31
CA LYS A 80 -9.91 2.30 5.43
C LYS A 80 -9.09 1.62 4.35
N THR A 81 -8.21 2.38 3.73
CA THR A 81 -7.37 1.86 2.66
C THR A 81 -6.23 1.02 3.19
N ASP A 82 -6.32 0.64 4.46
CA ASP A 82 -5.28 -0.17 5.10
C ASP A 82 -3.95 0.55 5.11
N LEU A 83 -3.96 1.79 4.65
CA LEU A 83 -2.78 2.62 4.60
C LEU A 83 -1.78 2.08 3.58
N SER A 84 -2.22 1.99 2.34
CA SER A 84 -1.38 1.50 1.26
C SER A 84 -0.48 2.63 0.73
N PHE A 85 0.24 3.28 1.64
CA PHE A 85 1.14 4.38 1.28
C PHE A 85 0.32 5.58 0.79
N GLY A 86 1.01 6.68 0.47
CA GLY A 86 0.33 7.89 0.01
C GLY A 86 -0.94 8.17 0.78
N SER A 87 -0.95 7.79 2.06
CA SER A 87 -2.11 7.99 2.91
C SER A 87 -1.93 9.18 3.84
N GLN A 88 -2.99 9.97 3.95
CA GLN A 88 -2.95 11.15 4.81
C GLN A 88 -3.79 10.87 6.06
N ILE A 89 -4.91 10.18 5.84
CA ILE A 89 -5.83 9.80 6.91
C ILE A 89 -6.12 10.97 7.84
N GLU A 90 -7.24 11.64 7.57
CA GLU A 90 -7.65 12.79 8.35
C GLU A 90 -8.08 12.38 9.75
N PHE A 91 -7.64 13.16 10.74
CA PHE A 91 -7.99 12.89 12.12
C PHE A 91 -9.19 13.73 12.52
N SER A 92 -10.04 13.22 13.41
CA SER A 92 -11.23 13.95 13.82
C SER A 92 -11.33 14.04 15.34
N CYS A 93 -11.29 15.25 15.84
CA CYS A 93 -11.42 15.48 17.27
C CYS A 93 -12.89 15.53 17.64
N SER A 94 -13.32 14.59 18.48
CA SER A 94 -14.71 14.50 18.90
C SER A 94 -15.29 15.85 19.29
N GLU A 95 -16.62 15.89 19.43
CA GLU A 95 -17.34 17.09 19.80
C GLU A 95 -16.61 17.84 20.92
N GLY A 96 -16.76 19.16 20.95
CA GLY A 96 -16.12 19.97 21.96
C GLY A 96 -14.63 20.13 21.74
N PHE A 97 -14.01 19.12 21.14
CA PHE A 97 -12.57 19.16 20.89
C PHE A 97 -12.30 19.30 19.40
N PHE A 98 -11.35 20.18 19.04
CA PHE A 98 -11.02 20.39 17.63
C PHE A 98 -9.64 19.82 17.32
N LEU A 99 -9.36 19.74 16.02
CA LEU A 99 -8.10 19.19 15.53
C LEU A 99 -7.02 20.27 15.47
N ILE A 100 -5.81 19.90 15.87
CA ILE A 100 -4.66 20.79 15.87
C ILE A 100 -3.38 19.98 15.80
N GLY A 101 -2.58 20.28 14.80
CA GLY A 101 -1.33 19.57 14.59
C GLY A 101 -1.07 19.35 13.12
N SER A 102 -1.96 18.57 12.51
CA SER A 102 -1.89 18.23 11.11
C SER A 102 -3.04 17.28 10.79
N THR A 103 -4.13 17.80 10.23
CA THR A 103 -5.28 16.97 9.93
C THR A 103 -4.90 15.85 8.98
N THR A 104 -3.70 15.92 8.43
CA THR A 104 -3.23 14.89 7.55
C THR A 104 -1.96 14.27 8.09
N SER A 105 -1.62 13.10 7.60
CA SER A 105 -0.42 12.40 8.01
C SER A 105 0.02 11.48 6.88
N ARG A 106 1.19 11.77 6.32
CA ARG A 106 1.72 10.99 5.19
C ARG A 106 2.65 9.88 5.67
N CYS A 107 2.96 8.97 4.75
CA CYS A 107 3.84 7.84 5.03
C CYS A 107 5.11 7.95 4.20
N GLU A 108 6.24 8.10 4.87
CA GLU A 108 7.51 8.26 4.19
C GLU A 108 8.33 6.98 4.24
N VAL A 109 8.45 6.35 3.08
CA VAL A 109 9.21 5.12 2.97
C VAL A 109 10.70 5.43 2.83
N GLN A 110 11.48 4.97 3.80
CA GLN A 110 12.91 5.23 3.80
C GLN A 110 13.69 4.09 4.45
N ASP A 111 13.51 2.89 3.93
CA ASP A 111 14.19 1.72 4.43
C ASP A 111 13.75 0.47 3.67
N ARG A 112 12.64 -0.11 4.11
CA ARG A 112 12.08 -1.29 3.49
C ARG A 112 10.82 -1.73 4.24
N GLY A 113 10.46 -0.96 5.25
CA GLY A 113 9.28 -1.28 6.04
C GLY A 113 8.37 -0.08 6.22
N VAL A 114 8.56 0.93 5.37
CA VAL A 114 7.73 2.13 5.42
C VAL A 114 7.97 2.93 6.71
N GLY A 115 7.96 4.25 6.54
CA GLY A 115 8.24 5.08 7.72
C GLY A 115 7.34 6.28 7.95
N TRP A 116 6.31 6.13 8.78
CA TRP A 116 5.42 7.24 9.11
C TRP A 116 6.20 8.52 9.40
N SER A 117 5.56 9.66 9.18
CA SER A 117 6.20 10.96 9.40
C SER A 117 5.61 11.66 10.63
N HIS A 118 4.30 11.54 10.80
CA HIS A 118 3.61 12.17 11.93
C HIS A 118 2.34 11.40 12.30
N PRO A 119 2.14 11.12 13.60
CA PRO A 119 0.97 10.39 14.08
C PRO A 119 -0.17 11.30 14.56
N LEU A 120 -0.90 10.83 15.56
CA LEU A 120 -2.02 11.55 16.15
C LEU A 120 -1.66 13.01 16.49
N PRO A 121 -2.47 13.98 16.01
CA PRO A 121 -2.24 15.40 16.26
C PRO A 121 -2.55 15.78 17.71
N GLN A 122 -3.35 16.84 17.91
CA GLN A 122 -3.70 17.29 19.25
C GLN A 122 -5.18 17.64 19.35
N CYS A 123 -5.90 16.92 20.20
CA CYS A 123 -7.33 17.17 20.38
C CYS A 123 -7.54 17.94 21.68
N GLU A 124 -7.89 19.22 21.55
CA GLU A 124 -8.12 20.08 22.72
C GLU A 124 -9.49 20.74 22.64
N ILE A 125 -10.10 20.91 23.81
CA ILE A 125 -11.43 21.51 23.90
C ILE A 125 -11.40 22.98 23.49
N LEU A 126 -12.44 23.42 22.80
CA LEU A 126 -12.55 24.79 22.34
C LEU A 126 -12.50 25.77 23.52
N GLU A 127 -13.41 25.60 24.46
CA GLU A 127 -13.49 26.47 25.64
C GLU A 127 -12.91 25.78 26.87
N HIS A 128 -12.58 26.57 27.89
CA HIS A 128 -12.01 26.05 29.12
C HIS A 128 -10.72 25.29 28.86
N HIS A 129 -9.59 25.96 29.06
CA HIS A 129 -8.28 25.34 28.85
C HIS A 129 -7.75 24.72 30.14
N HIS A 130 -6.81 23.80 30.00
CA HIS A 130 -6.20 23.13 31.14
C HIS A 130 -7.25 22.35 31.94
N HIS A 131 -7.24 21.03 31.80
CA HIS A 131 -8.19 20.18 32.51
C HIS A 131 -7.58 18.81 32.81
N HIS A 132 -7.08 18.15 31.77
CA HIS A 132 -6.47 16.83 31.92
C HIS A 132 -4.97 16.96 32.14
N HIS A 133 -4.43 16.09 32.98
CA HIS A 133 -3.00 16.09 33.29
C HIS A 133 -2.57 17.43 33.88
N MET A 1 12.73 -26.24 -23.71
CA MET A 1 13.43 -24.93 -23.64
C MET A 1 12.48 -23.84 -23.12
N ASN A 2 11.25 -24.23 -22.82
CA ASN A 2 10.26 -23.29 -22.31
C ASN A 2 10.68 -22.70 -20.97
N CYS A 3 9.86 -21.80 -20.44
CA CYS A 3 10.14 -21.15 -19.17
C CYS A 3 9.61 -21.94 -17.99
N GLY A 4 8.69 -22.86 -18.26
CA GLY A 4 8.10 -23.65 -17.20
C GLY A 4 6.82 -23.00 -16.68
N PRO A 5 5.91 -23.78 -16.05
CA PRO A 5 4.65 -23.26 -15.53
C PRO A 5 4.83 -21.93 -14.77
N PRO A 6 3.99 -20.92 -15.10
CA PRO A 6 4.05 -19.60 -14.46
C PRO A 6 3.98 -19.68 -12.94
N PRO A 7 4.83 -18.90 -12.25
CA PRO A 7 4.87 -18.86 -10.79
C PRO A 7 3.72 -18.03 -10.20
N THR A 8 3.70 -18.04 -8.87
CA THR A 8 2.71 -17.32 -8.09
C THR A 8 3.32 -16.02 -7.57
N LEU A 9 3.74 -15.13 -8.48
CA LEU A 9 4.39 -13.89 -8.05
C LEU A 9 3.63 -13.26 -6.88
N SER A 10 4.30 -13.10 -5.76
CA SER A 10 3.67 -12.51 -4.59
C SER A 10 3.39 -11.02 -4.83
N PHE A 11 4.04 -10.46 -5.84
CA PHE A 11 3.87 -9.05 -6.18
C PHE A 11 3.04 -8.89 -7.45
N ALA A 12 1.97 -9.67 -7.55
CA ALA A 12 1.06 -9.66 -8.69
C ALA A 12 0.27 -10.96 -8.75
N ALA A 13 -0.92 -10.86 -9.29
CA ALA A 13 -1.78 -12.03 -9.45
C ALA A 13 -2.28 -12.15 -10.89
N PRO A 14 -2.37 -13.38 -11.43
CA PRO A 14 -2.83 -13.60 -12.81
C PRO A 14 -4.09 -12.82 -13.14
N MET A 15 -4.24 -12.45 -14.41
CA MET A 15 -5.41 -11.70 -14.86
C MET A 15 -5.70 -11.93 -16.34
N ASP A 16 -4.72 -12.48 -17.05
CA ASP A 16 -4.87 -12.74 -18.47
C ASP A 16 -3.81 -13.71 -18.96
N ILE A 17 -4.07 -15.00 -18.77
CA ILE A 17 -3.15 -16.04 -19.17
C ILE A 17 -3.84 -17.38 -19.22
N THR A 18 -5.04 -17.42 -18.67
CA THR A 18 -5.82 -18.65 -18.60
C THR A 18 -4.96 -19.79 -18.09
N LEU A 19 -5.01 -20.01 -16.78
CA LEU A 19 -4.23 -21.05 -16.16
C LEU A 19 -4.75 -22.43 -16.56
N THR A 20 -4.42 -22.84 -17.78
CA THR A 20 -4.84 -24.12 -18.30
C THR A 20 -3.72 -24.76 -19.10
N GLU A 21 -2.70 -23.96 -19.40
CA GLU A 21 -1.55 -24.43 -20.17
C GLU A 21 -0.45 -24.92 -19.23
N THR A 22 0.68 -25.32 -19.80
CA THR A 22 1.80 -25.82 -19.03
C THR A 22 3.09 -25.09 -19.37
N ARG A 23 3.28 -24.78 -20.64
CA ARG A 23 4.46 -24.09 -21.10
C ARG A 23 4.08 -22.84 -21.88
N PHE A 24 5.02 -21.89 -22.02
CA PHE A 24 4.75 -20.65 -22.74
C PHE A 24 6.00 -20.24 -23.53
N LYS A 25 5.92 -20.32 -24.86
CA LYS A 25 7.05 -19.97 -25.73
C LYS A 25 7.63 -18.62 -25.36
N THR A 26 8.80 -18.32 -25.92
CA THR A 26 9.48 -17.06 -25.67
C THR A 26 8.69 -15.88 -26.20
N GLY A 27 7.66 -16.17 -27.00
CA GLY A 27 6.82 -15.12 -27.55
C GLY A 27 5.57 -14.91 -26.71
N THR A 28 5.62 -15.40 -25.48
CA THR A 28 4.49 -15.29 -24.56
C THR A 28 4.66 -14.09 -23.65
N THR A 29 3.55 -13.60 -23.10
CA THR A 29 3.59 -12.46 -22.20
C THR A 29 2.33 -12.42 -21.33
N LEU A 30 2.54 -12.46 -20.02
CA LEU A 30 1.44 -12.46 -19.07
C LEU A 30 0.98 -11.03 -18.80
N LYS A 31 -0.01 -10.88 -17.92
CA LYS A 31 -0.54 -9.58 -17.57
C LYS A 31 -0.38 -9.33 -16.07
N TYR A 32 -1.16 -10.05 -15.26
CA TYR A 32 -1.10 -9.92 -13.82
C TYR A 32 -1.51 -8.53 -13.33
N THR A 33 -2.18 -8.50 -12.18
CA THR A 33 -2.63 -7.26 -11.58
C THR A 33 -1.81 -6.91 -10.35
N CYS A 34 -2.08 -5.74 -9.77
CA CYS A 34 -1.35 -5.30 -8.59
C CYS A 34 -2.30 -4.97 -7.43
N LEU A 35 -2.16 -5.78 -6.38
CA LEU A 35 -3.00 -5.68 -5.18
C LEU A 35 -3.41 -4.23 -4.88
N PRO A 36 -4.65 -4.06 -4.37
CA PRO A 36 -5.24 -2.74 -4.07
C PRO A 36 -4.29 -1.70 -3.50
N GLY A 37 -3.26 -2.12 -2.78
CA GLY A 37 -2.35 -1.16 -2.19
C GLY A 37 -0.89 -1.41 -2.50
N TYR A 38 -0.60 -2.59 -3.04
CA TYR A 38 0.77 -2.98 -3.37
C TYR A 38 1.61 -1.80 -3.84
N VAL A 39 2.48 -1.37 -2.94
CA VAL A 39 3.41 -0.30 -3.25
C VAL A 39 4.13 -0.60 -4.56
N ARG A 40 4.90 0.36 -5.09
CA ARG A 40 5.58 0.09 -6.35
C ARG A 40 6.69 1.09 -6.65
N SER A 41 7.56 0.68 -7.58
CA SER A 41 8.67 1.50 -8.04
C SER A 41 8.59 1.67 -9.55
N HIS A 42 7.52 1.12 -10.13
CA HIS A 42 7.26 1.16 -11.57
C HIS A 42 8.48 0.80 -12.40
N SER A 43 8.36 -0.31 -13.14
CA SER A 43 9.43 -0.79 -14.00
C SER A 43 8.88 -1.75 -15.05
N THR A 44 7.73 -2.34 -14.76
CA THR A 44 7.09 -3.28 -15.68
C THR A 44 5.67 -3.61 -15.22
N GLN A 45 5.12 -4.70 -15.77
CA GLN A 45 3.78 -5.15 -15.42
C GLN A 45 3.40 -6.38 -16.24
N THR A 46 4.40 -7.08 -16.78
CA THR A 46 4.17 -8.26 -17.60
C THR A 46 5.30 -9.27 -17.48
N LEU A 47 4.97 -10.53 -17.76
CA LEU A 47 5.94 -11.62 -17.70
C LEU A 47 6.18 -12.19 -19.10
N THR A 48 7.42 -12.14 -19.56
CA THR A 48 7.74 -12.66 -20.89
C THR A 48 8.70 -13.83 -20.78
N CYS A 49 8.66 -14.73 -21.76
CA CYS A 49 9.56 -15.88 -21.73
C CYS A 49 10.86 -15.47 -22.40
N ASN A 50 11.94 -15.50 -21.63
CA ASN A 50 13.26 -15.17 -22.14
C ASN A 50 14.01 -16.46 -22.46
N SER A 51 15.20 -16.32 -23.04
CA SER A 51 16.02 -17.47 -23.39
C SER A 51 16.88 -17.86 -22.18
N ASP A 52 16.20 -18.30 -21.13
CA ASP A 52 16.85 -18.70 -19.88
C ASP A 52 16.01 -19.73 -19.14
N GLY A 53 14.88 -20.08 -19.75
CA GLY A 53 13.99 -21.04 -19.12
C GLY A 53 13.48 -20.55 -17.78
N GLU A 54 13.61 -19.24 -17.59
CA GLU A 54 13.16 -18.59 -16.38
C GLU A 54 12.34 -17.35 -16.73
N TRP A 55 11.56 -16.85 -15.78
CA TRP A 55 10.76 -15.67 -16.00
C TRP A 55 11.54 -14.43 -15.60
N VAL A 56 11.87 -13.65 -16.61
CA VAL A 56 12.66 -12.42 -16.45
C VAL A 56 11.72 -11.22 -16.39
N TYR A 57 12.10 -10.24 -15.57
CA TYR A 57 11.29 -9.02 -15.45
C TYR A 57 11.75 -8.13 -14.30
N ASN A 58 11.23 -6.92 -14.23
CA ASN A 58 11.61 -6.00 -13.17
C ASN A 58 10.62 -6.07 -12.00
N THR A 59 10.89 -5.31 -10.95
CA THR A 59 10.03 -5.30 -9.78
C THR A 59 9.05 -4.13 -9.84
N PHE A 60 7.85 -4.39 -10.35
CA PHE A 60 6.84 -3.36 -10.45
C PHE A 60 6.27 -2.99 -9.08
N CYS A 61 5.51 -3.91 -8.48
CA CYS A 61 4.92 -3.68 -7.17
C CYS A 61 5.90 -4.09 -6.07
N ILE A 62 5.66 -3.64 -4.83
CA ILE A 62 6.56 -3.95 -3.72
C ILE A 62 5.83 -4.07 -2.38
N TYR A 63 4.79 -3.26 -2.17
CA TYR A 63 4.01 -3.30 -0.92
C TYR A 63 4.87 -2.98 0.30
N LYS A 64 4.49 -1.91 0.99
CA LYS A 64 5.16 -1.45 2.19
C LYS A 64 4.29 -0.40 2.89
N ARG A 65 3.57 -0.83 3.92
CA ARG A 65 2.68 0.06 4.64
C ARG A 65 3.35 0.71 5.85
N CYS A 66 2.64 1.64 6.49
CA CYS A 66 3.17 2.34 7.64
C CYS A 66 2.48 1.83 8.90
N ARG A 67 3.18 1.92 10.03
CA ARG A 67 2.59 1.45 11.27
C ARG A 67 1.36 2.28 11.60
N HIS A 68 0.30 1.60 12.03
CA HIS A 68 -0.93 2.28 12.38
C HIS A 68 -0.68 3.30 13.48
N PRO A 69 -1.01 4.60 13.24
CA PRO A 69 -0.81 5.65 14.23
C PRO A 69 -1.47 5.27 15.55
N GLY A 70 -2.45 4.37 15.49
CA GLY A 70 -3.12 3.94 16.69
C GLY A 70 -4.50 4.55 16.86
N GLU A 71 -5.02 4.39 18.06
CA GLU A 71 -6.34 4.92 18.37
C GLU A 71 -6.28 6.42 18.64
N LEU A 72 -7.27 7.15 18.11
CA LEU A 72 -7.36 8.59 18.29
C LEU A 72 -8.25 8.89 19.50
N ARG A 73 -7.64 9.15 20.65
CA ARG A 73 -8.42 9.46 21.84
C ARG A 73 -9.20 10.75 21.60
N ASN A 74 -10.52 10.64 21.74
CA ASN A 74 -11.42 11.74 21.47
C ASN A 74 -11.26 12.08 20.00
N GLY A 75 -11.31 11.04 19.17
CA GLY A 75 -11.13 11.22 17.75
C GLY A 75 -11.33 9.95 16.96
N GLN A 76 -11.25 10.07 15.64
CA GLN A 76 -11.43 8.92 14.76
C GLN A 76 -10.53 9.01 13.52
N VAL A 77 -9.27 8.61 13.67
CA VAL A 77 -8.32 8.63 12.57
C VAL A 77 -8.93 7.97 11.33
N GLU A 78 -9.07 8.72 10.25
CA GLU A 78 -9.64 8.20 9.02
C GLU A 78 -8.69 7.19 8.36
N ILE A 79 -9.03 5.91 8.49
CA ILE A 79 -8.24 4.84 7.89
C ILE A 79 -9.05 4.14 6.80
N LYS A 80 -8.44 3.97 5.64
CA LYS A 80 -9.13 3.33 4.52
C LYS A 80 -8.16 2.89 3.45
N THR A 81 -6.90 2.76 3.82
CA THR A 81 -5.89 2.35 2.87
C THR A 81 -4.86 1.44 3.52
N ASP A 82 -5.12 1.02 4.75
CA ASP A 82 -4.18 0.15 5.45
C ASP A 82 -2.82 0.80 5.54
N LEU A 83 -2.77 2.08 5.19
CA LEU A 83 -1.54 2.84 5.19
C LEU A 83 -0.59 2.24 4.15
N SER A 84 -1.08 2.08 2.93
CA SER A 84 -0.29 1.48 1.86
C SER A 84 0.78 2.41 1.30
N PHE A 85 1.30 3.32 2.13
CA PHE A 85 2.33 4.27 1.70
C PHE A 85 1.86 5.11 0.52
N GLY A 86 2.09 6.42 0.60
CA GLY A 86 1.68 7.30 -0.47
C GLY A 86 0.22 7.68 -0.36
N SER A 87 -0.33 7.58 0.85
CA SER A 87 -1.72 7.90 1.07
C SER A 87 -1.91 8.94 2.16
N GLN A 88 -3.10 9.50 2.20
CA GLN A 88 -3.46 10.51 3.18
C GLN A 88 -4.56 9.99 4.10
N ILE A 89 -4.39 10.17 5.39
CA ILE A 89 -5.37 9.74 6.38
C ILE A 89 -5.76 10.89 7.30
N GLU A 90 -7.00 11.33 7.19
CA GLU A 90 -7.49 12.43 8.01
C GLU A 90 -7.71 12.00 9.46
N PHE A 91 -8.09 12.96 10.29
CA PHE A 91 -8.36 12.72 11.70
C PHE A 91 -9.54 13.59 12.13
N SER A 92 -10.36 13.10 13.05
CA SER A 92 -11.52 13.87 13.50
C SER A 92 -11.64 13.89 15.02
N CYS A 93 -11.60 15.08 15.58
CA CYS A 93 -11.74 15.24 17.02
C CYS A 93 -13.21 15.28 17.39
N SER A 94 -13.62 14.35 18.26
CA SER A 94 -15.02 14.23 18.68
C SER A 94 -15.60 15.57 19.12
N GLU A 95 -16.92 15.59 19.28
CA GLU A 95 -17.64 16.79 19.70
C GLU A 95 -16.93 17.48 20.86
N GLY A 96 -17.07 18.80 20.93
CA GLY A 96 -16.43 19.57 21.98
C GLY A 96 -14.94 19.72 21.79
N PHE A 97 -14.30 18.72 21.19
CA PHE A 97 -12.86 18.76 20.98
C PHE A 97 -12.56 18.90 19.49
N PHE A 98 -11.64 19.80 19.15
CA PHE A 98 -11.29 19.99 17.75
C PHE A 98 -9.89 19.48 17.46
N LEU A 99 -9.56 19.45 16.17
CA LEU A 99 -8.26 18.97 15.74
C LEU A 99 -7.23 20.07 15.64
N ILE A 100 -6.01 19.75 16.03
CA ILE A 100 -4.88 20.68 15.99
C ILE A 100 -3.59 19.88 15.92
N GLY A 101 -2.98 19.94 14.76
CA GLY A 101 -1.74 19.23 14.50
C GLY A 101 -1.49 19.09 13.01
N SER A 102 -2.45 18.50 12.34
CA SER A 102 -2.42 18.26 10.90
C SER A 102 -3.54 17.30 10.55
N THR A 103 -4.63 17.83 9.99
CA THR A 103 -5.78 16.99 9.67
C THR A 103 -5.42 15.94 8.64
N THR A 104 -4.24 16.07 8.06
CA THR A 104 -3.79 15.11 7.08
C THR A 104 -2.55 14.40 7.57
N SER A 105 -2.31 13.20 7.05
CA SER A 105 -1.14 12.43 7.41
C SER A 105 -0.68 11.65 6.18
N ARG A 106 0.51 11.98 5.68
CA ARG A 106 1.06 11.33 4.49
C ARG A 106 1.99 10.19 4.86
N CYS A 107 1.78 9.05 4.23
CA CYS A 107 2.59 7.88 4.48
C CYS A 107 3.88 8.00 3.69
N GLU A 108 4.99 8.12 4.40
CA GLU A 108 6.28 8.32 3.77
C GLU A 108 7.16 7.09 3.96
N VAL A 109 8.21 7.03 3.15
CA VAL A 109 9.13 5.89 3.23
C VAL A 109 10.59 6.31 3.20
N GLN A 110 11.33 5.77 4.16
CA GLN A 110 12.75 6.01 4.29
C GLN A 110 13.51 4.71 4.08
N ASP A 111 14.04 4.53 2.87
CA ASP A 111 14.77 3.31 2.54
C ASP A 111 13.80 2.13 2.54
N ARG A 112 14.30 0.94 2.86
CA ARG A 112 13.46 -0.25 2.92
C ARG A 112 12.63 -0.28 4.19
N GLY A 113 12.44 0.89 4.80
CA GLY A 113 11.67 0.98 6.02
C GLY A 113 10.74 2.17 6.01
N VAL A 114 9.45 1.90 5.88
CA VAL A 114 8.44 2.96 5.85
C VAL A 114 8.61 3.87 7.07
N GLY A 115 8.42 5.16 6.85
CA GLY A 115 8.64 6.07 7.96
C GLY A 115 7.62 7.17 8.15
N TRP A 116 6.54 6.93 8.90
CA TRP A 116 5.53 7.96 9.16
C TRP A 116 6.16 9.32 9.43
N SER A 117 5.39 10.38 9.19
CA SER A 117 5.88 11.74 9.41
C SER A 117 5.25 12.34 10.67
N HIS A 118 3.98 12.04 10.90
CA HIS A 118 3.26 12.55 12.07
C HIS A 118 2.03 11.68 12.38
N PRO A 119 1.81 11.36 13.67
CA PRO A 119 0.69 10.54 14.10
C PRO A 119 -0.54 11.37 14.48
N LEU A 120 -1.40 10.78 15.31
CA LEU A 120 -2.62 11.43 15.77
C LEU A 120 -2.39 12.90 16.13
N PRO A 121 -3.43 13.74 15.94
CA PRO A 121 -3.36 15.16 16.26
C PRO A 121 -3.69 15.42 17.73
N GLN A 122 -3.99 16.67 18.06
CA GLN A 122 -4.34 17.04 19.42
C GLN A 122 -5.82 17.41 19.54
N CYS A 123 -6.55 16.62 20.33
CA CYS A 123 -7.98 16.90 20.52
C CYS A 123 -8.20 17.63 21.84
N GLU A 124 -8.52 18.91 21.76
CA GLU A 124 -8.73 19.72 22.95
C GLU A 124 -10.10 20.39 22.91
N ILE A 125 -10.70 20.53 24.10
CA ILE A 125 -12.01 21.12 24.24
C ILE A 125 -12.05 22.54 23.69
N LEU A 126 -13.18 22.91 23.12
CA LEU A 126 -13.36 24.26 22.56
C LEU A 126 -14.60 24.92 23.13
N GLU A 127 -15.50 24.11 23.68
CA GLU A 127 -16.74 24.63 24.25
C GLU A 127 -16.49 25.26 25.62
N HIS A 128 -16.26 24.42 26.63
CA HIS A 128 -16.01 24.91 27.98
C HIS A 128 -14.52 25.15 28.20
N HIS A 129 -14.21 26.16 29.00
CA HIS A 129 -12.82 26.51 29.29
C HIS A 129 -12.14 25.42 30.11
N HIS A 130 -12.60 25.23 31.35
CA HIS A 130 -12.03 24.23 32.25
C HIS A 130 -12.02 22.85 31.60
N HIS A 131 -11.15 21.98 32.10
CA HIS A 131 -11.02 20.62 31.59
C HIS A 131 -11.33 19.58 32.66
N HIS A 132 -11.92 20.04 33.76
CA HIS A 132 -12.27 19.15 34.87
C HIS A 132 -13.69 18.63 34.73
N HIS A 133 -13.91 17.41 35.22
CA HIS A 133 -15.24 16.79 35.15
C HIS A 133 -15.98 16.97 36.48
N MET A 1 13.58 -20.88 -25.62
CA MET A 1 12.92 -22.05 -25.00
C MET A 1 11.79 -21.61 -24.08
N ASN A 2 11.16 -22.58 -23.42
CA ASN A 2 10.06 -22.30 -22.51
C ASN A 2 10.57 -22.10 -21.08
N CYS A 3 9.82 -21.36 -20.29
CA CYS A 3 10.19 -21.07 -18.90
C CYS A 3 9.41 -21.95 -17.94
N GLY A 4 9.82 -21.95 -16.68
CA GLY A 4 9.12 -22.72 -15.67
C GLY A 4 7.77 -22.11 -15.32
N PRO A 5 6.79 -22.93 -14.91
CA PRO A 5 5.45 -22.44 -14.56
C PRO A 5 5.49 -21.15 -13.72
N PRO A 6 4.58 -20.21 -14.02
CA PRO A 6 4.50 -18.92 -13.32
C PRO A 6 4.45 -19.06 -11.80
N PRO A 7 5.26 -18.26 -11.09
CA PRO A 7 5.32 -18.26 -9.63
C PRO A 7 4.22 -17.40 -9.02
N THR A 8 4.28 -17.29 -7.70
CA THR A 8 3.34 -16.50 -6.93
C THR A 8 3.94 -15.12 -6.65
N LEU A 9 3.19 -14.07 -6.91
CA LEU A 9 3.69 -12.72 -6.67
C LEU A 9 2.80 -11.94 -5.72
N SER A 10 3.09 -10.65 -5.61
CA SER A 10 2.33 -9.76 -4.72
C SER A 10 1.93 -8.48 -5.45
N PHE A 11 2.91 -7.83 -6.07
CA PHE A 11 2.64 -6.59 -6.80
C PHE A 11 1.60 -6.80 -7.88
N ALA A 12 1.37 -8.06 -8.26
CA ALA A 12 0.37 -8.36 -9.27
C ALA A 12 -0.20 -9.77 -9.12
N ALA A 13 -1.42 -9.89 -9.65
CA ALA A 13 -2.12 -11.17 -9.66
C ALA A 13 -2.62 -11.48 -11.08
N PRO A 14 -2.64 -12.78 -11.47
CA PRO A 14 -3.08 -13.18 -12.81
C PRO A 14 -4.42 -12.54 -13.20
N MET A 15 -4.58 -12.24 -14.49
CA MET A 15 -5.81 -11.63 -14.97
C MET A 15 -6.06 -11.94 -16.45
N ASP A 16 -5.06 -12.49 -17.11
CA ASP A 16 -5.18 -12.84 -18.52
C ASP A 16 -4.17 -13.91 -18.91
N ILE A 17 -4.49 -15.16 -18.56
CA ILE A 17 -3.62 -16.28 -18.87
C ILE A 17 -4.26 -17.60 -18.46
N THR A 18 -4.89 -18.26 -19.41
CA THR A 18 -5.50 -19.55 -19.12
C THR A 18 -4.45 -20.46 -18.49
N LEU A 19 -4.68 -20.87 -17.26
CA LEU A 19 -3.75 -21.71 -16.55
C LEU A 19 -3.82 -23.15 -17.04
N THR A 20 -4.07 -23.32 -18.34
CA THR A 20 -4.17 -24.65 -18.94
C THR A 20 -2.80 -25.14 -19.39
N GLU A 21 -1.92 -24.20 -19.73
CA GLU A 21 -0.57 -24.55 -20.17
C GLU A 21 0.42 -24.42 -19.03
N THR A 22 1.38 -25.32 -18.97
CA THR A 22 2.40 -25.31 -17.92
C THR A 22 3.68 -24.63 -18.41
N ARG A 23 3.77 -24.43 -19.72
CA ARG A 23 4.93 -23.80 -20.32
C ARG A 23 4.52 -22.56 -21.10
N PHE A 24 5.47 -21.63 -21.31
CA PHE A 24 5.20 -20.39 -22.03
C PHE A 24 6.48 -19.92 -22.73
N LYS A 25 6.49 -20.01 -24.05
CA LYS A 25 7.65 -19.63 -24.86
C LYS A 25 8.22 -18.27 -24.47
N THR A 26 9.44 -18.02 -24.90
CA THR A 26 10.12 -16.77 -24.59
C THR A 26 9.47 -15.58 -25.27
N GLY A 27 8.45 -15.84 -26.07
CA GLY A 27 7.77 -14.77 -26.76
C GLY A 27 6.46 -14.42 -26.08
N THR A 28 6.00 -15.32 -25.23
CA THR A 28 4.75 -15.14 -24.51
C THR A 28 4.82 -13.90 -23.61
N THR A 29 3.67 -13.44 -23.13
CA THR A 29 3.62 -12.29 -22.26
C THR A 29 2.34 -12.25 -21.44
N LEU A 30 2.49 -12.22 -20.12
CA LEU A 30 1.35 -12.22 -19.22
C LEU A 30 0.81 -10.80 -19.01
N LYS A 31 -0.37 -10.71 -18.38
CA LYS A 31 -1.00 -9.42 -18.12
C LYS A 31 -0.84 -9.05 -16.65
N TYR A 32 -1.60 -9.73 -15.80
CA TYR A 32 -1.57 -9.49 -14.37
C TYR A 32 -2.07 -8.09 -14.02
N THR A 33 -2.87 -8.02 -12.96
CA THR A 33 -3.43 -6.75 -12.50
C THR A 33 -2.82 -6.35 -11.17
N CYS A 34 -1.95 -5.34 -11.21
CA CYS A 34 -1.28 -4.86 -10.01
C CYS A 34 -2.27 -4.50 -8.92
N LEU A 35 -2.28 -5.38 -7.92
CA LEU A 35 -3.16 -5.27 -6.75
C LEU A 35 -3.46 -3.81 -6.41
N PRO A 36 -4.75 -3.44 -6.39
CA PRO A 36 -5.19 -2.08 -6.10
C PRO A 36 -4.51 -1.44 -4.90
N GLY A 37 -3.88 -0.30 -5.14
CA GLY A 37 -3.21 0.42 -4.06
C GLY A 37 -1.71 0.27 -4.09
N TYR A 38 -1.25 -0.92 -4.50
CA TYR A 38 0.18 -1.27 -4.62
C TYR A 38 1.12 -0.08 -4.45
N VAL A 39 2.31 -0.41 -3.97
CA VAL A 39 3.32 0.60 -3.69
C VAL A 39 4.32 0.67 -4.85
N ARG A 40 5.19 1.68 -4.83
CA ARG A 40 6.14 1.88 -5.91
C ARG A 40 7.48 1.20 -5.68
N SER A 41 8.07 0.74 -6.80
CA SER A 41 9.36 0.08 -6.81
C SER A 41 9.95 0.14 -8.22
N HIS A 42 9.14 -0.27 -9.20
CA HIS A 42 9.55 -0.27 -10.61
C HIS A 42 8.35 0.02 -11.50
N SER A 43 8.43 -0.42 -12.76
CA SER A 43 7.33 -0.20 -13.70
C SER A 43 7.42 -1.13 -14.90
N THR A 44 6.44 -2.03 -15.00
CA THR A 44 6.35 -2.99 -16.11
C THR A 44 4.94 -3.56 -16.20
N GLN A 45 4.65 -4.49 -15.30
CA GLN A 45 3.34 -5.14 -15.22
C GLN A 45 3.18 -6.22 -16.28
N THR A 46 4.28 -6.90 -16.61
CA THR A 46 4.26 -7.96 -17.61
C THR A 46 5.35 -9.00 -17.38
N LEU A 47 4.96 -10.27 -17.48
CA LEU A 47 5.91 -11.38 -17.31
C LEU A 47 6.20 -12.00 -18.67
N THR A 48 7.48 -12.04 -19.03
CA THR A 48 7.89 -12.61 -20.30
C THR A 48 8.94 -13.69 -20.09
N CYS A 49 8.89 -14.75 -20.90
CA CYS A 49 9.86 -15.82 -20.76
C CYS A 49 11.19 -15.33 -21.32
N ASN A 50 12.20 -15.26 -20.45
CA ASN A 50 13.52 -14.84 -20.85
C ASN A 50 14.39 -16.04 -21.16
N SER A 51 15.68 -15.82 -21.35
CA SER A 51 16.60 -16.91 -21.65
C SER A 51 17.50 -17.19 -20.44
N ASP A 52 16.87 -17.48 -19.30
CA ASP A 52 17.57 -17.81 -18.05
C ASP A 52 17.02 -19.12 -17.48
N GLY A 53 15.70 -19.27 -17.56
CA GLY A 53 15.06 -20.46 -17.06
C GLY A 53 13.79 -20.15 -16.28
N GLU A 54 13.47 -18.86 -16.25
CA GLU A 54 12.29 -18.39 -15.53
C GLU A 54 11.73 -17.09 -16.10
N TRP A 55 10.93 -16.42 -15.28
CA TRP A 55 10.30 -15.16 -15.65
C TRP A 55 11.08 -13.96 -15.14
N VAL A 56 11.51 -13.14 -16.09
CA VAL A 56 12.27 -11.93 -15.80
C VAL A 56 11.34 -10.72 -15.85
N TYR A 57 11.70 -9.65 -15.13
CA TYR A 57 10.88 -8.44 -15.13
C TYR A 57 11.27 -7.49 -14.01
N ASN A 58 10.73 -6.28 -14.04
CA ASN A 58 11.02 -5.29 -13.01
C ASN A 58 10.10 -5.49 -11.82
N THR A 59 10.38 -4.78 -10.72
CA THR A 59 9.55 -4.91 -9.54
C THR A 59 8.35 -3.97 -9.63
N PHE A 60 7.74 -3.91 -10.82
CA PHE A 60 6.56 -3.09 -11.04
C PHE A 60 5.58 -3.27 -9.89
N CYS A 61 5.14 -2.16 -9.30
CA CYS A 61 4.21 -2.24 -8.19
C CYS A 61 4.87 -2.99 -7.03
N ILE A 62 4.40 -2.77 -5.81
CA ILE A 62 5.01 -3.46 -4.68
C ILE A 62 4.29 -3.19 -3.37
N TYR A 63 3.14 -3.84 -3.20
CA TYR A 63 2.35 -3.69 -1.99
C TYR A 63 3.21 -3.76 -0.72
N LYS A 64 3.17 -2.65 0.02
CA LYS A 64 3.92 -2.49 1.26
C LYS A 64 3.24 -1.38 2.07
N ARG A 65 2.66 -1.72 3.22
CA ARG A 65 1.94 -0.73 4.03
C ARG A 65 2.81 -0.16 5.14
N CYS A 66 2.16 0.49 6.10
CA CYS A 66 2.86 1.09 7.23
C CYS A 66 2.21 0.64 8.54
N ARG A 67 2.87 0.96 9.65
CA ARG A 67 2.33 0.58 10.94
C ARG A 67 1.21 1.53 11.35
N HIS A 68 0.20 0.98 12.01
CA HIS A 68 -0.92 1.77 12.48
C HIS A 68 -0.46 2.78 13.53
N PRO A 69 -0.87 4.06 13.41
CA PRO A 69 -0.48 5.10 14.34
C PRO A 69 -1.05 4.86 15.74
N GLY A 70 -2.10 4.06 15.83
CA GLY A 70 -2.71 3.79 17.12
C GLY A 70 -3.91 4.69 17.39
N GLU A 71 -4.79 4.20 18.24
CA GLU A 71 -6.00 4.93 18.64
C GLU A 71 -5.77 6.42 18.84
N LEU A 72 -6.76 7.20 18.43
CA LEU A 72 -6.74 8.65 18.60
C LEU A 72 -7.57 9.00 19.83
N ARG A 73 -6.91 9.31 20.95
CA ARG A 73 -7.65 9.67 22.15
C ARG A 73 -8.43 10.96 21.88
N ASN A 74 -9.74 10.89 22.12
CA ASN A 74 -10.62 12.00 21.82
C ASN A 74 -10.55 12.23 20.33
N GLY A 75 -10.70 11.14 19.59
CA GLY A 75 -10.62 11.21 18.15
C GLY A 75 -10.85 9.88 17.47
N GLN A 76 -10.83 9.90 16.14
CA GLN A 76 -11.05 8.69 15.35
C GLN A 76 -10.25 8.73 14.05
N VAL A 77 -8.96 8.40 14.15
CA VAL A 77 -8.10 8.39 12.97
C VAL A 77 -8.79 7.66 11.81
N GLU A 78 -8.99 8.35 10.69
CA GLU A 78 -9.63 7.75 9.53
C GLU A 78 -8.75 6.69 8.88
N ILE A 79 -8.98 5.43 9.25
CA ILE A 79 -8.23 4.32 8.68
C ILE A 79 -9.13 3.50 7.78
N LYS A 80 -8.61 3.13 6.61
CA LYS A 80 -9.38 2.35 5.65
C LYS A 80 -8.48 1.67 4.63
N THR A 81 -7.59 2.45 4.04
CA THR A 81 -6.67 1.93 3.04
C THR A 81 -5.61 1.03 3.63
N ASP A 82 -5.71 0.74 4.93
CA ASP A 82 -4.73 -0.12 5.59
C ASP A 82 -3.33 0.46 5.50
N LEU A 83 -3.24 1.70 5.06
CA LEU A 83 -1.97 2.39 4.91
C LEU A 83 -1.16 1.70 3.82
N SER A 84 -1.76 1.54 2.64
CA SER A 84 -1.12 0.86 1.52
C SER A 84 -0.18 1.79 0.74
N PHE A 85 0.31 2.86 1.37
CA PHE A 85 1.22 3.80 0.71
C PHE A 85 0.56 4.48 -0.49
N GLY A 86 0.79 5.78 -0.61
CA GLY A 86 0.21 6.53 -1.71
C GLY A 86 -1.20 6.99 -1.42
N SER A 87 -1.37 7.65 -0.28
CA SER A 87 -2.68 8.14 0.14
C SER A 87 -2.55 8.99 1.40
N GLN A 88 -3.42 8.71 2.35
CA GLN A 88 -3.44 9.43 3.61
C GLN A 88 -4.59 8.97 4.49
N ILE A 89 -4.45 9.20 5.80
CA ILE A 89 -5.47 8.83 6.76
C ILE A 89 -5.88 10.04 7.59
N GLU A 90 -6.97 10.68 7.20
CA GLU A 90 -7.45 11.84 7.92
C GLU A 90 -7.69 11.49 9.39
N PHE A 91 -8.03 12.49 10.19
CA PHE A 91 -8.28 12.27 11.61
C PHE A 91 -9.53 13.04 12.03
N SER A 92 -9.86 13.00 13.31
CA SER A 92 -11.05 13.70 13.80
C SER A 92 -11.05 13.87 15.31
N CYS A 93 -10.93 15.12 15.74
CA CYS A 93 -10.95 15.40 17.17
C CYS A 93 -12.40 15.55 17.63
N SER A 94 -12.81 14.70 18.57
CA SER A 94 -14.19 14.70 19.07
C SER A 94 -14.67 16.09 19.44
N GLU A 95 -15.97 16.19 19.69
CA GLU A 95 -16.61 17.45 20.06
C GLU A 95 -15.81 18.17 21.14
N GLY A 96 -15.90 19.49 21.14
CA GLY A 96 -15.19 20.30 22.11
C GLY A 96 -13.71 20.39 21.83
N PHE A 97 -13.11 19.32 21.34
CA PHE A 97 -11.68 19.32 21.05
C PHE A 97 -11.45 19.37 19.54
N PHE A 98 -10.64 20.31 19.10
CA PHE A 98 -10.35 20.45 17.68
C PHE A 98 -9.07 19.72 17.32
N LEU A 99 -8.89 19.52 16.02
CA LEU A 99 -7.73 18.81 15.51
C LEU A 99 -6.56 19.76 15.29
N ILE A 100 -5.36 19.27 15.62
CA ILE A 100 -4.12 20.03 15.47
C ILE A 100 -2.96 19.06 15.39
N GLY A 101 -2.58 18.78 14.15
CA GLY A 101 -1.49 17.87 13.86
C GLY A 101 -1.59 17.31 12.47
N SER A 102 -1.90 18.20 11.52
CA SER A 102 -2.07 17.81 10.13
C SER A 102 -3.22 16.84 9.98
N THR A 103 -4.35 17.32 9.45
CA THR A 103 -5.53 16.48 9.28
C THR A 103 -5.25 15.34 8.31
N THR A 104 -4.11 15.40 7.65
CA THR A 104 -3.73 14.36 6.72
C THR A 104 -2.48 13.66 7.19
N SER A 105 -2.30 12.42 6.74
CA SER A 105 -1.12 11.63 7.08
C SER A 105 -0.81 10.71 5.91
N ARG A 106 0.31 10.96 5.23
CA ARG A 106 0.70 10.19 4.06
C ARG A 106 1.67 9.06 4.40
N CYS A 107 1.50 7.94 3.72
CA CYS A 107 2.37 6.79 3.94
C CYS A 107 3.52 6.81 2.95
N GLU A 108 4.72 6.97 3.47
CA GLU A 108 5.90 7.04 2.63
C GLU A 108 6.83 5.87 2.93
N VAL A 109 7.96 5.83 2.24
CA VAL A 109 8.93 4.75 2.46
C VAL A 109 10.35 5.27 2.64
N GLN A 110 10.97 4.82 3.72
CA GLN A 110 12.33 5.19 4.05
C GLN A 110 13.19 3.94 4.18
N ASP A 111 14.39 3.99 3.59
CA ASP A 111 15.31 2.85 3.63
C ASP A 111 14.71 1.63 2.93
N ARG A 112 13.89 0.88 3.66
CA ARG A 112 13.25 -0.31 3.11
C ARG A 112 12.19 -0.86 4.05
N GLY A 113 11.69 -0.01 4.95
CA GLY A 113 10.68 -0.45 5.89
C GLY A 113 9.53 0.52 6.01
N VAL A 114 9.30 1.28 4.94
CA VAL A 114 8.21 2.26 4.88
C VAL A 114 8.36 3.30 5.99
N GLY A 115 8.14 4.54 5.65
CA GLY A 115 8.26 5.57 6.66
C GLY A 115 6.97 6.33 6.85
N TRP A 116 6.66 6.69 8.09
CA TRP A 116 5.44 7.44 8.40
C TRP A 116 5.76 8.93 8.52
N SER A 117 4.82 9.77 8.08
CA SER A 117 5.01 11.20 8.14
C SER A 117 4.68 11.75 9.53
N HIS A 118 3.57 11.25 10.09
CA HIS A 118 3.14 11.69 11.42
C HIS A 118 1.96 10.86 11.92
N PRO A 119 1.97 10.48 13.21
CA PRO A 119 0.88 9.70 13.79
C PRO A 119 -0.36 10.55 14.08
N LEU A 120 -1.14 10.15 15.09
CA LEU A 120 -2.35 10.87 15.46
C LEU A 120 -2.04 12.32 15.84
N PRO A 121 -2.99 13.24 15.60
CA PRO A 121 -2.81 14.66 15.90
C PRO A 121 -3.06 14.99 17.38
N GLN A 122 -3.23 16.27 17.67
CA GLN A 122 -3.47 16.74 19.03
C GLN A 122 -4.92 17.21 19.22
N CYS A 123 -5.62 16.59 20.16
CA CYS A 123 -7.00 16.97 20.43
C CYS A 123 -7.09 17.80 21.71
N GLU A 124 -7.35 19.10 21.54
CA GLU A 124 -7.45 20.01 22.67
C GLU A 124 -8.80 20.74 22.65
N ILE A 125 -9.32 20.97 23.85
CA ILE A 125 -10.62 21.63 24.01
C ILE A 125 -10.56 23.09 23.55
N LEU A 126 -11.70 23.57 23.04
CA LEU A 126 -11.79 24.95 22.56
C LEU A 126 -11.97 25.92 23.73
N GLU A 127 -10.86 26.31 24.34
CA GLU A 127 -10.89 27.23 25.48
C GLU A 127 -11.80 26.72 26.59
N HIS A 128 -11.22 25.99 27.54
CA HIS A 128 -11.98 25.43 28.65
C HIS A 128 -11.05 24.76 29.67
N HIS A 129 -11.33 24.99 30.95
CA HIS A 129 -10.52 24.40 32.01
C HIS A 129 -11.40 23.98 33.19
N HIS A 130 -12.69 24.28 33.11
CA HIS A 130 -13.63 23.94 34.16
C HIS A 130 -13.61 22.43 34.44
N HIS A 131 -12.99 22.05 35.55
CA HIS A 131 -12.89 20.64 35.93
C HIS A 131 -12.44 20.51 37.39
N HIS A 132 -13.23 19.77 38.17
CA HIS A 132 -12.91 19.56 39.58
C HIS A 132 -13.52 18.25 40.08
N HIS A 133 -14.82 18.07 39.83
CA HIS A 133 -15.52 16.88 40.25
C HIS A 133 -15.25 15.71 39.31
N MET A 1 11.44 -25.05 -26.76
CA MET A 1 11.32 -25.27 -25.30
C MET A 1 10.58 -24.11 -24.64
N ASN A 2 9.98 -24.38 -23.48
CA ASN A 2 9.23 -23.36 -22.76
C ASN A 2 9.90 -23.05 -21.43
N CYS A 3 9.35 -22.05 -20.72
CA CYS A 3 9.91 -21.64 -19.43
C CYS A 3 9.34 -22.46 -18.29
N GLY A 4 8.37 -23.31 -18.58
CA GLY A 4 7.74 -24.11 -17.55
C GLY A 4 6.45 -23.48 -17.06
N PRO A 5 5.50 -24.27 -16.54
CA PRO A 5 4.22 -23.75 -16.04
C PRO A 5 4.39 -22.55 -15.13
N PRO A 6 3.62 -21.46 -15.39
CA PRO A 6 3.69 -20.23 -14.60
C PRO A 6 3.63 -20.47 -13.09
N PRO A 7 4.55 -19.85 -12.34
CA PRO A 7 4.61 -19.98 -10.88
C PRO A 7 3.55 -19.13 -10.17
N THR A 8 3.58 -19.27 -8.85
CA THR A 8 2.66 -18.55 -7.96
C THR A 8 3.41 -17.43 -7.26
N LEU A 9 3.88 -16.43 -8.01
CA LEU A 9 4.65 -15.33 -7.43
C LEU A 9 3.96 -14.73 -6.20
N SER A 10 4.41 -13.55 -5.81
CA SER A 10 3.86 -12.87 -4.65
C SER A 10 3.58 -11.41 -4.96
N PHE A 11 4.51 -10.77 -5.65
CA PHE A 11 4.36 -9.37 -6.03
C PHE A 11 3.16 -9.18 -6.93
N ALA A 12 2.69 -10.27 -7.51
CA ALA A 12 1.55 -10.21 -8.42
C ALA A 12 0.75 -11.51 -8.45
N ALA A 13 -0.47 -11.37 -8.95
CA ALA A 13 -1.36 -12.50 -9.13
C ALA A 13 -1.87 -12.54 -10.57
N PRO A 14 -2.47 -13.67 -11.00
CA PRO A 14 -2.96 -13.81 -12.37
C PRO A 14 -4.17 -12.92 -12.65
N MET A 15 -4.19 -12.35 -13.86
CA MET A 15 -5.28 -11.46 -14.25
C MET A 15 -5.54 -11.52 -15.75
N ASP A 16 -4.64 -12.17 -16.49
CA ASP A 16 -4.78 -12.28 -17.93
C ASP A 16 -3.95 -13.44 -18.48
N ILE A 17 -4.52 -14.64 -18.44
CA ILE A 17 -3.84 -15.83 -18.93
C ILE A 17 -4.71 -17.06 -18.81
N THR A 18 -5.36 -17.44 -19.89
CA THR A 18 -6.20 -18.63 -19.88
C THR A 18 -5.37 -19.82 -19.45
N LEU A 19 -5.72 -20.39 -18.30
CA LEU A 19 -5.00 -21.53 -17.78
C LEU A 19 -5.36 -22.81 -18.53
N THR A 20 -5.65 -22.66 -19.80
CA THR A 20 -6.02 -23.79 -20.64
C THR A 20 -4.79 -24.47 -21.22
N GLU A 21 -3.62 -24.00 -20.80
CA GLU A 21 -2.37 -24.56 -21.27
C GLU A 21 -1.40 -24.76 -20.11
N THR A 22 -0.16 -25.11 -20.43
CA THR A 22 0.86 -25.33 -19.41
C THR A 22 2.21 -24.79 -19.85
N ARG A 23 2.31 -24.42 -21.12
CA ARG A 23 3.54 -23.89 -21.69
C ARG A 23 3.29 -22.54 -22.34
N PHE A 24 4.30 -21.68 -22.36
CA PHE A 24 4.17 -20.35 -22.96
C PHE A 24 5.49 -19.93 -23.62
N LYS A 25 5.47 -19.85 -24.96
CA LYS A 25 6.67 -19.50 -25.74
C LYS A 25 7.41 -18.28 -25.19
N THR A 26 8.61 -18.05 -25.71
CA THR A 26 9.43 -16.94 -25.28
C THR A 26 8.84 -15.61 -25.66
N GLY A 27 7.81 -15.65 -26.50
CA GLY A 27 7.18 -14.42 -26.95
C GLY A 27 5.99 -14.06 -26.08
N THR A 28 5.54 -15.04 -25.29
CA THR A 28 4.41 -14.85 -24.39
C THR A 28 4.70 -13.77 -23.35
N THR A 29 3.64 -13.32 -22.68
CA THR A 29 3.77 -12.30 -21.64
C THR A 29 2.50 -12.24 -20.80
N LEU A 30 2.66 -12.41 -19.48
CA LEU A 30 1.52 -12.38 -18.58
C LEU A 30 1.27 -10.97 -18.06
N LYS A 31 0.06 -10.71 -17.58
CA LYS A 31 -0.28 -9.38 -17.05
C LYS A 31 0.03 -9.31 -15.57
N TYR A 32 -0.82 -9.93 -14.76
CA TYR A 32 -0.64 -9.96 -13.31
C TYR A 32 -0.84 -8.59 -12.67
N THR A 33 -1.44 -8.61 -11.48
CA THR A 33 -1.70 -7.38 -10.72
C THR A 33 -1.03 -7.45 -9.35
N CYS A 34 -0.83 -6.29 -8.72
CA CYS A 34 -0.17 -6.24 -7.42
C CYS A 34 -1.16 -6.00 -6.27
N LEU A 35 -0.92 -6.77 -5.20
CA LEU A 35 -1.75 -6.72 -4.01
C LEU A 35 -1.86 -5.30 -3.46
N PRO A 36 -2.90 -5.02 -2.67
CA PRO A 36 -3.13 -3.70 -2.08
C PRO A 36 -1.85 -2.96 -1.70
N GLY A 37 -1.27 -3.35 -0.57
CA GLY A 37 -0.06 -2.72 -0.09
C GLY A 37 1.09 -2.79 -1.08
N TYR A 38 1.04 -3.77 -1.98
CA TYR A 38 2.09 -3.93 -2.98
C TYR A 38 2.18 -2.69 -3.85
N VAL A 39 2.88 -1.66 -3.38
CA VAL A 39 3.05 -0.40 -4.07
C VAL A 39 4.10 -0.49 -5.16
N ARG A 40 3.93 0.29 -6.22
CA ARG A 40 4.88 0.29 -7.33
C ARG A 40 5.33 1.70 -7.68
N SER A 41 6.63 1.86 -7.89
CA SER A 41 7.20 3.16 -8.23
C SER A 41 7.62 3.19 -9.70
N HIS A 42 8.23 2.10 -10.15
CA HIS A 42 8.69 1.99 -11.54
C HIS A 42 9.30 0.61 -11.79
N SER A 43 9.97 0.46 -12.93
CA SER A 43 10.61 -0.80 -13.28
C SER A 43 9.58 -1.89 -13.54
N THR A 44 8.31 -1.57 -13.34
CA THR A 44 7.22 -2.51 -13.55
C THR A 44 7.43 -3.32 -14.84
N GLN A 45 7.33 -4.64 -14.71
CA GLN A 45 7.52 -5.52 -15.86
C GLN A 45 6.36 -6.51 -16.00
N THR A 46 6.68 -7.69 -16.56
CA THR A 46 5.69 -8.74 -16.77
C THR A 46 6.42 -10.08 -16.79
N LEU A 47 5.71 -11.13 -17.14
CA LEU A 47 6.33 -12.45 -17.19
C LEU A 47 6.43 -12.96 -18.61
N THR A 48 7.60 -12.77 -19.20
CA THR A 48 7.86 -13.22 -20.56
C THR A 48 8.84 -14.37 -20.53
N CYS A 49 8.63 -15.37 -21.38
CA CYS A 49 9.54 -16.49 -21.42
C CYS A 49 10.84 -16.00 -22.04
N ASN A 50 11.90 -16.11 -21.27
CA ASN A 50 13.23 -15.73 -21.74
C ASN A 50 14.00 -16.97 -22.17
N SER A 51 15.17 -16.78 -22.75
CA SER A 51 15.99 -17.91 -23.19
C SER A 51 16.82 -18.42 -22.00
N ASP A 52 16.09 -18.94 -21.01
CA ASP A 52 16.69 -19.47 -19.79
C ASP A 52 15.79 -20.54 -19.19
N GLY A 53 14.67 -20.77 -19.87
CA GLY A 53 13.70 -21.75 -19.38
C GLY A 53 13.08 -21.35 -18.07
N GLU A 54 13.18 -20.06 -17.77
CA GLU A 54 12.61 -19.49 -16.56
C GLU A 54 11.93 -18.17 -16.86
N TRP A 55 11.24 -17.61 -15.87
CA TRP A 55 10.57 -16.34 -16.03
C TRP A 55 11.42 -15.21 -15.46
N VAL A 56 11.83 -14.33 -16.36
CA VAL A 56 12.67 -13.18 -16.05
C VAL A 56 11.81 -11.95 -15.86
N TYR A 57 12.22 -11.06 -14.94
CA TYR A 57 11.48 -9.82 -14.73
C TYR A 57 12.04 -9.00 -13.57
N ASN A 58 11.50 -7.80 -13.38
CA ASN A 58 11.94 -6.94 -12.29
C ASN A 58 10.85 -6.82 -11.23
N THR A 59 11.14 -6.07 -10.17
CA THR A 59 10.18 -5.88 -9.09
C THR A 59 9.25 -4.72 -9.40
N PHE A 60 8.12 -5.02 -10.01
CA PHE A 60 7.15 -3.99 -10.36
C PHE A 60 6.65 -3.27 -9.11
N CYS A 61 6.06 -4.04 -8.19
CA CYS A 61 5.56 -3.50 -6.94
C CYS A 61 6.51 -3.81 -5.80
N ILE A 62 7.13 -2.79 -5.23
CA ILE A 62 8.08 -2.96 -4.15
C ILE A 62 7.36 -3.18 -2.81
N TYR A 63 6.08 -2.83 -2.77
CA TYR A 63 5.29 -2.98 -1.56
C TYR A 63 5.83 -2.15 -0.42
N LYS A 64 5.05 -1.16 0.02
CA LYS A 64 5.46 -0.33 1.14
C LYS A 64 4.26 0.43 1.70
N ARG A 65 3.97 0.19 2.98
CA ARG A 65 2.85 0.84 3.64
C ARG A 65 3.31 1.58 4.88
N CYS A 66 2.38 2.27 5.54
CA CYS A 66 2.69 3.02 6.74
C CYS A 66 1.97 2.41 7.93
N ARG A 67 2.70 2.15 9.00
CA ARG A 67 2.10 1.56 10.18
C ARG A 67 0.90 2.39 10.63
N HIS A 68 -0.16 1.70 11.02
CA HIS A 68 -1.37 2.36 11.47
C HIS A 68 -1.10 3.20 12.72
N PRO A 69 -1.39 4.52 12.68
CA PRO A 69 -1.17 5.38 13.84
C PRO A 69 -1.90 4.86 15.07
N GLY A 70 -2.86 3.97 14.85
CA GLY A 70 -3.59 3.41 15.97
C GLY A 70 -4.85 4.16 16.31
N GLU A 71 -5.27 3.97 17.55
CA GLU A 71 -6.48 4.59 18.06
C GLU A 71 -6.22 6.04 18.46
N LEU A 72 -7.14 6.91 18.06
CA LEU A 72 -7.08 8.32 18.37
C LEU A 72 -8.10 8.62 19.47
N ARG A 73 -7.61 8.70 20.71
CA ARG A 73 -8.49 8.94 21.86
C ARG A 73 -9.24 10.26 21.68
N ASN A 74 -10.57 10.14 21.73
CA ASN A 74 -11.47 11.26 21.50
C ASN A 74 -11.25 11.72 20.08
N GLY A 75 -11.27 10.76 19.15
CA GLY A 75 -11.04 11.10 17.76
C GLY A 75 -11.32 9.95 16.83
N GLN A 76 -11.19 10.21 15.53
CA GLN A 76 -11.43 9.19 14.51
C GLN A 76 -10.34 9.23 13.43
N VAL A 77 -9.89 8.04 13.03
CA VAL A 77 -8.87 7.93 12.00
C VAL A 77 -9.48 7.44 10.69
N GLU A 78 -9.58 8.32 9.71
CA GLU A 78 -10.15 7.96 8.42
C GLU A 78 -9.19 7.07 7.62
N ILE A 79 -9.47 5.77 7.63
CA ILE A 79 -8.64 4.81 6.90
C ILE A 79 -9.44 4.18 5.76
N LYS A 80 -8.81 4.02 4.60
CA LYS A 80 -9.48 3.46 3.44
C LYS A 80 -8.48 3.05 2.36
N THR A 81 -7.26 2.78 2.76
CA THR A 81 -6.23 2.39 1.82
C THR A 81 -5.25 1.43 2.47
N ASP A 82 -5.63 0.89 3.64
CA ASP A 82 -4.75 -0.05 4.34
C ASP A 82 -3.45 0.65 4.71
N LEU A 83 -3.44 1.95 4.52
CA LEU A 83 -2.27 2.76 4.78
C LEU A 83 -1.17 2.39 3.79
N SER A 84 -1.50 2.47 2.50
CA SER A 84 -0.54 2.16 1.46
C SER A 84 0.11 3.44 0.95
N PHE A 85 1.44 3.46 0.92
CA PHE A 85 2.20 4.62 0.47
C PHE A 85 1.43 5.44 -0.56
N GLY A 86 1.45 6.76 -0.38
CA GLY A 86 0.74 7.65 -1.29
C GLY A 86 -0.70 7.88 -0.87
N SER A 87 -0.93 8.04 0.43
CA SER A 87 -2.28 8.28 0.93
C SER A 87 -2.29 9.26 2.09
N GLN A 88 -3.40 9.97 2.21
CA GLN A 88 -3.58 10.97 3.25
C GLN A 88 -4.81 10.64 4.08
N ILE A 89 -4.66 10.68 5.40
CA ILE A 89 -5.76 10.37 6.31
C ILE A 89 -6.01 11.53 7.28
N GLU A 90 -7.25 12.02 7.29
CA GLU A 90 -7.62 13.11 8.18
C GLU A 90 -8.13 12.59 9.51
N PHE A 91 -7.91 13.36 10.58
CA PHE A 91 -8.37 12.98 11.90
C PHE A 91 -9.63 13.75 12.28
N SER A 92 -10.14 13.52 13.48
CA SER A 92 -11.35 14.21 13.92
C SER A 92 -11.47 14.20 15.43
N CYS A 93 -11.41 15.39 16.03
CA CYS A 93 -11.54 15.51 17.47
C CYS A 93 -13.01 15.60 17.86
N SER A 94 -13.46 14.64 18.67
CA SER A 94 -14.85 14.57 19.10
C SER A 94 -15.35 15.91 19.66
N GLU A 95 -16.66 15.99 19.85
CA GLU A 95 -17.30 17.18 20.39
C GLU A 95 -16.59 17.69 21.64
N GLY A 96 -16.70 18.99 21.89
CA GLY A 96 -16.06 19.58 23.05
C GLY A 96 -14.58 19.78 22.87
N PHE A 97 -13.93 18.86 22.16
CA PHE A 97 -12.49 18.95 21.94
C PHE A 97 -12.20 19.20 20.46
N PHE A 98 -11.41 20.23 20.20
CA PHE A 98 -11.06 20.56 18.83
C PHE A 98 -9.81 19.80 18.39
N LEU A 99 -9.60 19.77 17.08
CA LEU A 99 -8.46 19.08 16.50
C LEU A 99 -7.24 19.98 16.51
N ILE A 100 -6.08 19.41 16.84
CA ILE A 100 -4.82 20.14 16.89
C ILE A 100 -3.64 19.21 16.75
N GLY A 101 -2.84 19.48 15.73
CA GLY A 101 -1.67 18.68 15.43
C GLY A 101 -1.26 18.82 13.98
N SER A 102 -2.27 18.83 13.10
CA SER A 102 -2.04 18.98 11.67
C SER A 102 -3.34 18.74 10.91
N THR A 103 -4.13 17.83 11.45
CA THR A 103 -5.43 17.46 10.87
C THR A 103 -5.25 16.74 9.55
N THR A 104 -4.02 16.36 9.27
CA THR A 104 -3.70 15.63 8.05
C THR A 104 -2.54 14.68 8.30
N SER A 105 -2.53 13.57 7.60
CA SER A 105 -1.45 12.61 7.70
C SER A 105 -1.20 11.98 6.32
N ARG A 106 -0.06 12.31 5.72
CA ARG A 106 0.28 11.79 4.39
C ARG A 106 1.30 10.68 4.51
N CYS A 107 1.28 9.76 3.54
CA CYS A 107 2.20 8.63 3.56
C CYS A 107 3.41 8.87 2.68
N GLU A 108 4.58 8.95 3.30
CA GLU A 108 5.81 9.20 2.59
C GLU A 108 6.78 8.03 2.79
N VAL A 109 7.95 8.13 2.19
CA VAL A 109 8.94 7.06 2.32
C VAL A 109 10.33 7.57 2.66
N GLN A 110 10.90 6.92 3.67
CA GLN A 110 12.24 7.23 4.14
C GLN A 110 13.13 5.99 3.98
N ASP A 111 13.96 6.00 2.95
CA ASP A 111 14.83 4.86 2.66
C ASP A 111 13.97 3.64 2.32
N ARG A 112 14.49 2.45 2.56
CA ARG A 112 13.73 1.24 2.28
C ARG A 112 12.69 0.99 3.36
N GLY A 113 12.26 2.07 4.01
CA GLY A 113 11.26 1.97 5.04
C GLY A 113 10.35 3.17 5.07
N VAL A 114 9.29 3.10 4.27
CA VAL A 114 8.30 4.16 4.18
C VAL A 114 8.09 4.84 5.52
N GLY A 115 7.84 6.14 5.46
CA GLY A 115 7.66 6.87 6.71
C GLY A 115 6.33 7.58 6.80
N TRP A 116 5.78 7.71 7.99
CA TRP A 116 4.52 8.43 8.16
C TRP A 116 4.82 9.93 8.20
N SER A 117 3.81 10.72 8.56
CA SER A 117 3.99 12.16 8.64
C SER A 117 3.64 12.66 10.04
N HIS A 118 2.48 12.22 10.54
CA HIS A 118 2.02 12.61 11.86
C HIS A 118 0.87 11.73 12.31
N PRO A 119 0.95 11.16 13.53
CA PRO A 119 -0.08 10.29 14.06
C PRO A 119 -1.20 11.07 14.74
N LEU A 120 -1.91 10.41 15.65
CA LEU A 120 -3.00 11.03 16.39
C LEU A 120 -2.57 12.38 16.97
N PRO A 121 -3.25 13.46 16.56
CA PRO A 121 -2.96 14.83 17.02
C PRO A 121 -3.15 14.99 18.53
N GLN A 122 -3.82 16.07 18.93
CA GLN A 122 -4.06 16.35 20.34
C GLN A 122 -5.51 16.75 20.58
N CYS A 123 -6.22 15.98 21.39
CA CYS A 123 -7.61 16.27 21.68
C CYS A 123 -7.80 16.84 23.09
N GLU A 124 -8.12 18.12 23.16
CA GLU A 124 -8.33 18.78 24.43
C GLU A 124 -9.63 19.58 24.40
N ILE A 125 -10.31 19.64 25.53
CA ILE A 125 -11.58 20.36 25.63
C ILE A 125 -11.37 21.85 25.31
N LEU A 126 -12.41 22.49 24.79
CA LEU A 126 -12.34 23.91 24.43
C LEU A 126 -12.14 24.78 25.67
N GLU A 127 -12.33 24.17 26.85
CA GLU A 127 -12.16 24.90 28.10
C GLU A 127 -10.80 24.61 28.72
N HIS A 128 -10.48 25.31 29.80
CA HIS A 128 -9.20 25.13 30.47
C HIS A 128 -9.40 24.77 31.94
N HIS A 129 -10.34 25.47 32.59
CA HIS A 129 -10.62 25.24 34.00
C HIS A 129 -11.84 24.33 34.17
N HIS A 130 -11.97 23.74 35.37
CA HIS A 130 -13.08 22.86 35.68
C HIS A 130 -13.89 23.40 36.86
N HIS A 131 -14.99 22.75 37.19
CA HIS A 131 -15.84 23.18 38.29
C HIS A 131 -15.26 22.74 39.64
N HIS A 132 -14.14 22.03 39.59
CA HIS A 132 -13.47 21.54 40.79
C HIS A 132 -14.33 20.53 41.54
N HIS A 133 -13.67 19.54 42.15
CA HIS A 133 -14.36 18.51 42.91
C HIS A 133 -15.38 17.78 42.04
#